data_4AB2
#
_entry.id   4AB2
#
_cell.length_a   1.000
_cell.length_b   1.000
_cell.length_c   1.000
_cell.angle_alpha   90.00
_cell.angle_beta   90.00
_cell.angle_gamma   90.00
#
_symmetry.space_group_name_H-M   'P 1'
#
loop_
_entity.id
_entity.type
_entity.pdbx_description
1 polymer '60 KDA CHAPERONIN'
2 non-polymer "ADENOSINE-5'-TRIPHOSPHATE"
3 non-polymer 'MAGNESIUM ION'
4 non-polymer 'PHOSPHATE ION'
#
_entity_poly.entity_id   1
_entity_poly.type   'polypeptide(L)'
_entity_poly.pdbx_seq_one_letter_code
;MAAKDVKFGNDARVKMLRGVNVLADAVKVTLGPKGRNVVLDKSFGAPTITKDGVSVAREIELEDKFENMGAQMVKEVASK
ANDAAGDGTTTATVLAQAIITEGLKAVAAGMNPMDLKRGIDKAVTAAVEELKALSVPCSDSKAIAQVGTISANSDETVGK
LIAEAMDKVGKEGVITVEDGTGLQDELDVVEGMQFDRGYLSPYFINKPETGAVELESPFILLADKKISNIREMLPVLEAV
AKAGKPLLIIAEDVEGEALATLVVNTMRGIVKVAAVKAPGFGDRRKAMLQDIATLTGGTVISEEIGMELEKATLEDLGQA
KRVVINKDTTTIIDGVGEEAAIQGRVAQIRQQIEEATSDYDREKLQERVAKLAGGVAVIKVGAATEVEMKEKKARVEAAL
HATRAAVEEGVVAGGGVALIRVASKLADLRGQNEDQNVGIKVALRAMEAPLRQIVLNCGEEPSVVANTVKGGDGNYGYNA
ATEEYGNMIDMGILDPTKVTRSALQYAASVAGLMITTECMVTDLPKNDAADLGAAGGMGGMGGMGGMM
;
_entity_poly.pdbx_strand_id   A,B,C,D,E,F,G,H,I,J,K,L,M,N
#
loop_
_chem_comp.id
_chem_comp.type
_chem_comp.name
_chem_comp.formula
ATP non-polymer ADENOSINE-5'-TRIPHOSPHATE 'C10 H16 N5 O13 P3'
MG non-polymer 'MAGNESIUM ION' 'Mg 2'
PO4 non-polymer 'PHOSPHATE ION' 'O4 P -3'
#
# COMPACT_ATOMS: atom_id res chain seq x y z
N ALA A 2 -30.60 8.30 0.74
CA ALA A 2 -29.22 8.72 1.10
C ALA A 2 -28.72 9.73 0.12
N ALA A 3 -27.40 9.71 -0.13
CA ALA A 3 -26.85 10.64 -1.07
C ALA A 3 -27.36 10.23 -2.42
N LYS A 4 -27.57 11.22 -3.30
CA LYS A 4 -28.07 10.90 -4.61
C LYS A 4 -27.00 11.26 -5.59
N ASP A 5 -26.86 10.46 -6.65
CA ASP A 5 -25.99 10.85 -7.73
C ASP A 5 -26.86 11.55 -8.71
N VAL A 6 -26.55 12.83 -8.99
CA VAL A 6 -27.44 13.57 -9.84
C VAL A 6 -26.71 13.87 -11.10
N LYS A 7 -27.40 13.71 -12.24
CA LYS A 7 -26.88 14.18 -13.49
C LYS A 7 -27.83 15.22 -13.96
N PHE A 8 -27.32 16.38 -14.42
CA PHE A 8 -28.21 17.46 -14.71
C PHE A 8 -28.48 17.48 -16.18
N GLY A 9 -29.77 17.53 -16.55
CA GLY A 9 -30.17 17.85 -17.89
C GLY A 9 -29.47 16.95 -18.85
N ASN A 10 -28.47 17.51 -19.56
CA ASN A 10 -27.82 16.80 -20.62
C ASN A 10 -27.26 15.55 -20.02
N ASP A 11 -26.75 15.63 -18.79
CA ASP A 11 -26.17 14.47 -18.18
C ASP A 11 -27.22 13.42 -18.07
N ALA A 12 -28.42 13.80 -17.60
CA ALA A 12 -29.45 12.80 -17.46
C ALA A 12 -29.77 12.27 -18.81
N ARG A 13 -29.92 13.18 -19.79
CA ARG A 13 -30.39 12.80 -21.09
C ARG A 13 -29.41 11.87 -21.70
N VAL A 14 -28.11 12.16 -21.53
CA VAL A 14 -27.12 11.45 -22.29
C VAL A 14 -27.21 10.00 -21.96
N LYS A 15 -27.41 9.66 -20.69
CA LYS A 15 -27.41 8.28 -20.32
C LYS A 15 -28.51 7.61 -21.08
N MET A 16 -29.70 8.24 -21.10
CA MET A 16 -30.80 7.66 -21.79
C MET A 16 -30.45 7.60 -23.25
N LEU A 17 -29.85 8.69 -23.76
CA LEU A 17 -29.64 8.81 -25.17
C LEU A 17 -28.71 7.72 -25.59
N ARG A 18 -27.61 7.53 -24.84
CA ARG A 18 -26.62 6.58 -25.24
C ARG A 18 -27.28 5.24 -25.24
N GLY A 19 -28.08 4.96 -24.20
CA GLY A 19 -28.72 3.69 -24.12
C GLY A 19 -29.62 3.56 -25.30
N VAL A 20 -30.34 4.65 -25.64
CA VAL A 20 -31.28 4.59 -26.71
C VAL A 20 -30.52 4.28 -27.95
N ASN A 21 -29.38 4.97 -28.15
CA ASN A 21 -28.65 4.83 -29.37
C ASN A 21 -28.21 3.40 -29.49
N VAL A 22 -27.69 2.82 -28.40
CA VAL A 22 -27.14 1.50 -28.48
C VAL A 22 -28.23 0.59 -28.90
N LEU A 23 -29.39 0.68 -28.24
CA LEU A 23 -30.46 -0.23 -28.53
C LEU A 23 -30.88 0.03 -29.95
N ALA A 24 -31.02 1.32 -30.29
CA ALA A 24 -31.56 1.72 -31.54
C ALA A 24 -30.69 1.20 -32.64
N ASP A 25 -29.36 1.30 -32.45
CA ASP A 25 -28.47 1.00 -33.53
C ASP A 25 -28.68 -0.41 -33.95
N ALA A 26 -28.76 -1.32 -32.97
CA ALA A 26 -28.90 -2.71 -33.32
C ALA A 26 -30.20 -2.85 -34.03
N VAL A 27 -31.24 -2.17 -33.51
CA VAL A 27 -32.56 -2.34 -34.04
C VAL A 27 -32.59 -1.85 -35.46
N LYS A 28 -31.97 -0.69 -35.71
CA LYS A 28 -32.07 -0.09 -37.01
C LYS A 28 -31.45 -1.01 -38.01
N VAL A 29 -30.25 -1.53 -37.72
CA VAL A 29 -29.59 -2.35 -38.68
C VAL A 29 -30.43 -3.56 -38.90
N THR A 30 -30.97 -4.13 -37.82
CA THR A 30 -31.73 -5.33 -37.94
C THR A 30 -32.94 -5.03 -38.75
N LEU A 31 -33.52 -3.84 -38.58
CA LEU A 31 -34.74 -3.53 -39.27
C LEU A 31 -34.46 -3.64 -40.73
N GLY A 32 -35.43 -4.20 -41.47
CA GLY A 32 -35.21 -4.40 -42.87
C GLY A 32 -34.52 -5.71 -42.98
N PRO A 33 -34.46 -6.19 -44.17
CA PRO A 33 -34.09 -7.55 -44.41
C PRO A 33 -32.71 -7.79 -43.93
N LYS A 34 -31.90 -6.72 -43.84
CA LYS A 34 -30.49 -6.85 -43.70
C LYS A 34 -30.14 -7.52 -42.41
N GLY A 35 -30.75 -7.09 -41.28
CA GLY A 35 -30.25 -7.54 -40.01
C GLY A 35 -30.40 -9.02 -39.94
N ARG A 36 -29.25 -9.72 -39.95
CA ARG A 36 -29.27 -11.15 -39.87
C ARG A 36 -29.76 -11.58 -38.52
N ASN A 37 -29.15 -11.05 -37.44
CA ASN A 37 -29.45 -11.61 -36.15
C ASN A 37 -28.73 -10.83 -35.11
N VAL A 38 -29.14 -11.00 -33.83
CA VAL A 38 -28.38 -10.53 -32.71
C VAL A 38 -28.48 -11.59 -31.66
N VAL A 39 -27.46 -11.72 -30.79
CA VAL A 39 -27.55 -12.71 -29.76
C VAL A 39 -26.90 -12.18 -28.51
N LEU A 40 -27.41 -12.60 -27.33
CA LEU A 40 -26.76 -12.27 -26.10
C LEU A 40 -27.08 -13.32 -25.08
N ASP A 41 -26.39 -13.27 -23.93
CA ASP A 41 -26.46 -14.29 -22.93
C ASP A 41 -27.74 -14.16 -22.15
N LYS A 42 -28.14 -15.24 -21.45
CA LYS A 42 -29.24 -15.19 -20.54
C LYS A 42 -28.69 -15.51 -19.18
N SER A 43 -29.29 -14.92 -18.13
CA SER A 43 -28.82 -15.19 -16.80
C SER A 43 -28.99 -16.65 -16.53
N PHE A 44 -30.20 -17.17 -16.79
CA PHE A 44 -30.45 -18.56 -16.53
C PHE A 44 -30.76 -19.18 -17.85
N GLY A 45 -30.41 -20.47 -18.00
CA GLY A 45 -30.74 -21.18 -19.21
C GLY A 45 -29.74 -20.78 -20.24
N ALA A 46 -29.91 -21.31 -21.46
CA ALA A 46 -29.03 -20.93 -22.53
C ALA A 46 -29.39 -19.55 -22.93
N PRO A 47 -28.43 -18.85 -23.45
CA PRO A 47 -28.57 -17.46 -23.77
C PRO A 47 -29.60 -17.35 -24.84
N THR A 48 -30.35 -16.24 -24.88
CA THR A 48 -31.35 -16.11 -25.89
C THR A 48 -30.67 -15.62 -27.13
N ILE A 49 -31.25 -15.97 -28.30
CA ILE A 49 -30.77 -15.43 -29.54
C ILE A 49 -31.92 -14.73 -30.16
N THR A 50 -31.67 -13.52 -30.70
CA THR A 50 -32.77 -12.78 -31.23
C THR A 50 -32.58 -12.61 -32.71
N LYS A 51 -33.45 -13.27 -33.50
CA LYS A 51 -33.47 -13.00 -34.91
C LYS A 51 -34.02 -11.62 -35.13
N ASP A 52 -35.14 -11.30 -34.45
CA ASP A 52 -35.93 -10.18 -34.82
C ASP A 52 -35.32 -8.93 -34.28
N GLY A 53 -35.70 -7.77 -34.87
CA GLY A 53 -35.22 -6.53 -34.35
C GLY A 53 -35.76 -6.36 -32.98
N VAL A 54 -37.05 -6.69 -32.79
CA VAL A 54 -37.69 -6.47 -31.53
C VAL A 54 -36.97 -7.29 -30.51
N SER A 55 -36.69 -8.56 -30.86
CA SER A 55 -36.09 -9.44 -29.93
C SER A 55 -34.74 -8.90 -29.59
N VAL A 56 -34.10 -8.22 -30.57
CA VAL A 56 -32.79 -7.70 -30.32
C VAL A 56 -32.90 -6.70 -29.22
N ALA A 57 -33.92 -5.82 -29.30
CA ALA A 57 -34.05 -4.78 -28.33
C ALA A 57 -34.26 -5.43 -27.01
N ARG A 58 -35.11 -6.47 -26.98
CA ARG A 58 -35.41 -7.14 -25.76
C ARG A 58 -34.14 -7.71 -25.23
N GLU A 59 -33.37 -8.36 -26.12
CA GLU A 59 -32.18 -9.05 -25.72
C GLU A 59 -31.22 -8.06 -25.18
N ILE A 60 -31.11 -6.90 -25.84
CA ILE A 60 -30.05 -6.00 -25.48
C ILE A 60 -30.40 -5.40 -24.16
N GLU A 61 -29.44 -5.49 -23.21
CA GLU A 61 -29.60 -4.85 -21.94
C GLU A 61 -28.40 -3.99 -21.75
N LEU A 62 -28.56 -2.87 -21.02
CA LEU A 62 -27.44 -2.00 -20.85
C LEU A 62 -26.96 -2.15 -19.45
N GLU A 63 -25.63 -2.18 -19.28
CA GLU A 63 -25.07 -2.36 -17.97
C GLU A 63 -25.47 -1.19 -17.14
N ASP A 64 -25.36 0.02 -17.71
CA ASP A 64 -25.63 1.19 -16.94
C ASP A 64 -27.09 1.19 -16.62
N LYS A 65 -27.44 1.56 -15.37
CA LYS A 65 -28.82 1.58 -14.99
C LYS A 65 -29.51 2.61 -15.82
N PHE A 66 -28.89 3.81 -15.92
CA PHE A 66 -29.53 4.89 -16.60
C PHE A 66 -29.72 4.49 -18.02
N GLU A 67 -28.65 3.98 -18.66
CA GLU A 67 -28.74 3.66 -20.05
C GLU A 67 -29.76 2.59 -20.19
N ASN A 68 -29.71 1.58 -19.30
CA ASN A 68 -30.57 0.45 -19.42
C ASN A 68 -31.98 0.96 -19.31
N MET A 69 -32.22 1.84 -18.34
CA MET A 69 -33.56 2.31 -18.11
C MET A 69 -34.02 3.00 -19.34
N GLY A 70 -33.15 3.83 -19.94
CA GLY A 70 -33.54 4.58 -21.10
C GLY A 70 -33.88 3.59 -22.17
N ALA A 71 -33.05 2.54 -22.30
CA ALA A 71 -33.27 1.58 -23.34
C ALA A 71 -34.60 0.94 -23.09
N GLN A 72 -34.88 0.64 -21.80
CA GLN A 72 -36.05 -0.09 -21.45
C GLN A 72 -37.23 0.71 -21.88
N MET A 73 -37.18 2.04 -21.65
CA MET A 73 -38.33 2.85 -21.88
C MET A 73 -38.70 2.73 -23.33
N VAL A 74 -37.68 2.80 -24.21
CA VAL A 74 -37.95 2.75 -25.62
C VAL A 74 -38.58 1.43 -25.91
N LYS A 75 -38.01 0.35 -25.34
CA LYS A 75 -38.44 -0.97 -25.69
C LYS A 75 -39.87 -1.10 -25.31
N GLU A 76 -40.23 -0.62 -24.11
CA GLU A 76 -41.56 -0.87 -23.63
C GLU A 76 -42.51 -0.22 -24.59
N VAL A 77 -42.22 1.04 -24.98
CA VAL A 77 -43.12 1.69 -25.88
C VAL A 77 -43.13 0.90 -27.16
N ALA A 78 -41.93 0.48 -27.61
CA ALA A 78 -41.86 -0.15 -28.90
C ALA A 78 -42.71 -1.36 -28.86
N SER A 79 -42.66 -2.12 -27.74
CA SER A 79 -43.39 -3.34 -27.69
C SER A 79 -44.84 -3.04 -27.82
N LYS A 80 -45.31 -1.98 -27.15
CA LYS A 80 -46.72 -1.68 -27.16
C LYS A 80 -47.11 -1.42 -28.58
N ALA A 81 -46.31 -0.64 -29.30
CA ALA A 81 -46.61 -0.35 -30.66
C ALA A 81 -46.57 -1.65 -31.39
N ASN A 82 -45.59 -2.49 -31.05
CA ASN A 82 -45.37 -3.71 -31.78
C ASN A 82 -46.61 -4.52 -31.68
N ASP A 83 -47.21 -4.61 -30.48
CA ASP A 83 -48.32 -5.48 -30.35
C ASP A 83 -49.42 -5.00 -31.24
N ALA A 84 -49.78 -3.70 -31.13
CA ALA A 84 -50.94 -3.24 -31.82
C ALA A 84 -50.70 -3.33 -33.29
N ALA A 85 -49.55 -2.79 -33.75
CA ALA A 85 -49.31 -2.75 -35.17
C ALA A 85 -49.18 -4.14 -35.66
N GLY A 86 -48.44 -4.96 -34.89
CA GLY A 86 -48.10 -6.28 -35.29
C GLY A 86 -46.77 -6.18 -35.98
N ASP A 87 -46.44 -4.99 -36.46
CA ASP A 87 -45.18 -4.77 -37.12
C ASP A 87 -44.71 -3.41 -36.76
N GLY A 88 -43.53 -3.01 -37.26
CA GLY A 88 -43.10 -1.65 -37.15
C GLY A 88 -42.52 -1.44 -35.80
N THR A 89 -42.17 -2.53 -35.10
CA THR A 89 -41.60 -2.38 -33.80
C THR A 89 -40.34 -1.59 -33.98
N THR A 90 -39.51 -2.00 -34.96
CA THR A 90 -38.25 -1.39 -35.16
C THR A 90 -38.49 0.04 -35.55
N THR A 91 -39.49 0.26 -36.42
CA THR A 91 -39.67 1.57 -36.99
C THR A 91 -39.90 2.51 -35.86
N ALA A 92 -40.74 2.12 -34.90
CA ALA A 92 -41.05 3.01 -33.82
C ALA A 92 -39.78 3.31 -33.10
N THR A 93 -38.94 2.28 -32.88
CA THR A 93 -37.73 2.49 -32.14
C THR A 93 -36.89 3.45 -32.91
N VAL A 94 -36.78 3.23 -34.23
CA VAL A 94 -35.91 4.04 -35.02
C VAL A 94 -36.38 5.46 -34.93
N LEU A 95 -37.71 5.65 -35.06
CA LEU A 95 -38.24 6.98 -35.07
C LEU A 95 -37.92 7.62 -33.77
N ALA A 96 -38.11 6.86 -32.67
CA ALA A 96 -37.97 7.44 -31.36
C ALA A 96 -36.58 7.93 -31.22
N GLN A 97 -35.60 7.12 -31.69
CA GLN A 97 -34.23 7.46 -31.43
C GLN A 97 -33.96 8.77 -32.10
N ALA A 98 -34.42 8.93 -33.35
CA ALA A 98 -34.11 10.12 -34.08
C ALA A 98 -34.70 11.28 -33.34
N ILE A 99 -35.96 11.12 -32.90
CA ILE A 99 -36.64 12.22 -32.27
C ILE A 99 -35.90 12.57 -31.02
N ILE A 100 -35.53 11.54 -30.25
CA ILE A 100 -34.96 11.78 -28.95
C ILE A 100 -33.70 12.56 -29.13
N THR A 101 -32.85 12.13 -30.09
CA THR A 101 -31.55 12.72 -30.21
C THR A 101 -31.74 14.18 -30.49
N GLU A 102 -32.64 14.50 -31.43
CA GLU A 102 -32.84 15.86 -31.81
C GLU A 102 -33.36 16.58 -30.60
N GLY A 103 -34.28 15.94 -29.86
CA GLY A 103 -34.88 16.59 -28.74
C GLY A 103 -33.80 16.90 -27.76
N LEU A 104 -32.86 15.96 -27.59
CA LEU A 104 -31.81 16.14 -26.63
C LEU A 104 -30.99 17.30 -27.05
N LYS A 105 -30.70 17.40 -28.36
CA LYS A 105 -29.88 18.48 -28.84
C LYS A 105 -30.61 19.74 -28.54
N ALA A 106 -31.93 19.74 -28.80
CA ALA A 106 -32.71 20.92 -28.56
C ALA A 106 -32.62 21.20 -27.10
N VAL A 107 -32.62 20.14 -26.28
CA VAL A 107 -32.47 20.27 -24.85
C VAL A 107 -31.18 20.99 -24.63
N ALA A 108 -30.13 20.58 -25.38
CA ALA A 108 -28.86 21.23 -25.26
C ALA A 108 -29.07 22.67 -25.60
N ALA A 109 -29.92 22.92 -26.62
CA ALA A 109 -30.20 24.26 -27.01
C ALA A 109 -30.78 24.95 -25.82
N GLY A 110 -31.61 24.22 -25.05
CA GLY A 110 -32.15 24.80 -23.85
C GLY A 110 -33.48 25.37 -24.16
N MET A 111 -33.97 25.14 -25.39
CA MET A 111 -35.31 25.53 -25.69
C MET A 111 -36.19 24.66 -24.85
N ASN A 112 -37.32 25.21 -24.38
CA ASN A 112 -38.12 24.43 -23.48
C ASN A 112 -38.69 23.30 -24.26
N PRO A 113 -38.49 22.12 -23.74
CA PRO A 113 -38.84 20.90 -24.40
C PRO A 113 -40.32 20.84 -24.55
N MET A 114 -41.08 21.57 -23.72
CA MET A 114 -42.50 21.42 -23.69
C MET A 114 -43.02 21.81 -25.04
N ASP A 115 -42.51 22.93 -25.58
CA ASP A 115 -43.00 23.39 -26.84
C ASP A 115 -42.69 22.35 -27.86
N LEU A 116 -41.47 21.79 -27.78
CA LEU A 116 -41.02 20.85 -28.77
C LEU A 116 -41.93 19.68 -28.72
N LYS A 117 -42.25 19.21 -27.50
CA LYS A 117 -43.05 18.02 -27.37
C LYS A 117 -44.37 18.32 -28.01
N ARG A 118 -44.92 19.52 -27.72
CA ARG A 118 -46.20 19.87 -28.25
C ARG A 118 -46.09 19.89 -29.74
N GLY A 119 -45.00 20.48 -30.25
CA GLY A 119 -44.84 20.61 -31.67
C GLY A 119 -44.79 19.24 -32.25
N ILE A 120 -44.06 18.33 -31.57
CA ILE A 120 -43.88 17.01 -32.10
C ILE A 120 -45.22 16.37 -32.18
N ASP A 121 -46.01 16.52 -31.10
CA ASP A 121 -47.29 15.88 -31.05
C ASP A 121 -48.10 16.44 -32.18
N LYS A 122 -48.04 17.77 -32.37
CA LYS A 122 -48.83 18.40 -33.38
C LYS A 122 -48.42 17.82 -34.69
N ALA A 123 -47.10 17.70 -34.90
CA ALA A 123 -46.61 17.22 -36.16
C ALA A 123 -47.14 15.83 -36.35
N VAL A 124 -47.12 15.03 -35.27
CA VAL A 124 -47.50 13.66 -35.38
C VAL A 124 -48.92 13.62 -35.84
N THR A 125 -49.77 14.46 -35.24
CA THR A 125 -51.16 14.41 -35.55
C THR A 125 -51.32 14.71 -37.00
N ALA A 126 -50.61 15.75 -37.49
CA ALA A 126 -50.76 16.15 -38.85
C ALA A 126 -50.33 15.01 -39.70
N ALA A 127 -49.22 14.36 -39.34
CA ALA A 127 -48.69 13.31 -40.15
C ALA A 127 -49.70 12.23 -40.21
N VAL A 128 -50.34 11.93 -39.07
CA VAL A 128 -51.25 10.82 -39.01
C VAL A 128 -52.34 11.08 -39.99
N GLU A 129 -52.86 12.33 -40.01
CA GLU A 129 -53.98 12.62 -40.84
C GLU A 129 -53.56 12.40 -42.26
N GLU A 130 -52.34 12.85 -42.61
CA GLU A 130 -51.89 12.74 -43.96
C GLU A 130 -51.81 11.29 -44.29
N LEU A 131 -51.29 10.48 -43.35
CA LEU A 131 -51.07 9.09 -43.62
C LEU A 131 -52.39 8.46 -43.91
N LYS A 132 -53.42 8.81 -43.13
CA LYS A 132 -54.67 8.14 -43.26
C LYS A 132 -55.18 8.38 -44.64
N ALA A 133 -55.10 9.63 -45.12
CA ALA A 133 -55.58 9.93 -46.43
C ALA A 133 -54.76 9.15 -47.41
N LEU A 134 -53.44 9.11 -47.16
CA LEU A 134 -52.54 8.49 -48.10
C LEU A 134 -52.90 7.05 -48.20
N SER A 135 -53.23 6.43 -47.05
CA SER A 135 -53.38 5.01 -47.03
C SER A 135 -54.45 4.61 -47.99
N VAL A 136 -54.30 3.39 -48.55
CA VAL A 136 -55.23 2.87 -49.50
C VAL A 136 -55.49 1.45 -49.12
N PRO A 137 -56.50 0.88 -49.71
CA PRO A 137 -57.01 -0.39 -49.29
C PRO A 137 -55.95 -1.43 -49.50
N CYS A 138 -56.02 -2.55 -48.77
CA CYS A 138 -54.99 -3.54 -48.85
C CYS A 138 -55.14 -4.24 -50.16
N SER A 139 -54.00 -4.73 -50.69
CA SER A 139 -54.02 -5.42 -51.95
C SER A 139 -54.32 -6.86 -51.67
N ASP A 140 -54.18 -7.70 -52.70
CA ASP A 140 -54.62 -9.06 -52.64
C ASP A 140 -53.62 -9.84 -51.83
N SER A 141 -53.84 -11.17 -51.77
CA SER A 141 -53.11 -12.03 -50.88
C SER A 141 -51.67 -11.95 -51.23
N LYS A 142 -51.35 -11.78 -52.53
CA LYS A 142 -49.98 -11.72 -52.92
C LYS A 142 -49.39 -10.56 -52.19
N ALA A 143 -50.13 -9.45 -52.15
CA ALA A 143 -49.71 -8.30 -51.40
C ALA A 143 -49.63 -8.72 -49.98
N ILE A 144 -50.58 -9.55 -49.53
CA ILE A 144 -50.67 -9.91 -48.15
C ILE A 144 -49.38 -10.58 -47.79
N ALA A 145 -48.88 -11.45 -48.67
CA ALA A 145 -47.67 -12.16 -48.38
C ALA A 145 -46.61 -11.12 -48.22
N GLN A 146 -46.63 -10.10 -49.09
CA GLN A 146 -45.64 -9.07 -49.03
C GLN A 146 -45.77 -8.38 -47.71
N VAL A 147 -47.02 -8.16 -47.27
CA VAL A 147 -47.21 -7.52 -46.00
C VAL A 147 -46.59 -8.41 -44.98
N GLY A 148 -46.81 -9.73 -45.13
CA GLY A 148 -46.31 -10.68 -44.19
C GLY A 148 -44.82 -10.59 -44.18
N THR A 149 -44.21 -10.42 -45.37
CA THR A 149 -42.78 -10.45 -45.47
C THR A 149 -42.25 -9.29 -44.70
N ILE A 150 -42.95 -8.14 -44.74
CA ILE A 150 -42.42 -6.98 -44.09
C ILE A 150 -42.31 -7.28 -42.63
N SER A 151 -43.37 -7.87 -42.05
CA SER A 151 -43.32 -8.26 -40.66
C SER A 151 -42.28 -9.32 -40.55
N ALA A 152 -42.13 -10.10 -41.64
CA ALA A 152 -41.24 -11.20 -41.70
C ALA A 152 -39.85 -10.69 -41.51
N ASN A 153 -39.59 -9.46 -42.00
CA ASN A 153 -38.22 -9.05 -42.11
C ASN A 153 -37.54 -10.05 -42.96
N SER A 154 -38.07 -10.22 -44.18
CA SER A 154 -37.56 -11.15 -45.14
C SER A 154 -37.60 -12.53 -44.56
N ASP A 155 -38.65 -12.81 -43.76
CA ASP A 155 -38.91 -14.19 -43.48
C ASP A 155 -39.92 -14.63 -44.48
N GLU A 156 -39.45 -15.32 -45.53
CA GLU A 156 -40.32 -15.68 -46.61
C GLU A 156 -41.35 -16.62 -46.06
N THR A 157 -40.91 -17.55 -45.19
CA THR A 157 -41.77 -18.59 -44.73
C THR A 157 -42.92 -17.97 -44.02
N VAL A 158 -42.63 -16.99 -43.14
CA VAL A 158 -43.67 -16.46 -42.31
C VAL A 158 -44.72 -15.88 -43.19
N GLY A 159 -44.30 -15.10 -44.20
CA GLY A 159 -45.26 -14.43 -45.02
C GLY A 159 -46.07 -15.48 -45.71
N LYS A 160 -45.40 -16.54 -46.20
CA LYS A 160 -46.10 -17.54 -46.94
C LYS A 160 -47.08 -18.18 -46.00
N LEU A 161 -46.63 -18.48 -44.77
CA LEU A 161 -47.47 -19.18 -43.85
C LEU A 161 -48.65 -18.31 -43.57
N ILE A 162 -48.41 -17.01 -43.36
CA ILE A 162 -49.47 -16.14 -42.98
C ILE A 162 -50.45 -16.13 -44.11
N ALA A 163 -49.95 -15.98 -45.35
CA ALA A 163 -50.84 -15.89 -46.46
C ALA A 163 -51.59 -17.18 -46.56
N GLU A 164 -50.87 -18.30 -46.43
CA GLU A 164 -51.51 -19.58 -46.62
C GLU A 164 -52.56 -19.74 -45.59
N ALA A 165 -52.21 -19.43 -44.32
CA ALA A 165 -53.14 -19.61 -43.25
C ALA A 165 -54.30 -18.70 -43.52
N MET A 166 -53.99 -17.46 -43.95
CA MET A 166 -54.99 -16.47 -44.12
C MET A 166 -55.93 -16.92 -45.18
N ASP A 167 -55.41 -17.51 -46.27
CA ASP A 167 -56.29 -17.85 -47.34
C ASP A 167 -57.28 -18.85 -46.85
N LYS A 168 -56.78 -19.92 -46.19
CA LYS A 168 -57.66 -21.01 -45.84
C LYS A 168 -58.66 -20.52 -44.85
N VAL A 169 -58.19 -19.84 -43.79
CA VAL A 169 -59.06 -19.41 -42.74
C VAL A 169 -60.01 -18.41 -43.31
N GLY A 170 -59.49 -17.53 -44.18
CA GLY A 170 -60.20 -16.37 -44.60
C GLY A 170 -59.62 -15.24 -43.82
N LYS A 171 -59.61 -14.03 -44.41
CA LYS A 171 -59.00 -12.92 -43.76
C LYS A 171 -59.75 -12.68 -42.50
N GLU A 172 -61.09 -12.73 -42.60
CA GLU A 172 -61.91 -12.43 -41.46
C GLU A 172 -61.64 -13.47 -40.41
N GLY A 173 -61.49 -14.74 -40.84
CA GLY A 173 -61.37 -15.78 -39.87
C GLY A 173 -60.13 -15.54 -39.09
N VAL A 174 -60.16 -15.88 -37.79
CA VAL A 174 -59.03 -15.66 -36.94
C VAL A 174 -58.07 -16.77 -37.19
N ILE A 175 -56.76 -16.46 -37.06
CA ILE A 175 -55.77 -17.47 -37.19
C ILE A 175 -55.03 -17.52 -35.90
N THR A 176 -54.72 -18.74 -35.43
CA THR A 176 -54.00 -18.86 -34.18
C THR A 176 -52.70 -19.51 -34.49
N VAL A 177 -51.67 -19.19 -33.69
CA VAL A 177 -50.38 -19.78 -33.94
C VAL A 177 -50.08 -20.68 -32.78
N GLU A 178 -49.49 -21.85 -33.09
CA GLU A 178 -49.07 -22.76 -32.07
C GLU A 178 -47.67 -23.15 -32.41
N ASP A 179 -46.95 -23.71 -31.42
CA ASP A 179 -45.60 -24.12 -31.73
C ASP A 179 -45.72 -25.27 -32.67
N GLY A 180 -44.72 -25.41 -33.57
CA GLY A 180 -44.83 -26.43 -34.56
C GLY A 180 -44.62 -27.74 -33.88
N THR A 181 -45.31 -28.78 -34.39
CA THR A 181 -45.11 -30.11 -33.88
C THR A 181 -43.70 -30.49 -34.22
N GLY A 182 -43.29 -30.17 -35.45
CA GLY A 182 -42.00 -30.58 -35.92
C GLY A 182 -41.46 -29.45 -36.73
N LEU A 183 -40.30 -29.69 -37.39
CA LEU A 183 -39.62 -28.67 -38.13
C LEU A 183 -40.54 -28.20 -39.20
N GLN A 184 -41.24 -29.13 -39.86
CA GLN A 184 -42.13 -28.70 -40.91
C GLN A 184 -43.31 -28.06 -40.24
N ASP A 185 -43.81 -26.97 -40.83
CA ASP A 185 -44.96 -26.31 -40.28
C ASP A 185 -46.14 -27.16 -40.61
N GLU A 186 -47.20 -27.09 -39.78
CA GLU A 186 -48.41 -27.75 -40.14
C GLU A 186 -49.51 -26.74 -40.03
N LEU A 187 -50.41 -26.72 -41.02
CA LEU A 187 -51.57 -25.88 -40.89
C LEU A 187 -52.73 -26.80 -40.74
N ASP A 188 -53.42 -26.72 -39.59
CA ASP A 188 -54.56 -27.57 -39.38
C ASP A 188 -55.72 -26.70 -39.04
N VAL A 189 -56.91 -27.04 -39.55
CA VAL A 189 -58.08 -26.41 -39.04
C VAL A 189 -58.30 -26.99 -37.68
N VAL A 190 -58.74 -26.17 -36.72
CA VAL A 190 -58.82 -26.68 -35.38
C VAL A 190 -60.26 -26.78 -35.01
N GLU A 191 -60.59 -27.78 -34.18
CA GLU A 191 -61.93 -27.91 -33.71
C GLU A 191 -61.95 -27.38 -32.32
N GLY A 192 -63.00 -26.62 -31.96
CA GLY A 192 -63.09 -26.10 -30.63
C GLY A 192 -63.78 -24.78 -30.72
N MET A 193 -64.07 -24.16 -29.56
CA MET A 193 -64.73 -22.89 -29.56
C MET A 193 -63.93 -21.97 -28.71
N GLN A 194 -63.98 -20.66 -29.02
CA GLN A 194 -63.35 -19.70 -28.19
C GLN A 194 -64.41 -18.75 -27.74
N PHE A 195 -64.35 -18.32 -26.46
CA PHE A 195 -65.32 -17.40 -25.96
C PHE A 195 -64.56 -16.31 -25.27
N ASP A 196 -65.02 -15.05 -25.39
CA ASP A 196 -64.22 -14.00 -24.84
C ASP A 196 -64.55 -13.89 -23.39
N ARG A 197 -63.62 -14.35 -22.54
CA ARG A 197 -63.82 -14.17 -21.12
C ARG A 197 -62.49 -13.81 -20.54
N GLY A 198 -62.52 -13.04 -19.44
CA GLY A 198 -61.31 -12.59 -18.84
C GLY A 198 -60.82 -13.62 -17.89
N TYR A 199 -59.59 -13.45 -17.39
CA TYR A 199 -59.13 -14.24 -16.29
C TYR A 199 -59.46 -13.49 -15.05
N LEU A 200 -59.98 -14.20 -14.04
CA LEU A 200 -60.50 -13.52 -12.89
C LEU A 200 -59.39 -12.75 -12.28
N SER A 201 -58.21 -13.38 -12.08
CA SER A 201 -57.15 -12.68 -11.44
C SER A 201 -55.89 -12.93 -12.20
N PRO A 202 -55.03 -11.96 -12.14
CA PRO A 202 -53.73 -12.03 -12.75
C PRO A 202 -52.96 -13.12 -12.06
N TYR A 203 -53.40 -13.51 -10.86
CA TYR A 203 -52.75 -14.56 -10.13
C TYR A 203 -52.88 -15.79 -10.95
N PHE A 204 -54.08 -15.97 -11.55
CA PHE A 204 -54.36 -17.11 -12.36
C PHE A 204 -53.40 -17.08 -13.50
N ILE A 205 -53.09 -15.86 -13.99
CA ILE A 205 -52.26 -15.64 -15.15
C ILE A 205 -51.04 -16.50 -15.05
N ASN A 206 -50.70 -17.14 -16.17
CA ASN A 206 -49.73 -18.18 -16.19
C ASN A 206 -48.36 -17.56 -16.15
N LYS A 207 -47.34 -18.43 -16.11
CA LYS A 207 -45.97 -18.00 -16.03
C LYS A 207 -45.62 -17.13 -17.19
N PRO A 208 -45.96 -17.44 -18.43
CA PRO A 208 -45.31 -16.78 -19.53
C PRO A 208 -45.56 -15.30 -19.53
N GLU A 209 -44.68 -14.55 -20.22
CA GLU A 209 -44.64 -13.12 -20.16
C GLU A 209 -45.94 -12.62 -20.68
N THR A 210 -46.49 -13.30 -21.71
CA THR A 210 -47.71 -12.84 -22.31
C THR A 210 -48.73 -12.80 -21.23
N GLY A 211 -48.74 -13.83 -20.38
CA GLY A 211 -49.63 -13.82 -19.26
C GLY A 211 -50.85 -14.57 -19.65
N ALA A 212 -50.92 -14.98 -20.93
CA ALA A 212 -51.98 -15.87 -21.29
C ALA A 212 -51.69 -17.14 -20.58
N VAL A 213 -52.73 -17.84 -20.10
CA VAL A 213 -52.46 -19.03 -19.35
C VAL A 213 -52.78 -20.18 -20.24
N GLU A 214 -51.85 -21.15 -20.33
CA GLU A 214 -52.12 -22.32 -21.10
C GLU A 214 -52.12 -23.46 -20.16
N LEU A 215 -53.13 -24.35 -20.29
CA LEU A 215 -53.17 -25.50 -19.44
C LEU A 215 -52.95 -26.69 -20.31
N GLU A 216 -52.22 -27.70 -19.80
CA GLU A 216 -52.02 -28.87 -20.59
C GLU A 216 -53.05 -29.86 -20.17
N SER A 217 -53.77 -30.42 -21.16
CA SER A 217 -54.87 -31.31 -20.93
C SER A 217 -55.76 -30.75 -19.86
N PRO A 218 -56.31 -29.57 -20.01
CA PRO A 218 -57.06 -28.97 -18.94
C PRO A 218 -58.29 -29.79 -18.70
N PHE A 219 -58.86 -29.70 -17.49
CA PHE A 219 -60.15 -30.27 -17.25
C PHE A 219 -61.09 -29.12 -17.19
N ILE A 220 -62.31 -29.28 -17.72
CA ILE A 220 -63.21 -28.17 -17.71
C ILE A 220 -64.37 -28.53 -16.86
N LEU A 221 -64.65 -27.70 -15.84
CA LEU A 221 -65.85 -27.86 -15.10
C LEU A 221 -66.71 -26.70 -15.47
N LEU A 222 -67.96 -26.98 -15.90
CA LEU A 222 -68.81 -25.89 -16.27
C LEU A 222 -69.95 -25.88 -15.29
N ALA A 223 -70.24 -24.70 -14.73
CA ALA A 223 -71.44 -24.57 -13.97
C ALA A 223 -72.20 -23.44 -14.55
N ASP A 224 -73.52 -23.64 -14.76
CA ASP A 224 -74.32 -22.56 -15.24
C ASP A 224 -74.31 -21.53 -14.16
N LYS A 225 -74.50 -22.00 -12.91
CA LYS A 225 -74.56 -21.11 -11.79
C LYS A 225 -73.18 -20.65 -11.48
N LYS A 226 -73.08 -19.44 -10.90
CA LYS A 226 -71.81 -18.90 -10.52
C LYS A 226 -71.34 -19.68 -9.35
N ILE A 227 -70.00 -19.68 -9.12
CA ILE A 227 -69.49 -20.44 -8.02
C ILE A 227 -69.33 -19.48 -6.88
N SER A 228 -70.28 -19.54 -5.93
CA SER A 228 -70.28 -18.61 -4.85
C SER A 228 -69.07 -18.85 -4.00
N ASN A 229 -68.90 -20.10 -3.53
CA ASN A 229 -67.96 -20.31 -2.47
C ASN A 229 -67.12 -21.50 -2.79
N ILE A 230 -66.03 -21.65 -2.02
CA ILE A 230 -65.10 -22.74 -2.17
C ILE A 230 -65.81 -24.01 -1.89
N ARG A 231 -66.67 -24.02 -0.85
CA ARG A 231 -67.14 -25.26 -0.29
C ARG A 231 -67.82 -26.04 -1.36
N GLU A 232 -68.67 -25.37 -2.17
CA GLU A 232 -69.37 -26.06 -3.22
C GLU A 232 -68.34 -26.59 -4.15
N MET A 233 -67.29 -25.79 -4.40
CA MET A 233 -66.26 -26.13 -5.34
C MET A 233 -65.53 -27.33 -4.84
N LEU A 234 -65.40 -27.45 -3.51
CA LEU A 234 -64.41 -28.31 -2.92
C LEU A 234 -64.59 -29.70 -3.40
N PRO A 235 -65.77 -30.26 -3.40
CA PRO A 235 -65.91 -31.64 -3.76
C PRO A 235 -65.45 -31.85 -5.17
N VAL A 236 -65.56 -30.83 -6.02
CA VAL A 236 -65.03 -30.92 -7.36
C VAL A 236 -63.56 -31.02 -7.23
N LEU A 237 -62.99 -30.20 -6.33
CA LEU A 237 -61.58 -30.08 -6.12
C LEU A 237 -61.06 -31.39 -5.67
N GLU A 238 -61.83 -32.10 -4.81
CA GLU A 238 -61.33 -33.34 -4.28
C GLU A 238 -61.10 -34.25 -5.45
N ALA A 239 -62.04 -34.25 -6.40
CA ALA A 239 -61.89 -35.03 -7.59
C ALA A 239 -60.67 -34.52 -8.27
N VAL A 240 -60.44 -33.20 -8.32
CA VAL A 240 -59.32 -32.54 -8.99
C VAL A 240 -57.97 -32.51 -8.21
N ALA A 241 -57.92 -32.87 -6.92
CA ALA A 241 -56.80 -32.93 -6.02
C ALA A 241 -56.48 -34.39 -5.81
N LYS A 242 -57.48 -35.25 -6.12
CA LYS A 242 -57.32 -36.44 -6.90
C LYS A 242 -57.17 -36.06 -8.38
N ALA A 243 -56.40 -35.00 -8.77
CA ALA A 243 -56.06 -34.61 -10.13
C ALA A 243 -54.77 -33.83 -10.29
N GLY A 244 -54.57 -32.76 -11.11
CA GLY A 244 -53.19 -32.23 -11.22
C GLY A 244 -52.79 -31.43 -12.41
N LYS A 245 -52.78 -32.03 -13.63
CA LYS A 245 -52.72 -31.26 -14.85
C LYS A 245 -53.94 -30.33 -14.93
N PRO A 246 -53.72 -29.11 -15.39
CA PRO A 246 -54.48 -27.95 -14.98
C PRO A 246 -55.97 -27.98 -15.17
N LEU A 247 -56.68 -27.82 -14.09
CA LEU A 247 -58.09 -27.69 -14.04
C LEU A 247 -58.46 -26.31 -14.46
N LEU A 248 -59.48 -26.20 -15.32
CA LEU A 248 -60.05 -24.93 -15.66
C LEU A 248 -61.44 -24.96 -15.10
N ILE A 249 -61.88 -23.83 -14.52
CA ILE A 249 -63.19 -23.79 -13.95
C ILE A 249 -63.96 -22.73 -14.65
N ILE A 250 -65.23 -23.03 -14.99
CA ILE A 250 -66.04 -22.02 -15.59
C ILE A 250 -67.13 -21.72 -14.61
N ALA A 251 -67.26 -20.44 -14.22
CA ALA A 251 -68.31 -20.07 -13.32
C ALA A 251 -69.02 -18.91 -13.96
N GLU A 252 -70.33 -18.79 -13.71
CA GLU A 252 -71.04 -17.71 -14.32
C GLU A 252 -70.44 -16.45 -13.79
N ASP A 253 -70.31 -16.36 -12.46
CA ASP A 253 -69.71 -15.20 -11.87
C ASP A 253 -68.93 -15.65 -10.69
N VAL A 254 -67.86 -14.91 -10.35
CA VAL A 254 -67.26 -15.15 -9.08
C VAL A 254 -67.27 -13.84 -8.36
N GLU A 255 -67.81 -13.81 -7.13
CA GLU A 255 -67.61 -12.63 -6.35
C GLU A 255 -66.19 -12.73 -5.87
N GLY A 256 -65.37 -11.76 -6.32
CA GLY A 256 -63.94 -11.75 -6.07
C GLY A 256 -63.77 -11.24 -4.69
N GLU A 257 -64.90 -10.71 -4.19
CA GLU A 257 -65.53 -11.04 -2.95
C GLU A 257 -65.86 -12.56 -2.91
N ALA A 258 -67.11 -13.10 -2.86
CA ALA A 258 -67.45 -14.51 -2.51
C ALA A 258 -66.47 -15.72 -2.68
N LEU A 259 -65.86 -15.92 -3.84
CA LEU A 259 -65.03 -17.08 -4.04
C LEU A 259 -63.60 -16.93 -3.50
N ALA A 260 -62.99 -15.75 -3.71
CA ALA A 260 -61.55 -15.59 -3.73
C ALA A 260 -60.80 -15.85 -2.43
N THR A 261 -61.27 -15.32 -1.29
CA THR A 261 -60.70 -15.38 0.02
C THR A 261 -60.67 -16.81 0.43
N LEU A 262 -61.83 -17.49 0.34
CA LEU A 262 -61.88 -18.85 0.79
C LEU A 262 -60.98 -19.65 -0.09
N VAL A 263 -61.07 -19.46 -1.42
CA VAL A 263 -60.38 -20.35 -2.30
C VAL A 263 -58.92 -20.21 -2.07
N VAL A 264 -58.40 -18.97 -2.08
CA VAL A 264 -56.98 -18.84 -2.06
C VAL A 264 -56.47 -19.39 -0.78
N ASN A 265 -56.98 -18.89 0.35
CA ASN A 265 -56.43 -19.28 1.61
C ASN A 265 -56.71 -20.72 1.85
N THR A 266 -58.00 -21.11 1.74
CA THR A 266 -58.40 -22.43 2.13
C THR A 266 -57.77 -23.41 1.19
N MET A 267 -57.84 -23.12 -0.12
CA MET A 267 -57.49 -24.09 -1.09
C MET A 267 -56.02 -24.03 -1.33
N ARG A 268 -55.36 -25.20 -1.33
CA ARG A 268 -53.96 -25.25 -1.60
C ARG A 268 -53.77 -24.75 -2.99
N GLY A 269 -54.63 -25.20 -3.92
CA GLY A 269 -54.52 -24.76 -5.28
C GLY A 269 -53.32 -25.41 -5.86
N ILE A 270 -52.94 -26.59 -5.32
CA ILE A 270 -51.76 -27.24 -5.79
C ILE A 270 -51.98 -27.56 -7.23
N VAL A 271 -53.16 -28.10 -7.56
CA VAL A 271 -53.44 -28.39 -8.94
C VAL A 271 -53.65 -27.08 -9.61
N LYS A 272 -53.21 -26.98 -10.88
CA LYS A 272 -53.34 -25.72 -11.55
C LYS A 272 -54.80 -25.48 -11.72
N VAL A 273 -55.25 -24.24 -11.45
CA VAL A 273 -56.63 -23.94 -11.59
C VAL A 273 -56.74 -22.65 -12.35
N ALA A 274 -57.81 -22.51 -13.14
CA ALA A 274 -58.08 -21.27 -13.78
C ALA A 274 -59.55 -21.05 -13.63
N ALA A 275 -59.99 -19.78 -13.62
CA ALA A 275 -61.40 -19.55 -13.54
C ALA A 275 -61.77 -18.63 -14.66
N VAL A 276 -62.94 -18.86 -15.27
CA VAL A 276 -63.41 -17.97 -16.28
C VAL A 276 -64.87 -17.80 -16.04
N LYS A 277 -65.43 -16.63 -16.42
CA LYS A 277 -66.84 -16.45 -16.31
C LYS A 277 -67.46 -17.17 -17.47
N ALA A 278 -68.66 -17.73 -17.25
CA ALA A 278 -69.29 -18.43 -18.33
C ALA A 278 -69.71 -17.42 -19.34
N PRO A 279 -69.56 -17.78 -20.58
CA PRO A 279 -69.75 -16.86 -21.66
C PRO A 279 -71.20 -16.49 -21.73
N GLY A 280 -71.51 -15.27 -22.17
CA GLY A 280 -72.88 -14.91 -22.41
C GLY A 280 -73.52 -14.70 -21.08
N PHE A 281 -74.81 -14.33 -21.09
CA PHE A 281 -75.56 -14.23 -19.87
C PHE A 281 -76.94 -14.72 -20.18
N GLY A 282 -77.68 -15.08 -19.12
CA GLY A 282 -79.05 -15.46 -19.31
C GLY A 282 -79.09 -16.79 -19.98
N ASP A 283 -80.17 -17.03 -20.74
CA ASP A 283 -80.37 -18.29 -21.38
C ASP A 283 -79.26 -18.47 -22.36
N ARG A 284 -78.86 -17.38 -23.04
CA ARG A 284 -77.86 -17.48 -24.04
C ARG A 284 -76.63 -17.98 -23.37
N ARG A 285 -76.34 -17.47 -22.16
CA ARG A 285 -75.17 -17.88 -21.46
C ARG A 285 -75.26 -19.36 -21.25
N LYS A 286 -76.45 -19.82 -20.82
CA LYS A 286 -76.61 -21.22 -20.55
C LYS A 286 -76.37 -21.95 -21.83
N ALA A 287 -76.92 -21.42 -22.93
CA ALA A 287 -76.82 -22.07 -24.20
C ALA A 287 -75.37 -22.17 -24.55
N MET A 288 -74.62 -21.08 -24.30
CA MET A 288 -73.24 -21.06 -24.64
C MET A 288 -72.58 -22.12 -23.82
N LEU A 289 -72.99 -22.24 -22.54
CA LEU A 289 -72.39 -23.20 -21.66
C LEU A 289 -72.65 -24.55 -22.24
N GLN A 290 -73.88 -24.77 -22.74
CA GLN A 290 -74.22 -26.06 -23.24
C GLN A 290 -73.33 -26.33 -24.42
N ASP A 291 -73.12 -25.31 -25.28
CA ASP A 291 -72.32 -25.52 -26.44
C ASP A 291 -70.95 -25.87 -25.99
N ILE A 292 -70.44 -25.17 -24.96
CA ILE A 292 -69.10 -25.42 -24.49
C ILE A 292 -69.07 -26.82 -23.98
N ALA A 293 -70.12 -27.20 -23.22
CA ALA A 293 -70.12 -28.46 -22.55
C ALA A 293 -70.03 -29.54 -23.57
N THR A 294 -70.78 -29.39 -24.68
CA THR A 294 -70.75 -30.41 -25.69
C THR A 294 -69.37 -30.47 -26.24
N LEU A 295 -68.78 -29.30 -26.53
CA LEU A 295 -67.50 -29.28 -27.16
C LEU A 295 -66.53 -29.92 -26.24
N THR A 296 -66.59 -29.57 -24.95
CA THR A 296 -65.68 -30.12 -24.00
C THR A 296 -65.93 -31.59 -23.95
N GLY A 297 -67.21 -31.99 -23.98
CA GLY A 297 -67.57 -33.36 -23.84
C GLY A 297 -67.87 -33.57 -22.40
N GLY A 298 -67.67 -32.51 -21.59
CA GLY A 298 -68.01 -32.59 -20.20
C GLY A 298 -69.46 -32.27 -20.07
N THR A 299 -69.99 -32.28 -18.84
CA THR A 299 -71.36 -31.97 -18.64
C THR A 299 -71.41 -30.77 -17.76
N VAL A 300 -72.53 -30.03 -17.80
CA VAL A 300 -72.64 -28.86 -16.98
C VAL A 300 -73.65 -29.15 -15.93
N ILE A 301 -73.46 -28.56 -14.74
CA ILE A 301 -74.38 -28.80 -13.66
C ILE A 301 -75.00 -27.49 -13.34
N SER A 302 -76.35 -27.47 -13.18
CA SER A 302 -77.01 -26.25 -12.84
C SER A 302 -77.90 -26.55 -11.68
N GLU A 303 -78.29 -25.50 -10.94
CA GLU A 303 -79.17 -25.66 -9.82
C GLU A 303 -80.46 -26.16 -10.36
N GLU A 304 -80.88 -25.62 -11.51
CA GLU A 304 -82.16 -25.96 -12.04
C GLU A 304 -82.15 -27.43 -12.30
N ILE A 305 -81.03 -27.94 -12.84
CA ILE A 305 -80.92 -29.36 -13.04
C ILE A 305 -80.98 -29.98 -11.70
N GLY A 306 -80.30 -29.38 -10.72
CA GLY A 306 -80.31 -29.91 -9.39
C GLY A 306 -79.16 -30.84 -9.26
N MET A 307 -78.31 -30.90 -10.32
CA MET A 307 -77.13 -31.69 -10.21
C MET A 307 -76.25 -30.98 -9.21
N GLU A 308 -75.42 -31.74 -8.49
CA GLU A 308 -74.60 -31.12 -7.49
C GLU A 308 -73.21 -31.10 -8.01
N LEU A 309 -72.47 -30.02 -7.71
CA LEU A 309 -71.11 -29.93 -8.12
C LEU A 309 -70.38 -31.02 -7.42
N GLU A 310 -70.70 -31.21 -6.13
CA GLU A 310 -70.04 -32.21 -5.34
C GLU A 310 -70.35 -33.52 -5.97
N LYS A 311 -71.61 -33.71 -6.37
CA LYS A 311 -72.02 -34.96 -6.94
C LYS A 311 -71.24 -35.16 -8.20
N ALA A 312 -71.07 -34.09 -9.00
CA ALA A 312 -70.47 -34.25 -10.28
C ALA A 312 -69.08 -34.77 -10.05
N THR A 313 -68.66 -35.72 -10.92
CA THR A 313 -67.38 -36.32 -10.78
C THR A 313 -66.45 -35.66 -11.75
N LEU A 314 -65.22 -36.22 -11.86
CA LEU A 314 -64.24 -35.74 -12.79
C LEU A 314 -64.81 -35.97 -14.16
N GLU A 315 -65.51 -37.10 -14.33
CA GLU A 315 -65.94 -37.52 -15.64
C GLU A 315 -66.83 -36.45 -16.17
N ASP A 316 -67.65 -35.85 -15.30
CA ASP A 316 -68.54 -34.83 -15.74
C ASP A 316 -67.69 -33.75 -16.31
N LEU A 317 -66.56 -33.45 -15.65
CA LEU A 317 -65.72 -32.41 -16.16
C LEU A 317 -65.17 -32.88 -17.46
N GLY A 318 -65.10 -31.96 -18.44
CA GLY A 318 -64.58 -32.31 -19.72
C GLY A 318 -63.10 -32.16 -19.64
N GLN A 319 -62.39 -32.51 -20.74
CA GLN A 319 -60.99 -32.26 -20.77
C GLN A 319 -60.72 -31.53 -22.04
N ALA A 320 -59.65 -30.71 -22.05
CA ALA A 320 -59.26 -30.04 -23.25
C ALA A 320 -57.85 -30.45 -23.51
N LYS A 321 -57.43 -30.44 -24.78
CA LYS A 321 -56.06 -30.77 -25.06
C LYS A 321 -55.22 -29.72 -24.41
N ARG A 322 -55.56 -28.45 -24.64
CA ARG A 322 -54.88 -27.38 -23.96
C ARG A 322 -55.81 -26.22 -23.95
N VAL A 323 -55.66 -25.32 -22.95
CA VAL A 323 -56.48 -24.15 -22.96
C VAL A 323 -55.56 -22.98 -22.88
N VAL A 324 -55.90 -21.90 -23.62
CA VAL A 324 -55.15 -20.69 -23.48
C VAL A 324 -56.11 -19.64 -23.02
N ILE A 325 -55.70 -18.82 -22.05
CA ILE A 325 -56.57 -17.79 -21.58
C ILE A 325 -55.84 -16.50 -21.65
N ASN A 326 -56.52 -15.44 -22.14
CA ASN A 326 -55.99 -14.12 -22.03
C ASN A 326 -57.04 -13.29 -21.38
N LYS A 327 -56.69 -12.06 -20.97
CA LYS A 327 -57.62 -11.25 -20.24
C LYS A 327 -58.80 -11.01 -21.13
N ASP A 328 -58.54 -10.67 -22.40
CA ASP A 328 -59.64 -10.32 -23.24
C ASP A 328 -60.53 -11.52 -23.39
N THR A 329 -59.94 -12.70 -23.66
CA THR A 329 -60.74 -13.81 -24.07
C THR A 329 -60.15 -15.06 -23.50
N THR A 330 -60.97 -16.12 -23.35
CA THR A 330 -60.42 -17.38 -22.93
C THR A 330 -60.78 -18.39 -23.98
N THR A 331 -59.80 -19.18 -24.45
CA THR A 331 -60.16 -20.09 -25.49
C THR A 331 -59.71 -21.45 -25.08
N ILE A 332 -60.35 -22.48 -25.67
CA ILE A 332 -59.88 -23.82 -25.52
C ILE A 332 -59.42 -24.24 -26.87
N ILE A 333 -58.15 -24.67 -26.98
CA ILE A 333 -57.63 -24.94 -28.29
C ILE A 333 -58.41 -26.07 -28.86
N ASP A 334 -58.55 -27.17 -28.09
CA ASP A 334 -59.31 -28.27 -28.59
C ASP A 334 -59.88 -28.99 -27.42
N GLY A 335 -61.22 -29.02 -27.31
CA GLY A 335 -61.82 -29.89 -26.33
C GLY A 335 -61.77 -31.26 -26.93
N VAL A 336 -61.73 -32.31 -26.10
CA VAL A 336 -61.73 -33.61 -26.66
C VAL A 336 -63.01 -33.75 -27.41
N GLY A 337 -64.13 -33.48 -26.73
CA GLY A 337 -65.40 -33.38 -27.39
C GLY A 337 -65.74 -34.73 -27.91
N GLU A 338 -66.90 -34.81 -28.61
CA GLU A 338 -67.19 -35.96 -29.41
C GLU A 338 -67.40 -35.44 -30.79
N GLU A 339 -66.88 -36.15 -31.80
CA GLU A 339 -66.98 -35.63 -33.13
C GLU A 339 -68.43 -35.57 -33.45
N ALA A 340 -69.16 -36.67 -33.18
CA ALA A 340 -70.56 -36.71 -33.48
C ALA A 340 -71.23 -35.69 -32.64
N ALA A 341 -70.86 -35.62 -31.35
CA ALA A 341 -71.58 -34.79 -30.42
C ALA A 341 -71.46 -33.38 -30.88
N ILE A 342 -70.25 -32.98 -31.28
CA ILE A 342 -70.04 -31.60 -31.63
C ILE A 342 -70.90 -31.30 -32.80
N GLN A 343 -70.87 -32.20 -33.80
CA GLN A 343 -71.58 -31.92 -35.03
C GLN A 343 -73.03 -31.85 -34.71
N GLY A 344 -73.52 -32.77 -33.87
CA GLY A 344 -74.93 -32.84 -33.61
C GLY A 344 -75.35 -31.55 -33.00
N ARG A 345 -74.56 -31.05 -32.04
CA ARG A 345 -74.95 -29.86 -31.33
C ARG A 345 -75.01 -28.75 -32.33
N VAL A 346 -74.02 -28.68 -33.23
CA VAL A 346 -73.96 -27.59 -34.16
C VAL A 346 -75.23 -27.63 -34.96
N ALA A 347 -75.60 -28.83 -35.43
CA ALA A 347 -76.75 -28.94 -36.29
C ALA A 347 -77.93 -28.47 -35.51
N GLN A 348 -78.03 -28.89 -34.23
CA GLN A 348 -79.20 -28.59 -33.46
C GLN A 348 -79.28 -27.11 -33.34
N ILE A 349 -78.14 -26.46 -33.05
CA ILE A 349 -78.14 -25.04 -32.87
C ILE A 349 -78.53 -24.43 -34.17
N ARG A 350 -77.96 -24.95 -35.28
CA ARG A 350 -78.19 -24.38 -36.57
C ARG A 350 -79.66 -24.44 -36.83
N GLN A 351 -80.28 -25.58 -36.48
CA GLN A 351 -81.68 -25.72 -36.73
C GLN A 351 -82.37 -24.65 -35.93
N GLN A 352 -81.88 -24.44 -34.69
CA GLN A 352 -82.50 -23.49 -33.83
C GLN A 352 -82.40 -22.15 -34.47
N ILE A 353 -81.26 -21.86 -35.11
CA ILE A 353 -81.05 -20.56 -35.65
C ILE A 353 -82.12 -20.32 -36.66
N GLU A 354 -82.35 -21.30 -37.54
CA GLU A 354 -83.34 -21.16 -38.56
C GLU A 354 -84.67 -21.05 -37.87
N GLU A 355 -84.87 -21.86 -36.82
CA GLU A 355 -86.17 -21.97 -36.23
C GLU A 355 -86.56 -20.64 -35.72
N ALA A 356 -85.64 -19.94 -35.02
CA ALA A 356 -86.04 -18.73 -34.37
C ALA A 356 -86.46 -17.77 -35.42
N THR A 357 -87.65 -17.16 -35.24
CA THR A 357 -88.12 -16.15 -36.13
C THR A 357 -87.24 -14.95 -35.98
N SER A 358 -86.93 -14.59 -34.72
CA SER A 358 -86.34 -13.31 -34.47
C SER A 358 -84.93 -13.32 -34.95
N ASP A 359 -84.45 -12.13 -35.35
CA ASP A 359 -83.08 -11.97 -35.73
C ASP A 359 -82.25 -12.19 -34.52
N TYR A 360 -82.71 -11.67 -33.36
CA TYR A 360 -81.92 -11.70 -32.18
C TYR A 360 -81.68 -13.13 -31.83
N ASP A 361 -82.75 -13.95 -31.88
CA ASP A 361 -82.62 -15.32 -31.51
C ASP A 361 -81.66 -15.94 -32.48
N ARG A 362 -81.82 -15.58 -33.76
CA ARG A 362 -81.00 -16.19 -34.79
C ARG A 362 -79.58 -15.85 -34.49
N GLU A 363 -79.32 -14.59 -34.12
CA GLU A 363 -77.96 -14.14 -33.98
C GLU A 363 -77.31 -14.93 -32.89
N LYS A 364 -78.02 -15.10 -31.76
CA LYS A 364 -77.38 -15.76 -30.66
C LYS A 364 -77.03 -17.15 -31.08
N LEU A 365 -77.98 -17.84 -31.72
CA LEU A 365 -77.77 -19.20 -32.11
C LEU A 365 -76.65 -19.23 -33.10
N GLN A 366 -76.70 -18.31 -34.08
CA GLN A 366 -75.74 -18.34 -35.16
C GLN A 366 -74.39 -18.12 -34.57
N GLU A 367 -74.30 -17.20 -33.59
CA GLU A 367 -73.02 -16.94 -33.01
C GLU A 367 -72.57 -18.21 -32.37
N ARG A 368 -73.50 -18.90 -31.69
CA ARG A 368 -73.13 -20.09 -30.96
C ARG A 368 -72.63 -21.10 -31.94
N VAL A 369 -73.36 -21.31 -33.06
CA VAL A 369 -72.97 -22.34 -33.97
C VAL A 369 -71.62 -21.97 -34.52
N ALA A 370 -71.43 -20.68 -34.84
CA ALA A 370 -70.23 -20.27 -35.49
C ALA A 370 -69.09 -20.60 -34.61
N LYS A 371 -69.25 -20.36 -33.29
CA LYS A 371 -68.16 -20.57 -32.38
C LYS A 371 -67.80 -22.02 -32.42
N LEU A 372 -68.82 -22.91 -32.45
CA LEU A 372 -68.53 -24.30 -32.28
C LEU A 372 -67.65 -24.73 -33.40
N ALA A 373 -68.01 -24.36 -34.65
CA ALA A 373 -67.13 -24.71 -35.72
C ALA A 373 -65.85 -23.99 -35.44
N GLY A 374 -65.99 -22.69 -35.09
CA GLY A 374 -64.90 -21.92 -34.58
C GLY A 374 -64.29 -21.19 -35.74
N GLY A 375 -64.22 -21.88 -36.90
CA GLY A 375 -63.67 -21.26 -38.06
C GLY A 375 -62.22 -21.02 -37.78
N VAL A 376 -61.70 -21.69 -36.74
CA VAL A 376 -60.38 -21.39 -36.27
C VAL A 376 -59.39 -22.13 -37.10
N ALA A 377 -58.22 -21.50 -37.34
CA ALA A 377 -57.15 -22.18 -38.00
C ALA A 377 -55.99 -22.12 -37.08
N VAL A 378 -55.16 -23.18 -37.08
CA VAL A 378 -54.00 -23.18 -36.24
C VAL A 378 -52.82 -23.30 -37.14
N ILE A 379 -51.73 -22.59 -36.79
CA ILE A 379 -50.54 -22.66 -37.58
C ILE A 379 -49.46 -23.17 -36.69
N LYS A 380 -48.68 -24.15 -37.17
CA LYS A 380 -47.59 -24.63 -36.37
C LYS A 380 -46.34 -24.15 -37.03
N VAL A 381 -45.35 -23.74 -36.23
CA VAL A 381 -44.12 -23.31 -36.82
C VAL A 381 -43.08 -24.32 -36.46
N GLY A 382 -42.38 -24.86 -37.46
CA GLY A 382 -41.30 -25.75 -37.15
C GLY A 382 -40.09 -24.91 -36.96
N ALA A 383 -39.01 -25.53 -36.45
CA ALA A 383 -37.77 -24.80 -36.32
C ALA A 383 -36.67 -25.80 -36.32
N ALA A 384 -35.45 -25.34 -36.65
CA ALA A 384 -34.33 -26.21 -36.56
C ALA A 384 -34.18 -26.58 -35.12
N THR A 385 -34.34 -25.57 -34.24
CA THR A 385 -34.21 -25.82 -32.83
C THR A 385 -35.42 -25.27 -32.17
N GLU A 386 -35.64 -25.65 -30.90
CA GLU A 386 -36.79 -25.21 -30.18
C GLU A 386 -36.70 -23.73 -30.06
N VAL A 387 -35.48 -23.22 -29.77
CA VAL A 387 -35.31 -21.82 -29.54
C VAL A 387 -35.71 -21.11 -30.79
N GLU A 388 -35.28 -21.63 -31.95
CA GLU A 388 -35.54 -20.96 -33.19
C GLU A 388 -37.03 -20.91 -33.35
N MET A 389 -37.71 -22.02 -33.00
CA MET A 389 -39.11 -22.11 -33.26
C MET A 389 -39.78 -21.04 -32.47
N LYS A 390 -39.35 -20.85 -31.22
CA LYS A 390 -39.99 -19.88 -30.39
C LYS A 390 -39.81 -18.55 -31.04
N GLU A 391 -38.58 -18.28 -31.51
CA GLU A 391 -38.29 -17.00 -32.09
C GLU A 391 -39.16 -16.85 -33.30
N LYS A 392 -39.24 -17.90 -34.13
CA LYS A 392 -39.97 -17.81 -35.35
C LYS A 392 -41.40 -17.57 -35.02
N LYS A 393 -41.91 -18.28 -34.00
CA LYS A 393 -43.31 -18.22 -33.69
C LYS A 393 -43.63 -16.81 -33.34
N ALA A 394 -42.77 -16.17 -32.52
CA ALA A 394 -43.07 -14.85 -32.07
C ALA A 394 -43.16 -13.97 -33.27
N ARG A 395 -42.21 -14.14 -34.21
CA ARG A 395 -42.18 -13.30 -35.36
C ARG A 395 -43.44 -13.53 -36.13
N VAL A 396 -43.85 -14.81 -36.24
CA VAL A 396 -44.99 -15.14 -37.05
C VAL A 396 -46.17 -14.43 -36.46
N GLU A 397 -46.30 -14.48 -35.13
CA GLU A 397 -47.47 -13.94 -34.51
C GLU A 397 -47.52 -12.48 -34.82
N ALA A 398 -46.37 -11.80 -34.72
CA ALA A 398 -46.36 -10.38 -34.92
C ALA A 398 -46.81 -10.11 -36.32
N ALA A 399 -46.31 -10.91 -37.27
CA ALA A 399 -46.61 -10.66 -38.65
C ALA A 399 -48.08 -10.80 -38.83
N LEU A 400 -48.68 -11.83 -38.20
CA LEU A 400 -50.06 -12.11 -38.45
C LEU A 400 -50.86 -10.92 -38.03
N HIS A 401 -50.55 -10.36 -36.85
CA HIS A 401 -51.33 -9.27 -36.35
C HIS A 401 -51.20 -8.15 -37.32
N ALA A 402 -49.96 -7.87 -37.75
CA ALA A 402 -49.73 -6.74 -38.61
C ALA A 402 -50.49 -6.96 -39.87
N THR A 403 -50.44 -8.19 -40.41
CA THR A 403 -51.05 -8.44 -41.67
C THR A 403 -52.52 -8.19 -41.54
N ARG A 404 -53.13 -8.71 -40.47
CA ARG A 404 -54.55 -8.62 -40.35
C ARG A 404 -54.91 -7.17 -40.28
N ALA A 405 -54.17 -6.40 -39.46
CA ALA A 405 -54.48 -5.01 -39.32
C ALA A 405 -54.29 -4.37 -40.66
N ALA A 406 -53.20 -4.75 -41.35
CA ALA A 406 -52.82 -4.06 -42.54
C ALA A 406 -53.90 -4.23 -43.55
N VAL A 407 -54.45 -5.45 -43.68
CA VAL A 407 -55.38 -5.68 -44.74
C VAL A 407 -56.57 -4.79 -44.55
N GLU A 408 -57.11 -4.76 -43.32
CA GLU A 408 -58.34 -4.04 -43.10
C GLU A 408 -58.08 -2.59 -43.38
N GLU A 409 -56.96 -2.07 -42.85
CA GLU A 409 -56.67 -0.68 -42.98
C GLU A 409 -56.47 -0.41 -44.43
N GLY A 410 -55.83 -1.36 -45.13
CA GLY A 410 -55.34 -1.10 -46.44
C GLY A 410 -53.91 -0.74 -46.22
N VAL A 411 -53.07 -0.85 -47.26
CA VAL A 411 -51.70 -0.66 -46.94
C VAL A 411 -51.20 0.58 -47.59
N VAL A 412 -50.43 1.37 -46.82
CA VAL A 412 -49.78 2.53 -47.35
C VAL A 412 -48.49 2.07 -47.94
N ALA A 413 -47.89 2.90 -48.81
CA ALA A 413 -46.66 2.52 -49.44
C ALA A 413 -45.64 2.31 -48.36
N GLY A 414 -44.76 1.32 -48.56
CA GLY A 414 -43.77 1.02 -47.57
C GLY A 414 -42.56 1.85 -47.86
N GLY A 415 -41.48 1.59 -47.10
CA GLY A 415 -40.24 2.26 -47.35
C GLY A 415 -40.24 3.55 -46.60
N GLY A 416 -41.29 3.80 -45.81
CA GLY A 416 -41.33 5.02 -45.06
C GLY A 416 -41.69 6.09 -46.03
N VAL A 417 -42.23 5.68 -47.20
CA VAL A 417 -42.61 6.61 -48.21
C VAL A 417 -43.66 7.49 -47.63
N ALA A 418 -44.63 6.90 -46.92
CA ALA A 418 -45.68 7.70 -46.39
C ALA A 418 -45.06 8.66 -45.44
N LEU A 419 -44.10 8.17 -44.63
CA LEU A 419 -43.54 9.00 -43.61
C LEU A 419 -42.85 10.15 -44.25
N ILE A 420 -42.04 9.89 -45.30
CA ILE A 420 -41.31 10.96 -45.89
C ILE A 420 -42.29 11.91 -46.50
N ARG A 421 -43.30 11.37 -47.20
CA ARG A 421 -44.21 12.18 -47.93
C ARG A 421 -44.91 13.10 -46.99
N VAL A 422 -45.38 12.55 -45.85
CA VAL A 422 -46.18 13.32 -44.94
C VAL A 422 -45.33 14.44 -44.42
N ALA A 423 -44.04 14.16 -44.16
CA ALA A 423 -43.22 15.10 -43.46
C ALA A 423 -43.18 16.36 -44.25
N SER A 424 -43.07 16.25 -45.59
CA SER A 424 -42.93 17.41 -46.40
C SER A 424 -44.13 18.28 -46.16
N LYS A 425 -45.32 17.67 -46.18
CA LYS A 425 -46.53 18.42 -45.98
C LYS A 425 -46.46 19.00 -44.60
N LEU A 426 -45.96 18.19 -43.65
CA LEU A 426 -45.94 18.56 -42.27
C LEU A 426 -45.08 19.78 -42.13
N ALA A 427 -44.00 19.84 -42.90
CA ALA A 427 -43.00 20.86 -42.70
C ALA A 427 -43.68 22.18 -42.87
N ASP A 428 -44.58 22.29 -43.85
CA ASP A 428 -45.20 23.55 -44.14
C ASP A 428 -45.89 24.00 -42.89
N LEU A 429 -46.55 23.07 -42.19
CA LEU A 429 -47.29 23.45 -41.02
C LEU A 429 -46.30 23.95 -40.02
N ARG A 430 -46.70 24.97 -39.24
CA ARG A 430 -45.81 25.55 -38.28
C ARG A 430 -46.39 25.34 -36.93
N GLY A 431 -45.53 25.26 -35.91
CA GLY A 431 -45.99 25.12 -34.56
C GLY A 431 -46.35 26.49 -34.08
N GLN A 432 -46.94 26.57 -32.88
CA GLN A 432 -47.38 27.83 -32.36
C GLN A 432 -46.18 28.69 -32.16
N ASN A 433 -45.11 28.13 -31.57
CA ASN A 433 -43.96 28.93 -31.27
C ASN A 433 -42.76 28.24 -31.82
N GLU A 434 -41.63 28.96 -31.85
CA GLU A 434 -40.47 28.51 -32.54
C GLU A 434 -40.04 27.22 -31.93
N ASP A 435 -40.10 27.13 -30.59
CA ASP A 435 -39.64 25.94 -29.94
C ASP A 435 -40.47 24.82 -30.46
N GLN A 436 -41.79 25.06 -30.60
CA GLN A 436 -42.65 24.06 -31.14
C GLN A 436 -42.22 23.80 -32.54
N ASN A 437 -41.84 24.86 -33.27
CA ASN A 437 -41.53 24.71 -34.67
C ASN A 437 -40.41 23.74 -34.79
N VAL A 438 -39.35 23.91 -33.98
CA VAL A 438 -38.20 23.08 -34.15
C VAL A 438 -38.62 21.67 -33.88
N GLY A 439 -39.46 21.46 -32.86
CA GLY A 439 -39.85 20.14 -32.50
C GLY A 439 -40.56 19.54 -33.66
N ILE A 440 -41.39 20.34 -34.33
CA ILE A 440 -42.16 19.84 -35.44
C ILE A 440 -41.18 19.41 -36.48
N LYS A 441 -40.17 20.25 -36.74
CA LYS A 441 -39.21 19.95 -37.75
C LYS A 441 -38.53 18.68 -37.34
N VAL A 442 -38.23 18.55 -36.03
CA VAL A 442 -37.50 17.42 -35.56
C VAL A 442 -38.29 16.20 -35.90
N ALA A 443 -39.61 16.24 -35.66
CA ALA A 443 -40.42 15.08 -35.88
C ALA A 443 -40.31 14.73 -37.33
N LEU A 444 -40.34 15.75 -38.20
CA LEU A 444 -40.32 15.50 -39.61
C LEU A 444 -39.03 14.82 -39.91
N ARG A 445 -37.93 15.31 -39.28
CA ARG A 445 -36.63 14.76 -39.55
C ARG A 445 -36.67 13.34 -39.12
N ALA A 446 -37.32 13.06 -37.97
CA ALA A 446 -37.32 11.75 -37.42
C ALA A 446 -37.94 10.82 -38.41
N MET A 447 -39.02 11.27 -39.07
CA MET A 447 -39.74 10.41 -39.97
C MET A 447 -38.81 10.04 -41.08
N GLU A 448 -38.02 11.02 -41.56
CA GLU A 448 -37.21 10.83 -42.72
C GLU A 448 -36.22 9.75 -42.44
N ALA A 449 -35.72 9.69 -41.18
CA ALA A 449 -34.54 8.93 -40.90
C ALA A 449 -34.74 7.49 -41.28
N PRO A 450 -35.83 6.84 -40.94
CA PRO A 450 -35.90 5.43 -41.13
C PRO A 450 -35.77 5.07 -42.58
N LEU A 451 -36.14 5.98 -43.49
CA LEU A 451 -35.99 5.71 -44.89
C LEU A 451 -34.53 5.59 -45.14
N ARG A 452 -33.75 6.48 -44.52
CA ARG A 452 -32.34 6.55 -44.73
C ARG A 452 -31.75 5.26 -44.27
N GLN A 453 -32.24 4.72 -43.14
CA GLN A 453 -31.62 3.57 -42.56
C GLN A 453 -31.71 2.46 -43.56
N ILE A 454 -32.86 2.33 -44.24
CA ILE A 454 -33.01 1.28 -45.19
C ILE A 454 -32.00 1.49 -46.25
N VAL A 455 -31.86 2.76 -46.68
CA VAL A 455 -30.96 3.09 -47.76
C VAL A 455 -29.59 2.71 -47.33
N LEU A 456 -29.25 2.99 -46.05
CA LEU A 456 -27.92 2.76 -45.56
C LEU A 456 -27.66 1.30 -45.69
N ASN A 457 -28.68 0.48 -45.35
CA ASN A 457 -28.52 -0.93 -45.44
C ASN A 457 -28.20 -1.24 -46.86
N CYS A 458 -28.88 -0.56 -47.79
CA CYS A 458 -28.61 -0.77 -49.19
C CYS A 458 -27.18 -0.38 -49.41
N GLY A 459 -26.73 0.69 -48.74
CA GLY A 459 -25.40 1.16 -48.93
C GLY A 459 -25.47 2.30 -49.88
N GLU A 460 -26.67 2.53 -50.45
CA GLU A 460 -26.87 3.71 -51.25
C GLU A 460 -26.91 4.86 -50.30
N GLU A 461 -26.57 6.06 -50.79
CA GLU A 461 -26.55 7.19 -49.90
C GLU A 461 -27.96 7.64 -49.76
N PRO A 462 -28.43 7.58 -48.55
CA PRO A 462 -29.82 7.79 -48.25
C PRO A 462 -30.18 9.20 -48.60
N SER A 463 -29.20 10.10 -48.65
CA SER A 463 -29.52 11.48 -48.88
C SER A 463 -30.16 11.58 -50.23
N VAL A 464 -29.51 10.99 -51.25
CA VAL A 464 -30.01 11.11 -52.58
C VAL A 464 -31.36 10.48 -52.62
N VAL A 465 -31.49 9.28 -52.03
CA VAL A 465 -32.72 8.55 -52.12
C VAL A 465 -33.78 9.37 -51.49
N ALA A 466 -33.49 9.91 -50.29
CA ALA A 466 -34.49 10.62 -49.56
C ALA A 466 -34.90 11.80 -50.37
N ASN A 467 -33.90 12.50 -50.96
CA ASN A 467 -34.21 13.68 -51.69
C ASN A 467 -35.10 13.31 -52.83
N THR A 468 -34.73 12.22 -53.54
CA THR A 468 -35.47 11.84 -54.69
C THR A 468 -36.86 11.48 -54.25
N VAL A 469 -36.95 10.73 -53.14
CA VAL A 469 -38.24 10.26 -52.71
C VAL A 469 -39.09 11.45 -52.44
N LYS A 470 -38.53 12.45 -51.73
CA LYS A 470 -39.29 13.60 -51.39
C LYS A 470 -39.74 14.25 -52.65
N GLY A 471 -38.83 14.33 -53.64
CA GLY A 471 -39.10 15.09 -54.81
C GLY A 471 -40.30 14.51 -55.49
N GLY A 472 -40.37 13.16 -55.56
CA GLY A 472 -41.43 12.57 -56.31
C GLY A 472 -42.72 12.92 -55.65
N ASP A 473 -43.73 13.29 -56.45
CA ASP A 473 -45.04 13.55 -55.92
C ASP A 473 -45.75 12.24 -55.88
N GLY A 474 -46.96 12.22 -55.29
CA GLY A 474 -47.73 11.02 -55.27
C GLY A 474 -47.02 10.07 -54.37
N ASN A 475 -47.17 8.76 -54.63
CA ASN A 475 -46.46 7.81 -53.84
C ASN A 475 -45.16 7.57 -54.51
N TYR A 476 -44.06 7.95 -53.85
CA TYR A 476 -42.76 7.72 -54.41
C TYR A 476 -41.96 7.05 -53.35
N GLY A 477 -41.11 6.08 -53.74
CA GLY A 477 -40.39 5.38 -52.72
C GLY A 477 -39.24 4.69 -53.37
N TYR A 478 -38.39 4.07 -52.55
CA TYR A 478 -37.26 3.35 -53.06
C TYR A 478 -37.46 1.93 -52.64
N ASN A 479 -37.28 0.98 -53.59
CA ASN A 479 -37.41 -0.39 -53.24
C ASN A 479 -36.03 -0.91 -53.06
N ALA A 480 -35.74 -1.49 -51.89
CA ALA A 480 -34.40 -1.92 -51.64
C ALA A 480 -34.06 -3.00 -52.61
N ALA A 481 -34.99 -3.98 -52.78
CA ALA A 481 -34.67 -5.11 -53.58
C ALA A 481 -34.45 -4.67 -54.98
N THR A 482 -35.37 -3.83 -55.49
CA THR A 482 -35.27 -3.40 -56.85
C THR A 482 -34.04 -2.57 -56.98
N GLU A 483 -33.81 -1.69 -55.99
CA GLU A 483 -32.82 -0.69 -56.12
C GLU A 483 -33.15 0.09 -57.35
N GLU A 484 -34.47 0.20 -57.62
CA GLU A 484 -34.94 0.98 -58.72
C GLU A 484 -36.05 1.82 -58.19
N TYR A 485 -36.33 2.95 -58.86
CA TYR A 485 -37.38 3.80 -58.39
C TYR A 485 -38.63 3.38 -59.09
N GLY A 486 -39.72 3.22 -58.32
CA GLY A 486 -40.97 2.82 -58.91
C GLY A 486 -42.03 3.16 -57.93
N ASN A 487 -43.31 3.05 -58.36
CA ASN A 487 -44.37 3.36 -57.46
C ASN A 487 -44.40 2.28 -56.43
N MET A 488 -44.64 2.66 -55.16
CA MET A 488 -44.66 1.68 -54.12
C MET A 488 -45.80 0.75 -54.39
N ILE A 489 -46.95 1.30 -54.79
CA ILE A 489 -48.11 0.49 -55.01
C ILE A 489 -47.79 -0.46 -56.11
N ASP A 490 -47.16 0.06 -57.18
CA ASP A 490 -46.86 -0.75 -58.32
C ASP A 490 -45.93 -1.82 -57.84
N MET A 491 -44.97 -1.45 -56.97
CA MET A 491 -44.04 -2.40 -56.46
C MET A 491 -44.83 -3.42 -55.71
N GLY A 492 -45.85 -2.97 -54.96
CA GLY A 492 -46.71 -3.90 -54.29
C GLY A 492 -46.15 -4.11 -52.91
N ILE A 493 -45.07 -3.40 -52.55
CA ILE A 493 -44.57 -3.54 -51.22
C ILE A 493 -45.13 -2.40 -50.43
N LEU A 494 -46.00 -2.71 -49.46
CA LEU A 494 -46.67 -1.67 -48.75
C LEU A 494 -46.58 -1.97 -47.29
N ASP A 495 -46.36 -0.92 -46.46
CA ASP A 495 -46.33 -1.10 -45.03
C ASP A 495 -47.66 -0.68 -44.50
N PRO A 496 -48.14 -1.39 -43.54
CA PRO A 496 -49.50 -1.22 -43.12
C PRO A 496 -49.66 0.17 -42.59
N THR A 497 -50.83 0.78 -42.82
CA THR A 497 -51.08 2.11 -42.35
C THR A 497 -51.04 2.08 -40.86
N LYS A 498 -51.75 1.10 -40.26
CA LYS A 498 -51.92 1.10 -38.85
C LYS A 498 -50.58 0.96 -38.22
N VAL A 499 -49.75 0.04 -38.73
CA VAL A 499 -48.50 -0.22 -38.10
C VAL A 499 -47.69 1.04 -38.13
N THR A 500 -47.66 1.71 -39.29
CA THR A 500 -46.84 2.88 -39.41
C THR A 500 -47.34 3.89 -38.44
N ARG A 501 -48.68 4.09 -38.41
CA ARG A 501 -49.24 5.11 -37.58
C ARG A 501 -48.92 4.78 -36.16
N SER A 502 -49.11 3.50 -35.79
CA SER A 502 -48.96 3.13 -34.41
C SER A 502 -47.55 3.41 -34.00
N ALA A 503 -46.59 2.98 -34.83
CA ALA A 503 -45.21 3.08 -34.44
C ALA A 503 -44.89 4.53 -34.27
N LEU A 504 -45.35 5.37 -35.20
CA LEU A 504 -44.96 6.75 -35.18
C LEU A 504 -45.45 7.35 -33.91
N GLN A 505 -46.72 7.07 -33.56
CA GLN A 505 -47.31 7.74 -32.44
C GLN A 505 -46.53 7.37 -31.22
N TYR A 506 -46.24 6.08 -31.06
CA TYR A 506 -45.58 5.62 -29.87
C TYR A 506 -44.22 6.25 -29.83
N ALA A 507 -43.52 6.24 -30.98
CA ALA A 507 -42.17 6.71 -30.98
C ALA A 507 -42.20 8.14 -30.54
N ALA A 508 -43.17 8.91 -31.06
CA ALA A 508 -43.22 10.31 -30.74
C ALA A 508 -43.41 10.42 -29.27
N SER A 509 -44.31 9.59 -28.71
CA SER A 509 -44.63 9.69 -27.32
C SER A 509 -43.38 9.44 -26.55
N VAL A 510 -42.63 8.39 -26.93
CA VAL A 510 -41.46 8.03 -26.18
C VAL A 510 -40.54 9.19 -26.21
N ALA A 511 -40.32 9.76 -27.41
CA ALA A 511 -39.30 10.75 -27.58
C ALA A 511 -39.65 11.88 -26.67
N GLY A 512 -40.94 12.27 -26.65
CA GLY A 512 -41.32 13.41 -25.89
C GLY A 512 -40.99 13.15 -24.46
N LEU A 513 -41.27 11.92 -23.99
CA LEU A 513 -41.06 11.62 -22.60
C LEU A 513 -39.59 11.75 -22.32
N MET A 514 -38.76 11.21 -23.23
CA MET A 514 -37.35 11.23 -22.98
C MET A 514 -36.90 12.65 -22.96
N ILE A 515 -37.46 13.47 -23.87
CA ILE A 515 -37.02 14.83 -24.00
C ILE A 515 -37.29 15.52 -22.71
N THR A 516 -38.49 15.28 -22.13
CA THR A 516 -38.96 16.09 -21.05
C THR A 516 -37.97 16.01 -19.93
N THR A 517 -37.51 14.79 -19.60
CA THR A 517 -36.76 14.67 -18.38
C THR A 517 -35.45 15.32 -18.62
N GLU A 518 -35.31 16.58 -18.16
CA GLU A 518 -34.04 17.19 -18.33
C GLU A 518 -33.07 16.39 -17.52
N CYS A 519 -33.34 16.27 -16.20
CA CYS A 519 -32.33 15.78 -15.32
C CYS A 519 -32.85 14.54 -14.69
N MET A 520 -31.93 13.63 -14.32
CA MET A 520 -32.31 12.39 -13.69
C MET A 520 -31.61 12.35 -12.38
N VAL A 521 -32.28 11.82 -11.34
CA VAL A 521 -31.63 11.67 -10.09
C VAL A 521 -31.70 10.22 -9.73
N THR A 522 -30.59 9.69 -9.18
CA THR A 522 -30.58 8.34 -8.72
C THR A 522 -29.87 8.33 -7.41
N ASP A 523 -30.00 7.22 -6.65
CA ASP A 523 -29.22 7.12 -5.45
C ASP A 523 -27.82 6.88 -5.89
N LEU A 524 -26.85 7.36 -5.08
CA LEU A 524 -25.48 7.16 -5.43
C LEU A 524 -25.17 5.73 -5.15
N PRO A 525 -24.62 5.02 -6.05
N ALA B 2 -23.36 7.84 19.96
CA ALA B 2 -21.89 7.78 19.78
C ALA B 2 -21.36 9.14 19.48
N ALA B 3 -20.29 9.20 18.67
CA ALA B 3 -19.73 10.48 18.34
C ALA B 3 -20.73 11.16 17.46
N LYS B 4 -20.79 12.49 17.55
CA LYS B 4 -21.73 13.21 16.74
C LYS B 4 -20.95 14.06 15.80
N ASP B 5 -21.46 14.22 14.57
CA ASP B 5 -20.87 15.17 13.68
C ASP B 5 -21.65 16.42 13.86
N VAL B 6 -20.97 17.51 14.28
CA VAL B 6 -21.71 18.70 14.57
C VAL B 6 -21.33 19.75 13.57
N LYS B 7 -22.34 20.47 13.06
CA LYS B 7 -22.07 21.62 12.26
C LYS B 7 -22.65 22.77 13.02
N PHE B 8 -21.89 23.88 13.15
CA PHE B 8 -22.35 24.93 14.02
C PHE B 8 -22.99 25.98 13.18
N GLY B 9 -24.22 26.38 13.58
CA GLY B 9 -24.85 27.57 13.08
C GLY B 9 -24.86 27.53 11.60
N ASN B 10 -23.98 28.34 10.98
CA ASN B 10 -24.00 28.51 9.56
C ASN B 10 -23.82 27.16 8.96
N ASP B 11 -22.96 26.33 9.57
CA ASP B 11 -22.72 25.04 9.02
C ASP B 11 -24.02 24.29 8.98
N ALA B 12 -24.79 24.33 10.08
CA ALA B 12 -26.02 23.59 10.08
C ALA B 12 -26.90 24.18 9.04
N ARG B 13 -26.98 25.53 8.99
CA ARG B 13 -27.92 26.19 8.16
C ARG B 13 -27.60 25.87 6.73
N VAL B 14 -26.31 25.85 6.39
CA VAL B 14 -25.93 25.80 5.01
C VAL B 14 -26.47 24.54 4.41
N LYS B 15 -26.39 23.43 5.16
CA LYS B 15 -26.82 22.18 4.59
C LYS B 15 -28.26 22.32 4.22
N MET B 16 -29.06 22.88 5.15
CA MET B 16 -30.46 23.03 4.88
C MET B 16 -30.61 23.97 3.72
N LEU B 17 -29.82 25.06 3.74
CA LEU B 17 -30.00 26.10 2.78
C LEU B 17 -29.74 25.54 1.42
N ARG B 18 -28.63 24.81 1.28
CA ARG B 18 -28.24 24.32 -0.01
C ARG B 18 -29.33 23.42 -0.47
N GLY B 19 -29.83 22.55 0.43
CA GLY B 19 -30.85 21.65 0.04
C GLY B 19 -32.04 22.45 -0.38
N VAL B 20 -32.35 23.50 0.38
CA VAL B 20 -33.52 24.28 0.09
C VAL B 20 -33.33 24.86 -1.27
N ASN B 21 -32.13 25.40 -1.55
CA ASN B 21 -31.91 26.09 -2.78
C ASN B 21 -32.11 25.12 -3.89
N VAL B 22 -31.55 23.90 -3.76
CA VAL B 22 -31.60 22.98 -4.86
C VAL B 22 -33.03 22.70 -5.14
N LEU B 23 -33.81 22.39 -4.09
CA LEU B 23 -35.18 22.04 -4.31
C LEU B 23 -35.86 23.24 -4.88
N ALA B 24 -35.59 24.41 -4.30
CA ALA B 24 -36.29 25.61 -4.62
C ALA B 24 -36.05 25.93 -6.05
N ASP B 25 -34.79 25.75 -6.52
CA ASP B 25 -34.44 26.24 -7.82
C ASP B 25 -35.30 25.52 -8.82
N ALA B 26 -35.43 24.19 -8.68
CA ALA B 26 -36.19 23.46 -9.64
C ALA B 26 -37.59 23.96 -9.57
N VAL B 27 -38.08 24.16 -8.34
CA VAL B 27 -39.46 24.51 -8.14
C VAL B 27 -39.72 25.84 -8.78
N LYS B 28 -38.80 26.81 -8.58
CA LYS B 28 -39.04 28.14 -9.02
C LYS B 28 -39.15 28.13 -10.51
N VAL B 29 -38.22 27.46 -11.20
CA VAL B 29 -38.23 27.49 -12.62
C VAL B 29 -39.50 26.85 -13.08
N THR B 30 -39.87 25.73 -12.44
CA THR B 30 -41.03 25.00 -12.84
C THR B 30 -42.22 25.87 -12.63
N LEU B 31 -42.21 26.67 -11.55
CA LEU B 31 -43.36 27.46 -11.25
C LEU B 31 -43.60 28.37 -12.40
N GLY B 32 -44.87 28.57 -12.74
CA GLY B 32 -45.18 29.37 -13.88
C GLY B 32 -45.10 28.46 -15.06
N PRO B 33 -45.59 28.94 -16.15
CA PRO B 33 -45.87 28.10 -17.27
C PRO B 33 -44.60 27.48 -17.75
N LYS B 34 -43.46 28.13 -17.45
CA LYS B 34 -42.24 27.82 -18.11
C LYS B 34 -41.81 26.41 -17.83
N GLY B 35 -41.84 25.99 -16.54
CA GLY B 35 -41.20 24.76 -16.20
C GLY B 35 -41.87 23.65 -16.95
N ARG B 36 -41.15 23.06 -17.93
CA ARG B 36 -41.69 21.99 -18.70
C ARG B 36 -41.87 20.78 -17.83
N ASN B 37 -40.82 20.37 -17.10
CA ASN B 37 -40.92 19.10 -16.44
C ASN B 37 -39.67 18.87 -15.63
N VAL B 38 -39.73 17.90 -14.70
CA VAL B 38 -38.55 17.40 -14.05
C VAL B 38 -38.73 15.91 -13.93
N VAL B 39 -37.63 15.14 -13.93
CA VAL B 39 -37.78 13.72 -13.78
C VAL B 39 -36.64 13.19 -12.98
N LEU B 40 -36.89 12.11 -12.20
CA LEU B 40 -35.84 11.44 -11.50
C LEU B 40 -36.23 10.01 -11.30
N ASP B 41 -35.25 9.19 -10.84
CA ASP B 41 -35.41 7.76 -10.76
C ASP B 41 -36.25 7.42 -9.55
N LYS B 42 -36.80 6.20 -9.54
CA LYS B 42 -37.48 5.68 -8.38
C LYS B 42 -36.72 4.47 -7.93
N SER B 43 -36.72 4.20 -6.62
CA SER B 43 -36.01 3.06 -6.12
C SER B 43 -36.63 1.84 -6.71
N PHE B 44 -37.97 1.74 -6.61
CA PHE B 44 -38.65 0.59 -7.14
C PHE B 44 -39.55 1.08 -8.21
N GLY B 45 -39.78 0.23 -9.24
CA GLY B 45 -40.69 0.59 -10.28
C GLY B 45 -39.98 1.51 -11.20
N ALA B 46 -40.68 2.00 -12.23
CA ALA B 46 -40.10 2.94 -13.15
C ALA B 46 -40.00 4.23 -12.42
N PRO B 47 -39.04 5.02 -12.81
CA PRO B 47 -38.73 6.24 -12.14
C PRO B 47 -39.90 7.16 -12.29
N THR B 48 -40.15 8.04 -11.31
CA THR B 48 -41.27 8.92 -11.42
C THR B 48 -40.86 10.07 -12.26
N ILE B 49 -41.84 10.68 -12.97
CA ILE B 49 -41.58 11.87 -13.70
C ILE B 49 -42.50 12.90 -13.15
N THR B 50 -41.98 14.12 -12.92
CA THR B 50 -42.82 15.10 -12.30
C THR B 50 -43.02 16.23 -13.26
N LYS B 51 -44.26 16.39 -13.76
CA LYS B 51 -44.60 17.56 -14.51
C LYS B 51 -44.61 18.74 -13.58
N ASP B 52 -45.28 18.58 -12.42
CA ASP B 52 -45.65 19.72 -11.64
C ASP B 52 -44.48 20.19 -10.84
N GLY B 53 -44.52 21.44 -10.36
CA GLY B 53 -43.48 21.95 -9.53
C GLY B 53 -43.48 21.15 -8.27
N VAL B 54 -44.69 20.88 -7.73
CA VAL B 54 -44.79 20.22 -6.47
C VAL B 54 -44.16 18.87 -6.62
N SER B 55 -44.51 18.19 -7.72
CA SER B 55 -44.05 16.85 -7.91
C SER B 55 -42.56 16.91 -8.02
N VAL B 56 -42.03 18.01 -8.57
CA VAL B 56 -40.61 18.12 -8.72
C VAL B 56 -40.01 18.07 -7.37
N ALA B 57 -40.57 18.84 -6.43
CA ALA B 57 -40.01 18.92 -5.11
C ALA B 57 -40.05 17.55 -4.53
N ARG B 58 -41.17 16.86 -4.72
CA ARG B 58 -41.34 15.55 -4.15
C ARG B 58 -40.29 14.68 -4.75
N GLU B 59 -40.12 14.77 -6.08
CA GLU B 59 -39.25 13.91 -6.79
C GLU B 59 -37.86 14.16 -6.32
N ILE B 60 -37.50 15.44 -6.13
CA ILE B 60 -36.14 15.75 -5.87
C ILE B 60 -35.81 15.30 -4.49
N GLU B 61 -34.73 14.49 -4.37
CA GLU B 61 -34.26 14.09 -3.09
C GLU B 61 -32.82 14.48 -3.04
N LEU B 62 -32.30 14.79 -1.83
CA LEU B 62 -30.94 15.20 -1.74
C LEU B 62 -30.17 14.08 -1.14
N GLU B 63 -28.97 13.83 -1.68
CA GLU B 63 -28.16 12.75 -1.20
C GLU B 63 -27.81 13.04 0.22
N ASP B 64 -27.42 14.30 0.50
CA ASP B 64 -26.98 14.62 1.82
C ASP B 64 -28.16 14.52 2.73
N LYS B 65 -27.95 13.95 3.93
CA LYS B 65 -29.04 13.81 4.85
C LYS B 65 -29.49 15.17 5.24
N PHE B 66 -28.53 16.05 5.57
CA PHE B 66 -28.87 17.35 6.06
C PHE B 66 -29.62 18.06 4.99
N GLU B 67 -29.06 18.06 3.77
CA GLU B 67 -29.67 18.79 2.71
C GLU B 67 -31.02 18.21 2.48
N ASN B 68 -31.09 16.86 2.45
CA ASN B 68 -32.33 16.21 2.12
C ASN B 68 -33.32 16.60 3.16
N MET B 69 -32.91 16.58 4.44
CA MET B 69 -33.84 16.86 5.49
C MET B 69 -34.34 18.25 5.31
N GLY B 70 -33.42 19.18 4.98
CA GLY B 70 -33.83 20.55 4.85
C GLY B 70 -34.82 20.63 3.73
N ALA B 71 -34.55 19.91 2.64
CA ALA B 71 -35.41 19.94 1.50
C ALA B 71 -36.74 19.41 1.92
N GLN B 72 -36.72 18.33 2.73
CA GLN B 72 -37.93 17.66 3.09
C GLN B 72 -38.78 18.62 3.85
N MET B 73 -38.15 19.41 4.74
CA MET B 73 -38.92 20.25 5.62
C MET B 73 -39.71 21.19 4.77
N VAL B 74 -39.06 21.77 3.74
CA VAL B 74 -39.73 22.73 2.92
C VAL B 74 -40.87 22.05 2.27
N LYS B 75 -40.61 20.83 1.73
CA LYS B 75 -41.60 20.16 0.94
C LYS B 75 -42.80 19.91 1.79
N GLU B 76 -42.58 19.46 3.03
CA GLU B 76 -43.69 19.05 3.84
C GLU B 76 -44.55 20.25 4.05
N VAL B 77 -43.94 21.40 4.38
CA VAL B 77 -44.73 22.57 4.59
C VAL B 77 -45.42 22.90 3.31
N ALA B 78 -44.68 22.80 2.19
CA ALA B 78 -45.22 23.24 0.95
C ALA B 78 -46.44 22.41 0.67
N SER B 79 -46.35 21.10 0.94
CA SER B 79 -47.44 20.23 0.60
C SER B 79 -48.63 20.67 1.39
N LYS B 80 -48.43 21.00 2.67
CA LYS B 80 -49.56 21.32 3.51
C LYS B 80 -50.22 22.52 2.92
N ALA B 81 -49.42 23.52 2.53
CA ALA B 81 -49.99 24.70 1.94
C ALA B 81 -50.67 24.28 0.68
N ASN B 82 -50.03 23.35 -0.05
CA ASN B 82 -50.52 22.97 -1.34
C ASN B 82 -51.89 22.42 -1.16
N ASP B 83 -52.08 21.57 -0.14
CA ASP B 83 -53.36 20.94 -0.03
C ASP B 83 -54.40 22.00 0.19
N ALA B 84 -54.18 22.86 1.20
CA ALA B 84 -55.23 23.78 1.56
C ALA B 84 -55.49 24.72 0.43
N ALA B 85 -54.42 25.33 -0.11
CA ALA B 85 -54.60 26.33 -1.12
C ALA B 85 -55.17 25.65 -2.32
N GLY B 86 -54.61 24.48 -2.65
CA GLY B 86 -54.94 23.78 -3.86
C GLY B 86 -53.94 24.22 -4.88
N ASP B 87 -53.32 25.40 -4.65
CA ASP B 87 -52.35 25.91 -5.56
C ASP B 87 -51.31 26.59 -4.75
N GLY B 88 -50.27 27.12 -5.42
CA GLY B 88 -49.34 27.99 -4.76
C GLY B 88 -48.35 27.17 -4.02
N THR B 89 -48.26 25.87 -4.37
CA THR B 89 -47.31 25.04 -3.70
C THR B 89 -45.96 25.61 -3.96
N THR B 90 -45.69 25.94 -5.24
CA THR B 90 -44.39 26.42 -5.61
C THR B 90 -44.18 27.73 -4.92
N THR B 91 -45.22 28.57 -4.88
CA THR B 91 -45.06 29.91 -4.41
C THR B 91 -44.56 29.83 -3.00
N ALA B 92 -45.16 28.94 -2.20
CA ALA B 92 -44.77 28.85 -0.83
C ALA B 92 -43.32 28.47 -0.79
N THR B 93 -42.92 27.52 -1.64
CA THR B 93 -41.57 27.06 -1.61
C THR B 93 -40.69 28.21 -1.97
N VAL B 94 -41.06 28.97 -3.01
CA VAL B 94 -40.23 30.03 -3.47
C VAL B 94 -40.08 31.01 -2.36
N LEU B 95 -41.21 31.34 -1.70
CA LEU B 95 -41.16 32.34 -0.68
C LEU B 95 -40.25 31.86 0.40
N ALA B 96 -40.38 30.58 0.77
CA ALA B 96 -39.66 30.08 1.90
C ALA B 96 -38.20 30.22 1.62
N GLN B 97 -37.79 29.89 0.37
CA GLN B 97 -36.39 29.86 0.07
C GLN B 97 -35.84 31.23 0.28
N ALA B 98 -36.56 32.24 -0.23
CA ALA B 98 -36.05 33.58 -0.16
C ALA B 98 -35.91 33.94 1.28
N ILE B 99 -36.94 33.62 2.08
CA ILE B 99 -36.92 34.03 3.46
C ILE B 99 -35.78 33.35 4.13
N ILE B 100 -35.60 32.06 3.86
CA ILE B 100 -34.63 31.28 4.57
C ILE B 100 -33.29 31.86 4.31
N THR B 101 -33.00 32.16 3.03
CA THR B 101 -31.67 32.55 2.68
C THR B 101 -31.36 33.80 3.43
N GLU B 102 -32.31 34.76 3.42
CA GLU B 102 -32.07 36.01 4.07
C GLU B 102 -31.88 35.73 5.52
N GLY B 103 -32.72 34.83 6.08
CA GLY B 103 -32.66 34.58 7.49
C GLY B 103 -31.30 34.03 7.78
N LEU B 104 -30.80 33.15 6.90
CA LEU B 104 -29.53 32.53 7.14
C LEU B 104 -28.48 33.60 7.15
N LYS B 105 -28.57 34.55 6.20
CA LYS B 105 -27.58 35.59 6.13
C LYS B 105 -27.66 36.34 7.42
N ALA B 106 -28.89 36.63 7.88
CA ALA B 106 -29.06 37.37 9.09
C ALA B 106 -28.43 36.55 10.17
N VAL B 107 -28.59 35.22 10.09
CA VAL B 107 -27.99 34.32 11.04
C VAL B 107 -26.52 34.57 10.98
N ALA B 108 -25.98 34.72 9.75
CA ALA B 108 -24.58 35.00 9.60
C ALA B 108 -24.32 36.28 10.32
N ALA B 109 -25.27 37.23 10.21
CA ALA B 109 -25.12 38.49 10.87
C ALA B 109 -25.00 38.20 12.31
N GLY B 110 -25.78 37.20 12.81
CA GLY B 110 -25.67 36.83 14.17
C GLY B 110 -26.72 37.56 14.95
N MET B 111 -27.60 38.29 14.23
CA MET B 111 -28.70 38.89 14.91
C MET B 111 -29.55 37.75 15.37
N ASN B 112 -30.20 37.90 16.54
CA ASN B 112 -30.94 36.78 17.06
C ASN B 112 -32.09 36.55 16.16
N PRO B 113 -32.21 35.33 15.72
CA PRO B 113 -33.19 34.95 14.74
C PRO B 113 -34.56 35.12 15.31
N MET B 114 -34.68 35.13 16.65
CA MET B 114 -35.98 35.12 17.25
C MET B 114 -36.69 36.37 16.85
N ASP B 115 -35.97 37.51 16.91
CA ASP B 115 -36.60 38.75 16.58
C ASP B 115 -37.03 38.69 15.16
N LEU B 116 -36.15 38.14 14.30
CA LEU B 116 -36.41 38.13 12.89
C LEU B 116 -37.64 37.31 12.67
N LYS B 117 -37.74 36.15 13.35
CA LYS B 117 -38.85 35.29 13.13
C LYS B 117 -40.08 36.05 13.52
N ARG B 118 -40.01 36.75 14.66
CA ARG B 118 -41.15 37.46 15.14
C ARG B 118 -41.49 38.50 14.12
N GLY B 119 -40.46 39.20 13.60
CA GLY B 119 -40.70 40.26 12.66
C GLY B 119 -41.35 39.67 11.46
N ILE B 120 -40.85 38.50 11.02
CA ILE B 120 -41.36 37.91 9.82
C ILE B 120 -42.80 37.61 10.04
N ASP B 121 -43.13 37.03 11.21
CA ASP B 121 -44.48 36.64 11.48
C ASP B 121 -45.30 37.88 11.46
N LYS B 122 -44.79 38.96 12.08
CA LYS B 122 -45.54 40.17 12.17
C LYS B 122 -45.80 40.65 10.77
N ALA B 123 -44.75 40.59 9.92
CA ALA B 123 -44.88 41.08 8.59
C ALA B 123 -45.92 40.27 7.91
N VAL B 124 -45.89 38.94 8.14
CA VAL B 124 -46.79 38.07 7.43
C VAL B 124 -48.18 38.48 7.80
N THR B 125 -48.42 38.73 9.10
CA THR B 125 -49.76 39.01 9.53
C THR B 125 -50.21 40.26 8.82
N ALA B 126 -49.33 41.27 8.77
CA ALA B 126 -49.70 42.52 8.18
C ALA B 126 -50.04 42.26 6.75
N ALA B 127 -49.19 41.46 6.08
CA ALA B 127 -49.37 41.23 4.68
C ALA B 127 -50.70 40.57 4.49
N VAL B 128 -51.03 39.62 5.37
CA VAL B 128 -52.23 38.86 5.20
C VAL B 128 -53.38 39.81 5.23
N GLU B 129 -53.36 40.74 6.19
CA GLU B 129 -54.48 41.63 6.35
C GLU B 129 -54.61 42.42 5.09
N GLU B 130 -53.47 42.89 4.55
CA GLU B 130 -53.51 43.71 3.38
C GLU B 130 -54.10 42.90 2.27
N LEU B 131 -53.68 41.62 2.18
CA LEU B 131 -54.10 40.80 1.07
C LEU B 131 -55.58 40.67 1.15
N LYS B 132 -56.12 40.44 2.36
CA LYS B 132 -57.52 40.15 2.48
C LYS B 132 -58.28 41.32 1.96
N ALA B 133 -57.87 42.54 2.34
CA ALA B 133 -58.56 43.71 1.87
C ALA B 133 -58.44 43.76 0.39
N LEU B 134 -57.22 43.45 -0.11
CA LEU B 134 -56.94 43.59 -1.51
C LEU B 134 -57.84 42.66 -2.25
N SER B 135 -58.04 41.45 -1.69
CA SER B 135 -58.70 40.42 -2.44
C SER B 135 -60.06 40.89 -2.79
N VAL B 136 -60.57 40.39 -3.94
CA VAL B 136 -61.88 40.76 -4.43
C VAL B 136 -62.53 39.49 -4.87
N PRO B 137 -63.81 39.58 -5.12
CA PRO B 137 -64.61 38.41 -5.34
C PRO B 137 -64.15 37.74 -6.59
N CYS B 138 -64.42 36.43 -6.73
CA CYS B 138 -63.93 35.70 -7.86
C CYS B 138 -64.70 36.12 -9.06
N SER B 139 -64.06 36.05 -10.23
CA SER B 139 -64.71 36.42 -11.45
C SER B 139 -65.45 35.23 -11.96
N ASP B 140 -65.96 35.33 -13.21
CA ASP B 140 -66.84 34.34 -13.73
C ASP B 140 -66.03 33.15 -14.14
N SER B 141 -66.71 32.17 -14.77
CA SER B 141 -66.14 30.88 -15.04
C SER B 141 -64.95 31.07 -15.92
N LYS B 142 -65.00 32.06 -16.82
CA LYS B 142 -63.88 32.26 -17.70
C LYS B 142 -62.71 32.55 -16.83
N ALA B 143 -62.92 33.38 -15.79
CA ALA B 143 -61.89 33.65 -14.84
C ALA B 143 -61.55 32.35 -14.18
N ILE B 144 -62.58 31.53 -13.92
CA ILE B 144 -62.38 30.31 -13.18
C ILE B 144 -61.40 29.48 -13.94
N ALA B 145 -61.57 29.43 -15.27
CA ALA B 145 -60.69 28.63 -16.08
C ALA B 145 -59.32 29.18 -15.87
N GLN B 146 -59.19 30.51 -15.83
CA GLN B 146 -57.91 31.13 -15.67
C GLN B 146 -57.38 30.71 -14.33
N VAL B 147 -58.25 30.68 -13.32
CA VAL B 147 -57.81 30.26 -12.02
C VAL B 147 -57.30 28.87 -12.17
N GLY B 148 -58.05 28.04 -12.94
CA GLY B 148 -57.70 26.67 -13.11
C GLY B 148 -56.36 26.61 -13.76
N THR B 149 -56.11 27.51 -14.73
CA THR B 149 -54.89 27.45 -15.50
C THR B 149 -53.74 27.70 -14.58
N ILE B 150 -53.93 28.61 -13.59
CA ILE B 150 -52.83 28.95 -12.74
C ILE B 150 -52.43 27.70 -12.01
N SER B 151 -53.41 26.96 -11.47
CA SER B 151 -53.10 25.72 -10.81
C SER B 151 -52.56 24.81 -11.86
N ALA B 152 -53.05 24.99 -13.09
CA ALA B 152 -52.72 24.17 -14.21
C ALA B 152 -51.25 24.29 -14.44
N ASN B 153 -50.69 25.49 -14.18
CA ASN B 153 -49.38 25.76 -14.65
C ASN B 153 -49.41 25.57 -16.13
N SER B 154 -50.31 26.34 -16.78
CA SER B 154 -50.49 26.30 -18.20
C SER B 154 -50.89 24.92 -18.59
N ASP B 155 -51.68 24.24 -17.73
CA ASP B 155 -52.35 23.08 -18.23
C ASP B 155 -53.70 23.54 -18.67
N GLU B 156 -53.86 23.73 -19.98
CA GLU B 156 -55.09 24.29 -20.48
C GLU B 156 -56.18 23.33 -20.17
N THR B 157 -55.89 22.02 -20.36
CA THR B 157 -56.92 21.02 -20.26
C THR B 157 -57.47 21.06 -18.88
N VAL B 158 -56.59 21.13 -17.87
CA VAL B 158 -57.04 21.01 -16.51
C VAL B 158 -57.99 22.13 -16.25
N GLY B 159 -57.62 23.35 -16.66
CA GLY B 159 -58.44 24.48 -16.35
C GLY B 159 -59.76 24.27 -17.02
N LYS B 160 -59.73 23.81 -18.28
CA LYS B 160 -60.95 23.64 -19.02
C LYS B 160 -61.78 22.63 -18.31
N LEU B 161 -61.13 21.52 -17.90
CA LEU B 161 -61.86 20.44 -17.30
C LEU B 161 -62.48 20.95 -16.04
N ILE B 162 -61.69 21.73 -15.26
CA ILE B 162 -62.19 22.17 -14.00
C ILE B 162 -63.37 23.03 -14.26
N ALA B 163 -63.25 23.96 -15.22
CA ALA B 163 -64.32 24.87 -15.48
C ALA B 163 -65.50 24.09 -15.94
N GLU B 164 -65.27 23.12 -16.85
CA GLU B 164 -66.37 22.41 -17.43
C GLU B 164 -67.04 21.65 -16.33
N ALA B 165 -66.24 20.96 -15.49
CA ALA B 165 -66.82 20.17 -14.45
C ALA B 165 -67.55 21.09 -13.54
N MET B 166 -66.93 22.26 -13.24
CA MET B 166 -67.49 23.16 -12.29
C MET B 166 -68.80 23.64 -12.80
N ASP B 167 -68.89 23.94 -14.11
CA ASP B 167 -70.10 24.51 -14.59
C ASP B 167 -71.21 23.52 -14.39
N LYS B 168 -71.00 22.27 -14.82
CA LYS B 168 -72.07 21.32 -14.80
C LYS B 168 -72.48 21.07 -13.38
N VAL B 169 -71.48 20.78 -12.52
CA VAL B 169 -71.76 20.42 -11.16
C VAL B 169 -72.38 21.60 -10.50
N GLY B 170 -71.84 22.79 -10.80
CA GLY B 170 -72.15 23.98 -10.06
C GLY B 170 -70.97 24.20 -9.17
N LYS B 171 -70.68 25.47 -8.86
CA LYS B 171 -69.51 25.77 -8.08
C LYS B 171 -69.71 25.12 -6.75
N GLU B 172 -70.92 25.27 -6.19
CA GLU B 172 -71.20 24.75 -4.89
C GLU B 172 -71.05 23.27 -4.94
N GLY B 173 -71.54 22.64 -6.02
CA GLY B 173 -71.55 21.21 -6.06
C GLY B 173 -70.13 20.75 -6.00
N VAL B 174 -69.91 19.60 -5.33
CA VAL B 174 -68.59 19.08 -5.18
C VAL B 174 -68.24 18.38 -6.45
N ILE B 175 -66.94 18.41 -6.81
CA ILE B 175 -66.49 17.70 -7.97
C ILE B 175 -65.49 16.70 -7.50
N THR B 176 -65.53 15.48 -8.05
CA THR B 176 -64.60 14.48 -7.64
C THR B 176 -63.79 14.13 -8.84
N VAL B 177 -62.53 13.71 -8.63
CA VAL B 177 -61.71 13.37 -9.75
C VAL B 177 -61.44 11.90 -9.66
N GLU B 178 -61.47 11.22 -10.83
CA GLU B 178 -61.16 9.83 -10.89
C GLU B 178 -60.18 9.68 -12.01
N ASP B 179 -59.46 8.54 -12.04
CA ASP B 179 -58.54 8.35 -13.11
C ASP B 179 -59.36 8.19 -14.35
N GLY B 180 -58.80 8.63 -15.49
CA GLY B 180 -59.59 8.60 -16.70
C GLY B 180 -59.70 7.17 -17.12
N THR B 181 -60.86 6.83 -17.73
CA THR B 181 -61.04 5.52 -18.26
C THR B 181 -60.05 5.37 -19.37
N GLY B 182 -59.94 6.42 -20.20
CA GLY B 182 -59.09 6.35 -21.36
C GLY B 182 -58.43 7.68 -21.50
N LEU B 183 -57.71 7.87 -22.62
CA LEU B 183 -56.94 9.06 -22.82
C LEU B 183 -57.88 10.22 -22.82
N GLN B 184 -59.06 10.07 -23.47
CA GLN B 184 -59.98 11.16 -23.47
C GLN B 184 -60.56 11.25 -22.10
N ASP B 185 -60.75 12.49 -21.60
CA ASP B 185 -61.35 12.66 -20.32
C ASP B 185 -62.80 12.38 -20.46
N GLU B 186 -63.45 11.95 -19.37
CA GLU B 186 -64.87 11.81 -19.41
C GLU B 186 -65.41 12.53 -18.23
N LEU B 187 -66.49 13.31 -18.43
CA LEU B 187 -67.15 13.91 -17.31
C LEU B 187 -68.47 13.24 -17.18
N ASP B 188 -68.70 12.55 -16.06
CA ASP B 188 -69.97 11.90 -15.88
C ASP B 188 -70.54 12.37 -14.58
N VAL B 189 -71.86 12.57 -14.55
CA VAL B 189 -72.49 12.76 -13.28
C VAL B 189 -72.51 11.42 -12.64
N VAL B 190 -72.29 11.37 -11.31
CA VAL B 190 -72.16 10.09 -10.68
C VAL B 190 -73.34 9.88 -9.81
N GLU B 191 -73.78 8.61 -9.69
CA GLU B 191 -74.86 8.30 -8.82
C GLU B 191 -74.25 7.71 -7.59
N GLY B 192 -74.77 8.09 -6.41
CA GLY B 192 -74.26 7.55 -5.20
C GLY B 192 -74.39 8.61 -4.15
N MET B 193 -74.06 8.27 -2.89
CA MET B 193 -74.15 9.23 -1.84
C MET B 193 -72.85 9.24 -1.12
N GLN B 194 -72.49 10.39 -0.54
CA GLN B 194 -71.31 10.47 0.27
C GLN B 194 -71.75 10.91 1.63
N PHE B 195 -71.15 10.31 2.68
CA PHE B 195 -71.50 10.70 4.02
C PHE B 195 -70.22 10.95 4.74
N ASP B 196 -70.17 11.97 5.62
CA ASP B 196 -68.90 12.28 6.20
C ASP B 196 -68.72 11.38 7.38
N ARG B 197 -67.83 10.38 7.23
CA ARG B 197 -67.52 9.54 8.35
C ARG B 197 -66.05 9.30 8.32
N GLY B 198 -65.44 9.08 9.50
CA GLY B 198 -64.03 8.90 9.58
C GLY B 198 -63.73 7.45 9.37
N TYR B 199 -62.43 7.13 9.21
CA TYR B 199 -62.01 5.77 9.24
C TYR B 199 -61.65 5.47 10.66
N LEU B 200 -62.07 4.30 11.16
CA LEU B 200 -61.92 4.05 12.56
C LEU B 200 -60.47 4.09 12.88
N SER B 201 -59.64 3.40 12.07
CA SER B 201 -58.25 3.37 12.41
C SER B 201 -57.47 3.61 11.16
N PRO B 202 -56.32 4.21 11.34
CA PRO B 202 -55.39 4.47 10.28
C PRO B 202 -54.94 3.16 9.73
N TYR B 203 -55.12 2.07 10.50
CA TYR B 203 -54.72 0.77 10.06
C TYR B 203 -55.56 0.47 8.86
N PHE B 204 -56.85 0.85 8.94
CA PHE B 204 -57.77 0.62 7.88
C PHE B 204 -57.26 1.35 6.68
N ILE B 205 -56.67 2.54 6.92
CA ILE B 205 -56.20 3.43 5.91
C ILE B 205 -55.43 2.65 4.89
N ASN B 206 -55.72 2.95 3.61
CA ASN B 206 -55.27 2.14 2.52
C ASN B 206 -53.83 2.45 2.26
N LYS B 207 -53.25 1.73 1.29
CA LYS B 207 -51.86 1.85 0.93
C LYS B 207 -51.57 3.27 0.51
N PRO B 208 -52.35 3.93 -0.31
CA PRO B 208 -51.85 5.11 -0.96
C PRO B 208 -51.51 6.19 0.01
N GLU B 209 -50.65 7.13 -0.42
CA GLU B 209 -50.06 8.12 0.43
C GLU B 209 -51.16 8.94 1.01
N THR B 210 -52.20 9.22 0.21
CA THR B 210 -53.26 10.06 0.66
C THR B 210 -53.83 9.42 1.88
N GLY B 211 -53.97 8.08 1.85
CA GLY B 211 -54.41 7.39 3.01
C GLY B 211 -55.89 7.22 2.90
N ALA B 212 -56.49 7.82 1.85
CA ALA B 212 -57.86 7.51 1.60
C ALA B 212 -57.88 6.08 1.19
N VAL B 213 -58.93 5.34 1.59
CA VAL B 213 -58.93 3.95 1.26
C VAL B 213 -59.91 3.76 0.15
N GLU B 214 -59.49 3.06 -0.91
CA GLU B 214 -60.41 2.79 -1.97
C GLU B 214 -60.56 1.30 -2.02
N LEU B 215 -61.82 0.84 -2.14
CA LEU B 215 -62.05 -0.57 -2.23
C LEU B 215 -62.57 -0.83 -3.61
N GLU B 216 -62.17 -1.97 -4.21
CA GLU B 216 -62.67 -2.28 -5.51
C GLU B 216 -63.83 -3.19 -5.31
N SER B 217 -64.97 -2.84 -5.95
CA SER B 217 -66.19 -3.56 -5.80
C SER B 217 -66.46 -3.83 -4.35
N PRO B 218 -66.52 -2.85 -3.49
CA PRO B 218 -66.63 -3.11 -2.08
C PRO B 218 -67.94 -3.74 -1.80
N PHE B 219 -68.06 -4.48 -0.68
CA PHE B 219 -69.33 -4.95 -0.25
C PHE B 219 -69.69 -4.10 0.92
N ILE B 220 -70.99 -3.74 1.05
CA ILE B 220 -71.33 -2.89 2.14
C ILE B 220 -72.25 -3.64 3.04
N LEU B 221 -71.87 -3.74 4.33
CA LEU B 221 -72.77 -4.27 5.29
C LEU B 221 -73.19 -3.11 6.14
N LEU B 222 -74.50 -2.91 6.29
CA LEU B 222 -74.95 -1.82 7.10
C LEU B 222 -75.64 -2.39 8.28
N ALA B 223 -75.28 -1.91 9.48
CA ALA B 223 -76.05 -2.27 10.63
C ALA B 223 -76.46 -0.98 11.26
N ASP B 224 -77.75 -0.87 11.64
CA ASP B 224 -78.17 0.29 12.35
C ASP B 224 -77.46 0.26 13.66
N LYS B 225 -77.42 -0.92 14.28
CA LYS B 225 -76.82 -1.05 15.57
C LYS B 225 -75.34 -1.03 15.38
N LYS B 226 -74.61 -0.59 16.42
CA LYS B 226 -73.18 -0.56 16.38
C LYS B 226 -72.71 -1.97 16.47
N ILE B 227 -71.49 -2.23 15.98
CA ILE B 227 -71.01 -3.58 16.01
C ILE B 227 -70.16 -3.70 17.24
N SER B 228 -70.73 -4.32 18.29
CA SER B 228 -70.06 -4.41 19.55
C SER B 228 -68.84 -5.27 19.38
N ASN B 229 -69.03 -6.50 18.88
CA ASN B 229 -67.97 -7.46 18.99
C ASN B 229 -67.78 -8.15 17.69
N ILE B 230 -66.67 -8.89 17.59
CA ILE B 230 -66.32 -9.63 16.41
C ILE B 230 -67.34 -10.69 16.19
N ARG B 231 -67.79 -11.35 17.28
CA ARG B 231 -68.51 -12.58 17.14
C ARG B 231 -69.72 -12.34 16.32
N GLU B 232 -70.44 -11.24 16.59
CA GLU B 232 -71.62 -10.96 15.83
C GLU B 232 -71.21 -10.75 14.41
N MET B 233 -70.06 -10.10 14.22
CA MET B 233 -69.56 -9.76 12.91
C MET B 233 -69.25 -11.03 12.19
N LEU B 234 -68.77 -12.06 12.93
CA LEU B 234 -68.07 -13.15 12.34
C LEU B 234 -68.91 -13.81 11.29
N PRO B 235 -70.16 -14.10 11.53
CA PRO B 235 -70.90 -14.83 10.56
C PRO B 235 -71.00 -14.05 9.29
N VAL B 236 -70.96 -12.72 9.38
CA VAL B 236 -70.93 -11.89 8.20
C VAL B 236 -69.64 -12.17 7.52
N LEU B 237 -68.56 -12.25 8.32
CA LEU B 237 -67.22 -12.42 7.85
C LEU B 237 -67.13 -13.72 7.14
N GLU B 238 -67.82 -14.76 7.65
CA GLU B 238 -67.70 -16.05 7.03
C GLU B 238 -68.19 -15.91 5.63
N ALA B 239 -69.31 -15.18 5.45
CA ALA B 239 -69.82 -14.93 4.14
C ALA B 239 -68.77 -14.18 3.41
N VAL B 240 -68.07 -13.22 4.05
CA VAL B 240 -67.04 -12.35 3.50
C VAL B 240 -65.57 -12.90 3.36
N ALA B 241 -65.17 -13.99 4.02
CA ALA B 241 -63.91 -14.69 4.02
C ALA B 241 -64.09 -15.98 3.29
N LYS B 242 -65.37 -16.32 3.07
CA LYS B 242 -65.92 -16.80 1.84
C LYS B 242 -66.25 -15.62 0.95
N ALA B 243 -65.36 -14.59 0.90
CA ALA B 243 -65.40 -13.45 0.02
C ALA B 243 -64.02 -12.84 -0.26
N GLY B 244 -63.72 -11.51 -0.20
CA GLY B 244 -62.38 -11.05 -0.64
C GLY B 244 -62.16 -9.66 -1.21
N LYS B 245 -62.84 -9.27 -2.30
CA LYS B 245 -62.85 -7.91 -2.80
C LYS B 245 -63.44 -7.02 -1.70
N PRO B 246 -62.83 -5.89 -1.44
CA PRO B 246 -62.83 -5.29 -0.12
C PRO B 246 -64.17 -5.02 0.49
N LEU B 247 -64.43 -5.66 1.60
CA LEU B 247 -65.60 -5.49 2.39
C LEU B 247 -65.51 -4.19 3.10
N LEU B 248 -66.61 -3.43 3.07
CA LEU B 248 -66.74 -2.25 3.87
C LEU B 248 -67.79 -2.55 4.89
N ILE B 249 -67.58 -2.09 6.13
CA ILE B 249 -68.53 -2.37 7.15
C ILE B 249 -69.01 -1.06 7.67
N ILE B 250 -70.33 -0.94 7.90
CA ILE B 250 -70.84 0.26 8.48
C ILE B 250 -71.39 -0.11 9.81
N ALA B 251 -70.90 0.54 10.87
CA ALA B 251 -71.40 0.27 12.18
C ALA B 251 -71.75 1.59 12.78
N GLU B 252 -72.79 1.61 13.64
CA GLU B 252 -73.18 2.87 14.21
C GLU B 252 -72.01 3.35 15.01
N ASP B 253 -71.47 2.48 15.87
CA ASP B 253 -70.33 2.86 16.65
C ASP B 253 -69.47 1.65 16.79
N VAL B 254 -68.15 1.86 16.92
CA VAL B 254 -67.34 0.76 17.34
C VAL B 254 -66.63 1.19 18.58
N GLU B 255 -66.73 0.41 19.67
CA GLU B 255 -65.86 0.69 20.77
C GLU B 255 -64.52 0.18 20.35
N GLY B 256 -63.57 1.13 20.23
CA GLY B 256 -62.23 0.85 19.71
C GLY B 256 -61.49 0.24 20.84
N GLU B 257 -62.12 0.37 22.01
CA GLU B 257 -62.43 -0.69 22.93
C GLU B 257 -63.30 -1.77 22.23
N ALA B 258 -64.58 -2.11 22.55
CA ALA B 258 -65.31 -3.33 22.13
C ALA B 258 -64.98 -4.15 20.82
N LEU B 259 -64.85 -3.54 19.66
CA LEU B 259 -64.64 -4.29 18.45
C LEU B 259 -63.17 -4.67 18.22
N ALA B 260 -62.24 -3.73 18.47
CA ALA B 260 -60.93 -3.72 17.86
C ALA B 260 -59.98 -4.86 18.21
N THR B 261 -59.86 -5.24 19.49
CA THR B 261 -59.00 -6.23 20.04
C THR B 261 -59.39 -7.55 19.47
N LEU B 262 -60.69 -7.88 19.56
CA LEU B 262 -61.12 -9.16 19.08
C LEU B 262 -60.90 -9.21 17.61
N VAL B 263 -61.31 -8.13 16.90
CA VAL B 263 -61.31 -8.20 15.46
C VAL B 263 -59.91 -8.39 15.00
N VAL B 264 -58.98 -7.53 15.47
CA VAL B 264 -57.68 -7.56 14.89
C VAL B 264 -57.07 -8.89 15.15
N ASN B 265 -56.99 -9.28 16.44
CA ASN B 265 -56.28 -10.47 16.77
C ASN B 265 -57.01 -11.65 16.22
N THR B 266 -58.31 -11.74 16.54
CA THR B 266 -59.06 -12.93 16.21
C THR B 266 -59.16 -13.03 14.73
N MET B 267 -59.49 -11.90 14.08
CA MET B 267 -59.85 -11.96 12.69
C MET B 267 -58.61 -11.85 11.88
N ARG B 268 -58.49 -12.75 10.88
CA ARG B 268 -57.36 -12.71 10.00
C ARG B 268 -57.41 -11.39 9.28
N GLY B 269 -58.62 -11.01 8.82
CA GLY B 269 -58.75 -9.76 8.14
C GLY B 269 -58.13 -9.92 6.80
N ILE B 270 -58.09 -11.16 6.29
CA ILE B 270 -57.44 -11.39 5.04
C ILE B 270 -58.17 -10.60 4.00
N VAL B 271 -59.52 -10.67 4.03
CA VAL B 271 -60.28 -9.91 3.09
C VAL B 271 -60.16 -8.49 3.52
N LYS B 272 -60.12 -7.56 2.54
CA LYS B 272 -59.95 -6.19 2.89
C LYS B 272 -61.18 -5.78 3.62
N VAL B 273 -61.01 -5.05 4.74
CA VAL B 273 -62.15 -4.62 5.49
C VAL B 273 -61.97 -3.17 5.79
N ALA B 274 -63.09 -2.44 5.86
CA ALA B 274 -63.04 -1.08 6.30
C ALA B 274 -64.20 -0.91 7.23
N ALA B 275 -64.10 0.03 8.18
CA ALA B 275 -65.22 0.24 9.04
C ALA B 275 -65.52 1.71 9.03
N VAL B 276 -66.81 2.06 9.04
CA VAL B 276 -67.18 3.44 9.14
C VAL B 276 -68.33 3.50 10.08
N LYS B 277 -68.48 4.65 10.78
CA LYS B 277 -69.61 4.82 11.63
C LYS B 277 -70.76 5.15 10.75
N ALA B 278 -71.97 4.70 11.14
CA ALA B 278 -73.12 4.99 10.32
C ALA B 278 -73.38 6.45 10.45
N PRO B 279 -73.76 7.05 9.35
CA PRO B 279 -73.90 8.46 9.28
C PRO B 279 -75.04 8.88 10.13
N GLY B 280 -74.98 10.09 10.71
CA GLY B 280 -76.11 10.62 11.42
C GLY B 280 -76.19 9.90 12.72
N PHE B 281 -77.18 10.28 13.54
CA PHE B 281 -77.43 9.56 14.75
C PHE B 281 -78.92 9.54 14.93
N GLY B 282 -79.40 8.59 15.77
CA GLY B 282 -80.80 8.56 16.09
C GLY B 282 -81.54 8.09 14.87
N ASP B 283 -82.81 8.53 14.77
CA ASP B 283 -83.66 8.09 13.70
C ASP B 283 -83.04 8.54 12.42
N ARG B 284 -82.48 9.76 12.43
CA ARG B 284 -81.93 10.31 11.23
C ARG B 284 -80.84 9.39 10.78
N ARG B 285 -80.05 8.90 11.74
CA ARG B 285 -78.96 8.02 11.40
C ARG B 285 -79.56 6.82 10.72
N LYS B 286 -80.64 6.29 11.29
CA LYS B 286 -81.25 5.12 10.74
C LYS B 286 -81.69 5.46 9.35
N ALA B 287 -82.29 6.65 9.21
CA ALA B 287 -82.84 7.05 7.94
C ALA B 287 -81.71 7.11 6.97
N MET B 288 -80.56 7.66 7.40
CA MET B 288 -79.44 7.79 6.53
C MET B 288 -79.03 6.41 6.14
N LEU B 289 -79.06 5.48 7.10
CA LEU B 289 -78.64 4.14 6.84
C LEU B 289 -79.55 3.60 5.80
N GLN B 290 -80.86 3.87 5.93
CA GLN B 290 -81.80 3.33 5.00
C GLN B 290 -81.48 3.88 3.65
N ASP B 291 -81.16 5.18 3.58
CA ASP B 291 -80.87 5.79 2.31
C ASP B 291 -79.67 5.11 1.74
N ILE B 292 -78.65 4.86 2.58
CA ILE B 292 -77.45 4.25 2.11
C ILE B 292 -77.81 2.89 1.62
N ALA B 293 -78.64 2.18 2.39
CA ALA B 293 -78.93 0.80 2.10
C ALA B 293 -79.57 0.74 0.75
N THR B 294 -80.49 1.66 0.47
CA THR B 294 -81.17 1.63 -0.80
C THR B 294 -80.14 1.87 -1.86
N LEU B 295 -79.26 2.86 -1.65
CA LEU B 295 -78.32 3.23 -2.67
C LEU B 295 -77.44 2.04 -2.91
N THR B 296 -76.98 1.40 -1.81
CA THR B 296 -76.11 0.27 -1.95
C THR B 296 -76.88 -0.80 -2.66
N GLY B 297 -78.16 -0.95 -2.30
CA GLY B 297 -78.96 -2.01 -2.83
C GLY B 297 -78.88 -3.14 -1.85
N GLY B 298 -78.06 -2.96 -0.81
CA GLY B 298 -77.97 -3.95 0.23
C GLY B 298 -79.09 -3.69 1.17
N THR B 299 -79.18 -4.51 2.24
CA THR B 299 -80.21 -4.32 3.21
C THR B 299 -79.52 -4.08 4.51
N VAL B 300 -80.24 -3.42 5.45
CA VAL B 300 -79.64 -3.14 6.72
C VAL B 300 -80.32 -4.00 7.72
N ILE B 301 -79.58 -4.43 8.77
CA ILE B 301 -80.16 -5.26 9.76
C ILE B 301 -80.10 -4.50 11.05
N SER B 302 -81.23 -4.49 11.80
CA SER B 302 -81.24 -3.81 13.05
C SER B 302 -81.79 -4.75 14.06
N GLU B 303 -81.51 -4.49 15.34
CA GLU B 303 -82.00 -5.31 16.40
C GLU B 303 -83.49 -5.20 16.39
N GLU B 304 -83.99 -3.97 16.15
CA GLU B 304 -85.41 -3.75 16.20
C GLU B 304 -86.03 -4.62 15.17
N ILE B 305 -85.41 -4.70 13.99
CA ILE B 305 -85.91 -5.57 12.97
C ILE B 305 -85.81 -6.95 13.53
N GLY B 306 -84.67 -7.26 14.19
CA GLY B 306 -84.52 -8.56 14.76
C GLY B 306 -83.82 -9.40 13.75
N MET B 307 -83.41 -8.79 12.61
CA MET B 307 -82.64 -9.51 11.66
C MET B 307 -81.32 -9.76 12.31
N GLU B 308 -80.67 -10.87 11.94
CA GLU B 308 -79.42 -11.19 12.57
C GLU B 308 -78.34 -10.93 11.57
N LEU B 309 -77.19 -10.42 12.04
CA LEU B 309 -76.09 -10.18 11.18
C LEU B 309 -75.66 -11.51 10.65
N GLU B 310 -75.63 -12.52 11.54
CA GLU B 310 -75.21 -13.83 11.16
C GLU B 310 -76.16 -14.31 10.13
N LYS B 311 -77.46 -14.06 10.36
CA LYS B 311 -78.46 -14.53 9.46
C LYS B 311 -78.23 -13.85 8.14
N ALA B 312 -77.91 -12.55 8.16
CA ALA B 312 -77.81 -11.83 6.93
C ALA B 312 -76.75 -12.46 6.12
N THR B 313 -77.00 -12.57 4.80
CA THR B 313 -76.05 -13.21 3.92
C THR B 313 -75.27 -12.13 3.23
N LEU B 314 -74.46 -12.55 2.25
CA LEU B 314 -73.70 -11.64 1.44
C LEU B 314 -74.68 -10.82 0.68
N GLU B 315 -75.78 -11.45 0.24
CA GLU B 315 -76.71 -10.81 -0.65
C GLU B 315 -77.21 -9.60 0.05
N ASP B 316 -77.46 -9.72 1.36
CA ASP B 316 -77.98 -8.60 2.09
C ASP B 316 -76.99 -7.51 1.94
N LEU B 317 -75.68 -7.84 2.01
CA LEU B 317 -74.70 -6.82 1.88
C LEU B 317 -74.79 -6.28 0.49
N GLY B 318 -74.67 -4.95 0.35
CA GLY B 318 -74.72 -4.35 -0.95
C GLY B 318 -73.35 -4.42 -1.51
N GLN B 319 -73.19 -3.96 -2.77
CA GLN B 319 -71.88 -3.87 -3.32
C GLN B 319 -71.74 -2.49 -3.86
N ALA B 320 -70.49 -1.98 -3.90
CA ALA B 320 -70.24 -0.70 -4.47
C ALA B 320 -69.24 -0.92 -5.56
N LYS B 321 -69.25 -0.06 -6.59
CA LYS B 321 -68.26 -0.21 -7.62
C LYS B 321 -66.92 0.02 -7.00
N ARG B 322 -66.80 1.11 -6.22
CA ARG B 322 -65.60 1.35 -5.49
C ARG B 322 -65.97 2.25 -4.36
N VAL B 323 -65.20 2.20 -3.25
CA VAL B 323 -65.47 3.10 -2.18
C VAL B 323 -64.19 3.82 -1.88
N VAL B 324 -64.29 5.11 -1.57
CA VAL B 324 -63.14 5.83 -1.13
C VAL B 324 -63.44 6.34 0.23
N ILE B 325 -62.47 6.24 1.16
CA ILE B 325 -62.71 6.70 2.49
C ILE B 325 -61.58 7.62 2.84
N ASN B 326 -61.93 8.77 3.47
CA ASN B 326 -60.92 9.60 4.05
C ASN B 326 -61.33 9.83 5.47
N LYS B 327 -60.42 10.39 6.29
CA LYS B 327 -60.72 10.53 7.67
C LYS B 327 -61.91 11.42 7.81
N ASP B 328 -61.94 12.52 7.04
CA ASP B 328 -63.02 13.44 7.22
C ASP B 328 -64.30 12.76 6.84
N THR B 329 -64.31 12.05 5.70
CA THR B 329 -65.56 11.61 5.17
C THR B 329 -65.35 10.27 4.53
N THR B 330 -66.43 9.46 4.40
CA THR B 330 -66.31 8.23 3.68
C THR B 330 -67.32 8.27 2.57
N THR B 331 -66.91 7.95 1.33
CA THR B 331 -67.87 8.05 0.29
C THR B 331 -67.89 6.76 -0.46
N ILE B 332 -69.02 6.48 -1.13
CA ILE B 332 -69.07 5.37 -2.04
C ILE B 332 -69.23 5.98 -3.40
N ILE B 333 -68.31 5.65 -4.32
CA ILE B 333 -68.36 6.32 -5.58
C ILE B 333 -69.64 5.97 -6.24
N ASP B 334 -69.95 4.66 -6.32
CA ASP B 334 -71.19 4.27 -6.92
C ASP B 334 -71.62 2.99 -6.31
N GLY B 335 -72.77 3.00 -5.61
CA GLY B 335 -73.34 1.76 -5.20
C GLY B 335 -73.99 1.19 -6.41
N VAL B 336 -74.12 -0.15 -6.48
CA VAL B 336 -74.79 -0.69 -7.63
C VAL B 336 -76.18 -0.17 -7.59
N GLY B 337 -76.85 -0.35 -6.44
CA GLY B 337 -78.12 0.27 -6.21
C GLY B 337 -79.10 -0.30 -7.18
N GLU B 338 -80.34 0.22 -7.13
CA GLU B 338 -81.27 -0.04 -8.18
C GLU B 338 -81.67 1.31 -8.69
N GLU B 339 -81.78 1.46 -10.01
CA GLU B 339 -82.07 2.77 -10.52
C GLU B 339 -83.41 3.15 -10.02
N ALA B 340 -84.39 2.23 -10.13
CA ALA B 340 -85.72 2.52 -9.69
C ALA B 340 -85.67 2.72 -8.21
N ALA B 341 -84.93 1.84 -7.50
CA ALA B 341 -84.97 1.85 -6.08
C ALA B 341 -84.46 3.17 -5.60
N ILE B 342 -83.36 3.64 -6.21
CA ILE B 342 -82.74 4.84 -5.74
C ILE B 342 -83.73 5.95 -5.92
N GLN B 343 -84.35 6.01 -7.11
CA GLN B 343 -85.23 7.09 -7.43
C GLN B 343 -86.38 7.05 -6.47
N GLY B 344 -86.91 5.84 -6.22
CA GLY B 344 -88.09 5.74 -5.43
C GLY B 344 -87.79 6.25 -4.07
N ARG B 345 -86.62 5.89 -3.52
CA ARG B 345 -86.30 6.29 -2.18
C ARG B 345 -86.22 7.77 -2.15
N VAL B 346 -85.59 8.36 -3.18
CA VAL B 346 -85.40 9.79 -3.17
C VAL B 346 -86.75 10.42 -3.12
N ALA B 347 -87.68 9.92 -3.95
CA ALA B 347 -88.98 10.52 -4.03
C ALA B 347 -89.61 10.40 -2.68
N GLN B 348 -89.47 9.23 -2.04
CA GLN B 348 -90.15 9.00 -0.81
C GLN B 348 -89.62 9.99 0.18
N ILE B 349 -88.29 10.16 0.21
CA ILE B 349 -87.69 11.05 1.16
C ILE B 349 -88.18 12.43 0.84
N ARG B 350 -88.22 12.77 -0.46
CA ARG B 350 -88.56 14.09 -0.86
C ARG B 350 -89.95 14.35 -0.37
N GLN B 351 -90.84 13.34 -0.52
CA GLN B 351 -92.19 13.52 -0.08
C GLN B 351 -92.15 13.77 1.38
N GLN B 352 -91.28 13.04 2.09
CA GLN B 352 -91.19 13.16 3.52
C GLN B 352 -90.79 14.57 3.82
N ILE B 353 -89.87 15.12 3.01
CA ILE B 353 -89.34 16.42 3.34
C ILE B 353 -90.48 17.37 3.32
N GLU B 354 -91.32 17.30 2.27
CA GLU B 354 -92.44 18.18 2.17
C GLU B 354 -93.35 17.90 3.31
N GLU B 355 -93.53 16.60 3.62
CA GLU B 355 -94.53 16.22 4.57
C GLU B 355 -94.22 16.84 5.88
N ALA B 356 -92.93 16.78 6.30
CA ALA B 356 -92.63 17.23 7.62
C ALA B 356 -92.94 18.69 7.70
N THR B 357 -93.69 19.08 8.74
CA THR B 357 -93.98 20.47 8.96
C THR B 357 -92.71 21.14 9.34
N SER B 358 -91.92 20.51 10.23
CA SER B 358 -90.84 21.20 10.86
C SER B 358 -89.75 21.42 9.87
N ASP B 359 -88.99 22.51 10.07
CA ASP B 359 -87.84 22.79 9.27
C ASP B 359 -86.84 21.71 9.53
N TYR B 360 -86.70 21.33 10.81
CA TYR B 360 -85.67 20.41 11.19
C TYR B 360 -85.93 19.13 10.47
N ASP B 361 -87.18 18.67 10.48
CA ASP B 361 -87.48 17.42 9.85
C ASP B 361 -87.16 17.57 8.40
N ARG B 362 -87.54 18.73 7.83
CA ARG B 362 -87.37 18.94 6.43
C ARG B 362 -85.91 18.86 6.14
N GLU B 363 -85.08 19.49 6.98
CA GLU B 363 -83.69 19.61 6.70
C GLU B 363 -83.10 18.24 6.64
N LYS B 364 -83.44 17.38 7.61
CA LYS B 364 -82.81 16.10 7.66
C LYS B 364 -83.16 15.37 6.40
N LEU B 365 -84.46 15.39 6.03
CA LEU B 365 -84.90 14.67 4.88
C LEU B 365 -84.23 15.25 3.68
N GLN B 366 -84.20 16.59 3.59
CA GLN B 366 -83.70 17.23 2.42
C GLN B 366 -82.26 16.88 2.29
N GLU B 367 -81.53 16.86 3.42
CA GLU B 367 -80.15 16.54 3.35
C GLU B 367 -80.06 15.15 2.80
N ARG B 368 -80.93 14.25 3.29
CA ARG B 368 -80.85 12.87 2.89
C ARG B 368 -81.08 12.79 1.42
N VAL B 369 -82.12 13.47 0.92
CA VAL B 369 -82.45 13.34 -0.47
C VAL B 369 -81.31 13.88 -1.26
N ALA B 370 -80.73 15.00 -0.80
CA ALA B 370 -79.73 15.66 -1.57
C ALA B 370 -78.59 14.72 -1.73
N LYS B 371 -78.24 13.99 -0.65
CA LYS B 371 -77.11 13.12 -0.69
C LYS B 371 -77.36 12.09 -1.74
N LEU B 372 -78.59 11.55 -1.78
CA LEU B 372 -78.83 10.41 -2.62
C LEU B 372 -78.56 10.81 -4.03
N ALA B 373 -79.10 11.96 -4.47
CA ALA B 373 -78.77 12.39 -5.79
C ALA B 373 -77.30 12.61 -5.79
N GLY B 374 -76.82 13.31 -4.75
CA GLY B 374 -75.42 13.43 -4.48
C GLY B 374 -74.95 14.70 -5.11
N GLY B 375 -75.50 15.02 -6.30
CA GLY B 375 -75.12 16.23 -6.97
C GLY B 375 -73.68 16.08 -7.34
N VAL B 376 -73.17 14.83 -7.30
CA VAL B 376 -71.76 14.63 -7.44
C VAL B 376 -71.42 14.60 -8.89
N ALA B 377 -70.23 15.11 -9.23
CA ALA B 377 -69.75 15.01 -10.58
C ALA B 377 -68.43 14.31 -10.51
N VAL B 378 -68.12 13.48 -11.52
CA VAL B 378 -66.86 12.81 -11.51
C VAL B 378 -66.13 13.26 -12.74
N ILE B 379 -64.80 13.44 -12.62
CA ILE B 379 -64.02 13.84 -13.75
C ILE B 379 -63.01 12.77 -13.97
N LYS B 380 -62.85 12.34 -15.23
CA LYS B 380 -61.85 11.36 -15.51
C LYS B 380 -60.77 12.06 -16.26
N VAL B 381 -59.50 11.72 -15.97
CA VAL B 381 -58.44 12.34 -16.71
C VAL B 381 -57.81 11.28 -17.54
N GLY B 382 -57.69 11.54 -18.86
CA GLY B 382 -57.01 10.60 -19.68
C GLY B 382 -55.56 10.96 -19.64
N ALA B 383 -54.70 10.09 -20.18
CA ALA B 383 -53.31 10.44 -20.27
C ALA B 383 -52.72 9.63 -21.38
N ALA B 384 -51.58 10.09 -21.91
CA ALA B 384 -50.90 9.30 -22.90
C ALA B 384 -50.49 8.04 -22.24
N THR B 385 -49.98 8.15 -21.00
CA THR B 385 -49.55 7.00 -20.28
C THR B 385 -50.20 7.02 -18.94
N GLU B 386 -50.16 5.89 -18.23
CA GLU B 386 -50.78 5.80 -16.94
C GLU B 386 -50.10 6.78 -16.05
N VAL B 387 -48.76 6.84 -16.14
CA VAL B 387 -48.00 7.66 -15.26
C VAL B 387 -48.45 9.07 -15.47
N GLU B 388 -48.61 9.47 -16.74
CA GLU B 388 -48.95 10.83 -17.03
C GLU B 388 -50.28 11.09 -16.40
N MET B 389 -51.19 10.11 -16.50
CA MET B 389 -52.53 10.33 -16.05
C MET B 389 -52.48 10.61 -14.59
N LYS B 390 -51.66 9.84 -13.85
CA LYS B 390 -51.61 10.01 -12.43
C LYS B 390 -51.13 11.40 -12.18
N GLU B 391 -50.09 11.82 -12.92
CA GLU B 391 -49.52 13.12 -12.69
C GLU B 391 -50.57 14.14 -12.98
N LYS B 392 -51.29 13.97 -14.10
CA LYS B 392 -52.26 14.94 -14.51
C LYS B 392 -53.32 15.00 -13.46
N LYS B 393 -53.73 13.81 -12.97
CA LYS B 393 -54.84 13.76 -12.06
C LYS B 393 -54.49 14.54 -10.85
N ALA B 394 -53.25 14.37 -10.35
CA ALA B 394 -52.87 15.01 -9.14
C ALA B 394 -52.96 16.49 -9.37
N ARG B 395 -52.47 16.95 -10.54
CA ARG B 395 -52.47 18.35 -10.83
C ARG B 395 -53.89 18.81 -10.86
N VAL B 396 -54.76 18.01 -11.49
CA VAL B 396 -56.12 18.42 -11.65
C VAL B 396 -56.72 18.61 -10.30
N GLU B 397 -56.46 17.66 -9.38
CA GLU B 397 -57.09 17.71 -8.10
C GLU B 397 -56.67 18.97 -7.43
N ALA B 398 -55.37 19.31 -7.52
CA ALA B 398 -54.88 20.46 -6.83
C ALA B 398 -55.58 21.65 -7.37
N ALA B 399 -55.73 21.70 -8.71
CA ALA B 399 -56.31 22.86 -9.33
C ALA B 399 -57.69 23.01 -8.82
N LEU B 400 -58.43 21.88 -8.71
CA LEU B 400 -59.81 21.96 -8.38
C LEU B 400 -59.94 22.58 -7.04
N HIS B 401 -59.10 22.13 -6.08
CA HIS B 401 -59.23 22.64 -4.75
C HIS B 401 -58.97 24.10 -4.79
N ALA B 402 -57.90 24.50 -5.51
CA ALA B 402 -57.51 25.88 -5.52
C ALA B 402 -58.64 26.66 -6.11
N THR B 403 -59.23 26.15 -7.20
CA THR B 403 -60.23 26.90 -7.88
C THR B 403 -61.37 27.11 -6.95
N ARG B 404 -61.81 26.03 -6.26
CA ARG B 404 -62.98 26.13 -5.45
C ARG B 404 -62.71 27.15 -4.39
N ALA B 405 -61.53 27.07 -3.75
CA ALA B 405 -61.22 28.00 -2.70
C ALA B 405 -61.20 29.37 -3.30
N ALA B 406 -60.60 29.48 -4.49
CA ALA B 406 -60.35 30.78 -5.06
C ALA B 406 -61.67 31.45 -5.30
N VAL B 407 -62.66 30.70 -5.83
CA VAL B 407 -63.87 31.35 -6.22
C VAL B 407 -64.52 31.94 -5.00
N GLU B 408 -64.61 31.16 -3.91
CA GLU B 408 -65.34 31.62 -2.77
C GLU B 408 -64.64 32.82 -2.23
N GLU B 409 -63.30 32.74 -2.11
CA GLU B 409 -62.57 33.81 -1.52
C GLU B 409 -62.71 34.99 -2.42
N GLY B 410 -62.73 34.73 -3.74
CA GLY B 410 -62.57 35.80 -4.68
C GLY B 410 -61.13 35.80 -5.02
N VAL B 411 -60.74 36.38 -6.16
CA VAL B 411 -59.37 36.17 -6.50
C VAL B 411 -58.65 37.48 -6.43
N VAL B 412 -57.45 37.45 -5.84
CA VAL B 412 -56.59 38.60 -5.82
C VAL B 412 -55.81 38.57 -7.09
N ALA B 413 -55.23 39.72 -7.46
CA ALA B 413 -54.49 39.79 -8.68
C ALA B 413 -53.37 38.81 -8.59
N GLY B 414 -53.03 38.16 -9.72
CA GLY B 414 -51.98 37.19 -9.71
C GLY B 414 -50.69 37.88 -10.00
N GLY B 415 -49.61 37.09 -10.16
CA GLY B 415 -48.35 37.65 -10.54
C GLY B 415 -47.63 38.06 -9.30
N GLY B 416 -48.22 37.75 -8.12
CA GLY B 416 -47.57 38.12 -6.90
C GLY B 416 -47.77 39.58 -6.73
N VAL B 417 -48.74 40.14 -7.48
CA VAL B 417 -49.01 41.54 -7.43
C VAL B 417 -49.41 41.86 -6.03
N ALA B 418 -50.29 41.02 -5.45
CA ALA B 418 -50.75 41.30 -4.12
C ALA B 418 -49.55 41.28 -3.23
N LEU B 419 -48.66 40.30 -3.44
CA LEU B 419 -47.54 40.13 -2.57
C LEU B 419 -46.69 41.35 -2.64
N ILE B 420 -46.40 41.82 -3.87
CA ILE B 420 -45.51 42.94 -3.99
C ILE B 420 -46.19 44.12 -3.37
N ARG B 421 -47.50 44.30 -3.65
CA ARG B 421 -48.19 45.47 -3.23
C ARG B 421 -48.17 45.52 -1.74
N VAL B 422 -48.46 44.38 -1.09
CA VAL B 422 -48.59 44.36 0.34
C VAL B 422 -47.28 44.73 0.94
N ALA B 423 -46.18 44.25 0.33
CA ALA B 423 -44.89 44.37 0.94
C ALA B 423 -44.60 45.82 1.13
N SER B 424 -44.95 46.66 0.14
CA SER B 424 -44.61 48.05 0.23
C SER B 424 -45.26 48.60 1.46
N LYS B 425 -46.55 48.26 1.66
CA LYS B 425 -47.25 48.76 2.81
C LYS B 425 -46.57 48.21 4.02
N LEU B 426 -46.15 46.93 3.93
CA LEU B 426 -45.58 46.24 5.05
C LEU B 426 -44.33 46.94 5.44
N ALA B 427 -43.57 47.43 4.44
CA ALA B 427 -42.26 47.96 4.70
C ALA B 427 -42.39 49.07 5.68
N ASP B 428 -43.43 49.90 5.53
CA ASP B 428 -43.57 51.05 6.37
C ASP B 428 -43.63 50.56 7.78
N LEU B 429 -44.37 49.46 8.02
CA LEU B 429 -44.52 48.98 9.36
C LEU B 429 -43.17 48.56 9.84
N ARG B 430 -42.89 48.78 11.14
CA ARG B 430 -41.60 48.46 11.67
C ARG B 430 -41.80 47.42 12.72
N GLY B 431 -40.77 46.59 12.93
CA GLY B 431 -40.82 45.58 13.95
C GLY B 431 -40.47 46.26 15.24
N GLN B 432 -40.61 45.53 16.37
CA GLN B 432 -40.36 46.11 17.64
C GLN B 432 -38.91 46.49 17.70
N ASN B 433 -38.02 45.59 17.25
CA ASN B 433 -36.62 45.87 17.37
C ASN B 433 -36.00 45.66 16.03
N GLU B 434 -34.74 46.11 15.89
CA GLU B 434 -34.10 46.17 14.61
C GLU B 434 -34.04 44.80 14.06
N ASP B 435 -33.73 43.81 14.91
CA ASP B 435 -33.59 42.46 14.43
C ASP B 435 -34.91 42.09 13.84
N GLN B 436 -36.01 42.47 14.50
CA GLN B 436 -37.31 42.19 13.99
C GLN B 436 -37.44 42.94 12.70
N ASN B 437 -36.92 44.18 12.67
CA ASN B 437 -37.12 45.02 11.52
C ASN B 437 -36.55 44.33 10.33
N VAL B 438 -35.32 43.80 10.46
CA VAL B 438 -34.68 43.22 9.31
C VAL B 438 -35.50 42.07 8.86
N GLY B 439 -36.01 41.27 9.82
CA GLY B 439 -36.76 40.10 9.47
C GLY B 439 -37.95 40.54 8.68
N ILE B 440 -38.58 41.65 9.12
CA ILE B 440 -39.76 42.11 8.47
C ILE B 440 -39.39 42.45 7.06
N LYS B 441 -38.25 43.15 6.90
CA LYS B 441 -37.82 43.56 5.60
C LYS B 441 -37.60 42.32 4.81
N VAL B 442 -37.00 41.30 5.44
CA VAL B 442 -36.65 40.09 4.75
C VAL B 442 -37.91 39.53 4.18
N ALA B 443 -38.98 39.50 4.99
CA ALA B 443 -40.19 38.88 4.57
C ALA B 443 -40.66 39.62 3.36
N LEU B 444 -40.56 40.96 3.40
CA LEU B 444 -41.04 41.75 2.32
C LEU B 444 -40.26 41.38 1.10
N ARG B 445 -38.94 41.21 1.27
CA ARG B 445 -38.10 40.89 0.16
C ARG B 445 -38.54 39.57 -0.38
N ALA B 446 -38.89 38.64 0.54
CA ALA B 446 -39.22 37.32 0.12
C ALA B 446 -40.41 37.40 -0.78
N MET B 447 -41.38 38.25 -0.42
CA MET B 447 -42.60 38.31 -1.17
C MET B 447 -42.26 38.75 -2.57
N GLU B 448 -41.34 39.72 -2.68
CA GLU B 448 -41.04 40.33 -3.94
C GLU B 448 -40.50 39.28 -4.86
N ALA B 449 -39.72 38.33 -4.31
CA ALA B 449 -38.90 37.49 -5.14
C ALA B 449 -39.74 36.75 -6.13
N PRO B 450 -40.84 36.14 -5.77
CA PRO B 450 -41.50 35.25 -6.68
C PRO B 450 -41.96 35.99 -7.89
N LEU B 451 -42.20 37.31 -7.78
CA LEU B 451 -42.59 38.07 -8.93
C LEU B 451 -41.43 38.04 -9.87
N ARG B 452 -40.22 38.19 -9.30
CA ARG B 452 -39.02 38.27 -10.08
C ARG B 452 -38.87 36.98 -10.82
N GLN B 453 -39.17 35.86 -10.16
CA GLN B 453 -38.90 34.58 -10.74
C GLN B 453 -39.68 34.49 -12.01
N ILE B 454 -40.95 34.94 -11.98
CA ILE B 454 -41.77 34.87 -13.14
C ILE B 454 -41.10 35.69 -14.20
N VAL B 455 -40.63 36.88 -13.82
CA VAL B 455 -40.04 37.79 -14.75
C VAL B 455 -38.85 37.10 -15.35
N LEU B 456 -38.07 36.40 -14.51
CA LEU B 456 -36.85 35.79 -14.96
C LEU B 456 -37.23 34.81 -16.01
N ASN B 457 -38.33 34.08 -15.79
CA ASN B 457 -38.76 33.11 -16.74
C ASN B 457 -39.01 33.85 -18.01
N CYS B 458 -39.62 35.03 -17.91
CA CYS B 458 -39.88 35.83 -19.06
C CYS B 458 -38.56 36.16 -19.67
N GLY B 459 -37.55 36.42 -18.81
CA GLY B 459 -36.25 36.79 -19.31
C GLY B 459 -36.17 38.27 -19.23
N GLU B 460 -37.29 38.92 -18.89
CA GLU B 460 -37.25 40.33 -18.64
C GLU B 460 -36.57 40.50 -17.32
N GLU B 461 -35.94 41.67 -17.11
CA GLU B 461 -35.24 41.86 -15.88
C GLU B 461 -36.26 42.19 -14.84
N PRO B 462 -36.33 41.35 -13.86
CA PRO B 462 -37.38 41.41 -12.87
C PRO B 462 -37.27 42.69 -12.11
N SER B 463 -36.08 43.29 -12.09
CA SER B 463 -35.89 44.47 -11.28
C SER B 463 -36.81 45.52 -11.81
N VAL B 464 -36.78 45.75 -13.12
CA VAL B 464 -37.56 46.80 -13.69
C VAL B 464 -39.00 46.48 -13.44
N VAL B 465 -39.39 45.22 -13.70
CA VAL B 465 -40.77 44.87 -13.60
C VAL B 465 -41.19 45.10 -12.18
N ALA B 466 -40.38 44.63 -11.22
CA ALA B 466 -40.77 44.71 -9.84
C ALA B 466 -40.92 46.15 -9.50
N ASN B 467 -39.96 46.98 -9.95
CA ASN B 467 -39.98 48.36 -9.59
C ASN B 467 -41.24 48.94 -10.14
N THR B 468 -41.54 48.64 -11.41
CA THR B 468 -42.68 49.22 -12.04
C THR B 468 -43.89 48.77 -11.30
N VAL B 469 -43.95 47.46 -10.96
CA VAL B 469 -45.11 46.93 -10.34
C VAL B 469 -45.33 47.66 -9.06
N LYS B 470 -44.24 47.85 -8.29
CA LYS B 470 -44.38 48.49 -7.01
C LYS B 470 -44.88 49.87 -7.25
N GLY B 471 -44.35 50.54 -8.29
CA GLY B 471 -44.64 51.92 -8.49
C GLY B 471 -46.11 52.07 -8.70
N GLY B 472 -46.72 51.15 -9.49
CA GLY B 472 -48.09 51.35 -9.83
C GLY B 472 -48.89 51.23 -8.58
N ASP B 473 -49.87 52.12 -8.40
CA ASP B 473 -50.76 52.06 -7.28
C ASP B 473 -51.87 51.13 -7.67
N GLY B 474 -52.76 50.82 -6.71
CA GLY B 474 -53.89 50.00 -7.04
C GLY B 474 -53.36 48.64 -7.35
N ASN B 475 -54.08 47.89 -8.22
CA ASN B 475 -53.59 46.61 -8.57
C ASN B 475 -52.75 46.81 -9.79
N TYR B 476 -51.44 46.53 -9.65
CA TYR B 476 -50.55 46.66 -10.77
C TYR B 476 -49.80 45.38 -10.85
N GLY B 477 -49.54 44.88 -12.08
CA GLY B 477 -48.88 43.62 -12.17
C GLY B 477 -48.33 43.49 -13.54
N TYR B 478 -47.58 42.40 -13.78
CA TYR B 478 -47.02 42.15 -15.07
C TYR B 478 -47.62 40.86 -15.53
N ASN B 479 -48.09 40.82 -16.79
CA ASN B 479 -48.64 39.61 -17.30
C ASN B 479 -47.58 39.00 -18.15
N ALA B 480 -47.19 37.76 -17.85
CA ALA B 480 -46.12 37.16 -18.58
C ALA B 480 -46.53 37.05 -20.01
N ALA B 481 -47.75 36.54 -20.25
CA ALA B 481 -48.15 36.25 -21.59
C ALA B 481 -48.21 37.54 -22.35
N THR B 482 -48.83 38.56 -21.76
CA THR B 482 -48.99 39.80 -22.45
C THR B 482 -47.64 40.38 -22.64
N GLU B 483 -46.81 40.31 -21.58
CA GLU B 483 -45.58 41.04 -21.56
C GLU B 483 -45.95 42.46 -21.75
N GLU B 484 -47.14 42.83 -21.24
CA GLU B 484 -47.56 44.20 -21.27
C GLU B 484 -48.06 44.52 -19.91
N TYR B 485 -48.08 45.82 -19.55
CA TYR B 485 -48.53 46.19 -18.25
C TYR B 485 -49.99 46.46 -18.36
N GLY B 486 -50.78 45.89 -17.42
CA GLY B 486 -52.19 46.13 -17.44
C GLY B 486 -52.71 45.77 -16.10
N ASN B 487 -53.99 46.08 -15.84
CA ASN B 487 -54.54 45.77 -14.55
C ASN B 487 -54.67 44.29 -14.49
N MET B 488 -54.37 43.70 -13.32
CA MET B 488 -54.44 42.28 -13.20
C MET B 488 -55.87 41.88 -13.38
N ILE B 489 -56.80 42.66 -12.78
CA ILE B 489 -58.18 42.31 -12.83
C ILE B 489 -58.59 42.38 -14.26
N ASP B 490 -58.17 43.44 -14.96
CA ASP B 490 -58.55 43.61 -16.33
C ASP B 490 -58.00 42.45 -17.09
N MET B 491 -56.77 42.04 -16.74
CA MET B 491 -56.16 40.93 -17.41
C MET B 491 -57.03 39.74 -17.15
N GLY B 492 -57.52 39.62 -15.90
CA GLY B 492 -58.41 38.56 -15.59
C GLY B 492 -57.62 37.41 -15.08
N ILE B 493 -56.29 37.59 -14.93
CA ILE B 493 -55.52 36.51 -14.39
C ILE B 493 -55.33 36.84 -12.95
N LEU B 494 -55.92 36.00 -12.07
CA LEU B 494 -55.91 36.31 -10.66
C LEU B 494 -55.50 35.07 -9.93
N ASP B 495 -54.67 35.24 -8.88
CA ASP B 495 -54.28 34.12 -8.07
C ASP B 495 -55.13 34.16 -6.84
N PRO B 496 -55.54 33.01 -6.38
CA PRO B 496 -56.53 32.94 -5.35
C PRO B 496 -55.98 33.59 -4.13
N THR B 497 -56.85 34.27 -3.36
CA THR B 497 -56.41 34.93 -2.16
C THR B 497 -55.94 33.87 -1.22
N LYS B 498 -56.76 32.81 -1.06
CA LYS B 498 -56.50 31.83 -0.05
C LYS B 498 -55.19 31.19 -0.35
N VAL B 499 -54.97 30.83 -1.63
CA VAL B 499 -53.79 30.10 -1.96
C VAL B 499 -52.62 30.96 -1.63
N THR B 500 -52.67 32.25 -2.02
CA THR B 500 -51.54 33.10 -1.81
C THR B 500 -51.31 33.19 -0.34
N ARG B 501 -52.39 33.41 0.43
CA ARG B 501 -52.24 33.62 1.84
C ARG B 501 -51.67 32.37 2.44
N SER B 502 -52.21 31.21 2.02
CA SER B 502 -51.81 29.98 2.63
C SER B 502 -50.36 29.78 2.40
N ALA B 503 -49.92 29.98 1.14
CA ALA B 503 -48.57 29.67 0.80
C ALA B 503 -47.68 30.55 1.60
N LEU B 504 -48.04 31.84 1.70
CA LEU B 504 -47.16 32.79 2.33
C LEU B 504 -46.99 32.38 3.75
N GLN B 505 -48.10 32.03 4.43
CA GLN B 505 -48.03 31.78 5.83
C GLN B 505 -47.13 30.61 6.05
N TYR B 506 -47.32 29.54 5.25
CA TYR B 506 -46.56 28.34 5.45
C TYR B 506 -45.13 28.65 5.19
N ALA B 507 -44.85 29.39 4.11
CA ALA B 507 -43.48 29.62 3.74
C ALA B 507 -42.83 30.34 4.86
N ALA B 508 -43.54 31.33 5.44
CA ALA B 508 -42.96 32.11 6.49
C ALA B 508 -42.65 31.19 7.62
N SER B 509 -43.59 30.28 7.93
CA SER B 509 -43.42 29.41 9.05
C SER B 509 -42.19 28.59 8.82
N VAL B 510 -42.04 28.06 7.59
CA VAL B 510 -40.95 27.18 7.31
C VAL B 510 -39.70 27.96 7.53
N ALA B 511 -39.65 29.18 6.97
CA ALA B 511 -38.43 29.93 6.96
C ALA B 511 -38.02 30.14 8.37
N GLY B 512 -39.00 30.49 9.22
CA GLY B 512 -38.68 30.82 10.58
C GLY B 512 -38.05 29.62 11.20
N LEU B 513 -38.63 28.43 10.93
CA LEU B 513 -38.15 27.25 11.57
C LEU B 513 -36.74 27.03 11.13
N MET B 514 -36.48 27.19 9.81
CA MET B 514 -35.17 26.92 9.32
C MET B 514 -34.23 27.89 9.95
N ILE B 515 -34.67 29.15 10.08
CA ILE B 515 -33.80 30.18 10.59
C ILE B 515 -33.40 29.81 11.97
N THR B 516 -34.35 29.32 12.78
CA THR B 516 -34.14 29.19 14.20
C THR B 516 -32.98 28.27 14.41
N THR B 517 -32.94 27.13 13.69
CA THR B 517 -31.98 26.16 14.06
C THR B 517 -30.65 26.68 13.65
N GLU B 518 -29.91 27.25 14.62
CA GLU B 518 -28.60 27.71 14.27
C GLU B 518 -27.84 26.49 13.87
N CYS B 519 -27.72 25.51 14.80
CA CYS B 519 -26.77 24.47 14.60
C CYS B 519 -27.52 23.19 14.54
N MET B 520 -26.95 22.21 13.81
CA MET B 520 -27.57 20.92 13.68
C MET B 520 -26.58 19.92 14.19
N VAL B 521 -27.07 18.87 14.87
CA VAL B 521 -26.18 17.83 15.30
C VAL B 521 -26.68 16.56 14.72
N THR B 522 -25.76 15.71 14.24
CA THR B 522 -26.14 14.42 13.75
C THR B 522 -25.13 13.45 14.27
N ASP B 523 -25.44 12.15 14.18
CA ASP B 523 -24.45 11.18 14.54
C ASP B 523 -23.43 11.20 13.45
N LEU B 524 -22.17 10.91 13.78
CA LEU B 524 -21.15 10.90 12.78
C LEU B 524 -21.35 9.66 11.97
N PRO B 525 -21.41 9.73 10.72
N ALA C 2 -11.52 -6.40 28.83
CA ALA C 2 -10.31 -6.43 27.98
C ALA C 2 -9.41 -5.29 28.33
N ALA C 3 -8.69 -4.78 27.32
CA ALA C 3 -7.81 -3.67 27.58
C ALA C 3 -8.69 -2.50 27.87
N LYS C 4 -8.21 -1.60 28.75
CA LYS C 4 -8.99 -0.45 29.09
C LYS C 4 -8.25 0.75 28.59
N ASP C 5 -9.01 1.76 28.11
CA ASP C 5 -8.39 3.01 27.80
C ASP C 5 -8.53 3.85 29.01
N VAL C 6 -7.40 4.28 29.61
CA VAL C 6 -7.51 4.98 30.85
C VAL C 6 -7.07 6.39 30.62
N LYS C 7 -7.83 7.34 31.19
CA LYS C 7 -7.38 8.70 31.21
C LYS C 7 -7.22 9.05 32.65
N PHE C 8 -6.10 9.69 33.02
CA PHE C 8 -5.83 9.87 34.42
C PHE C 8 -6.25 11.26 34.80
N GLY C 9 -7.05 11.36 35.88
CA GLY C 9 -7.29 12.61 36.55
C GLY C 9 -7.75 13.62 35.56
N ASN C 10 -6.86 14.55 35.21
CA ASN C 10 -7.23 15.66 34.39
C ASN C 10 -7.77 15.11 33.11
N ASP C 11 -7.16 14.01 32.62
CA ASP C 11 -7.60 13.45 31.39
C ASP C 11 -9.04 13.04 31.55
N ALA C 12 -9.37 12.37 32.66
CA ALA C 12 -10.73 11.94 32.82
C ALA C 12 -11.59 13.16 32.90
N ARG C 13 -11.15 14.14 33.69
CA ARG C 13 -11.97 15.29 33.98
C ARG C 13 -12.23 16.02 32.71
N VAL C 14 -11.21 16.14 31.85
CA VAL C 14 -11.31 17.03 30.73
C VAL C 14 -12.44 16.58 29.87
N LYS C 15 -12.58 15.26 29.67
CA LYS C 15 -13.60 14.80 28.77
C LYS C 15 -14.92 15.27 29.31
N MET C 16 -15.13 15.09 30.61
CA MET C 16 -16.38 15.50 31.20
C MET C 16 -16.48 16.98 31.06
N LEU C 17 -15.37 17.69 31.33
CA LEU C 17 -15.41 19.13 31.39
C LEU C 17 -15.80 19.64 30.05
N ARG C 18 -15.15 19.12 29.00
CA ARG C 18 -15.38 19.64 27.69
C ARG C 18 -16.81 19.40 27.37
N GLY C 19 -17.31 18.20 27.70
CA GLY C 19 -18.68 17.89 27.40
C GLY C 19 -19.54 18.86 28.16
N VAL C 20 -19.17 19.11 29.42
CA VAL C 20 -19.98 19.97 30.25
C VAL C 20 -20.00 21.31 29.61
N ASN C 21 -18.83 21.78 29.16
CA ASN C 21 -18.73 23.11 28.65
C ASN C 21 -19.61 23.21 27.45
N VAL C 22 -19.54 22.20 26.56
CA VAL C 22 -20.27 22.31 25.33
C VAL C 22 -21.71 22.43 25.66
N LEU C 23 -22.20 21.53 26.53
CA LEU C 23 -23.60 21.54 26.84
C LEU C 23 -23.91 22.85 27.49
N ALA C 24 -23.04 23.25 28.43
CA ALA C 24 -23.31 24.39 29.25
C ALA C 24 -23.38 25.60 28.38
N ASP C 25 -22.49 25.70 27.38
CA ASP C 25 -22.39 26.92 26.64
C ASP C 25 -23.70 27.17 25.98
N ALA C 26 -24.28 26.13 25.36
CA ALA C 26 -25.51 26.33 24.66
C ALA C 26 -26.52 26.76 25.66
N VAL C 27 -26.53 26.09 26.83
CA VAL C 27 -27.53 26.31 27.81
C VAL C 27 -27.43 27.72 28.30
N LYS C 28 -26.20 28.19 28.55
CA LYS C 28 -26.04 29.48 29.16
C LYS C 28 -26.58 30.52 28.24
N VAL C 29 -26.21 30.44 26.94
CA VAL C 29 -26.64 31.45 26.03
C VAL C 29 -28.13 31.40 25.97
N THR C 30 -28.69 30.18 25.91
CA THR C 30 -30.11 30.05 25.76
C THR C 30 -30.75 30.62 26.98
N LEU C 31 -30.12 30.43 28.16
CA LEU C 31 -30.74 30.87 29.37
C LEU C 31 -30.93 32.34 29.25
N GLY C 32 -32.08 32.83 29.75
CA GLY C 32 -32.38 34.22 29.62
C GLY C 32 -33.00 34.37 28.28
N PRO C 33 -33.57 35.51 28.08
CA PRO C 33 -34.47 35.71 26.98
C PRO C 33 -33.73 35.51 25.70
N LYS C 34 -32.40 35.67 25.73
CA LYS C 34 -31.64 35.81 24.52
C LYS C 34 -31.72 34.56 23.69
N GLY C 35 -31.53 33.38 24.30
CA GLY C 35 -31.35 32.21 23.51
C GLY C 35 -32.58 32.00 22.68
N ARG C 36 -32.45 32.19 21.35
CA ARG C 36 -33.58 32.00 20.49
C ARG C 36 -33.94 30.55 20.44
N ASN C 37 -32.96 29.66 20.17
CA ASN C 37 -33.34 28.30 19.91
C ASN C 37 -32.10 27.49 19.71
N VAL C 38 -32.23 26.15 19.79
CA VAL C 38 -31.21 25.24 19.34
C VAL C 38 -31.90 24.11 18.65
N VAL C 39 -31.23 23.47 17.67
CA VAL C 39 -31.88 22.36 17.01
C VAL C 39 -30.84 21.33 16.68
N LEU C 40 -31.25 20.04 16.69
CA LEU C 40 -30.37 18.99 16.25
C LEU C 40 -31.20 17.86 15.73
N ASP C 41 -30.53 16.87 15.09
CA ASP C 41 -31.19 15.81 14.39
C ASP C 41 -31.69 14.80 15.38
N LYS C 42 -32.65 13.95 14.94
CA LYS C 42 -33.09 12.83 15.72
C LYS C 42 -32.76 11.60 14.94
N SER C 43 -32.47 10.49 15.66
CA SER C 43 -32.14 9.28 14.97
C SER C 43 -33.33 8.86 14.17
N PHE C 44 -34.51 8.82 14.82
CA PHE C 44 -35.70 8.43 14.13
C PHE C 44 -36.62 9.59 14.14
N GLY C 45 -37.44 9.71 13.08
CA GLY C 45 -38.41 10.76 13.04
C GLY C 45 -37.71 12.01 12.63
N ALA C 46 -38.44 13.12 12.58
CA ALA C 46 -37.84 14.38 12.25
C ALA C 46 -37.04 14.80 13.43
N PRO C 47 -36.01 15.56 13.17
CA PRO C 47 -35.08 15.94 14.18
C PRO C 47 -35.80 16.79 15.17
N THR C 48 -35.38 16.77 16.45
CA THR C 48 -36.07 17.55 17.42
C THR C 48 -35.51 18.93 17.35
N ILE C 49 -36.35 19.94 17.71
CA ILE C 49 -35.87 21.29 17.80
C ILE C 49 -36.12 21.71 19.20
N THR C 50 -35.14 22.38 19.82
CA THR C 50 -35.31 22.73 21.20
C THR C 50 -35.34 24.21 21.32
N LYS C 51 -36.51 24.76 21.69
CA LYS C 51 -36.59 26.15 22.04
C LYS C 51 -35.86 26.36 23.34
N ASP C 52 -36.15 25.49 24.32
CA ASP C 52 -35.81 25.78 25.68
C ASP C 52 -34.37 25.48 25.92
N GLY C 53 -33.80 26.05 26.99
CA GLY C 53 -32.45 25.75 27.33
C GLY C 53 -32.38 24.30 27.69
N VAL C 54 -33.37 23.83 28.46
CA VAL C 54 -33.34 22.48 28.96
C VAL C 54 -33.36 21.58 27.77
N SER C 55 -34.25 21.88 26.82
CA SER C 55 -34.42 21.02 25.69
C SER C 55 -33.12 21.02 24.94
N VAL C 56 -32.40 22.14 24.98
CA VAL C 56 -31.17 22.22 24.25
C VAL C 56 -30.25 21.19 24.83
N ALA C 57 -30.18 21.15 26.17
CA ALA C 57 -29.26 20.25 26.80
C ALA C 57 -29.65 18.86 26.41
N ARG C 58 -30.95 18.58 26.42
CA ARG C 58 -31.44 17.27 26.10
C ARG C 58 -31.03 16.98 24.70
N GLU C 59 -31.24 17.95 23.80
CA GLU C 59 -31.01 17.76 22.41
C GLU C 59 -29.56 17.50 22.21
N ILE C 60 -28.70 18.26 22.90
CA ILE C 60 -27.31 18.20 22.60
C ILE C 60 -26.79 16.89 23.08
N GLU C 61 -26.12 16.14 22.19
CA GLU C 61 -25.48 14.93 22.57
C GLU C 61 -24.06 15.06 22.14
N LEU C 62 -23.14 14.41 22.86
CA LEU C 62 -21.76 14.53 22.51
C LEU C 62 -21.33 13.24 21.88
N GLU C 63 -20.53 13.35 20.81
CA GLU C 63 -20.10 12.18 20.12
C GLU C 63 -19.27 11.37 21.05
N ASP C 64 -18.35 12.05 21.77
CA ASP C 64 -17.45 11.32 22.62
C ASP C 64 -18.26 10.72 23.72
N LYS C 65 -17.94 9.46 24.07
CA LYS C 65 -18.67 8.80 25.11
C LYS C 65 -18.43 9.55 26.38
N PHE C 66 -17.16 9.87 26.66
CA PHE C 66 -16.81 10.48 27.90
C PHE C 66 -17.50 11.79 27.97
N GLU C 67 -17.39 12.59 26.90
CA GLU C 67 -17.94 13.91 26.92
C GLU C 67 -19.42 13.76 27.07
N ASN C 68 -20.00 12.82 26.31
CA ASN C 68 -21.43 12.67 26.30
C ASN C 68 -21.85 12.31 27.68
N MET C 69 -21.11 11.39 28.32
CA MET C 69 -21.51 10.92 29.61
C MET C 69 -21.47 12.09 30.54
N GLY C 70 -20.41 12.91 30.44
CA GLY C 70 -20.28 14.02 31.34
C GLY C 70 -21.45 14.91 31.13
N ALA C 71 -21.81 15.13 29.85
CA ALA C 71 -22.89 16.03 29.54
C ALA C 71 -24.13 15.46 30.15
N GLN C 72 -24.28 14.12 30.04
CA GLN C 72 -25.49 13.49 30.46
C GLN C 72 -25.64 13.71 31.93
N MET C 73 -24.53 13.61 32.67
CA MET C 73 -24.62 13.66 34.10
C MET C 73 -25.20 14.99 34.48
N VAL C 74 -24.72 16.07 33.83
CA VAL C 74 -25.18 17.37 34.18
C VAL C 74 -26.64 17.43 33.88
N LYS C 75 -27.03 16.91 32.71
CA LYS C 75 -28.39 17.07 32.26
C LYS C 75 -29.28 16.39 33.24
N GLU C 76 -28.89 15.17 33.69
CA GLU C 76 -29.78 14.42 34.51
C GLU C 76 -30.01 15.20 35.77
N VAL C 77 -28.93 15.74 36.36
CA VAL C 77 -29.12 16.49 37.57
C VAL C 77 -29.98 17.67 37.24
N ALA C 78 -29.69 18.32 36.11
CA ALA C 78 -30.37 19.54 35.79
C ALA C 78 -31.83 19.24 35.71
N SER C 79 -32.17 18.11 35.08
CA SER C 79 -33.57 17.80 34.87
C SER C 79 -34.21 17.66 36.21
N LYS C 80 -33.52 16.99 37.16
CA LYS C 80 -34.13 16.73 38.43
C LYS C 80 -34.44 18.04 39.07
N ALA C 81 -33.47 18.98 39.00
CA ALA C 81 -33.68 20.27 39.58
C ALA C 81 -34.82 20.89 38.83
N ASN C 82 -34.83 20.70 37.50
CA ASN C 82 -35.78 21.36 36.67
C ASN C 82 -37.15 20.95 37.12
N ASP C 83 -37.33 19.64 37.39
CA ASP C 83 -38.66 19.21 37.71
C ASP C 83 -39.09 19.90 38.96
N ALA C 84 -38.27 19.81 40.02
CA ALA C 84 -38.74 20.29 41.30
C ALA C 84 -38.94 21.77 41.22
N ALA C 85 -37.93 22.49 40.72
CA ALA C 85 -38.00 23.93 40.72
C ALA C 85 -39.11 24.32 39.81
N GLY C 86 -39.16 23.66 38.64
CA GLY C 86 -40.08 24.03 37.60
C GLY C 86 -39.34 24.97 36.71
N ASP C 87 -38.29 25.61 37.25
CA ASP C 87 -37.51 26.52 36.48
C ASP C 87 -36.09 26.38 36.92
N GLY C 88 -35.18 27.15 36.29
CA GLY C 88 -33.84 27.23 36.79
C GLY C 88 -33.07 26.04 36.32
N THR C 89 -33.59 25.35 35.28
CA THR C 89 -32.88 24.21 34.79
C THR C 89 -31.55 24.71 34.31
N THR C 90 -31.58 25.79 33.53
CA THR C 90 -30.37 26.30 32.96
C THR C 90 -29.47 26.74 34.07
N THR C 91 -30.05 27.40 35.08
CA THR C 91 -29.24 28.02 36.09
C THR C 91 -28.43 26.95 36.73
N ALA C 92 -29.06 25.80 37.02
CA ALA C 92 -28.35 24.74 37.69
C ALA C 92 -27.22 24.35 36.80
N THR C 93 -27.49 24.22 35.50
CA THR C 93 -26.47 23.76 34.59
C THR C 93 -25.35 24.76 34.62
N VAL C 94 -25.71 26.06 34.55
CA VAL C 94 -24.70 27.07 34.47
C VAL C 94 -23.87 26.99 35.70
N LEU C 95 -24.52 26.85 36.87
CA LEU C 95 -23.82 26.87 38.11
C LEU C 95 -22.88 25.70 38.10
N ALA C 96 -23.37 24.54 37.65
CA ALA C 96 -22.59 23.34 37.75
C ALA C 96 -21.35 23.52 36.95
N GLN C 97 -21.48 24.11 35.75
CA GLN C 97 -20.36 24.18 34.87
C GLN C 97 -19.30 24.98 35.53
N ALA C 98 -19.69 26.12 36.15
CA ALA C 98 -18.70 26.99 36.71
C ALA C 98 -18.01 26.24 37.81
N ILE C 99 -18.80 25.53 38.64
CA ILE C 99 -18.23 24.87 39.77
C ILE C 99 -17.28 23.83 39.27
N ILE C 100 -17.71 23.06 38.25
CA ILE C 100 -16.95 21.94 37.81
C ILE C 100 -15.63 22.44 37.33
N THR C 101 -15.64 23.51 36.52
CA THR C 101 -14.44 23.94 35.89
C THR C 101 -13.46 24.28 36.96
N GLU C 102 -13.92 25.05 37.97
CA GLU C 102 -13.03 25.47 39.02
C GLU C 102 -12.55 24.25 39.71
N GLY C 103 -13.46 23.29 39.96
CA GLY C 103 -13.10 22.12 40.70
C GLY C 103 -12.04 21.42 39.93
N LEU C 104 -12.19 21.36 38.60
CA LEU C 104 -11.25 20.66 37.78
C LEU C 104 -9.92 21.33 37.92
N LYS C 105 -9.91 22.68 37.89
CA LYS C 105 -8.68 23.40 37.98
C LYS C 105 -8.06 23.05 39.30
N ALA C 106 -8.90 23.02 40.35
CA ALA C 106 -8.41 22.73 41.66
C ALA C 106 -7.84 21.34 41.60
N VAL C 107 -8.52 20.45 40.84
CA VAL C 107 -8.06 19.11 40.64
C VAL C 107 -6.69 19.21 40.05
N ALA C 108 -6.52 20.13 39.07
CA ALA C 108 -5.24 20.32 38.47
C ALA C 108 -4.31 20.73 39.57
N ALA C 109 -4.80 21.56 40.50
CA ALA C 109 -4.00 21.99 41.60
C ALA C 109 -3.58 20.76 42.33
N GLY C 110 -4.50 19.77 42.44
CA GLY C 110 -4.14 18.55 43.07
C GLY C 110 -4.55 18.61 44.50
N MET C 111 -5.24 19.70 44.87
CA MET C 111 -5.79 19.74 46.20
C MET C 111 -6.83 18.68 46.24
N ASN C 112 -6.99 18.03 47.41
CA ASN C 112 -7.90 16.93 47.44
C ASN C 112 -9.28 17.48 47.28
N PRO C 113 -9.97 16.91 46.34
CA PRO C 113 -11.26 17.41 45.94
C PRO C 113 -12.23 17.24 47.06
N MET C 114 -11.94 16.32 48.01
CA MET C 114 -12.90 16.01 49.02
C MET C 114 -13.16 17.23 49.82
N ASP C 115 -12.09 17.95 50.18
CA ASP C 115 -12.25 19.12 51.00
C ASP C 115 -13.07 20.09 50.23
N LEU C 116 -12.77 20.22 48.92
CA LEU C 116 -13.41 21.21 48.11
C LEU C 116 -14.87 20.88 48.08
N LYS C 117 -15.19 19.59 47.89
CA LYS C 117 -16.57 19.21 47.78
C LYS C 117 -17.24 19.58 49.06
N ARG C 118 -16.57 19.28 50.19
CA ARG C 118 -17.16 19.56 51.47
C ARG C 118 -17.36 21.04 51.56
N GLY C 119 -16.34 21.81 51.14
CA GLY C 119 -16.41 23.23 51.27
C GLY C 119 -17.57 23.70 50.44
N ILE C 120 -17.72 23.13 49.23
CA ILE C 120 -18.75 23.58 48.34
C ILE C 120 -20.05 23.32 49.00
N ASP C 121 -20.21 22.12 49.58
CA ASP C 121 -21.46 21.77 50.18
C ASP C 121 -21.71 22.74 51.28
N LYS C 122 -20.66 23.03 52.07
CA LYS C 122 -20.84 23.90 53.20
C LYS C 122 -21.28 25.23 52.68
N ALA C 123 -20.65 25.69 51.59
CA ALA C 123 -20.96 26.98 51.06
C ALA C 123 -22.39 26.96 50.64
N VAL C 124 -22.81 25.85 50.00
CA VAL C 124 -24.13 25.77 49.46
C VAL C 124 -25.09 25.92 50.60
N THR C 125 -24.83 25.23 51.72
CA THR C 125 -25.75 25.24 52.81
C THR C 125 -25.88 26.64 53.28
N ALA C 126 -24.73 27.35 53.42
CA ALA C 126 -24.76 28.67 53.95
C ALA C 126 -25.58 29.50 53.01
N ALA C 127 -25.34 29.34 51.69
CA ALA C 127 -26.00 30.15 50.73
C ALA C 127 -27.46 29.92 50.86
N VAL C 128 -27.87 28.65 51.03
CA VAL C 128 -29.25 28.32 51.05
C VAL C 128 -29.88 29.06 52.17
N GLU C 129 -29.23 29.08 53.35
CA GLU C 129 -29.81 29.69 54.50
C GLU C 129 -30.00 31.13 54.19
N GLU C 130 -28.99 31.76 53.57
CA GLU C 130 -29.06 33.16 53.31
C GLU C 130 -30.21 33.38 52.38
N LEU C 131 -30.35 32.51 51.37
CA LEU C 131 -31.37 32.72 50.38
C LEU C 131 -32.70 32.69 51.05
N LYS C 132 -32.88 31.74 51.98
CA LYS C 132 -34.18 31.55 52.55
C LYS C 132 -34.56 32.81 53.24
N ALA C 133 -33.62 33.39 54.01
CA ALA C 133 -33.91 34.59 54.73
C ALA C 133 -34.22 35.65 53.72
N LEU C 134 -33.43 35.69 52.63
CA LEU C 134 -33.54 36.73 51.66
C LEU C 134 -34.91 36.65 51.06
N SER C 135 -35.38 35.42 50.81
CA SER C 135 -36.57 35.25 50.03
C SER C 135 -37.70 35.93 50.74
N VAL C 136 -38.67 36.42 49.94
CA VAL C 136 -39.81 37.12 50.45
C VAL C 136 -41.00 36.58 49.74
N PRO C 137 -42.16 36.91 50.23
CA PRO C 137 -43.37 36.29 49.79
C PRO C 137 -43.61 36.65 48.36
N CYS C 138 -44.38 35.83 47.63
CA CYS C 138 -44.56 36.05 46.23
C CYS C 138 -45.44 37.23 46.06
N SER C 139 -45.25 37.95 44.93
CA SER C 139 -46.03 39.11 44.66
C SER C 139 -47.29 38.67 43.98
N ASP C 140 -48.06 39.65 43.48
CA ASP C 140 -49.37 39.38 42.97
C ASP C 140 -49.24 38.75 41.62
N SER C 141 -50.39 38.54 40.96
CA SER C 141 -50.48 37.76 39.76
C SER C 141 -49.62 38.41 38.72
N LYS C 142 -49.54 39.75 38.73
CA LYS C 142 -48.75 40.41 37.74
C LYS C 142 -47.36 39.92 37.92
N ALA C 143 -46.92 39.81 39.18
CA ALA C 143 -45.64 39.26 39.47
C ALA C 143 -45.64 37.85 38.99
N ILE C 144 -46.78 37.16 39.16
CA ILE C 144 -46.85 35.76 38.85
C ILE C 144 -46.53 35.62 37.40
N ALA C 145 -47.10 36.52 36.57
CA ALA C 145 -46.87 36.43 35.16
C ALA C 145 -45.40 36.57 34.95
N GLN C 146 -44.77 37.49 35.70
CA GLN C 146 -43.37 37.72 35.56
C GLN C 146 -42.66 36.46 35.94
N VAL C 147 -43.14 35.78 36.99
CA VAL C 147 -42.52 34.56 37.40
C VAL C 147 -42.66 33.62 36.24
N GLY C 148 -43.85 33.63 35.62
CA GLY C 148 -44.12 32.74 34.53
C GLY C 148 -43.17 33.04 33.43
N THR C 149 -42.90 34.34 33.19
CA THR C 149 -42.08 34.73 32.08
C THR C 149 -40.72 34.18 32.29
N ILE C 150 -40.24 34.16 33.54
CA ILE C 150 -38.90 33.72 33.78
C ILE C 150 -38.80 32.29 33.34
N SER C 151 -39.78 31.46 33.73
CA SER C 151 -39.79 30.09 33.29
C SER C 151 -39.99 30.13 31.81
N ALA C 152 -40.71 31.16 31.35
CA ALA C 152 -41.06 31.31 29.96
C ALA C 152 -39.79 31.45 29.19
N ASN C 153 -38.77 32.08 29.79
CA ASN C 153 -37.65 32.50 29.01
C ASN C 153 -38.19 33.39 27.94
N SER C 154 -38.87 34.46 28.40
CA SER C 154 -39.48 35.43 27.53
C SER C 154 -40.47 34.75 26.66
N ASP C 155 -41.16 33.73 27.21
CA ASP C 155 -42.35 33.29 26.52
C ASP C 155 -43.47 34.03 27.15
N GLU C 156 -43.94 35.10 26.48
CA GLU C 156 -44.94 35.94 27.06
C GLU C 156 -46.18 35.12 27.22
N THR C 157 -46.48 34.30 26.20
CA THR C 157 -47.73 33.60 26.17
C THR C 157 -47.79 32.70 27.36
N VAL C 158 -46.69 31.98 27.65
CA VAL C 158 -46.73 31.00 28.67
C VAL C 158 -47.06 31.69 29.96
N GLY C 159 -46.39 32.82 30.23
CA GLY C 159 -46.59 33.47 31.49
C GLY C 159 -48.02 33.89 31.55
N LYS C 160 -48.54 34.43 30.44
CA LYS C 160 -49.88 34.93 30.44
C LYS C 160 -50.78 33.77 30.71
N LEU C 161 -50.53 32.64 30.02
CA LEU C 161 -51.39 31.51 30.14
C LEU C 161 -51.37 31.06 31.55
N ILE C 162 -50.16 31.00 32.14
CA ILE C 162 -50.06 30.49 33.48
C ILE C 162 -50.83 31.37 34.37
N ALA C 163 -50.65 32.70 34.22
CA ALA C 163 -51.32 33.62 35.10
C ALA C 163 -52.78 33.45 34.90
N GLU C 164 -53.21 33.39 33.63
CA GLU C 164 -54.63 33.36 33.36
C GLU C 164 -55.19 32.11 33.95
N ALA C 165 -54.50 30.98 33.73
CA ALA C 165 -54.99 29.73 34.22
C ALA C 165 -55.01 29.82 35.71
N MET C 166 -53.95 30.40 36.28
CA MET C 166 -53.79 30.43 37.71
C MET C 166 -54.91 31.22 38.27
N ASP C 167 -55.25 32.35 37.63
CA ASP C 167 -56.25 33.20 38.23
C ASP C 167 -57.53 32.43 38.32
N LYS C 168 -57.96 31.81 37.21
CA LYS C 168 -59.25 31.21 37.17
C LYS C 168 -59.29 30.08 38.14
N VAL C 169 -58.28 29.20 38.07
CA VAL C 169 -58.26 28.02 38.89
C VAL C 169 -58.15 28.45 40.31
N GLY C 170 -57.31 29.48 40.54
CA GLY C 170 -56.90 29.83 41.87
C GLY C 170 -55.52 29.28 42.03
N LYS C 171 -54.69 29.96 42.83
CA LYS C 171 -53.33 29.53 42.96
C LYS C 171 -53.35 28.16 43.55
N GLU C 172 -54.19 27.97 44.58
CA GLU C 172 -54.24 26.72 45.27
C GLU C 172 -54.70 25.68 44.30
N GLY C 173 -55.68 26.02 43.45
CA GLY C 173 -56.25 25.03 42.60
C GLY C 173 -55.17 24.54 41.69
N VAL C 174 -55.21 23.24 41.35
CA VAL C 174 -54.21 22.66 40.51
C VAL C 174 -54.55 23.01 39.11
N ILE C 175 -53.52 23.18 38.26
CA ILE C 175 -53.74 23.44 36.88
C ILE C 175 -53.10 22.32 36.12
N THR C 176 -53.78 21.83 35.07
CA THR C 176 -53.21 20.76 34.31
C THR C 176 -53.01 21.28 32.92
N VAL C 177 -52.00 20.74 32.21
CA VAL C 177 -51.75 21.19 30.89
C VAL C 177 -52.05 20.06 29.97
N GLU C 178 -52.67 20.39 28.81
CA GLU C 178 -52.96 19.41 27.82
C GLU C 178 -52.50 20.00 26.53
N ASP C 179 -52.31 19.16 25.50
CA ASP C 179 -51.89 19.68 24.24
C ASP C 179 -53.03 20.50 23.72
N GLY C 180 -52.72 21.57 22.97
CA GLY C 180 -53.76 22.44 22.54
C GLY C 180 -54.55 21.72 21.49
N THR C 181 -55.87 21.98 21.44
CA THR C 181 -56.68 21.43 20.40
C THR C 181 -56.22 22.02 19.11
N GLY C 182 -55.96 23.34 19.13
CA GLY C 182 -55.58 24.02 17.92
C GLY C 182 -54.53 25.01 18.29
N LEU C 183 -54.17 25.88 17.32
CA LEU C 183 -53.10 26.81 17.52
C LEU C 183 -53.48 27.72 18.64
N GLN C 184 -54.75 28.14 18.70
CA GLN C 184 -55.13 29.00 19.76
C GLN C 184 -55.21 28.17 21.00
N ASP C 185 -54.75 28.72 22.14
CA ASP C 185 -54.82 27.99 23.37
C ASP C 185 -56.26 28.01 23.80
N GLU C 186 -56.67 26.99 24.57
CA GLU C 186 -57.98 27.04 25.15
C GLU C 186 -57.81 26.78 26.61
N LEU C 187 -58.52 27.56 27.44
CA LEU C 187 -58.53 27.26 28.84
C LEU C 187 -59.91 26.80 29.16
N ASP C 188 -60.04 25.54 29.62
CA ASP C 188 -61.34 25.05 29.96
C ASP C 188 -61.28 24.54 31.35
N VAL C 189 -62.35 24.76 32.13
CA VAL C 189 -62.45 24.08 33.38
C VAL C 189 -62.79 22.66 33.02
N VAL C 190 -62.23 21.69 33.76
CA VAL C 190 -62.41 20.33 33.36
C VAL C 190 -63.29 19.67 34.37
N GLU C 191 -64.11 18.72 33.92
CA GLU C 191 -64.92 17.96 34.83
C GLU C 191 -64.25 16.64 35.00
N GLY C 192 -64.21 16.14 36.25
CA GLY C 192 -63.61 14.86 36.49
C GLY C 192 -63.00 14.91 37.85
N MET C 193 -62.48 13.77 38.33
CA MET C 193 -61.88 13.73 39.62
C MET C 193 -60.53 13.13 39.47
N GLN C 194 -59.59 13.53 40.36
CA GLN C 194 -58.30 12.93 40.36
C GLN C 194 -58.09 12.34 41.72
N PHE C 195 -57.49 11.14 41.79
CA PHE C 195 -57.25 10.51 43.06
C PHE C 195 -55.83 10.08 43.06
N ASP C 196 -55.13 10.20 44.20
CA ASP C 196 -53.73 9.91 44.17
C ASP C 196 -53.57 8.44 44.33
N ARG C 197 -53.22 7.76 43.22
CA ARG C 197 -52.94 6.35 43.32
C ARG C 197 -51.75 6.08 42.45
N GLY C 198 -50.95 5.06 42.82
CA GLY C 198 -49.77 4.76 42.08
C GLY C 198 -50.12 3.86 40.96
N TYR C 199 -49.15 3.64 40.05
CA TYR C 199 -49.29 2.61 39.07
C TYR C 199 -48.68 1.39 39.65
N LEU C 200 -49.35 0.23 39.49
CA LEU C 200 -48.91 -0.93 40.19
C LEU C 200 -47.52 -1.25 39.73
N SER C 201 -47.30 -1.25 38.41
CA SER C 201 -45.99 -1.60 37.94
C SER C 201 -45.59 -0.63 36.89
N PRO C 202 -44.30 -0.42 36.81
CA PRO C 202 -43.70 0.43 35.83
C PRO C 202 -43.97 -0.16 34.48
N TYR C 203 -44.32 -1.46 34.44
CA TYR C 203 -44.60 -2.12 33.20
C TYR C 203 -45.81 -1.43 32.64
N PHE C 204 -46.76 -1.11 33.52
CA PHE C 204 -47.97 -0.47 33.14
C PHE C 204 -47.60 0.84 32.54
N ILE C 205 -46.55 1.48 33.11
CA ILE C 205 -46.10 2.79 32.73
C ILE C 205 -46.03 2.87 31.24
N ASN C 206 -46.55 4.00 30.72
CA ASN C 206 -46.78 4.14 29.31
C ASN C 206 -45.48 4.43 28.63
N LYS C 207 -45.54 4.54 27.30
CA LYS C 207 -44.39 4.77 26.48
C LYS C 207 -43.71 6.05 26.88
N PRO C 208 -44.38 7.15 27.10
CA PRO C 208 -43.69 8.41 27.14
C PRO C 208 -42.68 8.48 28.24
N GLU C 209 -41.70 9.39 28.09
CA GLU C 209 -40.55 9.46 28.95
C GLU C 209 -41.03 9.73 30.33
N THR C 210 -42.07 10.57 30.46
CA THR C 210 -42.55 10.94 31.76
C THR C 210 -42.92 9.68 32.45
N GLY C 211 -43.58 8.76 31.71
CA GLY C 211 -43.88 7.49 32.29
C GLY C 211 -45.27 7.57 32.82
N ALA C 212 -45.88 8.76 32.77
CA ALA C 212 -47.27 8.82 33.08
C ALA C 212 -47.96 8.09 31.98
N VAL C 213 -49.03 7.37 32.31
CA VAL C 213 -49.66 6.60 31.29
C VAL C 213 -50.93 7.30 30.92
N GLU C 214 -51.14 7.51 29.61
CA GLU C 214 -52.36 8.12 29.20
C GLU C 214 -53.09 7.11 28.37
N LEU C 215 -54.39 6.95 28.62
CA LEU C 215 -55.17 6.03 27.85
C LEU C 215 -56.13 6.83 27.05
N GLU C 216 -56.39 6.42 25.80
CA GLU C 216 -57.33 7.13 25.01
C GLU C 216 -58.64 6.44 25.16
N SER C 217 -59.69 7.22 25.47
CA SER C 217 -61.00 6.69 25.74
C SER C 217 -60.89 5.52 26.67
N PRO C 218 -60.32 5.63 27.85
CA PRO C 218 -60.09 4.48 28.66
C PRO C 218 -61.41 3.93 29.10
N PHE C 219 -61.45 2.64 29.46
CA PHE C 219 -62.63 2.10 30.08
C PHE C 219 -62.27 1.93 31.52
N ILE C 220 -63.23 2.18 32.42
CA ILE C 220 -62.88 2.08 33.81
C ILE C 220 -63.70 0.99 34.39
N LEU C 221 -63.02 0.00 35.00
CA LEU C 221 -63.73 -1.00 35.76
C LEU C 221 -63.40 -0.73 37.19
N LEU C 222 -64.43 -0.57 38.03
CA LEU C 222 -64.17 -0.31 39.41
C LEU C 222 -64.64 -1.49 40.18
N ALA C 223 -63.78 -2.01 41.09
CA ALA C 223 -64.25 -3.00 42.00
C ALA C 223 -63.93 -2.49 43.36
N ASP C 224 -64.90 -2.57 44.28
CA ASP C 224 -64.62 -2.19 45.63
C ASP C 224 -63.61 -3.17 46.14
N LYS C 225 -63.86 -4.46 45.84
CA LYS C 225 -62.99 -5.50 46.32
C LYS C 225 -61.75 -5.48 45.49
N LYS C 226 -60.65 -5.93 46.09
CA LYS C 226 -59.39 -6.00 45.40
C LYS C 226 -59.50 -7.10 44.41
N ILE C 227 -58.67 -7.06 43.35
CA ILE C 227 -58.75 -8.08 42.35
C ILE C 227 -57.70 -9.08 42.69
N SER C 228 -58.12 -10.21 43.28
CA SER C 228 -57.20 -11.20 43.73
C SER C 228 -56.51 -11.79 42.55
N ASN C 229 -57.29 -12.30 41.58
CA ASN C 229 -56.70 -13.16 40.60
C ASN C 229 -57.18 -12.77 39.24
N ILE C 230 -56.52 -13.31 38.21
CA ILE C 230 -56.84 -13.05 36.84
C ILE C 230 -58.22 -13.58 36.56
N ARG C 231 -58.54 -14.76 37.11
CA ARG C 231 -59.69 -15.50 36.65
C ARG C 231 -60.90 -14.66 36.83
N GLU C 232 -61.03 -14.00 37.99
CA GLU C 232 -62.17 -13.18 38.23
C GLU C 232 -62.16 -12.08 37.20
N MET C 233 -60.95 -11.56 36.92
CA MET C 233 -60.77 -10.46 36.02
C MET C 233 -61.20 -10.90 34.65
N LEU C 234 -60.97 -12.18 34.31
CA LEU C 234 -60.93 -12.61 32.95
C LEU C 234 -62.23 -12.29 32.28
N PRO C 235 -63.36 -12.57 32.86
CA PRO C 235 -64.59 -12.35 32.16
C PRO C 235 -64.75 -10.91 31.83
N VAL C 236 -64.17 -10.01 32.65
CA VAL C 236 -64.18 -8.61 32.34
C VAL C 236 -63.37 -8.43 31.11
N LEU C 237 -62.21 -9.13 31.08
CA LEU C 237 -61.24 -9.03 30.02
C LEU C 237 -61.88 -9.49 28.75
N GLU C 238 -62.72 -10.53 28.81
CA GLU C 238 -63.30 -11.03 27.59
C GLU C 238 -64.09 -9.92 26.99
N ALA C 239 -64.84 -9.18 27.84
CA ALA C 239 -65.58 -8.05 27.38
C ALA C 239 -64.58 -7.09 26.82
N VAL C 240 -63.41 -6.91 27.48
CA VAL C 240 -62.34 -5.99 27.12
C VAL C 240 -61.31 -6.40 26.02
N ALA C 241 -61.19 -7.67 25.62
CA ALA C 241 -60.34 -8.26 24.61
C ALA C 241 -61.22 -8.67 23.45
N LYS C 242 -62.53 -8.65 23.73
CA LYS C 242 -63.56 -8.10 22.90
C LYS C 242 -63.67 -6.62 23.17
N ALA C 243 -62.51 -5.92 23.30
CA ALA C 243 -62.36 -4.48 23.41
C ALA C 243 -61.00 -3.95 22.92
N GLY C 244 -60.21 -3.07 23.60
CA GLY C 244 -58.99 -2.55 22.94
C GLY C 244 -58.44 -1.18 23.27
N LYS C 245 -59.22 -0.08 23.11
CA LYS C 245 -58.84 1.25 23.58
C LYS C 245 -58.70 1.16 25.09
N PRO C 246 -57.64 1.73 25.64
CA PRO C 246 -57.03 1.25 26.86
C PRO C 246 -57.91 1.12 28.05
N LEU C 247 -58.05 -0.08 28.53
CA LEU C 247 -58.79 -0.42 29.71
C LEU C 247 -57.99 0.03 30.89
N LEU C 248 -58.68 0.66 31.85
CA LEU C 248 -58.10 0.97 33.12
C LEU C 248 -58.83 0.13 34.11
N ILE C 249 -58.11 -0.43 35.09
CA ILE C 249 -58.75 -1.26 36.06
C ILE C 249 -58.50 -0.65 37.39
N ILE C 250 -59.55 -0.60 38.24
CA ILE C 250 -59.35 -0.11 39.56
C ILE C 250 -59.59 -1.26 40.48
N ALA C 251 -58.59 -1.56 41.33
CA ALA C 251 -58.76 -2.63 42.28
C ALA C 251 -58.38 -2.07 43.60
N GLU C 252 -59.02 -2.57 44.68
CA GLU C 252 -58.72 -2.04 45.97
C GLU C 252 -57.27 -2.34 46.22
N ASP C 253 -56.87 -3.61 46.02
CA ASP C 253 -55.50 -3.97 46.21
C ASP C 253 -55.16 -4.98 45.18
N VAL C 254 -53.89 -5.03 44.76
CA VAL C 254 -53.49 -6.19 44.01
C VAL C 254 -52.32 -6.78 44.74
N GLU C 255 -52.39 -8.08 45.03
CA GLU C 255 -51.20 -8.72 45.51
C GLU C 255 -50.35 -8.90 44.30
N GLY C 256 -49.19 -8.22 44.32
CA GLY C 256 -48.28 -8.16 43.18
C GLY C 256 -47.52 -9.44 43.20
N GLU C 257 -47.69 -10.12 44.35
CA GLU C 257 -48.09 -11.49 44.49
C GLU C 257 -49.47 -11.71 43.80
N ALA C 258 -50.63 -12.06 44.43
CA ALA C 258 -51.87 -12.59 43.79
C ALA C 258 -52.27 -12.30 42.31
N LEU C 259 -52.27 -11.06 41.83
CA LEU C 259 -52.73 -10.77 40.49
C LEU C 259 -51.67 -11.01 39.41
N ALA C 260 -50.42 -10.58 39.69
CA ALA C 260 -49.44 -10.25 38.67
C ALA C 260 -48.95 -11.39 37.77
N THR C 261 -48.61 -12.55 38.34
CA THR C 261 -48.07 -13.72 37.71
C THR C 261 -49.09 -14.24 36.76
N LEU C 262 -50.33 -14.42 37.25
CA LEU C 262 -51.33 -14.98 36.40
C LEU C 262 -51.60 -14.01 35.29
N VAL C 263 -51.75 -12.71 35.65
CA VAL C 263 -52.20 -11.77 34.67
C VAL C 263 -51.18 -11.69 33.58
N VAL C 264 -49.91 -11.48 33.94
CA VAL C 264 -48.95 -11.19 32.92
C VAL C 264 -48.84 -12.38 32.03
N ASN C 265 -48.55 -13.55 32.61
CA ASN C 265 -48.28 -14.69 31.79
C ASN C 265 -49.53 -15.09 31.09
N THR C 266 -50.62 -15.28 31.87
CA THR C 266 -51.82 -15.84 31.32
C THR C 266 -52.40 -14.88 30.34
N MET C 267 -52.45 -13.59 30.72
CA MET C 267 -53.19 -12.64 29.95
C MET C 267 -52.31 -12.10 28.88
N ARG C 268 -52.83 -12.06 27.65
CA ARG C 268 -52.09 -11.50 26.55
C ARG C 268 -51.85 -10.07 26.88
N GLY C 269 -52.89 -9.38 27.37
CA GLY C 269 -52.73 -8.01 27.72
C GLY C 269 -52.64 -7.24 26.45
N ILE C 270 -53.24 -7.77 25.37
CA ILE C 270 -53.13 -7.12 24.10
C ILE C 270 -53.77 -5.78 24.23
N VAL C 271 -54.97 -5.75 24.86
CA VAL C 271 -55.61 -4.48 25.05
C VAL C 271 -54.84 -3.77 26.10
N LYS C 272 -54.74 -2.44 25.98
CA LYS C 272 -53.97 -1.71 26.94
C LYS C 272 -54.67 -1.83 28.25
N VAL C 273 -53.90 -2.10 29.31
CA VAL C 273 -54.53 -2.21 30.60
C VAL C 273 -53.72 -1.40 31.56
N ALA C 274 -54.39 -0.83 32.57
CA ALA C 274 -53.70 -0.17 33.63
C ALA C 274 -54.37 -0.60 34.89
N ALA C 275 -53.64 -0.61 36.01
CA ALA C 275 -54.28 -0.96 37.24
C ALA C 275 -53.99 0.12 38.23
N VAL C 276 -54.99 0.47 39.06
CA VAL C 276 -54.76 1.42 40.11
C VAL C 276 -55.45 0.90 41.32
N LYS C 277 -54.93 1.25 42.51
CA LYS C 277 -55.60 0.87 43.71
C LYS C 277 -56.75 1.80 43.88
N ALA C 278 -57.86 1.31 44.44
CA ALA C 278 -58.99 2.17 44.63
C ALA C 278 -58.64 3.16 45.69
N PRO C 279 -59.06 4.37 45.50
CA PRO C 279 -58.65 5.45 46.34
C PRO C 279 -59.25 5.25 47.70
N GLY C 280 -58.55 5.72 48.75
CA GLY C 280 -59.13 5.68 50.05
C GLY C 280 -59.09 4.27 50.53
N PHE C 281 -59.57 4.05 51.77
CA PHE C 281 -59.71 2.72 52.27
C PHE C 281 -60.97 2.69 53.08
N GLY C 282 -61.49 1.47 53.31
CA GLY C 282 -62.64 1.34 54.17
C GLY C 282 -63.83 1.89 53.45
N ASP C 283 -64.81 2.39 54.23
CA ASP C 283 -66.03 2.89 53.69
C ASP C 283 -65.70 4.04 52.82
N ARG C 284 -64.73 4.87 53.27
CA ARG C 284 -64.40 6.06 52.54
C ARG C 284 -63.94 5.62 51.19
N ARG C 285 -63.15 4.53 51.15
CA ARG C 285 -62.64 4.06 49.89
C ARG C 285 -63.80 3.72 49.04
N LYS C 286 -64.80 3.02 49.62
CA LYS C 286 -65.94 2.62 48.86
C LYS C 286 -66.60 3.86 48.36
N ALA C 287 -66.72 4.86 49.25
CA ALA C 287 -67.41 6.07 48.92
C ALA C 287 -66.70 6.70 47.78
N MET C 288 -65.35 6.69 47.83
CA MET C 288 -64.57 7.31 46.80
C MET C 288 -64.87 6.56 45.54
N LEU C 289 -64.96 5.22 45.65
CA LEU C 289 -65.19 4.42 44.48
C LEU C 289 -66.50 4.83 43.92
N GLN C 290 -67.50 5.04 44.79
CA GLN C 290 -68.81 5.37 44.32
C GLN C 290 -68.71 6.67 43.60
N ASP C 291 -67.95 7.63 44.15
CA ASP C 291 -67.85 8.92 43.54
C ASP C 291 -67.23 8.73 42.20
N ILE C 292 -66.18 7.89 42.13
CA ILE C 292 -65.50 7.68 40.88
C ILE C 292 -66.48 7.09 39.93
N ALA C 293 -67.26 6.10 40.42
CA ALA C 293 -68.12 5.34 39.56
C ALA C 293 -69.10 6.29 38.95
N THR C 294 -69.64 7.22 39.75
CA THR C 294 -70.61 8.12 39.22
C THR C 294 -69.95 8.95 38.17
N LEU C 295 -68.73 9.44 38.46
CA LEU C 295 -68.07 10.33 37.56
C LEU C 295 -67.82 9.57 36.29
N THR C 296 -67.34 8.33 36.41
CA THR C 296 -67.06 7.55 35.25
C THR C 296 -68.35 7.33 34.53
N GLY C 297 -69.43 7.08 35.30
CA GLY C 297 -70.68 6.75 34.70
C GLY C 297 -70.75 5.27 34.65
N GLY C 298 -69.66 4.59 35.05
CA GLY C 298 -69.66 3.16 35.10
C GLY C 298 -70.25 2.78 36.42
N THR C 299 -70.34 1.47 36.67
CA THR C 299 -70.87 1.01 37.92
C THR C 299 -69.80 0.22 38.58
N VAL C 300 -69.88 0.09 39.92
CA VAL C 300 -68.89 -0.63 40.65
C VAL C 300 -69.52 -1.89 41.12
N ILE C 301 -68.73 -2.97 41.20
CA ILE C 301 -69.25 -4.22 41.65
C ILE C 301 -68.54 -4.57 42.90
N SER C 302 -69.29 -4.99 43.93
CA SER C 302 -68.66 -5.38 45.16
C SER C 302 -69.22 -6.70 45.54
N GLU C 303 -68.48 -7.43 46.40
CA GLU C 303 -68.91 -8.72 46.86
C GLU C 303 -70.17 -8.51 47.62
N GLU C 304 -70.22 -7.42 48.42
CA GLU C 304 -71.35 -7.19 49.26
C GLU C 304 -72.54 -7.05 48.37
N ILE C 305 -72.37 -6.33 47.25
CA ILE C 305 -73.45 -6.22 46.31
C ILE C 305 -73.73 -7.60 45.83
N GLY C 306 -72.66 -8.37 45.55
CA GLY C 306 -72.84 -9.70 45.08
C GLY C 306 -72.86 -9.66 43.59
N MET C 307 -72.61 -8.46 43.02
CA MET C 307 -72.49 -8.38 41.60
C MET C 307 -71.24 -9.11 41.25
N GLU C 308 -71.21 -9.71 40.04
CA GLU C 308 -70.05 -10.47 39.67
C GLU C 308 -69.30 -9.68 38.65
N LEU C 309 -67.96 -9.73 38.71
CA LEU C 309 -67.15 -9.04 37.76
C LEU C 309 -67.45 -9.66 36.44
N GLU C 310 -67.54 -11.00 36.42
CA GLU C 310 -67.79 -11.71 35.20
C GLU C 310 -69.11 -11.26 34.70
N LYS C 311 -70.09 -11.15 35.61
CA LYS C 311 -71.42 -10.77 35.22
C LYS C 311 -71.34 -9.39 34.64
N ALA C 312 -70.56 -8.50 35.27
CA ALA C 312 -70.56 -7.14 34.84
C ALA C 312 -70.11 -7.12 33.41
N THR C 313 -70.76 -6.25 32.60
CA THR C 313 -70.44 -6.17 31.22
C THR C 313 -69.55 -4.99 31.01
N LEU C 314 -69.29 -4.67 29.73
CA LEU C 314 -68.51 -3.52 29.37
C LEU C 314 -69.27 -2.32 29.82
N GLU C 315 -70.62 -2.38 29.68
CA GLU C 315 -71.45 -1.24 29.92
C GLU C 315 -71.22 -0.81 31.33
N ASP C 316 -71.09 -1.79 32.24
CA ASP C 316 -70.90 -1.45 33.62
C ASP C 316 -69.65 -0.65 33.69
N LEU C 317 -68.63 -1.04 32.91
CA LEU C 317 -67.41 -0.29 32.96
C LEU C 317 -67.68 1.06 32.40
N GLY C 318 -67.12 2.10 33.03
CA GLY C 318 -67.31 3.43 32.55
C GLY C 318 -66.31 3.67 31.48
N GLN C 319 -66.37 4.85 30.85
CA GLN C 319 -65.35 5.21 29.91
C GLN C 319 -64.86 6.56 30.30
N ALA C 320 -63.58 6.84 29.97
CA ALA C 320 -63.05 8.15 30.22
C ALA C 320 -62.57 8.66 28.90
N LYS C 321 -62.55 9.99 28.73
CA LYS C 321 -62.05 10.51 27.49
C LYS C 321 -60.62 10.15 27.40
N ARG C 322 -59.85 10.38 28.49
CA ARG C 322 -58.49 9.95 28.53
C ARG C 322 -58.14 9.83 29.98
N VAL C 323 -57.16 8.96 30.30
CA VAL C 323 -56.72 8.89 31.66
C VAL C 323 -55.25 9.10 31.67
N VAL C 324 -54.74 9.82 32.68
CA VAL C 324 -53.32 9.94 32.83
C VAL C 324 -53.00 9.38 34.17
N ILE C 325 -51.91 8.58 34.25
CA ILE C 325 -51.55 8.02 35.50
C ILE C 325 -50.11 8.34 35.75
N ASN C 326 -49.79 8.75 36.98
CA ASN C 326 -48.41 8.86 37.37
C ASN C 326 -48.26 8.07 38.63
N LYS C 327 -47.01 7.84 39.06
CA LYS C 327 -46.81 7.00 40.20
C LYS C 327 -47.47 7.64 41.37
N ASP C 328 -47.30 8.96 41.53
CA ASP C 328 -47.84 9.57 42.70
C ASP C 328 -49.33 9.45 42.67
N THR C 329 -49.94 9.75 41.51
CA THR C 329 -51.37 9.89 41.49
C THR C 329 -51.89 9.36 40.19
N THR C 330 -53.17 8.96 40.16
CA THR C 330 -53.76 8.57 38.90
C THR C 330 -54.96 9.44 38.68
N THR C 331 -55.08 10.04 37.49
CA THR C 331 -56.21 10.92 37.32
C THR C 331 -56.93 10.51 36.09
N ILE C 332 -58.23 10.87 36.02
CA ILE C 332 -58.97 10.71 34.80
C ILE C 332 -59.28 12.09 34.35
N ILE C 333 -58.88 12.43 33.11
CA ILE C 333 -59.02 13.79 32.68
C ILE C 333 -60.48 14.10 32.65
N ASP C 334 -61.27 13.23 32.00
CA ASP C 334 -62.69 13.48 31.97
C ASP C 334 -63.38 12.16 31.83
N GLY C 335 -64.17 11.78 32.85
CA GLY C 335 -65.03 10.65 32.66
C GLY C 335 -66.17 11.13 31.85
N VAL C 336 -66.82 10.23 31.07
CA VAL C 336 -67.94 10.70 30.33
C VAL C 336 -68.95 11.15 31.33
N GLY C 337 -69.28 10.27 32.29
CA GLY C 337 -70.07 10.66 33.42
C GLY C 337 -71.44 11.00 32.91
N GLU C 338 -72.31 11.44 33.83
CA GLU C 338 -73.54 12.06 33.45
C GLU C 338 -73.51 13.41 34.09
N GLU C 339 -73.94 14.45 33.36
CA GLU C 339 -73.85 15.76 33.92
C GLU C 339 -74.73 15.78 35.13
N ALA C 340 -75.97 15.28 34.97
CA ALA C 340 -76.89 15.28 36.07
C ALA C 340 -76.34 14.40 37.14
N ALA C 341 -75.81 13.23 36.74
CA ALA C 341 -75.43 12.24 37.70
C ALA C 341 -74.33 12.82 38.53
N ILE C 342 -73.36 13.49 37.89
CA ILE C 342 -72.23 13.98 38.61
C ILE C 342 -72.72 14.97 39.61
N GLN C 343 -73.60 15.89 39.15
CA GLN C 343 -74.03 16.95 40.00
C GLN C 343 -74.77 16.35 41.15
N GLY C 344 -75.63 15.35 40.86
CA GLY C 344 -76.48 14.82 41.88
C GLY C 344 -75.60 14.22 42.94
N ARG C 345 -74.56 13.49 42.52
CA ARG C 345 -73.73 12.82 43.47
C ARG C 345 -73.08 13.86 44.33
N VAL C 346 -72.61 14.95 43.70
CA VAL C 346 -71.90 15.94 44.45
C VAL C 346 -72.82 16.46 45.48
N ALA C 347 -74.07 16.76 45.09
CA ALA C 347 -75.00 17.35 46.01
C ALA C 347 -75.20 16.37 47.13
N GLN C 348 -75.35 15.08 46.80
CA GLN C 348 -75.65 14.11 47.81
C GLN C 348 -74.52 14.09 48.78
N ILE C 349 -73.28 14.09 48.26
CA ILE C 349 -72.13 14.02 49.11
C ILE C 349 -72.13 15.26 49.94
N ARG C 350 -72.41 16.41 49.31
CA ARG C 350 -72.34 17.67 49.98
C ARG C 350 -73.31 17.62 51.12
N GLN C 351 -74.51 17.07 50.86
CA GLN C 351 -75.49 17.01 51.89
C GLN C 351 -74.92 16.16 52.99
N GLN C 352 -74.23 15.08 52.60
CA GLN C 352 -73.68 14.17 53.57
C GLN C 352 -72.71 14.94 54.40
N ILE C 353 -71.92 15.82 53.76
CA ILE C 353 -70.88 16.48 54.47
C ILE C 353 -71.51 17.27 55.56
N GLU C 354 -72.59 18.01 55.23
CA GLU C 354 -73.25 18.80 56.22
C GLU C 354 -73.81 17.87 57.23
N GLU C 355 -74.39 16.74 56.76
CA GLU C 355 -75.14 15.89 57.64
C GLU C 355 -74.22 15.40 58.71
N ALA C 356 -73.00 14.97 58.35
CA ALA C 356 -72.17 14.35 59.33
C ALA C 356 -71.87 15.36 60.37
N THR C 357 -72.06 14.98 61.64
CA THR C 357 -71.72 15.84 62.74
C THR C 357 -70.23 15.97 62.78
N SER C 358 -69.52 14.83 62.62
CA SER C 358 -68.13 14.80 62.92
C SER C 358 -67.38 15.56 61.87
N ASP C 359 -66.24 16.14 62.27
CA ASP C 359 -65.37 16.82 61.36
C ASP C 359 -64.83 15.78 60.43
N TYR C 360 -64.48 14.60 60.98
CA TYR C 360 -63.81 13.59 60.20
C TYR C 360 -64.73 13.20 59.10
N ASP C 361 -66.01 12.97 59.43
CA ASP C 361 -66.93 12.52 58.44
C ASP C 361 -67.03 13.62 57.43
N ARG C 362 -67.08 14.88 57.92
CA ARG C 362 -67.26 15.99 57.03
C ARG C 362 -66.11 16.02 56.09
N GLU C 363 -64.88 15.81 56.63
CA GLU C 363 -63.71 15.99 55.84
C GLU C 363 -63.73 15.00 54.72
N LYS C 364 -64.08 13.73 55.02
CA LYS C 364 -64.01 12.74 54.00
C LYS C 364 -64.97 13.11 52.91
N LEU C 365 -66.19 13.49 53.31
CA LEU C 365 -67.20 13.80 52.34
C LEU C 365 -66.75 15.00 51.57
N GLN C 366 -66.24 16.03 52.28
CA GLN C 366 -65.90 17.27 51.64
C GLN C 366 -64.81 16.99 50.67
N GLU C 367 -63.86 16.13 51.05
CA GLU C 367 -62.78 15.83 50.15
C GLU C 367 -63.40 15.22 48.94
N ARG C 368 -64.36 14.30 49.16
CA ARG C 368 -64.93 13.59 48.05
C ARG C 368 -65.61 14.56 47.15
N VAL C 369 -66.41 15.48 47.72
CA VAL C 369 -67.16 16.38 46.88
C VAL C 369 -66.18 17.22 46.13
N ALA C 370 -65.11 17.66 46.81
CA ALA C 370 -64.20 18.59 46.21
C ALA C 370 -63.62 17.93 45.01
N LYS C 371 -63.28 16.63 45.14
CA LYS C 371 -62.63 15.96 44.06
C LYS C 371 -63.56 15.95 42.88
N LEU C 372 -64.86 15.70 43.13
CA LEU C 372 -65.74 15.49 42.03
C LEU C 372 -65.77 16.73 41.21
N ALA C 373 -65.92 17.90 41.85
CA ALA C 373 -65.88 19.10 41.07
C ALA C 373 -64.50 19.14 40.50
N GLY C 374 -63.50 18.88 41.35
CA GLY C 374 -62.15 18.67 40.94
C GLY C 374 -61.44 19.98 41.04
N GLY C 375 -62.15 21.07 40.70
CA GLY C 375 -61.56 22.37 40.79
C GLY C 375 -60.46 22.41 39.78
N VAL C 376 -60.48 21.45 38.83
CA VAL C 376 -59.37 21.28 37.95
C VAL C 376 -59.52 22.24 36.81
N ALA C 377 -58.38 22.76 36.32
CA ALA C 377 -58.40 23.58 35.14
C ALA C 377 -57.49 22.93 34.17
N VAL C 378 -57.83 23.01 32.87
CA VAL C 378 -56.99 22.43 31.87
C VAL C 378 -56.54 23.54 30.98
N ILE C 379 -55.27 23.48 30.54
CA ILE C 379 -54.77 24.49 29.65
C ILE C 379 -54.37 23.80 28.39
N LYS C 380 -54.77 24.35 27.24
CA LYS C 380 -54.34 23.77 26.00
C LYS C 380 -53.35 24.71 25.41
N VAL C 381 -52.29 24.16 24.79
CA VAL C 381 -51.34 25.03 24.16
C VAL C 381 -51.43 24.80 22.70
N GLY C 382 -51.63 25.89 21.94
CA GLY C 382 -51.62 25.74 20.51
C GLY C 382 -50.21 25.87 20.06
N ALA C 383 -49.95 25.54 18.78
CA ALA C 383 -48.64 25.73 18.26
C ALA C 383 -48.77 25.88 16.78
N ALA C 384 -47.74 26.49 16.15
CA ALA C 384 -47.73 26.56 14.72
C ALA C 384 -47.68 25.17 14.23
N THR C 385 -46.81 24.34 14.86
CA THR C 385 -46.67 22.99 14.45
C THR C 385 -46.83 22.14 15.66
N GLU C 386 -47.02 20.82 15.44
CA GLU C 386 -47.22 19.91 16.53
C GLU C 386 -45.98 19.93 17.36
N VAL C 387 -44.82 19.93 16.69
CA VAL C 387 -43.57 19.86 17.39
C VAL C 387 -43.49 21.04 18.29
N GLU C 388 -43.84 22.22 17.76
CA GLU C 388 -43.72 23.42 18.53
C GLU C 388 -44.59 23.29 19.73
N MET C 389 -45.79 22.73 19.54
CA MET C 389 -46.75 22.68 20.60
C MET C 389 -46.17 21.86 21.69
N LYS C 390 -45.53 20.73 21.34
CA LYS C 390 -44.98 19.87 22.34
C LYS C 390 -43.96 20.64 23.09
N GLU C 391 -43.10 21.38 22.35
CA GLU C 391 -42.05 22.10 23.00
C GLU C 391 -42.66 23.11 23.90
N LYS C 392 -43.69 23.82 23.40
CA LYS C 392 -44.28 24.87 24.17
C LYS C 392 -44.89 24.28 25.39
N LYS C 393 -45.55 23.12 25.23
CA LYS C 393 -46.28 22.54 26.31
C LYS C 393 -45.29 22.23 27.41
N ALA C 394 -44.14 21.67 27.04
CA ALA C 394 -43.19 21.26 28.03
C ALA C 394 -42.78 22.48 28.77
N ARG C 395 -42.53 23.58 28.04
CA ARG C 395 -42.07 24.78 28.67
C ARG C 395 -43.14 25.25 29.60
N VAL C 396 -44.41 25.18 29.14
CA VAL C 396 -45.49 25.69 29.92
C VAL C 396 -45.53 24.94 31.21
N GLU C 397 -45.39 23.60 31.13
CA GLU C 397 -45.55 22.80 32.30
C GLU C 397 -44.50 23.21 33.27
N ALA C 398 -43.26 23.41 32.79
CA ALA C 398 -42.18 23.71 33.68
C ALA C 398 -42.51 25.00 34.36
N ALA C 399 -43.01 25.97 33.59
CA ALA C 399 -43.25 27.27 34.12
C ALA C 399 -44.26 27.13 35.21
N LEU C 400 -45.30 26.32 34.97
CA LEU C 400 -46.39 26.25 35.90
C LEU C 400 -45.86 25.77 37.21
N HIS C 401 -45.01 24.72 37.17
CA HIS C 401 -44.54 24.16 38.40
C HIS C 401 -43.76 25.23 39.10
N ALA C 402 -42.88 25.92 38.35
CA ALA C 402 -42.02 26.89 38.97
C ALA C 402 -42.88 27.94 39.57
N THR C 403 -43.93 28.38 38.84
CA THR C 403 -44.71 29.47 39.31
C THR C 403 -45.36 29.07 40.59
N ARG C 404 -45.94 27.85 40.61
CA ARG C 404 -46.68 27.45 41.77
C ARG C 404 -45.75 27.42 42.93
N ALA C 405 -44.55 26.84 42.74
CA ALA C 405 -43.63 26.74 43.83
C ALA C 405 -43.26 28.13 44.22
N ALA C 406 -43.04 29.00 43.22
CA ALA C 406 -42.50 30.29 43.48
C ALA C 406 -43.46 31.04 44.35
N VAL C 407 -44.76 30.97 44.03
CA VAL C 407 -45.70 31.79 44.74
C VAL C 407 -45.67 31.42 46.18
N GLU C 408 -45.73 30.12 46.50
CA GLU C 408 -45.86 29.71 47.87
C GLU C 408 -44.63 30.14 48.58
N GLU C 409 -43.46 29.89 47.97
CA GLU C 409 -42.22 30.19 48.63
C GLU C 409 -42.17 31.67 48.80
N GLY C 410 -42.66 32.41 47.80
CA GLY C 410 -42.41 33.80 47.72
C GLY C 410 -41.24 33.91 46.81
N VAL C 411 -41.02 35.09 46.22
CA VAL C 411 -39.99 35.07 45.23
C VAL C 411 -38.84 35.91 45.68
N VAL C 412 -37.63 35.38 45.48
CA VAL C 412 -36.43 36.13 45.75
C VAL C 412 -36.13 36.93 44.53
N ALA C 413 -35.29 37.96 44.68
CA ALA C 413 -34.98 38.80 43.56
C ALA C 413 -34.34 37.95 42.52
N GLY C 414 -34.63 38.24 41.24
CA GLY C 414 -34.09 37.45 40.18
C GLY C 414 -32.78 38.05 39.77
N GLY C 415 -32.20 37.51 38.69
CA GLY C 415 -30.98 38.07 38.16
C GLY C 415 -29.83 37.44 38.88
N GLY C 416 -30.11 36.46 39.74
CA GLY C 416 -29.04 35.83 40.45
C GLY C 416 -28.61 36.77 41.51
N VAL C 417 -29.46 37.76 41.80
CA VAL C 417 -29.15 38.75 42.78
C VAL C 417 -28.97 38.04 44.08
N ALA C 418 -29.88 37.10 44.40
CA ALA C 418 -29.77 36.42 45.65
C ALA C 418 -28.47 35.70 45.65
N LEU C 419 -28.13 35.07 44.51
CA LEU C 419 -26.97 34.25 44.45
C LEU C 419 -25.77 35.11 44.71
N ILE C 420 -25.69 36.27 44.04
CA ILE C 420 -24.53 37.08 44.20
C ILE C 420 -24.49 37.55 45.62
N ARG C 421 -25.65 37.98 46.15
CA ARG C 421 -25.68 38.59 47.45
C ARG C 421 -25.20 37.58 48.45
N VAL C 422 -25.70 36.34 48.34
CA VAL C 422 -25.40 35.35 49.34
C VAL C 422 -23.93 35.10 49.31
N ALA C 423 -23.34 35.09 48.11
CA ALA C 423 -21.97 34.64 47.97
C ALA C 423 -21.11 35.52 48.81
N SER C 424 -21.38 36.84 48.80
CA SER C 424 -20.54 37.75 49.51
C SER C 424 -20.53 37.34 50.95
N LYS C 425 -21.72 37.06 51.51
CA LYS C 425 -21.80 36.67 52.88
C LYS C 425 -21.06 35.39 53.02
N LEU C 426 -21.21 34.49 52.02
CA LEU C 426 -20.65 33.19 52.09
C LEU C 426 -19.16 33.32 52.16
N ALA C 427 -18.62 34.30 51.42
CA ALA C 427 -17.19 34.39 51.26
C ALA C 427 -16.58 34.52 52.62
N ASP C 428 -17.23 35.30 53.51
CA ASP C 428 -16.66 35.54 54.80
C ASP C 428 -16.48 34.22 55.47
N LEU C 429 -17.47 33.34 55.33
CA LEU C 429 -17.38 32.07 56.01
C LEU C 429 -16.23 31.33 55.43
N ARG C 430 -15.52 30.57 56.28
CA ARG C 430 -14.36 29.86 55.83
C ARG C 430 -14.62 28.41 56.00
N GLY C 431 -13.98 27.58 55.16
CA GLY C 431 -14.11 26.16 55.28
C GLY C 431 -13.16 25.73 56.35
N GLN C 432 -13.22 24.44 56.72
CA GLN C 432 -12.40 23.94 57.78
C GLN C 432 -10.98 24.06 57.35
N ASN C 433 -10.67 23.66 56.11
CA ASN C 433 -9.30 23.67 55.68
C ASN C 433 -9.23 24.39 54.38
N GLU C 434 -8.01 24.72 53.95
CA GLU C 434 -7.81 25.60 52.83
C GLU C 434 -8.44 24.99 51.64
N ASP C 435 -8.30 23.66 51.48
CA ASP C 435 -8.83 23.02 50.31
C ASP C 435 -10.31 23.28 50.33
N GLN C 436 -10.92 23.17 51.51
CA GLN C 436 -12.33 23.44 51.64
C GLN C 436 -12.53 24.87 51.30
N ASN C 437 -11.60 25.74 51.74
CA ASN C 437 -11.80 27.15 51.57
C ASN C 437 -11.92 27.44 50.12
N VAL C 438 -11.01 26.88 49.30
CA VAL C 438 -11.00 27.21 47.91
C VAL C 438 -12.31 26.76 47.34
N GLY C 439 -12.77 25.57 47.74
CA GLY C 439 -13.97 25.03 47.18
C GLY C 439 -15.08 25.98 47.50
N ILE C 440 -15.07 26.52 48.73
CA ILE C 440 -16.13 27.40 49.13
C ILE C 440 -16.09 28.59 48.24
N LYS C 441 -14.87 29.11 47.99
CA LYS C 441 -14.73 30.27 47.17
C LYS C 441 -15.24 29.92 45.81
N VAL C 442 -14.92 28.69 45.35
CA VAL C 442 -15.28 28.30 44.03
C VAL C 442 -16.77 28.37 43.93
N ALA C 443 -17.48 27.87 44.96
CA ALA C 443 -18.90 27.82 44.89
C ALA C 443 -19.39 29.23 44.77
N LEU C 444 -18.77 30.15 45.52
CA LEU C 444 -19.22 31.51 45.50
C LEU C 444 -19.04 32.02 44.12
N ARG C 445 -17.89 31.68 43.49
CA ARG C 445 -17.60 32.16 42.17
C ARG C 445 -18.66 31.62 41.27
N ALA C 446 -19.04 30.35 41.48
CA ALA C 446 -19.96 29.72 40.60
C ALA C 446 -21.24 30.49 40.63
N MET C 447 -21.66 30.93 41.83
CA MET C 447 -22.93 31.59 41.95
C MET C 447 -22.88 32.84 41.13
N GLU C 448 -21.73 33.54 41.17
CA GLU C 448 -21.61 34.84 40.56
C GLU C 448 -21.82 34.68 39.09
N ALA C 449 -21.33 33.55 38.52
CA ALA C 449 -21.17 33.46 37.10
C ALA C 449 -22.49 33.69 36.41
N PRO C 450 -23.58 33.07 36.81
CA PRO C 450 -24.76 33.14 36.01
C PRO C 450 -25.24 34.55 35.87
N LEU C 451 -24.91 35.43 36.83
CA LEU C 451 -25.30 36.80 36.71
C LEU C 451 -24.57 37.34 35.52
N ARG C 452 -23.30 36.96 35.40
CA ARG C 452 -22.44 37.46 34.36
C ARG C 452 -23.02 37.04 33.05
N GLN C 453 -23.53 35.79 32.98
CA GLN C 453 -23.95 35.27 31.72
C GLN C 453 -25.05 36.15 31.21
N ILE C 454 -25.97 36.55 32.11
CA ILE C 454 -27.06 37.36 31.68
C ILE C 454 -26.48 38.63 31.15
N VAL C 455 -25.49 39.19 31.88
CA VAL C 455 -24.90 40.43 31.50
C VAL C 455 -24.30 40.28 30.15
N LEU C 456 -23.64 39.12 29.91
CA LEU C 456 -22.95 38.90 28.68
C LEU C 456 -23.96 38.96 27.59
N ASN C 457 -25.14 38.37 27.84
CA ASN C 457 -26.17 38.37 26.85
C ASN C 457 -26.49 39.80 26.57
N CYS C 458 -26.53 40.62 27.63
CA CYS C 458 -26.79 42.02 27.46
C CYS C 458 -25.68 42.57 26.62
N GLY C 459 -24.45 42.08 26.85
CA GLY C 459 -23.33 42.58 26.12
C GLY C 459 -22.65 43.58 27.00
N GLU C 460 -23.29 43.91 28.14
CA GLU C 460 -22.65 44.74 29.10
C GLU C 460 -21.59 43.89 29.73
N GLU C 461 -20.54 44.53 30.26
CA GLU C 461 -19.48 43.75 30.85
C GLU C 461 -19.93 43.36 32.21
N PRO C 462 -20.03 42.07 32.40
CA PRO C 462 -20.63 41.52 33.58
C PRO C 462 -19.82 41.90 34.77
N SER C 463 -18.53 42.22 34.57
CA SER C 463 -17.69 42.48 35.69
C SER C 463 -18.24 43.67 36.41
N VAL C 464 -18.52 44.75 35.66
CA VAL C 464 -18.97 45.96 36.28
C VAL C 464 -20.27 45.67 36.94
N VAL C 465 -21.17 44.98 36.23
CA VAL C 465 -22.49 44.76 36.75
C VAL C 465 -22.36 43.98 38.01
N ALA C 466 -21.54 42.91 37.98
CA ALA C 466 -21.44 42.05 39.11
C ALA C 466 -20.91 42.85 40.25
N ASN C 467 -19.89 43.68 39.98
CA ASN C 467 -19.28 44.42 41.03
C ASN C 467 -20.31 45.32 41.62
N THR C 468 -21.08 46.00 40.74
CA THR C 468 -22.03 46.95 41.21
C THR C 468 -23.05 46.20 42.02
N VAL C 469 -23.49 45.04 41.51
CA VAL C 469 -24.53 44.31 42.16
C VAL C 469 -24.06 43.97 43.53
N LYS C 470 -22.80 43.48 43.63
CA LYS C 470 -22.30 43.07 44.90
C LYS C 470 -22.28 44.26 45.79
N GLY C 471 -21.87 45.42 45.24
CA GLY C 471 -21.66 46.57 46.06
C GLY C 471 -22.95 46.94 46.71
N GLY C 472 -24.06 46.89 45.95
CA GLY C 472 -25.30 47.36 46.50
C GLY C 472 -25.67 46.46 47.64
N ASP C 473 -26.12 47.07 48.74
CA ASP C 473 -26.60 46.30 49.86
C ASP C 473 -28.04 46.01 49.60
N GLY C 474 -28.66 45.19 50.46
CA GLY C 474 -30.06 44.92 50.31
C GLY C 474 -30.21 44.12 49.07
N ASN C 475 -31.38 44.25 48.40
CA ASN C 475 -31.55 43.53 47.18
C ASN C 475 -31.10 44.45 46.09
N TYR C 476 -30.01 44.06 45.40
CA TYR C 476 -29.53 44.86 44.32
C TYR C 476 -29.37 43.94 43.15
N GLY C 477 -29.70 44.41 41.94
CA GLY C 477 -29.64 43.52 40.83
C GLY C 477 -29.62 44.33 39.59
N TYR C 478 -29.45 43.66 38.44
CA TYR C 478 -29.43 44.33 37.17
C TYR C 478 -30.59 43.78 36.41
N ASN C 479 -31.40 44.66 35.79
CA ASN C 479 -32.48 44.19 35.00
C ASN C 479 -32.03 44.26 33.59
N ALA C 480 -32.10 43.13 32.87
CA ALA C 480 -31.59 43.13 31.53
C ALA C 480 -32.42 44.07 30.71
N ALA C 481 -33.76 43.96 30.85
CA ALA C 481 -34.62 44.72 29.99
C ALA C 481 -34.39 46.17 30.27
N THR C 482 -34.38 46.54 31.56
CA THR C 482 -34.24 47.93 31.91
C THR C 482 -32.89 48.37 31.46
N GLU C 483 -31.87 47.51 31.72
CA GLU C 483 -30.52 47.92 31.58
C GLU C 483 -30.35 49.11 32.47
N GLU C 484 -31.10 49.11 33.58
CA GLU C 484 -30.95 50.15 34.56
C GLU C 484 -30.86 49.47 35.88
N TYR C 485 -30.27 50.15 36.88
CA TYR C 485 -30.14 49.55 38.17
C TYR C 485 -31.35 49.94 38.95
N GLY C 486 -31.98 48.94 39.62
CA GLY C 486 -33.14 49.23 40.41
C GLY C 486 -33.32 48.08 41.33
N ASN C 487 -34.25 48.23 42.31
CA ASN C 487 -34.46 47.15 43.22
C ASN C 487 -35.14 46.06 42.46
N MET C 488 -34.75 44.81 42.74
CA MET C 488 -35.33 43.72 42.03
C MET C 488 -36.78 43.67 42.37
N ILE C 489 -37.11 43.87 43.66
CA ILE C 489 -38.47 43.78 44.08
C ILE C 489 -39.23 44.85 43.37
N ASP C 490 -38.66 46.06 43.32
CA ASP C 490 -39.33 47.16 42.72
C ASP C 490 -39.52 46.81 41.28
N MET C 491 -38.49 46.19 40.68
CA MET C 491 -38.59 45.81 39.30
C MET C 491 -39.72 44.84 39.19
N GLY C 492 -39.83 43.93 40.18
CA GLY C 492 -40.94 43.02 40.19
C GLY C 492 -40.53 41.78 39.47
N ILE C 493 -39.25 41.71 39.03
CA ILE C 493 -38.82 40.50 38.40
C ILE C 493 -38.11 39.71 39.44
N LEU C 494 -38.68 38.55 39.82
CA LEU C 494 -38.14 37.80 40.91
C LEU C 494 -38.04 36.37 40.47
N ASP C 495 -36.94 35.69 40.86
CA ASP C 495 -36.79 34.29 40.56
C ASP C 495 -37.16 33.54 41.80
N PRO C 496 -37.82 32.44 41.61
CA PRO C 496 -38.41 31.75 42.73
C PRO C 496 -37.32 31.32 43.65
N THR C 497 -37.59 31.35 44.97
CA THR C 497 -36.60 30.94 45.92
C THR C 497 -36.32 29.50 45.71
N LYS C 498 -37.39 28.69 45.58
CA LYS C 498 -37.24 27.27 45.55
C LYS C 498 -36.43 26.92 44.34
N VAL C 499 -36.76 27.53 43.20
CA VAL C 499 -36.09 27.15 41.99
C VAL C 499 -34.64 27.44 42.14
N THR C 500 -34.31 28.63 42.67
CA THR C 500 -32.94 29.01 42.76
C THR C 500 -32.26 28.03 43.67
N ARG C 501 -32.89 27.75 44.82
CA ARG C 501 -32.26 26.90 45.79
C ARG C 501 -32.07 25.56 45.18
N SER C 502 -33.11 25.05 44.49
CA SER C 502 -33.06 23.72 43.99
C SER C 502 -31.92 23.63 43.02
N ALA C 503 -31.84 24.59 42.09
CA ALA C 503 -30.87 24.51 41.04
C ALA C 503 -29.52 24.52 41.67
N LEU C 504 -29.31 25.40 42.66
CA LEU C 504 -28.00 25.57 43.20
C LEU C 504 -27.58 24.27 43.81
N GLN C 505 -28.48 23.64 44.58
CA GLN C 505 -28.09 22.48 45.33
C GLN C 505 -27.70 21.42 44.36
N TYR C 506 -28.51 21.23 43.30
CA TYR C 506 -28.25 20.16 42.37
C TYR C 506 -26.94 20.46 41.69
N ALA C 507 -26.74 21.72 41.29
CA ALA C 507 -25.58 22.04 40.52
C ALA C 507 -24.40 21.72 41.37
N ALA C 508 -24.47 22.08 42.66
CA ALA C 508 -23.35 21.86 43.52
C ALA C 508 -23.10 20.39 43.59
N SER C 509 -24.18 19.61 43.70
CA SER C 509 -24.02 18.20 43.85
C SER C 509 -23.33 17.68 42.63
N VAL C 510 -23.78 18.13 41.45
CA VAL C 510 -23.23 17.61 40.22
C VAL C 510 -21.77 17.91 40.23
N ALA C 511 -21.44 19.18 40.56
CA ALA C 511 -20.09 19.62 40.39
C ALA C 511 -19.23 18.76 41.26
N GLY C 512 -19.70 18.49 42.49
CA GLY C 512 -18.88 17.77 43.41
C GLY C 512 -18.62 16.42 42.82
N LEU C 513 -19.66 15.81 42.23
CA LEU C 513 -19.50 14.47 41.73
C LEU C 513 -18.48 14.52 40.63
N MET C 514 -18.58 15.53 39.75
CA MET C 514 -17.69 15.57 38.63
C MET C 514 -16.30 15.76 39.16
N ILE C 515 -16.16 16.59 40.20
CA ILE C 515 -14.87 16.92 40.72
C ILE C 515 -14.23 15.66 41.22
N THR C 516 -15.03 14.83 41.92
CA THR C 516 -14.47 13.73 42.66
C THR C 516 -13.75 12.84 41.72
N THR C 517 -14.37 12.52 40.57
CA THR C 517 -13.78 11.48 39.77
C THR C 517 -12.54 12.03 39.19
N GLU C 518 -11.38 11.71 39.79
CA GLU C 518 -10.18 12.18 39.20
C GLU C 518 -10.09 11.53 37.87
N CYS C 519 -10.08 10.19 37.85
CA CYS C 519 -9.71 9.50 36.65
C CYS C 519 -10.88 8.67 36.22
N MET C 520 -10.98 8.43 34.90
CA MET C 520 -12.04 7.64 34.36
C MET C 520 -11.41 6.51 33.63
N VAL C 521 -12.04 5.32 33.72
CA VAL C 521 -11.54 4.21 32.96
C VAL C 521 -12.64 3.74 32.07
N THR C 522 -12.30 3.39 30.83
CA THR C 522 -13.27 2.84 29.93
C THR C 522 -12.60 1.70 29.23
N ASP C 523 -13.40 0.85 28.56
CA ASP C 523 -12.80 -0.16 27.76
C ASP C 523 -12.22 0.54 26.56
N LEU C 524 -11.13 -0.02 26.00
CA LEU C 524 -10.54 0.60 24.86
C LEU C 524 -11.43 0.28 23.70
N PRO C 525 -11.82 1.21 22.95
N ALA D 2 -4.00 -23.68 20.70
CA ALA D 2 -3.20 -23.22 19.54
C ALA D 2 -1.88 -22.70 20.00
N ALA D 3 -1.35 -21.69 19.29
CA ALA D 3 -0.08 -21.15 19.69
C ALA D 3 -0.30 -20.45 20.98
N LYS D 4 0.72 -20.45 21.86
CA LYS D 4 0.58 -19.80 23.12
C LYS D 4 1.53 -18.66 23.14
N ASP D 5 1.11 -17.54 23.78
CA ASP D 5 2.05 -16.48 24.01
C ASP D 5 2.59 -16.71 25.37
N VAL D 6 3.93 -16.90 25.47
CA VAL D 6 4.47 -17.25 26.75
C VAL D 6 5.33 -16.12 27.20
N LYS D 7 5.20 -15.78 28.50
CA LYS D 7 6.11 -14.85 29.09
C LYS D 7 6.82 -15.62 30.16
N PHE D 8 8.15 -15.51 30.25
CA PHE D 8 8.88 -16.36 31.15
C PHE D 8 9.15 -15.60 32.39
N GLY D 9 8.81 -16.22 33.55
CA GLY D 9 9.28 -15.77 34.82
C GLY D 9 8.96 -14.32 34.99
N ASN D 10 10.00 -13.48 34.88
CA ASN D 10 9.86 -12.09 35.17
C ASN D 10 8.80 -11.56 34.25
N ASP D 11 8.77 -12.05 33.01
CA ASP D 11 7.79 -11.55 32.08
C ASP D 11 6.43 -11.85 32.63
N ALA D 12 6.22 -13.07 33.13
CA ALA D 12 4.90 -13.39 33.63
C ALA D 12 4.64 -12.50 34.82
N ARG D 13 5.64 -12.37 35.70
CA ARG D 13 5.45 -11.70 36.94
C ARG D 13 5.12 -10.26 36.66
N VAL D 14 5.81 -9.66 35.68
CA VAL D 14 5.74 -8.25 35.52
C VAL D 14 4.32 -7.88 35.23
N LYS D 15 3.63 -8.67 34.39
CA LYS D 15 2.29 -8.30 34.03
C LYS D 15 1.48 -8.23 35.28
N MET D 16 1.62 -9.26 36.14
CA MET D 16 0.85 -9.27 37.35
C MET D 16 1.28 -8.10 38.17
N LEU D 17 2.61 -7.86 38.23
CA LEU D 17 3.15 -6.89 39.13
C LEU D 17 2.60 -5.55 38.74
N ARG D 18 2.66 -5.24 37.43
CA ARG D 18 2.27 -3.95 36.98
C ARG D 18 0.83 -3.78 37.32
N GLY D 19 0.03 -4.83 37.07
CA GLY D 19 -1.36 -4.74 37.36
C GLY D 19 -1.53 -4.51 38.82
N VAL D 20 -0.73 -5.23 39.63
CA VAL D 20 -0.87 -5.13 41.05
C VAL D 20 -0.56 -3.72 41.42
N ASN D 21 0.52 -3.16 40.85
CA ASN D 21 0.95 -1.86 41.24
C ASN D 21 -0.13 -0.89 40.93
N VAL D 22 -0.72 -1.00 39.73
CA VAL D 22 -1.68 -0.01 39.32
C VAL D 22 -2.80 -0.05 40.30
N LEU D 23 -3.31 -1.25 40.59
CA LEU D 23 -4.44 -1.36 41.46
C LEU D 23 -4.02 -0.84 42.80
N ALA D 24 -2.83 -1.27 43.25
CA ALA D 24 -2.38 -1.01 44.57
C ALA D 24 -2.24 0.47 44.74
N ASP D 25 -1.72 1.16 43.72
CA ASP D 25 -1.38 2.54 43.90
C ASP D 25 -2.62 3.28 44.23
N ALA D 26 -3.72 3.02 43.50
CA ALA D 26 -4.92 3.75 43.74
C ALA D 26 -5.35 3.43 45.13
N VAL D 27 -5.26 2.14 45.51
CA VAL D 27 -5.77 1.71 46.76
C VAL D 27 -4.99 2.36 47.86
N LYS D 28 -3.66 2.43 47.72
CA LYS D 28 -2.84 2.92 48.78
C LYS D 28 -3.19 4.34 49.04
N VAL D 29 -3.29 5.16 47.97
CA VAL D 29 -3.54 6.55 48.17
C VAL D 29 -4.88 6.68 48.81
N THR D 30 -5.85 5.89 48.33
CA THR D 30 -7.19 6.00 48.84
C THR D 30 -7.17 5.61 50.28
N LEU D 31 -6.35 4.61 50.64
CA LEU D 31 -6.36 4.14 51.99
C LEU D 31 -6.00 5.29 52.86
N GLY D 32 -6.66 5.38 54.01
CA GLY D 32 -6.43 6.49 54.88
C GLY D 32 -7.32 7.58 54.39
N PRO D 33 -7.44 8.58 55.20
CA PRO D 33 -8.47 9.55 55.03
C PRO D 33 -8.29 10.23 53.71
N LYS D 34 -7.05 10.23 53.19
CA LYS D 34 -6.69 11.11 52.12
C LYS D 34 -7.48 10.80 50.89
N GLY D 35 -7.59 9.51 50.51
CA GLY D 35 -8.12 9.22 49.20
C GLY D 35 -9.52 9.73 49.13
N ARG D 36 -9.73 10.78 48.31
CA ARG D 36 -11.03 11.33 48.16
C ARG D 36 -11.93 10.36 47.47
N ASN D 37 -11.50 9.83 46.30
CA ASN D 37 -12.42 9.07 45.52
C ASN D 37 -11.71 8.53 44.31
N VAL D 38 -12.32 7.53 43.65
CA VAL D 38 -11.90 7.10 42.35
C VAL D 38 -13.15 6.83 41.56
N VAL D 39 -13.09 7.00 40.22
CA VAL D 39 -14.28 6.71 39.45
C VAL D 39 -13.86 6.12 38.14
N LEU D 40 -14.71 5.23 37.58
CA LEU D 40 -14.47 4.71 36.26
C LEU D 40 -15.79 4.32 35.65
N ASP D 41 -15.77 4.01 34.34
CA ASP D 41 -16.96 3.78 33.57
C ASP D 41 -17.50 2.42 33.88
N LYS D 42 -18.79 2.19 33.54
CA LYS D 42 -19.38 0.88 33.63
C LYS D 42 -19.79 0.51 32.23
N SER D 43 -19.75 -0.79 31.92
CA SER D 43 -20.13 -1.22 30.60
C SER D 43 -21.56 -0.87 30.40
N PHE D 44 -22.42 -1.25 31.37
CA PHE D 44 -23.82 -0.96 31.25
C PHE D 44 -24.18 -0.06 32.38
N GLY D 45 -25.16 0.83 32.15
CA GLY D 45 -25.62 1.68 33.19
C GLY D 45 -24.64 2.80 33.31
N ALA D 46 -24.88 3.69 34.29
CA ALA D 46 -23.97 4.77 34.52
C ALA D 46 -22.75 4.19 35.16
N PRO D 47 -21.64 4.84 34.94
CA PRO D 47 -20.38 4.33 35.38
C PRO D 47 -20.39 4.32 36.87
N THR D 48 -19.66 3.38 37.49
CA THR D 48 -19.66 3.32 38.92
C THR D 48 -18.67 4.32 39.41
N ILE D 49 -18.91 4.84 40.62
CA ILE D 49 -17.95 5.70 41.25
C ILE D 49 -17.59 5.06 42.54
N THR D 50 -16.29 5.03 42.86
CA THR D 50 -15.90 4.33 44.05
C THR D 50 -15.32 5.31 45.01
N LYS D 51 -16.02 5.55 46.13
CA LYS D 51 -15.45 6.31 47.21
C LYS D 51 -14.36 5.50 47.84
N ASP D 52 -14.66 4.21 48.12
CA ASP D 52 -13.84 3.45 49.03
C ASP D 52 -12.63 2.96 48.30
N GLY D 53 -11.59 2.59 49.07
CA GLY D 53 -10.42 2.02 48.47
C GLY D 53 -10.80 0.73 47.83
N VAL D 54 -11.63 -0.07 48.54
CA VAL D 54 -11.98 -1.37 48.06
C VAL D 54 -12.69 -1.20 46.76
N SER D 55 -13.64 -0.25 46.74
CA SER D 55 -14.44 -0.07 45.58
C SER D 55 -13.53 0.34 44.47
N VAL D 56 -12.45 1.08 44.80
CA VAL D 56 -11.57 1.53 43.77
C VAL D 56 -10.98 0.33 43.12
N ALA D 57 -10.55 -0.64 43.94
CA ALA D 57 -9.90 -1.80 43.39
C ALA D 57 -10.88 -2.48 42.51
N ARG D 58 -12.13 -2.59 42.98
CA ARG D 58 -13.15 -3.28 42.24
C ARG D 58 -13.32 -2.54 40.94
N GLU D 59 -13.40 -1.21 41.03
CA GLU D 59 -13.69 -0.40 39.88
C GLU D 59 -12.58 -0.55 38.92
N ILE D 60 -11.33 -0.56 39.41
CA ILE D 60 -10.22 -0.51 38.51
C ILE D 60 -10.13 -1.82 37.81
N GLU D 61 -10.09 -1.79 36.47
CA GLU D 61 -9.89 -2.97 35.70
C GLU D 61 -8.72 -2.69 34.81
N LEU D 62 -7.95 -3.74 34.46
CA LEU D 62 -6.80 -3.51 33.66
C LEU D 62 -7.11 -4.02 32.29
N GLU D 63 -6.68 -3.26 31.26
CA GLU D 63 -6.96 -3.66 29.91
C GLU D 63 -6.26 -4.94 29.65
N ASP D 64 -4.99 -5.04 30.10
CA ASP D 64 -4.23 -6.22 29.80
C ASP D 64 -4.84 -7.35 30.55
N LYS D 65 -4.94 -8.52 29.90
CA LYS D 65 -5.52 -9.66 30.54
C LYS D 65 -4.65 -10.03 31.69
N PHE D 66 -3.34 -10.08 31.45
CA PHE D 66 -2.42 -10.54 32.46
C PHE D 66 -2.51 -9.59 33.61
N GLU D 67 -2.42 -8.28 33.32
CA GLU D 67 -2.39 -7.32 34.37
C GLU D 67 -3.70 -7.41 35.08
N ASN D 68 -4.80 -7.50 34.31
CA ASN D 68 -6.10 -7.49 34.90
C ASN D 68 -6.20 -8.68 35.80
N MET D 69 -5.72 -9.83 35.32
CA MET D 69 -5.87 -11.04 36.08
C MET D 69 -5.11 -10.85 37.36
N GLY D 70 -3.89 -10.28 37.27
CA GLY D 70 -3.08 -10.12 38.44
C GLY D 70 -3.83 -9.24 39.38
N ALA D 71 -4.44 -8.17 38.85
CA ALA D 71 -5.13 -7.23 39.69
C ALA D 71 -6.25 -7.96 40.34
N GLN D 72 -6.94 -8.83 39.57
CA GLN D 72 -8.11 -9.47 40.05
C GLN D 72 -7.73 -10.32 41.21
N MET D 73 -6.57 -11.00 41.11
CA MET D 73 -6.20 -11.95 42.12
C MET D 73 -6.10 -11.21 43.41
N VAL D 74 -5.45 -10.03 43.39
CA VAL D 74 -5.25 -9.30 44.60
C VAL D 74 -6.59 -8.94 45.14
N LYS D 75 -7.48 -8.46 44.26
CA LYS D 75 -8.74 -7.94 44.70
C LYS D 75 -9.48 -9.04 45.37
N GLU D 76 -9.48 -10.24 44.77
CA GLU D 76 -10.30 -11.28 45.30
C GLU D 76 -9.84 -11.58 46.69
N VAL D 77 -8.51 -11.68 46.88
CA VAL D 77 -8.03 -11.97 48.20
C VAL D 77 -8.43 -10.83 49.08
N ALA D 78 -8.27 -9.60 48.57
CA ALA D 78 -8.48 -8.46 49.41
C ALA D 78 -9.89 -8.50 49.88
N SER D 79 -10.82 -8.84 48.97
CA SER D 79 -12.21 -8.81 49.31
C SER D 79 -12.44 -9.79 50.43
N LYS D 80 -11.81 -10.98 50.33
CA LYS D 80 -12.07 -12.00 51.30
C LYS D 80 -11.63 -11.48 52.63
N ALA D 81 -10.46 -10.85 52.68
CA ALA D 81 -9.98 -10.30 53.91
C ALA D 81 -10.95 -9.25 54.32
N ASN D 82 -11.43 -8.46 53.33
CA ASN D 82 -12.26 -7.33 53.63
C ASN D 82 -13.47 -7.83 54.34
N ASP D 83 -14.07 -8.94 53.85
CA ASP D 83 -15.29 -9.37 54.44
C ASP D 83 -15.03 -9.71 55.87
N ALA D 84 -14.03 -10.58 56.13
CA ALA D 84 -13.89 -11.08 57.45
C ALA D 84 -13.52 -9.95 58.37
N ALA D 85 -12.50 -9.17 57.99
CA ALA D 85 -12.02 -8.14 58.85
C ALA D 85 -13.10 -7.13 59.02
N GLY D 86 -13.75 -6.78 57.90
CA GLY D 86 -14.71 -5.74 57.86
C GLY D 86 -13.97 -4.50 57.47
N ASP D 87 -12.65 -4.51 57.70
CA ASP D 87 -11.84 -3.37 57.35
C ASP D 87 -10.53 -3.90 56.87
N GLY D 88 -9.62 -2.99 56.48
CA GLY D 88 -8.27 -3.38 56.21
C GLY D 88 -8.19 -3.96 54.85
N THR D 89 -9.22 -3.69 54.01
CA THR D 89 -9.18 -4.23 52.68
C THR D 89 -7.97 -3.64 52.02
N THR D 90 -7.80 -2.31 52.15
CA THR D 90 -6.73 -1.65 51.49
C THR D 90 -5.45 -2.18 52.05
N THR D 91 -5.40 -2.36 53.37
CA THR D 91 -4.16 -2.68 54.02
C THR D 91 -3.66 -3.96 53.42
N ALA D 92 -4.57 -4.94 53.25
CA ALA D 92 -4.15 -6.21 52.73
C ALA D 92 -3.58 -5.97 51.37
N THR D 93 -4.25 -5.13 50.56
CA THR D 93 -3.80 -4.91 49.22
C THR D 93 -2.44 -4.31 49.29
N VAL D 94 -2.27 -3.31 50.17
CA VAL D 94 -1.03 -2.60 50.23
C VAL D 94 0.04 -3.57 50.59
N LEU D 95 -0.24 -4.43 51.59
CA LEU D 95 0.75 -5.34 52.07
C LEU D 95 1.13 -6.24 50.94
N ALA D 96 0.11 -6.72 50.20
CA ALA D 96 0.36 -7.71 49.19
C ALA D 96 1.28 -7.12 48.18
N GLN D 97 1.03 -5.85 47.81
CA GLN D 97 1.78 -5.28 46.73
C GLN D 97 3.22 -5.26 47.12
N ALA D 98 3.50 -4.84 48.37
CA ALA D 98 4.86 -4.69 48.78
C ALA D 98 5.50 -6.04 48.74
N ILE D 99 4.78 -7.06 49.24
CA ILE D 99 5.36 -8.37 49.33
C ILE D 99 5.64 -8.83 47.94
N ILE D 100 4.67 -8.64 47.03
CA ILE D 100 4.78 -9.20 45.72
C ILE D 100 5.98 -8.61 45.06
N THR D 101 6.15 -7.28 45.17
CA THR D 101 7.18 -6.64 44.42
C THR D 101 8.48 -7.21 44.87
N GLU D 102 8.67 -7.32 46.19
CA GLU D 102 9.91 -7.81 46.71
C GLU D 102 10.07 -9.21 46.21
N GLY D 103 8.98 -10.00 46.25
CA GLY D 103 9.07 -11.38 45.89
C GLY D 103 9.50 -11.43 44.45
N LEU D 104 8.96 -10.54 43.63
CA LEU D 104 9.27 -10.56 42.23
C LEU D 104 10.73 -10.27 42.08
N LYS D 105 11.24 -9.28 42.84
CA LYS D 105 12.63 -8.93 42.73
C LYS D 105 13.42 -10.14 43.10
N ALA D 106 12.99 -10.83 44.17
CA ALA D 106 13.69 -11.98 44.62
C ALA D 106 13.64 -12.98 43.50
N VAL D 107 12.48 -13.04 42.81
CA VAL D 107 12.31 -13.90 41.68
C VAL D 107 13.37 -13.51 40.70
N ALA D 108 13.58 -12.19 40.51
CA ALA D 108 14.59 -11.74 39.62
C ALA D 108 15.89 -12.28 40.12
N ALA D 109 16.06 -12.30 41.45
CA ALA D 109 17.25 -12.82 42.05
C ALA D 109 17.36 -14.24 41.60
N GLY D 110 16.21 -14.94 41.55
CA GLY D 110 16.24 -16.29 41.07
C GLY D 110 16.33 -17.20 42.24
N MET D 111 16.25 -16.63 43.46
CA MET D 111 16.18 -17.48 44.61
C MET D 111 14.88 -18.18 44.52
N ASN D 112 14.83 -19.45 44.98
CA ASN D 112 13.63 -20.19 44.79
C ASN D 112 12.58 -19.57 45.66
N PRO D 113 11.48 -19.26 45.05
CA PRO D 113 10.42 -18.53 45.69
C PRO D 113 9.85 -19.36 46.80
N MET D 114 10.03 -20.69 46.75
CA MET D 114 9.37 -21.55 47.67
C MET D 114 9.84 -21.21 49.05
N ASP D 115 11.17 -21.02 49.19
CA ASP D 115 11.71 -20.74 50.48
C ASP D 115 11.13 -19.44 50.94
N LEU D 116 11.06 -18.47 50.01
CA LEU D 116 10.64 -17.14 50.37
C LEU D 116 9.23 -17.25 50.85
N LYS D 117 8.40 -18.02 50.12
CA LYS D 117 7.01 -18.10 50.49
C LYS D 117 6.95 -18.67 51.87
N ARG D 118 7.75 -19.72 52.12
CA ARG D 118 7.72 -20.36 53.39
C ARG D 118 8.14 -19.36 54.42
N GLY D 119 9.21 -18.59 54.10
CA GLY D 119 9.73 -17.65 55.05
C GLY D 119 8.65 -16.65 55.34
N ILE D 120 7.94 -16.22 54.28
CA ILE D 120 6.95 -15.20 54.44
C ILE D 120 5.91 -15.73 55.36
N ASP D 121 5.49 -16.98 55.11
CA ASP D 121 4.43 -17.55 55.89
C ASP D 121 4.91 -17.60 57.30
N LYS D 122 6.17 -18.02 57.50
CA LYS D 122 6.68 -18.17 58.83
C LYS D 122 6.65 -16.83 59.47
N ALA D 123 7.06 -15.79 58.73
CA ALA D 123 7.12 -14.47 59.28
C ALA D 123 5.73 -14.09 59.67
N VAL D 124 4.76 -14.40 58.80
CA VAL D 124 3.41 -13.98 59.04
C VAL D 124 2.97 -14.58 60.33
N THR D 125 3.26 -15.87 60.53
CA THR D 125 2.79 -16.55 61.70
C THR D 125 3.35 -15.86 62.89
N ALA D 126 4.67 -15.56 62.84
CA ALA D 126 5.30 -14.96 63.98
C ALA D 126 4.64 -13.65 64.23
N ALA D 127 4.39 -12.88 63.17
CA ALA D 127 3.84 -11.56 63.32
C ALA D 127 2.50 -11.71 63.97
N VAL D 128 1.72 -12.71 63.53
CA VAL D 128 0.38 -12.85 64.02
C VAL D 128 0.46 -13.04 65.49
N GLU D 129 1.38 -13.90 65.95
CA GLU D 129 1.44 -14.22 67.35
C GLU D 129 1.73 -12.96 68.09
N GLU D 130 2.68 -12.16 67.56
CA GLU D 130 3.07 -10.96 68.23
C GLU D 130 1.88 -10.08 68.31
N LEU D 131 1.12 -9.98 67.21
CA LEU D 131 0.02 -9.07 67.15
C LEU D 131 -0.96 -9.45 68.22
N LYS D 132 -1.21 -10.76 68.35
CA LYS D 132 -2.25 -11.19 69.24
C LYS D 132 -1.89 -10.74 70.63
N ALA D 133 -0.62 -10.93 71.01
CA ALA D 133 -0.20 -10.54 72.32
C ALA D 133 -0.37 -9.06 72.42
N LEU D 134 0.02 -8.34 71.36
CA LEU D 134 0.04 -6.92 71.38
C LEU D 134 -1.37 -6.45 71.59
N SER D 135 -2.33 -7.12 70.93
CA SER D 135 -3.66 -6.61 70.90
C SER D 135 -4.18 -6.51 72.29
N VAL D 136 -5.08 -5.54 72.52
CA VAL D 136 -5.66 -5.30 73.81
C VAL D 136 -7.12 -5.10 73.59
N PRO D 137 -7.86 -5.12 74.66
CA PRO D 137 -9.29 -5.15 74.60
C PRO D 137 -9.78 -3.88 73.97
N CYS D 138 -10.99 -3.91 73.38
CA CYS D 138 -11.48 -2.77 72.68
C CYS D 138 -11.83 -1.72 73.68
N SER D 139 -11.73 -0.45 73.27
CA SER D 139 -12.05 0.63 74.15
C SER D 139 -13.52 0.88 74.04
N ASP D 140 -13.98 2.00 74.64
CA ASP D 140 -15.37 2.26 74.78
C ASP D 140 -15.90 2.74 73.46
N SER D 141 -17.18 3.13 73.46
CA SER D 141 -17.90 3.42 72.25
C SER D 141 -17.22 4.53 71.55
N LYS D 142 -16.64 5.48 72.30
CA LYS D 142 -15.98 6.58 71.66
C LYS D 142 -14.90 5.99 70.81
N ALA D 143 -14.18 5.00 71.38
CA ALA D 143 -13.18 4.31 70.63
C ALA D 143 -13.87 3.64 69.49
N ILE D 144 -15.08 3.10 69.75
CA ILE D 144 -15.77 2.33 68.76
C ILE D 144 -15.98 3.21 67.58
N ALA D 145 -16.37 4.47 67.82
CA ALA D 145 -16.62 5.37 66.74
C ALA D 145 -15.35 5.50 65.99
N GLN D 146 -14.22 5.59 66.71
CA GLN D 146 -12.94 5.74 66.08
C GLN D 146 -12.71 4.52 65.26
N VAL D 147 -13.07 3.34 65.78
CA VAL D 147 -12.88 2.14 65.04
C VAL D 147 -13.70 2.28 63.80
N GLY D 148 -14.93 2.81 63.96
CA GLY D 148 -15.83 2.95 62.86
C GLY D 148 -15.20 3.86 61.86
N THR D 149 -14.54 4.92 62.33
CA THR D 149 -14.00 5.92 61.44
C THR D 149 -12.95 5.26 60.59
N ILE D 150 -12.17 4.35 61.19
CA ILE D 150 -11.09 3.76 60.43
C ILE D 150 -11.69 3.04 59.27
N SER D 151 -12.75 2.25 59.51
CA SER D 151 -13.42 1.58 58.43
C SER D 151 -14.01 2.63 57.58
N ALA D 152 -14.39 3.75 58.21
CA ALA D 152 -15.04 4.85 57.56
C ALA D 152 -14.11 5.39 56.53
N ASN D 153 -12.80 5.34 56.81
CA ASN D 153 -11.89 6.09 56.00
C ASN D 153 -12.33 7.51 56.08
N SER D 154 -12.39 8.03 57.33
CA SER D 154 -12.80 9.36 57.62
C SER D 154 -14.19 9.56 57.13
N ASP D 155 -15.02 8.51 57.21
CA ASP D 155 -16.42 8.76 57.08
C ASP D 155 -16.94 8.95 58.46
N GLU D 156 -17.14 10.21 58.86
CA GLU D 156 -17.52 10.49 60.21
C GLU D 156 -18.87 9.90 60.43
N THR D 157 -19.76 10.03 59.42
CA THR D 157 -21.13 9.65 59.60
C THR D 157 -21.17 8.19 59.88
N VAL D 158 -20.40 7.39 59.12
CA VAL D 158 -20.51 5.97 59.24
C VAL D 158 -20.15 5.59 60.65
N GLY D 159 -19.04 6.16 61.16
CA GLY D 159 -18.59 5.79 62.47
C GLY D 159 -19.66 6.15 63.44
N LYS D 160 -20.25 7.36 63.27
CA LYS D 160 -21.23 7.81 64.21
C LYS D 160 -22.39 6.87 64.14
N LEU D 161 -22.80 6.51 62.90
CA LEU D 161 -23.96 5.70 62.74
C LEU D 161 -23.69 4.38 63.39
N ILE D 162 -22.48 3.83 63.17
CA ILE D 162 -22.18 2.54 63.68
C ILE D 162 -22.26 2.62 65.17
N ALA D 163 -21.63 3.66 65.76
CA ALA D 163 -21.61 3.75 67.18
C ALA D 163 -23.02 3.89 67.67
N GLU D 164 -23.80 4.76 66.99
CA GLU D 164 -25.12 5.04 67.46
C GLU D 164 -25.91 3.77 67.40
N ALA D 165 -25.81 3.07 66.27
CA ALA D 165 -26.58 1.87 66.10
C ALA D 165 -26.12 0.90 67.14
N MET D 166 -24.80 0.83 67.33
CA MET D 166 -24.23 -0.14 68.21
C MET D 166 -24.73 0.13 69.59
N ASP D 167 -24.80 1.41 70.00
CA ASP D 167 -25.16 1.66 71.34
C ASP D 167 -26.55 1.16 71.56
N LYS D 168 -27.49 1.53 70.69
CA LYS D 168 -28.87 1.22 70.92
C LYS D 168 -29.04 -0.27 70.92
N VAL D 169 -28.51 -0.92 69.87
CA VAL D 169 -28.70 -2.33 69.72
C VAL D 169 -28.02 -3.02 70.86
N GLY D 170 -26.83 -2.52 71.21
CA GLY D 170 -25.94 -3.23 72.09
C GLY D 170 -24.90 -3.83 71.21
N LYS D 171 -23.68 -3.97 71.73
CA LYS D 171 -22.61 -4.48 70.92
C LYS D 171 -22.98 -5.86 70.52
N GLU D 172 -23.50 -6.64 71.48
CA GLU D 172 -23.81 -8.01 71.23
C GLU D 172 -24.89 -8.04 70.21
N GLY D 173 -25.87 -7.13 70.32
CA GLY D 173 -27.01 -7.21 69.45
C GLY D 173 -26.52 -7.01 68.06
N VAL D 174 -27.15 -7.71 67.10
CA VAL D 174 -26.75 -7.62 65.72
C VAL D 174 -27.33 -6.37 65.16
N ILE D 175 -26.61 -5.74 64.22
CA ILE D 175 -27.12 -4.58 63.56
C ILE D 175 -27.20 -4.90 62.12
N THR D 176 -28.30 -4.48 61.46
CA THR D 176 -28.44 -4.75 60.07
C THR D 176 -28.47 -3.44 59.36
N VAL D 177 -28.00 -3.42 58.10
CA VAL D 177 -28.00 -2.18 57.38
C VAL D 177 -28.97 -2.33 56.25
N GLU D 178 -29.73 -1.26 55.99
CA GLU D 178 -30.65 -1.23 54.89
C GLU D 178 -30.40 0.05 54.17
N ASP D 179 -30.87 0.14 52.91
CA ASP D 179 -30.67 1.36 52.19
C ASP D 179 -31.51 2.39 52.88
N GLY D 180 -31.05 3.65 52.86
CA GLY D 180 -31.77 4.66 53.58
C GLY D 180 -33.03 4.94 52.84
N THR D 181 -34.09 5.27 53.60
CA THR D 181 -35.33 5.65 52.99
C THR D 181 -35.08 6.93 52.26
N GLY D 182 -34.34 7.84 52.91
CA GLY D 182 -34.11 9.14 52.35
C GLY D 182 -32.71 9.52 52.67
N LEU D 183 -32.34 10.78 52.36
CA LEU D 183 -30.98 11.22 52.52
C LEU D 183 -30.63 11.12 53.97
N GLN D 184 -31.57 11.48 54.85
CA GLN D 184 -31.26 11.38 56.25
C GLN D 184 -31.28 9.94 56.61
N ASP D 185 -30.34 9.51 57.46
CA ASP D 185 -30.31 8.14 57.88
C ASP D 185 -31.42 7.97 58.85
N GLU D 186 -31.95 6.73 58.97
CA GLU D 186 -32.90 6.47 59.99
C GLU D 186 -32.43 5.26 60.73
N LEU D 187 -32.51 5.30 62.07
CA LEU D 187 -32.22 4.11 62.81
C LEU D 187 -33.50 3.67 63.41
N ASP D 188 -33.96 2.46 63.05
CA ASP D 188 -35.19 1.98 63.60
C ASP D 188 -34.93 0.64 64.18
N VAL D 189 -35.54 0.35 65.34
CA VAL D 189 -35.52 -1.01 65.80
C VAL D 189 -36.46 -1.75 64.91
N VAL D 190 -36.13 -2.99 64.56
CA VAL D 190 -36.93 -3.67 63.59
C VAL D 190 -37.65 -4.79 64.29
N GLU D 191 -38.87 -5.09 63.82
CA GLU D 191 -39.59 -6.20 64.37
C GLU D 191 -39.47 -7.31 63.39
N GLY D 192 -39.26 -8.54 63.90
CA GLY D 192 -39.15 -9.66 63.02
C GLY D 192 -38.19 -10.62 63.66
N MET D 193 -38.04 -11.81 63.05
CA MET D 193 -37.14 -12.79 63.59
C MET D 193 -36.22 -13.22 62.50
N GLN D 194 -35.00 -13.62 62.86
CA GLN D 194 -34.09 -14.17 61.89
C GLN D 194 -33.74 -15.54 62.35
N PHE D 195 -33.66 -16.49 61.40
CA PHE D 195 -33.31 -17.84 61.76
C PHE D 195 -32.22 -18.26 60.83
N ASP D 196 -31.23 -19.02 61.33
CA ASP D 196 -30.13 -19.32 60.47
C ASP D 196 -30.50 -20.50 59.62
N ARG D 197 -30.79 -20.25 58.33
CA ARG D 197 -31.04 -21.33 57.44
C ARG D 197 -30.37 -21.01 56.14
N GLY D 198 -29.96 -22.07 55.41
CA GLY D 198 -29.25 -21.87 54.19
C GLY D 198 -30.24 -21.71 53.08
N TYR D 199 -29.75 -21.31 51.90
CA TYR D 199 -30.56 -21.36 50.73
C TYR D 199 -30.31 -22.68 50.09
N LEU D 200 -31.40 -23.35 49.64
CA LEU D 200 -31.25 -24.70 49.20
C LEU D 200 -30.29 -24.72 48.06
N SER D 201 -30.48 -23.82 47.08
CA SER D 201 -29.62 -23.85 45.94
C SER D 201 -29.20 -22.46 45.64
N PRO D 202 -28.02 -22.35 45.08
CA PRO D 202 -27.46 -21.11 44.65
C PRO D 202 -28.32 -20.58 43.55
N TYR D 203 -29.13 -21.45 42.93
CA TYR D 203 -30.00 -21.04 41.87
C TYR D 203 -30.96 -20.06 42.47
N PHE D 204 -31.41 -20.37 43.70
CA PHE D 204 -32.34 -19.55 44.40
C PHE D 204 -31.69 -18.22 44.60
N ILE D 205 -30.35 -18.24 44.84
CA ILE D 205 -29.58 -17.08 45.14
C ILE D 205 -29.92 -15.99 44.19
N ASN D 206 -30.10 -14.79 44.74
CA ASN D 206 -30.66 -13.69 44.01
C ASN D 206 -29.61 -13.12 43.12
N LYS D 207 -30.02 -12.11 42.32
CA LYS D 207 -29.16 -11.47 41.37
C LYS D 207 -27.96 -10.88 42.06
N PRO D 208 -28.06 -10.18 43.17
CA PRO D 208 -26.96 -9.36 43.60
C PRO D 208 -25.73 -10.16 43.87
N GLU D 209 -24.56 -9.48 43.85
CA GLU D 209 -23.28 -10.12 43.90
C GLU D 209 -23.18 -10.85 45.19
N THR D 210 -23.74 -10.25 46.26
CA THR D 210 -23.63 -10.85 47.56
C THR D 210 -24.23 -12.20 47.46
N GLY D 211 -25.37 -12.31 46.75
CA GLY D 211 -25.96 -13.59 46.53
C GLY D 211 -26.99 -13.79 47.59
N ALA D 212 -27.07 -12.85 48.54
CA ALA D 212 -28.17 -12.91 49.46
C ALA D 212 -29.38 -12.62 48.64
N VAL D 213 -30.50 -13.29 48.93
CA VAL D 213 -31.65 -13.07 48.11
C VAL D 213 -32.59 -12.21 48.89
N GLU D 214 -33.10 -11.15 48.26
CA GLU D 214 -34.05 -10.32 48.92
C GLU D 214 -35.31 -10.41 48.14
N LEU D 215 -36.45 -10.59 48.84
CA LEU D 215 -37.70 -10.65 48.16
C LEU D 215 -38.47 -9.45 48.57
N GLU D 216 -39.23 -8.86 47.62
CA GLU D 216 -40.02 -7.73 47.97
C GLU D 216 -41.39 -8.23 48.29
N SER D 217 -41.91 -7.81 49.46
CA SER D 217 -43.17 -8.27 49.96
C SER D 217 -43.26 -9.75 49.83
N PRO D 218 -42.36 -10.53 50.39
CA PRO D 218 -42.37 -11.95 50.14
C PRO D 218 -43.61 -12.54 50.74
N PHE D 219 -44.03 -13.71 50.24
CA PHE D 219 -45.08 -14.44 50.90
C PHE D 219 -44.41 -15.58 51.57
N ILE D 220 -44.88 -15.95 52.78
CA ILE D 220 -44.21 -17.01 53.46
C ILE D 220 -45.17 -18.14 53.59
N LEU D 221 -44.78 -19.32 53.09
CA LEU D 221 -45.55 -20.50 53.34
C LEU D 221 -44.74 -21.32 54.29
N LEU D 222 -45.33 -21.72 55.42
CA LEU D 222 -44.58 -22.51 56.35
C LEU D 222 -45.23 -23.86 56.40
N ALA D 223 -44.41 -24.92 56.27
CA ALA D 223 -44.92 -26.22 56.52
C ALA D 223 -44.05 -26.83 57.56
N ASP D 224 -44.66 -27.45 58.58
CA ASP D 224 -43.86 -28.14 59.55
C ASP D 224 -43.21 -29.27 58.83
N LYS D 225 -44.00 -29.97 58.00
CA LYS D 225 -43.51 -31.10 57.30
C LYS D 225 -42.66 -30.62 56.17
N LYS D 226 -41.68 -31.46 55.77
CA LYS D 226 -40.82 -31.11 54.69
C LYS D 226 -41.63 -31.20 53.44
N ILE D 227 -41.20 -30.51 52.37
CA ILE D 227 -41.96 -30.54 51.16
C ILE D 227 -41.32 -31.57 50.29
N SER D 228 -41.95 -32.76 50.23
CA SER D 228 -41.39 -33.85 49.50
C SER D 228 -41.36 -33.50 48.05
N ASN D 229 -42.53 -33.15 47.49
CA ASN D 229 -42.63 -33.12 46.07
C ASN D 229 -43.31 -31.85 45.64
N ILE D 230 -43.24 -31.58 44.32
CA ILE D 230 -43.83 -30.43 43.73
C ILE D 230 -45.31 -30.50 43.90
N ARG D 231 -45.88 -31.70 43.72
CA ARG D 231 -47.31 -31.82 43.54
C ARG D 231 -48.00 -31.25 44.72
N GLU D 232 -47.51 -31.56 45.93
CA GLU D 232 -48.13 -31.05 47.11
C GLU D 232 -48.00 -29.57 47.07
N MET D 233 -46.82 -29.08 46.61
CA MET D 233 -46.52 -27.69 46.58
C MET D 233 -47.47 -27.01 45.63
N LEU D 234 -47.84 -27.72 44.55
CA LEU D 234 -48.39 -27.08 43.39
C LEU D 234 -49.60 -26.29 43.76
N PRO D 235 -50.52 -26.80 44.51
CA PRO D 235 -51.72 -26.06 44.76
C PRO D 235 -51.41 -24.79 45.47
N VAL D 236 -50.31 -24.76 46.25
CA VAL D 236 -49.88 -23.54 46.87
C VAL D 236 -49.45 -22.62 45.77
N LEU D 237 -48.73 -23.19 44.79
CA LEU D 237 -48.15 -22.47 43.70
C LEU D 237 -49.26 -21.86 42.91
N GLU D 238 -50.38 -22.58 42.74
CA GLU D 238 -51.43 -22.05 41.93
C GLU D 238 -51.88 -20.77 42.56
N ALA D 239 -51.99 -20.78 43.90
CA ALA D 239 -52.36 -19.59 44.61
C ALA D 239 -51.28 -18.60 44.33
N VAL D 240 -49.99 -19.01 44.31
CA VAL D 240 -48.80 -18.19 44.10
C VAL D 240 -48.39 -17.80 42.64
N ALA D 241 -48.89 -18.44 41.58
CA ALA D 241 -48.67 -18.23 40.16
C ALA D 241 -49.94 -17.65 39.59
N LYS D 242 -51.00 -17.73 40.41
CA LYS D 242 -51.93 -16.68 40.69
C LYS D 242 -51.38 -15.79 41.76
N ALA D 243 -50.06 -15.48 41.72
CA ALA D 243 -49.35 -14.54 42.55
C ALA D 243 -48.10 -13.92 41.89
N GLY D 244 -46.87 -13.83 42.47
CA GLY D 244 -45.79 -13.08 41.76
C GLY D 244 -44.69 -12.38 42.52
N LYS D 245 -45.00 -11.42 43.42
CA LYS D 245 -44.02 -10.84 44.32
C LYS D 245 -43.48 -11.96 45.20
N PRO D 246 -42.17 -12.00 45.39
CA PRO D 246 -41.46 -13.25 45.61
C PRO D 246 -41.93 -14.09 46.75
N LEU D 247 -42.37 -15.28 46.42
CA LEU D 247 -42.80 -16.28 47.35
C LEU D 247 -41.58 -16.85 48.01
N LEU D 248 -41.66 -16.99 49.34
CA LEU D 248 -40.65 -17.70 50.06
C LEU D 248 -41.31 -18.94 50.58
N ILE D 249 -40.60 -20.07 50.55
CA ILE D 249 -41.20 -21.29 51.01
C ILE D 249 -40.36 -21.80 52.13
N ILE D 250 -41.01 -22.27 53.21
CA ILE D 250 -40.25 -22.85 54.27
C ILE D 250 -40.64 -24.30 54.31
N ALA D 251 -39.63 -25.18 54.21
CA ALA D 251 -39.89 -26.59 54.30
C ALA D 251 -38.96 -27.14 55.31
N GLU D 252 -39.40 -28.19 56.03
CA GLU D 252 -38.54 -28.73 57.04
C GLU D 252 -37.32 -29.23 56.34
N ASP D 253 -37.51 -30.03 55.28
CA ASP D 253 -36.40 -30.52 54.54
C ASP D 253 -36.80 -30.57 53.10
N VAL D 254 -35.82 -30.42 52.19
CA VAL D 254 -36.14 -30.75 50.84
C VAL D 254 -35.14 -31.77 50.41
N GLU D 255 -35.60 -32.91 49.87
CA GLU D 255 -34.66 -33.78 49.25
C GLU D 255 -34.35 -33.14 47.95
N GLY D 256 -33.07 -32.76 47.80
CA GLY D 256 -32.59 -32.00 46.65
C GLY D 256 -32.41 -32.99 45.56
N GLU D 257 -32.47 -34.26 45.99
CA GLU D 257 -33.31 -35.30 45.48
C GLU D 257 -34.80 -34.87 45.56
N ALA D 258 -35.76 -35.48 46.32
CA ALA D 258 -37.24 -35.31 46.19
C ALA D 258 -37.92 -34.03 45.57
N LEU D 259 -37.58 -32.82 45.98
CA LEU D 259 -38.27 -31.65 45.48
C LEU D 259 -37.75 -31.16 44.14
N ALA D 260 -36.41 -31.14 43.98
CA ALA D 260 -35.73 -30.27 43.02
C ALA D 260 -36.00 -30.50 41.54
N THR D 261 -35.99 -31.76 41.07
CA THR D 261 -36.15 -32.20 39.71
C THR D 261 -37.53 -31.82 39.28
N LEU D 262 -38.53 -32.21 40.08
CA LEU D 262 -39.88 -31.92 39.68
C LEU D 262 -40.06 -30.45 39.65
N VAL D 263 -39.60 -29.75 40.71
CA VAL D 263 -39.92 -28.36 40.84
C VAL D 263 -39.32 -27.63 39.68
N VAL D 264 -38.02 -27.83 39.44
CA VAL D 264 -37.37 -26.99 38.47
C VAL D 264 -38.00 -27.23 37.14
N ASN D 265 -38.01 -28.50 36.69
CA ASN D 265 -38.46 -28.77 35.36
C ASN D 265 -39.92 -28.47 35.26
N THR D 266 -40.71 -29.06 36.19
CA THR D 266 -42.13 -28.98 36.08
C THR D 266 -42.56 -27.57 36.27
N MET D 267 -42.00 -26.91 37.30
CA MET D 267 -42.52 -25.63 37.70
C MET D 267 -41.85 -24.58 36.89
N ARG D 268 -42.65 -23.65 36.35
CA ARG D 268 -42.12 -22.55 35.60
C ARG D 268 -41.26 -21.77 36.54
N GLY D 269 -41.77 -21.54 37.77
CA GLY D 269 -41.00 -20.81 38.72
C GLY D 269 -41.00 -19.39 38.29
N ILE D 270 -42.04 -18.98 37.55
CA ILE D 270 -42.08 -17.63 37.06
C ILE D 270 -42.08 -16.72 38.23
N VAL D 271 -42.94 -17.02 39.23
CA VAL D 271 -42.95 -16.21 40.41
C VAL D 271 -41.70 -16.49 41.14
N LYS D 272 -41.13 -15.45 41.79
CA LYS D 272 -39.90 -15.66 42.47
C LYS D 272 -40.17 -16.60 43.60
N VAL D 273 -39.28 -17.59 43.78
CA VAL D 273 -39.49 -18.52 44.85
C VAL D 273 -38.19 -18.67 45.57
N ALA D 274 -38.27 -18.91 46.89
CA ALA D 274 -37.09 -19.23 47.64
C ALA D 274 -37.46 -20.36 48.53
N ALA D 275 -36.50 -21.20 48.92
CA ALA D 275 -36.83 -22.25 49.83
C ALA D 275 -35.87 -22.18 50.96
N VAL D 276 -36.36 -22.44 52.19
CA VAL D 276 -35.49 -22.50 53.32
C VAL D 276 -35.93 -23.66 54.15
N LYS D 277 -34.99 -24.27 54.88
CA LYS D 277 -35.37 -25.33 55.76
C LYS D 277 -35.97 -24.68 56.98
N ALA D 278 -36.96 -25.34 57.59
CA ALA D 278 -37.56 -24.77 58.75
C ALA D 278 -36.56 -24.83 59.85
N PRO D 279 -36.52 -23.79 60.64
CA PRO D 279 -35.50 -23.63 61.63
C PRO D 279 -35.70 -24.67 62.69
N GLY D 280 -34.60 -25.13 63.31
CA GLY D 280 -34.73 -26.00 64.44
C GLY D 280 -35.10 -27.34 63.91
N PHE D 281 -35.24 -28.33 64.82
CA PHE D 281 -35.72 -29.62 64.44
C PHE D 281 -36.60 -30.10 65.54
N GLY D 282 -37.45 -31.09 65.24
CA GLY D 282 -38.25 -31.69 66.27
C GLY D 282 -39.28 -30.71 66.70
N ASP D 283 -39.72 -30.81 67.96
CA ASP D 283 -40.76 -29.99 68.48
C ASP D 283 -40.28 -28.58 68.42
N ARG D 284 -38.99 -28.37 68.74
CA ARG D 284 -38.47 -27.04 68.80
C ARG D 284 -38.63 -26.46 67.43
N ARG D 285 -38.37 -27.27 66.40
CA ARG D 285 -38.46 -26.78 65.06
C ARG D 285 -39.87 -26.33 64.85
N LYS D 286 -40.84 -27.16 65.31
CA LYS D 286 -42.22 -26.83 65.11
C LYS D 286 -42.47 -25.55 65.83
N ALA D 287 -41.92 -25.44 67.05
CA ALA D 287 -42.17 -24.29 67.86
C ALA D 287 -41.63 -23.10 67.14
N MET D 288 -40.44 -23.24 66.53
CA MET D 288 -39.83 -22.15 65.84
C MET D 288 -40.75 -21.79 64.72
N LEU D 289 -41.31 -22.81 64.05
CA LEU D 289 -42.16 -22.56 62.94
C LEU D 289 -43.33 -21.77 63.42
N GLN D 290 -43.85 -22.16 64.60
CA GLN D 290 -45.02 -21.49 65.11
C GLN D 290 -44.65 -20.06 65.34
N ASP D 291 -43.44 -19.83 65.91
CA ASP D 291 -43.05 -18.48 66.21
C ASP D 291 -42.98 -17.73 64.93
N ILE D 292 -42.40 -18.37 63.88
CA ILE D 292 -42.25 -17.70 62.63
C ILE D 292 -43.62 -17.40 62.12
N ALA D 293 -44.54 -18.37 62.24
CA ALA D 293 -45.83 -18.26 61.64
C ALA D 293 -46.51 -17.08 62.26
N THR D 294 -46.39 -16.93 63.58
CA THR D 294 -47.05 -15.83 64.23
C THR D 294 -46.45 -14.56 63.71
N LEU D 295 -45.12 -14.51 63.61
CA LEU D 295 -44.47 -13.30 63.21
C LEU D 295 -44.91 -12.98 61.82
N THR D 296 -44.94 -13.99 60.95
CA THR D 296 -45.34 -13.77 59.59
C THR D 296 -46.75 -13.32 59.61
N GLY D 297 -47.57 -13.95 60.48
CA GLY D 297 -48.97 -13.67 60.49
C GLY D 297 -49.62 -14.69 59.62
N GLY D 298 -48.79 -15.54 58.98
CA GLY D 298 -49.33 -16.60 58.18
C GLY D 298 -49.61 -17.74 59.10
N THR D 299 -50.12 -18.85 58.54
CA THR D 299 -50.39 -20.00 59.34
C THR D 299 -49.55 -21.11 58.81
N VAL D 300 -49.28 -22.12 59.66
CA VAL D 300 -48.47 -23.22 59.22
C VAL D 300 -49.37 -24.41 59.11
N ILE D 301 -49.06 -25.29 58.15
CA ILE D 301 -49.87 -26.46 57.97
C ILE D 301 -49.01 -27.64 58.25
N SER D 302 -49.53 -28.60 59.03
CA SER D 302 -48.76 -29.77 59.32
C SER D 302 -49.64 -30.95 59.05
N GLU D 303 -49.02 -32.12 58.85
CA GLU D 303 -49.76 -33.32 58.60
C GLU D 303 -50.56 -33.60 59.83
N GLU D 304 -49.95 -33.37 61.01
CA GLU D 304 -50.59 -33.70 62.24
C GLU D 304 -51.85 -32.89 62.30
N ILE D 305 -51.76 -31.60 61.91
CA ILE D 305 -52.94 -30.79 61.88
C ILE D 305 -53.86 -31.42 60.88
N GLY D 306 -53.29 -31.86 59.74
CA GLY D 306 -54.10 -32.47 58.74
C GLY D 306 -54.54 -31.41 57.79
N MET D 307 -54.03 -30.18 57.99
CA MET D 307 -54.32 -29.15 57.05
C MET D 307 -53.61 -29.52 55.79
N GLU D 308 -54.16 -29.12 54.64
CA GLU D 308 -53.55 -29.50 53.40
C GLU D 308 -52.90 -28.28 52.83
N LEU D 309 -51.73 -28.47 52.21
CA LEU D 309 -51.04 -27.37 51.59
C LEU D 309 -51.93 -26.88 50.51
N GLU D 310 -52.53 -27.82 49.76
CA GLU D 310 -53.37 -27.46 48.66
C GLU D 310 -54.51 -26.69 49.23
N LYS D 311 -55.05 -27.16 50.37
CA LYS D 311 -56.18 -26.52 50.96
C LYS D 311 -55.76 -25.14 51.35
N ALA D 312 -54.55 -25.00 51.90
CA ALA D 312 -54.16 -23.72 52.41
C ALA D 312 -54.18 -22.75 51.28
N THR D 313 -54.65 -21.52 51.56
CA THR D 313 -54.75 -20.52 50.55
C THR D 313 -53.58 -19.61 50.68
N LEU D 314 -53.60 -18.51 49.90
CA LEU D 314 -52.59 -17.50 49.96
C LEU D 314 -52.67 -16.89 51.32
N GLU D 315 -53.90 -16.73 51.83
CA GLU D 315 -54.12 -16.02 53.06
C GLU D 315 -53.34 -16.71 54.13
N ASP D 316 -53.34 -18.05 54.10
CA ASP D 316 -52.63 -18.78 55.10
C ASP D 316 -51.21 -18.34 55.02
N LEU D 317 -50.69 -18.16 53.79
CA LEU D 317 -49.32 -17.76 53.68
C LEU D 317 -49.22 -16.38 54.22
N GLY D 318 -48.14 -16.12 54.98
CA GLY D 318 -47.94 -14.82 55.54
C GLY D 318 -47.28 -13.98 54.50
N GLN D 319 -47.07 -12.70 54.80
CA GLN D 319 -46.31 -11.88 53.91
C GLN D 319 -45.25 -11.21 54.70
N ALA D 320 -44.13 -10.89 54.05
CA ALA D 320 -43.08 -10.16 54.72
C ALA D 320 -42.87 -8.92 53.93
N LYS D 321 -42.39 -7.85 54.59
CA LYS D 321 -42.12 -6.66 53.84
C LYS D 321 -41.03 -6.98 52.87
N ARG D 322 -39.95 -7.62 53.36
CA ARG D 322 -38.91 -8.07 52.49
C ARG D 322 -38.21 -9.18 53.20
N VAL D 323 -37.60 -10.11 52.44
CA VAL D 323 -36.84 -11.14 53.08
C VAL D 323 -35.47 -11.10 52.50
N VAL D 324 -34.45 -11.32 53.35
CA VAL D 324 -33.12 -11.46 52.84
C VAL D 324 -32.66 -12.82 53.23
N ILE D 325 -31.99 -13.53 52.30
CA ILE D 325 -31.51 -14.84 52.61
C ILE D 325 -30.06 -14.88 52.28
N ASN D 326 -29.26 -15.48 53.17
CA ASN D 326 -27.89 -15.77 52.84
C ASN D 326 -27.69 -17.22 53.14
N LYS D 327 -26.55 -17.79 52.68
CA LYS D 327 -26.37 -19.20 52.84
C LYS D 327 -26.35 -19.50 54.30
N ASP D 328 -25.65 -18.68 55.09
CA ASP D 328 -25.54 -19.01 56.48
C ASP D 328 -26.90 -18.95 57.09
N THR D 329 -27.67 -17.89 56.80
CA THR D 329 -28.86 -17.67 57.56
C THR D 329 -29.91 -17.10 56.65
N THR D 330 -31.20 -17.26 57.00
CA THR D 330 -32.23 -16.62 56.23
C THR D 330 -33.01 -15.75 57.17
N THR D 331 -33.24 -14.48 56.79
CA THR D 331 -33.94 -13.66 57.73
C THR D 331 -35.10 -13.03 57.03
N ILE D 332 -36.11 -12.62 57.82
CA ILE D 332 -37.18 -11.84 57.27
C ILE D 332 -37.05 -10.50 57.93
N ILE D 333 -36.93 -9.44 57.12
CA ILE D 333 -36.67 -8.16 57.71
C ILE D 333 -37.84 -7.81 58.57
N ASP D 334 -39.06 -7.90 58.01
CA ASP D 334 -40.21 -7.59 58.81
C ASP D 334 -41.36 -8.39 58.28
N GLY D 335 -41.89 -9.30 59.11
CA GLY D 335 -43.13 -9.92 58.73
C GLY D 335 -44.20 -8.92 59.02
N VAL D 336 -45.33 -8.97 58.31
CA VAL D 336 -46.36 -8.03 58.61
C VAL D 336 -46.77 -8.32 60.03
N GLY D 337 -47.11 -9.59 60.30
CA GLY D 337 -47.32 -10.03 61.65
C GLY D 337 -48.53 -9.33 62.16
N GLU D 338 -48.86 -9.59 63.44
CA GLU D 338 -49.80 -8.77 64.14
C GLU D 338 -49.08 -8.26 65.34
N GLU D 339 -49.28 -6.97 65.66
CA GLU D 339 -48.52 -6.44 66.76
C GLU D 339 -48.92 -7.19 67.98
N ALA D 340 -50.25 -7.34 68.18
CA ALA D 340 -50.73 -8.02 69.34
C ALA D 340 -50.26 -9.44 69.27
N ALA D 341 -50.38 -10.04 68.07
CA ALA D 341 -50.12 -11.45 67.93
C ALA D 341 -48.70 -11.70 68.30
N ILE D 342 -47.80 -10.84 67.80
CA ILE D 342 -46.40 -11.08 68.02
C ILE D 342 -46.15 -11.02 69.49
N GLN D 343 -46.70 -9.99 70.14
CA GLN D 343 -46.43 -9.79 71.53
C GLN D 343 -46.97 -10.95 72.28
N GLY D 344 -48.19 -11.40 71.92
CA GLY D 344 -48.82 -12.42 72.68
C GLY D 344 -47.97 -13.66 72.62
N ARG D 345 -47.46 -13.97 71.41
CA ARG D 345 -46.72 -15.18 71.25
C ARG D 345 -45.50 -15.07 72.11
N VAL D 346 -44.85 -13.90 72.11
CA VAL D 346 -43.63 -13.75 72.83
C VAL D 346 -43.93 -14.03 74.27
N ALA D 347 -45.03 -13.46 74.77
CA ALA D 347 -45.34 -13.60 76.16
C ALA D 347 -45.56 -15.05 76.43
N GLN D 348 -46.27 -15.74 75.52
CA GLN D 348 -46.61 -17.11 75.78
C GLN D 348 -45.35 -17.89 75.85
N ILE D 349 -44.42 -17.62 74.92
CA ILE D 349 -43.19 -18.36 74.90
C ILE D 349 -42.47 -18.05 76.16
N ARG D 350 -42.46 -16.76 76.55
CA ARG D 350 -41.71 -16.34 77.70
C ARG D 350 -42.24 -17.08 78.88
N GLN D 351 -43.58 -17.21 78.96
CA GLN D 351 -44.16 -17.89 80.07
C GLN D 351 -43.66 -19.29 80.02
N GLN D 352 -43.58 -19.86 78.81
CA GLN D 352 -43.17 -21.22 78.65
C GLN D 352 -41.78 -21.33 79.17
N ILE D 353 -40.94 -20.31 78.88
CA ILE D 353 -39.55 -20.41 79.24
C ILE D 353 -39.49 -20.55 80.73
N GLU D 354 -40.24 -19.71 81.45
CA GLU D 354 -40.24 -19.78 82.87
C GLU D 354 -40.79 -21.10 83.27
N GLU D 355 -41.86 -21.54 82.58
CA GLU D 355 -42.57 -22.69 83.02
C GLU D 355 -41.65 -23.86 83.00
N ALA D 356 -40.86 -24.01 81.92
CA ALA D 356 -40.08 -25.20 81.81
C ALA D 356 -39.10 -25.23 82.94
N THR D 357 -39.05 -26.38 83.64
CA THR D 357 -38.09 -26.53 84.70
C THR D 357 -36.73 -26.60 84.09
N SER D 358 -36.59 -27.35 82.97
CA SER D 358 -35.30 -27.69 82.49
C SER D 358 -34.67 -26.49 81.90
N ASP D 359 -33.32 -26.43 81.95
CA ASP D 359 -32.57 -25.39 81.32
C ASP D 359 -32.78 -25.53 79.85
N TYR D 360 -32.75 -26.78 79.36
CA TYR D 360 -32.79 -27.01 77.96
C TYR D 360 -34.07 -26.46 77.43
N ASP D 361 -35.18 -26.76 78.12
CA ASP D 361 -36.46 -26.31 77.65
C ASP D 361 -36.42 -24.82 77.68
N ARG D 362 -35.84 -24.24 78.75
CA ARG D 362 -35.83 -22.83 78.92
C ARG D 362 -35.09 -22.25 77.76
N GLU D 363 -33.94 -22.85 77.41
CA GLU D 363 -33.08 -22.28 76.42
C GLU D 363 -33.81 -22.21 75.12
N LYS D 364 -34.51 -23.30 74.75
CA LYS D 364 -35.12 -23.30 73.46
C LYS D 364 -36.14 -22.20 73.43
N LEU D 365 -36.95 -22.12 74.50
CA LEU D 365 -38.00 -21.14 74.53
C LEU D 365 -37.37 -19.78 74.51
N GLN D 366 -36.33 -19.59 75.33
CA GLN D 366 -35.74 -18.28 75.47
C GLN D 366 -35.19 -17.89 74.14
N GLU D 367 -34.57 -18.85 73.44
CA GLU D 367 -34.01 -18.51 72.16
C GLU D 367 -35.14 -18.07 71.30
N ARG D 368 -36.27 -18.80 71.37
CA ARG D 368 -37.37 -18.50 70.50
C ARG D 368 -37.85 -17.12 70.80
N VAL D 369 -38.04 -16.80 72.09
CA VAL D 369 -38.59 -15.52 72.43
C VAL D 369 -37.64 -14.47 71.95
N ALA D 370 -36.33 -14.71 72.16
CA ALA D 370 -35.36 -13.70 71.87
C ALA D 370 -35.46 -13.38 70.42
N LYS D 371 -35.61 -14.42 69.57
CA LYS D 371 -35.63 -14.21 68.16
C LYS D 371 -36.79 -13.33 67.83
N LEU D 372 -37.95 -13.58 68.46
CA LEU D 372 -39.14 -12.89 68.04
C LEU D 372 -38.93 -11.43 68.24
N ALA D 373 -38.42 -11.03 69.43
CA ALA D 373 -38.14 -9.63 69.59
C ALA D 373 -37.10 -9.31 68.58
N GLY D 374 -36.07 -10.18 68.51
CA GLY D 374 -35.10 -10.14 67.47
C GLY D 374 -33.94 -9.34 67.96
N GLY D 375 -34.24 -8.26 68.73
CA GLY D 375 -33.19 -7.44 69.25
C GLY D 375 -32.52 -6.80 68.08
N VAL D 376 -33.18 -6.83 66.91
CA VAL D 376 -32.54 -6.41 65.69
C VAL D 376 -32.64 -4.93 65.58
N ALA D 377 -31.59 -4.31 65.02
CA ALA D 377 -31.65 -2.91 64.74
C ALA D 377 -31.38 -2.76 63.27
N VAL D 378 -32.04 -1.78 62.64
CA VAL D 378 -31.81 -1.57 61.24
C VAL D 378 -31.27 -0.19 61.09
N ILE D 379 -30.32 -0.02 60.16
CA ILE D 379 -29.75 1.27 59.93
C ILE D 379 -30.03 1.62 58.51
N LYS D 380 -30.50 2.85 58.26
CA LYS D 380 -30.72 3.25 56.91
C LYS D 380 -29.67 4.26 56.59
N VAL D 381 -29.14 4.21 55.36
CA VAL D 381 -28.15 5.19 55.00
C VAL D 381 -28.76 6.06 53.96
N GLY D 382 -28.75 7.38 54.18
CA GLY D 382 -29.22 8.26 53.16
C GLY D 382 -28.07 8.55 52.26
N ALA D 383 -28.35 9.19 51.11
CA ALA D 383 -27.27 9.58 50.24
C ALA D 383 -27.77 10.72 49.43
N ALA D 384 -26.82 11.51 48.87
CA ALA D 384 -27.22 12.56 47.98
C ALA D 384 -27.84 11.90 46.80
N THR D 385 -27.21 10.80 46.33
CA THR D 385 -27.73 10.11 45.19
C THR D 385 -27.85 8.66 45.57
N GLU D 386 -28.58 7.89 44.75
CA GLU D 386 -28.78 6.51 45.04
C GLU D 386 -27.44 5.84 45.00
N VAL D 387 -26.62 6.22 44.00
CA VAL D 387 -25.35 5.58 43.83
C VAL D 387 -24.55 5.80 45.06
N GLU D 388 -24.58 7.04 45.59
CA GLU D 388 -23.77 7.35 46.72
C GLU D 388 -24.24 6.50 47.85
N MET D 389 -25.57 6.32 47.97
CA MET D 389 -26.11 5.62 49.10
C MET D 389 -25.59 4.22 49.05
N LYS D 390 -25.57 3.62 47.86
CA LYS D 390 -25.12 2.26 47.76
C LYS D 390 -23.71 2.22 48.21
N GLU D 391 -22.89 3.19 47.75
CA GLU D 391 -21.50 3.17 48.08
C GLU D 391 -21.39 3.32 49.57
N LYS D 392 -22.16 4.26 50.15
CA LYS D 392 -22.05 4.52 51.54
C LYS D 392 -22.45 3.29 52.28
N LYS D 393 -23.51 2.63 51.82
CA LYS D 393 -24.05 1.52 52.55
C LYS D 393 -22.99 0.47 52.61
N ALA D 394 -22.30 0.23 51.47
CA ALA D 394 -21.34 -0.83 51.45
C ALA D 394 -20.29 -0.51 52.45
N ARG D 395 -19.86 0.77 52.50
CA ARG D 395 -18.82 1.16 53.39
C ARG D 395 -19.30 0.93 54.78
N VAL D 396 -20.57 1.30 55.05
CA VAL D 396 -21.08 1.21 56.38
C VAL D 396 -21.03 -0.21 56.80
N GLU D 397 -21.44 -1.13 55.90
CA GLU D 397 -21.54 -2.50 56.27
C GLU D 397 -20.18 -2.97 56.66
N ALA D 398 -19.16 -2.59 55.86
CA ALA D 398 -17.84 -3.08 56.10
C ALA D 398 -17.42 -2.60 57.45
N ALA D 399 -17.73 -1.33 57.76
CA ALA D 399 -17.28 -0.75 58.98
C ALA D 399 -17.90 -1.52 60.11
N LEU D 400 -19.19 -1.86 59.96
CA LEU D 400 -19.90 -2.46 61.06
C LEU D 400 -19.22 -3.76 61.38
N HIS D 401 -18.90 -4.56 60.34
CA HIS D 401 -18.33 -5.84 60.58
C HIS D 401 -17.04 -5.63 61.30
N ALA D 402 -16.22 -4.68 60.80
CA ALA D 402 -14.92 -4.48 61.35
C ALA D 402 -15.08 -4.08 62.78
N THR D 403 -16.04 -3.17 63.05
CA THR D 403 -16.18 -2.66 64.38
C THR D 403 -16.52 -3.79 65.28
N ARG D 404 -17.48 -4.63 64.87
CA ARG D 404 -17.95 -5.66 65.75
C ARG D 404 -16.80 -6.56 66.04
N ALA D 405 -16.04 -6.94 65.01
CA ALA D 405 -14.94 -7.83 65.22
C ALA D 405 -13.97 -7.14 66.12
N ALA D 406 -13.74 -5.84 65.86
CA ALA D 406 -12.69 -5.13 66.53
C ALA D 406 -12.99 -5.13 67.99
N VAL D 407 -14.25 -4.87 68.36
CA VAL D 407 -14.54 -4.68 69.76
C VAL D 407 -14.23 -5.96 70.48
N GLU D 408 -14.70 -7.10 69.95
CA GLU D 408 -14.55 -8.33 70.67
C GLU D 408 -13.10 -8.63 70.81
N GLU D 409 -12.35 -8.48 69.70
CA GLU D 409 -10.96 -8.81 69.71
C GLU D 409 -10.30 -7.88 70.67
N GLY D 410 -10.74 -6.62 70.67
CA GLY D 410 -10.00 -5.58 71.32
C GLY D 410 -9.21 -4.97 70.23
N VAL D 411 -8.74 -3.71 70.42
CA VAL D 411 -8.15 -3.12 69.26
C VAL D 411 -6.69 -2.94 69.51
N VAL D 412 -5.89 -3.27 68.49
CA VAL D 412 -4.47 -3.02 68.52
C VAL D 412 -4.27 -1.62 68.04
N ALA D 413 -3.10 -1.05 68.35
CA ALA D 413 -2.83 0.30 67.95
C ALA D 413 -2.91 0.36 66.46
N GLY D 414 -3.42 1.48 65.94
CA GLY D 414 -3.57 1.63 64.52
C GLY D 414 -2.32 2.22 63.97
N GLY D 415 -2.32 2.54 62.68
CA GLY D 415 -1.21 3.21 62.07
C GLY D 415 -0.24 2.17 61.62
N GLY D 416 -0.60 0.89 61.76
CA GLY D 416 0.30 -0.14 61.34
C GLY D 416 1.37 -0.23 62.38
N VAL D 417 1.08 0.34 63.56
CA VAL D 417 2.03 0.33 64.63
C VAL D 417 2.29 -1.08 64.98
N ALA D 418 1.23 -1.90 65.08
CA ALA D 418 1.43 -3.26 65.45
C ALA D 418 2.29 -3.88 64.40
N LEU D 419 2.01 -3.57 63.13
CA LEU D 419 2.70 -4.21 62.06
C LEU D 419 4.16 -3.87 62.16
N ILE D 420 4.47 -2.57 62.35
CA ILE D 420 5.85 -2.19 62.38
C ILE D 420 6.48 -2.85 63.56
N ARG D 421 5.79 -2.82 64.72
CA ARG D 421 6.38 -3.28 65.94
C ARG D 421 6.71 -4.73 65.78
N VAL D 422 5.76 -5.51 65.23
CA VAL D 422 5.94 -6.93 65.15
C VAL D 422 7.12 -7.22 64.28
N ALA D 423 7.29 -6.43 63.20
CA ALA D 423 8.26 -6.76 62.21
C ALA D 423 9.60 -6.78 62.86
N SER D 424 9.86 -5.81 63.75
CA SER D 424 11.16 -5.72 64.35
C SER D 424 11.45 -7.01 65.05
N LYS D 425 10.46 -7.50 65.81
CA LYS D 425 10.64 -8.73 66.53
C LYS D 425 10.84 -9.81 65.52
N LEU D 426 10.07 -9.74 64.42
CA LEU D 426 10.07 -10.76 63.42
C LEU D 426 11.45 -10.83 62.83
N ALA D 427 12.10 -9.67 62.67
CA ALA D 427 13.33 -9.60 61.94
C ALA D 427 14.31 -10.50 62.62
N ASP D 428 14.30 -10.51 63.96
CA ASP D 428 15.28 -11.28 64.67
C ASP D 428 15.13 -12.70 64.26
N LEU D 429 13.87 -13.16 64.12
CA LEU D 429 13.67 -14.54 63.79
C LEU D 429 14.23 -14.76 62.42
N ARG D 430 14.80 -15.95 62.20
CA ARG D 430 15.42 -16.24 60.94
C ARG D 430 14.68 -17.38 60.32
N GLY D 431 14.67 -17.43 58.98
CA GLY D 431 14.05 -18.52 58.29
C GLY D 431 15.03 -19.65 58.29
N GLN D 432 14.59 -20.83 57.81
CA GLN D 432 15.44 -21.99 57.83
C GLN D 432 16.60 -21.72 56.93
N ASN D 433 16.35 -21.16 55.73
CA ASN D 433 17.41 -20.97 54.81
C ASN D 433 17.37 -19.55 54.35
N GLU D 434 18.44 -19.11 53.66
CA GLU D 434 18.63 -17.73 53.34
C GLU D 434 17.48 -17.28 52.51
N ASP D 435 17.05 -18.13 51.56
CA ASP D 435 15.99 -17.73 50.68
C ASP D 435 14.81 -17.45 51.54
N GLN D 436 14.58 -18.31 52.55
CA GLN D 436 13.49 -18.09 53.46
C GLN D 436 13.76 -16.81 54.17
N ASN D 437 15.04 -16.57 54.53
CA ASN D 437 15.36 -15.43 55.34
C ASN D 437 14.93 -14.21 54.60
N VAL D 438 15.27 -14.11 53.30
CA VAL D 438 14.99 -12.91 52.59
C VAL D 438 13.51 -12.73 52.56
N GLY D 439 12.76 -13.82 52.36
CA GLY D 439 11.34 -13.72 52.26
C GLY D 439 10.83 -13.18 53.55
N ILE D 440 11.41 -13.65 54.67
CA ILE D 440 10.94 -13.22 55.95
C ILE D 440 11.17 -11.75 56.03
N LYS D 441 12.36 -11.30 55.59
CA LYS D 441 12.68 -9.91 55.67
C LYS D 441 11.70 -9.18 54.81
N VAL D 442 11.38 -9.76 53.65
CA VAL D 442 10.51 -9.09 52.72
C VAL D 442 9.21 -8.86 53.41
N ALA D 443 8.71 -9.87 54.13
CA ALA D 443 7.42 -9.75 54.74
C ALA D 443 7.50 -8.61 55.70
N LEU D 444 8.62 -8.53 56.44
CA LEU D 444 8.74 -7.50 57.44
C LEU D 444 8.69 -6.20 56.75
N ARG D 445 9.37 -6.10 55.59
CA ARG D 445 9.42 -4.86 54.86
C ARG D 445 8.02 -4.54 54.47
N ALA D 446 7.26 -5.56 54.04
CA ALA D 446 5.95 -5.33 53.53
C ALA D 446 5.13 -4.70 54.61
N MET D 447 5.29 -5.17 55.86
CA MET D 447 4.48 -4.69 56.93
C MET D 447 4.76 -3.23 57.10
N GLU D 448 6.05 -2.85 56.99
CA GLU D 448 6.46 -1.51 57.28
C GLU D 448 5.79 -0.60 56.32
N ALA D 449 5.61 -1.04 55.06
CA ALA D 449 5.29 -0.13 54.00
C ALA D 449 4.02 0.61 54.31
N PRO D 450 2.95 -0.01 54.74
CA PRO D 450 1.70 0.68 54.81
C PRO D 450 1.78 1.83 55.77
N LEU D 451 2.70 1.76 56.76
CA LEU D 451 2.84 2.86 57.66
C LEU D 451 3.33 4.02 56.86
N ARG D 452 4.28 3.73 55.94
CA ARG D 452 4.90 4.74 55.15
C ARG D 452 3.85 5.39 54.32
N GLN D 453 2.91 4.59 53.78
CA GLN D 453 1.96 5.12 52.85
C GLN D 453 1.18 6.18 53.55
N ILE D 454 0.80 5.93 54.81
CA ILE D 454 0.03 6.90 55.53
C ILE D 454 0.86 8.12 55.65
N VAL D 455 2.16 7.94 55.97
CA VAL D 455 3.04 9.04 56.18
C VAL D 455 3.10 9.82 54.90
N LEU D 456 3.17 9.10 53.76
CA LEU D 456 3.34 9.75 52.50
C LEU D 456 2.15 10.62 52.30
N ASN D 457 0.97 10.12 52.69
CA ASN D 457 -0.23 10.89 52.53
C ASN D 457 -0.04 12.13 53.32
N CYS D 458 0.55 12.00 54.52
CA CYS D 458 0.80 13.13 55.35
C CYS D 458 1.73 14.03 54.59
N GLY D 459 2.69 13.41 53.86
CA GLY D 459 3.65 14.19 53.14
C GLY D 459 4.88 14.25 53.98
N GLU D 460 4.79 13.73 55.22
CA GLU D 460 5.97 13.61 56.04
C GLU D 460 6.74 12.48 55.45
N GLU D 461 8.07 12.48 55.67
CA GLU D 461 8.87 11.44 55.09
C GLU D 461 8.73 10.24 55.97
N PRO D 462 8.20 9.20 55.39
CA PRO D 462 7.80 8.04 56.13
C PRO D 462 9.02 7.41 56.75
N SER D 463 10.21 7.68 56.19
CA SER D 463 11.38 7.03 56.68
C SER D 463 11.56 7.42 58.10
N VAL D 464 11.52 8.74 58.37
CA VAL D 464 11.77 9.21 59.70
C VAL D 464 10.72 8.65 60.59
N VAL D 465 9.44 8.72 60.14
CA VAL D 465 8.37 8.30 60.99
C VAL D 465 8.56 6.85 61.30
N ALA D 466 8.85 6.05 60.26
CA ALA D 466 8.94 4.64 60.45
C ALA D 466 10.05 4.38 61.42
N ASN D 467 11.19 5.08 61.23
CA ASN D 467 12.32 4.83 62.07
C ASN D 467 11.93 5.16 63.47
N THR D 468 11.27 6.32 63.66
CA THR D 468 10.93 6.74 64.99
C THR D 468 10.00 5.73 65.56
N VAL D 469 9.01 5.29 64.76
CA VAL D 469 8.01 4.40 65.27
C VAL D 469 8.70 3.16 65.73
N LYS D 470 9.64 2.65 64.92
CA LYS D 470 10.30 1.42 65.26
C LYS D 470 11.03 1.66 66.54
N GLY D 471 11.67 2.84 66.66
CA GLY D 471 12.54 3.07 67.77
C GLY D 471 11.75 2.98 69.03
N GLY D 472 10.53 3.57 69.03
CA GLY D 472 9.80 3.62 70.25
C GLY D 472 9.47 2.23 70.65
N ASP D 473 9.62 1.92 71.96
CA ASP D 473 9.25 0.65 72.46
C ASP D 473 7.80 0.72 72.81
N GLY D 474 7.19 -0.41 73.20
CA GLY D 474 5.83 -0.39 73.61
C GLY D 474 5.01 -0.10 72.40
N ASN D 475 3.85 0.55 72.59
CA ASN D 475 3.06 0.91 71.45
C ASN D 475 3.49 2.28 71.06
N TYR D 476 4.08 2.39 69.85
CA TYR D 476 4.49 3.67 69.38
C TYR D 476 3.93 3.81 68.01
N GLY D 477 3.46 5.02 67.65
CA GLY D 477 2.84 5.15 66.36
C GLY D 477 2.82 6.60 66.02
N TYR D 478 2.36 6.90 64.77
CA TYR D 478 2.25 8.25 64.33
C TYR D 478 0.81 8.47 64.07
N ASN D 479 0.26 9.61 64.56
CA ASN D 479 -1.11 9.89 64.29
C ASN D 479 -1.11 10.90 63.19
N ALA D 480 -1.81 10.59 62.09
CA ALA D 480 -1.77 11.48 60.96
C ALA D 480 -2.37 12.78 61.38
N ALA D 481 -3.54 12.71 62.04
CA ALA D 481 -4.25 13.93 62.33
C ALA D 481 -3.42 14.75 63.25
N THR D 482 -2.88 14.12 64.31
CA THR D 482 -2.13 14.86 65.28
C THR D 482 -0.91 15.37 64.60
N GLU D 483 -0.28 14.51 63.79
CA GLU D 483 1.02 14.80 63.28
C GLU D 483 1.89 15.01 64.48
N GLU D 484 1.57 14.29 65.57
CA GLU D 484 2.38 14.35 66.75
C GLU D 484 2.59 12.93 67.17
N TYR D 485 3.66 12.69 67.95
CA TYR D 485 3.93 11.36 68.38
C TYR D 485 3.25 11.17 69.70
N GLY D 486 2.51 10.06 69.85
CA GLY D 486 1.86 9.81 71.09
C GLY D 486 1.52 8.35 71.12
N ASN D 487 1.05 7.86 72.28
CA ASN D 487 0.73 6.48 72.37
C ASN D 487 -0.51 6.28 71.55
N MET D 488 -0.57 5.15 70.82
CA MET D 488 -1.70 4.90 69.98
C MET D 488 -2.89 4.76 70.87
N ILE D 489 -2.72 4.04 71.99
CA ILE D 489 -3.83 3.78 72.87
C ILE D 489 -4.29 5.10 73.39
N ASP D 490 -3.33 5.95 73.80
CA ASP D 490 -3.68 7.22 74.36
C ASP D 490 -4.41 7.98 73.31
N MET D 491 -3.93 7.87 72.05
CA MET D 491 -4.57 8.56 70.98
C MET D 491 -5.96 8.03 70.88
N GLY D 492 -6.10 6.70 71.05
CA GLY D 492 -7.41 6.13 71.05
C GLY D 492 -7.75 5.71 69.66
N ILE D 493 -6.79 5.86 68.73
CA ILE D 493 -7.07 5.40 67.39
C ILE D 493 -6.43 4.06 67.28
N LEU D 494 -7.28 3.02 67.12
CA LEU D 494 -6.77 1.68 67.14
C LEU D 494 -7.36 0.94 65.97
N ASP D 495 -6.54 0.10 65.30
CA ASP D 495 -7.03 -0.70 64.22
C ASP D 495 -7.28 -2.07 64.77
N PRO D 496 -8.33 -2.68 64.32
CA PRO D 496 -8.77 -3.90 64.94
C PRO D 496 -7.72 -4.93 64.77
N THR D 497 -7.55 -5.80 65.77
CA THR D 497 -6.56 -6.83 65.69
C THR D 497 -6.93 -7.75 64.57
N LYS D 498 -8.21 -8.14 64.54
CA LYS D 498 -8.63 -9.15 63.61
C LYS D 498 -8.42 -8.63 62.23
N VAL D 499 -8.81 -7.37 61.99
CA VAL D 499 -8.74 -6.86 60.65
C VAL D 499 -7.31 -6.87 60.23
N THR D 500 -6.41 -6.41 61.12
CA THR D 500 -5.02 -6.32 60.74
C THR D 500 -4.54 -7.69 60.44
N ARG D 501 -4.86 -8.66 61.33
CA ARG D 501 -4.36 -9.98 61.17
C ARG D 501 -4.88 -10.54 59.89
N SER D 502 -6.19 -10.34 59.65
CA SER D 502 -6.81 -10.94 58.51
C SER D 502 -6.13 -10.43 57.29
N ALA D 503 -5.97 -9.09 57.20
CA ALA D 503 -5.46 -8.51 56.00
C ALA D 503 -4.10 -9.04 55.76
N LEU D 504 -3.27 -9.11 56.83
CA LEU D 504 -1.90 -9.47 56.66
C LEU D 504 -1.85 -10.85 56.10
N GLN D 505 -2.66 -11.76 56.67
CA GLN D 505 -2.54 -13.14 56.30
C GLN D 505 -2.89 -13.27 54.86
N TYR D 506 -3.98 -12.61 54.43
CA TYR D 506 -4.44 -12.74 53.08
C TYR D 506 -3.39 -12.17 52.18
N ALA D 507 -2.85 -10.99 52.56
CA ALA D 507 -1.93 -10.33 51.68
C ALA D 507 -0.77 -11.24 51.48
N ALA D 508 -0.31 -11.87 52.59
CA ALA D 508 0.84 -12.72 52.49
C ALA D 508 0.52 -13.82 51.55
N SER D 509 -0.69 -14.39 51.68
CA SER D 509 -1.06 -15.52 50.87
C SER D 509 -1.01 -15.09 49.45
N VAL D 510 -1.58 -13.91 49.15
CA VAL D 510 -1.66 -13.48 47.78
C VAL D 510 -0.27 -13.38 47.26
N ALA D 511 0.60 -12.73 48.05
CA ALA D 511 1.91 -12.41 47.56
C ALA D 511 2.59 -13.69 47.22
N GLY D 512 2.43 -14.70 48.10
CA GLY D 512 3.14 -15.92 47.88
C GLY D 512 2.68 -16.49 46.58
N LEU D 513 1.36 -16.44 46.34
CA LEU D 513 0.84 -17.06 45.15
C LEU D 513 1.43 -16.35 43.97
N MET D 514 1.47 -15.01 44.03
CA MET D 514 1.93 -14.27 42.90
C MET D 514 3.37 -14.61 42.69
N ILE D 515 4.13 -14.75 43.79
CA ILE D 515 5.53 -14.98 43.70
C ILE D 515 5.75 -16.27 42.99
N THR D 516 4.95 -17.30 43.35
CA THR D 516 5.24 -18.64 42.93
C THR D 516 5.25 -18.68 41.45
N THR D 517 4.24 -18.06 40.80
CA THR D 517 4.12 -18.30 39.39
C THR D 517 5.24 -17.59 38.73
N GLU D 518 6.31 -18.34 38.39
CA GLU D 518 7.37 -17.69 37.70
C GLU D 518 6.80 -17.24 36.40
N CYS D 519 6.29 -18.18 35.60
CA CYS D 519 6.00 -17.87 34.24
C CYS D 519 4.53 -18.08 34.03
N MET D 520 3.96 -17.33 33.07
CA MET D 520 2.57 -17.42 32.77
C MET D 520 2.47 -17.78 31.33
N VAL D 521 1.48 -18.64 30.98
CA VAL D 521 1.28 -18.95 29.61
C VAL D 521 -0.12 -18.59 29.27
N THR D 522 -0.33 -18.00 28.09
CA THR D 522 -1.66 -17.69 27.64
C THR D 522 -1.72 -18.07 26.20
N ASP D 523 -2.94 -18.15 25.64
CA ASP D 523 -3.04 -18.37 24.24
C ASP D 523 -2.63 -17.09 23.58
N LEU D 524 -2.05 -17.18 22.38
CA LEU D 524 -1.63 -15.99 21.70
C LEU D 524 -2.87 -15.35 21.18
N PRO D 525 -3.09 -14.12 21.41
N ALA E 2 -6.46 -31.00 1.67
CA ALA E 2 -5.92 -29.93 0.80
C ALA E 2 -4.44 -29.98 0.77
N ALA E 3 -3.78 -28.81 0.64
CA ALA E 3 -2.35 -28.80 0.62
C ALA E 3 -1.89 -29.17 1.98
N LYS E 4 -0.74 -29.86 2.06
CA LYS E 4 -0.25 -30.27 3.34
C LYS E 4 1.03 -29.54 3.56
N ASP E 5 1.29 -29.15 4.83
CA ASP E 5 2.58 -28.62 5.16
C ASP E 5 3.38 -29.78 5.65
N VAL E 6 4.50 -30.08 4.97
CA VAL E 6 5.21 -31.26 5.34
C VAL E 6 6.54 -30.83 5.90
N LYS E 7 6.94 -31.47 7.01
CA LYS E 7 8.27 -31.30 7.50
C LYS E 7 8.90 -32.65 7.42
N PHE E 8 10.15 -32.74 6.90
CA PHE E 8 10.70 -34.03 6.65
C PHE E 8 11.61 -34.37 7.77
N GLY E 9 11.43 -35.59 8.34
CA GLY E 9 12.38 -36.19 9.22
C GLY E 9 12.70 -35.24 10.32
N ASN E 10 13.91 -34.65 10.24
CA ASN E 10 14.41 -33.84 11.31
C ASN E 10 13.41 -32.75 11.53
N ASP E 11 12.83 -32.22 10.44
CA ASP E 11 11.88 -31.15 10.58
C ASP E 11 10.75 -31.64 11.43
N ALA E 12 10.23 -32.85 11.15
CA ALA E 12 9.12 -33.32 11.92
C ALA E 12 9.58 -33.47 13.32
N ARG E 13 10.76 -34.07 13.50
CA ARG E 13 11.22 -34.44 14.82
C ARG E 13 11.40 -33.20 15.62
N VAL E 14 11.94 -32.14 14.99
CA VAL E 14 12.38 -31.01 15.75
C VAL E 14 11.19 -30.43 16.46
N LYS E 15 10.04 -30.36 15.78
CA LYS E 15 8.90 -29.73 16.39
C LYS E 15 8.58 -30.49 17.64
N MET E 16 8.56 -31.82 17.54
CA MET E 16 8.25 -32.62 18.69
C MET E 16 9.32 -32.39 19.70
N LEU E 17 10.59 -32.37 19.25
CA LEU E 17 11.69 -32.33 20.16
C LEU E 17 11.62 -31.07 20.94
N ARG E 18 11.39 -29.94 20.23
CA ARG E 18 11.42 -28.66 20.88
C ARG E 18 10.33 -28.67 21.89
N GLY E 19 9.15 -29.19 21.49
CA GLY E 19 8.04 -29.20 22.40
C GLY E 19 8.43 -30.05 23.57
N VAL E 20 9.08 -31.18 23.30
CA VAL E 20 9.42 -32.09 24.36
C VAL E 20 10.34 -31.37 25.29
N ASN E 21 11.33 -30.65 24.72
CA ASN E 21 12.33 -30.03 25.53
C ASN E 21 11.66 -29.04 26.40
N VAL E 22 10.75 -28.22 25.84
CA VAL E 22 10.17 -27.17 26.60
C VAL E 22 9.46 -27.79 27.76
N LEU E 23 8.64 -28.81 27.50
CA LEU E 23 7.87 -29.40 28.55
C LEU E 23 8.83 -29.99 29.52
N ALA E 24 9.84 -30.70 29.00
CA ALA E 24 10.74 -31.47 29.80
C ALA E 24 11.47 -30.54 30.71
N ASP E 25 11.88 -29.37 30.20
CA ASP E 25 12.76 -28.53 30.95
C ASP E 25 12.06 -28.14 32.21
N ALA E 26 10.78 -27.74 32.08
CA ALA E 26 10.08 -27.29 33.24
C ALA E 26 10.00 -28.44 34.18
N VAL E 27 9.69 -29.63 33.63
CA VAL E 27 9.45 -30.78 34.44
C VAL E 27 10.71 -31.12 35.18
N LYS E 28 11.86 -31.09 34.48
CA LYS E 28 13.07 -31.55 35.08
C LYS E 28 13.39 -30.67 36.25
N VAL E 29 13.31 -29.34 36.06
CA VAL E 29 13.67 -28.46 37.13
C VAL E 29 12.74 -28.71 38.26
N THR E 30 11.44 -28.86 37.96
CA THR E 30 10.47 -29.03 39.00
C THR E 30 10.76 -30.30 39.70
N LEU E 31 11.20 -31.34 38.96
CA LEU E 31 11.41 -32.61 39.57
C LEU E 31 12.43 -32.42 40.64
N GLY E 32 12.22 -33.11 41.78
CA GLY E 32 13.11 -32.93 42.88
C GLY E 32 12.60 -31.75 43.62
N PRO E 33 13.12 -31.58 44.79
CA PRO E 33 12.54 -30.68 45.74
C PRO E 33 12.57 -29.30 45.18
N LYS E 34 13.50 -29.03 44.25
CA LYS E 34 13.84 -27.70 43.89
C LYS E 34 12.67 -26.99 43.28
N GLY E 35 11.96 -27.65 42.33
CA GLY E 35 11.00 -26.91 41.55
C GLY E 35 9.95 -26.38 42.47
N ARG E 36 9.93 -25.05 42.65
CA ARG E 36 8.94 -24.45 43.51
C ARG E 36 7.58 -24.58 42.90
N ASN E 37 7.42 -24.19 41.62
CA ASN E 37 6.09 -24.12 41.10
C ASN E 37 6.15 -23.73 39.65
N VAL E 38 5.03 -23.93 38.93
CA VAL E 38 4.85 -23.37 37.62
C VAL E 38 3.43 -22.92 37.54
N VAL E 39 3.14 -21.87 36.74
CA VAL E 39 1.76 -21.45 36.63
C VAL E 39 1.51 -21.00 35.22
N LEU E 40 0.26 -21.18 34.75
CA LEU E 40 -0.12 -20.66 33.47
C LEU E 40 -1.60 -20.41 33.47
N ASP E 41 -2.09 -19.72 32.42
CA ASP E 41 -3.45 -19.25 32.35
C ASP E 41 -4.35 -20.40 32.00
N LYS E 42 -5.66 -20.23 32.28
CA LYS E 42 -6.66 -21.18 31.84
C LYS E 42 -7.57 -20.45 30.91
N SER E 43 -8.13 -21.16 29.92
CA SER E 43 -9.02 -20.52 28.99
C SER E 43 -10.20 -20.01 29.75
N PHE E 44 -10.81 -20.89 30.58
CA PHE E 44 -11.95 -20.50 31.33
C PHE E 44 -11.59 -20.61 32.77
N GLY E 45 -12.18 -19.74 33.61
CA GLY E 45 -11.95 -19.81 35.01
C GLY E 45 -10.62 -19.17 35.27
N ALA E 46 -10.19 -19.19 36.55
CA ALA E 46 -8.92 -18.65 36.89
C ALA E 46 -7.88 -19.60 36.39
N PRO E 47 -6.73 -19.08 36.09
CA PRO E 47 -5.69 -19.85 35.49
C PRO E 47 -5.27 -20.89 36.46
N THR E 48 -4.81 -22.05 35.96
CA THR E 48 -4.41 -23.08 36.87
C THR E 48 -3.01 -22.79 37.31
N ILE E 49 -2.66 -23.24 38.52
CA ILE E 49 -1.30 -23.13 38.98
C ILE E 49 -0.86 -24.51 39.28
N THR E 50 0.37 -24.86 38.85
CA THR E 50 0.80 -26.21 39.04
C THR E 50 1.96 -26.23 39.96
N LYS E 51 1.77 -26.78 41.17
CA LYS E 51 2.87 -27.04 42.05
C LYS E 51 3.71 -28.13 41.47
N ASP E 52 3.04 -29.22 41.04
CA ASP E 52 3.73 -30.46 40.80
C ASP E 52 4.39 -30.41 39.47
N GLY E 53 5.37 -31.29 39.26
CA GLY E 53 6.01 -31.37 37.97
C GLY E 53 4.98 -31.82 36.99
N VAL E 54 4.17 -32.81 37.38
CA VAL E 54 3.22 -33.39 36.46
C VAL E 54 2.29 -32.31 36.06
N SER E 55 1.81 -31.54 37.05
CA SER E 55 0.84 -30.54 36.77
C SER E 55 1.46 -29.55 35.86
N VAL E 56 2.78 -29.34 35.99
CA VAL E 56 3.43 -28.38 35.15
C VAL E 56 3.29 -28.82 33.74
N ALA E 57 3.53 -30.12 33.50
CA ALA E 57 3.50 -30.62 32.15
C ALA E 57 2.11 -30.43 31.64
N ARG E 58 1.11 -30.73 32.50
CA ARG E 58 -0.25 -30.62 32.10
C ARG E 58 -0.51 -29.19 31.76
N GLU E 59 -0.03 -28.29 32.63
CA GLU E 59 -0.32 -26.88 32.49
C GLU E 59 0.30 -26.41 31.22
N ILE E 60 1.54 -26.86 30.95
CA ILE E 60 2.27 -26.28 29.86
C ILE E 60 1.64 -26.75 28.59
N GLU E 61 1.28 -25.80 27.72
CA GLU E 61 0.78 -26.12 26.42
C GLU E 61 1.65 -25.40 25.45
N LEU E 62 1.82 -25.97 24.24
CA LEU E 62 2.67 -25.33 23.29
C LEU E 62 1.80 -24.73 22.23
N GLU E 63 2.15 -23.51 21.80
CA GLU E 63 1.36 -22.82 20.82
C GLU E 63 1.41 -23.63 19.57
N ASP E 64 2.62 -24.10 19.19
CA ASP E 64 2.73 -24.80 17.94
C ASP E 64 1.98 -26.08 18.07
N LYS E 65 1.26 -26.45 17.01
CA LYS E 65 0.50 -27.67 17.05
C LYS E 65 1.47 -28.80 17.17
N PHE E 66 2.53 -28.79 16.35
CA PHE E 66 3.45 -29.88 16.31
C PHE E 66 4.08 -29.99 17.66
N GLU E 67 4.57 -28.85 18.19
CA GLU E 67 5.27 -28.90 19.43
C GLU E 67 4.31 -29.36 20.47
N ASN E 68 3.08 -28.80 20.43
CA ASN E 68 2.12 -29.10 21.45
C ASN E 68 1.85 -30.57 21.40
N MET E 69 1.68 -31.10 20.17
CA MET E 69 1.32 -32.48 20.04
C MET E 69 2.43 -33.29 20.63
N GLY E 70 3.69 -32.91 20.32
CA GLY E 70 4.79 -33.68 20.80
C GLY E 70 4.77 -33.64 22.29
N ALA E 71 4.49 -32.46 22.85
CA ALA E 71 4.49 -32.31 24.28
C ALA E 71 3.42 -33.19 24.81
N GLN E 72 2.26 -33.23 24.13
CA GLN E 72 1.13 -33.94 24.63
C GLN E 72 1.49 -35.38 24.72
N MET E 73 2.21 -35.89 23.70
CA MET E 73 2.45 -37.29 23.64
C MET E 73 3.22 -37.67 24.86
N VAL E 74 4.23 -36.86 25.23
CA VAL E 74 5.05 -37.20 26.35
C VAL E 74 4.17 -37.21 27.56
N LYS E 75 3.31 -36.18 27.69
CA LYS E 75 2.54 -36.01 28.88
C LYS E 75 1.67 -37.21 29.04
N GLU E 76 1.03 -37.65 27.94
CA GLU E 76 0.07 -38.70 28.07
C GLU E 76 0.77 -39.91 28.59
N VAL E 77 1.95 -40.22 28.01
CA VAL E 77 2.65 -41.38 28.48
C VAL E 77 3.00 -41.15 29.91
N ALA E 78 3.47 -39.93 30.23
CA ALA E 78 3.97 -39.67 31.55
C ALA E 78 2.84 -39.92 32.50
N SER E 79 1.64 -39.46 32.14
CA SER E 79 0.54 -39.57 33.06
C SER E 79 0.29 -41.02 33.32
N LYS E 80 0.35 -41.85 32.26
CA LYS E 80 0.03 -43.24 32.43
C LYS E 80 0.99 -43.82 33.40
N ALA E 81 2.28 -43.49 33.23
CA ALA E 81 3.28 -43.99 34.14
C ALA E 81 2.95 -43.45 35.49
N ASN E 82 2.54 -42.17 35.53
CA ASN E 82 2.33 -41.51 36.78
C ASN E 82 1.30 -42.26 37.53
N ASP E 83 0.21 -42.66 36.85
CA ASP E 83 -0.86 -43.27 37.57
C ASP E 83 -0.33 -44.53 38.19
N ALA E 84 0.28 -45.41 37.37
CA ALA E 84 0.62 -46.71 37.88
C ALA E 84 1.64 -46.56 38.95
N ALA E 85 2.71 -45.81 38.68
CA ALA E 85 3.79 -45.71 39.62
C ALA E 85 3.26 -45.03 40.83
N GLY E 86 2.51 -43.94 40.60
CA GLY E 86 2.06 -43.10 41.66
C GLY E 86 3.06 -42.00 41.77
N ASP E 87 4.28 -42.26 41.28
CA ASP E 87 5.32 -41.29 41.33
C ASP E 87 6.13 -41.43 40.08
N GLY E 88 7.16 -40.57 39.92
CA GLY E 88 8.12 -40.78 38.87
C GLY E 88 7.55 -40.25 37.60
N THR E 89 6.51 -39.40 37.70
CA THR E 89 5.95 -38.86 36.50
C THR E 89 7.03 -38.08 35.82
N THR E 90 7.72 -37.24 36.61
CA THR E 90 8.73 -36.38 36.05
C THR E 90 9.81 -37.25 35.50
N THR E 91 10.17 -38.31 36.24
CA THR E 91 11.32 -39.09 35.87
C THR E 91 11.09 -39.62 34.50
N ALA E 92 9.88 -40.12 34.24
CA ALA E 92 9.60 -40.71 32.97
C ALA E 92 9.79 -39.64 31.94
N THR E 93 9.28 -38.43 32.23
CA THR E 93 9.36 -37.38 31.26
C THR E 93 10.81 -37.10 31.00
N VAL E 94 11.60 -37.00 32.08
CA VAL E 94 12.98 -36.63 31.94
C VAL E 94 13.63 -37.68 31.10
N LEU E 95 13.36 -38.95 31.39
CA LEU E 95 14.03 -40.02 30.70
C LEU E 95 13.67 -39.91 29.25
N ALA E 96 12.38 -39.67 28.97
CA ALA E 96 11.92 -39.69 27.62
C ALA E 96 12.65 -38.63 26.85
N GLN E 97 12.81 -37.45 27.46
CA GLN E 97 13.37 -36.35 26.73
C GLN E 97 14.75 -36.73 26.32
N ALA E 98 15.52 -37.31 27.26
CA ALA E 98 16.89 -37.60 26.96
C ALA E 98 16.92 -38.58 25.84
N ILE E 99 16.05 -39.61 25.91
CA ILE E 99 16.09 -40.65 24.93
C ILE E 99 15.75 -40.04 23.61
N ILE E 100 14.70 -39.19 23.59
CA ILE E 100 14.19 -38.69 22.35
C ILE E 100 15.27 -37.91 21.69
N THR E 101 15.95 -37.05 22.46
CA THR E 101 16.89 -36.15 21.86
C THR E 101 17.94 -36.97 21.18
N GLU E 102 18.44 -37.98 21.90
CA GLU E 102 19.50 -38.79 21.36
C GLU E 102 18.96 -39.47 20.14
N GLY E 103 17.71 -39.96 20.23
CA GLY E 103 17.16 -40.70 19.14
C GLY E 103 17.09 -39.78 17.96
N LEU E 104 16.71 -38.52 18.20
CA LEU E 104 16.56 -37.59 17.13
C LEU E 104 17.91 -37.39 16.49
N LYS E 105 18.96 -37.26 17.31
CA LYS E 105 20.28 -37.04 16.79
C LYS E 105 20.60 -38.23 15.96
N ALA E 106 20.29 -39.43 16.47
CA ALA E 106 20.59 -40.62 15.74
C ALA E 106 19.83 -40.56 14.46
N VAL E 107 18.60 -40.03 14.52
CA VAL E 107 17.78 -39.84 13.36
C VAL E 107 18.56 -38.97 12.43
N ALA E 108 19.19 -37.92 12.98
CA ALA E 108 20.00 -37.04 12.17
C ALA E 108 21.07 -37.90 11.56
N ALA E 109 21.59 -38.84 12.35
CA ALA E 109 22.62 -39.71 11.87
C ALA E 109 22.05 -40.44 10.70
N GLY E 110 20.75 -40.81 10.79
CA GLY E 110 20.11 -41.45 9.68
C GLY E 110 20.20 -42.91 9.88
N MET E 111 20.70 -43.34 11.05
CA MET E 111 20.67 -44.74 11.34
C MET E 111 19.22 -45.09 11.49
N ASN E 112 18.83 -46.31 11.08
CA ASN E 112 17.44 -46.62 11.10
C ASN E 112 17.02 -46.69 12.54
N PRO E 113 15.99 -45.96 12.85
CA PRO E 113 15.53 -45.80 14.19
C PRO E 113 15.05 -47.12 14.71
N MET E 114 14.68 -48.04 13.81
CA MET E 114 14.04 -49.25 14.24
C MET E 114 15.00 -49.99 15.11
N ASP E 115 16.27 -50.06 14.68
CA ASP E 115 17.24 -50.81 15.43
C ASP E 115 17.37 -50.14 16.75
N LEU E 116 17.41 -48.80 16.75
CA LEU E 116 17.64 -48.06 17.96
C LEU E 116 16.51 -48.36 18.90
N LYS E 117 15.28 -48.35 18.37
CA LYS E 117 14.15 -48.55 19.22
C LYS E 117 14.28 -49.90 19.82
N ARG E 118 14.65 -50.90 18.99
CA ARG E 118 14.76 -52.24 19.46
C ARG E 118 15.81 -52.26 20.52
N GLY E 119 16.94 -51.58 20.25
CA GLY E 119 18.03 -51.60 21.18
C GLY E 119 17.57 -51.01 22.46
N ILE E 120 16.80 -49.90 22.36
CA ILE E 120 16.38 -49.21 23.54
C ILE E 120 15.53 -50.14 24.33
N ASP E 121 14.60 -50.84 23.64
CA ASP E 121 13.69 -51.69 24.32
C ASP E 121 14.50 -52.76 24.99
N LYS E 122 15.50 -53.29 24.27
CA LYS E 122 16.29 -54.35 24.81
C LYS E 122 16.97 -53.84 26.04
N ALA E 123 17.51 -52.61 25.96
CA ALA E 123 18.23 -52.06 27.06
C ALA E 123 17.29 -51.95 28.20
N VAL E 124 16.05 -51.49 27.91
CA VAL E 124 15.11 -51.25 28.96
C VAL E 124 14.87 -52.54 29.67
N THR E 125 14.69 -53.62 28.90
CA THR E 125 14.35 -54.88 29.50
C THR E 125 15.47 -55.26 30.41
N ALA E 126 16.72 -55.11 29.94
CA ALA E 126 17.84 -55.52 30.72
C ALA E 126 17.84 -54.71 31.98
N ALA E 127 17.60 -53.39 31.84
CA ALA E 127 17.66 -52.52 32.98
C ALA E 127 16.64 -52.97 33.96
N VAL E 128 15.44 -53.33 33.46
CA VAL E 128 14.36 -53.66 34.33
C VAL E 128 14.78 -54.82 35.15
N GLU E 129 15.39 -55.83 34.51
CA GLU E 129 15.74 -57.03 35.22
C GLU E 129 16.71 -56.66 36.30
N GLU E 130 17.67 -55.79 35.96
CA GLU E 130 18.69 -55.44 36.91
C GLU E 130 18.00 -54.76 38.06
N LEU E 131 17.04 -53.87 37.75
CA LEU E 131 16.42 -53.09 38.77
C LEU E 131 15.73 -54.03 39.71
N LYS E 132 15.05 -55.03 39.16
CA LYS E 132 14.23 -55.88 39.99
C LYS E 132 15.14 -56.54 40.98
N ALA E 133 16.29 -57.05 40.52
CA ALA E 133 17.19 -57.72 41.41
C ALA E 133 17.64 -56.71 42.42
N LEU E 134 17.94 -55.50 41.95
CA LEU E 134 18.51 -54.49 42.80
C LEU E 134 17.53 -54.19 43.88
N SER E 135 16.22 -54.14 43.52
CA SER E 135 15.24 -53.65 44.42
C SER E 135 15.24 -54.50 45.64
N VAL E 136 14.90 -53.89 46.79
CA VAL E 136 14.87 -54.57 48.05
C VAL E 136 13.60 -54.15 48.72
N PRO E 137 13.27 -54.85 49.77
CA PRO E 137 11.98 -54.72 50.39
C PRO E 137 11.85 -53.34 50.96
N CYS E 138 10.61 -52.85 51.13
CA CYS E 138 10.41 -51.51 51.57
C CYS E 138 10.79 -51.43 53.01
N SER E 139 11.25 -50.24 53.43
CA SER E 139 11.65 -50.05 54.79
C SER E 139 10.43 -49.68 55.57
N ASP E 140 10.64 -49.26 56.84
CA ASP E 140 9.56 -49.06 57.75
C ASP E 140 8.89 -47.77 57.41
N SER E 141 7.92 -47.38 58.25
CA SER E 141 7.03 -46.29 57.97
C SER E 141 7.86 -45.05 57.83
N LYS E 142 8.95 -44.94 58.60
CA LYS E 142 9.76 -43.76 58.51
C LYS E 142 10.23 -43.68 57.10
N ALA E 143 10.64 -44.83 56.55
CA ALA E 143 11.02 -44.90 55.17
C ALA E 143 9.82 -44.53 54.36
N ILE E 144 8.64 -44.99 54.79
CA ILE E 144 7.45 -44.81 54.03
C ILE E 144 7.26 -43.33 53.87
N ALA E 145 7.47 -42.57 54.95
CA ALA E 145 7.27 -41.15 54.88
C ALA E 145 8.22 -40.64 53.85
N GLN E 146 9.45 -41.17 53.85
CA GLN E 146 10.44 -40.73 52.91
C GLN E 146 9.93 -41.04 51.53
N VAL E 147 9.32 -42.23 51.38
CA VAL E 147 8.80 -42.59 50.09
C VAL E 147 7.78 -41.56 49.75
N GLY E 148 6.95 -41.20 50.76
CA GLY E 148 5.89 -40.26 50.54
C GLY E 148 6.49 -38.96 50.11
N THR E 149 7.62 -38.58 50.72
CA THR E 149 8.21 -37.30 50.47
C THR E 149 8.62 -37.26 49.04
N ILE E 150 9.14 -38.39 48.51
CA ILE E 150 9.63 -38.38 47.17
C ILE E 150 8.49 -38.03 46.26
N SER E 151 7.32 -38.68 46.47
CA SER E 151 6.17 -38.36 45.68
C SER E 151 5.79 -36.96 46.02
N ALA E 152 6.09 -36.58 47.28
CA ALA E 152 5.75 -35.29 47.80
C ALA E 152 6.46 -34.26 47.00
N ASN E 153 7.67 -34.58 46.52
CA ASN E 153 8.51 -33.56 45.99
C ASN E 153 8.70 -32.56 47.09
N SER E 154 9.22 -33.06 48.23
CA SER E 154 9.45 -32.27 49.40
C SER E 154 8.17 -31.68 49.86
N ASP E 155 7.06 -32.43 49.70
CA ASP E 155 5.89 -32.04 50.43
C ASP E 155 5.91 -32.84 51.69
N GLU E 156 6.34 -32.19 52.79
CA GLU E 156 6.52 -32.90 54.01
C GLU E 156 5.17 -33.36 54.45
N THR E 157 4.16 -32.50 54.30
CA THR E 157 2.86 -32.78 54.84
C THR E 157 2.35 -34.03 54.20
N VAL E 158 2.49 -34.14 52.87
CA VAL E 158 1.89 -35.23 52.16
C VAL E 158 2.47 -36.49 52.71
N GLY E 159 3.81 -36.53 52.85
CA GLY E 159 4.44 -37.74 53.27
C GLY E 159 3.93 -38.07 54.63
N LYS E 160 3.84 -37.05 55.50
CA LYS E 160 3.43 -37.30 56.85
C LYS E 160 2.03 -37.83 56.80
N LEU E 161 1.17 -37.20 55.98
CA LEU E 161 -0.21 -37.57 55.95
C LEU E 161 -0.27 -38.98 55.49
N ILE E 162 0.50 -39.32 54.44
CA ILE E 162 0.42 -40.63 53.88
C ILE E 162 0.82 -41.59 54.93
N ALA E 163 1.94 -41.30 55.63
CA ALA E 163 2.42 -42.23 56.62
C ALA E 163 1.38 -42.36 57.68
N GLU E 164 0.83 -41.21 58.12
CA GLU E 164 -0.07 -41.24 59.23
C GLU E 164 -1.26 -42.02 58.83
N ALA E 165 -1.80 -41.75 57.62
CA ALA E 165 -2.97 -42.43 57.18
C ALA E 165 -2.63 -43.89 57.08
N MET E 166 -1.44 -44.17 56.54
CA MET E 166 -1.06 -45.52 56.27
C MET E 166 -0.99 -46.25 57.56
N ASP E 167 -0.43 -45.61 58.61
CA ASP E 167 -0.25 -46.33 59.83
C ASP E 167 -1.59 -46.74 60.34
N LYS E 168 -2.53 -45.78 60.42
CA LYS E 168 -3.79 -46.07 61.07
C LYS E 168 -4.51 -47.12 60.28
N VAL E 169 -4.61 -46.90 58.96
CA VAL E 169 -5.36 -47.79 58.12
C VAL E 169 -4.70 -49.11 58.13
N GLY E 170 -3.35 -49.10 58.09
CA GLY E 170 -2.59 -50.28 57.83
C GLY E 170 -2.18 -50.19 56.41
N LYS E 171 -1.00 -50.75 56.08
CA LYS E 171 -0.50 -50.63 54.74
C LYS E 171 -1.47 -51.32 53.85
N GLU E 172 -1.93 -52.50 54.28
CA GLU E 172 -2.81 -53.28 53.46
C GLU E 172 -4.08 -52.51 53.28
N GLY E 173 -4.55 -51.86 54.35
CA GLY E 173 -5.83 -51.22 54.28
C GLY E 173 -5.74 -50.16 53.25
N VAL E 174 -6.84 -49.94 52.51
CA VAL E 174 -6.86 -48.95 51.47
C VAL E 174 -7.06 -47.62 52.11
N ILE E 175 -6.46 -46.58 51.51
CA ILE E 175 -6.66 -45.25 52.01
C ILE E 175 -7.29 -44.47 50.91
N THR E 176 -8.27 -43.62 51.25
CA THR E 176 -8.92 -42.84 50.24
C THR E 176 -8.65 -41.41 50.57
N VAL E 177 -8.61 -40.55 49.52
CA VAL E 177 -8.35 -39.17 49.77
C VAL E 177 -9.59 -38.42 49.41
N GLU E 178 -9.92 -37.40 50.22
CA GLU E 178 -11.04 -36.56 49.95
C GLU E 178 -10.54 -35.15 50.11
N ASP E 179 -11.29 -34.18 49.56
CA ASP E 179 -10.86 -32.82 49.71
C ASP E 179 -11.00 -32.50 51.15
N GLY E 180 -10.11 -31.61 51.67
CA GLY E 180 -10.14 -31.33 53.07
C GLY E 180 -11.37 -30.53 53.35
N THR E 181 -11.94 -30.73 54.55
CA THR E 181 -13.05 -29.94 54.96
C THR E 181 -12.56 -28.54 55.11
N GLY E 182 -11.37 -28.39 55.72
CA GLY E 182 -10.84 -27.10 56.00
C GLY E 182 -9.38 -27.16 55.75
N LEU E 183 -8.65 -26.08 56.11
CA LEU E 183 -7.26 -25.97 55.82
C LEU E 183 -6.56 -27.07 56.55
N GLN E 184 -6.97 -27.36 57.79
CA GLN E 184 -6.33 -28.42 58.51
C GLN E 184 -6.80 -29.70 57.91
N ASP E 185 -5.88 -30.67 57.77
CA ASP E 185 -6.26 -31.94 57.22
C ASP E 185 -7.01 -32.66 58.29
N GLU E 186 -7.91 -33.58 57.90
CA GLU E 186 -8.54 -34.41 58.88
C GLU E 186 -8.38 -35.82 58.42
N LEU E 187 -8.03 -36.72 59.37
CA LEU E 187 -8.01 -38.11 59.02
C LEU E 187 -9.13 -38.74 59.77
N ASP E 188 -10.10 -39.31 59.04
CA ASP E 188 -11.20 -39.94 59.72
C ASP E 188 -11.31 -41.33 59.19
N VAL E 189 -11.62 -42.29 60.07
CA VAL E 189 -11.99 -43.58 59.58
C VAL E 189 -13.35 -43.42 59.01
N VAL E 190 -13.64 -44.09 57.89
CA VAL E 190 -14.90 -43.84 57.24
C VAL E 190 -15.74 -45.07 57.40
N GLU E 191 -17.06 -44.87 57.50
CA GLU E 191 -17.96 -45.98 57.56
C GLU E 191 -18.56 -46.11 56.20
N GLY E 192 -18.70 -47.36 55.72
CA GLY E 192 -19.30 -47.56 54.43
C GLY E 192 -18.65 -48.76 53.83
N MET E 193 -19.14 -49.21 52.66
CA MET E 193 -18.57 -50.35 52.03
C MET E 193 -18.27 -49.97 50.62
N GLN E 194 -17.24 -50.61 50.03
CA GLN E 194 -16.94 -50.39 48.65
C GLN E 194 -17.02 -51.73 47.98
N PHE E 195 -17.59 -51.76 46.76
CA PHE E 195 -17.70 -53.00 46.04
C PHE E 195 -17.19 -52.74 44.67
N ASP E 196 -16.46 -53.71 44.08
CA ASP E 196 -15.87 -53.41 42.80
C ASP E 196 -16.89 -53.64 41.75
N ARG E 197 -17.43 -52.54 41.19
CA ARG E 197 -18.34 -52.68 40.09
C ARG E 197 -18.02 -51.61 39.10
N GLY E 198 -18.27 -51.89 37.80
CA GLY E 198 -17.93 -50.95 36.78
C GLY E 198 -19.07 -49.99 36.63
N TYR E 199 -18.83 -48.92 35.83
CA TYR E 199 -19.91 -48.07 35.43
C TYR E 199 -20.38 -48.61 34.13
N LEU E 200 -21.72 -48.69 33.95
CA LEU E 200 -22.24 -49.37 32.81
C LEU E 200 -21.75 -48.66 31.59
N SER E 201 -21.86 -47.32 31.58
CA SER E 201 -21.46 -46.62 30.39
C SER E 201 -20.64 -45.44 30.80
N PRO E 202 -19.74 -45.07 29.93
CA PRO E 202 -18.90 -43.93 30.11
C PRO E 202 -19.77 -42.72 30.11
N TYR E 203 -21.00 -42.85 29.58
CA TYR E 203 -21.92 -41.75 29.54
C TYR E 203 -22.20 -41.40 30.96
N PHE E 204 -22.36 -42.43 31.81
CA PHE E 204 -22.64 -42.25 33.19
C PHE E 204 -21.51 -41.49 33.77
N ILE E 205 -20.27 -41.78 33.29
CA ILE E 205 -19.06 -41.22 33.79
C ILE E 205 -19.23 -39.75 33.96
N ASN E 206 -18.76 -39.25 35.12
CA ASN E 206 -19.04 -37.92 35.54
C ASN E 206 -18.17 -36.98 34.79
N LYS E 207 -18.38 -35.67 35.06
CA LYS E 207 -17.66 -34.62 34.40
C LYS E 207 -16.18 -34.77 34.62
N PRO E 208 -15.68 -35.04 35.81
CA PRO E 208 -14.27 -34.84 36.03
C PRO E 208 -13.42 -35.69 35.16
N GLU E 209 -12.14 -35.27 34.98
CA GLU E 209 -11.25 -35.87 34.02
C GLU E 209 -11.06 -37.30 34.41
N THR E 210 -11.00 -37.57 35.72
CA THR E 210 -10.75 -38.91 36.17
C THR E 210 -11.83 -39.76 35.61
N GLY E 211 -13.07 -39.26 35.63
CA GLY E 211 -14.14 -39.97 35.02
C GLY E 211 -14.81 -40.77 36.08
N ALA E 212 -14.24 -40.75 37.30
CA ALA E 212 -14.96 -41.34 38.39
C ALA E 212 -16.15 -40.47 38.60
N VAL E 213 -17.29 -41.06 38.94
CA VAL E 213 -18.45 -40.25 39.08
C VAL E 213 -18.73 -40.10 40.54
N GLU E 214 -18.94 -38.86 40.98
CA GLU E 214 -19.26 -38.66 42.36
C GLU E 214 -20.63 -38.07 42.39
N LEU E 215 -21.49 -38.60 43.29
CA LEU E 215 -22.81 -38.08 43.41
C LEU E 215 -22.90 -37.43 44.75
N GLU E 216 -23.63 -36.30 44.83
CA GLU E 216 -23.77 -35.67 46.11
C GLU E 216 -25.06 -36.14 46.68
N SER E 217 -25.01 -36.61 47.93
CA SER E 217 -26.15 -37.18 48.59
C SER E 217 -26.83 -38.15 47.68
N PRO E 218 -26.19 -39.16 47.17
CA PRO E 218 -26.80 -40.01 46.19
C PRO E 218 -27.93 -40.74 46.82
N PHE E 219 -28.90 -41.21 46.02
CA PHE E 219 -29.91 -42.09 46.52
C PHE E 219 -29.56 -43.44 45.98
N ILE E 220 -29.75 -44.50 46.77
CA ILE E 220 -29.37 -45.79 46.28
C ILE E 220 -30.61 -46.61 46.17
N LEU E 221 -30.87 -47.14 44.96
CA LEU E 221 -31.92 -48.10 44.81
C LEU E 221 -31.24 -49.40 44.56
N LEU E 222 -31.58 -50.43 45.36
CA LEU E 222 -30.96 -51.70 45.15
C LEU E 222 -32.02 -52.64 44.71
N ALA E 223 -31.75 -53.38 43.61
CA ALA E 223 -32.64 -54.45 43.26
C ALA E 223 -31.79 -55.68 43.17
N ASP E 224 -32.25 -56.78 43.77
CA ASP E 224 -31.53 -58.00 43.63
C ASP E 224 -31.61 -58.37 42.19
N LYS E 225 -32.82 -58.22 41.61
CA LYS E 225 -33.03 -58.60 40.24
C LYS E 225 -32.43 -57.53 39.38
N LYS E 226 -32.02 -57.92 38.17
CA LYS E 226 -31.45 -56.99 37.25
C LYS E 226 -32.56 -56.13 36.75
N ILE E 227 -32.23 -54.92 36.26
CA ILE E 227 -33.27 -54.05 35.81
C ILE E 227 -33.36 -54.24 34.33
N SER E 228 -34.39 -54.99 33.89
CA SER E 228 -34.53 -55.32 32.51
C SER E 228 -34.81 -54.06 31.74
N ASN E 229 -35.86 -53.32 32.15
CA ASN E 229 -36.36 -52.31 31.27
C ASN E 229 -36.59 -51.05 32.05
N ILE E 230 -36.83 -49.96 31.32
CA ILE E 230 -37.06 -48.66 31.89
C ILE E 230 -38.33 -48.72 32.67
N ARG E 231 -39.36 -49.41 32.12
CA ARG E 231 -40.70 -49.25 32.60
C ARG E 231 -40.73 -49.61 34.05
N GLU E 232 -40.07 -50.72 34.42
CA GLU E 232 -40.06 -51.13 35.80
C GLU E 232 -39.39 -50.04 36.58
N MET E 233 -38.31 -49.48 35.99
CA MET E 233 -37.53 -48.47 36.64
C MET E 233 -38.37 -47.26 36.86
N LEU E 234 -39.29 -46.99 35.93
CA LEU E 234 -39.87 -45.67 35.79
C LEU E 234 -40.52 -45.27 37.08
N PRO E 235 -41.30 -46.09 37.72
CA PRO E 235 -41.99 -45.63 38.89
C PRO E 235 -41.02 -45.24 39.94
N VAL E 236 -39.81 -45.85 39.95
CA VAL E 236 -38.79 -45.44 40.86
C VAL E 236 -38.39 -44.06 40.47
N LEU E 237 -38.26 -43.84 39.16
CA LEU E 237 -37.80 -42.61 38.58
C LEU E 237 -38.77 -41.54 38.94
N GLU E 238 -40.08 -41.85 38.95
CA GLU E 238 -41.04 -40.82 39.22
C GLU E 238 -40.76 -40.31 40.60
N ALA E 239 -40.47 -41.23 41.54
CA ALA E 239 -40.11 -40.84 42.87
C ALA E 239 -38.87 -40.02 42.74
N VAL E 240 -37.91 -40.41 41.88
CA VAL E 240 -36.61 -39.77 41.65
C VAL E 240 -36.53 -38.52 40.73
N ALA E 241 -37.53 -38.20 39.89
CA ALA E 241 -37.68 -37.08 38.98
C ALA E 241 -38.73 -36.17 39.56
N LYS E 242 -39.45 -36.72 40.55
CA LYS E 242 -39.79 -36.07 41.78
C LYS E 242 -38.64 -36.24 42.75
N ALA E 243 -37.38 -36.08 42.27
CA ALA E 243 -36.15 -36.04 43.03
C ALA E 243 -35.01 -35.24 42.36
N GLY E 244 -33.73 -35.67 42.21
CA GLY E 244 -32.72 -34.74 41.65
C GLY E 244 -31.26 -34.84 42.04
N LYS E 245 -30.89 -34.75 43.33
CA LYS E 245 -29.54 -35.04 43.80
C LYS E 245 -29.24 -36.50 43.46
N PRO E 246 -28.06 -36.76 42.93
CA PRO E 246 -27.85 -37.86 42.02
C PRO E 246 -28.24 -39.23 42.49
N LEU E 247 -29.18 -39.81 41.80
CA LEU E 247 -29.67 -41.13 42.03
C LEU E 247 -28.63 -42.09 41.54
N LEU E 248 -28.35 -43.12 42.37
CA LEU E 248 -27.54 -44.21 41.96
C LEU E 248 -28.43 -45.39 41.90
N ILE E 249 -28.26 -46.25 40.87
CA ILE E 249 -29.11 -47.39 40.74
C ILE E 249 -28.23 -48.59 40.78
N ILE E 250 -28.66 -49.63 41.52
CA ILE E 250 -27.91 -50.84 41.52
C ILE E 250 -28.79 -51.88 40.88
N ALA E 251 -28.27 -52.52 39.82
CA ALA E 251 -29.02 -53.56 39.19
C ALA E 251 -28.11 -54.73 39.08
N GLU E 252 -28.69 -55.95 39.15
CA GLU E 252 -27.85 -57.11 39.09
C GLU E 252 -27.17 -57.08 37.75
N ASP E 253 -27.97 -56.89 36.68
CA ASP E 253 -27.40 -56.83 35.37
C ASP E 253 -28.20 -55.83 34.60
N VAL E 254 -27.56 -55.17 33.63
CA VAL E 254 -28.35 -54.44 32.69
C VAL E 254 -28.00 -54.96 31.34
N GLU E 255 -29.01 -55.36 30.54
CA GLU E 255 -28.71 -55.63 29.18
C GLU E 255 -28.56 -54.28 28.54
N GLY E 256 -27.34 -54.01 28.05
CA GLY E 256 -26.97 -52.70 27.51
C GLY E 256 -27.52 -52.67 26.14
N GLU E 257 -27.93 -53.87 25.70
CA GLU E 257 -29.21 -54.20 25.17
C GLU E 257 -30.34 -53.84 26.18
N ALA E 258 -31.17 -54.72 26.79
CA ALA E 258 -32.44 -54.38 27.50
C ALA E 258 -32.74 -52.99 28.17
N LEU E 259 -31.86 -52.44 28.98
CA LEU E 259 -32.15 -51.20 29.67
C LEU E 259 -31.91 -49.95 28.82
N ALA E 260 -30.78 -49.93 28.08
CA ALA E 260 -30.13 -48.71 27.65
C ALA E 260 -30.90 -47.81 26.66
N THR E 261 -31.50 -48.40 25.61
CA THR E 261 -32.21 -47.75 24.55
C THR E 261 -33.40 -47.08 25.14
N LEU E 262 -34.19 -47.82 25.93
CA LEU E 262 -35.38 -47.24 26.46
C LEU E 262 -34.98 -46.15 27.40
N VAL E 263 -34.00 -46.42 28.28
CA VAL E 263 -33.71 -45.48 29.32
C VAL E 263 -33.25 -44.21 28.71
N VAL E 264 -32.25 -44.28 27.81
CA VAL E 264 -31.66 -43.07 27.36
C VAL E 264 -32.69 -42.26 26.64
N ASN E 265 -33.32 -42.87 25.61
CA ASN E 265 -34.22 -42.10 24.80
C ASN E 265 -35.41 -41.71 25.61
N THR E 266 -36.04 -42.70 26.24
CA THR E 266 -37.30 -42.46 26.90
C THR E 266 -37.07 -41.54 28.05
N MET E 267 -36.03 -41.82 28.84
CA MET E 267 -35.87 -41.15 30.10
C MET E 267 -35.11 -39.89 29.86
N ARG E 268 -35.63 -38.80 30.44
CA ARG E 268 -34.96 -37.53 30.33
C ARG E 268 -33.63 -37.69 30.99
N GLY E 269 -33.62 -38.33 32.18
CA GLY E 269 -32.38 -38.53 32.86
C GLY E 269 -31.96 -37.22 33.41
N ILE E 270 -32.93 -36.33 33.67
CA ILE E 270 -32.60 -35.02 34.13
C ILE E 270 -31.91 -35.18 35.44
N VAL E 271 -32.48 -36.02 36.32
CA VAL E 271 -31.83 -36.25 37.58
C VAL E 271 -30.62 -37.06 37.31
N LYS E 272 -29.54 -36.82 38.07
CA LYS E 272 -28.34 -37.53 37.80
C LYS E 272 -28.60 -38.97 38.12
N VAL E 273 -28.15 -39.87 37.24
CA VAL E 273 -28.37 -41.27 37.50
C VAL E 273 -27.08 -41.97 37.27
N ALA E 274 -26.84 -43.05 38.02
CA ALA E 274 -25.72 -43.89 37.77
C ALA E 274 -26.21 -45.29 37.88
N ALA E 275 -25.58 -46.24 37.18
CA ALA E 275 -26.00 -47.60 37.32
C ALA E 275 -24.80 -48.41 37.65
N VAL E 276 -24.96 -49.41 38.53
CA VAL E 276 -23.89 -50.31 38.82
C VAL E 276 -24.48 -51.67 38.90
N LYS E 277 -23.67 -52.70 38.57
CA LYS E 277 -24.15 -54.04 38.72
C LYS E 277 -24.06 -54.37 40.18
N ALA E 278 -25.01 -55.19 40.67
CA ALA E 278 -24.97 -55.53 42.06
C ALA E 278 -23.78 -56.42 42.27
N PRO E 279 -23.12 -56.23 43.36
CA PRO E 279 -21.88 -56.88 43.62
C PRO E 279 -22.13 -58.35 43.80
N GLY E 280 -21.17 -59.20 43.42
CA GLY E 280 -21.28 -60.59 43.71
C GLY E 280 -22.28 -61.15 42.76
N PHE E 281 -22.50 -62.48 42.85
CA PHE E 281 -23.53 -63.10 42.08
C PHE E 281 -24.15 -64.14 42.94
N GLY E 282 -25.38 -64.57 42.58
CA GLY E 282 -25.99 -65.65 43.28
C GLY E 282 -26.40 -65.16 44.63
N ASP E 283 -26.45 -66.09 45.60
CA ASP E 283 -26.89 -65.76 46.92
C ASP E 283 -25.94 -64.77 47.49
N ARG E 284 -24.65 -64.94 47.20
CA ARG E 284 -23.66 -64.06 47.75
C ARG E 284 -23.98 -62.68 47.28
N ARG E 285 -24.36 -62.57 46.00
CA ARG E 285 -24.66 -61.28 45.45
C ARG E 285 -25.78 -60.70 46.24
N LYS E 286 -26.81 -61.53 46.52
CA LYS E 286 -27.95 -61.05 47.25
C LYS E 286 -27.46 -60.61 48.59
N ALA E 287 -26.58 -61.42 49.20
CA ALA E 287 -26.11 -61.15 50.52
C ALA E 287 -25.41 -59.84 50.49
N MET E 288 -24.60 -59.61 49.43
CA MET E 288 -23.85 -58.40 49.33
C MET E 288 -24.85 -57.29 49.23
N LEU E 289 -25.93 -57.52 48.47
CA LEU E 289 -26.91 -56.49 48.29
C LEU E 289 -27.47 -56.18 49.63
N GLN E 290 -27.74 -57.22 50.43
CA GLN E 290 -28.34 -57.01 51.71
C GLN E 290 -27.40 -56.18 52.52
N ASP E 291 -26.10 -56.50 52.45
CA ASP E 291 -25.15 -55.78 53.24
C ASP E 291 -25.18 -54.35 52.80
N ILE E 292 -25.23 -54.13 51.47
CA ILE E 292 -25.22 -52.80 50.96
C ILE E 292 -26.44 -52.12 51.46
N ALA E 293 -27.59 -52.82 51.41
CA ALA E 293 -28.85 -52.22 51.71
C ALA E 293 -28.81 -51.75 53.12
N THR E 294 -28.25 -52.57 54.03
CA THR E 294 -28.21 -52.19 55.40
C THR E 294 -27.37 -50.96 55.51
N LEU E 295 -26.21 -50.97 54.84
CA LEU E 295 -25.29 -49.88 54.98
C LEU E 295 -25.97 -48.65 54.47
N THR E 296 -26.64 -48.76 53.31
CA THR E 296 -27.30 -47.63 52.74
C THR E 296 -28.37 -47.21 53.69
N GLY E 297 -29.07 -48.20 54.29
CA GLY E 297 -30.18 -47.90 55.13
C GLY E 297 -31.39 -47.98 54.27
N GLY E 298 -31.20 -48.20 52.96
CA GLY E 298 -32.30 -48.36 52.07
C GLY E 298 -32.71 -49.79 52.14
N THR E 299 -33.74 -50.16 51.37
CA THR E 299 -34.18 -51.52 51.36
C THR E 299 -34.04 -52.02 49.96
N VAL E 300 -33.93 -53.35 49.80
CA VAL E 300 -33.78 -53.89 48.49
C VAL E 300 -35.05 -54.60 48.15
N ILE E 301 -35.41 -54.59 46.85
CA ILE E 301 -36.62 -55.23 46.44
C ILE E 301 -36.23 -56.33 45.52
N SER E 302 -36.81 -57.53 45.73
CA SER E 302 -36.51 -58.63 44.87
C SER E 302 -37.81 -59.21 44.42
N GLU E 303 -37.77 -59.96 43.31
CA GLU E 303 -38.96 -60.59 42.80
C GLU E 303 -39.40 -61.58 43.82
N GLU E 304 -38.43 -62.28 44.43
CA GLU E 304 -38.76 -63.32 45.36
C GLU E 304 -39.53 -62.69 46.47
N ILE E 305 -39.08 -61.51 46.92
CA ILE E 305 -39.80 -60.80 47.94
C ILE E 305 -41.14 -60.49 47.36
N GLY E 306 -41.15 -60.05 46.08
CA GLY E 306 -42.40 -59.74 45.46
C GLY E 306 -42.65 -58.28 45.67
N MET E 307 -41.67 -57.59 46.27
CA MET E 307 -41.81 -56.16 46.39
C MET E 307 -41.71 -55.62 45.01
N GLU E 308 -42.38 -54.48 44.75
CA GLU E 308 -42.35 -53.95 43.43
C GLU E 308 -41.48 -52.74 43.45
N LEU E 309 -40.72 -52.53 42.37
CA LEU E 309 -39.87 -51.37 42.28
C LEU E 309 -40.78 -50.19 42.28
N GLU E 310 -41.89 -50.30 41.52
CA GLU E 310 -42.82 -49.22 41.42
C GLU E 310 -43.35 -48.96 42.79
N LYS E 311 -43.66 -50.05 43.51
CA LYS E 311 -44.23 -49.91 44.82
C LYS E 311 -43.22 -49.22 45.68
N ALA E 312 -41.94 -49.60 45.54
CA ALA E 312 -40.95 -49.08 46.44
C ALA E 312 -40.93 -47.60 46.28
N THR E 313 -40.79 -46.87 47.40
CA THR E 313 -40.80 -45.45 47.37
C THR E 313 -39.39 -44.97 47.43
N LEU E 314 -39.21 -43.65 47.56
CA LEU E 314 -37.93 -43.05 47.71
C LEU E 314 -37.36 -43.55 49.00
N GLU E 315 -38.23 -43.69 50.01
CA GLU E 315 -37.78 -44.02 51.34
C GLU E 315 -37.05 -45.31 51.27
N ASP E 316 -37.57 -46.24 50.46
CA ASP E 316 -36.93 -47.52 50.35
C ASP E 316 -35.54 -47.27 49.88
N LEU E 317 -35.38 -46.33 48.93
CA LEU E 317 -34.07 -46.07 48.44
C LEU E 317 -33.29 -45.47 49.56
N GLY E 318 -32.02 -45.89 49.68
CA GLY E 318 -31.18 -45.36 50.71
C GLY E 318 -30.60 -44.10 50.19
N GLN E 319 -29.83 -43.40 51.05
CA GLN E 319 -29.12 -42.25 50.58
C GLN E 319 -27.70 -42.42 50.99
N ALA E 320 -26.78 -41.82 50.21
CA ALA E 320 -25.39 -41.84 50.57
C ALA E 320 -24.96 -40.43 50.67
N LYS E 321 -23.93 -40.15 51.50
CA LYS E 321 -23.46 -38.80 51.58
C LYS E 321 -22.92 -38.45 50.24
N ARG E 322 -22.07 -39.33 49.67
CA ARG E 322 -21.60 -39.13 48.34
C ARG E 322 -21.21 -40.48 47.82
N VAL E 323 -21.24 -40.66 46.49
CA VAL E 323 -20.79 -41.89 45.95
C VAL E 323 -19.75 -41.59 44.92
N VAL E 324 -18.69 -42.41 44.86
CA VAL E 324 -17.73 -42.26 43.82
C VAL E 324 -17.73 -43.54 43.06
N ILE E 325 -17.69 -43.46 41.71
CA ILE E 325 -17.68 -44.65 40.93
C ILE E 325 -16.53 -44.56 40.00
N ASN E 326 -15.79 -45.67 39.84
CA ASN E 326 -14.80 -45.76 38.80
C ASN E 326 -15.10 -47.01 38.05
N LYS E 327 -14.45 -47.19 36.89
CA LYS E 327 -14.78 -48.33 36.08
C LYS E 327 -14.45 -49.56 36.86
N ASP E 328 -13.29 -49.58 37.52
CA ASP E 328 -12.91 -50.79 38.19
C ASP E 328 -13.91 -51.06 39.26
N THR E 329 -14.25 -50.04 40.06
CA THR E 329 -14.99 -50.31 41.26
C THR E 329 -15.95 -49.19 41.49
N THR E 330 -17.04 -49.45 42.24
CA THR E 330 -17.92 -48.37 42.61
C THR E 330 -17.99 -48.34 44.10
N THR E 331 -17.82 -47.15 44.71
CA THR E 331 -17.84 -47.15 46.14
C THR E 331 -18.81 -46.14 46.60
N ILE E 332 -19.32 -46.31 47.84
CA ILE E 332 -20.10 -45.28 48.45
C ILE E 332 -19.29 -44.80 49.60
N ILE E 333 -19.03 -43.49 49.64
CA ILE E 333 -18.13 -42.99 50.64
C ILE E 333 -18.76 -43.24 51.97
N ASP E 334 -20.03 -42.83 52.13
CA ASP E 334 -20.68 -43.07 53.39
C ASP E 334 -22.15 -43.18 53.13
N GLY E 335 -22.73 -44.37 53.39
CA GLY E 335 -24.15 -44.45 53.38
C GLY E 335 -24.61 -43.85 54.66
N VAL E 336 -25.84 -43.30 54.69
CA VAL E 336 -26.29 -42.77 55.94
C VAL E 336 -26.33 -43.92 56.90
N GLY E 337 -27.04 -45.00 56.49
CA GLY E 337 -27.00 -46.22 57.22
C GLY E 337 -27.63 -45.99 58.55
N GLU E 338 -27.64 -47.03 59.40
CA GLU E 338 -27.94 -46.86 60.77
C GLU E 338 -26.77 -47.38 61.51
N GLU E 339 -26.34 -46.68 62.58
CA GLU E 339 -25.15 -47.10 63.25
C GLU E 339 -25.43 -48.46 63.81
N ALA E 340 -26.59 -48.61 64.48
CA ALA E 340 -26.92 -49.86 65.07
C ALA E 340 -27.09 -50.86 63.97
N ALA E 341 -27.77 -50.45 62.89
CA ALA E 341 -28.13 -51.38 61.86
C ALA E 341 -26.88 -51.92 61.27
N ILE E 342 -25.90 -51.05 61.01
CA ILE E 342 -24.72 -51.48 60.34
C ILE E 342 -24.04 -52.47 61.23
N GLN E 343 -23.92 -52.13 62.53
CA GLN E 343 -23.20 -52.97 63.43
C GLN E 343 -23.89 -54.30 63.50
N GLY E 344 -25.23 -54.27 63.58
CA GLY E 344 -25.96 -55.49 63.79
C GLY E 344 -25.71 -56.38 62.62
N ARG E 345 -25.74 -55.80 61.40
CA ARG E 345 -25.60 -56.62 60.23
C ARG E 345 -24.24 -57.24 60.27
N VAL E 346 -23.22 -56.45 60.65
CA VAL E 346 -21.88 -56.94 60.63
C VAL E 346 -21.83 -58.12 61.54
N ALA E 347 -22.41 -57.96 62.75
CA ALA E 347 -22.33 -59.02 63.72
C ALA E 347 -23.00 -60.23 63.15
N GLN E 348 -24.16 -60.03 62.51
CA GLN E 348 -24.92 -61.15 62.03
C GLN E 348 -24.08 -61.87 61.02
N ILE E 349 -23.44 -61.10 60.12
CA ILE E 349 -22.65 -61.70 59.09
C ILE E 349 -21.52 -62.42 59.75
N ARG E 350 -20.91 -61.76 60.76
CA ARG E 350 -19.75 -62.32 61.39
C ARG E 350 -20.16 -63.62 61.99
N GLN E 351 -21.35 -63.67 62.61
CA GLN E 351 -21.79 -64.88 63.21
C GLN E 351 -21.90 -65.89 62.12
N GLN E 352 -22.41 -65.46 60.96
CA GLN E 352 -22.62 -66.36 59.87
C GLN E 352 -21.29 -66.90 59.49
N ILE E 353 -20.25 -66.05 59.48
CA ILE E 353 -18.98 -66.48 59.00
C ILE E 353 -18.53 -67.62 59.85
N GLU E 354 -18.66 -67.46 61.18
CA GLU E 354 -18.25 -68.49 62.08
C GLU E 354 -19.13 -69.67 61.84
N GLU E 355 -20.43 -69.42 61.63
CA GLU E 355 -21.38 -70.49 61.58
C GLU E 355 -21.01 -71.39 60.45
N ALA E 356 -20.70 -70.81 59.28
CA ALA E 356 -20.51 -71.65 58.14
C ALA E 356 -19.34 -72.53 58.40
N THR E 357 -19.51 -73.84 58.17
CA THR E 357 -18.43 -74.77 58.31
C THR E 357 -17.44 -74.49 57.22
N SER E 358 -17.94 -74.27 55.99
CA SER E 358 -17.08 -74.28 54.85
C SER E 358 -16.24 -73.05 54.87
N ASP E 359 -15.03 -73.17 54.29
CA ASP E 359 -14.16 -72.04 54.13
C ASP E 359 -14.82 -71.11 53.18
N TYR E 360 -15.43 -71.66 52.12
CA TYR E 360 -15.97 -70.84 51.06
C TYR E 360 -17.02 -69.99 51.66
N ASP E 361 -17.92 -70.59 52.47
CA ASP E 361 -18.99 -69.84 53.04
C ASP E 361 -18.38 -68.79 53.91
N ARG E 362 -17.35 -69.18 54.67
CA ARG E 362 -16.74 -68.27 55.59
C ARG E 362 -16.20 -67.11 54.82
N GLU E 363 -15.55 -67.40 53.68
CA GLU E 363 -14.85 -66.37 52.96
C GLU E 363 -15.86 -65.35 52.50
N LYS E 364 -16.99 -65.83 51.96
CA LYS E 364 -17.92 -64.88 51.40
C LYS E 364 -18.40 -64.00 52.51
N LEU E 365 -18.75 -64.61 53.65
CA LEU E 365 -19.29 -63.85 54.73
C LEU E 365 -18.23 -62.91 55.21
N GLN E 366 -16.99 -63.42 55.37
CA GLN E 366 -15.95 -62.64 55.94
C GLN E 366 -15.69 -61.48 55.05
N GLU E 367 -15.73 -61.73 53.72
CA GLU E 367 -15.48 -60.65 52.81
C GLU E 367 -16.56 -59.64 53.05
N ARG E 368 -17.81 -60.12 53.20
CA ARG E 368 -18.91 -59.22 53.33
C ARG E 368 -18.72 -58.40 54.57
N VAL E 369 -18.37 -59.06 55.69
CA VAL E 369 -18.27 -58.32 56.92
C VAL E 369 -17.17 -57.31 56.77
N ALA E 370 -16.06 -57.73 56.13
CA ALA E 370 -14.91 -56.89 56.07
C ALA E 370 -15.31 -55.65 55.35
N LYS E 371 -16.10 -55.79 54.27
CA LYS E 371 -16.44 -54.66 53.47
C LYS E 371 -17.21 -53.71 54.33
N LEU E 372 -18.14 -54.24 55.15
CA LEU E 372 -19.04 -53.36 55.84
C LEU E 372 -18.23 -52.47 56.72
N ALA E 373 -17.29 -53.04 57.49
CA ALA E 373 -16.46 -52.18 58.28
C ALA E 373 -15.72 -51.33 57.31
N GLY E 374 -15.18 -51.99 56.26
CA GLY E 374 -14.62 -51.31 55.14
C GLY E 374 -13.16 -51.17 55.37
N GLY E 375 -12.78 -50.90 56.65
CA GLY E 375 -11.40 -50.77 56.97
C GLY E 375 -10.90 -49.54 56.26
N VAL E 376 -11.84 -48.70 55.80
CA VAL E 376 -11.47 -47.62 54.93
C VAL E 376 -11.03 -46.47 55.77
N ALA E 377 -10.04 -45.72 55.26
CA ALA E 377 -9.63 -44.51 55.92
C ALA E 377 -9.79 -43.41 54.92
N VAL E 378 -10.17 -42.21 55.39
CA VAL E 378 -10.30 -41.11 54.48
C VAL E 378 -9.35 -40.06 54.93
N ILE E 379 -8.72 -39.38 53.96
CA ILE E 379 -7.79 -38.34 54.29
C ILE E 379 -8.33 -37.08 53.70
N LYS E 380 -8.35 -35.98 54.48
CA LYS E 380 -8.79 -34.75 53.94
C LYS E 380 -7.57 -33.88 53.82
N VAL E 381 -7.49 -33.11 52.72
CA VAL E 381 -6.36 -32.24 52.59
C VAL E 381 -6.87 -30.84 52.69
N GLY E 382 -6.28 -30.05 53.61
CA GLY E 382 -6.67 -28.67 53.67
C GLY E 382 -5.81 -27.93 52.70
N ALA E 383 -6.15 -26.66 52.45
CA ALA E 383 -5.31 -25.86 51.61
C ALA E 383 -5.55 -24.44 51.97
N ALA E 384 -4.58 -23.56 51.62
CA ALA E 384 -4.79 -22.16 51.83
C ALA E 384 -5.94 -21.77 50.97
N THR E 385 -5.95 -22.27 49.72
CA THR E 385 -7.00 -21.94 48.81
C THR E 385 -7.55 -23.22 48.28
N GLU E 386 -8.73 -23.15 47.64
CA GLU E 386 -9.35 -24.32 47.12
C GLU E 386 -8.44 -24.88 46.07
N VAL E 387 -7.87 -23.98 45.23
CA VAL E 387 -7.07 -24.42 44.13
C VAL E 387 -5.91 -25.19 44.70
N GLU E 388 -5.31 -24.66 45.78
CA GLU E 388 -4.14 -25.29 46.32
C GLU E 388 -4.55 -26.65 46.78
N MET E 389 -5.75 -26.75 47.39
CA MET E 389 -6.15 -28.00 47.98
C MET E 389 -6.24 -29.00 46.89
N LYS E 390 -6.81 -28.60 45.74
CA LYS E 390 -6.97 -29.54 44.67
C LYS E 390 -5.62 -30.00 44.27
N GLU E 391 -4.67 -29.05 44.14
CA GLU E 391 -3.36 -29.40 43.69
C GLU E 391 -2.76 -30.34 44.69
N LYS E 392 -2.91 -30.01 45.99
CA LYS E 392 -2.30 -30.79 47.01
C LYS E 392 -2.89 -32.16 46.96
N LYS E 393 -4.22 -32.23 46.79
CA LYS E 393 -4.90 -33.48 46.87
C LYS E 393 -4.36 -34.36 45.79
N ALA E 394 -4.18 -33.80 44.58
CA ALA E 394 -3.75 -34.62 43.48
C ALA E 394 -2.41 -35.16 43.83
N ARG E 395 -1.54 -34.32 44.39
CA ARG E 395 -0.21 -34.74 44.70
C ARG E 395 -0.31 -35.83 45.71
N VAL E 396 -1.20 -35.65 46.72
CA VAL E 396 -1.29 -36.59 47.79
C VAL E 396 -1.67 -37.91 47.21
N GLU E 397 -2.64 -37.90 46.28
CA GLU E 397 -3.14 -39.15 45.77
C GLU E 397 -2.02 -39.85 45.09
N ALA E 398 -1.22 -39.10 44.31
CA ALA E 398 -0.18 -39.73 43.55
C ALA E 398 0.76 -40.35 44.51
N ALA E 399 1.08 -39.63 45.61
CA ALA E 399 2.06 -40.11 46.53
C ALA E 399 1.55 -41.39 47.11
N LEU E 400 0.25 -41.43 47.43
CA LEU E 400 -0.28 -42.57 48.14
C LEU E 400 -0.09 -43.77 47.27
N HIS E 401 -0.42 -43.64 45.98
CA HIS E 401 -0.34 -44.78 45.12
C HIS E 401 1.09 -45.22 45.09
N ALA E 402 2.01 -44.26 44.92
CA ALA E 402 3.39 -44.61 44.79
C ALA E 402 3.82 -45.29 46.03
N THR E 403 3.40 -44.76 47.20
CA THR E 403 3.89 -45.30 48.44
C THR E 403 3.42 -46.71 48.53
N ARG E 404 2.13 -46.95 48.23
CA ARG E 404 1.59 -48.26 48.43
C ARG E 404 2.35 -49.20 47.55
N ALA E 405 2.55 -48.81 46.28
CA ALA E 405 3.24 -49.69 45.38
C ALA E 405 4.61 -49.89 45.90
N ALA E 406 5.24 -48.80 46.37
CA ALA E 406 6.62 -48.85 46.73
C ALA E 406 6.80 -49.83 47.84
N VAL E 407 5.91 -49.80 48.85
CA VAL E 407 6.13 -50.61 50.00
C VAL E 407 6.13 -52.05 49.58
N GLU E 408 5.12 -52.46 48.79
CA GLU E 408 4.99 -53.86 48.48
C GLU E 408 6.20 -54.27 47.70
N GLU E 409 6.58 -53.46 46.70
CA GLU E 409 7.67 -53.81 45.85
C GLU E 409 8.89 -53.86 46.70
N GLY E 410 8.99 -52.93 47.65
CA GLY E 410 10.22 -52.70 48.34
C GLY E 410 10.83 -51.56 47.60
N VAL E 411 11.77 -50.84 48.23
CA VAL E 411 12.18 -49.66 47.53
C VAL E 411 13.59 -49.81 47.10
N VAL E 412 13.87 -49.40 45.86
CA VAL E 412 15.21 -49.37 45.35
C VAL E 412 15.79 -48.04 45.75
N ALA E 413 17.13 -47.94 45.73
CA ALA E 413 17.76 -46.72 46.13
C ALA E 413 17.28 -45.64 45.22
N GLY E 414 17.09 -44.42 45.77
CA GLY E 414 16.60 -43.34 45.00
C GLY E 414 17.77 -42.63 44.39
N GLY E 415 17.49 -41.49 43.72
CA GLY E 415 18.54 -40.68 43.19
C GLY E 415 18.87 -41.19 41.82
N GLY E 416 18.10 -42.17 41.34
CA GLY E 416 18.37 -42.69 40.03
C GLY E 416 19.57 -43.56 40.16
N VAL E 417 19.90 -43.94 41.40
CA VAL E 417 21.04 -44.77 41.65
C VAL E 417 20.83 -46.05 40.92
N ALA E 418 19.61 -46.62 41.02
CA ALA E 418 19.38 -47.87 40.37
C ALA E 418 19.59 -47.65 38.92
N LEU E 419 19.07 -46.52 38.39
CA LEU E 419 19.12 -46.29 36.99
C LEU E 419 20.55 -46.23 36.56
N ILE E 420 21.38 -45.47 37.29
CA ILE E 420 22.74 -45.32 36.87
C ILE E 420 23.40 -46.66 36.95
N ARG E 421 23.15 -47.39 38.06
CA ARG E 421 23.83 -48.61 38.31
C ARG E 421 23.52 -49.57 37.20
N VAL E 422 22.24 -49.67 36.83
CA VAL E 422 21.82 -50.64 35.88
C VAL E 422 22.49 -50.35 34.58
N ALA E 423 22.61 -49.04 34.24
CA ALA E 423 23.05 -48.66 32.94
C ALA E 423 24.41 -49.23 32.71
N SER E 424 25.27 -49.18 33.74
CA SER E 424 26.62 -49.63 33.56
C SER E 424 26.57 -51.06 33.13
N LYS E 425 25.75 -51.87 33.82
CA LYS E 425 25.65 -53.26 33.49
C LYS E 425 25.12 -53.35 32.10
N LEU E 426 24.15 -52.47 31.78
CA LEU E 426 23.46 -52.51 30.53
C LEU E 426 24.46 -52.26 29.45
N ALA E 427 25.42 -51.36 29.70
CA ALA E 427 26.31 -50.92 28.68
C ALA E 427 27.02 -52.10 28.13
N ASP E 428 27.42 -53.04 29.01
CA ASP E 428 28.19 -54.15 28.56
C ASP E 428 27.39 -54.88 27.54
N LEU E 429 26.06 -55.02 27.77
CA LEU E 429 25.26 -55.75 26.84
C LEU E 429 25.26 -55.01 25.56
N ARG E 430 25.24 -55.75 24.44
CA ARG E 430 25.30 -55.12 23.15
C ARG E 430 24.04 -55.46 22.43
N GLY E 431 23.61 -54.56 21.52
CA GLY E 431 22.45 -54.82 20.72
C GLY E 431 22.88 -55.70 19.60
N GLN E 432 21.89 -56.18 18.82
CA GLN E 432 22.19 -57.08 17.74
C GLN E 432 23.05 -56.36 16.75
N ASN E 433 22.68 -55.11 16.42
CA ASN E 433 23.42 -54.42 15.41
C ASN E 433 23.79 -53.08 15.96
N GLU E 434 24.69 -52.37 15.25
CA GLU E 434 25.30 -51.19 15.76
C GLU E 434 24.21 -50.19 16.02
N ASP E 435 23.23 -50.11 15.11
CA ASP E 435 22.19 -49.13 15.27
C ASP E 435 21.52 -49.43 16.56
N GLN E 436 21.30 -50.73 16.84
CA GLN E 436 20.69 -51.11 18.08
C GLN E 436 21.63 -50.71 19.17
N ASN E 437 22.94 -50.89 18.93
CA ASN E 437 23.90 -50.66 19.98
C ASN E 437 23.78 -49.24 20.42
N VAL E 438 23.72 -48.30 19.45
CA VAL E 438 23.72 -46.92 19.81
C VAL E 438 22.50 -46.65 20.62
N GLY E 439 21.37 -47.24 20.19
CA GLY E 439 20.12 -46.99 20.86
C GLY E 439 20.28 -47.45 22.27
N ILE E 440 20.92 -48.61 22.46
CA ILE E 440 21.07 -49.15 23.78
C ILE E 440 21.86 -48.17 24.58
N LYS E 441 22.94 -47.65 23.99
CA LYS E 441 23.78 -46.72 24.69
C LYS E 441 22.95 -45.53 25.03
N VAL E 442 22.09 -45.11 24.08
CA VAL E 442 21.31 -43.93 24.26
C VAL E 442 20.48 -44.13 25.48
N ALA E 443 19.86 -45.31 25.60
CA ALA E 443 18.96 -45.55 26.69
C ALA E 443 19.75 -45.41 27.95
N LEU E 444 20.97 -45.95 27.95
CA LEU E 444 21.77 -45.93 29.13
C LEU E 444 22.02 -44.49 29.48
N ARG E 445 22.32 -43.68 28.44
CA ARG E 445 22.62 -42.30 28.67
C ARG E 445 21.40 -41.68 29.26
N ALA E 446 20.21 -42.06 28.75
CA ALA E 446 19.00 -41.44 29.18
C ALA E 446 18.86 -41.67 30.65
N MET E 447 19.18 -42.89 31.11
CA MET E 447 18.97 -43.22 32.49
C MET E 447 19.82 -42.31 33.31
N GLU E 448 21.06 -42.07 32.85
CA GLU E 448 22.03 -41.34 33.63
C GLU E 448 21.51 -39.96 33.86
N ALA E 449 20.82 -39.40 32.85
CA ALA E 449 20.57 -37.98 32.84
C ALA E 449 19.83 -37.57 34.08
N PRO E 450 18.79 -38.23 34.51
CA PRO E 450 17.98 -37.69 35.56
C PRO E 450 18.77 -37.54 36.81
N LEU E 451 19.84 -38.34 36.99
CA LEU E 451 20.66 -38.19 38.15
C LEU E 451 21.29 -36.85 38.06
N ARG E 452 21.72 -36.49 36.85
CA ARG E 452 22.43 -35.27 36.62
C ARG E 452 21.51 -34.14 36.96
N GLN E 453 20.22 -34.27 36.59
CA GLN E 453 19.33 -33.16 36.73
C GLN E 453 19.26 -32.83 38.19
N ILE E 454 19.20 -33.86 39.05
CA ILE E 454 19.10 -33.61 40.46
C ILE E 454 20.35 -32.88 40.85
N VAL E 455 21.50 -33.33 40.33
CA VAL E 455 22.77 -32.76 40.70
C VAL E 455 22.74 -31.32 40.28
N LEU E 456 22.19 -31.05 39.09
CA LEU E 456 22.20 -29.72 38.55
C LEU E 456 21.44 -28.86 39.50
N ASN E 457 20.33 -29.40 40.02
CA ASN E 457 19.53 -28.64 40.94
C ASN E 457 20.40 -28.32 42.10
N CYS E 458 21.22 -29.29 42.52
CA CYS E 458 22.12 -29.07 43.61
C CYS E 458 23.05 -27.98 43.18
N GLY E 459 23.45 -27.99 41.90
CA GLY E 459 24.37 -27.01 41.42
C GLY E 459 25.72 -27.65 41.40
N GLU E 460 25.81 -28.87 41.98
CA GLU E 460 27.03 -29.62 41.87
C GLU E 460 27.10 -30.08 40.46
N GLU E 461 28.33 -30.34 39.97
CA GLU E 461 28.45 -30.74 38.60
C GLU E 461 28.13 -32.20 38.55
N PRO E 462 27.11 -32.50 37.80
CA PRO E 462 26.53 -33.81 37.80
C PRO E 462 27.53 -34.79 37.27
N SER E 463 28.51 -34.30 36.48
CA SER E 463 29.44 -35.20 35.86
C SER E 463 30.16 -35.92 36.94
N VAL E 464 30.70 -35.16 37.91
CA VAL E 464 31.50 -35.76 38.94
C VAL E 464 30.63 -36.71 39.69
N VAL E 465 29.41 -36.24 40.05
CA VAL E 465 28.55 -37.03 40.88
C VAL E 465 28.26 -38.30 40.15
N ALA E 466 27.90 -38.18 38.85
CA ALA E 466 27.50 -39.33 38.11
C ALA E 466 28.66 -40.28 38.06
N ASN E 467 29.87 -39.74 37.81
CA ASN E 467 31.00 -40.59 37.67
C ASN E 467 31.20 -41.30 38.97
N THR E 468 31.12 -40.55 40.09
CA THR E 468 31.39 -41.14 41.36
C THR E 468 30.35 -42.19 41.60
N VAL E 469 29.09 -41.87 41.28
CA VAL E 469 28.02 -42.78 41.58
C VAL E 469 28.28 -44.04 40.83
N LYS E 470 28.66 -43.92 39.55
CA LYS E 470 28.88 -45.08 38.74
C LYS E 470 29.98 -45.86 39.38
N GLY E 471 31.03 -45.15 39.82
CA GLY E 471 32.21 -45.82 40.27
C GLY E 471 31.85 -46.69 41.44
N GLY E 472 31.01 -46.18 42.34
CA GLY E 472 30.75 -46.93 43.54
C GLY E 472 30.05 -48.18 43.15
N ASP E 473 30.46 -49.31 43.75
CA ASP E 473 29.78 -50.56 43.52
C ASP E 473 28.65 -50.62 44.48
N GLY E 474 27.81 -51.66 44.36
CA GLY E 474 26.74 -51.82 45.30
C GLY E 474 25.78 -50.70 45.07
N ASN E 475 25.07 -50.29 46.13
CA ASN E 475 24.18 -49.17 45.96
C ASN E 475 24.96 -47.96 46.30
N TYR E 476 25.16 -47.09 45.29
CA TYR E 476 25.88 -45.87 45.54
C TYR E 476 25.03 -44.78 44.99
N GLY E 477 24.98 -43.63 45.68
CA GLY E 477 24.11 -42.59 45.20
C GLY E 477 24.53 -41.31 45.84
N TYR E 478 23.89 -40.21 45.42
CA TYR E 478 24.18 -38.92 45.96
C TYR E 478 22.92 -38.46 46.61
N ASN E 479 23.02 -37.95 47.86
CA ASN E 479 21.86 -37.44 48.51
C ASN E 479 21.91 -35.96 48.36
N ALA E 480 20.85 -35.37 47.79
CA ALA E 480 20.90 -33.95 47.56
C ALA E 480 21.00 -33.26 48.87
N ALA E 481 20.14 -33.68 49.83
CA ALA E 481 20.07 -32.96 51.07
C ALA E 481 21.38 -33.06 51.76
N THR E 482 21.93 -34.30 51.83
CA THR E 482 23.16 -34.50 52.53
C THR E 482 24.22 -33.76 51.81
N GLU E 483 24.20 -33.86 50.47
CA GLU E 483 25.30 -33.41 49.68
C GLU E 483 26.50 -34.15 50.17
N GLU E 484 26.27 -35.40 50.63
CA GLU E 484 27.35 -36.24 51.05
C GLU E 484 27.11 -37.56 50.40
N TYR E 485 28.18 -38.36 50.25
CA TYR E 485 28.03 -39.63 49.63
C TYR E 485 27.76 -40.62 50.72
N GLY E 486 26.74 -41.48 50.51
CA GLY E 486 26.42 -42.46 51.50
C GLY E 486 25.59 -43.49 50.83
N ASN E 487 25.34 -44.62 51.53
CA ASN E 487 24.54 -45.64 50.93
C ASN E 487 23.14 -45.13 50.87
N MET E 488 22.45 -45.41 49.76
CA MET E 488 21.11 -44.92 49.61
C MET E 488 20.27 -45.56 50.67
N ILE E 489 20.48 -46.87 50.91
CA ILE E 489 19.68 -47.56 51.85
C ILE E 489 19.93 -46.94 53.20
N ASP E 490 21.21 -46.69 53.50
CA ASP E 490 21.57 -46.15 54.78
C ASP E 490 20.90 -44.81 54.88
N MET E 491 20.91 -44.06 53.76
CA MET E 491 20.30 -42.77 53.76
C MET E 491 18.85 -42.97 54.05
N GLY E 492 18.27 -44.03 53.46
CA GLY E 492 16.89 -44.33 53.76
C GLY E 492 16.03 -43.65 52.76
N ILE E 493 16.65 -42.96 51.77
CA ILE E 493 15.84 -42.35 50.76
C ILE E 493 15.84 -43.29 49.60
N LEU E 494 14.67 -43.85 49.29
CA LEU E 494 14.60 -44.86 48.27
C LEU E 494 13.46 -44.52 47.36
N ASP E 495 13.65 -44.73 46.04
CA ASP E 495 12.59 -44.51 45.09
C ASP E 495 12.01 -45.85 44.78
N PRO E 496 10.72 -45.90 44.63
CA PRO E 496 10.05 -47.15 44.54
C PRO E 496 10.53 -47.87 43.32
N THR E 497 10.64 -49.20 43.39
CA THR E 497 11.09 -49.96 42.27
C THR E 497 10.08 -49.80 41.17
N LYS E 498 8.79 -49.96 41.53
CA LYS E 498 7.76 -50.02 40.53
C LYS E 498 7.74 -48.70 39.83
N VAL E 499 7.82 -47.60 40.59
CA VAL E 499 7.68 -46.31 39.98
C VAL E 499 8.81 -46.14 39.01
N THR E 500 10.03 -46.49 39.43
CA THR E 500 11.16 -46.27 38.58
C THR E 500 10.96 -47.09 37.35
N ARG E 501 10.58 -48.36 37.53
CA ARG E 501 10.47 -49.26 36.40
C ARG E 501 9.43 -48.72 35.49
N SER E 502 8.28 -48.30 36.07
CA SER E 502 7.17 -47.90 35.26
C SER E 502 7.60 -46.73 34.44
N ALA E 503 8.23 -45.74 35.09
CA ALA E 503 8.53 -44.52 34.39
C ALA E 503 9.46 -44.85 33.28
N LEU E 504 10.46 -45.71 33.55
CA LEU E 504 11.47 -45.95 32.56
C LEU E 504 10.82 -46.55 31.37
N GLN E 505 9.94 -47.54 31.60
CA GLN E 505 9.41 -48.28 30.50
C GLN E 505 8.62 -47.33 29.63
N TYR E 506 7.79 -46.49 30.26
CA TYR E 506 6.95 -45.61 29.52
C TYR E 506 7.82 -44.66 28.77
N ALA E 507 8.85 -44.12 29.44
CA ALA E 507 9.65 -43.11 28.82
C ALA E 507 10.26 -43.71 27.60
N ALA E 508 10.74 -44.96 27.72
CA ALA E 508 11.40 -45.60 26.62
C ALA E 508 10.41 -45.71 25.52
N SER E 509 9.17 -46.11 25.85
CA SER E 509 8.18 -46.33 24.84
C SER E 509 7.96 -45.04 24.13
N VAL E 510 7.84 -43.94 24.89
CA VAL E 510 7.52 -42.68 24.29
C VAL E 510 8.62 -42.36 23.34
N ALA E 511 9.87 -42.50 23.82
CA ALA E 511 10.99 -42.04 23.06
C ALA E 511 10.99 -42.77 21.76
N GLY E 512 10.73 -44.09 21.82
CA GLY E 512 10.82 -44.88 20.63
C GLY E 512 9.81 -44.34 19.66
N LEU E 513 8.61 -44.03 20.16
CA LEU E 513 7.56 -43.61 19.28
C LEU E 513 7.99 -42.33 18.64
N MET E 514 8.56 -41.41 19.44
CA MET E 514 8.92 -40.13 18.90
C MET E 514 9.98 -40.35 17.87
N ILE E 515 10.92 -41.27 18.16
CA ILE E 515 12.03 -41.48 17.29
C ILE E 515 11.52 -41.95 15.97
N THR E 516 10.53 -42.85 15.99
CA THR E 516 10.14 -43.55 14.80
C THR E 516 9.69 -42.55 13.79
N THR E 517 8.87 -41.58 14.21
CA THR E 517 8.25 -40.75 13.21
C THR E 517 9.31 -39.88 12.64
N GLU E 518 9.86 -40.27 11.48
CA GLU E 518 10.83 -39.41 10.90
C GLU E 518 10.12 -38.13 10.58
N CYS E 519 9.07 -38.23 9.75
CA CYS E 519 8.52 -37.03 9.16
C CYS E 519 7.11 -36.91 9.62
N MET E 520 6.62 -35.67 9.70
CA MET E 520 5.27 -35.42 10.10
C MET E 520 4.61 -34.67 9.00
N VAL E 521 3.33 -34.97 8.74
CA VAL E 521 2.62 -34.21 7.74
C VAL E 521 1.43 -33.62 8.42
N THR E 522 1.12 -32.34 8.08
CA THR E 522 -0.05 -31.72 8.60
C THR E 522 -0.68 -30.98 7.47
N ASP E 523 -1.94 -30.56 7.64
CA ASP E 523 -2.53 -29.73 6.64
C ASP E 523 -1.86 -28.39 6.76
N LEU E 524 -1.75 -27.67 5.63
CA LEU E 524 -1.14 -26.37 5.68
C LEU E 524 -2.13 -25.45 6.31
N PRO E 525 -1.78 -24.72 7.28
N ALA F 2 -17.04 -22.85 -13.92
CA ALA F 2 -16.41 -21.51 -14.12
C ALA F 2 -15.15 -21.65 -14.88
N ALA F 3 -14.17 -20.77 -14.59
CA ALA F 3 -12.92 -20.86 -15.28
C ALA F 3 -12.26 -22.11 -14.83
N LYS F 4 -11.49 -22.74 -15.73
CA LYS F 4 -10.83 -23.96 -15.35
C LYS F 4 -9.36 -23.71 -15.39
N ASP F 5 -8.62 -24.32 -14.46
CA ASP F 5 -7.19 -24.27 -14.56
C ASP F 5 -6.79 -25.50 -15.29
N VAL F 6 -6.14 -25.34 -16.45
CA VAL F 6 -5.84 -26.50 -17.24
C VAL F 6 -4.37 -26.68 -17.26
N LYS F 7 -3.92 -27.94 -17.09
CA LYS F 7 -2.55 -28.26 -17.31
C LYS F 7 -2.53 -29.22 -18.45
N PHE F 8 -1.63 -29.02 -19.43
CA PHE F 8 -1.71 -29.81 -20.62
C PHE F 8 -0.72 -30.92 -20.51
N GLY F 9 -1.19 -32.17 -20.76
CA GLY F 9 -0.31 -33.28 -21.00
C GLY F 9 0.66 -33.39 -19.88
N ASN F 10 1.91 -33.00 -20.15
CA ASN F 10 2.97 -33.21 -19.21
C ASN F 10 2.59 -32.50 -17.96
N ASP F 11 1.95 -31.33 -18.08
CA ASP F 11 1.58 -30.59 -16.92
C ASP F 11 0.66 -31.42 -16.10
N ALA F 12 -0.34 -32.05 -16.75
CA ALA F 12 -1.27 -32.83 -15.99
C ALA F 12 -0.52 -33.97 -15.36
N ARG F 13 0.34 -34.62 -16.17
CA ARG F 13 0.99 -35.82 -15.74
C ARG F 13 1.87 -35.51 -14.57
N VAL F 14 2.57 -34.35 -14.63
CA VAL F 14 3.60 -34.11 -13.67
C VAL F 14 3.00 -34.09 -12.31
N LYS F 15 1.80 -33.48 -12.16
CA LYS F 15 1.24 -33.36 -10.85
C LYS F 15 1.04 -34.74 -10.33
N MET F 16 0.48 -35.63 -11.15
CA MET F 16 0.24 -36.97 -10.72
C MET F 16 1.57 -37.60 -10.43
N LEU F 17 2.55 -37.36 -11.33
CA LEU F 17 3.80 -38.05 -11.23
C LEU F 17 4.45 -37.68 -9.94
N ARG F 18 4.47 -36.37 -9.65
CA ARG F 18 5.18 -35.92 -8.49
C ARG F 18 4.52 -36.53 -7.30
N GLY F 19 3.18 -36.54 -7.31
CA GLY F 19 2.47 -37.10 -6.19
C GLY F 19 2.83 -38.53 -6.10
N VAL F 20 2.88 -39.22 -7.26
CA VAL F 20 3.15 -40.62 -7.24
C VAL F 20 4.51 -40.82 -6.66
N ASN F 21 5.47 -39.98 -7.09
CA ASN F 21 6.83 -40.18 -6.68
C ASN F 21 6.89 -40.03 -5.19
N VAL F 22 6.22 -38.98 -4.66
CA VAL F 22 6.36 -38.71 -3.26
C VAL F 22 5.84 -39.90 -2.52
N LEU F 23 4.65 -40.38 -2.90
CA LEU F 23 4.06 -41.47 -2.19
C LEU F 23 4.97 -42.64 -2.35
N ALA F 24 5.42 -42.87 -3.60
CA ALA F 24 6.15 -44.05 -3.95
C ALA F 24 7.41 -44.08 -3.15
N ASP F 25 8.07 -42.91 -3.02
CA ASP F 25 9.39 -42.91 -2.45
C ASP F 25 9.29 -43.45 -1.05
N ALA F 26 8.30 -42.96 -0.28
CA ALA F 26 8.20 -43.40 1.07
C ALA F 26 7.95 -44.87 1.05
N VAL F 27 7.07 -45.31 0.15
CA VAL F 27 6.66 -46.68 0.12
C VAL F 27 7.84 -47.54 -0.21
N LYS F 28 8.66 -47.12 -1.18
CA LYS F 28 9.73 -47.96 -1.65
C LYS F 28 10.69 -48.16 -0.52
N VAL F 29 11.06 -47.08 0.18
CA VAL F 29 12.04 -47.22 1.21
C VAL F 29 11.47 -48.11 2.26
N THR F 30 10.17 -47.90 2.59
CA THR F 30 9.57 -48.67 3.64
C THR F 30 9.54 -50.10 3.22
N LEU F 31 9.32 -50.35 1.92
CA LEU F 31 9.20 -51.71 1.48
C LEU F 31 10.48 -52.39 1.80
N GLY F 32 10.36 -53.65 2.25
CA GLY F 32 11.53 -54.37 2.65
C GLY F 32 11.76 -53.99 4.07
N PRO F 33 12.63 -54.72 4.70
CA PRO F 33 12.75 -54.69 6.11
C PRO F 33 13.15 -53.32 6.54
N LYS F 34 13.77 -52.55 5.64
CA LYS F 34 14.47 -51.37 6.02
C LYS F 34 13.53 -50.35 6.60
N GLY F 35 12.39 -50.11 5.93
CA GLY F 35 11.60 -48.96 6.31
C GLY F 35 11.15 -49.14 7.72
N ARG F 36 11.71 -48.31 8.63
CA ARG F 36 11.33 -48.39 10.00
C ARG F 36 9.91 -47.97 10.18
N ASN F 37 9.54 -46.78 9.65
CA ASN F 37 8.24 -46.27 9.99
C ASN F 37 8.02 -44.99 9.24
N VAL F 38 6.74 -44.55 9.18
CA VAL F 38 6.42 -43.22 8.73
C VAL F 38 5.32 -42.73 9.63
N VAL F 39 5.22 -41.40 9.84
CA VAL F 39 4.16 -40.91 10.67
C VAL F 39 3.70 -39.60 10.13
N LEU F 40 2.39 -39.29 10.32
CA LEU F 40 1.87 -38.00 9.97
C LEU F 40 0.69 -37.71 10.82
N ASP F 41 0.20 -36.44 10.77
CA ASP F 41 -0.83 -35.95 11.64
C ASP F 41 -2.15 -36.47 11.17
N LYS F 42 -3.16 -36.43 12.08
CA LYS F 42 -4.52 -36.73 11.72
C LYS F 42 -5.31 -35.49 11.97
N SER F 43 -6.37 -35.27 11.17
CA SER F 43 -7.17 -34.10 11.36
C SER F 43 -7.79 -34.17 12.72
N PHE F 44 -8.42 -35.32 13.03
CA PHE F 44 -9.04 -35.47 14.31
C PHE F 44 -8.34 -36.58 15.01
N GLY F 45 -8.27 -36.49 16.36
CA GLY F 45 -7.68 -37.54 17.12
C GLY F 45 -6.21 -37.37 17.04
N ALA F 46 -5.45 -38.30 17.66
CA ALA F 46 -4.03 -38.24 17.59
C ALA F 46 -3.64 -38.67 16.21
N PRO F 47 -2.53 -38.18 15.77
CA PRO F 47 -2.08 -38.38 14.42
C PRO F 47 -1.83 -39.83 14.25
N THR F 48 -2.01 -40.36 13.03
CA THR F 48 -1.79 -41.77 12.83
C THR F 48 -0.33 -41.96 12.63
N ILE F 49 0.17 -43.16 12.99
CA ILE F 49 1.52 -43.50 12.71
C ILE F 49 1.48 -44.73 11.88
N THR F 50 2.29 -44.79 10.80
CA THR F 50 2.20 -45.92 9.94
C THR F 50 3.49 -46.65 9.98
N LYS F 51 3.47 -47.88 10.55
CA LYS F 51 4.60 -48.75 10.45
C LYS F 51 4.74 -49.21 9.02
N ASP F 52 3.60 -49.64 8.43
CA ASP F 52 3.66 -50.41 7.22
C ASP F 52 3.87 -49.50 6.06
N GLY F 53 4.32 -50.06 4.93
CA GLY F 53 4.47 -49.27 3.74
C GLY F 53 3.11 -48.84 3.31
N VAL F 54 2.13 -49.76 3.38
CA VAL F 54 0.81 -49.46 2.90
C VAL F 54 0.29 -48.33 3.71
N SER F 55 0.46 -48.43 5.04
CA SER F 55 -0.10 -47.45 5.91
C SER F 55 0.56 -46.15 5.58
N VAL F 56 1.84 -46.20 5.16
CA VAL F 56 2.53 -44.97 4.87
C VAL F 56 1.81 -44.31 3.75
N ALA F 57 1.46 -45.09 2.71
CA ALA F 57 0.84 -44.52 1.56
C ALA F 57 -0.45 -43.91 2.00
N ARG F 58 -1.18 -44.63 2.86
CA ARG F 58 -2.46 -44.17 3.31
C ARG F 58 -2.24 -42.89 4.05
N GLU F 59 -1.21 -42.89 4.92
CA GLU F 59 -0.97 -41.77 5.78
C GLU F 59 -0.62 -40.59 4.93
N ILE F 60 0.21 -40.82 3.89
CA ILE F 60 0.73 -39.71 3.17
C ILE F 60 -0.37 -39.12 2.37
N GLU F 61 -0.56 -37.79 2.52
CA GLU F 61 -1.51 -37.10 1.72
C GLU F 61 -0.77 -35.97 1.09
N LEU F 62 -1.19 -35.55 -0.12
CA LEU F 62 -0.48 -34.50 -0.78
C LEU F 62 -1.33 -33.27 -0.70
N GLU F 63 -0.68 -32.13 -0.45
CA GLU F 63 -1.40 -30.90 -0.31
C GLU F 63 -2.04 -30.60 -1.63
N ASP F 64 -1.28 -30.78 -2.73
CA ASP F 64 -1.80 -30.42 -4.00
C ASP F 64 -2.91 -31.37 -4.31
N LYS F 65 -4.01 -30.84 -4.88
CA LYS F 65 -5.13 -31.68 -5.21
C LYS F 65 -4.68 -32.65 -6.24
N PHE F 66 -3.98 -32.15 -7.28
CA PHE F 66 -3.62 -32.98 -8.38
C PHE F 66 -2.70 -34.05 -7.87
N GLU F 67 -1.68 -33.64 -7.10
CA GLU F 67 -0.72 -34.59 -6.64
C GLU F 67 -1.43 -35.55 -5.77
N ASN F 68 -2.30 -35.04 -4.88
CA ASN F 68 -2.95 -35.88 -3.92
C ASN F 68 -3.77 -36.87 -4.69
N MET F 69 -4.49 -36.40 -5.71
CA MET F 69 -5.37 -37.26 -6.45
C MET F 69 -4.54 -38.33 -7.06
N GLY F 70 -3.38 -37.96 -7.63
CA GLY F 70 -2.56 -38.92 -8.30
C GLY F 70 -2.14 -39.93 -7.29
N ALA F 71 -1.75 -39.44 -6.09
CA ALA F 71 -1.27 -40.33 -5.07
C ALA F 71 -2.40 -41.25 -4.72
N GLN F 72 -3.62 -40.70 -4.64
CA GLN F 72 -4.74 -41.47 -4.18
C GLN F 72 -4.95 -42.59 -5.14
N MET F 73 -4.82 -42.31 -6.45
CA MET F 73 -5.15 -43.29 -7.43
C MET F 73 -4.27 -44.48 -7.21
N VAL F 74 -2.96 -44.22 -6.99
CA VAL F 74 -2.04 -45.30 -6.83
C VAL F 74 -2.46 -46.08 -5.63
N LYS F 75 -2.77 -45.37 -4.53
CA LYS F 75 -3.03 -46.02 -3.29
C LYS F 75 -4.22 -46.92 -3.46
N GLU F 76 -5.26 -46.42 -4.13
CA GLU F 76 -6.47 -47.19 -4.20
C GLU F 76 -6.16 -48.46 -4.91
N VAL F 77 -5.42 -48.39 -6.03
CA VAL F 77 -5.11 -49.60 -6.73
C VAL F 77 -4.29 -50.44 -5.83
N ALA F 78 -3.32 -49.83 -5.13
CA ALA F 78 -2.40 -50.60 -4.35
C ALA F 78 -3.20 -51.35 -3.33
N SER F 79 -4.19 -50.68 -2.71
CA SER F 79 -4.91 -51.31 -1.66
C SER F 79 -5.60 -52.51 -2.22
N LYS F 80 -6.19 -52.38 -3.43
CA LYS F 80 -6.96 -53.46 -3.97
C LYS F 80 -6.04 -54.63 -4.13
N ALA F 81 -4.84 -54.38 -4.66
CA ALA F 81 -3.89 -55.44 -4.84
C ALA F 81 -3.57 -55.96 -3.48
N ASN F 82 -3.42 -55.05 -2.51
CA ASN F 82 -2.98 -55.42 -1.21
C ASN F 82 -3.96 -56.39 -0.65
N ASP F 83 -5.26 -56.12 -0.82
CA ASP F 83 -6.21 -56.98 -0.20
C ASP F 83 -6.07 -58.35 -0.77
N ALA F 84 -6.11 -58.46 -2.11
CA ALA F 84 -6.16 -59.76 -2.70
C ALA F 84 -4.89 -60.49 -2.40
N ALA F 85 -3.74 -59.84 -2.65
CA ALA F 85 -2.49 -60.52 -2.50
C ALA F 85 -2.32 -60.83 -1.05
N GLY F 86 -2.64 -59.83 -0.20
CA GLY F 86 -2.39 -59.92 1.20
C GLY F 86 -1.06 -59.30 1.44
N ASP F 87 -0.23 -59.24 0.37
CA ASP F 87 1.07 -58.65 0.49
C ASP F 87 1.34 -57.96 -0.81
N GLY F 88 2.52 -57.31 -0.90
CA GLY F 88 2.97 -56.81 -2.16
C GLY F 88 2.30 -55.50 -2.42
N THR F 89 1.74 -54.88 -1.37
CA THR F 89 1.11 -53.60 -1.57
C THR F 89 2.15 -52.67 -2.07
N THR F 90 3.32 -52.67 -1.40
CA THR F 90 4.36 -51.75 -1.76
C THR F 90 4.80 -52.06 -3.13
N THR F 91 4.94 -53.37 -3.44
CA THR F 91 5.54 -53.76 -4.67
C THR F 91 4.73 -53.18 -5.78
N ALA F 92 3.39 -53.27 -5.66
CA ALA F 92 2.55 -52.77 -6.71
C ALA F 92 2.81 -51.32 -6.86
N THR F 93 2.93 -50.60 -5.72
CA THR F 93 3.11 -49.18 -5.78
C THR F 93 4.40 -48.92 -6.47
N VAL F 94 5.46 -49.67 -6.09
CA VAL F 94 6.76 -49.42 -6.62
C VAL F 94 6.69 -49.62 -8.10
N LEU F 95 6.04 -50.72 -8.52
CA LEU F 95 6.02 -51.06 -9.91
C LEU F 95 5.32 -49.94 -10.63
N ALA F 96 4.20 -49.47 -10.06
CA ALA F 96 3.38 -48.51 -10.74
C ALA F 96 4.20 -47.30 -10.98
N GLN F 97 4.97 -46.88 -9.96
CA GLN F 97 5.67 -45.63 -10.06
C GLN F 97 6.61 -45.72 -11.21
N ALA F 98 7.35 -46.84 -11.30
CA ALA F 98 8.34 -46.95 -12.33
C ALA F 98 7.66 -46.88 -13.65
N ILE F 99 6.53 -47.60 -13.78
CA ILE F 99 5.86 -47.66 -15.05
C ILE F 99 5.41 -46.29 -15.40
N ILE F 100 4.81 -45.59 -14.42
CA ILE F 100 4.19 -44.33 -14.70
C ILE F 100 5.24 -43.40 -15.20
N THR F 101 6.40 -43.36 -14.51
CA THR F 101 7.38 -42.37 -14.83
C THR F 101 7.79 -42.57 -16.25
N GLU F 102 8.06 -43.84 -16.62
CA GLU F 102 8.51 -44.12 -17.94
C GLU F 102 7.41 -43.72 -18.88
N GLY F 103 6.16 -44.04 -18.52
CA GLY F 103 5.06 -43.77 -19.40
C GLY F 103 5.01 -42.30 -19.61
N LEU F 104 5.24 -41.52 -18.53
CA LEU F 104 5.15 -40.09 -18.63
C LEU F 104 6.21 -39.63 -19.56
N LYS F 105 7.42 -40.19 -19.44
CA LYS F 105 8.50 -39.77 -20.29
C LYS F 105 8.09 -40.06 -21.69
N ALA F 106 7.51 -41.25 -21.92
CA ALA F 106 7.10 -41.63 -23.23
C ALA F 106 6.08 -40.63 -23.66
N VAL F 107 5.22 -40.20 -22.72
CA VAL F 107 4.23 -39.20 -22.99
C VAL F 107 4.98 -37.99 -23.46
N ALA F 108 6.10 -37.66 -22.79
CA ALA F 108 6.89 -36.55 -23.19
C ALA F 108 7.33 -36.81 -24.59
N ALA F 109 7.66 -38.08 -24.89
CA ALA F 109 8.07 -38.45 -26.21
C ALA F 109 6.94 -38.11 -27.11
N GLY F 110 5.71 -38.34 -26.66
CA GLY F 110 4.57 -37.97 -27.45
C GLY F 110 4.14 -39.16 -28.23
N MET F 111 4.77 -40.33 -27.95
CA MET F 111 4.28 -41.53 -28.55
C MET F 111 2.93 -41.77 -27.96
N ASN F 112 2.00 -42.32 -28.76
CA ASN F 112 0.67 -42.45 -28.25
C ASN F 112 0.69 -43.46 -27.16
N PRO F 113 0.17 -43.07 -26.05
CA PRO F 113 0.23 -43.86 -24.86
C PRO F 113 -0.55 -45.12 -25.03
N MET F 114 -1.49 -45.13 -26.00
CA MET F 114 -2.38 -46.24 -26.12
C MET F 114 -1.57 -47.45 -26.43
N ASP F 115 -0.62 -47.31 -27.37
CA ASP F 115 0.17 -48.43 -27.77
C ASP F 115 0.93 -48.89 -26.58
N LEU F 116 1.48 -47.93 -25.81
CA LEU F 116 2.32 -48.26 -24.70
C LEU F 116 1.50 -49.03 -23.73
N LYS F 117 0.26 -48.56 -23.47
CA LYS F 117 -0.55 -49.21 -22.49
C LYS F 117 -0.78 -50.61 -22.95
N ARG F 118 -1.08 -50.77 -24.25
CA ARG F 118 -1.36 -52.07 -24.78
C ARG F 118 -0.14 -52.89 -24.60
N GLY F 119 1.04 -52.31 -24.91
CA GLY F 119 2.26 -53.06 -24.84
C GLY F 119 2.45 -53.48 -23.43
N ILE F 120 2.18 -52.56 -22.48
CA ILE F 120 2.43 -52.85 -21.10
C ILE F 120 1.56 -54.00 -20.72
N ASP F 121 0.28 -53.94 -21.14
CA ASP F 121 -0.65 -54.97 -20.76
C ASP F 121 -0.14 -56.25 -21.32
N LYS F 122 0.32 -56.21 -22.59
CA LYS F 122 0.76 -57.41 -23.24
C LYS F 122 1.91 -57.94 -22.45
N ALA F 123 2.83 -57.05 -22.05
CA ALA F 123 4.00 -57.48 -21.34
C ALA F 123 3.55 -58.11 -20.07
N VAL F 124 2.56 -57.50 -19.41
CA VAL F 124 2.13 -57.97 -18.12
C VAL F 124 1.64 -59.37 -18.30
N THR F 125 0.84 -59.60 -19.35
CA THR F 125 0.25 -60.89 -19.53
C THR F 125 1.35 -61.88 -19.68
N ALA F 126 2.35 -61.54 -20.51
CA ALA F 126 3.41 -62.47 -20.77
C ALA F 126 4.09 -62.75 -19.48
N ALA F 127 4.34 -61.71 -18.68
CA ALA F 127 5.08 -61.87 -17.46
C ALA F 127 4.29 -62.79 -16.59
N VAL F 128 2.96 -62.60 -16.55
CA VAL F 128 2.15 -63.36 -15.65
C VAL F 128 2.32 -64.81 -15.99
N GLU F 129 2.27 -65.12 -17.30
CA GLU F 129 2.33 -66.50 -17.70
C GLU F 129 3.63 -67.06 -17.24
N GLU F 130 4.72 -66.28 -17.41
CA GLU F 130 6.01 -66.77 -17.06
C GLU F 130 6.03 -67.03 -15.59
N LEU F 131 5.43 -66.10 -14.82
CA LEU F 131 5.48 -66.20 -13.39
C LEU F 131 4.81 -67.46 -12.99
N LYS F 132 3.65 -67.77 -13.62
CA LYS F 132 2.87 -68.87 -13.18
C LYS F 132 3.69 -70.11 -13.34
N ALA F 133 4.37 -70.25 -14.50
CA ALA F 133 5.17 -71.41 -14.72
C ALA F 133 6.25 -71.43 -13.69
N LEU F 134 6.84 -70.25 -13.43
CA LEU F 134 7.97 -70.17 -12.56
C LEU F 134 7.54 -70.62 -11.21
N SER F 135 6.32 -70.22 -10.80
CA SER F 135 5.92 -70.42 -9.44
C SER F 135 5.96 -71.89 -9.15
N VAL F 136 6.23 -72.22 -7.87
CA VAL F 136 6.31 -73.58 -7.42
C VAL F 136 5.56 -73.65 -6.14
N PRO F 137 5.30 -74.85 -5.69
CA PRO F 137 4.41 -75.08 -4.59
C PRO F 137 5.01 -74.48 -3.36
N CYS F 138 4.15 -74.15 -2.37
CA CYS F 138 4.62 -73.48 -1.20
C CYS F 138 5.41 -74.45 -0.39
N SER F 139 6.40 -73.93 0.36
CA SER F 139 7.22 -74.77 1.18
C SER F 139 6.53 -74.95 2.49
N ASP F 140 7.24 -75.54 3.46
CA ASP F 140 6.64 -75.95 4.70
C ASP F 140 6.45 -74.73 5.55
N SER F 141 6.00 -74.97 6.80
CA SER F 141 5.57 -73.92 7.67
C SER F 141 6.72 -73.00 7.91
N LYS F 142 7.95 -73.53 7.95
CA LYS F 142 9.07 -72.69 8.20
C LYS F 142 9.10 -71.69 7.09
N ALA F 143 8.85 -72.17 5.85
CA ALA F 143 8.76 -71.29 4.73
C ALA F 143 7.62 -70.37 4.99
N ILE F 144 6.53 -70.91 5.58
CA ILE F 144 5.33 -70.15 5.74
C ILE F 144 5.67 -68.97 6.59
N ALA F 145 6.48 -69.20 7.65
CA ALA F 145 6.82 -68.12 8.52
C ALA F 145 7.54 -67.12 7.70
N GLN F 146 8.42 -67.58 6.80
CA GLN F 146 9.18 -66.68 5.97
C GLN F 146 8.21 -65.93 5.12
N VAL F 147 7.17 -66.61 4.61
CA VAL F 147 6.19 -65.94 3.81
C VAL F 147 5.59 -64.89 4.68
N GLY F 148 5.31 -65.25 5.94
CA GLY F 148 4.67 -64.36 6.85
C GLY F 148 5.57 -63.18 7.04
N THR F 149 6.90 -63.42 7.13
CA THR F 149 7.82 -62.37 7.43
C THR F 149 7.77 -61.38 6.31
N ILE F 150 7.63 -61.86 5.07
CA ILE F 150 7.68 -60.96 3.95
C ILE F 150 6.54 -60.00 4.11
N SER F 151 5.33 -60.51 4.42
CA SER F 151 4.20 -59.65 4.65
C SER F 151 4.53 -58.85 5.87
N ALA F 152 5.30 -59.46 6.77
CA ALA F 152 5.65 -58.89 8.03
C ALA F 152 6.42 -57.64 7.76
N ASN F 153 7.22 -57.64 6.67
CA ASN F 153 8.20 -56.61 6.53
C ASN F 153 9.06 -56.68 7.74
N SER F 154 9.66 -57.86 7.95
CA SER F 154 10.52 -58.12 9.06
C SER F 154 9.75 -57.92 10.33
N ASP F 155 8.45 -58.26 10.31
CA ASP F 155 7.79 -58.39 11.57
C ASP F 155 7.89 -59.83 11.94
N GLU F 156 8.83 -60.17 12.82
CA GLU F 156 9.07 -61.54 13.13
C GLU F 156 7.85 -62.08 13.79
N THR F 157 7.25 -61.27 14.68
CA THR F 157 6.17 -61.75 15.49
C THR F 157 5.05 -62.15 14.59
N VAL F 158 4.74 -61.31 13.58
CA VAL F 158 3.58 -61.57 12.77
C VAL F 158 3.78 -62.89 12.11
N GLY F 159 4.97 -63.12 11.54
CA GLY F 159 5.18 -64.33 10.81
C GLY F 159 5.01 -65.47 11.75
N LYS F 160 5.58 -65.34 12.96
CA LYS F 160 5.52 -66.42 13.90
C LYS F 160 4.09 -66.65 14.23
N LEU F 161 3.34 -65.56 14.47
CA LEU F 161 1.97 -65.70 14.89
C LEU F 161 1.24 -66.38 13.79
N ILE F 162 1.48 -65.96 12.54
CA ILE F 162 0.74 -66.50 11.46
C ILE F 162 1.03 -67.96 11.39
N ALA F 163 2.33 -68.33 11.48
CA ALA F 163 2.68 -69.70 11.35
C ALA F 163 2.05 -70.45 12.48
N GLU F 164 2.13 -69.89 13.70
CA GLU F 164 1.66 -70.61 14.84
C GLU F 164 0.19 -70.81 14.68
N ALA F 165 -0.53 -69.73 14.30
CA ALA F 165 -1.95 -69.82 14.18
C ALA F 165 -2.23 -70.80 13.10
N MET F 166 -1.46 -70.73 12.00
CA MET F 166 -1.72 -71.55 10.86
C MET F 166 -1.56 -72.97 11.25
N ASP F 167 -0.52 -73.28 12.05
CA ASP F 167 -0.28 -74.66 12.34
C ASP F 167 -1.46 -75.21 13.08
N LYS F 168 -1.89 -74.50 14.15
CA LYS F 168 -2.90 -75.05 15.00
C LYS F 168 -4.16 -75.19 14.21
N VAL F 169 -4.57 -74.11 13.52
CA VAL F 169 -5.82 -74.11 12.81
C VAL F 169 -5.74 -75.13 11.73
N GLY F 170 -4.57 -75.19 11.07
CA GLY F 170 -4.42 -75.92 9.85
C GLY F 170 -4.45 -74.89 8.76
N LYS F 171 -3.73 -75.16 7.66
CA LYS F 171 -3.65 -74.18 6.62
C LYS F 171 -5.03 -73.98 6.10
N GLU F 172 -5.75 -75.09 5.90
CA GLU F 172 -7.07 -75.02 5.33
C GLU F 172 -7.93 -74.23 6.26
N GLY F 173 -7.78 -74.48 7.58
CA GLY F 173 -8.68 -73.87 8.51
C GLY F 173 -8.48 -72.40 8.42
N VAL F 174 -9.59 -71.65 8.59
CA VAL F 174 -9.54 -70.22 8.49
C VAL F 174 -9.00 -69.69 9.78
N ILE F 175 -8.26 -68.57 9.71
CA ILE F 175 -7.78 -67.95 10.90
C ILE F 175 -8.35 -66.58 10.94
N THR F 176 -8.79 -66.13 12.13
CA THR F 176 -9.36 -64.82 12.24
C THR F 176 -8.48 -64.04 13.15
N VAL F 177 -8.42 -62.72 12.95
CA VAL F 177 -7.59 -61.92 13.79
C VAL F 177 -8.49 -61.03 14.58
N GLU F 178 -8.15 -60.84 15.87
CA GLU F 178 -8.89 -59.96 16.72
C GLU F 178 -7.87 -59.11 17.41
N ASP F 179 -8.31 -57.97 17.97
CA ASP F 179 -7.37 -57.14 18.66
C ASP F 179 -6.93 -57.90 19.86
N GLY F 180 -5.68 -57.69 20.29
CA GLY F 180 -5.17 -58.45 21.39
C GLY F 180 -5.86 -57.98 22.63
N THR F 181 -6.09 -58.91 23.57
CA THR F 181 -6.63 -58.54 24.84
C THR F 181 -5.62 -57.68 25.51
N GLY F 182 -4.35 -58.09 25.43
CA GLY F 182 -3.30 -57.40 26.11
C GLY F 182 -2.11 -57.39 25.22
N LEU F 183 -0.97 -56.92 25.74
CA LEU F 183 0.22 -56.76 24.95
C LEU F 183 0.62 -58.11 24.45
N GLN F 184 0.52 -59.15 25.30
CA GLN F 184 0.89 -60.44 24.83
C GLN F 184 -0.20 -60.91 23.92
N ASP F 185 0.20 -61.58 22.81
CA ASP F 185 -0.79 -62.09 21.91
C ASP F 185 -1.40 -63.28 22.55
N GLU F 186 -2.66 -63.59 22.18
CA GLU F 186 -3.24 -64.81 22.65
C GLU F 186 -3.77 -65.52 21.45
N LEU F 187 -3.54 -66.84 21.37
CA LEU F 187 -4.15 -67.60 20.31
C LEU F 187 -5.14 -68.49 20.98
N ASP F 188 -6.44 -68.31 20.64
CA ASP F 188 -7.43 -69.14 21.23
C ASP F 188 -8.22 -69.76 20.13
N VAL F 189 -8.60 -71.04 20.30
CA VAL F 189 -9.56 -71.59 19.39
C VAL F 189 -10.86 -70.97 19.77
N VAL F 190 -11.70 -70.66 18.77
CA VAL F 190 -12.90 -69.94 19.10
C VAL F 190 -14.06 -70.84 18.88
N GLU F 191 -15.10 -70.66 19.71
CA GLU F 191 -16.30 -71.43 19.52
C GLU F 191 -17.28 -70.53 18.84
N GLY F 192 -18.02 -71.09 17.86
CA GLY F 192 -19.01 -70.29 17.19
C GLY F 192 -19.07 -70.80 15.78
N MET F 193 -20.02 -70.26 14.99
CA MET F 193 -20.14 -70.68 13.63
C MET F 193 -20.15 -69.46 12.78
N GLN F 194 -19.67 -69.59 11.53
CA GLN F 194 -19.73 -68.49 10.60
C GLN F 194 -20.52 -68.98 9.44
N PHE F 195 -21.40 -68.11 8.88
CA PHE F 195 -22.18 -68.49 7.75
C PHE F 195 -22.03 -67.39 6.74
N ASP F 196 -21.95 -67.73 5.45
CA ASP F 196 -21.69 -66.68 4.50
C ASP F 196 -22.98 -66.03 4.16
N ARG F 197 -23.20 -64.81 4.69
CA ARG F 197 -24.38 -64.07 4.32
C ARG F 197 -23.97 -62.65 4.15
N GLY F 198 -24.69 -61.94 3.25
CA GLY F 198 -24.34 -60.58 2.97
C GLY F 198 -25.01 -59.69 3.98
N TYR F 199 -24.62 -58.40 3.97
CA TYR F 199 -25.36 -57.43 4.71
C TYR F 199 -26.37 -56.87 3.77
N LEU F 200 -27.62 -56.70 4.25
CA LEU F 200 -28.68 -56.35 3.35
C LEU F 200 -28.34 -55.04 2.73
N SER F 201 -27.91 -54.05 3.55
CA SER F 201 -27.65 -52.76 2.99
C SER F 201 -26.37 -52.27 3.55
N PRO F 202 -25.68 -51.48 2.77
CA PRO F 202 -24.46 -50.84 3.15
C PRO F 202 -24.76 -49.92 4.27
N TYR F 203 -26.04 -49.54 4.44
CA TYR F 203 -26.43 -48.65 5.49
C TYR F 203 -26.13 -49.37 6.77
N PHE F 204 -26.41 -50.68 6.78
CA PHE F 204 -26.18 -51.49 7.94
C PHE F 204 -24.72 -51.44 8.22
N ILE F 205 -23.91 -51.41 7.15
CA ILE F 205 -22.47 -51.45 7.22
C ILE F 205 -22.01 -50.50 8.27
N ASN F 206 -21.06 -50.98 9.10
CA ASN F 206 -20.68 -50.32 10.30
C ASN F 206 -19.77 -49.18 9.94
N LYS F 207 -19.37 -48.41 10.97
CA LYS F 207 -18.54 -47.26 10.82
C LYS F 207 -17.23 -47.64 10.16
N PRO F 208 -16.54 -48.69 10.54
CA PRO F 208 -15.17 -48.81 10.14
C PRO F 208 -15.01 -48.89 8.65
N GLU F 209 -13.80 -48.57 8.17
CA GLU F 209 -13.52 -48.41 6.77
C GLU F 209 -13.79 -49.70 6.10
N THR F 210 -13.46 -50.82 6.78
CA THR F 210 -13.61 -52.10 6.17
C THR F 210 -15.05 -52.24 5.81
N GLY F 211 -15.94 -51.79 6.71
CA GLY F 211 -17.33 -51.80 6.41
C GLY F 211 -17.91 -53.05 6.96
N ALA F 212 -17.04 -53.93 7.49
CA ALA F 212 -17.57 -55.05 8.21
C ALA F 212 -18.22 -54.47 9.43
N VAL F 213 -19.35 -55.06 9.85
CA VAL F 213 -20.02 -54.47 10.98
C VAL F 213 -19.76 -55.36 12.14
N GLU F 214 -19.34 -54.75 13.27
CA GLU F 214 -19.13 -55.54 14.45
C GLU F 214 -20.10 -55.05 15.46
N LEU F 215 -20.79 -55.97 16.15
CA LEU F 215 -21.71 -55.58 17.16
C LEU F 215 -21.14 -56.04 18.47
N GLU F 216 -21.32 -55.23 19.52
CA GLU F 216 -20.82 -55.65 20.80
C GLU F 216 -21.97 -56.28 21.52
N SER F 217 -21.72 -57.49 22.05
CA SER F 217 -22.74 -58.27 22.69
C SER F 217 -23.99 -58.28 21.86
N PRO F 218 -23.97 -58.70 20.61
CA PRO F 218 -25.12 -58.57 19.78
C PRO F 218 -26.20 -59.45 20.30
N PHE F 219 -27.46 -59.14 19.97
CA PHE F 219 -28.53 -60.06 20.26
C PHE F 219 -28.90 -60.66 18.95
N ILE F 220 -29.24 -61.97 18.94
CA ILE F 220 -29.55 -62.57 17.69
C ILE F 220 -30.98 -62.99 17.72
N LEU F 221 -31.77 -62.51 16.75
CA LEU F 221 -33.10 -63.01 16.59
C LEU F 221 -33.08 -63.82 15.35
N LEU F 222 -33.53 -65.08 15.43
CA LEU F 222 -33.54 -65.90 14.25
C LEU F 222 -34.96 -66.17 13.91
N ALA F 223 -35.33 -65.97 12.64
CA ALA F 223 -36.61 -66.42 12.21
C ALA F 223 -36.37 -67.30 11.03
N ASP F 224 -37.04 -68.47 11.00
CA ASP F 224 -36.91 -69.30 9.85
C ASP F 224 -37.55 -68.56 8.72
N LYS F 225 -38.72 -67.95 9.00
CA LYS F 225 -39.45 -67.26 7.99
C LYS F 225 -38.77 -65.96 7.77
N LYS F 226 -38.92 -65.41 6.54
CA LYS F 226 -38.35 -64.16 6.21
C LYS F 226 -39.14 -63.11 6.92
N ILE F 227 -38.52 -61.93 7.15
CA ILE F 227 -39.23 -60.90 7.85
C ILE F 227 -39.82 -60.01 6.81
N SER F 228 -41.14 -60.18 6.58
CA SER F 228 -41.79 -59.43 5.55
C SER F 228 -41.78 -57.98 5.92
N ASN F 229 -42.31 -57.65 7.11
CA ASN F 229 -42.62 -56.27 7.37
C ASN F 229 -42.10 -55.90 8.73
N ILE F 230 -42.10 -54.58 9.00
CA ILE F 230 -41.65 -54.04 10.24
C ILE F 230 -42.55 -54.51 11.32
N ARG F 231 -43.87 -54.55 11.05
CA ARG F 231 -44.84 -54.66 12.10
C ARG F 231 -44.58 -55.92 12.85
N GLU F 232 -44.31 -57.03 12.14
CA GLU F 232 -44.05 -58.27 12.80
C GLU F 232 -42.82 -58.09 13.62
N MET F 233 -41.84 -57.37 13.06
CA MET F 233 -40.57 -57.16 13.69
C MET F 233 -40.78 -56.38 14.95
N LEU F 234 -41.76 -55.46 14.93
CA LEU F 234 -41.81 -54.39 15.88
C LEU F 234 -41.82 -54.93 17.28
N PRO F 235 -42.64 -55.91 17.59
CA PRO F 235 -42.72 -56.33 18.95
C PRO F 235 -41.41 -56.86 19.41
N VAL F 236 -40.59 -57.40 18.49
CA VAL F 236 -39.26 -57.82 18.83
C VAL F 236 -38.50 -56.59 19.20
N LEU F 237 -38.70 -55.54 18.39
CA LEU F 237 -38.00 -54.29 18.52
C LEU F 237 -38.31 -53.70 19.84
N GLU F 238 -39.58 -53.82 20.29
CA GLU F 238 -39.95 -53.21 21.53
C GLU F 238 -39.09 -53.81 22.59
N ALA F 239 -38.92 -55.14 22.53
CA ALA F 239 -38.06 -55.82 23.46
C ALA F 239 -36.70 -55.25 23.27
N VAL F 240 -36.27 -55.00 22.02
CA VAL F 240 -34.95 -54.48 21.62
C VAL F 240 -34.68 -52.94 21.71
N ALA F 241 -35.67 -52.05 21.82
CA ALA F 241 -35.65 -50.62 21.95
C ALA F 241 -36.05 -50.29 23.36
N LYS F 242 -36.59 -51.29 24.04
CA LYS F 242 -36.27 -51.68 25.39
C LYS F 242 -35.04 -52.55 25.37
N ALA F 243 -34.02 -52.21 24.54
CA ALA F 243 -32.70 -52.80 24.48
C ALA F 243 -31.61 -51.85 23.96
N GLY F 244 -30.69 -52.16 23.00
CA GLY F 244 -29.61 -51.20 22.70
C GLY F 244 -28.26 -51.64 22.19
N LYS F 245 -27.52 -52.51 22.92
CA LYS F 245 -26.32 -53.16 22.41
C LYS F 245 -26.70 -53.98 21.20
N PRO F 246 -25.93 -53.89 20.13
CA PRO F 246 -26.44 -54.06 18.79
C PRO F 246 -27.17 -55.33 18.49
N LEU F 247 -28.43 -55.20 18.15
CA LEU F 247 -29.28 -56.27 17.76
C LEU F 247 -28.89 -56.70 16.38
N LEU F 248 -28.79 -58.03 16.19
CA LEU F 248 -28.62 -58.58 14.89
C LEU F 248 -29.88 -59.33 14.58
N ILE F 249 -30.35 -59.23 13.34
CA ILE F 249 -31.57 -59.89 12.99
C ILE F 249 -31.26 -60.85 11.89
N ILE F 250 -31.82 -62.08 11.98
CA ILE F 250 -31.62 -63.01 10.91
C ILE F 250 -32.97 -63.23 10.31
N ALA F 251 -33.09 -63.00 8.99
CA ALA F 251 -34.33 -63.24 8.33
C ALA F 251 -34.01 -64.08 7.14
N GLU F 252 -34.96 -64.95 6.74
CA GLU F 252 -34.68 -65.80 5.62
C GLU F 252 -34.49 -64.91 4.45
N ASP F 253 -35.43 -63.97 4.24
CA ASP F 253 -35.29 -63.06 3.14
C ASP F 253 -35.83 -61.75 3.60
N VAL F 254 -35.30 -60.65 3.04
CA VAL F 254 -36.00 -59.41 3.23
C VAL F 254 -36.29 -58.87 1.87
N GLU F 255 -37.56 -58.53 1.60
CA GLU F 255 -37.80 -57.80 0.40
C GLU F 255 -37.35 -56.41 0.69
N GLY F 256 -36.46 -55.93 -0.15
CA GLY F 256 -35.34 -55.05 0.18
C GLY F 256 -35.57 -53.59 0.48
N GLU F 257 -36.75 -52.96 0.44
CA GLU F 257 -38.10 -53.36 0.08
C GLU F 257 -39.11 -53.53 1.23
N ALA F 258 -39.91 -54.62 1.29
CA ALA F 258 -40.70 -55.11 2.42
C ALA F 258 -40.27 -54.74 3.82
N LEU F 259 -39.02 -55.02 4.16
CA LEU F 259 -38.50 -54.58 5.41
C LEU F 259 -38.07 -53.12 5.35
N ALA F 260 -37.29 -52.71 4.34
CA ALA F 260 -36.62 -51.43 4.35
C ALA F 260 -37.42 -50.13 4.38
N THR F 261 -38.53 -49.93 3.61
CA THR F 261 -39.22 -48.67 3.63
C THR F 261 -39.83 -48.51 4.98
N LEU F 262 -40.57 -49.53 5.44
CA LEU F 262 -41.23 -49.40 6.71
C LEU F 262 -40.19 -49.28 7.77
N VAL F 263 -39.17 -50.16 7.70
CA VAL F 263 -38.25 -50.24 8.80
C VAL F 263 -37.54 -48.94 8.92
N VAL F 264 -36.97 -48.45 7.81
CA VAL F 264 -36.11 -47.32 7.94
C VAL F 264 -36.92 -46.16 8.43
N ASN F 265 -38.00 -45.82 7.72
CA ASN F 265 -38.73 -44.64 8.05
C ASN F 265 -39.38 -44.83 9.38
N THR F 266 -40.14 -45.93 9.52
CA THR F 266 -40.95 -46.11 10.69
C THR F 266 -40.06 -46.27 11.88
N MET F 267 -39.01 -47.11 11.73
CA MET F 267 -38.24 -47.52 12.87
C MET F 267 -37.18 -46.51 13.10
N ARG F 268 -37.03 -46.08 14.36
CA ARG F 268 -36.00 -45.16 14.71
C ARG F 268 -34.70 -45.83 14.41
N GLY F 269 -34.58 -47.11 14.81
CA GLY F 269 -33.37 -47.83 14.55
C GLY F 269 -32.34 -47.30 15.48
N ILE F 270 -32.77 -46.76 16.64
CA ILE F 270 -31.84 -46.18 17.54
C ILE F 270 -30.91 -47.26 17.98
N VAL F 271 -31.47 -48.43 18.34
CA VAL F 271 -30.63 -49.52 18.72
C VAL F 271 -29.95 -50.00 17.49
N LYS F 272 -28.69 -50.44 17.61
CA LYS F 272 -27.99 -50.86 16.44
C LYS F 272 -28.67 -52.08 15.95
N VAL F 273 -28.89 -52.17 14.62
CA VAL F 273 -29.54 -53.33 14.09
C VAL F 273 -28.75 -53.76 12.90
N ALA F 274 -28.73 -55.09 12.65
CA ALA F 274 -28.14 -55.60 11.46
C ALA F 274 -29.09 -56.64 10.95
N ALA F 275 -29.10 -56.88 9.63
CA ALA F 275 -29.95 -57.92 9.14
C ALA F 275 -29.11 -58.82 8.30
N VAL F 276 -29.37 -60.14 8.38
CA VAL F 276 -28.69 -61.06 7.53
C VAL F 276 -29.71 -62.05 7.07
N LYS F 277 -29.49 -62.63 5.87
CA LYS F 277 -30.38 -63.65 5.42
C LYS F 277 -30.00 -64.90 6.13
N ALA F 278 -30.99 -65.76 6.43
CA ALA F 278 -30.69 -66.96 7.12
C ALA F 278 -29.93 -67.84 6.17
N PRO F 279 -28.96 -68.52 6.69
CA PRO F 279 -28.04 -69.26 5.89
C PRO F 279 -28.77 -70.41 5.27
N GLY F 280 -28.36 -70.84 4.07
CA GLY F 280 -28.91 -72.02 3.49
C GLY F 280 -30.28 -71.68 3.01
N PHE F 281 -30.96 -72.68 2.41
CA PHE F 281 -32.32 -72.51 2.04
C PHE F 281 -33.02 -73.80 2.29
N GLY F 282 -34.36 -73.76 2.38
CA GLY F 282 -35.10 -74.98 2.50
C GLY F 282 -34.87 -75.52 3.87
N ASP F 283 -34.97 -76.86 4.00
CA ASP F 283 -34.85 -77.51 5.27
C ASP F 283 -33.47 -77.26 5.76
N ARG F 284 -32.49 -77.29 4.85
CA ARG F 284 -31.13 -77.13 5.25
C ARG F 284 -31.02 -75.79 5.89
N ARG F 285 -31.69 -74.78 5.31
CA ARG F 285 -31.61 -73.45 5.85
C ARG F 285 -32.14 -73.51 7.25
N LYS F 286 -33.28 -74.21 7.43
CA LYS F 286 -33.87 -74.28 8.73
C LYS F 286 -32.88 -74.93 9.63
N ALA F 287 -32.24 -76.00 9.14
CA ALA F 287 -31.34 -76.77 9.94
C ALA F 287 -30.22 -75.86 10.35
N MET F 288 -29.75 -75.03 9.40
CA MET F 288 -28.66 -74.15 9.68
C MET F 288 -29.13 -73.21 10.74
N LEU F 289 -30.39 -72.76 10.63
CA LEU F 289 -30.91 -71.82 11.58
C LEU F 289 -30.89 -72.48 12.91
N GLN F 290 -31.28 -73.77 12.95
CA GLN F 290 -31.35 -74.45 14.20
C GLN F 290 -29.97 -74.50 14.78
N ASP F 291 -28.97 -74.78 13.92
CA ASP F 291 -27.62 -74.89 14.40
C ASP F 291 -27.23 -73.56 14.96
N ILE F 292 -27.59 -72.47 14.24
CA ILE F 292 -27.22 -71.17 14.68
C ILE F 292 -27.89 -70.93 16.00
N ALA F 293 -29.17 -71.31 16.09
CA ALA F 293 -29.96 -70.99 17.24
C ALA F 293 -29.32 -71.64 18.42
N THR F 294 -28.88 -72.90 18.27
CA THR F 294 -28.29 -73.57 19.38
C THR F 294 -27.05 -72.84 19.77
N LEU F 295 -26.23 -72.47 18.77
CA LEU F 295 -24.97 -71.85 19.06
C LEU F 295 -25.25 -70.57 19.77
N THR F 296 -26.23 -69.80 19.26
CA THR F 296 -26.53 -68.53 19.86
C THR F 296 -27.02 -68.82 21.24
N GLY F 297 -27.84 -69.87 21.39
CA GLY F 297 -28.45 -70.17 22.65
C GLY F 297 -29.79 -69.53 22.62
N GLY F 298 -30.09 -68.80 21.54
CA GLY F 298 -31.38 -68.20 21.38
C GLY F 298 -32.28 -69.25 20.79
N THR F 299 -33.54 -68.89 20.56
CA THR F 299 -34.46 -69.82 19.98
C THR F 299 -34.92 -69.22 18.70
N VAL F 300 -35.41 -70.06 17.77
CA VAL F 300 -35.86 -69.56 16.51
C VAL F 300 -37.34 -69.72 16.48
N ILE F 301 -38.04 -68.79 15.81
CA ILE F 301 -39.46 -68.87 15.74
C ILE F 301 -39.82 -69.05 14.31
N SER F 302 -40.73 -70.01 14.03
CA SER F 302 -41.15 -70.22 12.67
C SER F 302 -42.64 -70.23 12.66
N GLU F 303 -43.22 -69.98 11.49
CA GLU F 303 -44.65 -69.99 11.35
C GLU F 303 -45.11 -71.38 11.65
N GLU F 304 -44.35 -72.38 11.17
CA GLU F 304 -44.76 -73.74 11.33
C GLU F 304 -44.86 -73.99 12.80
N ILE F 305 -43.88 -73.49 13.57
CA ILE F 305 -43.94 -73.64 14.99
C ILE F 305 -45.16 -72.91 15.43
N GLY F 306 -45.39 -71.71 14.86
CA GLY F 306 -46.54 -70.96 15.23
C GLY F 306 -46.14 -70.05 16.33
N MET F 307 -44.84 -70.04 16.68
CA MET F 307 -44.37 -69.09 17.65
C MET F 307 -44.49 -67.75 17.01
N GLU F 308 -44.72 -66.71 17.82
CA GLU F 308 -44.88 -65.40 17.26
C GLU F 308 -43.64 -64.63 17.56
N LEU F 309 -43.21 -63.79 16.61
CA LEU F 309 -42.07 -62.96 16.82
C LEU F 309 -42.41 -62.04 17.94
N GLU F 310 -43.64 -61.52 17.91
CA GLU F 310 -44.07 -60.59 18.92
C GLU F 310 -44.03 -61.32 20.22
N LYS F 311 -44.51 -62.57 20.21
CA LYS F 311 -44.56 -63.34 21.42
C LYS F 311 -43.16 -63.52 21.91
N ALA F 312 -42.23 -63.80 20.97
CA ALA F 312 -40.90 -64.12 21.41
C ALA F 312 -40.36 -62.95 22.15
N THR F 313 -39.63 -63.22 23.24
CA THR F 313 -39.10 -62.17 24.06
C THR F 313 -37.66 -61.99 23.70
N LEU F 314 -36.97 -61.15 24.49
CA LEU F 314 -35.56 -60.93 24.31
C LEU F 314 -34.88 -62.22 24.58
N GLU F 315 -35.39 -62.97 25.59
CA GLU F 315 -34.73 -64.15 26.06
C GLU F 315 -34.60 -65.09 24.91
N ASP F 316 -35.66 -65.15 24.08
CA ASP F 316 -35.62 -66.04 22.96
C ASP F 316 -34.45 -65.64 22.13
N LEU F 317 -34.24 -64.33 21.98
CA LEU F 317 -33.13 -63.90 21.18
C LEU F 317 -31.89 -64.32 21.89
N GLY F 318 -30.90 -64.80 21.12
CA GLY F 318 -29.66 -65.20 21.71
C GLY F 318 -28.81 -63.98 21.83
N GLN F 319 -27.62 -64.14 22.43
CA GLN F 319 -26.71 -63.05 22.45
C GLN F 319 -25.40 -63.57 21.94
N ALA F 320 -24.60 -62.66 21.34
CA ALA F 320 -23.29 -63.05 20.90
C ALA F 320 -22.33 -62.13 21.59
N LYS F 321 -21.09 -62.59 21.81
CA LYS F 321 -20.13 -61.72 22.41
C LYS F 321 -19.91 -60.57 21.48
N ARG F 322 -19.68 -60.88 20.19
CA ARG F 322 -19.58 -59.85 19.21
C ARG F 322 -19.92 -60.49 17.90
N VAL F 323 -20.41 -59.68 16.93
CA VAL F 323 -20.65 -60.24 15.64
C VAL F 323 -19.92 -59.39 14.65
N VAL F 324 -19.34 -60.02 13.62
CA VAL F 324 -18.75 -59.26 12.57
C VAL F 324 -19.45 -59.65 11.32
N ILE F 325 -19.79 -58.65 10.47
CA ILE F 325 -20.47 -58.97 9.26
C ILE F 325 -19.70 -58.34 8.13
N ASN F 326 -19.52 -59.09 7.04
CA ASN F 326 -19.01 -58.51 5.83
C ASN F 326 -19.97 -58.87 4.75
N LYS F 327 -19.83 -58.24 3.57
CA LYS F 327 -20.78 -58.46 2.53
C LYS F 327 -20.74 -59.91 2.17
N ASP F 328 -19.53 -60.48 2.04
CA ASP F 328 -19.46 -61.83 1.59
C ASP F 328 -20.11 -62.70 2.61
N THR F 329 -19.80 -62.49 3.90
CA THR F 329 -20.19 -63.46 4.88
C THR F 329 -20.53 -62.75 6.15
N THR F 330 -21.37 -63.37 7.00
CA THR F 330 -21.62 -62.79 8.29
C THR F 330 -21.22 -63.79 9.33
N THR F 331 -20.44 -63.37 10.34
CA THR F 331 -20.02 -64.36 11.28
C THR F 331 -20.35 -63.87 12.65
N ILE F 332 -20.50 -64.82 13.60
CA ILE F 332 -20.61 -64.46 14.97
C ILE F 332 -19.37 -64.97 15.63
N ILE F 333 -18.62 -64.07 16.30
CA ILE F 333 -17.35 -64.49 16.80
C ILE F 333 -17.61 -65.55 17.83
N ASP F 334 -18.52 -65.26 18.79
CA ASP F 334 -18.80 -66.24 19.78
C ASP F 334 -20.20 -66.03 20.24
N GLY F 335 -21.09 -67.01 20.01
CA GLY F 335 -22.37 -66.95 20.63
C GLY F 335 -22.16 -67.38 22.04
N VAL F 336 -23.01 -66.91 22.97
CA VAL F 336 -22.84 -67.36 24.31
C VAL F 336 -23.03 -68.84 24.29
N GLY F 337 -24.18 -69.27 23.74
CA GLY F 337 -24.40 -70.66 23.48
C GLY F 337 -24.48 -71.37 24.79
N GLU F 338 -24.63 -72.70 24.73
CA GLU F 338 -24.43 -73.51 25.90
C GLU F 338 -23.38 -74.49 25.51
N GLU F 339 -22.42 -74.75 26.41
CA GLU F 339 -21.34 -75.62 26.04
C GLU F 339 -21.94 -76.96 25.75
N ALA F 340 -22.81 -77.44 26.65
CA ALA F 340 -23.41 -78.72 26.48
C ALA F 340 -24.27 -78.66 25.24
N ALA F 341 -25.03 -77.56 25.10
CA ALA F 341 -26.00 -77.49 24.06
C ALA F 341 -25.29 -77.57 22.76
N ILE F 342 -24.16 -76.83 22.63
CA ILE F 342 -23.49 -76.77 21.37
C ILE F 342 -23.02 -78.15 21.05
N GLN F 343 -22.41 -78.82 22.04
CA GLN F 343 -21.83 -80.10 21.79
C GLN F 343 -22.93 -81.04 21.40
N GLY F 344 -24.06 -80.97 22.11
CA GLY F 344 -25.10 -81.93 21.89
C GLY F 344 -25.58 -81.78 20.48
N ARG F 345 -25.75 -80.52 20.02
CA ARG F 345 -26.28 -80.31 18.71
C ARG F 345 -25.31 -80.89 17.73
N VAL F 346 -24.01 -80.66 17.96
CA VAL F 346 -23.03 -81.11 17.01
C VAL F 346 -23.16 -82.58 16.90
N ALA F 347 -23.26 -83.27 18.06
CA ALA F 347 -23.30 -84.70 18.05
C ALA F 347 -24.52 -85.11 17.29
N GLN F 348 -25.65 -84.43 17.53
CA GLN F 348 -26.88 -84.84 16.93
C GLN F 348 -26.71 -84.73 15.45
N ILE F 349 -26.14 -83.60 14.99
CA ILE F 349 -25.98 -83.38 13.60
C ILE F 349 -25.07 -84.44 13.06
N ARG F 350 -23.99 -84.72 13.82
CA ARG F 350 -23.00 -85.65 13.36
C ARG F 350 -23.67 -86.96 13.18
N GLN F 351 -24.55 -87.33 14.14
CA GLN F 351 -25.23 -88.59 14.04
C GLN F 351 -26.04 -88.54 12.79
N GLN F 352 -26.66 -87.39 12.52
CA GLN F 352 -27.51 -87.26 11.38
C GLN F 352 -26.67 -87.49 10.16
N ILE F 353 -25.44 -86.96 10.17
CA ILE F 353 -24.62 -87.03 9.00
C ILE F 353 -24.42 -88.47 8.68
N GLU F 354 -24.07 -89.27 9.70
CA GLU F 354 -23.85 -90.67 9.49
C GLU F 354 -25.14 -91.27 9.05
N GLU F 355 -26.24 -90.85 9.69
CA GLU F 355 -27.50 -91.51 9.48
C GLU F 355 -27.87 -91.39 8.05
N ALA F 356 -27.71 -90.19 7.47
CA ALA F 356 -28.21 -90.01 6.14
C ALA F 356 -27.43 -90.91 5.24
N THR F 357 -28.17 -91.67 4.40
CA THR F 357 -27.53 -92.52 3.44
C THR F 357 -26.88 -91.65 2.41
N SER F 358 -27.59 -90.60 1.97
CA SER F 358 -27.18 -89.89 0.80
C SER F 358 -25.98 -89.08 1.13
N ASP F 359 -25.14 -88.86 0.11
CA ASP F 359 -23.99 -88.00 0.25
C ASP F 359 -24.49 -86.62 0.49
N TYR F 360 -25.55 -86.23 -0.25
CA TYR F 360 -26.02 -84.88 -0.21
C TYR F 360 -26.44 -84.60 1.19
N ASP F 361 -27.21 -85.52 1.80
CA ASP F 361 -27.70 -85.29 3.12
C ASP F 361 -26.50 -85.20 4.02
N ARG F 362 -25.51 -86.08 3.78
CA ARG F 362 -24.37 -86.12 4.64
C ARG F 362 -23.68 -84.81 4.55
N GLU F 363 -23.55 -84.26 3.33
CA GLU F 363 -22.77 -83.09 3.12
C GLU F 363 -23.39 -81.97 3.89
N LYS F 364 -24.72 -81.83 3.80
CA LYS F 364 -25.33 -80.70 4.43
C LYS F 364 -25.09 -80.80 5.89
N LEU F 365 -25.31 -82.00 6.46
CA LEU F 365 -25.15 -82.17 7.88
C LEU F 365 -23.72 -81.91 8.23
N GLN F 366 -22.80 -82.48 7.44
CA GLN F 366 -21.40 -82.40 7.78
C GLN F 366 -21.01 -80.96 7.74
N GLU F 367 -21.52 -80.22 6.75
CA GLU F 367 -21.17 -78.84 6.67
C GLU F 367 -21.66 -78.20 7.92
N ARG F 368 -22.89 -78.55 8.34
CA ARG F 368 -23.48 -77.90 9.48
C ARG F 368 -22.62 -78.20 10.68
N VAL F 369 -22.23 -79.46 10.87
CA VAL F 369 -21.49 -79.80 12.05
C VAL F 369 -20.20 -79.07 12.01
N ALA F 370 -19.58 -79.01 10.83
CA ALA F 370 -18.27 -78.45 10.72
C ALA F 370 -18.34 -77.03 11.16
N LYS F 371 -19.41 -76.32 10.75
CA LYS F 371 -19.52 -74.93 11.05
C LYS F 371 -19.57 -74.78 12.54
N LEU F 372 -20.34 -75.66 13.21
CA LEU F 372 -20.59 -75.45 14.61
C LEU F 372 -19.28 -75.48 15.32
N ALA F 373 -18.45 -76.50 15.04
CA ALA F 373 -17.16 -76.49 15.66
C ALA F 373 -16.48 -75.27 15.17
N GLY F 374 -16.56 -75.06 13.84
CA GLY F 374 -16.14 -73.84 13.22
C GLY F 374 -14.74 -74.02 12.77
N GLY F 375 -13.94 -74.74 13.57
CA GLY F 375 -12.57 -74.97 13.21
C GLY F 375 -11.88 -73.65 13.23
N VAL F 376 -12.52 -72.65 13.86
CA VAL F 376 -12.04 -71.29 13.75
C VAL F 376 -10.96 -71.09 14.75
N ALA F 377 -9.96 -70.28 14.38
CA ALA F 377 -8.94 -69.90 15.32
C ALA F 377 -8.95 -68.41 15.38
N VAL F 378 -8.68 -67.85 16.57
CA VAL F 378 -8.65 -66.43 16.69
C VAL F 378 -7.27 -66.06 17.13
N ILE F 379 -6.75 -64.94 16.59
CA ILE F 379 -5.44 -64.50 16.98
C ILE F 379 -5.61 -63.14 17.58
N LYS F 380 -4.98 -62.91 18.74
CA LYS F 380 -5.04 -61.60 19.32
C LYS F 380 -3.69 -61.00 19.16
N VAL F 381 -3.64 -59.69 18.85
CA VAL F 381 -2.36 -59.07 18.74
C VAL F 381 -2.24 -58.10 19.87
N GLY F 382 -1.15 -58.21 20.65
CA GLY F 382 -0.93 -57.24 21.68
C GLY F 382 -0.19 -56.11 21.07
N ALA F 383 -0.07 -54.99 21.80
CA ALA F 383 0.71 -53.91 21.32
C ALA F 383 1.16 -53.11 22.50
N ALA F 384 2.24 -52.33 22.32
CA ALA F 384 2.66 -51.45 23.36
C ALA F 384 1.54 -50.49 23.58
N THR F 385 0.97 -49.99 22.48
CA THR F 385 -0.10 -49.03 22.57
C THR F 385 -1.22 -49.53 21.73
N GLU F 386 -2.41 -48.94 21.92
CA GLU F 386 -3.56 -49.37 21.19
C GLU F 386 -3.29 -49.11 19.74
N VAL F 387 -2.70 -47.94 19.45
CA VAL F 387 -2.48 -47.55 18.09
C VAL F 387 -1.61 -48.58 17.47
N GLU F 388 -0.55 -48.99 18.18
CA GLU F 388 0.39 -49.92 17.62
C GLU F 388 -0.35 -51.18 17.32
N MET F 389 -1.25 -51.58 18.23
CA MET F 389 -1.91 -52.85 18.09
C MET F 389 -2.69 -52.81 16.83
N LYS F 390 -3.38 -51.68 16.57
CA LYS F 390 -4.21 -51.60 15.41
C LYS F 390 -3.31 -51.74 14.23
N GLU F 391 -2.15 -51.06 14.25
CA GLU F 391 -1.28 -51.10 13.11
C GLU F 391 -0.82 -52.51 12.94
N LYS F 392 -0.44 -53.16 14.06
CA LYS F 392 0.11 -54.48 13.98
C LYS F 392 -0.96 -55.38 13.43
N LYS F 393 -2.20 -55.20 13.92
CA LYS F 393 -3.25 -56.10 13.56
C LYS F 393 -3.44 -56.03 12.08
N ALA F 394 -3.42 -54.81 11.53
CA ALA F 394 -3.68 -54.66 10.13
C ALA F 394 -2.62 -55.39 9.39
N ARG F 395 -1.36 -55.25 9.84
CA ARG F 395 -0.27 -55.88 9.16
C ARG F 395 -0.48 -57.35 9.25
N VAL F 396 -0.88 -57.84 10.43
CA VAL F 396 -1.01 -59.25 10.62
C VAL F 396 -2.02 -59.76 9.65
N GLU F 397 -3.15 -59.04 9.51
CA GLU F 397 -4.21 -59.54 8.69
C GLU F 397 -3.70 -59.66 7.30
N ALA F 398 -2.95 -58.64 6.84
CA ALA F 398 -2.50 -58.64 5.48
C ALA F 398 -1.63 -59.84 5.29
N ALA F 399 -0.75 -60.09 6.28
CA ALA F 399 0.20 -61.17 6.15
C ALA F 399 -0.56 -62.43 6.02
N LEU F 400 -1.63 -62.60 6.83
CA LEU F 400 -2.31 -63.85 6.88
C LEU F 400 -2.87 -64.12 5.52
N HIS F 401 -3.48 -63.11 4.90
CA HIS F 401 -4.11 -63.34 3.63
C HIS F 401 -3.05 -63.75 2.68
N ALA F 402 -1.91 -63.02 2.69
CA ALA F 402 -0.88 -63.27 1.74
C ALA F 402 -0.40 -64.67 1.95
N THR F 403 -0.21 -65.05 3.22
CA THR F 403 0.37 -66.34 3.49
C THR F 403 -0.56 -67.39 2.95
N ARG F 404 -1.86 -67.24 3.23
CA ARG F 404 -2.78 -68.28 2.86
C ARG F 404 -2.74 -68.40 1.37
N ALA F 405 -2.79 -67.26 0.66
CA ALA F 405 -2.79 -67.31 -0.76
C ALA F 405 -1.51 -67.93 -1.20
N ALA F 406 -0.40 -67.53 -0.55
CA ALA F 406 0.90 -67.91 -1.00
C ALA F 406 1.00 -69.40 -0.94
N VAL F 407 0.53 -70.01 0.17
CA VAL F 407 0.75 -71.41 0.34
C VAL F 407 0.08 -72.15 -0.77
N GLU F 408 -1.19 -71.82 -1.05
CA GLU F 408 -1.93 -72.58 -2.01
C GLU F 408 -1.27 -72.45 -3.33
N GLU F 409 -0.91 -71.19 -3.70
CA GLU F 409 -0.36 -70.95 -4.99
C GLU F 409 0.96 -71.67 -5.04
N GLY F 410 1.67 -71.67 -3.91
CA GLY F 410 3.05 -72.06 -3.92
C GLY F 410 3.80 -70.79 -4.03
N VAL F 411 5.08 -70.78 -3.65
CA VAL F 411 5.69 -69.49 -3.61
C VAL F 411 6.74 -69.41 -4.65
N VAL F 412 6.77 -68.27 -5.37
CA VAL F 412 7.81 -68.00 -6.32
C VAL F 412 8.93 -67.38 -5.56
N ALA F 413 10.13 -67.39 -6.16
CA ALA F 413 11.27 -66.86 -5.48
C ALA F 413 11.00 -65.41 -5.21
N GLY F 414 11.47 -64.92 -4.06
CA GLY F 414 11.23 -63.55 -3.69
C GLY F 414 12.33 -62.72 -4.24
N GLY F 415 12.34 -61.43 -3.88
CA GLY F 415 13.42 -60.56 -4.27
C GLY F 415 13.10 -60.00 -5.62
N GLY F 416 11.90 -60.31 -6.14
CA GLY F 416 11.55 -59.78 -7.43
C GLY F 416 12.30 -60.58 -8.43
N VAL F 417 12.81 -61.76 -7.99
CA VAL F 417 13.56 -62.61 -8.85
C VAL F 417 12.67 -63.01 -9.97
N ALA F 418 11.42 -63.38 -9.67
CA ALA F 418 10.55 -63.81 -10.70
C ALA F 418 10.38 -62.65 -11.64
N LEU F 419 10.21 -61.45 -11.08
CA LEU F 419 9.92 -60.31 -11.89
C LEU F 419 11.07 -60.08 -12.82
N ILE F 420 12.31 -60.11 -12.29
CA ILE F 420 13.43 -59.81 -13.13
C ILE F 420 13.51 -60.89 -14.16
N ARG F 421 13.35 -62.16 -13.74
CA ARG F 421 13.56 -63.27 -14.63
C ARG F 421 12.59 -63.15 -15.75
N VAL F 422 11.31 -62.86 -15.44
CA VAL F 422 10.30 -62.87 -16.45
C VAL F 422 10.61 -61.80 -17.45
N ALA F 423 11.12 -60.66 -16.96
CA ALA F 423 11.25 -59.50 -17.80
C ALA F 423 12.16 -59.87 -18.93
N SER F 424 13.24 -60.61 -18.64
CA SER F 424 14.20 -60.91 -19.67
C SER F 424 13.48 -61.63 -20.76
N LYS F 425 12.66 -62.63 -20.39
CA LYS F 425 11.94 -63.38 -21.38
C LYS F 425 11.02 -62.44 -22.08
N LEU F 426 10.42 -61.52 -21.31
CA LEU F 426 9.43 -60.62 -21.83
C LEU F 426 10.08 -59.77 -22.87
N ALA F 427 11.35 -59.39 -22.64
CA ALA F 427 11.98 -58.41 -23.47
C ALA F 427 11.99 -58.95 -24.86
N ASP F 428 12.23 -60.26 -25.03
CA ASP F 428 12.35 -60.81 -26.34
C ASP F 428 11.07 -60.55 -27.05
N LEU F 429 9.94 -60.71 -26.35
CA LEU F 429 8.68 -60.53 -27.00
C LEU F 429 8.58 -59.10 -27.41
N ARG F 430 7.94 -58.85 -28.58
CA ARG F 430 7.85 -57.52 -29.08
C ARG F 430 6.41 -57.16 -29.14
N GLY F 431 6.11 -55.86 -29.01
CA GLY F 431 4.75 -55.40 -29.13
C GLY F 431 4.45 -55.28 -30.58
N GLN F 432 3.18 -54.99 -30.91
CA GLN F 432 2.78 -54.93 -32.28
C GLN F 432 3.52 -53.80 -32.92
N ASN F 433 3.57 -52.63 -32.24
CA ASN F 433 4.18 -51.49 -32.84
C ASN F 433 5.18 -50.94 -31.88
N GLU F 434 6.03 -50.02 -32.37
CA GLU F 434 7.17 -49.57 -31.62
C GLU F 434 6.68 -48.96 -30.36
N ASP F 435 5.58 -48.18 -30.44
CA ASP F 435 5.10 -47.52 -29.27
C ASP F 435 4.78 -48.57 -28.27
N GLN F 436 4.16 -49.67 -28.74
CA GLN F 436 3.86 -50.76 -27.86
C GLN F 436 5.16 -51.30 -27.36
N ASN F 437 6.17 -51.38 -28.24
CA ASN F 437 7.40 -52.00 -27.89
C ASN F 437 7.96 -51.29 -26.71
N VAL F 438 8.00 -49.94 -26.77
CA VAL F 438 8.64 -49.21 -25.73
C VAL F 438 7.89 -49.48 -24.46
N GLY F 439 6.55 -49.51 -24.54
CA GLY F 439 5.77 -49.69 -23.35
C GLY F 439 6.13 -51.02 -22.76
N ILE F 440 6.32 -52.03 -23.63
CA ILE F 440 6.62 -53.35 -23.15
C ILE F 440 7.93 -53.26 -22.44
N LYS F 441 8.90 -52.56 -23.03
CA LYS F 441 10.20 -52.46 -22.43
C LYS F 441 10.02 -51.77 -21.12
N VAL F 442 9.15 -50.74 -21.09
CA VAL F 442 8.99 -49.96 -19.91
C VAL F 442 8.53 -50.89 -18.83
N ALA F 443 7.57 -51.77 -19.14
CA ALA F 443 7.02 -52.62 -18.13
C ALA F 443 8.13 -53.46 -17.60
N LEU F 444 9.01 -53.95 -18.50
CA LEU F 444 10.06 -54.82 -18.09
C LEU F 444 10.93 -54.03 -17.15
N ARG F 445 11.20 -52.77 -17.49
CA ARG F 445 12.05 -51.95 -16.69
C ARG F 445 11.40 -51.82 -15.35
N ALA F 446 10.07 -51.65 -15.34
CA ALA F 446 9.37 -51.40 -14.12
C ALA F 446 9.59 -52.58 -13.22
N MET F 447 9.55 -53.80 -13.78
CA MET F 447 9.65 -54.98 -12.97
C MET F 447 10.98 -54.96 -12.31
N GLU F 448 12.03 -54.57 -13.06
CA GLU F 448 13.37 -54.67 -12.59
C GLU F 448 13.52 -53.79 -11.39
N ALA F 449 12.83 -52.64 -11.38
CA ALA F 449 13.16 -51.60 -10.45
C ALA F 449 13.03 -52.10 -9.04
N PRO F 450 11.98 -52.80 -8.65
CA PRO F 450 11.80 -53.07 -7.26
C PRO F 450 12.92 -53.90 -6.71
N LEU F 451 13.60 -54.68 -7.58
CA LEU F 451 14.72 -55.45 -7.12
C LEU F 451 15.76 -54.46 -6.70
N ARG F 452 15.93 -53.41 -7.51
CA ARG F 452 16.94 -52.42 -7.27
C ARG F 452 16.67 -51.79 -5.96
N GLN F 453 15.39 -51.51 -5.66
CA GLN F 453 15.06 -50.76 -4.48
C GLN F 453 15.57 -51.52 -3.31
N ILE F 454 15.37 -52.85 -3.32
CA ILE F 454 15.81 -53.64 -2.20
C ILE F 454 17.30 -53.49 -2.11
N VAL F 455 17.98 -53.55 -3.27
CA VAL F 455 19.40 -53.49 -3.29
C VAL F 455 19.81 -52.17 -2.71
N LEU F 456 19.08 -51.10 -3.07
CA LEU F 456 19.43 -49.77 -2.66
C LEU F 456 19.37 -49.76 -1.17
N ASN F 457 18.36 -50.41 -0.60
CA ASN F 457 18.22 -50.46 0.82
C ASN F 457 19.45 -51.09 1.35
N CYS F 458 19.92 -52.16 0.66
CA CYS F 458 21.12 -52.82 1.08
C CYS F 458 22.21 -51.82 0.99
N GLY F 459 22.18 -50.96 -0.04
CA GLY F 459 23.22 -50.00 -0.23
C GLY F 459 24.15 -50.56 -1.26
N GLU F 460 23.92 -51.83 -1.64
CA GLU F 460 24.68 -52.39 -2.72
C GLU F 460 24.15 -51.75 -3.96
N GLU F 461 24.98 -51.68 -5.02
CA GLU F 461 24.53 -51.04 -6.21
C GLU F 461 23.68 -52.02 -6.94
N PRO F 462 22.44 -51.64 -7.11
CA PRO F 462 21.44 -52.53 -7.61
C PRO F 462 21.78 -52.93 -9.01
N SER F 463 22.59 -52.12 -9.71
CA SER F 463 22.87 -52.40 -11.08
C SER F 463 23.55 -53.73 -11.14
N VAL F 464 24.61 -53.90 -10.33
CA VAL F 464 25.37 -55.11 -10.37
C VAL F 464 24.47 -56.23 -10.01
N VAL F 465 23.69 -56.06 -8.93
CA VAL F 465 22.89 -57.13 -8.44
C VAL F 465 21.93 -57.50 -9.52
N ALA F 466 21.27 -56.50 -10.12
CA ALA F 466 20.26 -56.78 -11.09
C ALA F 466 20.89 -57.51 -12.22
N ASN F 467 22.08 -57.05 -12.65
CA ASN F 467 22.71 -57.64 -13.78
C ASN F 467 22.99 -59.06 -13.44
N THR F 468 23.55 -59.30 -12.24
CA THR F 468 23.93 -60.63 -11.86
C THR F 468 22.69 -61.46 -11.83
N VAL F 469 21.60 -60.91 -11.25
CA VAL F 469 20.41 -61.68 -11.07
C VAL F 469 19.94 -62.08 -12.43
N LYS F 470 19.94 -61.14 -13.38
CA LYS F 470 19.44 -61.44 -14.69
C LYS F 470 20.31 -62.51 -15.26
N GLY F 471 21.62 -62.40 -15.05
CA GLY F 471 22.53 -63.29 -15.71
C GLY F 471 22.23 -64.68 -15.29
N GLY F 472 21.96 -64.89 -13.98
CA GLY F 472 21.80 -66.23 -13.52
C GLY F 472 20.59 -66.80 -14.17
N ASP F 473 20.69 -68.06 -14.62
CA ASP F 473 19.56 -68.74 -15.19
C ASP F 473 18.82 -69.37 -14.05
N GLY F 474 17.65 -69.95 -14.33
CA GLY F 474 16.93 -70.64 -13.29
C GLY F 474 16.45 -69.60 -12.34
N ASN F 475 16.30 -69.98 -11.06
CA ASN F 475 15.90 -69.01 -10.09
C ASN F 475 17.15 -68.42 -9.54
N TYR F 476 17.36 -67.12 -9.79
CA TYR F 476 18.52 -66.48 -9.26
C TYR F 476 18.05 -65.24 -8.58
N GLY F 477 18.64 -64.89 -7.42
CA GLY F 477 18.14 -63.76 -6.71
C GLY F 477 19.19 -63.31 -5.76
N TYR F 478 18.92 -62.18 -5.08
CA TYR F 478 19.84 -61.67 -4.11
C TYR F 478 19.10 -61.68 -2.80
N ASN F 479 19.76 -62.19 -1.75
CA ASN F 479 19.12 -62.18 -0.46
C ASN F 479 19.69 -61.04 0.28
N ALA F 480 18.83 -60.12 0.76
CA ALA F 480 19.34 -58.95 1.40
C ALA F 480 20.08 -59.38 2.63
N ALA F 481 19.47 -60.28 3.42
CA ALA F 481 20.04 -60.61 4.69
C ALA F 481 21.35 -61.28 4.45
N THR F 482 21.38 -62.25 3.52
CA THR F 482 22.58 -62.98 3.28
C THR F 482 23.59 -62.03 2.72
N GLU F 483 23.13 -61.17 1.79
CA GLU F 483 24.03 -60.38 1.02
C GLU F 483 24.93 -61.35 0.33
N GLU F 484 24.40 -62.54 0.01
CA GLU F 484 25.14 -63.53 -0.71
C GLU F 484 24.24 -64.00 -1.80
N TYR F 485 24.82 -64.55 -2.87
CA TYR F 485 24.01 -65.02 -3.96
C TYR F 485 23.72 -66.46 -3.70
N GLY F 486 22.44 -66.86 -3.83
CA GLY F 486 22.08 -68.22 -3.62
C GLY F 486 20.75 -68.43 -4.26
N ASN F 487 20.31 -69.70 -4.34
CA ASN F 487 19.04 -69.95 -4.94
C ASN F 487 18.01 -69.43 -4.02
N MET F 488 16.95 -68.80 -4.57
CA MET F 488 15.93 -68.25 -3.75
C MET F 488 15.28 -69.37 -3.02
N ILE F 489 15.02 -70.48 -3.73
CA ILE F 489 14.33 -71.58 -3.12
C ILE F 489 15.18 -72.09 -2.02
N ASP F 490 16.49 -72.23 -2.28
CA ASP F 490 17.38 -72.74 -1.29
C ASP F 490 17.35 -71.81 -0.14
N MET F 491 17.31 -70.49 -0.43
CA MET F 491 17.27 -69.52 0.62
C MET F 491 16.01 -69.76 1.39
N GLY F 492 14.92 -70.06 0.67
CA GLY F 492 13.70 -70.37 1.33
C GLY F 492 12.91 -69.12 1.48
N ILE F 493 13.42 -67.99 0.95
CA ILE F 493 12.65 -66.79 1.03
C ILE F 493 11.95 -66.65 -0.29
N LEU F 494 10.60 -66.75 -0.26
CA LEU F 494 9.86 -66.76 -1.48
C LEU F 494 8.72 -65.80 -1.33
N ASP F 495 8.42 -65.04 -2.41
CA ASP F 495 7.30 -64.15 -2.39
C ASP F 495 6.19 -64.83 -3.12
N PRO F 496 4.99 -64.67 -2.63
CA PRO F 496 3.90 -65.46 -3.09
C PRO F 496 3.69 -65.15 -4.54
N THR F 497 3.29 -66.17 -5.33
CA THR F 497 3.06 -65.96 -6.73
C THR F 497 1.91 -65.02 -6.87
N LYS F 498 0.83 -65.27 -6.12
CA LYS F 498 -0.38 -64.54 -6.30
C LYS F 498 -0.11 -63.11 -5.98
N VAL F 499 0.61 -62.85 -4.88
CA VAL F 499 0.79 -61.50 -4.46
C VAL F 499 1.56 -60.80 -5.53
N THR F 500 2.62 -61.44 -6.05
CA THR F 500 3.44 -60.77 -7.02
C THR F 500 2.59 -60.49 -8.22
N ARG F 501 1.82 -61.49 -8.66
CA ARG F 501 1.05 -61.35 -9.86
C ARG F 501 0.07 -60.25 -9.64
N SER F 502 -0.59 -60.26 -8.48
CA SER F 502 -1.66 -59.33 -8.25
C SER F 502 -1.08 -57.95 -8.30
N ALA F 503 0.04 -57.73 -7.60
CA ALA F 503 0.58 -56.41 -7.49
C ALA F 503 0.93 -55.94 -8.87
N LEU F 504 1.56 -56.82 -9.66
CA LEU F 504 2.07 -56.39 -10.93
C LEU F 504 0.91 -55.94 -11.76
N GLN F 505 -0.17 -56.74 -11.76
CA GLN F 505 -1.26 -56.46 -12.66
C GLN F 505 -1.83 -55.13 -12.31
N TYR F 506 -2.05 -54.90 -11.00
CA TYR F 506 -2.67 -53.68 -10.57
C TYR F 506 -1.76 -52.55 -10.93
N ALA F 507 -0.46 -52.70 -10.66
CA ALA F 507 0.45 -51.62 -10.86
C ALA F 507 0.38 -51.25 -12.31
N ALA F 508 0.37 -52.27 -13.19
CA ALA F 508 0.38 -52.01 -14.59
C ALA F 508 -0.86 -51.25 -14.92
N SER F 509 -2.00 -51.67 -14.33
CA SER F 509 -3.25 -51.05 -14.66
C SER F 509 -3.16 -49.61 -14.26
N VAL F 510 -2.63 -49.34 -13.06
CA VAL F 510 -2.59 -48.00 -12.57
C VAL F 510 -1.78 -47.20 -13.52
N ALA F 511 -0.61 -47.73 -13.91
CA ALA F 511 0.33 -46.96 -14.66
C ALA F 511 -0.34 -46.59 -15.94
N GLY F 512 -1.05 -47.54 -16.55
CA GLY F 512 -1.63 -47.29 -17.83
C GLY F 512 -2.60 -46.17 -17.68
N LEU F 513 -3.39 -46.19 -16.58
CA LEU F 513 -4.41 -45.19 -16.42
C LEU F 513 -3.72 -43.87 -16.30
N MET F 514 -2.64 -43.80 -15.51
CA MET F 514 -1.99 -42.55 -15.29
C MET F 514 -1.45 -42.08 -16.59
N ILE F 515 -0.90 -43.01 -17.39
CA ILE F 515 -0.25 -42.65 -18.62
C ILE F 515 -1.27 -42.02 -19.50
N THR F 516 -2.49 -42.61 -19.56
CA THR F 516 -3.44 -42.24 -20.56
C THR F 516 -3.75 -40.79 -20.42
N THR F 517 -3.98 -40.31 -19.18
CA THR F 517 -4.51 -38.99 -19.07
C THR F 517 -3.41 -38.05 -19.43
N GLU F 518 -3.42 -37.57 -20.69
CA GLU F 518 -2.41 -36.62 -21.03
C GLU F 518 -2.63 -35.43 -20.15
N CYS F 519 -3.84 -34.84 -20.25
CA CYS F 519 -4.02 -33.54 -19.67
C CYS F 519 -5.08 -33.66 -18.64
N MET F 520 -5.01 -32.78 -17.62
CA MET F 520 -5.98 -32.78 -16.56
C MET F 520 -6.59 -31.43 -16.54
N VAL F 521 -7.91 -31.36 -16.27
CA VAL F 521 -8.53 -30.07 -16.14
C VAL F 521 -9.15 -30.02 -14.79
N THR F 522 -9.03 -28.85 -14.12
CA THR F 522 -9.66 -28.67 -12.85
C THR F 522 -10.26 -27.31 -12.86
N ASP F 523 -11.16 -27.02 -11.90
CA ASP F 523 -11.65 -25.68 -11.79
C ASP F 523 -10.52 -24.87 -11.25
N LEU F 524 -10.47 -23.58 -11.62
CA LEU F 524 -9.43 -22.74 -11.13
C LEU F 524 -9.75 -22.44 -9.71
N PRO F 525 -8.88 -22.61 -8.81
N ALA G 2 -27.78 -5.35 -14.33
CA ALA G 2 -26.78 -4.31 -13.98
C ALA G 2 -25.96 -3.97 -15.17
N ALA G 3 -24.68 -3.63 -14.94
CA ALA G 3 -23.83 -3.31 -16.04
C ALA G 3 -23.59 -4.57 -16.79
N LYS G 4 -23.42 -4.47 -18.11
CA LYS G 4 -23.21 -5.65 -18.89
C LYS G 4 -21.84 -5.54 -19.47
N ASP G 5 -21.14 -6.70 -19.58
CA ASP G 5 -19.90 -6.70 -20.29
C ASP G 5 -20.25 -7.11 -21.68
N VAL G 6 -19.95 -6.24 -22.66
CA VAL G 6 -20.37 -6.55 -24.00
C VAL G 6 -19.15 -6.79 -24.82
N LYS G 7 -19.20 -7.83 -25.66
CA LYS G 7 -18.19 -8.02 -26.65
C LYS G 7 -18.88 -7.92 -27.96
N PHE G 8 -18.31 -7.17 -28.92
CA PHE G 8 -19.04 -6.90 -30.13
C PHE G 8 -18.56 -7.85 -31.17
N GLY G 9 -19.52 -8.52 -31.84
CA GLY G 9 -19.25 -9.23 -33.06
C GLY G 9 -18.11 -10.16 -32.86
N ASN G 10 -16.95 -9.79 -33.41
CA ASN G 10 -15.82 -10.67 -33.42
C ASN G 10 -15.51 -11.01 -32.00
N ASP G 11 -15.66 -10.03 -31.10
CA ASP G 11 -15.35 -10.28 -29.72
C ASP G 11 -16.24 -11.37 -29.24
N ALA G 12 -17.55 -11.29 -29.55
CA ALA G 12 -18.43 -12.31 -29.06
C ALA G 12 -18.02 -13.61 -29.67
N ARG G 13 -17.76 -13.59 -30.99
CA ARG G 13 -17.53 -14.79 -31.72
C ARG G 13 -16.30 -15.45 -31.19
N VAL G 14 -15.27 -14.65 -30.89
CA VAL G 14 -13.98 -15.21 -30.61
C VAL G 14 -14.10 -16.10 -29.42
N LYS G 15 -14.86 -15.67 -28.39
CA LYS G 15 -14.92 -16.45 -27.20
C LYS G 15 -15.47 -17.78 -27.56
N MET G 16 -16.55 -17.80 -28.35
CA MET G 16 -17.13 -19.05 -28.73
C MET G 16 -16.13 -19.79 -29.54
N LEU G 17 -15.44 -19.10 -30.46
CA LEU G 17 -14.59 -19.75 -31.40
C LEU G 17 -13.50 -20.43 -30.66
N ARG G 18 -12.88 -19.70 -29.71
CA ARG G 18 -11.76 -20.23 -29.02
C ARG G 18 -12.22 -21.44 -28.29
N GLY G 19 -13.39 -21.34 -27.65
CA GLY G 19 -13.90 -22.45 -26.90
C GLY G 19 -14.11 -23.58 -27.85
N VAL G 20 -14.67 -23.26 -29.04
CA VAL G 20 -14.96 -24.30 -29.97
C VAL G 20 -13.68 -24.95 -30.36
N ASN G 21 -12.64 -24.14 -30.62
CA ASN G 21 -11.40 -24.67 -31.10
C ASN G 21 -10.86 -25.59 -30.07
N VAL G 22 -10.88 -25.17 -28.79
CA VAL G 22 -10.26 -25.95 -27.78
C VAL G 22 -10.93 -27.27 -27.74
N LEU G 23 -12.28 -27.26 -27.71
CA LEU G 23 -12.99 -28.49 -27.59
C LEU G 23 -12.71 -29.29 -28.82
N ALA G 24 -12.76 -28.62 -29.98
CA ALA G 24 -12.68 -29.28 -31.24
C ALA G 24 -11.35 -29.95 -31.34
N ASP G 25 -10.28 -29.26 -30.89
CA ASP G 25 -8.96 -29.76 -31.13
C ASP G 25 -8.84 -31.10 -30.49
N ALA G 26 -9.30 -31.21 -29.24
CA ALA G 26 -9.15 -32.46 -28.54
C ALA G 26 -9.93 -33.48 -29.30
N VAL G 27 -11.14 -33.10 -29.74
CA VAL G 27 -12.04 -34.02 -30.36
C VAL G 27 -11.42 -34.51 -31.63
N LYS G 28 -10.85 -33.59 -32.42
CA LYS G 28 -10.36 -33.95 -33.72
C LYS G 28 -9.28 -34.96 -33.57
N VAL G 29 -8.32 -34.70 -32.65
CA VAL G 29 -7.21 -35.60 -32.53
C VAL G 29 -7.75 -36.92 -32.08
N THR G 30 -8.70 -36.89 -31.13
CA THR G 30 -9.21 -38.12 -30.59
C THR G 30 -9.90 -38.85 -31.69
N LEU G 31 -10.59 -38.11 -32.59
CA LEU G 31 -11.34 -38.77 -33.61
C LEU G 31 -10.39 -39.59 -34.40
N GLY G 32 -10.84 -40.79 -34.80
CA GLY G 32 -9.97 -41.66 -35.51
C GLY G 32 -9.21 -42.40 -34.47
N PRO G 33 -8.55 -43.43 -34.90
CA PRO G 33 -8.00 -44.40 -34.01
C PRO G 33 -7.01 -43.75 -33.12
N LYS G 34 -6.43 -42.62 -33.56
CA LYS G 34 -5.25 -42.09 -32.96
C LYS G 34 -5.51 -41.68 -31.54
N GLY G 35 -6.62 -40.95 -31.28
CA GLY G 35 -6.76 -40.34 -29.99
C GLY G 35 -6.80 -41.41 -28.96
N ARG G 36 -5.73 -41.49 -28.13
CA ARG G 36 -5.68 -42.48 -27.10
C ARG G 36 -6.72 -42.18 -26.05
N ASN G 37 -6.73 -40.93 -25.54
CA ASN G 37 -7.57 -40.70 -24.39
C ASN G 37 -7.50 -39.25 -24.03
N VAL G 38 -8.46 -38.79 -23.21
CA VAL G 38 -8.37 -37.51 -22.57
C VAL G 38 -8.88 -37.68 -21.17
N VAL G 39 -8.38 -36.88 -20.21
CA VAL G 39 -8.88 -37.02 -18.87
C VAL G 39 -8.95 -35.67 -18.23
N LEU G 40 -9.92 -35.48 -17.31
CA LEU G 40 -9.98 -34.26 -16.54
C LEU G 40 -10.65 -34.55 -15.24
N ASP G 41 -10.60 -33.58 -14.31
CA ASP G 41 -11.06 -33.75 -12.96
C ASP G 41 -12.57 -33.69 -12.92
N LYS G 42 -13.15 -34.21 -11.84
CA LYS G 42 -14.56 -34.07 -11.59
C LYS G 42 -14.71 -33.29 -10.32
N SER G 43 -15.79 -32.49 -10.21
CA SER G 43 -15.99 -31.72 -9.02
C SER G 43 -16.15 -32.67 -7.89
N PHE G 44 -17.05 -33.66 -8.04
CA PHE G 44 -17.27 -34.61 -6.99
C PHE G 44 -16.87 -35.94 -7.51
N GLY G 45 -16.38 -36.81 -6.61
CA GLY G 45 -16.04 -38.14 -7.01
C GLY G 45 -14.71 -38.08 -7.67
N ALA G 46 -14.23 -39.24 -8.16
CA ALA G 46 -12.98 -39.26 -8.86
C ALA G 46 -13.21 -38.64 -10.19
N PRO G 47 -12.18 -38.07 -10.73
CA PRO G 47 -12.27 -37.32 -11.95
C PRO G 47 -12.65 -38.26 -13.03
N THR G 48 -13.39 -37.78 -14.05
CA THR G 48 -13.78 -38.66 -15.10
C THR G 48 -12.64 -38.77 -16.05
N ILE G 49 -12.55 -39.92 -16.75
CA ILE G 49 -11.58 -40.08 -17.79
C ILE G 49 -12.35 -40.38 -19.03
N THR G 50 -11.97 -39.74 -20.15
CA THR G 50 -12.74 -39.94 -21.34
C THR G 50 -11.88 -40.60 -22.36
N LYS G 51 -12.20 -41.87 -22.69
CA LYS G 51 -11.58 -42.51 -23.80
C LYS G 51 -12.06 -41.85 -25.06
N ASP G 52 -13.39 -41.67 -25.17
CA ASP G 52 -13.99 -41.39 -26.44
C ASP G 52 -13.81 -39.94 -26.77
N GLY G 53 -13.95 -39.59 -28.06
CA GLY G 53 -13.88 -38.22 -28.45
C GLY G 53 -15.02 -37.50 -27.81
N VAL G 54 -16.22 -38.13 -27.84
CA VAL G 54 -17.39 -37.48 -27.36
C VAL G 54 -17.19 -37.20 -25.92
N SER G 55 -16.68 -38.21 -25.18
CA SER G 55 -16.53 -38.06 -23.78
C SER G 55 -15.55 -36.96 -23.54
N VAL G 56 -14.58 -36.79 -24.45
CA VAL G 56 -13.59 -35.78 -24.27
C VAL G 56 -14.30 -34.46 -24.27
N ALA G 57 -15.22 -34.27 -25.24
CA ALA G 57 -15.87 -33.01 -25.37
C ALA G 57 -16.64 -32.78 -24.10
N ARG G 58 -17.31 -33.84 -23.62
CA ARG G 58 -18.11 -33.71 -22.44
C ARG G 58 -17.20 -33.33 -21.31
N GLU G 59 -16.05 -34.02 -21.22
CA GLU G 59 -15.15 -33.83 -20.12
C GLU G 59 -14.64 -32.43 -20.17
N ILE G 60 -14.32 -31.94 -21.38
CA ILE G 60 -13.64 -30.69 -21.46
C ILE G 60 -14.62 -29.62 -21.11
N GLU G 61 -14.24 -28.76 -20.15
CA GLU G 61 -15.03 -27.62 -19.80
C GLU G 61 -14.14 -26.44 -19.92
N LEU G 62 -14.71 -25.28 -20.26
CA LEU G 62 -13.88 -24.12 -20.42
C LEU G 62 -14.12 -23.23 -19.25
N GLU G 63 -13.04 -22.64 -18.73
CA GLU G 63 -13.16 -21.79 -17.58
C GLU G 63 -14.00 -20.62 -17.96
N ASP G 64 -13.73 -20.04 -19.15
CA ASP G 64 -14.43 -18.85 -19.53
C ASP G 64 -15.85 -19.23 -19.75
N LYS G 65 -16.78 -18.37 -19.29
CA LYS G 65 -18.17 -18.66 -19.46
C LYS G 65 -18.47 -18.67 -20.92
N PHE G 66 -17.97 -17.65 -21.65
CA PHE G 66 -18.29 -17.51 -23.03
C PHE G 66 -17.74 -18.70 -23.75
N GLU G 67 -16.47 -19.02 -23.49
CA GLU G 67 -15.85 -20.10 -24.21
C GLU G 67 -16.59 -21.34 -23.86
N ASN G 68 -16.89 -21.52 -22.55
CA ASN G 68 -17.50 -22.73 -22.12
C ASN G 68 -18.82 -22.84 -22.81
N MET G 69 -19.58 -21.73 -22.86
CA MET G 69 -20.89 -21.78 -23.42
C MET G 69 -20.75 -22.18 -24.84
N GLY G 70 -19.77 -21.60 -25.55
CA GLY G 70 -19.62 -21.89 -26.95
C GLY G 70 -19.33 -23.35 -27.07
N ALA G 71 -18.46 -23.87 -26.20
CA ALA G 71 -18.08 -25.24 -26.27
C ALA G 71 -19.31 -26.06 -26.04
N GLN G 72 -20.14 -25.63 -25.08
CA GLN G 72 -21.28 -26.41 -24.69
C GLN G 72 -22.18 -26.53 -25.88
N MET G 73 -22.34 -25.43 -26.63
CA MET G 73 -23.31 -25.43 -27.69
C MET G 73 -22.93 -26.49 -28.66
N VAL G 74 -21.62 -26.58 -28.98
CA VAL G 74 -21.18 -27.54 -29.96
C VAL G 74 -21.48 -28.89 -29.42
N LYS G 75 -21.17 -29.11 -28.13
CA LYS G 75 -21.28 -30.42 -27.57
C LYS G 75 -22.70 -30.85 -27.65
N GLU G 76 -23.63 -29.95 -27.30
CA GLU G 76 -25.00 -30.35 -27.21
C GLU G 76 -25.43 -30.80 -28.57
N VAL G 77 -25.08 -30.02 -29.61
CA VAL G 77 -25.48 -30.43 -30.92
C VAL G 77 -24.83 -31.74 -31.23
N ALA G 78 -23.53 -31.86 -30.87
CA ALA G 78 -22.80 -33.02 -31.25
C ALA G 78 -23.47 -34.19 -30.64
N SER G 79 -23.89 -34.07 -29.37
CA SER G 79 -24.46 -35.19 -28.69
C SER G 79 -25.70 -35.61 -29.43
N LYS G 80 -26.51 -34.63 -29.86
CA LYS G 80 -27.76 -34.96 -30.49
C LYS G 80 -27.46 -35.76 -31.71
N ALA G 81 -26.46 -35.31 -32.49
CA ALA G 81 -26.10 -36.02 -33.68
C ALA G 81 -25.61 -37.36 -33.25
N ASN G 82 -24.84 -37.39 -32.14
CA ASN G 82 -24.21 -38.60 -31.72
C ASN G 82 -25.28 -39.60 -31.45
N ASP G 83 -26.37 -39.18 -30.78
CA ASP G 83 -27.35 -40.16 -30.42
C ASP G 83 -27.91 -40.75 -31.67
N ALA G 84 -28.38 -39.90 -32.60
CA ALA G 84 -29.11 -40.42 -33.72
C ALA G 84 -28.19 -41.25 -34.55
N ALA G 85 -27.00 -40.70 -34.90
CA ALA G 85 -26.12 -41.39 -35.78
C ALA G 85 -25.66 -42.63 -35.09
N GLY G 86 -25.30 -42.48 -33.80
CA GLY G 86 -24.71 -43.54 -33.05
C GLY G 86 -23.24 -43.35 -33.17
N ASP G 87 -22.81 -42.65 -34.23
CA ASP G 87 -21.41 -42.40 -34.43
C ASP G 87 -21.29 -41.03 -35.00
N GLY G 88 -20.04 -40.59 -35.25
CA GLY G 88 -19.82 -39.39 -36.00
C GLY G 88 -19.98 -38.22 -35.09
N THR G 89 -19.92 -38.47 -33.76
CA THR G 89 -20.05 -37.38 -32.86
C THR G 89 -18.92 -36.44 -33.14
N THR G 90 -17.70 -36.99 -33.26
CA THR G 90 -16.55 -36.17 -33.43
C THR G 90 -16.69 -35.48 -34.75
N THR G 91 -17.17 -36.20 -35.77
CA THR G 91 -17.15 -35.67 -37.11
C THR G 91 -17.96 -34.43 -37.09
N ALA G 92 -19.13 -34.46 -36.43
CA ALA G 92 -19.99 -33.32 -36.44
C ALA G 92 -19.24 -32.20 -35.80
N THR G 93 -18.54 -32.49 -34.70
CA THR G 93 -17.85 -31.44 -33.99
C THR G 93 -16.82 -30.87 -34.91
N VAL G 94 -16.07 -31.77 -35.60
CA VAL G 94 -14.99 -31.32 -36.43
C VAL G 94 -15.57 -30.43 -37.49
N LEU G 95 -16.69 -30.87 -38.09
CA LEU G 95 -17.25 -30.14 -39.19
C LEU G 95 -17.64 -28.79 -38.68
N ALA G 96 -18.27 -28.77 -37.49
CA ALA G 96 -18.82 -27.54 -36.99
C ALA G 96 -17.70 -26.57 -36.82
N GLN G 97 -16.57 -27.04 -36.28
CA GLN G 97 -15.52 -26.13 -35.95
C GLN G 97 -15.06 -25.47 -37.22
N ALA G 98 -14.88 -26.26 -38.28
CA ALA G 98 -14.35 -25.71 -39.49
C ALA G 98 -15.32 -24.69 -39.99
N ILE G 99 -16.62 -25.03 -39.96
CA ILE G 99 -17.60 -24.14 -40.51
C ILE G 99 -17.58 -22.88 -39.72
N ILE G 100 -17.54 -23.00 -38.38
CA ILE G 100 -17.68 -21.86 -37.53
C ILE G 100 -16.55 -20.93 -37.81
N THR G 101 -15.32 -21.48 -37.90
CA THR G 101 -14.17 -20.62 -38.01
C THR G 101 -14.32 -19.82 -39.24
N GLU G 102 -14.68 -20.48 -40.35
CA GLU G 102 -14.79 -19.80 -41.61
C GLU G 102 -15.86 -18.78 -41.46
N GLY G 103 -16.98 -19.16 -40.81
CA GLY G 103 -18.09 -18.27 -40.71
C GLY G 103 -17.63 -17.07 -39.96
N LEU G 104 -16.82 -17.28 -38.91
CA LEU G 104 -16.39 -16.19 -38.09
C LEU G 104 -15.56 -15.28 -38.95
N LYS G 105 -14.67 -15.86 -39.78
CA LYS G 105 -13.82 -15.06 -40.60
C LYS G 105 -14.70 -14.26 -41.49
N ALA G 106 -15.74 -14.92 -42.05
CA ALA G 106 -16.63 -14.25 -42.94
C ALA G 106 -17.26 -13.14 -42.15
N VAL G 107 -17.57 -13.42 -40.88
CA VAL G 107 -18.13 -12.44 -39.99
C VAL G 107 -17.16 -11.31 -39.96
N ALA G 108 -15.85 -11.63 -39.87
CA ALA G 108 -14.85 -10.61 -39.86
C ALA G 108 -14.99 -9.86 -41.14
N ALA G 109 -15.27 -10.59 -42.23
CA ALA G 109 -15.44 -9.98 -43.52
C ALA G 109 -16.56 -9.01 -43.37
N GLY G 110 -17.61 -9.40 -42.60
CA GLY G 110 -18.68 -8.49 -42.38
C GLY G 110 -19.74 -8.78 -43.38
N MET G 111 -19.57 -9.85 -44.17
CA MET G 111 -20.64 -10.25 -45.03
C MET G 111 -21.73 -10.72 -44.14
N ASN G 112 -22.99 -10.49 -44.54
CA ASN G 112 -24.06 -10.83 -43.65
C ASN G 112 -24.09 -12.32 -43.54
N PRO G 113 -24.07 -12.78 -42.32
CA PRO G 113 -23.97 -14.17 -42.03
C PRO G 113 -25.19 -14.88 -42.51
N MET G 114 -26.30 -14.15 -42.70
CA MET G 114 -27.54 -14.79 -43.00
C MET G 114 -27.40 -15.50 -44.29
N ASP G 115 -26.78 -14.83 -45.29
CA ASP G 115 -26.65 -15.42 -46.58
C ASP G 115 -25.80 -16.64 -46.43
N LEU G 116 -24.73 -16.52 -45.63
CA LEU G 116 -23.79 -17.59 -45.50
C LEU G 116 -24.51 -18.75 -44.91
N LYS G 117 -25.34 -18.50 -43.88
CA LYS G 117 -26.01 -19.57 -43.22
C LYS G 117 -26.88 -20.24 -44.24
N ARG G 118 -27.59 -19.42 -45.04
CA ARG G 118 -28.49 -19.98 -46.01
C ARG G 118 -27.68 -20.78 -46.96
N GLY G 119 -26.52 -20.25 -47.39
CA GLY G 119 -25.73 -20.92 -48.36
C GLY G 119 -25.29 -22.22 -47.77
N ILE G 120 -24.90 -22.20 -46.49
CA ILE G 120 -24.39 -23.38 -45.86
C ILE G 120 -25.48 -24.40 -45.87
N ASP G 121 -26.70 -23.97 -45.49
CA ASP G 121 -27.78 -24.90 -45.40
C ASP G 121 -28.00 -25.45 -46.77
N LYS G 122 -27.96 -24.58 -47.79
CA LYS G 122 -28.23 -25.03 -49.13
C LYS G 122 -27.19 -26.05 -49.47
N ALA G 123 -25.92 -25.76 -49.13
CA ALA G 123 -24.86 -26.65 -49.48
C ALA G 123 -25.12 -27.95 -48.79
N VAL G 124 -25.55 -27.89 -47.53
CA VAL G 124 -25.72 -29.09 -46.77
C VAL G 124 -26.74 -29.93 -47.46
N THR G 125 -27.84 -29.30 -47.90
CA THR G 125 -28.91 -30.05 -48.48
C THR G 125 -28.38 -30.74 -49.69
N ALA G 126 -27.61 -30.01 -50.51
CA ALA G 126 -27.12 -30.57 -51.74
C ALA G 126 -26.25 -31.74 -51.37
N ALA G 127 -25.39 -31.55 -50.36
CA ALA G 127 -24.45 -32.57 -50.00
C ALA G 127 -25.23 -33.78 -49.60
N VAL G 128 -26.31 -33.57 -48.82
CA VAL G 128 -27.04 -34.67 -48.28
C VAL G 128 -27.56 -35.48 -49.44
N GLU G 129 -28.10 -34.79 -50.46
CA GLU G 129 -28.70 -35.50 -51.55
C GLU G 129 -27.64 -36.33 -52.20
N GLU G 130 -26.45 -35.73 -52.38
CA GLU G 130 -25.39 -36.43 -53.05
C GLU G 130 -25.05 -37.63 -52.24
N LEU G 131 -24.99 -37.46 -50.90
CA LEU G 131 -24.55 -38.53 -50.06
C LEU G 131 -25.51 -39.66 -50.21
N LYS G 132 -26.82 -39.34 -50.24
CA LYS G 132 -27.80 -40.38 -50.23
C LYS G 132 -27.60 -41.22 -51.45
N ALA G 133 -27.40 -40.56 -52.61
CA ALA G 133 -27.22 -41.31 -53.82
C ALA G 133 -25.98 -42.11 -53.67
N LEU G 134 -24.93 -41.50 -53.09
CA LEU G 134 -23.65 -42.14 -53.01
C LEU G 134 -23.79 -43.37 -52.18
N SER G 135 -24.60 -43.27 -51.10
CA SER G 135 -24.62 -44.33 -50.13
C SER G 135 -25.07 -45.58 -50.81
N VAL G 136 -24.57 -46.73 -50.30
CA VAL G 136 -24.89 -48.01 -50.84
C VAL G 136 -25.19 -48.90 -49.68
N PRO G 137 -25.74 -50.04 -49.96
CA PRO G 137 -26.29 -50.90 -48.95
C PRO G 137 -25.18 -51.37 -48.07
N CYS G 138 -25.50 -51.76 -46.83
CA CYS G 138 -24.48 -52.13 -45.89
C CYS G 138 -23.93 -53.45 -46.30
N SER G 139 -22.65 -53.67 -45.97
CA SER G 139 -22.00 -54.90 -46.32
C SER G 139 -22.29 -55.88 -45.23
N ASP G 140 -21.61 -57.05 -45.29
CA ASP G 140 -21.91 -58.15 -44.42
C ASP G 140 -21.36 -57.85 -43.07
N SER G 141 -21.48 -58.85 -42.17
CA SER G 141 -21.20 -58.67 -40.77
C SER G 141 -19.77 -58.26 -40.63
N LYS G 142 -18.89 -58.78 -41.51
CA LYS G 142 -17.51 -58.44 -41.40
C LYS G 142 -17.43 -56.96 -41.55
N ALA G 143 -18.19 -56.42 -42.52
CA ALA G 143 -18.27 -55.00 -42.69
C ALA G 143 -18.85 -54.44 -41.45
N ILE G 144 -19.82 -55.14 -40.86
CA ILE G 144 -20.54 -54.62 -39.73
C ILE G 144 -19.53 -54.39 -38.65
N ALA G 145 -18.60 -55.34 -38.47
CA ALA G 145 -17.62 -55.21 -37.43
C ALA G 145 -16.85 -53.97 -37.73
N GLN G 146 -16.53 -53.75 -39.02
CA GLN G 146 -15.78 -52.60 -39.40
C GLN G 146 -16.58 -51.39 -39.04
N VAL G 147 -17.91 -51.45 -39.29
CA VAL G 147 -18.73 -50.33 -38.95
C VAL G 147 -18.60 -50.13 -37.48
N GLY G 148 -18.62 -51.25 -36.73
CA GLY G 148 -18.55 -51.19 -35.30
C GLY G 148 -17.26 -50.55 -34.92
N THR G 149 -16.18 -50.89 -35.63
CA THR G 149 -14.87 -50.42 -35.27
C THR G 149 -14.86 -48.92 -35.40
N ILE G 150 -15.54 -48.39 -36.43
CA ILE G 150 -15.50 -46.98 -36.65
C ILE G 150 -16.07 -46.31 -35.45
N SER G 151 -17.23 -46.80 -34.98
CA SER G 151 -17.81 -46.25 -33.78
C SER G 151 -16.88 -46.55 -32.67
N ALA G 152 -16.16 -47.68 -32.80
CA ALA G 152 -15.26 -48.17 -31.80
C ALA G 152 -14.19 -47.15 -31.62
N ASN G 153 -13.81 -46.47 -32.72
CA ASN G 153 -12.61 -45.70 -32.68
C ASN G 153 -11.51 -46.66 -32.33
N SER G 154 -11.38 -47.70 -33.18
CA SER G 154 -10.40 -48.73 -33.01
C SER G 154 -10.62 -49.39 -31.69
N ASP G 155 -11.89 -49.52 -31.27
CA ASP G 155 -12.15 -50.44 -30.21
C ASP G 155 -12.52 -51.74 -30.86
N GLU G 156 -11.54 -52.66 -30.93
CA GLU G 156 -11.77 -53.88 -31.65
C GLU G 156 -12.85 -54.62 -30.94
N THR G 157 -12.81 -54.62 -29.59
CA THR G 157 -13.70 -55.44 -28.83
C THR G 157 -15.10 -55.01 -29.12
N VAL G 158 -15.34 -53.69 -29.15
CA VAL G 158 -16.69 -53.22 -29.27
C VAL G 158 -17.23 -53.72 -30.56
N GLY G 159 -16.44 -53.58 -31.64
CA GLY G 159 -16.93 -53.95 -32.94
C GLY G 159 -17.23 -55.41 -32.90
N LYS G 160 -16.33 -56.21 -32.30
CA LYS G 160 -16.51 -57.62 -32.27
C LYS G 160 -17.77 -57.91 -31.52
N LEU G 161 -17.94 -57.24 -30.37
CA LEU G 161 -19.06 -57.52 -29.52
C LEU G 161 -20.29 -57.19 -30.29
N ILE G 162 -20.28 -56.04 -30.98
CA ILE G 162 -21.46 -55.60 -31.66
C ILE G 162 -21.78 -56.63 -32.70
N ALA G 163 -20.76 -57.05 -33.47
CA ALA G 163 -21.02 -57.98 -34.52
C ALA G 163 -21.53 -59.25 -33.91
N GLU G 164 -20.87 -59.70 -32.83
CA GLU G 164 -21.24 -60.97 -32.27
C GLU G 164 -22.64 -60.89 -31.78
N ALA G 165 -22.96 -59.80 -31.07
CA ALA G 165 -24.28 -59.65 -30.52
C ALA G 165 -25.23 -59.60 -31.66
N MET G 166 -24.85 -58.85 -32.71
CA MET G 166 -25.73 -58.62 -33.81
C MET G 166 -26.01 -59.92 -34.47
N ASP G 167 -24.99 -60.77 -34.62
CA ASP G 167 -25.21 -61.99 -35.35
C ASP G 167 -26.24 -62.79 -34.62
N LYS G 168 -26.03 -62.99 -33.30
CA LYS G 168 -26.88 -63.90 -32.58
C LYS G 168 -28.27 -63.36 -32.57
N VAL G 169 -28.42 -62.07 -32.21
CA VAL G 169 -29.71 -61.48 -32.07
C VAL G 169 -30.35 -61.46 -33.42
N GLY G 170 -29.55 -61.14 -34.45
CA GLY G 170 -30.07 -60.83 -35.73
C GLY G 170 -30.02 -59.34 -35.84
N LYS G 171 -29.82 -58.82 -37.07
CA LYS G 171 -29.68 -57.41 -37.22
C LYS G 171 -30.96 -56.79 -36.78
N GLU G 172 -32.09 -57.38 -37.21
CA GLU G 172 -33.37 -56.83 -36.91
C GLU G 172 -33.55 -56.86 -35.43
N GLY G 173 -33.12 -57.96 -34.79
CA GLY G 173 -33.40 -58.10 -33.40
C GLY G 173 -32.70 -56.99 -32.69
N VAL G 174 -33.32 -56.49 -31.60
CA VAL G 174 -32.76 -55.40 -30.86
C VAL G 174 -31.71 -55.97 -29.96
N ILE G 175 -30.65 -55.17 -29.70
CA ILE G 175 -29.64 -55.60 -28.80
C ILE G 175 -29.61 -54.59 -27.70
N THR G 176 -29.46 -55.07 -26.44
CA THR G 176 -29.42 -54.16 -25.34
C THR G 176 -28.08 -54.30 -24.70
N VAL G 177 -27.58 -53.21 -24.09
CA VAL G 177 -26.30 -53.28 -23.47
C VAL G 177 -26.51 -53.13 -22.00
N GLU G 178 -25.77 -53.92 -21.20
CA GLU G 178 -25.81 -53.82 -19.78
C GLU G 178 -24.39 -53.77 -19.32
N ASP G 179 -24.17 -53.31 -18.08
CA ASP G 179 -22.84 -53.26 -17.59
C ASP G 179 -22.39 -54.68 -17.44
N GLY G 180 -21.08 -54.92 -17.64
CA GLY G 180 -20.61 -56.28 -17.61
C GLY G 180 -20.66 -56.74 -16.20
N THR G 181 -20.93 -58.04 -16.01
CA THR G 181 -20.90 -58.61 -14.70
C THR G 181 -19.47 -58.55 -14.24
N GLY G 182 -18.55 -58.88 -15.15
CA GLY G 182 -17.16 -58.95 -14.79
C GLY G 182 -16.39 -58.41 -15.94
N LEU G 183 -15.05 -58.52 -15.87
CA LEU G 183 -14.19 -57.95 -16.87
C LEU G 183 -14.50 -58.60 -18.17
N GLN G 184 -14.73 -59.93 -18.16
CA GLN G 184 -15.05 -60.57 -19.41
C GLN G 184 -16.44 -60.18 -19.76
N ASP G 185 -16.69 -59.93 -21.06
CA ASP G 185 -18.01 -59.58 -21.49
C ASP G 185 -18.81 -60.83 -21.47
N GLU G 186 -20.15 -60.70 -21.29
CA GLU G 186 -20.98 -61.85 -21.42
C GLU G 186 -22.07 -61.48 -22.37
N LEU G 187 -22.40 -62.40 -23.31
CA LEU G 187 -23.54 -62.16 -24.14
C LEU G 187 -24.55 -63.18 -23.75
N ASP G 188 -25.71 -62.71 -23.25
CA ASP G 188 -26.73 -63.64 -22.87
C ASP G 188 -27.98 -63.26 -23.58
N VAL G 189 -28.75 -64.25 -24.03
CA VAL G 189 -30.07 -63.95 -24.50
C VAL G 189 -30.86 -63.67 -23.26
N VAL G 190 -31.78 -62.68 -23.32
CA VAL G 190 -32.44 -62.29 -22.13
C VAL G 190 -33.88 -62.70 -22.24
N GLU G 191 -34.48 -63.07 -21.10
CA GLU G 191 -35.87 -63.39 -21.09
C GLU G 191 -36.59 -62.21 -20.54
N GLY G 192 -37.74 -61.86 -21.15
CA GLY G 192 -38.50 -60.74 -20.67
C GLY G 192 -39.16 -60.12 -21.86
N MET G 193 -40.02 -59.12 -21.60
CA MET G 193 -40.70 -58.46 -22.68
C MET G 193 -40.47 -56.99 -22.52
N GLN G 194 -40.47 -56.25 -23.65
CA GLN G 194 -40.40 -54.83 -23.59
C GLN G 194 -41.61 -54.30 -24.26
N PHE G 195 -42.20 -53.23 -23.70
CA PHE G 195 -43.37 -52.65 -24.30
C PHE G 195 -43.11 -51.18 -24.38
N ASP G 196 -43.56 -50.52 -25.47
CA ASP G 196 -43.21 -49.14 -25.61
C ASP G 196 -44.20 -48.34 -24.83
N ARG G 197 -43.77 -47.82 -23.67
CA ARG G 197 -44.61 -46.94 -22.92
C ARG G 197 -43.76 -45.83 -22.40
N GLY G 198 -44.38 -44.65 -22.22
CA GLY G 198 -43.64 -43.51 -21.77
C GLY G 198 -43.59 -43.51 -20.29
N TYR G 199 -42.76 -42.62 -19.72
CA TYR G 199 -42.81 -42.38 -18.31
C TYR G 199 -43.76 -41.24 -18.12
N LEU G 200 -44.64 -41.35 -17.11
CA LEU G 200 -45.70 -40.40 -17.00
C LEU G 200 -45.09 -39.05 -16.80
N SER G 201 -44.10 -38.95 -15.89
CA SER G 201 -43.54 -37.65 -15.62
C SER G 201 -42.05 -37.80 -15.58
N PRO G 202 -41.40 -36.75 -15.96
CA PRO G 202 -39.96 -36.65 -15.92
C PRO G 202 -39.54 -36.74 -14.49
N TYR G 203 -40.47 -36.49 -13.56
CA TYR G 203 -40.16 -36.56 -12.16
C TYR G 203 -39.78 -37.97 -11.89
N PHE G 204 -40.53 -38.90 -12.51
CA PHE G 204 -40.30 -40.30 -12.33
C PHE G 204 -38.92 -40.57 -12.81
N ILE G 205 -38.51 -39.88 -13.90
CA ILE G 205 -37.25 -40.06 -14.56
C ILE G 205 -36.16 -40.16 -13.54
N ASN G 206 -35.28 -41.15 -13.73
CA ASN G 206 -34.33 -41.52 -12.73
C ASN G 206 -33.21 -40.54 -12.74
N LYS G 207 -32.26 -40.74 -11.80
CA LYS G 207 -31.14 -39.86 -11.63
C LYS G 207 -30.34 -39.79 -12.91
N PRO G 208 -30.02 -40.86 -13.60
CA PRO G 208 -28.98 -40.78 -14.59
C PRO G 208 -29.32 -39.82 -15.69
N GLU G 209 -28.28 -39.35 -16.40
CA GLU G 209 -28.38 -38.28 -17.35
C GLU G 209 -29.32 -38.72 -18.42
N THR G 210 -29.26 -40.01 -18.79
CA THR G 210 -30.07 -40.50 -19.86
C THR G 210 -31.48 -40.23 -19.48
N GLY G 211 -31.81 -40.47 -18.20
CA GLY G 211 -33.13 -40.16 -17.75
C GLY G 211 -33.95 -41.40 -17.85
N ALA G 212 -33.36 -42.46 -18.42
CA ALA G 212 -34.05 -43.71 -18.35
C ALA G 212 -34.03 -44.09 -16.91
N VAL G 213 -35.12 -44.72 -16.42
CA VAL G 213 -35.14 -45.03 -15.03
C VAL G 213 -34.91 -46.49 -14.91
N GLU G 214 -33.98 -46.88 -14.02
CA GLU G 214 -33.76 -48.27 -13.80
C GLU G 214 -34.12 -48.54 -12.38
N LEU G 215 -34.87 -49.63 -12.14
CA LEU G 215 -35.22 -49.98 -10.81
C LEU G 215 -34.52 -51.26 -10.49
N GLU G 216 -34.04 -51.39 -9.24
CA GLU G 216 -33.40 -52.63 -8.88
C GLU G 216 -34.42 -53.48 -8.23
N SER G 217 -34.53 -54.74 -8.71
CA SER G 217 -35.52 -55.65 -8.25
C SER G 217 -36.87 -54.99 -8.21
N PRO G 218 -37.37 -54.42 -9.28
CA PRO G 218 -38.58 -53.67 -9.21
C PRO G 218 -39.71 -54.58 -8.86
N PHE G 219 -40.80 -54.02 -8.30
CA PHE G 219 -41.99 -54.80 -8.12
C PHE G 219 -42.93 -54.29 -9.16
N ILE G 220 -43.73 -55.19 -9.76
CA ILE G 220 -44.61 -54.73 -10.79
C ILE G 220 -46.00 -54.94 -10.32
N LEU G 221 -46.80 -53.86 -10.32
CA LEU G 221 -48.20 -54.00 -10.07
C LEU G 221 -48.87 -53.71 -11.37
N LEU G 222 -49.73 -54.65 -11.84
CA LEU G 222 -50.38 -54.41 -13.08
C LEU G 222 -51.84 -54.27 -12.79
N ALA G 223 -52.47 -53.20 -13.33
CA ALA G 223 -53.88 -53.13 -13.26
C ALA G 223 -54.36 -52.95 -14.66
N ASP G 224 -55.39 -53.72 -15.05
CA ASP G 224 -55.96 -53.53 -16.35
C ASP G 224 -56.55 -52.16 -16.34
N LYS G 225 -57.27 -51.84 -15.26
CA LYS G 225 -57.93 -50.58 -15.16
C LYS G 225 -56.91 -49.54 -14.87
N LYS G 226 -57.19 -48.29 -15.30
CA LYS G 226 -56.31 -47.20 -15.06
C LYS G 226 -56.39 -46.89 -13.60
N ILE G 227 -55.33 -46.25 -13.05
CA ILE G 227 -55.35 -45.95 -11.65
C ILE G 227 -55.83 -44.54 -11.53
N SER G 228 -57.11 -44.39 -11.14
CA SER G 228 -57.70 -43.09 -11.07
C SER G 228 -57.03 -42.30 -9.99
N ASN G 229 -57.01 -42.86 -8.76
CA ASN G 229 -56.67 -42.04 -7.65
C ASN G 229 -55.68 -42.75 -6.78
N ILE G 230 -55.09 -41.99 -5.84
CA ILE G 230 -54.12 -42.50 -4.92
C ILE G 230 -54.78 -43.52 -4.05
N ARG G 231 -56.02 -43.25 -3.62
CA ARG G 231 -56.60 -43.99 -2.54
C ARG G 231 -56.63 -45.43 -2.90
N GLU G 232 -57.04 -45.75 -4.15
CA GLU G 232 -57.09 -47.12 -4.56
C GLU G 232 -55.71 -47.66 -4.50
N MET G 233 -54.73 -46.82 -4.92
CA MET G 233 -53.36 -47.22 -5.00
C MET G 233 -52.87 -47.50 -3.61
N LEU G 234 -53.37 -46.76 -2.61
CA LEU G 234 -52.72 -46.66 -1.34
C LEU G 234 -52.54 -48.01 -0.74
N PRO G 235 -53.53 -48.86 -0.71
CA PRO G 235 -53.37 -50.11 -0.02
C PRO G 235 -52.28 -50.90 -0.67
N VAL G 236 -52.05 -50.71 -1.98
CA VAL G 236 -50.94 -51.35 -2.62
C VAL G 236 -49.69 -50.79 -2.04
N LEU G 237 -49.70 -49.46 -1.85
CA LEU G 237 -48.58 -48.72 -1.39
C LEU G 237 -48.24 -49.18 -0.01
N GLU G 238 -49.26 -49.48 0.82
CA GLU G 238 -48.98 -49.87 2.17
C GLU G 238 -48.15 -51.11 2.10
N ALA G 239 -48.52 -52.03 1.20
CA ALA G 239 -47.75 -53.23 1.00
C ALA G 239 -46.40 -52.79 0.56
N VAL G 240 -46.30 -51.78 -0.29
CA VAL G 240 -45.09 -51.24 -0.89
C VAL G 240 -44.33 -50.22 -0.01
N ALA G 241 -44.80 -49.87 1.21
CA ALA G 241 -44.06 -49.25 2.28
C ALA G 241 -43.32 -50.39 2.93
N LYS G 242 -43.83 -51.59 2.71
CA LYS G 242 -43.05 -52.76 2.57
C LYS G 242 -42.55 -52.92 1.06
N ALA G 243 -41.83 -51.91 0.51
CA ALA G 243 -41.10 -51.91 -0.77
C ALA G 243 -40.07 -50.77 -0.69
N GLY G 244 -39.06 -50.64 -1.58
CA GLY G 244 -37.88 -49.78 -1.29
C GLY G 244 -36.68 -50.08 -2.16
N LYS G 245 -36.46 -51.38 -2.46
CA LYS G 245 -36.14 -51.78 -3.84
C LYS G 245 -37.37 -51.38 -4.65
N PRO G 246 -37.26 -50.81 -5.82
CA PRO G 246 -38.37 -50.04 -6.33
C PRO G 246 -39.63 -50.73 -6.70
N LEU G 247 -40.66 -49.85 -6.73
CA LEU G 247 -41.93 -50.29 -7.20
C LEU G 247 -42.16 -49.67 -8.54
N LEU G 248 -42.64 -50.50 -9.49
CA LEU G 248 -43.09 -50.01 -10.75
C LEU G 248 -44.57 -50.23 -10.78
N ILE G 249 -45.32 -49.25 -11.32
CA ILE G 249 -46.75 -49.40 -11.35
C ILE G 249 -47.16 -49.34 -12.77
N ILE G 250 -48.08 -50.24 -13.17
CA ILE G 250 -48.59 -50.18 -14.50
C ILE G 250 -50.03 -49.81 -14.39
N ALA G 251 -50.44 -48.72 -15.06
CA ALA G 251 -51.82 -48.33 -15.05
C ALA G 251 -52.22 -48.14 -16.47
N GLU G 252 -53.49 -48.42 -16.78
CA GLU G 252 -53.90 -48.27 -18.14
C GLU G 252 -53.74 -46.82 -18.49
N ASP G 253 -54.27 -45.94 -17.64
CA ASP G 253 -54.13 -44.54 -17.88
C ASP G 253 -53.96 -43.86 -16.56
N VAL G 254 -53.24 -42.73 -16.54
CA VAL G 254 -53.32 -41.93 -15.36
C VAL G 254 -53.76 -40.57 -15.79
N GLU G 255 -54.83 -40.04 -15.17
CA GLU G 255 -55.11 -38.66 -15.41
C GLU G 255 -53.91 -37.99 -14.75
N GLY G 256 -53.10 -37.26 -15.54
CA GLY G 256 -51.91 -36.56 -15.04
C GLY G 256 -52.38 -35.29 -14.40
N GLU G 257 -53.64 -35.04 -14.72
CA GLU G 257 -54.76 -34.74 -13.87
C GLU G 257 -54.94 -35.87 -12.83
N ALA G 258 -56.02 -36.70 -12.78
CA ALA G 258 -56.41 -37.59 -11.66
C ALA G 258 -55.41 -38.20 -10.65
N LEU G 259 -54.34 -38.88 -11.08
CA LEU G 259 -53.47 -39.53 -10.12
C LEU G 259 -52.51 -38.57 -9.43
N ALA G 260 -51.98 -37.59 -10.19
CA ALA G 260 -50.75 -36.87 -9.87
C ALA G 260 -50.74 -36.03 -8.60
N THR G 261 -51.78 -35.20 -8.36
CA THR G 261 -51.90 -34.26 -7.29
C THR G 261 -51.97 -35.03 -6.01
N LEU G 262 -52.87 -36.03 -5.94
CA LEU G 262 -53.03 -36.76 -4.73
C LEU G 262 -51.76 -37.49 -4.47
N VAL G 263 -51.22 -38.16 -5.50
CA VAL G 263 -50.12 -39.05 -5.28
C VAL G 263 -48.96 -38.26 -4.77
N VAL G 264 -48.60 -37.19 -5.49
CA VAL G 264 -47.38 -36.53 -5.15
C VAL G 264 -47.50 -35.98 -3.77
N ASN G 265 -48.53 -35.16 -3.53
CA ASN G 265 -48.62 -34.49 -2.26
C ASN G 265 -48.87 -35.49 -1.19
N THR G 266 -49.91 -36.33 -1.39
CA THR G 266 -50.33 -37.20 -0.33
C THR G 266 -49.27 -38.21 -0.08
N MET G 267 -48.72 -38.78 -1.16
CA MET G 267 -47.87 -39.92 -1.02
C MET G 267 -46.48 -39.45 -0.79
N ARG G 268 -45.82 -40.03 0.23
CA ARG G 268 -44.45 -39.69 0.49
C ARG G 268 -43.67 -40.07 -0.71
N GLY G 269 -43.93 -41.27 -1.25
CA GLY G 269 -43.23 -41.70 -2.42
C GLY G 269 -41.85 -42.05 -2.00
N ILE G 270 -41.68 -42.43 -0.72
CA ILE G 270 -40.37 -42.72 -0.22
C ILE G 270 -39.84 -43.86 -1.01
N VAL G 271 -40.67 -44.90 -1.19
CA VAL G 271 -40.24 -46.02 -1.99
C VAL G 271 -40.20 -45.56 -3.39
N LYS G 272 -39.23 -46.05 -4.17
CA LYS G 272 -39.12 -45.60 -5.52
C LYS G 272 -40.34 -46.08 -6.24
N VAL G 273 -40.95 -45.20 -7.04
CA VAL G 273 -42.12 -45.61 -7.77
C VAL G 273 -41.95 -45.17 -9.18
N ALA G 274 -42.52 -45.94 -10.12
CA ALA G 274 -42.56 -45.53 -11.49
C ALA G 274 -43.92 -45.85 -11.97
N ALA G 275 -44.42 -45.10 -12.97
CA ALA G 275 -45.70 -45.44 -13.49
C ALA G 275 -45.56 -45.56 -14.98
N VAL G 276 -46.27 -46.54 -15.56
CA VAL G 276 -46.28 -46.66 -16.99
C VAL G 276 -47.69 -46.97 -17.38
N LYS G 277 -48.08 -46.56 -18.61
CA LYS G 277 -49.38 -46.92 -19.08
C LYS G 277 -49.32 -48.34 -19.52
N ALA G 278 -50.42 -49.08 -19.35
CA ALA G 278 -50.41 -50.45 -19.75
C ALA G 278 -50.37 -50.48 -21.24
N PRO G 279 -49.62 -51.40 -21.77
CA PRO G 279 -49.34 -51.45 -23.16
C PRO G 279 -50.60 -51.79 -23.88
N GLY G 280 -50.76 -51.28 -25.13
CA GLY G 280 -51.87 -51.69 -25.93
C GLY G 280 -53.08 -51.01 -25.40
N PHE G 281 -54.24 -51.25 -26.05
CA PHE G 281 -55.48 -50.76 -25.54
C PHE G 281 -56.50 -51.81 -25.80
N GLY G 282 -57.63 -51.74 -25.08
CA GLY G 282 -58.71 -52.64 -25.35
C GLY G 282 -58.32 -54.00 -24.88
N ASP G 283 -58.88 -55.03 -25.53
CA ASP G 283 -58.65 -56.39 -25.14
C ASP G 283 -57.20 -56.66 -25.32
N ARG G 284 -56.62 -56.12 -26.41
CA ARG G 284 -55.25 -56.39 -26.70
C ARG G 284 -54.45 -55.89 -25.55
N ARG G 285 -54.82 -54.71 -25.02
CA ARG G 285 -54.09 -54.14 -23.93
C ARG G 285 -54.16 -55.11 -22.79
N LYS G 286 -55.37 -55.65 -22.54
CA LYS G 286 -55.53 -56.55 -21.44
C LYS G 286 -54.65 -57.73 -21.70
N ALA G 287 -54.65 -58.20 -22.96
CA ALA G 287 -53.91 -59.37 -23.31
C ALA G 287 -52.46 -59.09 -23.04
N MET G 288 -52.01 -57.88 -23.41
CA MET G 288 -50.63 -57.54 -23.23
C MET G 288 -50.37 -57.56 -21.77
N LEU G 289 -51.33 -57.06 -20.97
CA LEU G 289 -51.15 -57.00 -19.56
C LEU G 289 -50.99 -58.40 -19.07
N GLN G 290 -51.82 -59.32 -19.61
CA GLN G 290 -51.77 -60.68 -19.15
C GLN G 290 -50.41 -61.21 -19.47
N ASP G 291 -49.89 -60.90 -20.67
CA ASP G 291 -48.62 -61.42 -21.05
C ASP G 291 -47.61 -60.89 -20.10
N ILE G 292 -47.71 -59.58 -19.77
CA ILE G 292 -46.75 -58.98 -18.90
C ILE G 292 -46.85 -59.67 -17.58
N ALA G 293 -48.11 -59.90 -17.13
CA ALA G 293 -48.32 -60.41 -15.80
C ALA G 293 -47.67 -61.75 -15.71
N THR G 294 -47.81 -62.58 -16.75
CA THR G 294 -47.22 -63.89 -16.70
C THR G 294 -45.74 -63.73 -16.62
N LEU G 295 -45.18 -62.83 -17.45
CA LEU G 295 -43.76 -62.69 -17.50
C LEU G 295 -43.29 -62.24 -16.16
N THR G 296 -44.00 -61.26 -15.57
CA THR G 296 -43.61 -60.75 -14.29
C THR G 296 -43.74 -61.86 -13.31
N GLY G 297 -44.82 -62.66 -13.44
CA GLY G 297 -45.09 -63.69 -12.50
C GLY G 297 -46.03 -63.12 -11.50
N GLY G 298 -46.33 -61.80 -11.64
CA GLY G 298 -47.28 -61.19 -10.78
C GLY G 298 -48.63 -61.45 -11.35
N THR G 299 -49.68 -60.93 -10.69
CA THR G 299 -51.00 -61.12 -11.18
C THR G 299 -51.56 -59.76 -11.45
N VAL G 300 -52.58 -59.69 -12.32
CA VAL G 300 -53.16 -58.41 -12.63
C VAL G 300 -54.52 -58.40 -12.04
N ILE G 301 -54.97 -57.21 -11.59
CA ILE G 301 -56.28 -57.10 -11.00
C ILE G 301 -57.07 -56.21 -11.89
N SER G 302 -58.32 -56.63 -12.19
CA SER G 302 -59.17 -55.81 -13.00
C SER G 302 -60.47 -55.69 -12.30
N GLU G 303 -61.25 -54.65 -12.66
CA GLU G 303 -62.54 -54.45 -12.07
C GLU G 303 -63.39 -55.61 -12.46
N GLU G 304 -63.24 -56.06 -13.72
CA GLU G 304 -64.07 -57.12 -14.21
C GLU G 304 -63.83 -58.30 -13.35
N ILE G 305 -62.55 -58.56 -13.03
CA ILE G 305 -62.24 -59.65 -12.15
C ILE G 305 -62.90 -59.33 -10.84
N GLY G 306 -62.81 -58.06 -10.42
CA GLY G 306 -63.42 -57.68 -9.19
C GLY G 306 -62.39 -57.83 -8.11
N MET G 307 -61.15 -58.16 -8.51
CA MET G 307 -60.10 -58.21 -7.54
C MET G 307 -59.86 -56.79 -7.13
N GLU G 308 -59.42 -56.59 -5.88
CA GLU G 308 -59.23 -55.25 -5.41
C GLU G 308 -57.76 -55.00 -5.33
N LEU G 309 -57.35 -53.77 -5.69
CA LEU G 309 -55.97 -53.42 -5.61
C LEU G 309 -55.57 -53.51 -4.17
N GLU G 310 -56.46 -53.01 -3.29
CA GLU G 310 -56.19 -53.02 -1.89
C GLU G 310 -56.04 -54.45 -1.48
N LYS G 311 -56.94 -55.31 -1.99
CA LYS G 311 -56.93 -56.68 -1.62
C LYS G 311 -55.64 -57.26 -2.07
N ALA G 312 -55.19 -56.90 -3.29
CA ALA G 312 -54.04 -57.53 -3.84
C ALA G 312 -52.89 -57.24 -2.92
N THR G 313 -52.04 -58.26 -2.71
CA THR G 313 -50.92 -58.12 -1.82
C THR G 313 -49.71 -57.85 -2.64
N LEU G 314 -48.54 -57.84 -1.97
CA LEU G 314 -47.27 -57.68 -2.61
C LEU G 314 -47.10 -58.85 -3.51
N GLU G 315 -47.53 -60.04 -3.05
CA GLU G 315 -47.26 -61.26 -3.75
C GLU G 315 -47.86 -61.14 -5.10
N ASP G 316 -49.05 -60.52 -5.19
CA ASP G 316 -49.69 -60.40 -6.47
C ASP G 316 -48.77 -59.62 -7.32
N LEU G 317 -48.11 -58.59 -6.76
CA LEU G 317 -47.21 -57.82 -7.56
C LEU G 317 -46.08 -58.71 -7.93
N GLY G 318 -45.62 -58.60 -9.20
CA GLY G 318 -44.53 -59.40 -9.64
C GLY G 318 -43.28 -58.68 -9.25
N GLN G 319 -42.11 -59.29 -9.52
CA GLN G 319 -40.89 -58.60 -9.30
C GLN G 319 -40.10 -58.72 -10.56
N ALA G 320 -39.23 -57.72 -10.82
CA ALA G 320 -38.36 -57.78 -11.95
C ALA G 320 -36.98 -57.69 -11.42
N LYS G 321 -36.00 -58.26 -12.14
CA LYS G 321 -34.65 -58.14 -11.70
C LYS G 321 -34.29 -56.69 -11.75
N ARG G 322 -34.59 -56.04 -12.88
CA ARG G 322 -34.41 -54.62 -12.97
C ARG G 322 -35.32 -54.14 -14.05
N VAL G 323 -35.72 -52.86 -13.97
CA VAL G 323 -36.53 -52.34 -15.04
C VAL G 323 -35.86 -51.10 -15.53
N VAL G 324 -35.89 -50.89 -16.85
CA VAL G 324 -35.40 -49.66 -17.38
C VAL G 324 -36.54 -49.01 -18.09
N ILE G 325 -36.70 -47.69 -17.90
CA ILE G 325 -37.78 -47.02 -18.57
C ILE G 325 -37.21 -45.85 -19.30
N ASN G 326 -37.65 -45.64 -20.55
CA ASN G 326 -37.34 -44.43 -21.24
C ASN G 326 -38.64 -43.86 -21.71
N LYS G 327 -38.62 -42.60 -22.18
CA LYS G 327 -39.84 -41.96 -22.54
C LYS G 327 -40.47 -42.75 -23.64
N ASP G 328 -39.67 -43.16 -24.63
CA ASP G 328 -40.27 -43.83 -25.74
C ASP G 328 -40.87 -45.10 -25.28
N THR G 329 -40.12 -45.88 -24.46
CA THR G 329 -40.55 -47.22 -24.20
C THR G 329 -40.20 -47.55 -22.78
N THR G 330 -40.91 -48.54 -22.18
CA THR G 330 -40.53 -48.99 -20.87
C THR G 330 -40.26 -50.45 -20.97
N THR G 331 -39.12 -50.92 -20.44
CA THR G 331 -38.86 -52.32 -20.60
C THR G 331 -38.55 -52.90 -19.25
N ILE G 332 -38.76 -54.21 -19.12
CA ILE G 332 -38.31 -54.90 -17.94
C ILE G 332 -37.23 -55.81 -18.41
N ILE G 333 -36.03 -55.70 -17.81
CA ILE G 333 -34.94 -56.45 -18.32
C ILE G 333 -35.25 -57.90 -18.14
N ASP G 334 -35.65 -58.29 -16.92
CA ASP G 334 -36.00 -59.66 -16.71
C ASP G 334 -36.99 -59.72 -15.60
N GLY G 335 -38.22 -60.18 -15.91
CA GLY G 335 -39.14 -60.47 -14.85
C GLY G 335 -38.70 -61.78 -14.28
N VAL G 336 -38.99 -62.01 -12.98
CA VAL G 336 -38.61 -63.28 -12.45
C VAL G 336 -39.36 -64.31 -13.23
N GLY G 337 -40.70 -64.15 -13.30
CA GLY G 337 -41.48 -64.95 -14.17
C GLY G 337 -41.44 -66.35 -13.69
N GLU G 338 -42.11 -67.26 -14.42
CA GLU G 338 -41.89 -68.66 -14.24
C GLU G 338 -41.46 -69.18 -15.57
N GLU G 339 -40.46 -70.07 -15.58
CA GLU G 339 -39.96 -70.52 -16.86
C GLU G 339 -41.08 -71.22 -17.53
N ALA G 340 -41.76 -72.12 -16.80
CA ALA G 340 -42.83 -72.87 -17.38
C ALA G 340 -43.91 -71.91 -17.75
N ALA G 341 -44.20 -70.96 -16.84
CA ALA G 341 -45.33 -70.11 -17.02
C ALA G 341 -45.13 -69.31 -18.26
N ILE G 342 -43.91 -68.79 -18.45
CA ILE G 342 -43.67 -67.93 -19.56
C ILE G 342 -43.87 -68.73 -20.81
N GLN G 343 -43.30 -69.94 -20.83
CA GLN G 343 -43.36 -70.74 -22.03
C GLN G 343 -44.79 -71.05 -22.31
N GLY G 344 -45.55 -71.41 -21.25
CA GLY G 344 -46.89 -71.85 -21.46
C GLY G 344 -47.67 -70.73 -22.08
N ARG G 345 -47.46 -69.50 -21.55
CA ARG G 345 -48.23 -68.40 -22.03
C ARG G 345 -47.91 -68.20 -23.48
N VAL G 346 -46.61 -68.30 -23.82
CA VAL G 346 -46.21 -68.04 -25.18
C VAL G 346 -46.92 -69.01 -26.04
N ALA G 347 -46.93 -70.29 -25.63
CA ALA G 347 -47.52 -71.31 -26.46
C ALA G 347 -48.96 -70.98 -26.62
N GLN G 348 -49.63 -70.58 -25.52
CA GLN G 348 -51.04 -70.36 -25.57
C GLN G 348 -51.29 -69.26 -26.54
N ILE G 349 -50.48 -68.19 -26.47
CA ILE G 349 -50.68 -67.06 -27.33
C ILE G 349 -50.45 -67.53 -28.73
N ARG G 350 -49.38 -68.33 -28.92
CA ARG G 350 -49.01 -68.76 -30.23
C ARG G 350 -50.16 -69.52 -30.80
N GLN G 351 -50.79 -70.38 -29.97
CA GLN G 351 -51.88 -71.16 -30.44
C GLN G 351 -52.94 -70.20 -30.85
N GLN G 352 -53.13 -69.13 -30.05
CA GLN G 352 -54.16 -68.18 -30.33
C GLN G 352 -53.87 -67.56 -31.65
N ILE G 353 -52.58 -67.29 -31.93
CA ILE G 353 -52.25 -66.60 -33.13
C ILE G 353 -52.73 -67.42 -34.28
N GLU G 354 -52.42 -68.73 -34.23
CA GLU G 354 -52.82 -69.60 -35.30
C GLU G 354 -54.31 -69.63 -35.32
N GLU G 355 -54.93 -69.68 -34.12
CA GLU G 355 -56.33 -69.92 -34.05
C GLU G 355 -57.03 -68.80 -34.75
N ALA G 356 -56.61 -67.54 -34.50
CA ALA G 356 -57.37 -66.45 -35.03
C ALA G 356 -57.31 -66.55 -36.51
N THR G 357 -58.49 -66.45 -37.16
CA THR G 357 -58.55 -66.44 -38.59
C THR G 357 -57.94 -65.15 -39.07
N SER G 358 -58.30 -64.04 -38.40
CA SER G 358 -58.01 -62.75 -38.95
C SER G 358 -56.55 -62.49 -38.84
N ASP G 359 -56.02 -61.69 -39.78
CA ASP G 359 -54.66 -61.27 -39.75
C ASP G 359 -54.50 -60.41 -38.55
N TYR G 360 -55.50 -59.54 -38.30
CA TYR G 360 -55.37 -58.56 -37.25
C TYR G 360 -55.21 -59.30 -35.97
N ASP G 361 -56.07 -60.32 -35.74
CA ASP G 361 -56.01 -61.03 -34.50
C ASP G 361 -54.66 -61.68 -34.44
N ARG G 362 -54.21 -62.23 -35.57
CA ARG G 362 -52.96 -62.95 -35.59
C ARG G 362 -51.88 -61.99 -35.20
N GLU G 363 -51.93 -60.77 -35.75
CA GLU G 363 -50.85 -59.84 -35.57
C GLU G 363 -50.74 -59.52 -34.12
N LYS G 364 -51.88 -59.26 -33.46
CA LYS G 364 -51.80 -58.84 -32.09
C LYS G 364 -51.19 -59.95 -31.31
N LEU G 365 -51.66 -61.18 -31.53
CA LEU G 365 -51.18 -62.29 -30.77
C LEU G 365 -49.73 -62.47 -31.07
N GLN G 366 -49.36 -62.40 -32.37
CA GLN G 366 -48.02 -62.68 -32.77
C GLN G 366 -47.14 -61.66 -32.14
N GLU G 367 -47.59 -60.41 -32.12
CA GLU G 367 -46.78 -59.38 -31.53
C GLU G 367 -46.58 -59.76 -30.09
N ARG G 368 -47.66 -60.21 -29.44
CA ARG G 368 -47.60 -60.49 -28.04
C ARG G 368 -46.61 -61.59 -27.83
N VAL G 369 -46.70 -62.66 -28.63
CA VAL G 369 -45.84 -63.79 -28.40
C VAL G 369 -44.43 -63.34 -28.62
N ALA G 370 -44.21 -62.52 -29.66
CA ALA G 370 -42.88 -62.15 -30.03
C ALA G 370 -42.28 -61.43 -28.87
N LYS G 371 -43.06 -60.55 -28.22
CA LYS G 371 -42.53 -59.76 -27.16
C LYS G 371 -42.08 -60.68 -26.08
N LEU G 372 -42.89 -61.71 -25.78
CA LEU G 372 -42.62 -62.51 -24.62
C LEU G 372 -41.27 -63.13 -24.80
N ALA G 373 -41.02 -63.73 -25.98
CA ALA G 373 -39.70 -64.27 -26.18
C ALA G 373 -38.78 -63.10 -26.11
N GLY G 374 -39.16 -62.03 -26.82
CA GLY G 374 -38.53 -60.75 -26.71
C GLY G 374 -37.49 -60.68 -27.78
N GLY G 375 -36.83 -61.81 -28.06
CA GLY G 375 -35.83 -61.83 -29.09
C GLY G 375 -34.72 -60.95 -28.64
N VAL G 376 -34.70 -60.63 -27.33
CA VAL G 376 -33.80 -59.62 -26.85
C VAL G 376 -32.47 -60.26 -26.58
N ALA G 377 -31.40 -59.49 -26.83
CA ALA G 377 -30.09 -59.97 -26.48
C ALA G 377 -29.50 -58.94 -25.56
N VAL G 378 -28.71 -59.38 -24.58
CA VAL G 378 -28.10 -58.45 -23.69
C VAL G 378 -26.63 -58.60 -23.84
N ILE G 379 -25.90 -57.47 -23.79
CA ILE G 379 -24.47 -57.53 -23.90
C ILE G 379 -23.91 -56.95 -22.65
N LYS G 380 -22.92 -57.65 -22.05
CA LYS G 380 -22.31 -57.11 -20.88
C LYS G 380 -20.94 -56.66 -21.27
N VAL G 381 -20.49 -55.52 -20.73
CA VAL G 381 -19.16 -55.10 -21.06
C VAL G 381 -18.35 -55.20 -19.80
N GLY G 382 -17.22 -55.90 -19.88
CA GLY G 382 -16.35 -55.95 -18.74
C GLY G 382 -15.45 -54.77 -18.84
N ALA G 383 -14.70 -54.50 -17.75
CA ALA G 383 -13.73 -53.43 -17.82
C ALA G 383 -12.69 -53.72 -16.80
N ALA G 384 -11.50 -53.12 -16.96
CA ALA G 384 -10.49 -53.26 -15.97
C ALA G 384 -11.03 -52.62 -14.73
N THR G 385 -11.66 -51.45 -14.89
CA THR G 385 -12.20 -50.76 -13.76
C THR G 385 -13.63 -50.44 -14.07
N GLU G 386 -14.39 -50.06 -13.03
CA GLU G 386 -15.77 -49.76 -13.21
C GLU G 386 -15.86 -48.59 -14.14
N VAL G 387 -14.98 -47.60 -13.93
CA VAL G 387 -15.05 -46.39 -14.70
C VAL G 387 -14.87 -46.76 -16.14
N GLU G 388 -13.88 -47.65 -16.40
CA GLU G 388 -13.58 -47.99 -17.76
C GLU G 388 -14.80 -48.63 -18.34
N MET G 389 -15.47 -49.48 -17.55
CA MET G 389 -16.58 -50.22 -18.07
C MET G 389 -17.62 -49.26 -18.50
N LYS G 390 -17.87 -48.22 -17.67
CA LYS G 390 -18.90 -47.29 -17.99
C LYS G 390 -18.53 -46.66 -19.30
N GLU G 391 -17.25 -46.27 -19.42
CA GLU G 391 -16.82 -45.58 -20.61
C GLU G 391 -17.02 -46.50 -21.76
N LYS G 392 -16.60 -47.77 -21.60
CA LYS G 392 -16.66 -48.71 -22.68
C LYS G 392 -18.10 -48.89 -23.05
N LYS G 393 -18.97 -49.00 -22.04
CA LYS G 393 -20.34 -49.30 -22.30
C LYS G 393 -20.91 -48.22 -23.13
N ALA G 394 -20.59 -46.96 -22.79
CA ALA G 394 -21.18 -45.86 -23.50
C ALA G 394 -20.76 -45.96 -24.92
N ARG G 395 -19.46 -46.27 -25.14
CA ARG G 395 -18.94 -46.33 -26.48
C ARG G 395 -19.67 -47.43 -27.19
N VAL G 396 -19.87 -48.57 -26.49
CA VAL G 396 -20.46 -49.71 -27.13
C VAL G 396 -21.83 -49.32 -27.58
N GLU G 397 -22.58 -48.61 -26.72
CA GLU G 397 -23.94 -48.31 -27.04
C GLU G 397 -23.95 -47.48 -28.27
N ALA G 398 -23.04 -46.49 -28.33
CA ALA G 398 -23.05 -45.58 -29.44
C ALA G 398 -22.79 -46.38 -30.68
N ALA G 399 -21.84 -47.32 -30.60
CA ALA G 399 -21.46 -48.05 -31.77
C ALA G 399 -22.66 -48.83 -32.23
N LEU G 400 -23.40 -49.41 -31.28
CA LEU G 400 -24.47 -50.30 -31.65
C LEU G 400 -25.47 -49.51 -32.44
N HIS G 401 -25.80 -48.30 -31.96
CA HIS G 401 -26.80 -47.53 -32.62
C HIS G 401 -26.31 -47.24 -34.00
N ALA G 402 -25.04 -46.82 -34.11
CA ALA G 402 -24.52 -46.42 -35.38
C ALA G 402 -24.57 -47.61 -36.29
N THR G 403 -24.17 -48.78 -35.77
CA THR G 403 -24.08 -49.94 -36.61
C THR G 403 -25.44 -50.24 -37.13
N ARG G 404 -26.46 -50.23 -36.25
CA ARG G 404 -27.77 -50.63 -36.65
C ARG G 404 -28.22 -49.69 -37.73
N ALA G 405 -28.03 -48.38 -37.50
CA ALA G 405 -28.48 -47.43 -38.46
C ALA G 405 -27.72 -47.67 -39.73
N ALA G 406 -26.40 -47.92 -39.59
CA ALA G 406 -25.55 -47.99 -40.73
C ALA G 406 -26.02 -49.10 -41.61
N VAL G 407 -26.33 -50.27 -41.01
CA VAL G 407 -26.62 -51.41 -41.82
C VAL G 407 -27.82 -51.12 -42.66
N GLU G 408 -28.89 -50.58 -42.04
CA GLU G 408 -30.12 -50.41 -42.76
C GLU G 408 -29.87 -49.44 -43.87
N GLU G 409 -29.20 -48.32 -43.54
CA GLU G 409 -28.98 -47.30 -44.52
C GLU G 409 -28.14 -47.88 -45.60
N GLY G 410 -27.17 -48.71 -45.20
CA GLY G 410 -26.13 -49.11 -46.09
C GLY G 410 -25.02 -48.17 -45.79
N VAL G 411 -23.78 -48.53 -46.14
CA VAL G 411 -22.74 -47.69 -45.65
C VAL G 411 -22.10 -46.99 -46.80
N VAL G 412 -21.85 -45.68 -46.62
CA VAL G 412 -21.12 -44.91 -47.58
C VAL G 412 -19.67 -45.08 -47.25
N ALA G 413 -18.80 -44.77 -48.23
CA ALA G 413 -17.40 -44.94 -48.02
C ALA G 413 -17.00 -44.07 -46.86
N GLY G 414 -16.06 -44.55 -46.04
CA GLY G 414 -15.64 -43.81 -44.89
C GLY G 414 -14.51 -42.93 -45.29
N GLY G 415 -13.91 -42.25 -44.30
CA GLY G 415 -12.75 -41.45 -44.56
C GLY G 415 -13.21 -40.08 -44.97
N GLY G 416 -14.53 -39.85 -44.92
CA GLY G 416 -15.02 -38.55 -45.29
C GLY G 416 -14.97 -38.49 -46.78
N VAL G 417 -14.84 -39.67 -47.42
CA VAL G 417 -14.76 -39.74 -48.84
C VAL G 417 -16.02 -39.18 -49.39
N ALA G 418 -17.17 -39.56 -48.80
CA ALA G 418 -18.41 -39.07 -49.32
C ALA G 418 -18.39 -37.59 -49.18
N LEU G 419 -17.91 -37.10 -48.02
CA LEU G 419 -17.97 -35.70 -47.75
C LEU G 419 -17.14 -34.99 -48.78
N ILE G 420 -15.91 -35.47 -49.03
CA ILE G 420 -15.08 -34.77 -49.95
C ILE G 420 -15.71 -34.83 -51.30
N ARG G 421 -16.22 -36.01 -51.68
CA ARG G 421 -16.73 -36.21 -53.01
C ARG G 421 -17.87 -35.26 -53.23
N VAL G 422 -18.78 -35.18 -52.24
CA VAL G 422 -19.97 -34.40 -52.42
C VAL G 422 -19.58 -32.98 -52.60
N ALA G 423 -18.55 -32.53 -51.85
CA ALA G 423 -18.23 -31.13 -51.80
C ALA G 423 -17.92 -30.67 -53.19
N SER G 424 -17.18 -31.49 -53.95
CA SER G 424 -16.76 -31.07 -55.25
C SER G 424 -17.98 -30.78 -56.05
N LYS G 425 -18.98 -31.68 -55.99
CA LYS G 425 -20.19 -31.49 -56.74
C LYS G 425 -20.83 -30.24 -56.21
N LEU G 426 -20.78 -30.07 -54.88
CA LEU G 426 -21.45 -29.00 -54.22
C LEU G 426 -20.87 -27.71 -54.72
N ALA G 427 -19.55 -27.70 -54.95
CA ALA G 427 -18.87 -26.48 -55.24
C ALA G 427 -19.47 -25.89 -56.47
N ASP G 428 -19.80 -26.74 -57.45
CA ASP G 428 -20.31 -26.22 -58.69
C ASP G 428 -21.54 -25.44 -58.39
N LEU G 429 -22.39 -25.96 -57.48
CA LEU G 429 -23.62 -25.28 -57.20
C LEU G 429 -23.28 -23.96 -56.59
N ARG G 430 -24.08 -22.93 -56.91
CA ARG G 430 -23.79 -21.61 -56.42
C ARG G 430 -24.95 -21.20 -55.56
N GLY G 431 -24.66 -20.33 -54.57
CA GLY G 431 -25.70 -19.81 -53.73
C GLY G 431 -26.35 -18.70 -54.47
N GLN G 432 -27.46 -18.17 -53.91
CA GLN G 432 -28.18 -17.13 -54.58
C GLN G 432 -27.30 -15.94 -54.70
N ASN G 433 -26.60 -15.58 -53.59
CA ASN G 433 -25.80 -14.40 -53.61
C ASN G 433 -24.43 -14.75 -53.14
N GLU G 434 -23.48 -13.82 -53.33
CA GLU G 434 -22.10 -14.10 -53.12
C GLU G 434 -21.92 -14.50 -51.70
N ASP G 435 -22.60 -13.81 -50.77
CA ASP G 435 -22.42 -14.11 -49.38
C ASP G 435 -22.81 -15.53 -49.20
N GLN G 436 -23.91 -15.95 -49.85
CA GLN G 436 -24.34 -17.31 -49.77
C GLN G 436 -23.27 -18.15 -50.38
N ASN G 437 -22.66 -17.66 -51.48
CA ASN G 437 -21.72 -18.46 -52.21
C ASN G 437 -20.60 -18.80 -51.28
N VAL G 438 -20.08 -17.80 -50.55
CA VAL G 438 -18.92 -18.05 -49.74
C VAL G 438 -19.31 -19.07 -48.71
N GLY G 439 -20.51 -18.93 -48.14
CA GLY G 439 -20.92 -19.82 -47.09
C GLY G 439 -20.94 -21.20 -47.66
N ILE G 440 -21.41 -21.34 -48.91
CA ILE G 440 -21.52 -22.64 -49.51
C ILE G 440 -20.13 -23.18 -49.61
N LYS G 441 -19.18 -22.34 -50.06
CA LYS G 441 -17.83 -22.79 -50.22
C LYS G 441 -17.33 -23.19 -48.88
N VAL G 442 -17.69 -22.41 -47.84
CA VAL G 442 -17.19 -22.65 -46.53
C VAL G 442 -17.61 -24.04 -46.14
N ALA G 443 -18.89 -24.37 -46.40
CA ALA G 443 -19.40 -25.64 -45.98
C ALA G 443 -18.59 -26.69 -46.65
N LEU G 444 -18.29 -26.49 -47.94
CA LEU G 444 -17.57 -27.48 -48.69
C LEU G 444 -16.24 -27.64 -48.03
N ARG G 445 -15.62 -26.52 -47.64
CA ARG G 445 -14.32 -26.56 -47.04
C ARG G 445 -14.44 -27.34 -45.78
N ALA G 446 -15.53 -27.12 -45.04
CA ALA G 446 -15.70 -27.74 -43.76
C ALA G 446 -15.68 -29.22 -43.96
N MET G 447 -16.36 -29.70 -45.01
CA MET G 447 -16.49 -31.11 -45.22
C MET G 447 -15.12 -31.67 -45.42
N GLU G 448 -14.27 -30.95 -46.17
CA GLU G 448 -12.99 -31.45 -46.57
C GLU G 448 -12.18 -31.67 -45.34
N ALA G 449 -12.33 -30.80 -44.33
CA ALA G 449 -11.37 -30.73 -43.27
C ALA G 449 -11.25 -32.05 -42.57
N PRO G 450 -12.31 -32.74 -42.23
CA PRO G 450 -12.17 -33.88 -41.39
C PRO G 450 -11.35 -34.94 -42.05
N LEU G 451 -11.31 -34.96 -43.40
CA LEU G 451 -10.49 -35.91 -44.08
C LEU G 451 -9.07 -35.59 -43.73
N ARG G 452 -8.77 -34.28 -43.71
CA ARG G 452 -7.44 -33.81 -43.47
C ARG G 452 -7.04 -34.24 -42.11
N GLN G 453 -7.96 -34.16 -41.14
CA GLN G 453 -7.61 -34.41 -39.78
C GLN G 453 -7.12 -35.82 -39.68
N ILE G 454 -7.80 -36.75 -40.38
CA ILE G 454 -7.38 -38.12 -40.32
C ILE G 454 -6.01 -38.19 -40.88
N VAL G 455 -5.78 -37.48 -42.00
CA VAL G 455 -4.51 -37.53 -42.66
C VAL G 455 -3.48 -37.03 -41.70
N LEU G 456 -3.82 -35.95 -40.96
CA LEU G 456 -2.87 -35.31 -40.09
C LEU G 456 -2.47 -36.34 -39.08
N ASN G 457 -3.45 -37.12 -38.60
CA ASN G 457 -3.16 -38.12 -37.63
C ASN G 457 -2.18 -39.05 -38.24
N CYS G 458 -2.37 -39.36 -39.53
CA CYS G 458 -1.46 -40.22 -40.22
C CYS G 458 -0.14 -39.53 -40.22
N GLY G 459 -0.15 -38.20 -40.39
CA GLY G 459 1.07 -37.46 -40.44
C GLY G 459 1.37 -37.22 -41.88
N GLU G 460 0.57 -37.85 -42.77
CA GLU G 460 0.69 -37.56 -44.16
C GLU G 460 0.11 -36.19 -44.35
N GLU G 461 0.55 -35.48 -45.40
CA GLU G 461 0.05 -34.16 -45.59
C GLU G 461 -1.28 -34.28 -46.23
N PRO G 462 -2.27 -33.80 -45.54
CA PRO G 462 -3.64 -34.01 -45.91
C PRO G 462 -3.91 -33.35 -47.22
N SER G 463 -3.09 -32.35 -47.60
CA SER G 463 -3.37 -31.63 -48.80
C SER G 463 -3.29 -32.59 -49.93
N VAL G 464 -2.19 -33.36 -50.00
CA VAL G 464 -2.01 -34.25 -51.11
C VAL G 464 -3.12 -35.23 -51.09
N VAL G 465 -3.41 -35.80 -49.90
CA VAL G 465 -4.39 -36.84 -49.83
C VAL G 465 -5.69 -36.29 -50.30
N ALA G 466 -6.05 -35.09 -49.79
CA ALA G 466 -7.33 -34.54 -50.10
C ALA G 466 -7.39 -34.33 -51.58
N ASN G 467 -6.30 -33.79 -52.16
CA ASN G 467 -6.31 -33.48 -53.55
C ASN G 467 -6.51 -34.76 -54.30
N THR G 468 -5.77 -35.81 -53.90
CA THR G 468 -5.83 -37.05 -54.62
C THR G 468 -7.22 -37.57 -54.49
N VAL G 469 -7.78 -37.50 -53.27
CA VAL G 469 -9.07 -38.08 -53.03
C VAL G 469 -10.04 -37.39 -53.93
N LYS G 470 -9.96 -36.06 -54.01
CA LYS G 470 -10.90 -35.31 -54.80
C LYS G 470 -10.73 -35.76 -56.21
N GLY G 471 -9.46 -35.93 -56.65
CA GLY G 471 -9.21 -36.18 -58.03
C GLY G 471 -9.88 -37.45 -58.42
N GLY G 472 -9.81 -38.47 -57.56
CA GLY G 472 -10.33 -39.75 -57.96
C GLY G 472 -11.80 -39.60 -58.13
N ASP G 473 -12.32 -40.20 -59.22
CA ASP G 473 -13.74 -40.21 -59.44
C ASP G 473 -14.28 -41.39 -58.71
N GLY G 474 -15.62 -41.52 -58.68
CA GLY G 474 -16.21 -42.67 -58.05
C GLY G 474 -15.95 -42.56 -56.60
N ASN G 475 -15.84 -43.71 -55.90
CA ASN G 475 -15.53 -43.64 -54.50
C ASN G 475 -14.06 -43.72 -54.40
N TYR G 476 -13.43 -42.63 -53.91
CA TYR G 476 -12.02 -42.62 -53.73
C TYR G 476 -11.77 -42.18 -52.34
N GLY G 477 -10.77 -42.77 -51.67
CA GLY G 477 -10.56 -42.41 -50.30
C GLY G 477 -9.19 -42.84 -49.91
N TYR G 478 -8.80 -42.48 -48.68
CA TYR G 478 -7.50 -42.85 -48.17
C TYR G 478 -7.77 -43.71 -46.99
N ASN G 479 -7.08 -44.86 -46.89
CA ASN G 479 -7.26 -45.70 -45.75
C ASN G 479 -6.09 -45.44 -44.87
N ALA G 480 -6.35 -45.05 -43.60
CA ALA G 480 -5.27 -44.70 -42.74
C ALA G 480 -4.42 -45.91 -42.54
N ALA G 481 -5.07 -47.06 -42.24
CA ALA G 481 -4.32 -48.23 -41.88
C ALA G 481 -3.49 -48.64 -43.06
N THR G 482 -4.13 -48.69 -44.25
CA THR G 482 -3.42 -49.13 -45.41
C THR G 482 -2.35 -48.15 -45.69
N GLU G 483 -2.69 -46.86 -45.59
CA GLU G 483 -1.83 -45.83 -46.07
C GLU G 483 -1.61 -46.11 -47.51
N GLU G 484 -2.63 -46.71 -48.16
CA GLU G 484 -2.58 -46.96 -49.56
C GLU G 484 -3.87 -46.47 -50.14
N TYR G 485 -3.89 -46.17 -51.44
CA TYR G 485 -5.10 -45.70 -52.04
C TYR G 485 -5.82 -46.88 -52.57
N GLY G 486 -7.13 -46.97 -52.27
CA GLY G 486 -7.91 -48.07 -52.75
C GLY G 486 -9.34 -47.66 -52.66
N ASN G 487 -10.24 -48.48 -53.24
CA ASN G 487 -11.62 -48.14 -53.18
C ASN G 487 -12.06 -48.33 -51.77
N MET G 488 -12.90 -47.41 -51.27
CA MET G 488 -13.34 -47.51 -49.91
C MET G 488 -14.14 -48.76 -49.78
N ILE G 489 -14.99 -49.05 -50.77
CA ILE G 489 -15.84 -50.20 -50.69
C ILE G 489 -14.96 -51.40 -50.66
N ASP G 490 -13.94 -51.42 -51.54
CA ASP G 490 -13.07 -52.54 -51.62
C ASP G 490 -12.39 -52.68 -50.30
N MET G 491 -12.01 -51.53 -49.70
CA MET G 491 -11.36 -51.56 -48.43
C MET G 491 -12.32 -52.15 -47.46
N GLY G 492 -13.61 -51.79 -47.59
CA GLY G 492 -14.61 -52.38 -46.75
C GLY G 492 -14.76 -51.52 -45.54
N ILE G 493 -14.05 -50.38 -45.48
CA ILE G 493 -14.24 -49.52 -44.36
C ILE G 493 -15.19 -48.46 -44.80
N LEU G 494 -16.39 -48.43 -44.20
CA LEU G 494 -17.41 -47.54 -44.66
C LEU G 494 -18.00 -46.86 -43.46
N ASP G 495 -18.28 -45.55 -43.58
CA ASP G 495 -18.92 -44.83 -42.52
C ASP G 495 -20.37 -44.73 -42.85
N PRO G 496 -21.20 -44.86 -41.87
CA PRO G 496 -22.61 -45.01 -42.11
C PRO G 496 -23.11 -43.77 -42.77
N THR G 497 -24.07 -43.92 -43.69
CA THR G 497 -24.61 -42.79 -44.39
C THR G 497 -25.29 -41.93 -43.38
N LYS G 498 -26.12 -42.54 -42.51
CA LYS G 498 -26.94 -41.79 -41.63
C LYS G 498 -26.06 -41.00 -40.72
N VAL G 499 -25.02 -41.65 -40.18
CA VAL G 499 -24.21 -40.98 -39.21
C VAL G 499 -23.58 -39.80 -39.87
N THR G 500 -23.06 -39.98 -41.08
CA THR G 500 -22.38 -38.90 -41.73
C THR G 500 -23.35 -37.80 -41.95
N ARG G 501 -24.55 -38.15 -42.46
CA ARG G 501 -25.52 -37.15 -42.79
C ARG G 501 -25.89 -36.44 -41.54
N SER G 502 -26.14 -37.20 -40.46
CA SER G 502 -26.63 -36.62 -39.26
C SER G 502 -25.62 -35.63 -38.77
N ALA G 503 -24.35 -36.05 -38.72
CA ALA G 503 -23.34 -35.22 -38.13
C ALA G 503 -23.25 -33.96 -38.92
N LEU G 504 -23.28 -34.09 -40.26
CA LEU G 504 -23.05 -32.94 -41.09
C LEU G 504 -24.14 -31.96 -40.81
N GLN G 505 -25.40 -32.44 -40.76
CA GLN G 505 -26.49 -31.53 -40.67
C GLN G 505 -26.39 -30.78 -39.39
N TYR G 506 -26.09 -31.50 -38.29
CA TYR G 506 -26.05 -30.89 -37.00
C TYR G 506 -24.93 -29.89 -37.00
N ALA G 507 -23.77 -30.29 -37.55
CA ALA G 507 -22.63 -29.44 -37.48
C ALA G 507 -22.96 -28.18 -38.18
N ALA G 508 -23.63 -28.30 -39.35
CA ALA G 508 -23.93 -27.13 -40.12
C ALA G 508 -24.83 -26.26 -39.29
N SER G 509 -25.80 -26.88 -38.61
CA SER G 509 -26.76 -26.11 -37.87
C SER G 509 -26.01 -25.37 -36.81
N VAL G 510 -25.08 -26.06 -36.13
CA VAL G 510 -24.39 -25.43 -35.03
C VAL G 510 -23.66 -24.26 -35.57
N ALA G 511 -22.96 -24.47 -36.70
CA ALA G 511 -22.06 -23.47 -37.19
C ALA G 511 -22.88 -22.26 -37.50
N GLY G 512 -24.06 -22.47 -38.12
CA GLY G 512 -24.84 -21.35 -38.53
C GLY G 512 -25.21 -20.58 -37.31
N LEU G 513 -25.59 -21.29 -36.24
CA LEU G 513 -26.04 -20.61 -35.06
C LEU G 513 -24.90 -19.80 -34.53
N MET G 514 -23.69 -20.39 -34.50
CA MET G 514 -22.58 -19.70 -33.93
C MET G 514 -22.31 -18.49 -34.77
N ILE G 515 -22.43 -18.64 -36.10
CA ILE G 515 -22.09 -17.59 -36.99
C ILE G 515 -23.00 -16.44 -36.73
N THR G 516 -24.30 -16.74 -36.52
CA THR G 516 -25.29 -15.70 -36.51
C THR G 516 -24.97 -14.74 -35.43
N THR G 517 -24.61 -15.23 -34.22
CA THR G 517 -24.54 -14.32 -33.13
C THR G 517 -23.32 -13.49 -33.35
N GLU G 518 -23.52 -12.27 -33.88
CA GLU G 518 -22.37 -11.44 -34.03
C GLU G 518 -21.86 -11.17 -32.67
N CYS G 519 -22.71 -10.59 -31.80
CA CYS G 519 -22.20 -10.04 -30.58
C CYS G 519 -22.87 -10.76 -29.45
N MET G 520 -22.17 -10.84 -28.31
CA MET G 520 -22.70 -11.50 -27.15
C MET G 520 -22.71 -10.50 -26.06
N VAL G 521 -23.76 -10.53 -25.20
CA VAL G 521 -23.77 -9.65 -24.08
C VAL G 521 -23.88 -10.51 -22.85
N THR G 522 -23.14 -10.14 -21.80
CA THR G 522 -23.24 -10.84 -20.55
C THR G 522 -23.25 -9.81 -19.48
N ASP G 523 -23.64 -10.20 -18.26
CA ASP G 523 -23.53 -9.29 -17.17
C ASP G 523 -22.07 -9.17 -16.88
N LEU G 524 -21.64 -7.99 -16.39
CA LEU G 524 -20.26 -7.82 -16.08
C LEU G 524 -20.01 -8.55 -14.81
N PRO G 525 -19.04 -9.38 -14.74
N ALA H 2 18.17 2.55 -26.52
CA ALA H 2 17.97 1.76 -25.28
C ALA H 2 17.75 0.33 -25.61
N ALA H 3 16.81 -0.31 -24.89
CA ALA H 3 16.46 -1.68 -25.15
C ALA H 3 15.77 -1.67 -26.46
N LYS H 4 15.48 -2.87 -27.00
CA LYS H 4 14.76 -2.94 -28.24
C LYS H 4 13.50 -3.71 -28.00
N ASP H 5 12.39 -3.21 -28.56
CA ASP H 5 11.16 -3.94 -28.54
C ASP H 5 10.90 -4.35 -29.96
N VAL H 6 10.60 -5.64 -30.17
CA VAL H 6 10.37 -6.09 -31.52
C VAL H 6 8.93 -6.46 -31.62
N LYS H 7 8.28 -6.05 -32.72
CA LYS H 7 6.92 -6.44 -32.93
C LYS H 7 6.77 -6.83 -34.36
N PHE H 8 5.86 -7.79 -34.63
CA PHE H 8 5.50 -8.08 -35.98
C PHE H 8 4.01 -8.07 -36.02
N GLY H 9 3.42 -7.73 -37.18
CA GLY H 9 2.01 -7.98 -37.31
C GLY H 9 1.30 -6.68 -37.56
N ASN H 10 -0.03 -6.73 -37.37
CA ASN H 10 -0.94 -5.65 -37.65
C ASN H 10 -0.63 -4.52 -36.72
N ASP H 11 -0.19 -4.86 -35.50
CA ASP H 11 -0.11 -3.89 -34.44
C ASP H 11 0.77 -2.77 -34.90
N ALA H 12 1.87 -3.10 -35.59
CA ALA H 12 2.74 -2.04 -36.04
C ALA H 12 1.94 -1.19 -36.97
N ARG H 13 1.16 -1.83 -37.86
CA ARG H 13 0.45 -1.09 -38.87
C ARG H 13 -0.55 -0.19 -38.21
N VAL H 14 -1.24 -0.69 -37.17
CA VAL H 14 -2.36 0.03 -36.65
C VAL H 14 -1.88 1.35 -36.15
N LYS H 15 -0.71 1.37 -35.49
CA LYS H 15 -0.22 2.60 -34.92
C LYS H 15 -0.05 3.56 -36.05
N MET H 16 0.52 3.08 -37.17
CA MET H 16 0.80 3.96 -38.26
C MET H 16 -0.50 4.51 -38.75
N LEU H 17 -1.52 3.64 -38.85
CA LEU H 17 -2.75 4.07 -39.45
C LEU H 17 -3.31 5.17 -38.63
N ARG H 18 -3.33 5.00 -37.30
CA ARG H 18 -3.97 5.97 -36.46
C ARG H 18 -3.25 7.25 -36.64
N GLY H 19 -1.90 7.20 -36.67
CA GLY H 19 -1.14 8.40 -36.76
C GLY H 19 -1.48 9.06 -38.05
N VAL H 20 -1.60 8.27 -39.13
CA VAL H 20 -1.82 8.85 -40.42
C VAL H 20 -3.12 9.57 -40.37
N ASN H 21 -4.14 8.94 -39.77
CA ASN H 21 -5.47 9.48 -39.81
C ASN H 21 -5.43 10.82 -39.15
N VAL H 22 -4.76 10.91 -37.98
CA VAL H 22 -4.85 12.13 -37.22
C VAL H 22 -4.30 13.23 -38.07
N LEU H 23 -3.11 13.01 -38.66
CA LEU H 23 -2.50 14.04 -39.44
C LEU H 23 -3.40 14.32 -40.59
N ALA H 24 -3.90 13.25 -41.23
CA ALA H 24 -4.63 13.40 -42.45
C ALA H 24 -5.85 14.20 -42.17
N ASP H 25 -6.53 13.94 -41.04
CA ASP H 25 -7.82 14.53 -40.82
C ASP H 25 -7.67 16.01 -40.82
N ALA H 26 -6.67 16.53 -40.10
CA ALA H 26 -6.53 17.95 -40.01
C ALA H 26 -6.28 18.47 -41.38
N VAL H 27 -5.40 17.78 -42.13
CA VAL H 27 -4.98 18.25 -43.42
C VAL H 27 -6.17 18.25 -44.33
N LYS H 28 -7.00 17.20 -44.27
CA LYS H 28 -8.06 17.07 -45.24
C LYS H 28 -8.99 18.22 -45.08
N VAL H 29 -9.38 18.55 -43.83
CA VAL H 29 -10.34 19.59 -43.63
C VAL H 29 -9.75 20.85 -44.16
N THR H 30 -8.46 21.09 -43.85
CA THR H 30 -7.84 22.31 -44.23
C THR H 30 -7.81 22.36 -45.72
N LEU H 31 -7.60 21.21 -46.38
CA LEU H 31 -7.45 21.22 -47.79
C LEU H 31 -8.70 21.79 -48.38
N GLY H 32 -8.55 22.56 -49.46
CA GLY H 32 -9.65 23.25 -50.03
C GLY H 32 -9.81 24.51 -49.25
N PRO H 33 -10.61 25.38 -49.75
CA PRO H 33 -10.68 26.72 -49.25
C PRO H 33 -11.14 26.66 -47.83
N LYS H 34 -11.83 25.58 -47.47
CA LYS H 34 -12.59 25.50 -46.26
C LYS H 34 -11.71 25.51 -45.05
N GLY H 35 -10.58 24.77 -45.06
CA GLY H 35 -9.87 24.51 -43.85
C GLY H 35 -9.44 25.81 -43.26
N ARG H 36 -10.04 26.20 -42.13
CA ARG H 36 -9.79 27.49 -41.56
C ARG H 36 -8.39 27.60 -41.06
N ASN H 37 -7.94 26.66 -40.20
CA ASN H 37 -6.74 26.99 -39.48
C ASN H 37 -6.26 25.81 -38.69
N VAL H 38 -5.06 25.94 -38.11
CA VAL H 38 -4.56 25.03 -37.12
C VAL H 38 -3.71 25.85 -36.18
N VAL H 39 -3.50 25.36 -34.95
CA VAL H 39 -2.73 26.12 -34.00
C VAL H 39 -1.72 25.22 -33.37
N LEU H 40 -0.60 25.80 -32.87
CA LEU H 40 0.40 25.04 -32.19
C LEU H 40 0.71 25.70 -30.89
N ASP H 41 1.32 24.95 -29.96
CA ASP H 41 1.78 25.54 -28.72
C ASP H 41 3.17 26.04 -28.95
N LYS H 42 3.68 26.84 -27.98
CA LYS H 42 5.07 27.19 -27.96
C LYS H 42 5.54 27.03 -26.55
N SER H 43 6.83 26.65 -26.37
CA SER H 43 7.35 26.50 -25.04
C SER H 43 7.31 27.84 -24.39
N PHE H 44 7.86 28.86 -25.06
CA PHE H 44 7.92 30.18 -24.49
C PHE H 44 7.11 31.07 -25.37
N GLY H 45 6.51 32.11 -24.76
CA GLY H 45 5.80 33.08 -25.53
C GLY H 45 4.48 32.51 -25.87
N ALA H 46 3.68 33.25 -26.68
CA ALA H 46 2.40 32.77 -27.07
C ALA H 46 2.61 31.69 -28.07
N PRO H 47 1.68 30.78 -28.10
CA PRO H 47 1.77 29.62 -28.92
C PRO H 47 1.75 30.05 -30.35
N THR H 48 2.37 29.27 -31.26
CA THR H 48 2.39 29.67 -32.63
C THR H 48 1.09 29.25 -33.24
N ILE H 49 0.68 29.93 -34.31
CA ILE H 49 -0.50 29.50 -35.00
C ILE H 49 -0.07 29.20 -36.40
N THR H 50 -0.63 28.13 -36.98
CA THR H 50 -0.15 27.69 -38.25
C THR H 50 -1.28 27.79 -39.22
N LYS H 51 -0.95 27.76 -40.53
CA LYS H 51 -1.92 28.02 -41.53
C LYS H 51 -2.12 26.77 -42.33
N ASP H 52 -1.58 26.76 -43.55
CA ASP H 52 -1.99 25.84 -44.57
C ASP H 52 -1.73 24.45 -44.11
N GLY H 53 -2.31 23.47 -44.83
CA GLY H 53 -2.37 22.11 -44.38
C GLY H 53 -0.99 21.60 -44.20
N VAL H 54 -0.06 21.95 -45.11
CA VAL H 54 1.27 21.44 -44.99
C VAL H 54 1.77 21.90 -43.66
N SER H 55 1.54 23.19 -43.36
CA SER H 55 1.99 23.74 -42.12
C SER H 55 1.28 23.00 -41.03
N VAL H 56 -0.01 22.67 -41.27
CA VAL H 56 -0.78 22.01 -40.26
C VAL H 56 -0.12 20.72 -39.94
N ALA H 57 0.26 19.96 -40.98
CA ALA H 57 0.83 18.67 -40.79
C ALA H 57 2.10 18.85 -40.03
N ARG H 58 2.88 19.87 -40.42
CA ARG H 58 4.16 20.08 -39.81
C ARG H 58 3.93 20.31 -38.36
N GLU H 59 2.93 21.15 -38.04
CA GLU H 59 2.69 21.51 -36.67
C GLU H 59 2.32 20.27 -35.91
N ILE H 60 1.50 19.40 -36.53
CA ILE H 60 0.97 18.29 -35.80
C ILE H 60 2.06 17.31 -35.57
N GLU H 61 2.23 16.89 -34.30
CA GLU H 61 3.13 15.83 -33.97
C GLU H 61 2.36 14.84 -33.17
N LEU H 62 2.74 13.56 -33.23
CA LEU H 62 2.02 12.57 -32.49
C LEU H 62 2.84 12.18 -31.32
N GLU H 63 2.20 12.04 -30.15
CA GLU H 63 2.91 11.69 -28.96
C GLU H 63 3.46 10.32 -29.15
N ASP H 64 2.63 9.39 -29.68
CA ASP H 64 3.08 8.04 -29.79
C ASP H 64 4.19 8.02 -30.79
N LYS H 65 5.25 7.24 -30.49
CA LYS H 65 6.36 7.18 -31.39
C LYS H 65 5.88 6.57 -32.67
N PHE H 66 5.14 5.45 -32.55
CA PHE H 66 4.73 4.74 -33.72
C PHE H 66 3.85 5.64 -34.52
N GLU H 67 2.86 6.26 -33.86
CA GLU H 67 1.92 7.07 -34.58
C GLU H 67 2.69 8.21 -35.17
N ASN H 68 3.59 8.81 -34.39
CA ASN H 68 4.29 9.97 -34.84
C ASN H 68 5.08 9.58 -36.04
N MET H 69 5.75 8.42 -35.97
CA MET H 69 6.62 8.03 -37.04
C MET H 69 5.77 7.86 -38.26
N GLY H 70 4.59 7.23 -38.10
CA GLY H 70 3.76 6.98 -39.24
C GLY H 70 3.37 8.30 -39.82
N ALA H 71 3.04 9.27 -38.94
CA ALA H 71 2.62 10.55 -39.40
C ALA H 71 3.75 11.16 -40.16
N GLN H 72 4.97 10.99 -39.63
CA GLN H 72 6.12 11.65 -40.19
C GLN H 72 6.29 11.15 -41.58
N MET H 73 6.08 9.84 -41.80
CA MET H 73 6.38 9.27 -43.08
C MET H 73 5.54 9.95 -44.09
N VAL H 74 4.25 10.14 -43.77
CA VAL H 74 3.35 10.73 -44.72
C VAL H 74 3.84 12.11 -45.01
N LYS H 75 4.21 12.85 -43.95
CA LYS H 75 4.53 14.23 -44.10
C LYS H 75 5.70 14.34 -45.03
N GLU H 76 6.72 13.48 -44.83
CA GLU H 76 7.93 13.64 -45.58
C GLU H 76 7.61 13.48 -47.02
N VAL H 77 6.82 12.45 -47.36
CA VAL H 77 6.52 12.22 -48.73
C VAL H 77 5.76 13.40 -49.23
N ALA H 78 4.81 13.87 -48.39
CA ALA H 78 3.93 14.91 -48.83
C ALA H 78 4.76 16.10 -49.16
N SER H 79 5.76 16.40 -48.32
CA SER H 79 6.55 17.58 -48.53
C SER H 79 7.22 17.46 -49.85
N LYS H 80 7.75 16.25 -50.15
CA LYS H 80 8.51 16.09 -51.35
C LYS H 80 7.62 16.40 -52.49
N ALA H 81 6.39 15.86 -52.46
CA ALA H 81 5.46 16.12 -53.52
C ALA H 81 5.19 17.58 -53.52
N ASN H 82 5.08 18.18 -52.31
CA ASN H 82 4.72 19.56 -52.19
C ASN H 82 5.76 20.35 -52.91
N ASP H 83 7.04 20.02 -52.71
CA ASP H 83 8.04 20.85 -53.29
C ASP H 83 7.89 20.82 -54.78
N ALA H 84 7.86 19.60 -55.36
CA ALA H 84 7.90 19.51 -56.78
C ALA H 84 6.67 20.12 -57.37
N ALA H 85 5.49 19.72 -56.85
CA ALA H 85 4.26 20.19 -57.42
C ALA H 85 4.18 21.65 -57.20
N GLY H 86 4.51 22.06 -55.96
CA GLY H 86 4.35 23.41 -55.52
C GLY H 86 3.02 23.47 -54.84
N ASP H 87 2.13 22.52 -55.17
CA ASP H 87 0.85 22.46 -54.56
C ASP H 87 0.52 21.02 -54.37
N GLY H 88 -0.67 20.74 -53.79
CA GLY H 88 -1.19 19.41 -53.74
C GLY H 88 -0.55 18.67 -52.61
N THR H 89 0.03 19.41 -51.65
CA THR H 89 0.64 18.74 -50.55
C THR H 89 -0.45 17.97 -49.86
N THR H 90 -1.58 18.65 -49.61
CA THR H 90 -2.65 18.05 -48.87
C THR H 90 -3.17 16.90 -49.66
N THR H 91 -3.29 17.10 -50.98
CA THR H 91 -3.95 16.12 -51.80
C THR H 91 -3.22 14.84 -51.65
N ALA H 92 -1.87 14.90 -51.69
CA ALA H 92 -1.10 13.70 -51.60
C ALA H 92 -1.41 13.07 -50.27
N THR H 93 -1.47 13.88 -49.21
CA THR H 93 -1.69 13.35 -47.90
C THR H 93 -3.02 12.68 -47.91
N VAL H 94 -4.04 13.35 -48.47
CA VAL H 94 -5.37 12.82 -48.43
C VAL H 94 -5.36 11.51 -49.15
N LEU H 95 -4.72 11.48 -50.33
CA LEU H 95 -4.74 10.30 -51.13
C LEU H 95 -4.10 9.20 -50.35
N ALA H 96 -2.96 9.52 -49.70
CA ALA H 96 -2.19 8.50 -49.06
C ALA H 96 -3.05 7.87 -48.00
N GLN H 97 -3.78 8.71 -47.24
CA GLN H 97 -4.49 8.19 -46.10
C GLN H 97 -5.49 7.20 -46.61
N ALA H 98 -6.21 7.56 -47.69
CA ALA H 98 -7.25 6.70 -48.15
C ALA H 98 -6.63 5.40 -48.55
N ILE H 99 -5.50 5.48 -49.28
CA ILE H 99 -4.89 4.28 -49.80
C ILE H 99 -4.46 3.44 -48.64
N ILE H 100 -3.84 4.08 -47.63
CA ILE H 100 -3.24 3.34 -46.57
C ILE H 100 -4.31 2.59 -45.86
N THR H 101 -5.43 3.26 -45.57
CA THR H 101 -6.44 2.65 -44.76
C THR H 101 -6.90 1.41 -45.47
N GLU H 102 -7.17 1.54 -46.78
CA GLU H 102 -7.69 0.43 -47.51
C GLU H 102 -6.66 -0.64 -47.51
N GLY H 103 -5.38 -0.27 -47.71
CA GLY H 103 -4.34 -1.24 -47.80
C GLY H 103 -4.30 -1.98 -46.50
N LEU H 104 -4.44 -1.24 -45.39
CA LEU H 104 -4.34 -1.84 -44.09
C LEU H 104 -5.46 -2.82 -43.96
N LYS H 105 -6.67 -2.44 -44.43
CA LYS H 105 -7.79 -3.31 -44.30
C LYS H 105 -7.45 -4.57 -45.02
N ALA H 106 -6.84 -4.42 -46.21
CA ALA H 106 -6.47 -5.55 -47.01
C ALA H 106 -5.50 -6.35 -46.22
N VAL H 107 -4.59 -5.67 -45.49
CA VAL H 107 -3.64 -6.37 -44.69
C VAL H 107 -4.42 -7.17 -43.71
N ALA H 108 -5.51 -6.57 -43.17
CA ALA H 108 -6.37 -7.26 -42.27
C ALA H 108 -6.90 -8.44 -43.02
N ALA H 109 -7.20 -8.24 -44.32
CA ALA H 109 -7.71 -9.29 -45.13
C ALA H 109 -6.68 -10.37 -45.13
N GLY H 110 -5.40 -9.98 -45.18
CA GLY H 110 -4.35 -10.96 -45.16
C GLY H 110 -3.97 -11.25 -46.57
N MET H 111 -4.52 -10.48 -47.52
CA MET H 111 -4.08 -10.62 -48.86
C MET H 111 -2.67 -10.13 -48.88
N ASN H 112 -1.84 -10.63 -49.81
CA ASN H 112 -0.46 -10.26 -49.78
C ASN H 112 -0.37 -8.88 -50.35
N PRO H 113 0.15 -8.00 -49.54
CA PRO H 113 0.15 -6.61 -49.82
C PRO H 113 0.98 -6.32 -51.03
N MET H 114 1.90 -7.23 -51.37
CA MET H 114 2.82 -6.96 -52.43
C MET H 114 2.03 -6.78 -53.68
N ASP H 115 1.04 -7.67 -53.88
CA ASP H 115 0.26 -7.61 -55.09
C ASP H 115 -0.46 -6.30 -55.07
N LEU H 116 -0.98 -5.92 -53.89
CA LEU H 116 -1.78 -4.74 -53.80
C LEU H 116 -0.92 -3.58 -54.18
N LYS H 117 0.32 -3.54 -53.65
CA LYS H 117 1.17 -2.43 -53.90
C LYS H 117 1.39 -2.37 -55.37
N ARG H 118 1.64 -3.54 -55.99
CA ARG H 118 1.91 -3.58 -57.39
C ARG H 118 0.70 -3.07 -58.09
N GLY H 119 -0.48 -3.52 -57.66
CA GLY H 119 -1.69 -3.13 -58.32
C GLY H 119 -1.83 -1.65 -58.20
N ILE H 120 -1.52 -1.10 -57.01
CA ILE H 120 -1.69 0.30 -56.79
C ILE H 120 -0.78 1.01 -57.74
N ASP H 121 0.48 0.54 -57.84
CA ASP H 121 1.43 1.20 -58.67
C ASP H 121 0.91 1.16 -60.07
N LYS H 122 0.39 -0.02 -60.48
CA LYS H 122 -0.06 -0.16 -61.83
C LYS H 122 -1.16 0.82 -62.05
N ALA H 123 -2.08 0.93 -61.08
CA ALA H 123 -3.20 1.79 -61.23
C ALA H 123 -2.68 3.19 -61.37
N VAL H 124 -1.67 3.54 -60.56
CA VAL H 124 -1.18 4.88 -60.56
C VAL H 124 -0.67 5.19 -61.92
N THR H 125 0.08 4.25 -62.51
CA THR H 125 0.69 4.52 -63.78
C THR H 125 -0.41 4.79 -64.76
N ALA H 126 -1.46 3.95 -64.73
CA ALA H 126 -2.51 4.08 -65.69
C ALA H 126 -3.12 5.43 -65.50
N ALA H 127 -3.35 5.81 -64.23
CA ALA H 127 -4.02 7.05 -63.95
C ALA H 127 -3.19 8.15 -64.50
N VAL H 128 -1.86 8.06 -64.32
CA VAL H 128 -0.99 9.13 -64.72
C VAL H 128 -1.17 9.33 -66.18
N GLU H 129 -1.18 8.23 -66.95
CA GLU H 129 -1.24 8.35 -68.37
C GLU H 129 -2.52 9.04 -68.72
N GLU H 130 -3.62 8.66 -68.05
CA GLU H 130 -4.89 9.22 -68.38
C GLU H 130 -4.82 10.69 -68.10
N LEU H 131 -4.20 11.05 -66.97
CA LEU H 131 -4.19 12.42 -66.56
C LEU H 131 -3.49 13.21 -67.61
N LYS H 132 -2.36 12.69 -68.11
CA LYS H 132 -1.54 13.45 -69.01
C LYS H 132 -2.37 13.77 -70.21
N ALA H 133 -3.09 12.77 -70.73
CA ALA H 133 -3.90 12.99 -71.89
C ALA H 133 -4.93 14.01 -71.54
N LEU H 134 -5.50 13.87 -70.32
CA LEU H 134 -6.59 14.69 -69.91
C LEU H 134 -6.12 16.11 -69.88
N SER H 135 -4.87 16.31 -69.43
CA SER H 135 -4.41 17.64 -69.16
C SER H 135 -4.53 18.46 -70.40
N VAL H 136 -4.73 19.77 -70.21
CA VAL H 136 -4.83 20.70 -71.30
C VAL H 136 -3.98 21.87 -70.95
N PRO H 137 -3.72 22.69 -71.92
CA PRO H 137 -2.73 23.72 -71.79
C PRO H 137 -3.17 24.68 -70.73
N CYS H 138 -2.22 25.38 -70.09
CA CYS H 138 -2.57 26.28 -69.04
C CYS H 138 -3.25 27.46 -69.64
N SER H 139 -4.17 28.06 -68.88
CA SER H 139 -4.89 29.21 -69.36
C SER H 139 -4.08 30.42 -69.03
N ASP H 140 -4.66 31.61 -69.26
CA ASP H 140 -3.93 32.84 -69.17
C ASP H 140 -3.79 33.22 -67.73
N SER H 141 -3.28 34.45 -67.51
CA SER H 141 -2.86 34.89 -66.21
C SER H 141 -4.03 34.84 -65.28
N LYS H 142 -5.24 35.12 -65.80
CA LYS H 142 -6.39 35.12 -64.94
C LYS H 142 -6.48 33.73 -64.40
N ALA H 143 -6.28 32.74 -65.28
CA ALA H 143 -6.27 31.37 -64.85
C ALA H 143 -5.13 31.22 -63.90
N ILE H 144 -4.00 31.88 -64.20
CA ILE H 144 -2.80 31.68 -63.43
C ILE H 144 -3.13 32.07 -62.03
N ALA H 145 -3.84 33.19 -61.86
CA ALA H 145 -4.16 33.64 -60.54
C ALA H 145 -4.96 32.55 -59.89
N GLN H 146 -5.88 31.94 -60.65
CA GLN H 146 -6.71 30.91 -60.11
C GLN H 146 -5.82 29.77 -59.70
N VAL H 147 -4.82 29.46 -60.53
CA VAL H 147 -3.92 28.40 -60.19
C VAL H 147 -3.27 28.79 -58.92
N GLY H 148 -2.88 30.07 -58.82
CA GLY H 148 -2.19 30.55 -57.65
C GLY H 148 -3.09 30.38 -56.47
N THR H 149 -4.39 30.66 -56.66
CA THR H 149 -5.30 30.62 -55.55
C THR H 149 -5.36 29.23 -55.05
N ILE H 150 -5.32 28.24 -55.96
CA ILE H 150 -5.46 26.89 -55.51
C ILE H 150 -4.34 26.59 -54.56
N SER H 151 -3.11 26.98 -54.95
CA SER H 151 -1.98 26.78 -54.08
C SER H 151 -2.22 27.65 -52.88
N ALA H 152 -2.91 28.77 -53.10
CA ALA H 152 -3.18 29.75 -52.10
C ALA H 152 -4.00 29.10 -51.04
N ASN H 153 -4.88 28.15 -51.44
CA ASN H 153 -5.90 27.73 -50.54
C ASN H 153 -6.67 28.95 -50.15
N SER H 154 -7.24 29.62 -51.17
CA SER H 154 -8.01 30.80 -51.00
C SER H 154 -7.16 31.87 -50.41
N ASP H 155 -5.86 31.88 -50.75
CA ASP H 155 -5.10 33.05 -50.44
C ASP H 155 -5.14 33.90 -51.67
N GLU H 156 -6.02 34.91 -51.68
CA GLU H 156 -6.21 35.70 -52.86
C GLU H 156 -4.93 36.42 -53.13
N THR H 157 -4.29 36.93 -52.06
CA THR H 157 -3.15 37.78 -52.23
C THR H 157 -2.09 37.00 -52.92
N VAL H 158 -1.85 35.75 -52.49
CA VAL H 158 -0.76 35.00 -53.00
C VAL H 158 -0.96 34.86 -54.47
N GLY H 159 -2.18 34.49 -54.89
CA GLY H 159 -2.41 34.25 -56.29
C GLY H 159 -2.15 35.52 -57.02
N LYS H 160 -2.63 36.65 -56.46
CA LYS H 160 -2.49 37.91 -57.13
C LYS H 160 -1.04 38.18 -57.25
N LEU H 161 -0.28 37.96 -56.15
CA LEU H 161 1.11 38.29 -56.14
C LEU H 161 1.78 37.46 -57.19
N ILE H 162 1.44 36.17 -57.24
CA ILE H 162 2.11 35.29 -58.15
C ILE H 162 1.82 35.78 -59.53
N ALA H 163 0.55 36.09 -59.82
CA ALA H 163 0.21 36.50 -61.15
C ALA H 163 0.94 37.77 -61.45
N GLU H 164 0.94 38.71 -60.49
CA GLU H 164 1.50 40.00 -60.75
C GLU H 164 2.96 39.81 -61.01
N ALA H 165 3.63 39.03 -60.15
CA ALA H 165 5.04 38.84 -60.30
C ALA H 165 5.26 38.17 -61.60
N MET H 166 4.41 37.18 -61.92
CA MET H 166 4.60 36.38 -63.08
C MET H 166 4.48 37.27 -64.27
N ASP H 167 3.51 38.20 -64.27
CA ASP H 167 3.32 38.98 -65.45
C ASP H 167 4.56 39.77 -65.70
N LYS H 168 5.06 40.48 -64.67
CA LYS H 168 6.14 41.39 -64.88
C LYS H 168 7.36 40.63 -65.31
N VAL H 169 7.69 39.57 -64.56
CA VAL H 169 8.89 38.82 -64.82
C VAL H 169 8.74 38.17 -66.14
N GLY H 170 7.52 37.65 -66.41
CA GLY H 170 7.29 36.78 -67.50
C GLY H 170 7.22 35.41 -66.91
N LYS H 171 6.41 34.53 -67.52
CA LYS H 171 6.23 33.22 -66.96
C LYS H 171 7.55 32.55 -66.96
N GLU H 172 8.28 32.68 -68.07
CA GLU H 172 9.54 32.01 -68.21
C GLU H 172 10.46 32.56 -67.18
N GLY H 173 10.41 33.89 -66.97
CA GLY H 173 11.37 34.50 -66.10
C GLY H 173 11.18 33.92 -64.74
N VAL H 174 12.28 33.75 -63.99
CA VAL H 174 12.21 33.17 -62.69
C VAL H 174 11.76 34.22 -61.74
N ILE H 175 11.01 33.81 -60.71
CA ILE H 175 10.59 34.74 -59.70
C ILE H 175 11.15 34.24 -58.41
N THR H 176 11.64 35.16 -57.58
CA THR H 176 12.20 34.76 -56.32
C THR H 176 11.37 35.39 -55.25
N VAL H 177 11.28 34.73 -54.09
CA VAL H 177 10.50 35.27 -53.03
C VAL H 177 11.43 35.63 -51.92
N GLU H 178 11.18 36.79 -51.28
CA GLU H 178 11.96 37.20 -50.15
C GLU H 178 10.98 37.60 -49.10
N ASP H 179 11.43 37.70 -47.85
CA ASP H 179 10.53 38.13 -46.81
C ASP H 179 10.21 39.55 -47.09
N GLY H 180 8.98 39.97 -46.73
CA GLY H 180 8.57 41.30 -47.05
C GLY H 180 9.32 42.24 -46.16
N THR H 181 9.62 43.43 -46.68
CA THR H 181 10.24 44.44 -45.88
C THR H 181 9.25 44.83 -44.83
N GLY H 182 7.97 44.98 -45.24
CA GLY H 182 6.98 45.47 -44.35
C GLY H 182 5.73 44.71 -44.64
N LEU H 183 4.62 45.13 -43.99
CA LEU H 183 3.38 44.42 -44.11
C LEU H 183 2.96 44.43 -45.54
N GLN H 184 3.11 45.60 -46.20
CA GLN H 184 2.73 45.65 -47.58
C GLN H 184 3.73 44.86 -48.35
N ASP H 185 3.26 44.09 -49.36
CA ASP H 185 4.17 43.36 -50.17
C ASP H 185 4.85 44.34 -51.06
N GLU H 186 6.09 44.02 -51.47
CA GLU H 186 6.74 44.84 -52.45
C GLU H 186 7.17 43.94 -53.55
N LEU H 187 6.91 44.35 -54.80
CA LEU H 187 7.44 43.60 -55.90
C LEU H 187 8.45 44.47 -56.56
N ASP H 188 9.72 44.03 -56.55
CA ASP H 188 10.73 44.80 -57.22
C ASP H 188 11.41 43.90 -58.19
N VAL H 189 11.56 44.37 -59.44
CA VAL H 189 12.37 43.62 -60.36
C VAL H 189 13.78 43.88 -59.97
N VAL H 190 14.63 42.84 -60.02
CA VAL H 190 15.99 43.05 -59.61
C VAL H 190 16.87 42.80 -60.77
N GLU H 191 17.87 43.68 -60.97
CA GLU H 191 18.81 43.47 -62.05
C GLU H 191 19.78 42.45 -61.59
N GLY H 192 20.30 41.62 -62.52
CA GLY H 192 21.31 40.69 -62.15
C GLY H 192 21.27 39.56 -63.12
N MET H 193 22.24 38.64 -63.01
CA MET H 193 22.27 37.49 -63.87
C MET H 193 22.33 36.29 -62.99
N GLN H 194 21.74 35.17 -63.47
CA GLN H 194 21.82 33.95 -62.73
C GLN H 194 22.56 32.97 -63.59
N PHE H 195 23.49 32.21 -62.98
CA PHE H 195 24.21 31.20 -63.69
C PHE H 195 24.14 29.95 -62.89
N ASP H 196 23.97 28.80 -63.55
CA ASP H 196 23.77 27.61 -62.79
C ASP H 196 25.11 27.12 -62.35
N ARG H 197 25.44 27.33 -61.06
CA ARG H 197 26.67 26.81 -60.53
C ARG H 197 26.38 26.24 -59.19
N GLY H 198 27.14 25.21 -58.78
CA GLY H 198 26.88 24.58 -57.53
C GLY H 198 27.60 25.32 -56.46
N TYR H 199 27.30 24.98 -55.19
CA TYR H 199 28.11 25.43 -54.10
C TYR H 199 29.12 24.38 -53.87
N LEU H 200 30.39 24.79 -53.66
CA LEU H 200 31.44 23.83 -53.66
C LEU H 200 31.19 22.86 -52.55
N SER H 201 30.85 23.37 -51.35
CA SER H 201 30.66 22.47 -50.26
C SER H 201 29.40 22.86 -49.56
N PRO H 202 28.75 21.88 -49.00
CA PRO H 202 27.57 22.06 -48.21
C PRO H 202 27.93 22.86 -47.01
N TYR H 203 29.24 22.92 -46.68
CA TYR H 203 29.70 23.67 -45.55
C TYR H 203 29.38 25.10 -45.83
N PHE H 204 29.57 25.50 -47.09
CA PHE H 204 29.33 26.84 -47.52
C PHE H 204 27.89 27.12 -47.28
N ILE H 205 27.04 26.09 -47.50
CA ILE H 205 25.60 26.19 -47.41
C ILE H 205 25.23 26.95 -46.19
N ASN H 206 24.28 27.89 -46.36
CA ASN H 206 23.97 28.86 -45.35
C ASN H 206 23.08 28.23 -44.33
N LYS H 207 22.72 29.03 -43.31
CA LYS H 207 21.93 28.59 -42.20
C LYS H 207 20.62 28.04 -42.67
N PRO H 208 19.87 28.66 -43.55
CA PRO H 208 18.49 28.29 -43.69
C PRO H 208 18.31 26.88 -44.14
N GLU H 209 17.12 26.31 -43.88
CA GLU H 209 16.85 24.92 -44.06
C GLU H 209 17.03 24.59 -45.50
N THR H 210 16.65 25.52 -46.38
CA THR H 210 16.71 25.26 -47.79
C THR H 210 18.14 24.95 -48.10
N GLY H 211 19.06 25.70 -47.50
CA GLY H 211 20.45 25.40 -47.68
C GLY H 211 20.96 26.27 -48.78
N ALA H 212 20.04 27.02 -49.43
CA ALA H 212 20.52 28.00 -50.34
C ALA H 212 21.20 29.02 -49.49
N VAL H 213 22.30 29.61 -49.98
CA VAL H 213 23.01 30.54 -49.16
C VAL H 213 22.70 31.90 -49.68
N GLU H 214 22.33 32.82 -48.76
CA GLU H 214 22.09 34.16 -49.18
C GLU H 214 23.10 35.01 -48.48
N LEU H 215 23.74 35.92 -49.22
CA LEU H 215 24.69 36.79 -48.61
C LEU H 215 24.12 38.16 -48.65
N GLU H 216 24.35 38.95 -47.59
CA GLU H 216 23.86 40.29 -47.60
C GLU H 216 24.98 41.15 -48.07
N SER H 217 24.69 41.99 -49.09
CA SER H 217 25.69 42.82 -49.71
C SER H 217 26.91 42.00 -50.02
N PRO H 218 26.83 40.93 -50.78
CA PRO H 218 27.98 40.10 -51.00
C PRO H 218 28.99 40.87 -51.78
N PHE H 219 30.28 40.51 -51.64
CA PHE H 219 31.30 41.07 -52.49
C PHE H 219 31.62 40.01 -53.48
N ILE H 220 31.85 40.37 -54.74
CA ILE H 220 32.11 39.34 -55.69
C ILE H 220 33.51 39.48 -56.17
N LEU H 221 34.30 38.41 -56.02
CA LEU H 221 35.59 38.38 -56.63
C LEU H 221 35.51 37.40 -57.74
N LEU H 222 35.88 37.84 -58.96
CA LEU H 222 35.84 36.93 -60.05
C LEU H 222 37.25 36.67 -60.46
N ALA H 223 37.61 35.38 -60.61
CA ALA H 223 38.88 35.07 -61.18
C ALA H 223 38.61 34.25 -62.39
N ASP H 224 39.26 34.61 -63.52
CA ASP H 224 39.13 33.80 -64.69
C ASP H 224 39.75 32.48 -64.36
N LYS H 225 40.90 32.52 -63.67
CA LYS H 225 41.58 31.32 -63.31
C LYS H 225 40.84 30.70 -62.18
N LYS H 226 40.98 29.38 -62.05
CA LYS H 226 40.37 28.67 -60.96
C LYS H 226 41.10 29.07 -59.73
N ILE H 227 40.42 29.07 -58.57
CA ILE H 227 41.12 29.45 -57.38
C ILE H 227 41.63 28.18 -56.78
N SER H 228 42.89 27.84 -57.09
CA SER H 228 43.46 26.60 -56.67
C SER H 228 43.57 26.60 -55.18
N ASN H 229 44.24 27.62 -54.62
CA ASN H 229 44.65 27.50 -53.25
C ASN H 229 44.30 28.76 -52.53
N ILE H 230 44.41 28.70 -51.19
CA ILE H 230 44.09 29.79 -50.32
C ILE H 230 45.02 30.92 -50.62
N ARG H 231 46.32 30.62 -50.85
CA ARG H 231 47.34 31.63 -50.81
C ARG H 231 47.02 32.69 -51.80
N GLU H 232 46.64 32.30 -53.02
CA GLU H 232 46.34 33.28 -54.03
C GLU H 232 45.16 34.06 -53.53
N MET H 233 44.21 33.37 -52.89
CA MET H 233 43.00 33.96 -52.43
C MET H 233 43.34 34.97 -51.37
N LEU H 234 44.38 34.69 -50.57
CA LEU H 234 44.54 35.32 -49.29
C LEU H 234 44.60 36.80 -49.46
N PRO H 235 45.36 37.34 -50.39
CA PRO H 235 45.48 38.76 -50.46
C PRO H 235 44.14 39.38 -50.74
N VAL H 236 43.26 38.64 -51.44
CA VAL H 236 41.92 39.12 -51.66
C VAL H 236 41.26 39.17 -50.32
N LEU H 237 41.49 38.11 -49.52
CA LEU H 237 40.86 37.94 -48.25
C LEU H 237 41.28 39.06 -47.35
N GLU H 238 42.55 39.47 -47.43
CA GLU H 238 43.02 40.47 -46.52
C GLU H 238 42.21 41.70 -46.73
N ALA H 239 41.96 42.05 -48.00
CA ALA H 239 41.13 43.18 -48.29
C ALA H 239 39.79 42.88 -47.72
N VAL H 240 39.39 41.61 -47.81
CA VAL H 240 38.12 41.16 -47.34
C VAL H 240 38.05 41.44 -45.87
N ALA H 241 39.18 41.34 -45.15
CA ALA H 241 39.13 41.55 -43.73
C ALA H 241 38.63 42.93 -43.49
N LYS H 242 39.12 43.90 -44.29
CA LYS H 242 38.66 45.25 -44.19
C LYS H 242 37.20 45.23 -44.53
N ALA H 243 36.85 44.34 -45.48
CA ALA H 243 35.50 44.06 -45.86
C ALA H 243 34.88 43.37 -44.68
N GLY H 244 33.97 42.40 -44.96
CA GLY H 244 33.19 41.86 -43.90
C GLY H 244 31.78 41.92 -44.32
N LYS H 245 31.48 42.75 -45.34
CA LYS H 245 30.31 42.45 -46.09
C LYS H 245 30.63 41.15 -46.75
N PRO H 246 29.67 40.27 -46.80
CA PRO H 246 29.99 38.89 -47.00
C PRO H 246 30.65 38.70 -48.31
N LEU H 247 31.60 37.76 -48.41
CA LEU H 247 32.38 37.65 -49.61
C LEU H 247 31.91 36.46 -50.37
N LEU H 248 31.68 36.65 -51.67
CA LEU H 248 31.40 35.56 -52.56
C LEU H 248 32.59 35.48 -53.46
N ILE H 249 33.02 34.25 -53.79
CA ILE H 249 34.18 34.11 -54.61
C ILE H 249 33.77 33.37 -55.83
N ILE H 250 34.22 33.85 -57.01
CA ILE H 250 33.95 33.12 -58.21
C ILE H 250 35.28 32.67 -58.73
N ALA H 251 35.43 31.35 -58.90
CA ALA H 251 36.67 30.83 -59.42
C ALA H 251 36.30 29.84 -60.46
N GLU H 252 37.20 29.62 -61.43
CA GLU H 252 36.88 28.67 -62.46
C GLU H 252 36.69 27.36 -61.77
N ASP H 253 37.65 26.99 -60.92
CA ASP H 253 37.49 25.78 -60.16
C ASP H 253 38.15 26.00 -58.83
N VAL H 254 37.45 25.66 -57.74
CA VAL H 254 38.18 25.63 -56.51
C VAL H 254 38.30 24.20 -56.13
N GLU H 255 39.54 23.71 -55.96
CA GLU H 255 39.67 22.36 -55.50
C GLU H 255 39.20 22.39 -54.08
N GLY H 256 38.30 21.45 -53.73
CA GLY H 256 37.68 21.57 -52.45
C GLY H 256 38.72 21.42 -51.41
N GLU H 257 39.55 20.37 -51.51
CA GLU H 257 40.33 20.01 -50.37
C GLU H 257 41.28 21.12 -50.04
N ALA H 258 42.06 21.58 -51.04
CA ALA H 258 43.12 22.47 -50.69
C ALA H 258 42.53 23.73 -50.15
N LEU H 259 41.60 24.34 -50.92
CA LEU H 259 41.09 25.62 -50.51
C LEU H 259 40.28 25.46 -49.27
N ALA H 260 39.33 24.50 -49.30
CA ALA H 260 38.35 24.43 -48.26
C ALA H 260 39.05 24.10 -46.98
N THR H 261 40.00 23.16 -47.03
CA THR H 261 40.57 22.70 -45.80
C THR H 261 41.24 23.87 -45.16
N LEU H 262 42.08 24.58 -45.92
CA LEU H 262 42.78 25.68 -45.32
C LEU H 262 41.79 26.71 -44.91
N VAL H 263 40.84 27.03 -45.82
CA VAL H 263 40.00 28.15 -45.57
C VAL H 263 39.18 27.89 -44.36
N VAL H 264 38.50 26.73 -44.32
CA VAL H 264 37.56 26.52 -43.27
C VAL H 264 38.30 26.50 -41.97
N ASN H 265 39.30 25.62 -41.86
CA ASN H 265 39.96 25.44 -40.59
C ASN H 265 40.70 26.69 -40.26
N THR H 266 41.57 27.13 -41.18
CA THR H 266 42.46 28.21 -40.87
C THR H 266 41.65 29.45 -40.68
N MET H 267 40.71 29.70 -41.59
CA MET H 267 40.04 30.96 -41.61
C MET H 267 38.84 30.85 -40.72
N ARG H 268 38.66 31.87 -39.87
CA ARG H 268 37.51 31.89 -39.00
C ARG H 268 36.32 31.95 -39.89
N GLY H 269 36.40 32.76 -40.95
CA GLY H 269 35.29 32.85 -41.85
C GLY H 269 34.22 33.61 -41.17
N ILE H 270 34.62 34.58 -40.33
CA ILE H 270 33.64 35.34 -39.61
C ILE H 270 32.78 36.00 -40.63
N VAL H 271 33.42 36.62 -41.65
CA VAL H 271 32.66 37.13 -42.74
C VAL H 271 32.27 35.94 -43.55
N LYS H 272 31.04 35.96 -44.11
CA LYS H 272 30.59 34.81 -44.84
C LYS H 272 31.40 34.74 -46.09
N VAL H 273 31.79 33.52 -46.49
CA VAL H 273 32.47 33.37 -47.73
C VAL H 273 31.76 32.31 -48.50
N ALA H 274 31.71 32.47 -49.84
CA ALA H 274 31.12 31.45 -50.66
C ALA H 274 32.02 31.28 -51.83
N ALA H 275 31.99 30.10 -52.47
CA ALA H 275 32.75 29.94 -53.66
C ALA H 275 31.85 29.34 -54.69
N VAL H 276 32.00 29.75 -55.95
CA VAL H 276 31.24 29.15 -57.00
C VAL H 276 32.16 28.99 -58.16
N LYS H 277 31.90 27.98 -59.01
CA LYS H 277 32.68 27.82 -60.19
C LYS H 277 32.20 28.83 -61.17
N ALA H 278 33.12 29.37 -61.99
CA ALA H 278 32.73 30.36 -62.95
C ALA H 278 31.92 29.66 -63.99
N PRO H 279 30.90 30.33 -64.44
CA PRO H 279 29.95 29.74 -65.32
C PRO H 279 30.61 29.48 -66.63
N GLY H 280 30.18 28.41 -67.34
CA GLY H 280 30.65 28.19 -68.67
C GLY H 280 32.04 27.67 -68.58
N PHE H 281 32.63 27.36 -69.75
CA PHE H 281 34.01 26.97 -69.78
C PHE H 281 34.61 27.56 -71.01
N GLY H 282 35.95 27.66 -71.04
CA GLY H 282 36.61 28.12 -72.22
C GLY H 282 36.37 29.58 -72.35
N ASP H 283 36.39 30.08 -73.60
CA ASP H 283 36.25 31.48 -73.86
C ASP H 283 34.91 31.89 -73.37
N ARG H 284 33.90 31.03 -73.58
CA ARG H 284 32.55 31.37 -73.21
C ARG H 284 32.56 31.61 -71.74
N ARG H 285 33.29 30.77 -70.99
CA ARG H 285 33.31 30.93 -69.56
C ARG H 285 33.86 32.29 -69.28
N LYS H 286 34.95 32.66 -69.98
CA LYS H 286 35.55 33.93 -69.73
C LYS H 286 34.54 34.98 -70.04
N ALA H 287 33.82 34.80 -71.16
CA ALA H 287 32.89 35.78 -71.60
C ALA H 287 31.84 35.92 -70.54
N MET H 288 31.39 34.78 -69.99
CA MET H 288 30.37 34.81 -68.99
C MET H 288 30.91 35.58 -67.83
N LEU H 289 32.19 35.35 -67.51
CA LEU H 289 32.78 36.00 -66.38
C LEU H 289 32.74 37.46 -66.64
N GLN H 290 33.05 37.87 -67.89
CA GLN H 290 33.08 39.27 -68.19
C GLN H 290 31.72 39.82 -67.97
N ASP H 291 30.69 39.07 -68.43
CA ASP H 291 29.35 39.55 -68.32
C ASP H 291 29.05 39.71 -66.86
N ILE H 292 29.45 38.72 -66.05
CA ILE H 292 29.17 38.77 -64.65
C ILE H 292 29.88 39.96 -64.09
N ALA H 293 31.13 40.16 -64.51
CA ALA H 293 31.95 41.18 -63.93
C ALA H 293 31.29 42.50 -64.18
N THR H 294 30.77 42.71 -65.40
CA THR H 294 30.16 43.96 -65.69
C THR H 294 28.96 44.11 -64.81
N LEU H 295 28.16 43.04 -64.68
CA LEU H 295 26.94 43.11 -63.95
C LEU H 295 27.26 43.39 -62.52
N THR H 296 28.32 42.75 -61.98
CA THR H 296 28.72 42.99 -60.63
C THR H 296 29.20 44.41 -60.55
N GLY H 297 29.93 44.84 -61.59
CA GLY H 297 30.55 46.14 -61.57
C GLY H 297 31.93 45.95 -61.06
N GLY H 298 32.27 44.70 -60.68
CA GLY H 298 33.59 44.40 -60.25
C GLY H 298 34.42 44.13 -61.47
N THR H 299 35.71 43.82 -61.27
CA THR H 299 36.55 43.52 -62.38
C THR H 299 37.04 42.12 -62.19
N VAL H 300 37.46 41.48 -63.29
CA VAL H 300 37.93 40.14 -63.19
C VAL H 300 39.40 40.16 -63.44
N ILE H 301 40.14 39.25 -62.79
CA ILE H 301 41.56 39.21 -62.96
C ILE H 301 41.88 37.90 -63.59
N SER H 302 42.77 37.91 -64.61
CA SER H 302 43.15 36.67 -65.22
C SER H 302 44.64 36.66 -65.30
N GLU H 303 45.21 35.46 -65.43
CA GLU H 303 46.64 35.33 -65.56
C GLU H 303 47.01 35.99 -66.85
N GLU H 304 46.18 35.80 -67.89
CA GLU H 304 46.49 36.32 -69.18
C GLU H 304 46.61 37.80 -69.05
N ILE H 305 45.68 38.41 -68.31
CA ILE H 305 45.76 39.83 -68.06
C ILE H 305 47.03 40.04 -67.30
N GLY H 306 47.30 39.14 -66.32
CA GLY H 306 48.49 39.29 -65.55
C GLY H 306 48.16 40.10 -64.35
N MET H 307 46.86 40.42 -64.17
CA MET H 307 46.47 41.10 -62.98
C MET H 307 46.65 40.11 -61.88
N GLU H 308 46.97 40.62 -60.67
CA GLU H 308 47.21 39.71 -59.59
C GLU H 308 46.05 39.78 -58.66
N LEU H 309 45.66 38.63 -58.10
CA LEU H 309 44.58 38.60 -57.16
C LEU H 309 45.02 39.42 -56.00
N GLU H 310 46.28 39.25 -55.59
CA GLU H 310 46.80 39.95 -54.45
C GLU H 310 46.72 41.41 -54.77
N LYS H 311 47.10 41.77 -56.00
CA LYS H 311 47.13 43.14 -56.38
C LYS H 311 45.73 43.66 -56.34
N ALA H 312 44.76 42.85 -56.80
CA ALA H 312 43.43 43.33 -56.91
C ALA H 312 42.96 43.73 -55.55
N THR H 313 42.23 44.86 -55.47
CA THR H 313 41.77 45.36 -54.22
C THR H 313 40.34 44.96 -54.06
N LEU H 314 39.69 45.49 -53.01
CA LEU H 314 38.30 45.27 -52.76
C LEU H 314 37.55 45.89 -53.89
N GLU H 315 38.04 47.04 -54.37
CA GLU H 315 37.31 47.81 -55.33
C GLU H 315 37.12 46.95 -56.53
N ASP H 316 38.15 46.15 -56.88
CA ASP H 316 38.02 45.32 -58.04
C ASP H 316 36.86 44.41 -57.79
N LEU H 317 36.74 43.90 -56.56
CA LEU H 317 35.64 43.01 -56.30
C LEU H 317 34.39 43.82 -56.42
N GLY H 318 33.34 43.22 -57.03
CA GLY H 318 32.11 43.93 -57.17
C GLY H 318 31.34 43.69 -55.91
N GLN H 319 30.12 44.26 -55.84
CA GLN H 319 29.28 43.98 -54.71
C GLN H 319 27.94 43.62 -55.24
N ALA H 320 27.19 42.81 -54.48
CA ALA H 320 25.85 42.47 -54.87
C ALA H 320 24.97 42.86 -53.74
N LYS H 321 23.71 43.21 -54.05
CA LYS H 321 22.81 43.57 -52.97
C LYS H 321 22.67 42.36 -52.12
N ARG H 322 22.36 41.21 -52.75
CA ARG H 322 22.32 39.97 -52.05
C ARG H 322 22.60 38.89 -53.04
N VAL H 323 23.13 37.75 -52.57
CA VAL H 323 23.32 36.65 -53.48
C VAL H 323 22.64 35.47 -52.88
N VAL H 324 22.01 34.64 -53.74
CA VAL H 324 21.46 33.41 -53.25
C VAL H 324 22.13 32.32 -54.01
N ILE H 325 22.53 31.24 -53.32
CA ILE H 325 23.17 30.17 -53.99
C ILE H 325 22.43 28.92 -53.67
N ASN H 326 22.21 28.06 -54.68
CA ASN H 326 21.72 26.74 -54.41
C ASN H 326 22.62 25.79 -55.12
N LYS H 327 22.50 24.49 -54.81
CA LYS H 327 23.43 23.56 -55.35
C LYS H 327 23.32 23.60 -56.84
N ASP H 328 22.09 23.61 -57.36
CA ASP H 328 21.94 23.57 -58.78
C ASP H 328 22.52 24.81 -59.36
N THR H 329 22.18 25.99 -58.79
CA THR H 329 22.49 27.21 -59.47
C THR H 329 22.93 28.23 -58.46
N THR H 330 23.71 29.24 -58.91
CA THR H 330 24.03 30.32 -58.03
C THR H 330 23.57 31.57 -58.70
N THR H 331 22.86 32.46 -57.98
CA THR H 331 22.38 33.64 -58.62
C THR H 331 22.79 34.81 -57.80
N ILE H 332 22.90 35.98 -58.45
CA ILE H 332 23.10 37.21 -57.74
C ILE H 332 21.84 37.99 -57.93
N ILE H 333 21.19 38.39 -56.83
CA ILE H 333 19.92 39.02 -57.00
C ILE H 333 20.13 40.30 -57.73
N ASP H 334 21.08 41.12 -57.26
CA ASP H 334 21.33 42.36 -57.93
C ASP H 334 22.77 42.71 -57.73
N GLY H 335 23.56 42.71 -58.81
CA GLY H 335 24.88 43.24 -58.71
C GLY H 335 24.74 44.73 -58.76
N VAL H 336 25.65 45.46 -58.08
CA VAL H 336 25.58 46.88 -58.18
C VAL H 336 25.84 47.24 -59.61
N GLY H 337 26.95 46.73 -60.16
CA GLY H 337 27.20 46.84 -61.56
C GLY H 337 27.68 48.21 -61.86
N GLU H 338 28.18 48.41 -63.10
CA GLU H 338 28.37 49.74 -63.60
C GLU H 338 27.31 49.90 -64.64
N GLU H 339 26.49 50.95 -64.53
CA GLU H 339 25.35 51.02 -65.38
C GLU H 339 25.83 51.11 -66.79
N ALA H 340 26.79 52.03 -67.04
CA ALA H 340 27.26 52.20 -68.38
C ALA H 340 27.94 50.95 -68.81
N ALA H 341 28.78 50.38 -67.93
CA ALA H 341 29.62 49.29 -68.33
C ALA H 341 28.74 48.13 -68.69
N ILE H 342 27.73 47.86 -67.85
CA ILE H 342 26.95 46.68 -68.04
C ILE H 342 26.24 46.80 -69.36
N GLN H 343 25.64 47.98 -69.61
CA GLN H 343 24.83 48.12 -70.79
C GLN H 343 25.71 47.95 -71.98
N GLY H 344 26.91 48.55 -71.94
CA GLY H 344 27.74 48.54 -73.12
C GLY H 344 28.08 47.12 -73.44
N ARG H 345 28.42 46.33 -72.40
CA ARG H 345 28.84 44.98 -72.63
C ARG H 345 27.70 44.23 -73.24
N VAL H 346 26.47 44.47 -72.72
CA VAL H 346 25.36 43.72 -73.19
C VAL H 346 25.22 44.01 -74.65
N ALA H 347 25.34 45.30 -75.02
CA ALA H 347 25.16 45.67 -76.39
C ALA H 347 26.21 44.97 -77.19
N GLN H 348 27.45 44.95 -76.67
CA GLN H 348 28.53 44.38 -77.43
C GLN H 348 28.21 42.94 -77.64
N ILE H 349 27.75 42.26 -76.59
CA ILE H 349 27.45 40.86 -76.69
C ILE H 349 26.35 40.72 -77.68
N ARG H 350 25.33 41.59 -77.58
CA ARG H 350 24.18 41.48 -78.42
C ARG H 350 24.63 41.59 -79.83
N GLN H 351 25.55 42.53 -80.09
CA GLN H 351 26.01 42.73 -81.44
C GLN H 351 26.68 41.46 -81.84
N GLN H 352 27.44 40.85 -80.91
CA GLN H 352 28.19 39.67 -81.22
C GLN H 352 27.22 38.61 -81.61
N ILE H 353 26.07 38.53 -80.91
CA ILE H 353 25.17 37.44 -81.14
C ILE H 353 24.75 37.51 -82.57
N GLU H 354 24.35 38.72 -83.02
CA GLU H 354 23.94 38.88 -84.37
C GLU H 354 25.14 38.61 -85.23
N GLU H 355 26.31 39.11 -84.78
CA GLU H 355 27.47 39.12 -85.61
C GLU H 355 27.84 37.72 -85.94
N ALA H 356 27.80 36.81 -84.94
CA ALA H 356 28.37 35.51 -85.17
C ALA H 356 27.61 34.85 -86.26
N THR H 357 28.34 34.31 -87.24
CA THR H 357 27.73 33.58 -88.31
C THR H 357 27.16 32.32 -87.74
N SER H 358 27.96 31.64 -86.90
CA SER H 358 27.60 30.32 -86.49
C SER H 358 26.50 30.41 -85.49
N ASP H 359 25.68 29.34 -85.43
CA ASP H 359 24.63 29.26 -84.46
C ASP H 359 25.28 29.18 -83.12
N TYR H 360 26.37 28.41 -83.02
CA TYR H 360 26.96 28.12 -81.74
C TYR H 360 27.39 29.41 -81.13
N ASP H 361 28.08 30.25 -81.92
CA ASP H 361 28.57 31.48 -81.36
C ASP H 361 27.39 32.28 -80.95
N ARG H 362 26.33 32.29 -81.79
CA ARG H 362 25.20 33.10 -81.51
C ARG H 362 24.60 32.64 -80.23
N GLU H 363 24.50 31.31 -80.04
CA GLU H 363 23.81 30.79 -78.91
C GLU H 363 24.50 31.22 -77.67
N LYS H 364 25.85 31.12 -77.66
CA LYS H 364 26.55 31.43 -76.44
C LYS H 364 26.31 32.87 -76.14
N LEU H 365 26.44 33.74 -77.16
CA LEU H 365 26.31 35.14 -76.94
C LEU H 365 24.92 35.42 -76.49
N GLN H 366 23.93 34.81 -77.16
CA GLN H 366 22.56 35.11 -76.86
C GLN H 366 22.29 34.70 -75.46
N GLU H 367 22.83 33.55 -75.04
CA GLU H 367 22.58 33.09 -73.71
C GLU H 367 23.14 34.11 -72.78
N ARG H 368 24.35 34.60 -73.08
CA ARG H 368 25.01 35.49 -72.17
C ARG H 368 24.17 36.71 -72.01
N VAL H 369 23.70 37.28 -73.14
CA VAL H 369 22.96 38.51 -73.05
C VAL H 369 21.70 38.23 -72.30
N ALA H 370 21.08 37.07 -72.58
CA ALA H 370 19.78 36.79 -72.04
C ALA H 370 19.86 36.81 -70.56
N LYS H 371 20.94 36.23 -69.98
CA LYS H 371 20.99 36.10 -68.57
C LYS H 371 20.95 37.47 -67.98
N LEU H 372 21.77 38.40 -68.51
CA LEU H 372 21.81 39.71 -67.95
C LEU H 372 20.47 40.33 -68.17
N ALA H 373 19.93 40.19 -69.39
CA ALA H 373 18.75 40.91 -69.76
C ALA H 373 17.63 40.46 -68.89
N GLY H 374 17.52 39.15 -68.66
CA GLY H 374 16.35 38.63 -68.01
C GLY H 374 16.27 39.24 -66.66
N GLY H 375 17.40 39.26 -65.93
CA GLY H 375 17.37 39.80 -64.61
C GLY H 375 16.64 38.82 -63.75
N VAL H 376 16.30 39.23 -62.52
CA VAL H 376 15.53 38.38 -61.66
C VAL H 376 14.43 39.22 -61.11
N ALA H 377 13.33 38.58 -60.67
CA ALA H 377 12.29 39.33 -60.03
C ALA H 377 12.22 38.86 -58.61
N VAL H 378 11.96 39.78 -57.68
CA VAL H 378 11.87 39.40 -56.31
C VAL H 378 10.51 39.79 -55.82
N ILE H 379 9.94 38.96 -54.94
CA ILE H 379 8.66 39.29 -54.37
C ILE H 379 8.84 39.36 -52.90
N LYS H 380 8.26 40.40 -52.26
CA LYS H 380 8.34 40.48 -50.84
C LYS H 380 6.96 40.21 -50.32
N VAL H 381 6.87 39.48 -49.20
CA VAL H 381 5.57 39.23 -48.63
C VAL H 381 5.53 39.93 -47.31
N GLY H 382 4.51 40.78 -47.12
CA GLY H 382 4.37 41.42 -45.85
C GLY H 382 3.55 40.51 -44.99
N ALA H 383 3.46 40.84 -43.69
CA ALA H 383 2.60 40.08 -42.84
C ALA H 383 2.23 40.95 -41.69
N ALA H 384 1.13 40.60 -41.01
CA ALA H 384 0.77 41.31 -39.82
C ALA H 384 1.87 41.07 -38.83
N THR H 385 2.34 39.82 -38.74
CA THR H 385 3.39 39.50 -37.82
C THR H 385 4.45 38.79 -38.59
N GLU H 386 5.64 38.66 -37.97
CA GLU H 386 6.74 38.04 -38.63
C GLU H 386 6.36 36.62 -38.89
N VAL H 387 5.71 35.98 -37.89
CA VAL H 387 5.38 34.59 -38.01
C VAL H 387 4.49 34.43 -39.19
N GLU H 388 3.51 35.33 -39.32
CA GLU H 388 2.55 35.20 -40.38
C GLU H 388 3.30 35.31 -41.67
N MET H 389 4.26 36.24 -41.73
CA MET H 389 4.93 36.50 -42.97
C MET H 389 5.63 35.24 -43.38
N LYS H 390 6.28 34.56 -42.42
CA LYS H 390 7.02 33.39 -42.78
C LYS H 390 6.06 32.40 -43.35
N GLU H 391 4.90 32.24 -42.70
CA GLU H 391 3.96 31.26 -43.15
C GLU H 391 3.51 31.66 -44.52
N LYS H 392 3.21 32.95 -44.69
CA LYS H 392 2.68 33.40 -45.95
C LYS H 392 3.71 33.15 -46.99
N LYS H 393 4.99 33.43 -46.66
CA LYS H 393 6.03 33.33 -47.64
C LYS H 393 6.09 31.91 -48.08
N ALA H 394 6.01 30.96 -47.13
CA ALA H 394 6.17 29.59 -47.50
C ALA H 394 5.07 29.24 -48.44
N ARG H 395 3.85 29.70 -48.15
CA ARG H 395 2.73 29.35 -48.98
C ARG H 395 2.98 29.93 -50.33
N VAL H 396 3.48 31.18 -50.37
CA VAL H 396 3.65 31.85 -51.61
C VAL H 396 4.59 31.05 -52.44
N GLU H 397 5.69 30.58 -51.82
CA GLU H 397 6.71 29.91 -52.57
C GLU H 397 6.10 28.70 -53.18
N ALA H 398 5.29 27.95 -52.39
CA ALA H 398 4.75 26.72 -52.87
C ALA H 398 3.89 27.04 -54.04
N ALA H 399 3.09 28.12 -53.93
CA ALA H 399 2.15 28.44 -54.98
C ALA H 399 2.93 28.71 -56.22
N LEU H 400 4.05 29.45 -56.09
CA LEU H 400 4.76 29.88 -57.26
C LEU H 400 5.21 28.67 -58.00
N HIS H 401 5.77 27.68 -57.28
CA HIS H 401 6.30 26.53 -57.95
C HIS H 401 5.17 25.87 -58.65
N ALA H 402 4.02 25.71 -57.96
CA ALA H 402 2.93 24.99 -58.52
C ALA H 402 2.49 25.71 -59.76
N THR H 403 2.41 27.05 -59.67
CA THR H 403 1.87 27.80 -60.78
C THR H 403 2.78 27.60 -61.95
N ARG H 404 4.10 27.71 -61.72
CA ARG H 404 5.01 27.65 -62.83
C ARG H 404 4.87 26.32 -63.47
N ALA H 405 4.83 25.26 -62.65
CA ALA H 405 4.72 23.94 -63.21
C ALA H 405 3.43 23.86 -63.93
N ALA H 406 2.37 24.41 -63.32
CA ALA H 406 1.05 24.23 -63.84
C ALA H 406 0.99 24.83 -65.21
N VAL H 407 1.56 26.03 -65.38
CA VAL H 407 1.37 26.72 -66.62
C VAL H 407 1.97 25.90 -67.72
N GLU H 408 3.21 25.42 -67.52
CA GLU H 408 3.90 24.75 -68.59
C GLU H 408 3.14 23.50 -68.92
N GLU H 409 2.77 22.74 -67.89
CA GLU H 409 2.14 21.48 -68.12
C GLU H 409 0.84 21.76 -68.80
N GLY H 410 0.17 22.84 -68.37
CA GLY H 410 -1.20 23.04 -68.71
C GLY H 410 -1.95 22.57 -67.51
N VAL H 411 -3.22 22.99 -67.38
CA VAL H 411 -3.87 22.69 -66.13
C VAL H 411 -5.00 21.74 -66.40
N VAL H 412 -5.08 20.69 -65.56
CA VAL H 412 -6.18 19.76 -65.64
C VAL H 412 -7.29 20.30 -64.81
N ALA H 413 -8.52 19.79 -65.05
CA ALA H 413 -9.64 20.30 -64.30
C ALA H 413 -9.35 20.03 -62.86
N GLY H 414 -9.75 20.96 -61.98
CA GLY H 414 -9.47 20.81 -60.59
C GLY H 414 -10.61 20.09 -59.97
N GLY H 415 -10.61 20.00 -58.63
CA GLY H 415 -11.70 19.40 -57.93
C GLY H 415 -11.47 17.93 -57.86
N GLY H 416 -10.29 17.48 -58.35
CA GLY H 416 -10.02 16.08 -58.31
C GLY H 416 -10.82 15.45 -59.40
N VAL H 417 -11.30 16.30 -60.32
CA VAL H 417 -12.10 15.83 -61.41
C VAL H 417 -11.28 14.88 -62.20
N ALA H 418 -10.00 15.24 -62.43
CA ALA H 418 -9.18 14.39 -63.24
C ALA H 418 -9.06 13.09 -62.52
N LEU H 419 -8.88 13.15 -61.19
CA LEU H 419 -8.63 11.95 -60.45
C LEU H 419 -9.82 11.06 -60.56
N ILE H 420 -11.03 11.63 -60.37
CA ILE H 420 -12.19 10.79 -60.40
C ILE H 420 -12.32 10.23 -61.78
N ARG H 421 -12.12 11.07 -62.80
CA ARG H 421 -12.37 10.67 -64.15
C ARG H 421 -11.47 9.53 -64.47
N VAL H 422 -10.19 9.64 -64.10
CA VAL H 422 -9.23 8.65 -64.49
C VAL H 422 -9.61 7.36 -63.85
N ALA H 423 -10.10 7.42 -62.60
CA ALA H 423 -10.30 6.22 -61.84
C ALA H 423 -11.24 5.35 -62.57
N SER H 424 -12.30 5.93 -63.16
CA SER H 424 -13.31 5.14 -63.79
C SER H 424 -12.65 4.33 -64.87
N LYS H 425 -11.79 4.99 -65.66
CA LYS H 425 -11.12 4.30 -66.72
C LYS H 425 -10.26 3.25 -66.10
N LEU H 426 -9.62 3.60 -64.97
CA LEU H 426 -8.66 2.74 -64.33
C LEU H 426 -9.36 1.50 -63.92
N ALA H 427 -10.62 1.63 -63.47
CA ALA H 427 -11.31 0.54 -62.85
C ALA H 427 -11.35 -0.59 -63.82
N ASP H 428 -11.58 -0.29 -65.11
CA ASP H 428 -11.72 -1.33 -66.08
C ASP H 428 -10.46 -2.13 -66.07
N LEU H 429 -9.31 -1.45 -65.97
CA LEU H 429 -8.07 -2.17 -66.03
C LEU H 429 -8.02 -3.08 -64.86
N ARG H 430 -7.44 -4.28 -65.07
CA ARG H 430 -7.39 -5.25 -64.01
C ARG H 430 -5.94 -5.51 -63.71
N GLY H 431 -5.65 -5.87 -62.45
CA GLY H 431 -4.31 -6.21 -62.07
C GLY H 431 -4.09 -7.62 -62.47
N GLN H 432 -2.84 -8.10 -62.32
CA GLN H 432 -2.51 -9.43 -62.73
C GLN H 432 -3.30 -10.39 -61.90
N ASN H 433 -3.34 -10.16 -60.58
CA ASN H 433 -3.99 -11.10 -59.72
C ASN H 433 -4.96 -10.35 -58.87
N GLU H 434 -5.84 -11.09 -58.17
CA GLU H 434 -6.95 -10.49 -57.49
C GLU H 434 -6.40 -9.55 -56.47
N ASP H 435 -5.32 -9.95 -55.77
CA ASP H 435 -4.80 -9.12 -54.73
C ASP H 435 -4.40 -7.83 -55.38
N GLN H 436 -3.80 -7.91 -56.57
CA GLN H 436 -3.42 -6.72 -57.27
C GLN H 436 -4.68 -5.99 -57.61
N ASN H 437 -5.73 -6.75 -57.99
CA ASN H 437 -6.94 -6.12 -58.46
C ASN H 437 -7.46 -5.25 -57.36
N VAL H 438 -7.52 -5.80 -56.13
CA VAL H 438 -8.13 -5.05 -55.07
C VAL H 438 -7.32 -3.81 -54.86
N GLY H 439 -5.99 -3.93 -54.92
CA GLY H 439 -5.15 -2.79 -54.68
C GLY H 439 -5.48 -1.75 -55.71
N ILE H 440 -5.68 -2.20 -56.97
CA ILE H 440 -5.95 -1.26 -58.03
C ILE H 440 -7.22 -0.56 -57.68
N LYS H 441 -8.22 -1.31 -57.23
CA LYS H 441 -9.49 -0.73 -56.90
C LYS H 441 -9.26 0.25 -55.80
N VAL H 442 -8.40 -0.13 -54.84
CA VAL H 442 -8.18 0.71 -53.69
C VAL H 442 -7.67 2.02 -54.18
N ALA H 443 -6.72 1.98 -55.13
CA ALA H 443 -6.11 3.20 -55.57
C ALA H 443 -7.19 4.05 -56.15
N LEU H 444 -8.10 3.43 -56.92
CA LEU H 444 -9.13 4.17 -57.57
C LEU H 444 -9.96 4.82 -56.51
N ARG H 445 -10.25 4.05 -55.44
CA ARG H 445 -11.10 4.56 -54.39
C ARG H 445 -10.40 5.73 -53.80
N ALA H 446 -9.07 5.63 -53.65
CA ALA H 446 -8.32 6.66 -52.98
C ALA H 446 -8.49 7.92 -53.75
N MET H 447 -8.45 7.83 -55.09
CA MET H 447 -8.50 9.02 -55.90
C MET H 447 -9.80 9.70 -55.65
N GLU H 448 -10.88 8.92 -55.53
CA GLU H 448 -12.21 9.46 -55.45
C GLU H 448 -12.29 10.28 -54.20
N ALA H 449 -11.61 9.84 -53.13
CA ALA H 449 -11.89 10.36 -51.82
C ALA H 449 -11.69 11.84 -51.79
N PRO H 450 -10.63 12.40 -52.31
CA PRO H 450 -10.36 13.78 -52.06
C PRO H 450 -11.44 14.65 -52.63
N LEU H 451 -12.16 14.17 -53.67
CA LEU H 451 -13.24 14.93 -54.21
C LEU H 451 -14.27 15.02 -53.14
N ARG H 452 -14.49 13.89 -52.44
CA ARG H 452 -15.51 13.80 -51.44
C ARG H 452 -15.17 14.78 -50.36
N GLN H 453 -13.88 14.90 -50.02
CA GLN H 453 -13.52 15.70 -48.88
C GLN H 453 -13.97 17.10 -49.16
N ILE H 454 -13.76 17.57 -50.40
CA ILE H 454 -14.14 18.92 -50.72
C ILE H 454 -15.61 19.02 -50.54
N VAL H 455 -16.35 17.99 -51.01
CA VAL H 455 -17.79 18.01 -50.96
C VAL H 455 -18.19 18.07 -49.53
N LEU H 456 -17.51 17.28 -48.67
CA LEU H 456 -17.88 17.20 -47.29
C LEU H 456 -17.75 18.56 -46.72
N ASN H 457 -16.67 19.27 -47.12
CA ASN H 457 -16.45 20.60 -46.62
C ASN H 457 -17.64 21.40 -47.03
N CYS H 458 -18.12 21.19 -48.26
CA CYS H 458 -19.27 21.89 -48.73
C CYS H 458 -20.40 21.52 -47.84
N GLY H 459 -20.44 20.24 -47.42
CA GLY H 459 -21.51 19.78 -46.59
C GLY H 459 -22.47 19.08 -47.48
N GLU H 460 -22.25 19.17 -48.80
CA GLU H 460 -23.03 18.39 -49.72
C GLU H 460 -22.56 16.98 -49.57
N GLU H 461 -23.44 16.01 -49.87
CA GLU H 461 -23.05 14.65 -49.69
C GLU H 461 -22.22 14.28 -50.87
N PRO H 462 -21.00 13.92 -50.58
CA PRO H 462 -20.01 13.71 -51.59
C PRO H 462 -20.41 12.56 -52.45
N SER H 463 -21.26 11.67 -51.94
CA SER H 463 -21.60 10.49 -52.69
C SER H 463 -22.28 10.94 -53.94
N VAL H 464 -23.29 11.81 -53.80
CA VAL H 464 -24.05 12.22 -54.94
C VAL H 464 -23.13 12.92 -55.88
N VAL H 465 -22.30 13.83 -55.33
CA VAL H 465 -21.46 14.64 -56.16
C VAL H 465 -20.55 13.72 -56.91
N ALA H 466 -19.93 12.77 -56.18
CA ALA H 466 -18.95 11.92 -56.80
C ALA H 466 -19.64 11.16 -57.88
N ASN H 467 -20.84 10.65 -57.59
CA ASN H 467 -21.53 9.84 -58.56
C ASN H 467 -21.78 10.69 -59.75
N THR H 468 -22.27 11.93 -59.53
CA THR H 468 -22.61 12.78 -60.62
C THR H 468 -21.37 13.05 -61.40
N VAL H 469 -20.26 13.34 -60.70
CA VAL H 469 -19.06 13.71 -61.36
C VAL H 469 -18.65 12.58 -62.24
N LYS H 470 -18.71 11.35 -61.69
CA LYS H 470 -18.26 10.22 -62.44
C LYS H 470 -19.11 10.11 -63.66
N GLY H 471 -20.43 10.32 -63.50
CA GLY H 471 -21.33 10.06 -64.57
C GLY H 471 -20.98 10.94 -65.72
N GLY H 472 -20.66 12.22 -65.45
CA GLY H 472 -20.45 13.13 -66.53
C GLY H 472 -19.24 12.67 -67.28
N ASP H 473 -19.34 12.69 -68.62
CA ASP H 473 -18.21 12.36 -69.44
C ASP H 473 -17.44 13.62 -69.64
N GLY H 474 -16.26 13.52 -70.28
CA GLY H 474 -15.50 14.69 -70.57
C GLY H 474 -15.01 15.20 -69.26
N ASN H 475 -14.80 16.53 -69.19
CA ASN H 475 -14.39 17.09 -67.93
C ASN H 475 -15.64 17.45 -67.21
N TYR H 476 -15.92 16.73 -66.11
CA TYR H 476 -17.08 17.04 -65.33
C TYR H 476 -16.59 17.18 -63.93
N GLY H 477 -17.13 18.16 -63.18
CA GLY H 477 -16.61 18.35 -61.86
C GLY H 477 -17.59 19.16 -61.09
N TYR H 478 -17.30 19.36 -59.79
CA TYR H 478 -18.16 20.14 -58.95
C TYR H 478 -17.36 21.32 -58.52
N ASN H 479 -17.96 22.52 -58.60
CA ASN H 479 -17.26 23.69 -58.16
C ASN H 479 -17.80 23.99 -56.80
N ALA H 480 -16.89 24.07 -55.81
CA ALA H 480 -17.37 24.27 -54.47
C ALA H 480 -18.04 25.60 -54.41
N ALA H 481 -17.38 26.64 -54.97
CA ALA H 481 -17.89 27.96 -54.81
C ALA H 481 -19.22 28.05 -55.49
N THR H 482 -19.29 27.54 -56.74
CA THR H 482 -20.50 27.65 -57.48
C THR H 482 -21.54 26.83 -56.78
N GLU H 483 -21.12 25.63 -56.34
CA GLU H 483 -22.06 24.66 -55.87
C GLU H 483 -22.99 24.41 -57.01
N GLU H 484 -22.46 24.52 -58.24
CA GLU H 484 -23.23 24.21 -59.41
C GLU H 484 -22.37 23.33 -60.25
N TYR H 485 -23.00 22.54 -61.13
CA TYR H 485 -22.24 21.69 -61.98
C TYR H 485 -21.94 22.45 -63.22
N GLY H 486 -20.66 22.40 -63.66
CA GLY H 486 -20.28 23.09 -64.85
C GLY H 486 -18.98 22.50 -65.29
N ASN H 487 -18.53 22.85 -66.50
CA ASN H 487 -17.28 22.31 -66.96
C ASN H 487 -16.21 22.95 -66.15
N MET H 488 -15.21 22.15 -65.74
CA MET H 488 -14.17 22.68 -64.92
C MET H 488 -13.45 23.71 -65.71
N ILE H 489 -13.19 23.42 -66.99
CA ILE H 489 -12.44 24.32 -67.81
C ILE H 489 -13.21 25.58 -67.92
N ASP H 490 -14.52 25.46 -68.16
CA ASP H 490 -15.34 26.63 -68.32
C ASP H 490 -15.28 27.38 -67.04
N MET H 491 -15.30 26.66 -65.91
CA MET H 491 -15.26 27.29 -64.63
C MET H 491 -13.95 28.01 -64.54
N GLY H 492 -12.88 27.39 -65.06
CA GLY H 492 -11.61 28.04 -65.07
C GLY H 492 -10.88 27.65 -63.83
N ILE H 493 -11.44 26.73 -63.04
CA ILE H 493 -10.72 26.30 -61.89
C ILE H 493 -10.06 25.02 -62.25
N LEU H 494 -8.72 25.03 -62.28
CA LEU H 494 -7.98 23.94 -62.81
C LEU H 494 -6.85 23.66 -61.87
N ASP H 495 -6.62 22.37 -61.55
CA ASP H 495 -5.48 22.03 -60.76
C ASP H 495 -4.42 21.59 -61.69
N PRO H 496 -3.20 21.91 -61.38
CA PRO H 496 -2.11 21.69 -62.27
C PRO H 496 -1.96 20.21 -62.47
N THR H 497 -1.60 19.79 -63.69
CA THR H 497 -1.45 18.38 -63.96
C THR H 497 -0.31 17.88 -63.13
N LYS H 498 0.80 18.64 -63.12
CA LYS H 498 1.99 18.15 -62.50
C LYS H 498 1.72 17.95 -61.05
N VAL H 499 1.05 18.94 -60.41
CA VAL H 499 0.85 18.85 -59.00
C VAL H 499 0.02 17.64 -58.72
N THR H 500 -1.05 17.43 -59.51
CA THR H 500 -1.93 16.34 -59.25
C THR H 500 -1.14 15.08 -59.41
N ARG H 501 -0.36 14.99 -60.51
CA ARG H 501 0.34 13.77 -60.79
C ARG H 501 1.31 13.54 -59.68
N SER H 502 2.03 14.60 -59.28
CA SER H 502 3.08 14.43 -58.32
C SER H 502 2.49 13.91 -57.05
N ALA H 503 1.38 14.54 -56.60
CA ALA H 503 0.84 14.19 -55.33
C ALA H 503 0.43 12.76 -55.37
N LEU H 504 -0.22 12.35 -56.47
CA LEU H 504 -0.79 11.04 -56.52
C LEU H 504 0.33 10.05 -56.40
N GLN H 505 1.42 10.27 -57.15
CA GLN H 505 2.46 9.29 -57.21
C GLN H 505 3.03 9.14 -55.83
N TYR H 506 3.30 10.27 -55.17
CA TYR H 506 3.94 10.21 -53.88
C TYR H 506 3.03 9.50 -52.94
N ALA H 507 1.74 9.85 -52.98
CA ALA H 507 0.81 9.32 -52.03
C ALA H 507 0.79 7.84 -52.21
N ALA H 508 0.77 7.39 -53.47
CA ALA H 508 0.70 5.98 -53.73
C ALA H 508 1.92 5.36 -53.15
N SER H 509 3.08 6.00 -53.34
CA SER H 509 4.32 5.42 -52.89
C SER H 509 4.22 5.27 -51.41
N VAL H 510 3.71 6.30 -50.71
CA VAL H 510 3.71 6.28 -49.29
C VAL H 510 2.88 5.10 -48.87
N ALA H 511 1.70 4.95 -49.49
CA ALA H 511 0.76 3.97 -49.03
C ALA H 511 1.40 2.63 -49.16
N GLY H 512 2.09 2.40 -50.29
CA GLY H 512 2.64 1.09 -50.53
C GLY H 512 3.62 0.80 -49.45
N LEU H 513 4.44 1.81 -49.09
CA LEU H 513 5.50 1.59 -48.16
C LEU H 513 4.90 1.17 -46.86
N MET H 514 3.80 1.84 -46.46
CA MET H 514 3.25 1.63 -45.15
C MET H 514 2.81 0.21 -45.05
N ILE H 515 2.24 -0.33 -46.14
CA ILE H 515 1.61 -1.61 -46.07
C ILE H 515 2.64 -2.62 -45.67
N THR H 516 3.85 -2.51 -46.26
CA THR H 516 4.87 -3.48 -46.02
C THR H 516 5.44 -3.21 -44.66
N THR H 517 6.77 -3.28 -44.53
CA THR H 517 7.38 -3.15 -43.24
C THR H 517 6.76 -4.16 -42.33
N GLU H 518 6.94 -5.44 -42.66
CA GLU H 518 6.34 -6.51 -41.92
C GLU H 518 6.81 -6.41 -40.50
N CYS H 519 8.13 -6.24 -40.30
CA CYS H 519 8.64 -6.25 -38.96
C CYS H 519 9.13 -4.88 -38.64
N MET H 520 9.05 -4.51 -37.35
CA MET H 520 9.59 -3.25 -36.94
C MET H 520 10.36 -3.49 -35.68
N VAL H 521 11.43 -2.70 -35.47
CA VAL H 521 12.11 -2.77 -34.21
C VAL H 521 12.16 -1.37 -33.68
N THR H 522 11.99 -1.23 -32.36
CA THR H 522 12.07 0.07 -31.75
C THR H 522 12.84 -0.10 -30.48
N ASP H 523 13.19 1.01 -29.82
CA ASP H 523 13.79 0.89 -28.53
C ASP H 523 12.69 0.57 -27.56
N LEU H 524 13.02 -0.20 -26.51
CA LEU H 524 12.07 -0.53 -25.49
C LEU H 524 11.92 0.68 -24.64
N PRO H 525 10.77 1.15 -24.40
N ALA I 2 9.02 18.80 -24.60
CA ALA I 2 8.91 17.39 -24.15
C ALA I 2 8.08 16.60 -25.10
N ALA I 3 7.22 15.72 -24.54
CA ALA I 3 6.31 14.96 -25.35
C ALA I 3 5.32 15.92 -25.88
N LYS I 4 4.45 15.46 -26.79
CA LYS I 4 3.43 16.32 -27.30
C LYS I 4 2.10 15.72 -27.00
N ASP I 5 1.16 16.55 -26.53
CA ASP I 5 -0.20 16.11 -26.37
C ASP I 5 -1.00 16.82 -27.40
N VAL I 6 -1.83 16.07 -28.16
CA VAL I 6 -2.59 16.70 -29.19
C VAL I 6 -4.03 16.62 -28.79
N LYS I 7 -4.76 17.73 -28.97
CA LYS I 7 -6.17 17.69 -28.68
C LYS I 7 -6.87 18.42 -29.78
N PHE I 8 -8.11 18.00 -30.06
CA PHE I 8 -8.94 18.75 -30.96
C PHE I 8 -10.25 18.90 -30.26
N GLY I 9 -10.98 20.01 -30.55
CA GLY I 9 -12.34 20.03 -30.10
C GLY I 9 -12.55 21.18 -29.18
N ASN I 10 -13.67 21.12 -28.44
CA ASN I 10 -14.13 22.16 -27.56
C ASN I 10 -13.16 22.29 -26.44
N ASP I 11 -12.52 21.18 -26.04
CA ASP I 11 -11.78 21.14 -24.82
C ASP I 11 -10.73 22.18 -24.89
N ALA I 12 -10.08 22.34 -26.06
CA ALA I 12 -9.06 23.33 -26.16
C ALA I 12 -9.70 24.66 -25.89
N ARG I 13 -10.89 24.88 -26.48
CA ARG I 13 -11.54 26.16 -26.37
C ARG I 13 -11.87 26.43 -24.94
N VAL I 14 -12.35 25.40 -24.21
CA VAL I 14 -12.91 25.64 -22.91
C VAL I 14 -11.83 26.21 -22.04
N LYS I 15 -10.61 25.67 -22.15
CA LYS I 15 -9.54 26.11 -21.30
C LYS I 15 -9.35 27.57 -21.55
N MET I 16 -9.36 27.96 -22.84
CA MET I 16 -9.11 29.33 -23.18
C MET I 16 -10.17 30.16 -22.57
N LEU I 17 -11.43 29.69 -22.64
CA LEU I 17 -12.53 30.50 -22.20
C LEU I 17 -12.35 30.77 -20.75
N ARG I 18 -12.04 29.72 -19.96
CA ARG I 18 -11.99 29.90 -18.55
C ARG I 18 -10.90 30.88 -18.25
N GLY I 19 -9.76 30.75 -18.95
CA GLY I 19 -8.66 31.61 -18.68
C GLY I 19 -9.09 33.01 -18.98
N VAL I 20 -9.81 33.20 -20.09
CA VAL I 20 -10.17 34.52 -20.50
C VAL I 20 -11.02 35.11 -19.41
N ASN I 21 -11.97 34.32 -18.90
CA ASN I 21 -12.93 34.85 -17.99
C ASN I 21 -12.20 35.34 -16.78
N VAL I 22 -11.23 34.55 -16.28
CA VAL I 22 -10.61 34.90 -15.03
C VAL I 22 -9.96 36.23 -15.22
N LEU I 23 -9.18 36.39 -16.30
CA LEU I 23 -8.48 37.61 -16.50
C LEU I 23 -9.50 38.69 -16.66
N ALA I 24 -10.54 38.40 -17.46
CA ALA I 24 -11.48 39.41 -17.83
C ALA I 24 -12.16 39.90 -16.59
N ASP I 25 -12.51 38.98 -15.67
CA ASP I 25 -13.35 39.34 -14.58
C ASP I 25 -12.66 40.40 -13.77
N ALA I 26 -11.36 40.19 -13.48
CA ALA I 26 -10.68 41.13 -12.66
C ALA I 26 -10.65 42.43 -13.38
N VAL I 27 -10.38 42.39 -14.69
CA VAL I 27 -10.22 43.58 -15.46
C VAL I 27 -11.52 44.32 -15.49
N LYS I 28 -12.64 43.59 -15.67
CA LYS I 28 -13.89 44.25 -15.88
C LYS I 28 -14.23 45.04 -14.65
N VAL I 29 -14.07 44.43 -13.46
CA VAL I 29 -14.46 45.12 -12.27
C VAL I 29 -13.60 46.34 -12.14
N THR I 30 -12.29 46.19 -12.42
CA THR I 30 -11.39 47.29 -12.26
C THR I 30 -11.79 48.36 -13.22
N LEU I 31 -12.25 47.96 -14.42
CA LEU I 31 -12.52 48.95 -15.43
C LEU I 31 -13.58 49.85 -14.88
N GLY I 32 -13.46 51.15 -15.21
CA GLY I 32 -14.34 52.12 -14.65
C GLY I 32 -13.76 52.49 -13.33
N PRO I 33 -14.28 53.53 -12.77
CA PRO I 33 -13.68 54.14 -11.61
C PRO I 33 -13.67 53.16 -10.50
N LYS I 34 -14.59 52.17 -10.57
CA LYS I 34 -14.92 51.34 -9.46
C LYS I 34 -13.79 50.45 -9.08
N GLY I 35 -13.11 49.84 -10.06
CA GLY I 35 -12.22 48.75 -9.75
C GLY I 35 -11.16 49.25 -8.82
N ARG I 36 -11.22 48.78 -7.55
CA ARG I 36 -10.33 49.29 -6.55
C ARG I 36 -8.91 48.91 -6.84
N ASN I 37 -8.63 47.61 -7.03
CA ASN I 37 -7.24 47.25 -6.94
C ASN I 37 -7.04 45.82 -7.33
N VAL I 38 -5.75 45.42 -7.46
CA VAL I 38 -5.37 44.04 -7.57
C VAL I 38 -4.05 43.90 -6.89
N VAL I 39 -3.68 42.67 -6.46
CA VAL I 39 -2.44 42.50 -5.76
C VAL I 39 -1.71 41.34 -6.36
N LEU I 40 -0.37 41.34 -6.23
CA LEU I 40 0.42 40.23 -6.71
C LEU I 40 1.33 39.78 -5.61
N ASP I 41 1.85 38.55 -5.72
CA ASP I 41 2.85 38.08 -4.80
C ASP I 41 4.19 38.47 -5.31
N LYS I 42 5.23 38.34 -4.46
CA LYS I 42 6.58 38.46 -4.90
C LYS I 42 7.35 37.33 -4.30
N SER I 43 8.39 36.84 -5.00
CA SER I 43 9.18 35.78 -4.48
C SER I 43 9.85 36.28 -3.24
N PHE I 44 10.53 37.44 -3.35
CA PHE I 44 11.24 37.97 -2.24
C PHE I 44 10.62 39.28 -1.90
N GLY I 45 10.68 39.66 -0.62
CA GLY I 45 10.20 40.94 -0.22
C GLY I 45 8.72 40.87 -0.14
N ALA I 46 8.08 42.02 0.14
CA ALA I 46 6.65 42.06 0.22
C ALA I 46 6.12 41.95 -1.17
N PRO I 47 4.95 41.41 -1.28
CA PRO I 47 4.34 41.13 -2.54
C PRO I 47 4.06 42.43 -3.22
N THR I 48 4.04 42.46 -4.56
CA THR I 48 3.81 43.69 -5.24
C THR I 48 2.34 43.91 -5.27
N ILE I 49 1.91 45.19 -5.37
CA ILE I 49 0.52 45.46 -5.52
C ILE I 49 0.35 46.17 -6.81
N THR I 50 -0.72 45.85 -7.54
CA THR I 50 -0.83 46.38 -8.86
C THR I 50 -2.07 47.22 -8.92
N LYS I 51 -2.18 48.07 -9.94
CA LYS I 51 -3.23 49.04 -9.98
C LYS I 51 -4.13 48.70 -11.13
N ASP I 52 -4.01 49.51 -12.21
CA ASP I 52 -5.03 49.58 -13.22
C ASP I 52 -5.20 48.25 -13.85
N GLY I 53 -6.28 48.09 -14.63
CA GLY I 53 -6.74 46.81 -15.08
C GLY I 53 -5.67 46.20 -15.93
N VAL I 54 -4.99 47.01 -16.76
CA VAL I 54 -3.99 46.46 -17.61
C VAL I 54 -2.98 45.83 -16.71
N SER I 55 -2.60 46.57 -15.66
CA SER I 55 -1.63 46.06 -14.73
C SER I 55 -2.21 44.85 -14.11
N VAL I 56 -3.53 44.87 -13.85
CA VAL I 56 -4.15 43.75 -13.20
C VAL I 56 -3.98 42.55 -14.07
N ALA I 57 -4.25 42.71 -15.37
CA ALA I 57 -4.19 41.60 -16.27
C ALA I 57 -2.79 41.11 -16.28
N ARG I 58 -1.83 42.05 -16.30
CA ARG I 58 -0.44 41.68 -16.40
C ARG I 58 -0.13 40.85 -15.20
N GLU I 59 -0.59 41.30 -14.02
CA GLU I 59 -0.25 40.62 -12.80
C GLU I 59 -0.82 39.25 -12.86
N ILE I 60 -2.06 39.11 -13.37
CA ILE I 60 -2.74 37.86 -13.28
C ILE I 60 -2.09 36.91 -14.23
N GLU I 61 -1.73 35.71 -13.71
CA GLU I 61 -1.25 34.66 -14.56
C GLU I 61 -2.07 33.46 -14.23
N LEU I 62 -2.24 32.55 -15.21
CA LEU I 62 -3.04 31.39 -14.95
C LEU I 62 -2.11 30.23 -14.81
N GLU I 63 -2.39 29.37 -13.80
CA GLU I 63 -1.54 28.23 -13.57
C GLU I 63 -1.64 27.34 -14.76
N ASP I 64 -2.87 27.12 -15.26
CA ASP I 64 -3.04 26.19 -16.33
C ASP I 64 -2.38 26.78 -17.53
N LYS I 65 -1.66 25.93 -18.29
CA LYS I 65 -0.98 26.43 -19.46
C LYS I 65 -2.00 26.91 -20.42
N PHE I 66 -3.06 26.09 -20.63
CA PHE I 66 -4.03 26.42 -21.62
C PHE I 66 -4.69 27.69 -21.21
N GLU I 67 -5.13 27.76 -19.94
CA GLU I 67 -5.84 28.91 -19.48
C GLU I 67 -4.92 30.08 -19.58
N ASN I 68 -3.66 29.88 -19.14
CA ASN I 68 -2.74 30.98 -19.09
C ASN I 68 -2.55 31.47 -20.48
N MET I 69 -2.38 30.54 -21.44
CA MET I 69 -2.10 30.93 -22.79
C MET I 69 -3.27 31.72 -23.28
N GLY I 70 -4.49 31.26 -22.99
CA GLY I 70 -5.65 31.93 -23.47
C GLY I 70 -5.65 33.30 -22.90
N ALA I 71 -5.31 33.42 -21.60
CA ALA I 71 -5.33 34.69 -20.95
C ALA I 71 -4.33 35.56 -21.64
N GLN I 72 -3.17 34.98 -21.97
CA GLN I 72 -2.08 35.75 -22.50
C GLN I 72 -2.53 36.35 -23.79
N MET I 73 -3.28 35.57 -24.60
CA MET I 73 -3.62 36.02 -25.91
C MET I 73 -4.39 37.29 -25.78
N VAL I 74 -5.36 37.30 -24.84
CA VAL I 74 -6.19 38.46 -24.69
C VAL I 74 -5.32 39.59 -24.31
N LYS I 75 -4.40 39.36 -23.36
CA LYS I 75 -3.63 40.44 -22.80
C LYS I 75 -2.85 41.06 -23.91
N GLU I 76 -2.23 40.23 -24.77
CA GLU I 76 -1.32 40.77 -25.74
C GLU I 76 -2.09 41.68 -26.63
N VAL I 77 -3.28 41.23 -27.08
CA VAL I 77 -4.04 42.05 -27.98
C VAL I 77 -4.40 43.30 -27.23
N ALA I 78 -4.80 43.14 -25.96
CA ALA I 78 -5.31 44.26 -25.22
C ALA I 78 -4.21 45.27 -25.14
N SER I 79 -2.97 44.82 -24.89
CA SER I 79 -1.90 45.75 -24.71
C SER I 79 -1.74 46.52 -25.99
N LYS I 80 -1.83 45.83 -27.13
CA LYS I 80 -1.59 46.47 -28.38
C LYS I 80 -2.60 47.57 -28.52
N ALA I 81 -3.86 47.25 -28.22
CA ALA I 81 -4.89 48.24 -28.32
C ALA I 81 -4.55 49.32 -27.34
N ASN I 82 -4.07 48.91 -26.15
CA ASN I 82 -3.82 49.85 -25.11
C ASN I 82 -2.82 50.83 -25.60
N ASP I 83 -1.77 50.35 -26.28
CA ASP I 83 -0.74 51.28 -26.65
C ASP I 83 -1.33 52.29 -27.58
N ALA I 84 -2.00 51.83 -28.64
CA ALA I 84 -2.42 52.74 -29.66
C ALA I 84 -3.44 53.69 -29.09
N ALA I 85 -4.47 53.14 -28.43
CA ALA I 85 -5.54 53.97 -27.94
C ALA I 85 -4.98 54.86 -26.90
N GLY I 86 -4.16 54.27 -26.01
CA GLY I 86 -3.66 54.95 -24.86
C GLY I 86 -4.59 54.62 -23.74
N ASP I 87 -5.83 54.24 -24.10
CA ASP I 87 -6.80 53.87 -23.11
C ASP I 87 -7.59 52.73 -23.66
N GLY I 88 -8.55 52.23 -22.87
CA GLY I 88 -9.51 51.28 -23.37
C GLY I 88 -8.89 49.93 -23.37
N THR I 89 -7.82 49.74 -22.58
CA THR I 89 -7.22 48.44 -22.54
C THR I 89 -8.26 47.50 -22.02
N THR I 90 -8.92 47.90 -20.92
CA THR I 90 -9.87 47.04 -20.27
C THR I 90 -11.00 46.81 -21.21
N THR I 91 -11.42 47.88 -21.92
CA THR I 91 -12.61 47.80 -22.70
C THR I 91 -12.41 46.72 -23.71
N ALA I 92 -11.22 46.68 -24.33
CA ALA I 92 -10.98 45.70 -25.34
C ALA I 92 -11.11 44.36 -24.70
N THR I 93 -10.53 44.21 -23.48
CA THR I 93 -10.55 42.93 -22.85
C THR I 93 -11.97 42.56 -22.60
N VAL I 94 -12.76 43.52 -22.09
CA VAL I 94 -14.12 43.21 -21.73
C VAL I 94 -14.83 42.77 -22.97
N LEU I 95 -14.63 43.52 -24.08
CA LEU I 95 -15.34 43.23 -25.28
C LEU I 95 -14.96 41.85 -25.72
N ALA I 96 -13.66 41.54 -25.65
CA ALA I 96 -13.18 40.30 -26.18
C ALA I 96 -13.84 39.19 -25.45
N GLN I 97 -13.95 39.32 -24.11
CA GLN I 97 -14.43 38.22 -23.33
C GLN I 97 -15.83 37.93 -23.77
N ALA I 98 -16.65 38.99 -23.93
CA ALA I 98 -18.03 38.78 -24.24
C ALA I 98 -18.10 38.09 -25.55
N ILE I 99 -17.30 38.55 -26.53
CA ILE I 99 -17.37 38.02 -27.85
C ILE I 99 -16.98 36.58 -27.78
N ILE I 100 -15.90 36.28 -27.05
CA ILE I 100 -15.33 34.96 -27.06
C ILE I 100 -16.35 34.02 -26.53
N THR I 101 -16.99 34.39 -25.41
CA THR I 101 -17.87 33.46 -24.76
C THR I 101 -18.96 33.12 -25.72
N GLU I 102 -19.53 34.14 -26.38
CA GLU I 102 -20.63 33.89 -27.26
C GLU I 102 -20.13 33.03 -28.37
N GLY I 103 -18.93 33.34 -28.89
CA GLY I 103 -18.43 32.62 -30.02
C GLY I 103 -18.29 31.20 -29.62
N LEU I 104 -17.80 30.96 -28.40
CA LEU I 104 -17.56 29.63 -27.94
C LEU I 104 -18.88 28.92 -27.89
N LYS I 105 -19.93 29.61 -27.40
CA LYS I 105 -21.20 28.98 -27.29
C LYS I 105 -21.60 28.56 -28.65
N ALA I 106 -21.36 29.45 -29.63
CA ALA I 106 -21.70 29.16 -30.99
C ALA I 106 -20.93 27.96 -31.41
N VAL I 107 -19.66 27.88 -30.98
CA VAL I 107 -18.86 26.74 -31.31
C VAL I 107 -19.57 25.56 -30.76
N ALA I 108 -20.12 25.70 -29.55
CA ALA I 108 -20.87 24.64 -28.95
C ALA I 108 -22.01 24.35 -29.86
N ALA I 109 -22.58 25.43 -30.45
CA ALA I 109 -23.67 25.28 -31.36
C ALA I 109 -23.18 24.43 -32.48
N GLY I 110 -21.91 24.64 -32.90
CA GLY I 110 -21.38 23.84 -33.95
C GLY I 110 -21.57 24.57 -35.23
N MET I 111 -22.04 25.84 -35.14
CA MET I 111 -22.11 26.64 -36.32
C MET I 111 -20.69 26.89 -36.71
N ASN I 112 -20.43 27.10 -38.02
CA ASN I 112 -19.08 27.24 -38.44
C ASN I 112 -18.63 28.60 -38.06
N PRO I 113 -17.60 28.64 -37.26
CA PRO I 113 -17.15 29.83 -36.62
C PRO I 113 -16.67 30.81 -37.65
N MET I 114 -16.32 30.32 -38.85
CA MET I 114 -15.72 31.19 -39.81
C MET I 114 -16.72 32.24 -40.16
N ASP I 115 -17.98 31.83 -40.35
CA ASP I 115 -19.00 32.76 -40.72
C ASP I 115 -19.12 33.74 -39.61
N LEU I 116 -19.08 33.25 -38.36
CA LEU I 116 -19.30 34.09 -37.23
C LEU I 116 -18.22 35.12 -37.21
N LYS I 117 -16.97 34.67 -37.44
CA LYS I 117 -15.86 35.58 -37.35
C LYS I 117 -16.08 36.63 -38.39
N ARG I 118 -16.50 36.19 -39.59
CA ARG I 118 -16.69 37.12 -40.67
C ARG I 118 -17.76 38.07 -40.26
N GLY I 119 -18.84 37.53 -39.66
CA GLY I 119 -19.95 38.37 -39.30
C GLY I 119 -19.46 39.37 -38.29
N ILE I 120 -18.62 38.90 -37.34
CA ILE I 120 -18.17 39.76 -36.30
C ILE I 120 -17.39 40.86 -36.93
N ASP I 121 -16.50 40.49 -37.87
CA ASP I 121 -15.66 41.46 -38.49
C ASP I 121 -16.54 42.44 -39.19
N LYS I 122 -17.56 41.93 -39.89
CA LYS I 122 -18.42 42.80 -40.65
C LYS I 122 -19.07 43.74 -39.70
N ALA I 123 -19.54 43.21 -38.55
CA ALA I 123 -20.24 44.03 -37.61
C ALA I 123 -19.29 45.08 -37.15
N VAL I 124 -18.03 44.69 -36.89
CA VAL I 124 -17.08 45.60 -36.33
C VAL I 124 -16.93 46.74 -37.29
N THR I 125 -16.80 46.42 -38.59
CA THR I 125 -16.54 47.44 -39.56
C THR I 125 -17.69 48.40 -39.52
N ALA I 126 -18.92 47.86 -39.50
CA ALA I 126 -20.08 48.71 -39.53
C ALA I 126 -20.03 49.59 -38.33
N ALA I 127 -19.72 49.00 -37.16
CA ALA I 127 -19.75 49.74 -35.94
C ALA I 127 -18.76 50.84 -36.05
N VAL I 128 -17.58 50.55 -36.63
CA VAL I 128 -16.53 51.52 -36.67
C VAL I 128 -17.03 52.71 -37.43
N GLU I 129 -17.70 52.44 -38.57
CA GLU I 129 -18.13 53.52 -39.41
C GLU I 129 -19.08 54.36 -38.62
N GLU I 130 -19.99 53.70 -37.88
CA GLU I 130 -20.98 54.44 -37.16
C GLU I 130 -20.29 55.29 -36.15
N LEU I 131 -19.26 54.71 -35.49
CA LEU I 131 -18.60 55.41 -34.43
C LEU I 131 -17.99 56.66 -35.00
N LYS I 132 -17.36 56.52 -36.18
CA LYS I 132 -16.62 57.63 -36.71
C LYS I 132 -17.57 58.76 -36.90
N ALA I 133 -18.75 58.47 -37.49
CA ALA I 133 -19.71 59.50 -37.74
C ALA I 133 -20.13 60.05 -36.42
N LEU I 134 -20.31 59.16 -35.42
CA LEU I 134 -20.83 59.55 -34.16
C LEU I 134 -19.87 60.50 -33.53
N SER I 135 -18.56 60.25 -33.72
CA SER I 135 -17.56 60.97 -32.99
C SER I 135 -17.72 62.43 -33.27
N VAL I 136 -17.34 63.26 -32.28
CA VAL I 136 -17.40 64.67 -32.42
C VAL I 136 -16.09 65.20 -31.91
N PRO I 137 -15.83 66.45 -32.18
CA PRO I 137 -14.54 67.01 -31.97
C PRO I 137 -14.25 67.00 -30.51
N CYS I 138 -12.96 66.97 -30.13
CA CYS I 138 -12.61 66.91 -28.75
C CYS I 138 -12.92 68.23 -28.14
N SER I 139 -13.28 68.22 -26.83
CA SER I 139 -13.60 69.42 -26.14
C SER I 139 -12.34 69.99 -25.60
N ASP I 140 -12.46 71.05 -24.78
CA ASP I 140 -11.32 71.81 -24.35
C ASP I 140 -10.63 71.08 -23.25
N SER I 141 -9.65 71.76 -22.63
CA SER I 141 -8.73 71.14 -21.73
C SER I 141 -9.49 70.56 -20.59
N LYS I 142 -10.59 71.22 -20.17
CA LYS I 142 -11.35 70.70 -19.08
C LYS I 142 -11.80 69.34 -19.48
N ALA I 143 -12.27 69.23 -20.74
CA ALA I 143 -12.65 67.94 -21.26
C ALA I 143 -11.43 67.09 -21.27
N ILE I 144 -10.28 67.68 -21.62
CA ILE I 144 -9.08 66.92 -21.80
C ILE I 144 -8.79 66.25 -20.50
N ALA I 145 -8.95 66.99 -19.39
CA ALA I 145 -8.67 66.41 -18.11
C ALA I 145 -9.58 65.25 -17.94
N GLN I 146 -10.86 65.41 -18.36
CA GLN I 146 -11.81 64.37 -18.19
C GLN I 146 -11.35 63.20 -19.02
N VAL I 147 -10.84 63.48 -20.23
CA VAL I 147 -10.36 62.41 -21.05
C VAL I 147 -9.26 61.74 -20.30
N GLY I 148 -8.39 62.57 -19.67
CA GLY I 148 -7.27 62.04 -18.96
C GLY I 148 -7.78 61.18 -17.86
N THR I 149 -8.86 61.61 -17.19
CA THR I 149 -9.34 60.90 -16.05
C THR I 149 -9.79 59.54 -16.50
N ILE I 150 -10.39 59.46 -17.70
CA ILE I 150 -10.90 58.20 -18.12
C ILE I 150 -9.75 57.25 -18.22
N SER I 151 -8.63 57.69 -18.83
CA SER I 151 -7.47 56.85 -18.91
C SER I 151 -6.99 56.65 -17.52
N ALA I 152 -7.23 57.68 -16.67
CA ALA I 152 -6.80 57.70 -15.32
C ALA I 152 -7.45 56.57 -14.60
N ASN I 153 -8.69 56.23 -15.00
CA ASN I 153 -9.48 55.38 -14.17
C ASN I 153 -9.58 56.06 -12.84
N SER I 154 -10.12 57.29 -12.85
CA SER I 154 -10.29 58.07 -11.67
C SER I 154 -8.97 58.35 -11.06
N ASP I 155 -7.93 58.50 -11.90
CA ASP I 155 -6.72 59.06 -11.38
C ASP I 155 -6.79 60.53 -11.67
N GLU I 156 -7.18 61.33 -10.66
CA GLU I 156 -7.39 62.72 -10.88
C GLU I 156 -6.08 63.33 -11.25
N THR I 157 -5.00 62.90 -10.56
CA THR I 157 -3.73 63.53 -10.72
C THR I 157 -3.31 63.37 -12.14
N VAL I 158 -3.46 62.16 -12.70
CA VAL I 158 -2.93 61.90 -14.00
C VAL I 158 -3.60 62.84 -14.95
N GLY I 159 -4.93 62.95 -14.85
CA GLY I 159 -5.64 63.76 -15.80
C GLY I 159 -5.15 65.16 -15.66
N LYS I 160 -4.97 65.62 -14.40
CA LYS I 160 -4.56 66.97 -14.18
C LYS I 160 -3.21 67.14 -14.79
N LEU I 161 -2.32 66.16 -14.56
CA LEU I 161 -0.97 66.29 -15.03
C LEU I 161 -1.01 66.36 -16.52
N ILE I 162 -1.82 65.49 -17.14
CA ILE I 162 -1.84 65.45 -18.57
C ILE I 162 -2.30 66.78 -19.06
N ALA I 163 -3.38 67.30 -18.46
CA ALA I 163 -3.93 68.54 -18.93
C ALA I 163 -2.89 69.60 -18.73
N GLU I 164 -2.25 69.61 -17.55
CA GLU I 164 -1.33 70.67 -17.24
C GLU I 164 -0.20 70.60 -18.22
N ALA I 165 0.33 69.39 -18.43
CA ALA I 165 1.45 69.24 -19.31
C ALA I 165 1.00 69.65 -20.67
N MET I 166 -0.22 69.23 -21.04
CA MET I 166 -0.70 69.45 -22.37
C MET I 166 -0.81 70.92 -22.58
N ASP I 167 -1.30 71.66 -21.57
CA ASP I 167 -1.53 73.05 -21.79
C ASP I 167 -0.20 73.70 -22.09
N LYS I 168 0.81 73.45 -21.24
CA LYS I 168 2.04 74.17 -21.37
C LYS I 168 2.68 73.82 -22.67
N VAL I 169 2.79 72.51 -22.95
CA VAL I 169 3.47 72.06 -24.12
C VAL I 169 2.70 72.53 -25.31
N GLY I 170 1.36 72.45 -25.21
CA GLY I 170 0.50 72.59 -26.33
C GLY I 170 0.08 71.20 -26.70
N LYS I 171 -1.14 71.07 -27.23
CA LYS I 171 -1.64 69.76 -27.53
C LYS I 171 -0.74 69.17 -28.55
N GLU I 172 -0.38 69.97 -29.57
CA GLU I 172 0.42 69.50 -30.65
C GLU I 172 1.75 69.10 -30.08
N GLY I 173 2.28 69.91 -29.15
CA GLY I 173 3.61 69.66 -28.68
C GLY I 173 3.61 68.32 -28.03
N VAL I 174 4.74 67.59 -28.17
CA VAL I 174 4.85 66.28 -27.63
C VAL I 174 5.14 66.41 -26.17
N ILE I 175 4.62 65.46 -25.37
CA ILE I 175 4.91 65.46 -23.97
C ILE I 175 5.59 64.17 -23.68
N THR I 176 6.63 64.21 -22.83
CA THR I 176 7.33 63.00 -22.50
C THR I 176 7.16 62.78 -21.05
N VAL I 177 7.17 61.49 -20.62
CA VAL I 177 7.01 61.22 -19.23
C VAL I 177 8.30 60.62 -18.74
N GLU I 178 8.71 61.03 -17.53
CA GLU I 178 9.87 60.49 -16.91
C GLU I 178 9.49 60.13 -15.52
N ASP I 179 10.30 59.29 -14.86
CA ASP I 179 9.98 58.94 -13.51
C ASP I 179 10.16 60.19 -12.70
N GLY I 180 9.36 60.33 -11.63
CA GLY I 180 9.40 61.54 -10.87
C GLY I 180 10.68 61.53 -10.10
N THR I 181 11.25 62.73 -9.89
CA THR I 181 12.41 62.84 -9.06
C THR I 181 12.01 62.47 -7.68
N GLY I 182 10.84 62.96 -7.25
CA GLY I 182 10.41 62.76 -5.89
C GLY I 182 8.94 62.53 -5.93
N LEU I 183 8.32 62.47 -4.73
CA LEU I 183 6.93 62.13 -4.63
C LEU I 183 6.16 63.18 -5.36
N GLN I 184 6.53 64.46 -5.19
CA GLN I 184 5.80 65.47 -5.89
C GLN I 184 6.15 65.37 -7.33
N ASP I 185 5.15 65.56 -8.21
CA ASP I 185 5.42 65.51 -9.61
C ASP I 185 6.13 66.78 -9.96
N GLU I 186 6.97 66.74 -11.00
CA GLU I 186 7.56 67.96 -11.47
C GLU I 186 7.26 68.05 -12.92
N LEU I 187 6.83 69.23 -13.38
CA LEU I 187 6.68 69.41 -14.80
C LEU I 187 7.70 70.42 -15.21
N ASP I 188 8.66 69.99 -16.06
CA ASP I 188 9.64 70.93 -16.53
C ASP I 188 9.59 70.90 -18.01
N VAL I 189 9.54 72.09 -18.64
CA VAL I 189 9.67 72.12 -20.07
C VAL I 189 11.13 71.94 -20.33
N VAL I 190 11.47 71.17 -21.38
CA VAL I 190 12.85 70.92 -21.63
C VAL I 190 13.18 71.47 -22.97
N GLU I 191 14.34 72.17 -23.07
CA GLU I 191 14.76 72.69 -24.33
C GLU I 191 15.36 71.56 -25.10
N GLY I 192 15.21 71.59 -26.44
CA GLY I 192 15.85 70.57 -27.23
C GLY I 192 15.08 70.44 -28.51
N MET I 193 15.63 69.63 -29.44
CA MET I 193 14.95 69.40 -30.69
C MET I 193 14.80 67.92 -30.84
N GLN I 194 13.72 67.50 -31.52
CA GLN I 194 13.55 66.11 -31.78
C GLN I 194 13.55 65.94 -33.26
N PHE I 195 14.26 64.90 -33.76
CA PHE I 195 14.30 64.63 -35.17
C PHE I 195 13.98 63.18 -35.32
N ASP I 196 13.20 62.82 -36.35
CA ASP I 196 12.79 61.45 -36.45
C ASP I 196 13.91 60.70 -37.09
N ARG I 197 14.66 59.92 -36.28
CA ARG I 197 15.69 59.09 -36.84
C ARG I 197 15.61 57.77 -36.13
N GLY I 198 16.01 56.70 -36.83
CA GLY I 198 15.92 55.40 -36.26
C GLY I 198 17.15 55.13 -35.46
N TYR I 199 17.12 54.03 -34.69
CA TYR I 199 18.33 53.53 -34.10
C TYR I 199 18.88 52.54 -35.05
N LEU I 200 20.21 52.58 -35.27
CA LEU I 200 20.76 51.81 -36.35
C LEU I 200 20.49 50.37 -36.06
N SER I 201 20.75 49.93 -34.81
CA SER I 201 20.55 48.54 -34.52
C SER I 201 19.81 48.44 -33.23
N PRO I 202 19.04 47.39 -33.12
CA PRO I 202 18.31 47.07 -31.94
C PRO I 202 19.29 46.78 -30.85
N TYR I 203 20.55 46.49 -31.23
CA TYR I 203 21.57 46.21 -30.28
C TYR I 203 21.76 47.45 -29.48
N PHE I 204 21.70 48.60 -30.16
CA PHE I 204 21.88 49.87 -29.54
C PHE I 204 20.80 50.02 -28.53
N ILE I 205 19.59 49.50 -28.87
CA ILE I 205 18.41 49.64 -28.07
C ILE I 205 18.73 49.35 -26.64
N ASN I 206 18.21 50.21 -25.76
CA ASN I 206 18.60 50.24 -24.38
C ASN I 206 17.90 49.15 -23.65
N LYS I 207 18.18 49.05 -22.34
CA LYS I 207 17.65 48.01 -21.50
C LYS I 207 16.16 48.05 -21.49
N PRO I 208 15.48 49.16 -21.35
CA PRO I 208 14.09 49.11 -20.99
C PRO I 208 13.27 48.43 -22.03
N GLU I 209 12.08 47.93 -21.62
CA GLU I 209 11.25 47.08 -22.42
C GLU I 209 10.85 47.83 -23.65
N THR I 210 10.62 49.15 -23.50
CA THR I 210 10.16 49.93 -24.61
C THR I 210 11.19 49.80 -25.68
N GLY I 211 12.47 49.86 -25.28
CA GLY I 211 13.51 49.65 -26.24
C GLY I 211 13.96 51.00 -26.70
N ALA I 212 13.26 52.06 -26.26
CA ALA I 212 13.80 53.36 -26.50
C ALA I 212 15.02 53.44 -25.67
N VAL I 213 16.06 54.13 -26.18
CA VAL I 213 17.28 54.16 -25.43
C VAL I 213 17.39 55.51 -24.83
N GLU I 214 17.68 55.56 -23.52
CA GLU I 214 17.87 56.84 -22.90
C GLU I 214 19.28 56.87 -22.42
N LEU I 215 19.98 58.00 -22.68
CA LEU I 215 21.32 58.12 -22.24
C LEU I 215 21.33 59.17 -21.18
N GLU I 216 22.15 58.98 -20.13
CA GLU I 216 22.23 59.99 -19.12
C GLU I 216 23.40 60.85 -19.47
N SER I 217 23.17 62.18 -19.51
CA SER I 217 24.17 63.11 -19.91
C SER I 217 24.84 62.65 -21.18
N PRO I 218 24.14 62.42 -22.26
CA PRO I 218 24.75 61.89 -23.44
C PRO I 218 25.70 62.90 -23.99
N PHE I 219 26.74 62.45 -24.72
CA PHE I 219 27.59 63.34 -25.43
C PHE I 219 27.17 63.24 -26.86
N ILE I 220 27.14 64.37 -27.59
CA ILE I 220 26.68 64.27 -28.94
C ILE I 220 27.82 64.60 -29.83
N LEU I 221 28.15 63.66 -30.74
CA LEU I 221 29.09 63.95 -31.77
C LEU I 221 28.31 64.04 -33.03
N LEU I 222 28.46 65.16 -33.77
CA LEU I 222 27.73 65.28 -34.99
C LEU I 222 28.74 65.27 -36.08
N ALA I 223 28.52 64.42 -37.10
CA ALA I 223 29.35 64.50 -38.27
C ALA I 223 28.44 64.77 -39.41
N ASP I 224 28.81 65.75 -40.25
CA ASP I 224 28.04 65.99 -41.43
C ASP I 224 28.17 64.77 -42.28
N LYS I 225 29.41 64.24 -42.35
CA LYS I 225 29.64 63.08 -43.15
C LYS I 225 29.10 61.91 -42.41
N LYS I 226 28.74 60.85 -43.16
CA LYS I 226 28.26 59.65 -42.57
C LYS I 226 29.42 59.02 -41.88
N ILE I 227 29.17 58.26 -40.79
CA ILE I 227 30.28 57.64 -40.13
C ILE I 227 30.42 56.28 -40.71
N SER I 228 31.30 56.16 -41.72
CA SER I 228 31.45 54.94 -42.43
C SER I 228 31.98 53.89 -41.51
N ASN I 229 33.13 54.18 -40.87
CA ASN I 229 33.84 53.12 -40.24
C ASN I 229 34.23 53.54 -38.86
N ILE I 230 34.70 52.56 -38.07
CA ILE I 230 35.10 52.77 -36.72
C ILE I 230 36.26 53.71 -36.69
N ARG I 231 37.21 53.54 -37.64
CA ARG I 231 38.51 54.15 -37.51
C ARG I 231 38.34 55.63 -37.38
N GLU I 232 37.49 56.23 -38.24
CA GLU I 232 37.31 57.65 -38.19
C GLU I 232 36.73 57.97 -36.85
N MET I 233 35.82 57.09 -36.37
CA MET I 233 35.12 57.30 -35.14
C MET I 233 36.11 57.26 -34.02
N LEU I 234 37.15 56.42 -34.15
CA LEU I 234 37.92 55.98 -33.03
C LEU I 234 38.49 57.15 -32.30
N PRO I 235 39.08 58.11 -32.95
CA PRO I 235 39.71 59.18 -32.23
C PRO I 235 38.69 59.91 -31.42
N VAL I 236 37.43 59.94 -31.87
CA VAL I 236 36.38 60.54 -31.11
C VAL I 236 36.22 59.70 -29.89
N LEU I 237 36.25 58.37 -30.09
CA LEU I 237 36.01 57.41 -29.06
C LEU I 237 37.07 57.56 -28.01
N GLU I 238 38.32 57.82 -28.43
CA GLU I 238 39.38 57.86 -27.47
C GLU I 238 39.08 58.94 -26.51
N ALA I 239 38.62 60.09 -27.01
CA ALA I 239 38.25 61.18 -26.15
C ALA I 239 37.13 60.66 -25.30
N VAL I 240 36.26 59.85 -25.92
CA VAL I 240 35.12 59.30 -25.26
C VAL I 240 35.60 58.49 -24.10
N ALA I 241 36.76 57.83 -24.23
CA ALA I 241 37.22 57.01 -23.16
C ALA I 241 37.38 57.87 -21.95
N LYS I 242 37.95 59.07 -22.13
CA LYS I 242 38.08 60.01 -21.06
C LYS I 242 36.71 60.35 -20.61
N ALA I 243 35.78 60.39 -21.58
CA ALA I 243 34.38 60.56 -21.34
C ALA I 243 33.91 59.30 -20.69
N GLY I 244 32.68 58.87 -21.00
CA GLY I 244 32.09 57.80 -20.25
C GLY I 244 30.75 58.26 -19.81
N LYS I 245 30.52 59.58 -19.85
CA LYS I 245 29.15 59.98 -19.95
C LYS I 245 28.74 59.47 -21.30
N PRO I 246 27.55 58.96 -21.40
CA PRO I 246 27.23 58.08 -22.48
C PRO I 246 27.36 58.82 -23.77
N LEU I 247 27.79 58.13 -24.84
CA LEU I 247 28.09 58.82 -26.06
C LEU I 247 26.99 58.52 -27.02
N LEU I 248 26.47 59.59 -27.66
CA LEU I 248 25.56 59.45 -28.74
C LEU I 248 26.29 59.93 -29.96
N ILE I 249 26.10 59.24 -31.09
CA ILE I 249 26.81 59.62 -32.27
C ILE I 249 25.81 59.97 -33.31
N ILE I 250 26.04 61.09 -34.01
CA ILE I 250 25.17 61.42 -35.10
C ILE I 250 26.00 61.36 -36.34
N ALA I 251 25.58 60.52 -37.30
CA ALA I 251 26.31 60.41 -38.53
C ALA I 251 25.29 60.44 -39.62
N GLU I 252 25.71 60.90 -40.81
CA GLU I 252 24.77 60.95 -41.88
C GLU I 252 24.30 59.56 -42.11
N ASP I 253 25.25 58.61 -42.23
CA ASP I 253 24.87 57.24 -42.35
C ASP I 253 25.92 56.43 -41.67
N VAL I 254 25.51 55.47 -40.82
CA VAL I 254 26.50 54.55 -40.38
C VAL I 254 26.17 53.25 -41.02
N GLU I 255 27.12 52.68 -41.79
CA GLU I 255 26.85 51.39 -42.33
C GLU I 255 26.86 50.46 -41.16
N GLY I 256 25.82 49.62 -41.05
CA GLY I 256 25.70 48.87 -39.84
C GLY I 256 26.87 47.95 -39.74
N GLU I 257 27.17 47.21 -40.82
CA GLU I 257 28.04 46.10 -40.65
C GLU I 257 29.40 46.59 -40.24
N ALA I 258 29.96 47.55 -41.01
CA ALA I 258 31.33 47.86 -40.75
C ALA I 258 31.46 48.44 -39.39
N LEU I 259 30.65 49.48 -39.09
CA LEU I 259 30.83 50.15 -37.84
C LEU I 259 30.41 49.24 -36.73
N ALA I 260 29.21 48.65 -36.85
CA ALA I 260 28.64 47.95 -35.74
C ALA I 260 29.50 46.77 -35.43
N THR I 261 29.95 46.06 -36.46
CA THR I 261 30.64 44.83 -36.20
C THR I 261 31.86 45.16 -35.41
N LEU I 262 32.65 46.13 -35.90
CA LEU I 262 33.86 46.45 -35.20
C LEU I 262 33.50 47.00 -33.86
N VAL I 263 32.53 47.92 -33.82
CA VAL I 263 32.29 48.62 -32.59
C VAL I 263 31.84 47.65 -31.56
N VAL I 264 30.80 46.85 -31.89
CA VAL I 264 30.22 46.05 -30.86
C VAL I 264 31.25 45.08 -30.39
N ASN I 265 31.81 44.28 -31.31
CA ASN I 265 32.69 43.23 -30.89
C ASN I 265 33.92 43.82 -30.30
N THR I 266 34.58 44.72 -31.06
CA THR I 266 35.87 45.21 -30.66
C THR I 266 35.70 46.02 -29.43
N MET I 267 34.69 46.92 -29.43
CA MET I 267 34.58 47.87 -28.37
C MET I 267 33.75 47.28 -27.29
N ARG I 268 34.24 47.42 -26.04
CA ARG I 268 33.50 46.93 -24.91
C ARG I 268 32.22 47.68 -24.89
N GLY I 269 32.28 49.00 -25.15
CA GLY I 269 31.07 49.77 -25.17
C GLY I 269 30.64 49.93 -23.75
N ILE I 270 31.61 50.01 -22.82
CA ILE I 270 31.25 50.13 -21.44
C ILE I 270 30.45 51.38 -21.32
N VAL I 271 30.95 52.47 -21.93
CA VAL I 271 30.15 53.66 -21.99
C VAL I 271 29.11 53.40 -23.03
N LYS I 272 27.88 53.90 -22.79
CA LYS I 272 26.84 53.62 -23.73
C LYS I 272 27.15 54.37 -24.97
N VAL I 273 26.89 53.74 -26.14
CA VAL I 273 27.07 54.45 -27.38
C VAL I 273 25.81 54.28 -28.15
N ALA I 274 25.44 55.31 -28.92
CA ALA I 274 24.29 55.21 -29.77
C ALA I 274 24.67 55.84 -31.05
N ALA I 275 24.00 55.43 -32.15
CA ALA I 275 24.25 56.09 -33.39
C ALA I 275 22.93 56.44 -33.99
N VAL I 276 22.84 57.61 -34.65
CA VAL I 276 21.63 57.96 -35.33
C VAL I 276 22.04 58.57 -36.63
N LYS I 277 21.16 58.46 -37.65
CA LYS I 277 21.44 59.11 -38.89
C LYS I 277 21.13 60.55 -38.71
N ALA I 278 21.89 61.43 -39.38
CA ALA I 278 21.64 62.82 -39.24
C ALA I 278 20.35 63.11 -39.93
N PRO I 279 19.59 63.99 -39.36
CA PRO I 279 18.26 64.25 -39.83
C PRO I 279 18.35 64.92 -41.16
N GLY I 280 17.36 64.68 -42.04
CA GLY I 280 17.29 65.41 -43.26
C GLY I 280 18.33 64.87 -44.18
N PHE I 281 18.39 65.41 -45.40
CA PHE I 281 19.43 65.05 -46.31
C PHE I 281 19.83 66.28 -47.06
N GLY I 282 21.02 66.26 -47.67
CA GLY I 282 21.43 67.36 -48.49
C GLY I 282 21.74 68.51 -47.60
N ASP I 283 21.59 69.73 -48.14
CA ASP I 283 21.92 70.92 -47.43
C ASP I 283 21.04 70.99 -46.22
N ARG I 284 19.77 70.59 -46.38
CA ARG I 284 18.84 70.69 -45.30
C ARG I 284 19.37 69.85 -44.20
N ARG I 285 19.91 68.66 -44.53
CA ARG I 285 20.40 67.78 -43.52
C ARG I 285 21.49 68.51 -42.80
N LYS I 286 22.38 69.18 -43.57
CA LYS I 286 23.48 69.87 -42.96
C LYS I 286 22.90 70.91 -42.06
N ALA I 287 21.87 71.61 -42.56
CA ALA I 287 21.29 72.70 -41.83
C ALA I 287 20.75 72.15 -40.56
N MET I 288 20.09 70.98 -40.64
CA MET I 288 19.50 70.40 -39.48
C MET I 288 20.60 70.10 -38.53
N LEU I 289 21.73 69.61 -39.06
CA LEU I 289 22.84 69.25 -38.23
C LEU I 289 23.28 70.48 -37.52
N GLN I 290 23.34 71.60 -38.25
CA GLN I 290 23.82 72.82 -37.65
C GLN I 290 22.89 73.17 -36.54
N ASP I 291 21.57 73.03 -36.78
CA ASP I 291 20.62 73.41 -35.78
C ASP I 291 20.85 72.53 -34.58
N ILE I 292 21.07 71.23 -34.83
CA ILE I 292 21.25 70.31 -33.75
C ILE I 292 22.48 70.72 -33.02
N ALA I 293 23.55 71.05 -33.78
CA ALA I 293 24.82 71.32 -33.20
C ALA I 293 24.67 72.49 -32.28
N THR I 294 23.93 73.53 -32.70
CA THR I 294 23.79 74.67 -31.88
C THR I 294 23.07 74.27 -30.64
N LEU I 295 21.99 73.46 -30.79
CA LEU I 295 21.17 73.10 -29.68
C LEU I 295 21.99 72.30 -28.74
N THR I 296 22.82 71.38 -29.27
CA THR I 296 23.66 70.58 -28.43
C THR I 296 24.64 71.50 -27.78
N GLY I 297 25.15 72.48 -28.55
CA GLY I 297 26.19 73.33 -28.07
C GLY I 297 27.48 72.74 -28.52
N GLY I 298 27.40 71.56 -29.16
CA GLY I 298 28.58 70.95 -29.68
C GLY I 298 28.83 71.53 -31.03
N THR I 299 29.90 71.06 -31.70
CA THR I 299 30.20 71.56 -33.01
C THR I 299 30.15 70.39 -33.93
N VAL I 300 29.93 70.65 -35.23
CA VAL I 300 29.86 69.58 -36.18
C VAL I 300 31.09 69.66 -37.02
N ILE I 301 31.58 68.50 -37.48
CA ILE I 301 32.76 68.49 -38.30
C ILE I 301 32.34 67.95 -39.63
N SER I 302 32.82 68.60 -40.72
CA SER I 302 32.51 68.10 -42.03
C SER I 302 33.78 68.03 -42.80
N GLU I 303 33.78 67.22 -43.86
CA GLU I 303 34.94 67.11 -44.70
C GLU I 303 35.13 68.44 -45.34
N GLU I 304 34.03 69.10 -45.73
CA GLU I 304 34.13 70.34 -46.43
C GLU I 304 34.83 71.29 -45.54
N ILE I 305 34.46 71.29 -44.24
CA ILE I 305 35.16 72.12 -43.30
C ILE I 305 36.56 71.65 -43.28
N GLY I 306 36.75 70.31 -43.29
CA GLY I 306 38.08 69.78 -43.27
C GLY I 306 38.45 69.55 -41.85
N MET I 307 37.50 69.77 -40.93
CA MET I 307 37.76 69.45 -39.56
C MET I 307 37.88 67.97 -39.50
N GLU I 308 38.71 67.46 -38.56
CA GLU I 308 38.89 66.05 -38.49
C GLU I 308 38.18 65.56 -37.29
N LEU I 309 37.56 64.36 -37.40
CA LEU I 309 36.89 63.78 -36.29
C LEU I 309 37.91 63.53 -35.25
N GLU I 310 39.08 63.02 -35.69
CA GLU I 310 40.13 62.69 -34.79
C GLU I 310 40.53 63.96 -34.10
N LYS I 311 40.65 65.03 -34.89
CA LYS I 311 41.08 66.30 -34.35
C LYS I 311 40.06 66.73 -33.35
N ALA I 312 38.77 66.54 -33.66
CA ALA I 312 37.76 67.09 -32.81
C ALA I 312 37.91 66.46 -31.47
N THR I 313 37.72 67.27 -30.41
CA THR I 313 37.88 66.80 -29.07
C THR I 313 36.52 66.52 -28.51
N LEU I 314 36.48 66.21 -27.21
CA LEU I 314 35.25 65.99 -26.51
C LEU I 314 34.49 67.27 -26.53
N GLU I 315 35.22 68.39 -26.40
CA GLU I 315 34.60 69.68 -26.25
C GLU I 315 33.74 69.90 -27.44
N ASP I 316 34.23 69.50 -28.63
CA ASP I 316 33.46 69.71 -29.81
C ASP I 316 32.17 68.99 -29.64
N LEU I 317 32.22 67.78 -29.06
CA LEU I 317 31.00 67.04 -28.88
C LEU I 317 30.19 67.81 -27.89
N GLY I 318 28.87 67.88 -28.14
CA GLY I 318 28.01 68.57 -27.23
C GLY I 318 27.61 67.60 -26.18
N GLN I 319 26.79 68.05 -25.20
CA GLN I 319 26.28 67.13 -24.23
C GLN I 319 24.80 67.35 -24.15
N ALA I 320 24.07 66.30 -23.77
CA ALA I 320 22.65 66.44 -23.58
C ALA I 320 22.37 66.00 -22.19
N LYS I 321 21.31 66.56 -21.58
CA LYS I 321 20.99 66.15 -20.24
C LYS I 321 20.64 64.70 -20.32
N ARG I 322 19.76 64.34 -21.26
CA ARG I 322 19.45 62.96 -21.50
C ARG I 322 18.98 62.87 -22.91
N VAL I 323 19.14 61.68 -23.53
CA VAL I 323 18.62 61.51 -24.85
C VAL I 323 17.75 60.29 -24.83
N VAL I 324 16.63 60.35 -25.57
CA VAL I 324 15.82 59.18 -25.71
C VAL I 324 15.77 58.88 -27.17
N ILE I 325 15.90 57.59 -27.52
CA ILE I 325 15.85 57.23 -28.91
C ILE I 325 14.82 56.17 -29.07
N ASN I 326 14.01 56.28 -30.12
CA ASN I 326 13.14 55.19 -30.48
C ASN I 326 13.36 54.93 -31.93
N LYS I 327 12.84 53.80 -32.43
CA LYS I 327 13.15 53.42 -33.78
C LYS I 327 12.62 54.49 -34.67
N ASP I 328 11.39 54.96 -34.43
CA ASP I 328 10.83 55.93 -35.30
C ASP I 328 11.64 57.18 -35.24
N THR I 329 11.96 57.65 -34.02
CA THR I 329 12.51 58.97 -33.91
C THR I 329 13.58 58.96 -32.86
N THR I 330 14.51 59.93 -32.93
CA THR I 330 15.46 60.08 -31.87
C THR I 330 15.34 61.48 -31.38
N THR I 331 15.29 61.65 -30.04
CA THR I 331 15.13 63.00 -29.54
C THR I 331 16.18 63.23 -28.51
N ILE I 332 16.52 64.51 -28.30
CA ILE I 332 17.38 64.88 -27.21
C ILE I 332 16.52 65.68 -26.29
N ILE I 333 16.43 65.24 -25.02
CA ILE I 333 15.51 65.90 -24.15
C ILE I 333 15.98 67.32 -23.99
N ASP I 334 17.26 67.50 -23.65
CA ASP I 334 17.75 68.84 -23.49
C ASP I 334 19.20 68.83 -23.84
N GLY I 335 19.57 69.52 -24.94
CA GLY I 335 20.97 69.73 -25.19
C GLY I 335 21.40 70.84 -24.29
N VAL I 336 22.68 70.82 -23.85
CA VAL I 336 23.14 71.91 -23.05
C VAL I 336 23.07 73.14 -23.90
N GLY I 337 23.69 73.07 -25.09
CA GLY I 337 23.54 74.10 -26.07
C GLY I 337 24.40 75.25 -25.69
N GLU I 338 24.53 76.21 -26.62
CA GLU I 338 25.05 77.50 -26.27
C GLU I 338 23.89 78.41 -26.36
N GLU I 339 23.61 79.16 -25.27
CA GLU I 339 22.38 79.89 -25.25
C GLU I 339 22.43 80.90 -26.35
N ALA I 340 23.53 81.64 -26.44
CA ALA I 340 23.63 82.67 -27.44
C ALA I 340 23.60 82.01 -28.77
N ALA I 341 24.40 80.93 -28.94
CA ALA I 341 24.58 80.36 -30.23
C ALA I 341 23.26 79.85 -30.72
N ILE I 342 22.52 79.16 -29.85
CA ILE I 342 21.32 78.50 -30.29
C ILE I 342 20.37 79.56 -30.75
N GLN I 343 20.23 80.62 -29.95
CA GLN I 343 19.23 81.61 -30.24
C GLN I 343 19.58 82.24 -31.55
N GLY I 344 20.87 82.55 -31.74
CA GLY I 344 21.24 83.29 -32.92
C GLY I 344 20.89 82.47 -34.11
N ARG I 345 21.19 81.16 -34.07
CA ARG I 345 20.98 80.32 -35.21
C ARG I 345 19.51 80.30 -35.48
N VAL I 346 18.69 80.20 -34.43
CA VAL I 346 17.28 80.08 -34.63
C VAL I 346 16.85 81.31 -35.37
N ALA I 347 17.33 82.48 -34.91
CA ALA I 347 16.90 83.72 -35.51
C ALA I 347 17.32 83.69 -36.94
N GLN I 348 18.55 83.21 -37.21
CA GLN I 348 19.05 83.24 -38.55
C GLN I 348 18.17 82.38 -39.38
N ILE I 349 17.80 81.20 -38.86
CA ILE I 349 16.98 80.30 -39.60
C ILE I 349 15.67 80.97 -39.81
N ARG I 350 15.15 81.61 -38.76
CA ARG I 350 13.84 82.19 -38.82
C ARG I 350 13.86 83.23 -39.90
N GLN I 351 14.95 84.01 -39.95
CA GLN I 351 15.04 85.04 -40.94
C GLN I 351 15.01 84.37 -42.28
N GLN I 352 15.71 83.22 -42.38
CA GLN I 352 15.83 82.54 -43.63
C GLN I 352 14.45 82.12 -44.05
N ILE I 353 13.63 81.66 -43.08
CA ILE I 353 12.36 81.12 -43.44
C ILE I 353 11.58 82.20 -44.13
N GLU I 354 11.57 83.40 -43.54
CA GLU I 354 10.88 84.50 -44.13
C GLU I 354 11.57 84.80 -45.42
N GLU I 355 12.92 84.76 -45.39
CA GLU I 355 13.70 85.24 -46.49
C GLU I 355 13.37 84.43 -47.70
N ALA I 356 13.29 83.10 -47.55
CA ALA I 356 13.22 82.28 -48.73
C ALA I 356 11.98 82.62 -49.47
N THR I 357 12.12 82.87 -50.78
CA THR I 357 10.99 83.13 -51.61
C THR I 357 10.19 81.88 -51.70
N SER I 358 10.87 80.74 -51.93
CA SER I 358 10.16 79.54 -52.26
C SER I 358 9.53 79.00 -51.03
N ASP I 359 8.43 78.26 -51.22
CA ASP I 359 7.76 77.61 -50.13
C ASP I 359 8.70 76.56 -49.60
N TYR I 360 9.39 75.86 -50.52
CA TYR I 360 10.16 74.72 -50.12
C TYR I 360 11.21 75.18 -49.18
N ASP I 361 11.91 76.29 -49.53
CA ASP I 361 12.97 76.73 -48.69
C ASP I 361 12.37 77.12 -47.38
N ARG I 362 11.20 77.78 -47.43
CA ARG I 362 10.60 78.27 -46.22
C ARG I 362 10.29 77.09 -45.36
N GLU I 363 9.75 76.02 -45.97
CA GLU I 363 9.27 74.91 -45.20
C GLU I 363 10.42 74.32 -44.46
N LYS I 364 11.56 74.12 -45.16
CA LYS I 364 12.65 73.45 -44.52
C LYS I 364 13.09 74.29 -43.37
N LEU I 365 13.23 75.61 -43.59
CA LEU I 365 13.72 76.47 -42.57
C LEU I 365 12.74 76.46 -41.44
N GLN I 366 11.44 76.56 -41.76
CA GLN I 366 10.44 76.70 -40.74
C GLN I 366 10.47 75.44 -39.93
N GLU I 367 10.63 74.29 -40.59
CA GLU I 367 10.62 73.06 -39.87
C GLU I 367 11.78 73.09 -38.93
N ARG I 368 12.94 73.57 -39.41
CA ARG I 368 14.13 73.52 -38.61
C ARG I 368 13.90 74.34 -37.38
N VAL I 369 13.38 75.57 -37.57
CA VAL I 369 13.23 76.44 -36.44
C VAL I 369 12.24 75.82 -35.51
N ALA I 370 11.17 75.23 -36.07
CA ALA I 370 10.08 74.77 -35.27
C ALA I 370 10.61 73.75 -34.32
N LYS I 371 11.49 72.85 -34.79
CA LYS I 371 11.91 71.77 -33.96
C LYS I 371 12.57 72.34 -32.75
N LEU I 372 13.48 73.30 -32.96
CA LEU I 372 14.19 73.86 -31.84
C LEU I 372 13.19 74.56 -30.99
N ALA I 373 12.31 75.36 -31.62
CA ALA I 373 11.44 76.21 -30.87
C ALA I 373 10.55 75.37 -30.02
N GLY I 374 10.01 74.28 -30.59
CA GLY I 374 8.98 73.56 -29.90
C GLY I 374 9.54 73.06 -28.61
N GLY I 375 10.76 72.48 -28.68
CA GLY I 375 11.33 71.95 -27.48
C GLY I 375 10.57 70.72 -27.15
N VAL I 376 10.79 70.18 -25.93
CA VAL I 376 10.04 69.04 -25.50
C VAL I 376 9.58 69.34 -24.11
N ALA I 377 8.50 68.66 -23.67
CA ALA I 377 8.06 68.84 -22.33
C ALA I 377 8.24 67.52 -21.63
N VAL I 378 8.65 67.56 -20.35
CA VAL I 378 8.83 66.34 -19.64
C VAL I 378 7.93 66.40 -18.44
N ILE I 379 7.37 65.23 -18.06
CA ILE I 379 6.55 65.18 -16.90
C ILE I 379 7.16 64.19 -15.97
N LYS I 380 7.25 64.54 -14.67
CA LYS I 380 7.76 63.59 -13.73
C LYS I 380 6.61 63.16 -12.88
N VAL I 381 6.58 61.86 -12.52
CA VAL I 381 5.52 61.39 -11.69
C VAL I 381 6.13 60.97 -10.40
N GLY I 382 5.64 61.54 -9.28
CA GLY I 382 6.13 61.12 -8.01
C GLY I 382 5.33 59.95 -7.58
N ALA I 383 5.75 59.29 -6.49
CA ALA I 383 4.96 58.21 -5.97
C ALA I 383 5.32 58.07 -4.53
N ALA I 384 4.42 57.43 -3.76
CA ALA I 384 4.73 57.13 -2.39
C ALA I 384 5.89 56.21 -2.41
N THR I 385 5.85 55.20 -3.31
CA THR I 385 6.91 54.25 -3.38
C THR I 385 7.34 54.19 -4.81
N GLU I 386 8.52 53.58 -5.05
CA GLU I 386 9.04 53.50 -6.38
C GLU I 386 8.09 52.69 -7.19
N VAL I 387 7.58 51.60 -6.60
CA VAL I 387 6.73 50.71 -7.33
C VAL I 387 5.53 51.49 -7.78
N GLU I 388 4.97 52.30 -6.86
CA GLU I 388 3.77 53.01 -7.17
C GLU I 388 4.09 53.92 -8.31
N MET I 389 5.27 54.55 -8.28
CA MET I 389 5.59 55.55 -9.26
C MET I 389 5.59 54.88 -10.59
N LYS I 390 6.18 53.68 -10.67
CA LYS I 390 6.29 53.03 -11.94
C LYS I 390 4.90 52.80 -12.44
N GLU I 391 4.01 52.32 -11.55
CA GLU I 391 2.68 52.00 -11.97
C GLU I 391 2.03 53.27 -12.42
N LYS I 392 2.21 54.35 -11.63
CA LYS I 392 1.55 55.58 -11.94
C LYS I 392 2.05 56.04 -13.27
N LYS I 393 3.36 55.92 -13.49
CA LYS I 393 3.95 56.44 -14.69
C LYS I 393 3.32 55.73 -15.84
N ALA I 394 3.18 54.40 -15.74
CA ALA I 394 2.68 53.65 -16.85
C ALA I 394 1.31 54.14 -17.16
N ARG I 395 0.50 54.37 -16.11
CA ARG I 395 -0.86 54.78 -16.31
C ARG I 395 -0.82 56.12 -16.99
N VAL I 396 0.09 56.99 -16.52
CA VAL I 396 0.12 58.33 -17.03
C VAL I 396 0.40 58.25 -18.49
N GLU I 397 1.36 57.40 -18.88
CA GLU I 397 1.77 57.36 -20.26
C GLU I 397 0.59 56.96 -21.07
N ALA I 398 -0.16 55.95 -20.60
CA ALA I 398 -1.25 55.44 -21.37
C ALA I 398 -2.23 56.56 -21.55
N ALA I 399 -2.49 57.31 -20.46
CA ALA I 399 -3.48 58.34 -20.52
C ALA I 399 -3.07 59.33 -21.54
N LEU I 400 -1.77 59.68 -21.57
CA LEU I 400 -1.33 60.75 -22.41
C LEU I 400 -1.61 60.36 -23.82
N HIS I 401 -1.29 59.11 -24.19
CA HIS I 401 -1.48 58.70 -25.56
C HIS I 401 -2.93 58.81 -25.87
N ALA I 402 -3.78 58.32 -24.96
CA ALA I 402 -5.18 58.27 -25.23
C ALA I 402 -5.65 59.68 -25.40
N THR I 403 -5.18 60.59 -24.53
CA THR I 403 -5.69 61.93 -24.56
C THR I 403 -5.32 62.53 -25.87
N ARG I 404 -4.06 62.35 -26.30
CA ARG I 404 -3.62 63.00 -27.49
C ARG I 404 -4.44 62.51 -28.62
N ALA I 405 -4.63 61.18 -28.69
CA ALA I 405 -5.39 60.63 -29.77
C ALA I 405 -6.78 61.18 -29.68
N ALA I 406 -7.31 61.24 -28.44
CA ALA I 406 -8.69 61.57 -28.26
C ALA I 406 -8.92 62.94 -28.78
N VAL I 407 -8.00 63.88 -28.47
CA VAL I 407 -8.27 65.24 -28.79
C VAL I 407 -8.39 65.38 -30.27
N GLU I 408 -7.43 64.80 -31.02
CA GLU I 408 -7.40 65.00 -32.43
C GLU I 408 -8.64 64.41 -33.02
N GLU I 409 -8.96 63.17 -32.61
CA GLU I 409 -10.06 62.48 -33.19
C GLU I 409 -11.29 63.25 -32.85
N GLY I 410 -11.33 63.78 -31.63
CA GLY I 410 -12.55 64.28 -31.07
C GLY I 410 -13.03 63.16 -30.21
N VAL I 411 -13.95 63.45 -29.27
CA VAL I 411 -14.27 62.44 -28.32
C VAL I 411 -15.69 62.03 -28.51
N VAL I 412 -15.93 60.71 -28.52
CA VAL I 412 -17.26 60.18 -28.60
C VAL I 412 -17.79 60.08 -27.21
N ALA I 413 -19.12 59.98 -27.07
CA ALA I 413 -19.68 59.91 -25.75
C ALA I 413 -19.12 58.70 -25.10
N GLY I 414 -18.84 58.79 -23.79
CA GLY I 414 -18.23 57.69 -23.10
C GLY I 414 -19.34 56.84 -22.57
N GLY I 415 -18.97 55.84 -21.74
CA GLY I 415 -19.95 55.01 -21.10
C GLY I 415 -20.28 53.89 -22.04
N GLY I 416 -19.59 53.81 -23.18
CA GLY I 416 -19.86 52.77 -24.10
C GLY I 416 -21.12 53.14 -24.79
N VAL I 417 -21.49 54.42 -24.68
CA VAL I 417 -22.70 54.90 -25.28
C VAL I 417 -22.57 54.71 -26.75
N ALA I 418 -21.39 55.03 -27.31
CA ALA I 418 -21.23 54.91 -28.72
C ALA I 418 -21.42 53.47 -29.06
N LEU I 419 -20.84 52.57 -28.25
CA LEU I 419 -20.85 51.19 -28.57
C LEU I 419 -22.28 50.72 -28.59
N ILE I 420 -23.06 51.09 -27.57
CA ILE I 420 -24.41 50.60 -27.52
C ILE I 420 -25.15 51.16 -28.68
N ARG I 421 -24.95 52.46 -28.96
CA ARG I 421 -25.72 53.13 -29.96
C ARG I 421 -25.47 52.46 -31.27
N VAL I 422 -24.18 52.19 -31.57
CA VAL I 422 -23.84 51.68 -32.87
C VAL I 422 -24.48 50.34 -33.02
N ALA I 423 -24.53 49.55 -31.94
CA ALA I 423 -24.92 48.18 -32.03
C ALA I 423 -26.31 48.13 -32.58
N SER I 424 -27.18 49.05 -32.11
CA SER I 424 -28.56 48.99 -32.51
C SER I 424 -28.61 49.12 -33.99
N LYS I 425 -27.84 50.07 -34.55
CA LYS I 425 -27.83 50.26 -35.98
C LYS I 425 -27.29 49.01 -36.59
N LEU I 426 -26.27 48.42 -35.95
CA LEU I 426 -25.57 47.29 -36.49
C LEU I 426 -26.54 46.17 -36.61
N ALA I 427 -27.46 46.05 -35.64
CA ALA I 427 -28.29 44.89 -35.53
C ALA I 427 -29.05 44.76 -36.82
N ASP I 428 -29.51 45.90 -37.37
CA ASP I 428 -30.32 45.84 -38.54
C ASP I 428 -29.53 45.16 -39.61
N LEU I 429 -28.22 45.47 -39.70
CA LEU I 429 -27.44 44.91 -40.75
C LEU I 429 -27.40 43.43 -40.54
N ARG I 430 -27.41 42.67 -41.65
CA ARG I 430 -27.43 41.24 -41.55
C ARG I 430 -26.18 40.73 -42.19
N GLY I 431 -25.69 39.58 -41.71
CA GLY I 431 -24.54 38.97 -42.30
C GLY I 431 -25.00 38.21 -43.50
N GLN I 432 -24.04 37.67 -44.27
CA GLN I 432 -24.38 36.98 -45.48
C GLN I 432 -25.20 35.79 -45.12
N ASN I 433 -24.74 35.03 -44.10
CA ASN I 433 -25.43 33.81 -43.77
C ASN I 433 -25.73 33.83 -42.30
N GLU I 434 -26.58 32.89 -41.87
CA GLU I 434 -27.12 32.93 -40.54
C GLU I 434 -25.98 32.86 -39.57
N ASP I 435 -24.98 32.00 -39.87
CA ASP I 435 -23.90 31.83 -38.95
C ASP I 435 -23.25 33.18 -38.81
N GLN I 436 -23.10 33.90 -39.93
CA GLN I 436 -22.53 35.21 -39.88
C GLN I 436 -23.45 36.05 -39.07
N ASN I 437 -24.77 35.87 -39.25
CA ASN I 437 -25.72 36.73 -38.63
C ASN I 437 -25.53 36.64 -37.15
N VAL I 438 -25.42 35.41 -36.63
CA VAL I 438 -25.35 35.24 -35.20
C VAL I 438 -24.11 35.93 -34.72
N GLY I 439 -23.00 35.79 -35.48
CA GLY I 439 -21.77 36.36 -35.06
C GLY I 439 -21.96 37.84 -34.98
N ILE I 440 -22.68 38.41 -35.95
CA ILE I 440 -22.87 39.83 -35.98
C ILE I 440 -23.59 40.20 -34.74
N LYS I 441 -24.64 39.42 -34.40
CA LYS I 441 -25.42 39.73 -33.24
C LYS I 441 -24.52 39.64 -32.06
N VAL I 442 -23.63 38.63 -32.04
CA VAL I 442 -22.79 38.42 -30.92
C VAL I 442 -21.98 39.64 -30.71
N ALA I 443 -21.44 40.20 -31.81
CA ALA I 443 -20.57 41.33 -31.68
C ALA I 443 -21.36 42.43 -31.05
N LEU I 444 -22.62 42.59 -31.49
CA LEU I 444 -23.43 43.66 -30.98
C LEU I 444 -23.60 43.45 -29.52
N ARG I 445 -23.83 42.18 -29.11
CA ARG I 445 -24.06 41.88 -27.74
C ARG I 445 -22.82 42.27 -26.99
N ALA I 446 -21.65 41.98 -27.59
CA ALA I 446 -20.40 42.19 -26.91
C ALA I 446 -20.30 43.64 -26.60
N MET I 447 -20.70 44.51 -27.55
CA MET I 447 -20.53 45.92 -27.37
C MET I 447 -21.33 46.34 -26.18
N GLU I 448 -22.54 45.78 -26.06
CA GLU I 448 -23.46 46.21 -25.04
C GLU I 448 -22.85 45.94 -23.70
N ALA I 449 -22.11 44.82 -23.57
CA ALA I 449 -21.78 44.31 -22.28
C ALA I 449 -21.03 45.34 -21.49
N PRO I 450 -20.03 46.01 -22.02
CA PRO I 450 -19.20 46.82 -21.17
C PRO I 450 -19.98 47.91 -20.53
N LEU I 451 -21.10 48.34 -21.16
CA LEU I 451 -21.91 49.35 -20.54
C LEU I 451 -22.46 48.75 -19.29
N ARG I 452 -22.87 47.48 -19.39
CA ARG I 452 -23.49 46.80 -18.30
C ARG I 452 -22.52 46.72 -17.18
N GLN I 453 -21.23 46.47 -17.50
CA GLN I 453 -20.28 46.24 -16.46
C GLN I 453 -20.21 47.46 -15.61
N ILE I 454 -20.22 48.64 -16.24
CA ILE I 454 -20.13 49.85 -15.49
C ILE I 454 -21.33 49.91 -14.61
N VAL I 455 -22.50 49.57 -15.17
CA VAL I 455 -23.73 49.66 -14.44
C VAL I 455 -23.64 48.75 -13.26
N LEU I 456 -23.09 47.53 -13.49
CA LEU I 456 -23.04 46.53 -12.45
C LEU I 456 -22.23 47.11 -11.34
N ASN I 457 -21.15 47.81 -11.70
CA ASN I 457 -20.30 48.40 -10.71
C ASN I 457 -21.15 49.35 -9.94
N CYS I 458 -22.01 50.09 -10.65
CA CYS I 458 -22.89 51.02 -10.00
C CYS I 458 -23.75 50.21 -9.08
N GLY I 459 -24.15 49.01 -9.53
CA GLY I 459 -25.02 48.19 -8.75
C GLY I 459 -26.39 48.38 -9.29
N GLU I 460 -26.55 49.34 -10.21
CA GLU I 460 -27.81 49.48 -10.88
C GLU I 460 -27.90 48.34 -11.83
N GLU I 461 -29.14 47.92 -12.18
CA GLU I 461 -29.26 46.79 -13.04
C GLU I 461 -29.03 47.27 -14.43
N PRO I 462 -28.01 46.72 -15.04
CA PRO I 462 -27.52 47.20 -16.30
C PRO I 462 -28.56 47.01 -17.34
N SER I 463 -29.51 46.07 -17.12
CA SER I 463 -30.47 45.77 -18.13
C SER I 463 -31.26 47.02 -18.37
N VAL I 464 -31.77 47.63 -17.29
CA VAL I 464 -32.61 48.77 -17.43
C VAL I 464 -31.81 49.85 -18.08
N VAL I 465 -30.58 50.06 -17.58
CA VAL I 465 -29.79 51.15 -18.06
C VAL I 465 -29.56 50.94 -19.52
N ALA I 466 -29.18 49.71 -19.90
CA ALA I 466 -28.83 49.45 -21.26
C ALA I 466 -30.03 49.71 -22.09
N ASN I 467 -31.20 49.23 -21.62
CA ASN I 467 -32.39 49.38 -22.40
C ASN I 467 -32.65 50.84 -22.57
N THR I 468 -32.52 51.60 -21.47
CA THR I 468 -32.83 53.00 -21.52
C THR I 468 -31.86 53.63 -22.47
N VAL I 469 -30.58 53.26 -22.37
CA VAL I 469 -29.58 53.90 -23.15
C VAL I 469 -29.92 53.67 -24.59
N LYS I 470 -30.28 52.42 -24.92
CA LYS I 470 -30.54 52.08 -26.29
C LYS I 470 -31.68 52.92 -26.75
N GLY I 471 -32.71 53.07 -25.89
CA GLY I 471 -33.92 53.70 -26.30
C GLY I 471 -33.61 55.10 -26.72
N GLY I 472 -32.76 55.79 -25.95
CA GLY I 472 -32.56 57.18 -26.23
C GLY I 472 -31.90 57.28 -27.57
N ASP I 473 -32.37 58.23 -28.39
CA ASP I 473 -31.76 58.48 -29.66
C ASP I 473 -30.65 59.45 -29.43
N GLY I 474 -29.86 59.73 -30.47
CA GLY I 474 -28.81 60.70 -30.34
C GLY I 474 -27.80 60.13 -29.41
N ASN I 475 -27.09 61.01 -28.69
CA ASN I 475 -26.15 60.51 -27.73
C ASN I 475 -26.88 60.37 -26.45
N TYR I 476 -27.09 59.11 -26.02
CA TYR I 476 -27.75 58.88 -24.77
C TYR I 476 -26.86 57.97 -24.01
N GLY I 477 -26.73 58.19 -22.69
CA GLY I 477 -25.81 57.37 -21.95
C GLY I 477 -26.12 57.50 -20.50
N TYR I 478 -25.40 56.72 -19.68
CA TYR I 478 -25.62 56.75 -18.25
C TYR I 478 -24.33 57.23 -17.66
N ASN I 479 -24.43 58.20 -16.73
CA ASN I 479 -23.24 58.67 -16.10
C ASN I 479 -23.18 58.00 -14.77
N ALA I 480 -22.08 57.29 -14.51
CA ALA I 480 -22.02 56.55 -13.29
C ALA I 480 -22.07 57.51 -12.15
N ALA I 481 -21.27 58.58 -12.23
CA ALA I 481 -21.15 59.46 -11.11
C ALA I 481 -22.48 60.11 -10.86
N THR I 482 -23.11 60.61 -11.94
CA THR I 482 -24.36 61.30 -11.78
C THR I 482 -25.36 60.31 -11.31
N GLU I 483 -25.32 59.11 -11.91
CA GLU I 483 -26.38 58.16 -11.73
C GLU I 483 -27.63 58.85 -12.18
N GLU I 484 -27.48 59.73 -13.18
CA GLU I 484 -28.62 60.39 -13.76
C GLU I 484 -28.46 60.27 -15.24
N TYR I 485 -29.58 60.37 -15.97
CA TYR I 485 -29.48 60.29 -17.40
C TYR I 485 -29.30 61.67 -17.92
N GLY I 486 -28.33 61.84 -18.83
CA GLY I 486 -28.09 63.13 -19.40
C GLY I 486 -27.30 62.91 -20.65
N ASN I 487 -27.14 63.97 -21.46
CA ASN I 487 -26.39 63.80 -22.67
C ASN I 487 -24.97 63.60 -22.27
N MET I 488 -24.28 62.68 -22.96
CA MET I 488 -22.92 62.39 -22.60
C MET I 488 -22.13 63.63 -22.86
N ILE I 489 -22.39 64.29 -24.00
CA ILE I 489 -21.63 65.44 -24.37
C ILE I 489 -21.85 66.49 -23.33
N ASP I 490 -23.12 66.67 -22.93
CA ASP I 490 -23.44 67.68 -21.97
C ASP I 490 -22.71 67.33 -20.71
N MET I 491 -22.68 66.02 -20.39
CA MET I 491 -22.02 65.59 -19.20
C MET I 491 -20.58 65.94 -19.34
N GLY I 492 -20.03 65.77 -20.56
CA GLY I 492 -18.67 66.14 -20.80
C GLY I 492 -17.81 64.95 -20.57
N ILE I 493 -18.43 63.78 -20.31
CA ILE I 493 -17.61 62.62 -20.15
C ILE I 493 -17.64 61.90 -21.45
N LEU I 494 -16.46 61.83 -22.10
CA LEU I 494 -16.39 61.35 -23.45
C LEU I 494 -15.24 60.40 -23.52
N ASP I 495 -15.44 59.25 -24.17
CA ASP I 495 -14.34 58.36 -24.39
C ASP I 495 -13.85 58.61 -25.78
N PRO I 496 -12.57 58.53 -25.96
CA PRO I 496 -11.96 58.89 -27.21
C PRO I 496 -12.46 57.97 -28.26
N THR I 497 -12.67 58.49 -29.49
CA THR I 497 -13.15 57.66 -30.55
C THR I 497 -12.11 56.63 -30.84
N LYS I 498 -10.84 57.07 -30.94
CA LYS I 498 -9.79 56.21 -31.38
C LYS I 498 -9.69 55.08 -30.41
N VAL I 499 -9.70 55.39 -29.10
CA VAL I 499 -9.50 54.37 -28.13
C VAL I 499 -10.60 53.38 -28.26
N THR I 500 -11.85 53.87 -28.39
CA THR I 500 -12.96 52.97 -28.43
C THR I 500 -12.79 52.11 -29.65
N ARG I 501 -12.49 52.74 -30.80
CA ARG I 501 -12.42 52.01 -32.03
C ARG I 501 -11.33 51.01 -31.89
N SER I 502 -10.17 51.42 -31.35
CA SER I 502 -9.03 50.56 -31.33
C SER I 502 -9.39 49.36 -30.52
N ALA I 503 -9.97 49.57 -29.33
CA ALA I 503 -10.19 48.49 -28.43
C ALA I 503 -11.12 47.52 -29.10
N LEU I 504 -12.18 48.04 -29.75
CA LEU I 504 -13.19 47.18 -30.27
C LEU I 504 -12.55 46.30 -31.31
N GLN I 505 -11.73 46.90 -32.19
CA GLN I 505 -11.23 46.16 -33.30
C GLN I 505 -10.37 45.05 -32.77
N TYR I 506 -9.51 45.37 -31.79
CA TYR I 506 -8.59 44.39 -31.29
C TYR I 506 -9.39 43.30 -30.65
N ALA I 507 -10.39 43.69 -29.84
CA ALA I 507 -11.12 42.71 -29.10
C ALA I 507 -11.75 41.78 -30.07
N ALA I 508 -12.32 42.33 -31.16
CA ALA I 508 -13.00 41.51 -32.11
C ALA I 508 -12.00 40.57 -32.67
N SER I 509 -10.79 41.07 -32.97
CA SER I 509 -9.80 40.24 -33.61
C SER I 509 -9.50 39.12 -32.68
N VAL I 510 -9.34 39.42 -31.39
CA VAL I 510 -8.94 38.41 -30.45
C VAL I 510 -9.99 37.34 -30.46
N ALA I 511 -11.27 37.76 -30.40
CA ALA I 511 -12.32 36.81 -30.23
C ALA I 511 -12.33 35.89 -31.40
N GLY I 512 -12.15 36.45 -32.61
CA GLY I 512 -12.24 35.65 -33.79
C GLY I 512 -11.15 34.61 -33.73
N LEU I 513 -9.96 35.02 -33.28
CA LEU I 513 -8.83 34.12 -33.31
C LEU I 513 -9.13 32.97 -32.41
N MET I 514 -9.72 33.25 -31.24
CA MET I 514 -9.89 32.25 -30.24
C MET I 514 -10.80 31.19 -30.79
N ILE I 515 -11.82 31.60 -31.54
CA ILE I 515 -12.85 30.69 -31.95
C ILE I 515 -12.22 29.62 -32.77
N THR I 516 -11.29 30.00 -33.67
CA THR I 516 -10.69 29.06 -34.56
C THR I 516 -9.70 28.27 -33.79
N THR I 517 -8.51 28.03 -34.38
CA THR I 517 -7.55 27.17 -33.75
C THR I 517 -8.22 25.87 -33.43
N GLU I 518 -8.64 25.16 -34.49
CA GLU I 518 -9.36 23.93 -34.33
C GLU I 518 -8.49 22.98 -33.57
N CYS I 519 -7.22 22.86 -33.99
CA CYS I 519 -6.37 21.89 -33.35
C CYS I 519 -5.33 22.60 -32.58
N MET I 520 -4.87 21.99 -31.47
CA MET I 520 -3.80 22.56 -30.72
C MET I 520 -2.84 21.46 -30.40
N VAL I 521 -1.53 21.79 -30.32
CA VAL I 521 -0.60 20.81 -29.85
C VAL I 521 0.15 21.43 -28.71
N THR I 522 0.44 20.64 -27.68
CA THR I 522 1.19 21.13 -26.57
C THR I 522 2.17 20.07 -26.21
N ASP I 523 3.10 20.38 -25.28
CA ASP I 523 3.96 19.34 -24.79
C ASP I 523 3.16 18.54 -23.82
N LEU I 524 3.46 17.23 -23.74
CA LEU I 524 2.81 16.35 -22.81
C LEU I 524 3.39 16.64 -21.47
N PRO I 525 2.64 16.91 -20.49
N ALA J 2 7.81 29.82 -9.48
CA ALA J 2 7.31 28.50 -9.96
C ALA J 2 6.00 28.66 -10.64
N ALA J 3 5.08 27.72 -10.37
CA ALA J 3 3.76 27.81 -10.93
C ALA J 3 3.11 28.94 -10.23
N LYS J 4 1.89 29.30 -10.68
CA LYS J 4 1.19 30.37 -10.03
C LYS J 4 -0.12 29.82 -9.56
N ASP J 5 -0.50 30.17 -8.31
CA ASP J 5 -1.80 29.85 -7.80
C ASP J 5 -2.54 31.14 -7.69
N VAL J 6 -3.77 31.19 -8.23
CA VAL J 6 -4.51 32.41 -8.18
C VAL J 6 -5.67 32.19 -7.27
N LYS J 7 -5.95 33.17 -6.39
CA LYS J 7 -7.09 33.05 -5.55
C LYS J 7 -7.77 34.39 -5.52
N PHE J 8 -9.10 34.39 -5.35
CA PHE J 8 -9.80 35.61 -5.10
C PHE J 8 -10.69 35.34 -3.93
N GLY J 9 -10.98 36.38 -3.12
CA GLY J 9 -12.03 36.21 -2.17
C GLY J 9 -11.49 36.40 -0.79
N ASN J 10 -12.28 35.94 0.20
CA ASN J 10 -12.03 36.10 1.60
C ASN J 10 -10.79 35.34 1.95
N ASP J 11 -10.55 34.22 1.26
CA ASP J 11 -9.55 33.28 1.67
C ASP J 11 -8.25 34.00 1.74
N ALA J 12 -7.97 34.87 0.75
CA ALA J 12 -6.72 35.57 0.78
C ALA J 12 -6.70 36.39 2.04
N ARG J 13 -7.83 37.05 2.36
CA ARG J 13 -7.87 37.93 3.48
C ARG J 13 -7.63 37.15 4.73
N VAL J 14 -8.24 35.96 4.84
CA VAL J 14 -8.24 35.28 6.10
C VAL J 14 -6.83 34.99 6.49
N LYS J 15 -5.99 34.58 5.51
CA LYS J 15 -4.65 34.23 5.82
C LYS J 15 -3.99 35.43 6.42
N MET J 16 -4.23 36.61 5.81
CA MET J 16 -3.58 37.80 6.25
C MET J 16 -4.02 38.05 7.66
N LEU J 17 -5.33 37.87 7.94
CA LEU J 17 -5.83 38.24 9.22
C LEU J 17 -5.14 37.41 10.24
N ARG J 18 -5.04 36.08 10.00
CA ARG J 18 -4.51 35.21 11.00
C ARG J 18 -3.10 35.63 11.26
N GLY J 19 -2.37 35.94 10.18
CA GLY J 19 -0.98 36.28 10.34
C GLY J 19 -0.91 37.52 11.15
N VAL J 20 -1.80 38.49 10.88
CA VAL J 20 -1.72 39.74 11.56
C VAL J 20 -1.92 39.48 13.01
N ASN J 21 -2.91 38.63 13.35
CA ASN J 21 -3.27 38.44 14.72
C ASN J 21 -2.09 37.90 15.45
N VAL J 22 -1.40 36.91 14.85
CA VAL J 22 -0.35 36.26 15.57
C VAL J 22 0.68 37.27 15.92
N LEU J 23 1.09 38.08 14.93
CA LEU J 23 2.13 39.04 15.18
C LEU J 23 1.59 40.01 16.19
N ALA J 24 0.34 40.44 15.99
CA ALA J 24 -0.21 41.49 16.80
C ALA J 24 -0.25 41.03 18.21
N ASP J 25 -0.65 39.77 18.45
CA ASP J 25 -0.91 39.33 19.79
C ASP J 25 0.34 39.48 20.59
N ALA J 26 1.48 39.02 20.04
CA ALA J 26 2.69 39.07 20.80
C ALA J 26 2.99 40.50 21.08
N VAL J 27 2.83 41.36 20.06
CA VAL J 27 3.20 42.74 20.17
C VAL J 27 2.33 43.38 21.22
N LYS J 28 1.02 43.07 21.20
CA LYS J 28 0.11 43.78 22.05
C LYS J 28 0.49 43.53 23.48
N VAL J 29 0.75 42.25 23.82
CA VAL J 29 1.03 41.95 25.19
C VAL J 29 2.27 42.67 25.58
N THR J 30 3.28 42.66 24.69
CA THR J 30 4.54 43.25 25.01
C THR J 30 4.31 44.72 25.18
N LEU J 31 3.41 45.31 24.38
CA LEU J 31 3.24 46.73 24.44
C LEU J 31 2.83 47.08 25.82
N GLY J 32 3.33 48.22 26.31
CA GLY J 32 3.10 48.61 27.66
C GLY J 32 4.14 47.91 28.46
N PRO J 33 4.25 48.31 29.70
CA PRO J 33 5.35 47.90 30.52
C PRO J 33 5.31 46.41 30.67
N LYS J 34 4.12 45.84 30.50
CA LYS J 34 3.82 44.50 30.90
C LYS J 34 4.59 43.49 30.08
N GLY J 35 4.67 43.69 28.75
CA GLY J 35 5.11 42.62 27.90
C GLY J 35 6.50 42.25 28.29
N ARG J 36 6.66 41.05 28.88
CA ARG J 36 7.93 40.65 29.41
C ARG J 36 8.93 40.46 28.32
N ASN J 37 8.62 39.64 27.30
CA ASN J 37 9.73 39.21 26.48
C ASN J 37 9.24 38.45 25.30
N VAL J 38 10.17 38.14 24.37
CA VAL J 38 9.94 37.20 23.31
C VAL J 38 11.26 36.52 23.04
N VAL J 39 11.22 35.33 22.43
CA VAL J 39 12.46 34.61 22.19
C VAL J 39 12.47 34.13 20.78
N LEU J 40 13.69 33.94 20.22
CA LEU J 40 13.80 33.42 18.88
C LEU J 40 14.77 32.26 18.90
N ASP J 41 14.70 31.42 17.86
CA ASP J 41 15.67 30.36 17.72
C ASP J 41 16.85 30.90 16.97
N LYS J 42 17.96 30.13 16.96
CA LYS J 42 19.06 30.42 16.08
C LYS J 42 19.47 29.12 15.45
N SER J 43 19.98 29.18 14.21
CA SER J 43 20.43 27.99 13.56
C SER J 43 21.57 27.44 14.34
N PHE J 44 22.57 28.30 14.62
CA PHE J 44 23.73 27.84 15.32
C PHE J 44 23.79 28.60 16.61
N GLY J 45 24.36 27.97 17.65
CA GLY J 45 24.56 28.66 18.88
C GLY J 45 23.25 28.67 19.60
N ALA J 46 23.23 29.35 20.76
CA ALA J 46 22.01 29.43 21.52
C ALA J 46 21.09 30.36 20.79
N PRO J 47 19.82 30.14 20.97
CA PRO J 47 18.82 30.87 20.26
C PRO J 47 18.87 32.28 20.72
N THR J 48 18.47 33.24 19.86
CA THR J 48 18.53 34.62 20.24
C THR J 48 17.32 34.91 21.06
N ILE J 49 17.41 35.93 21.94
CA ILE J 49 16.25 36.33 22.67
C ILE J 49 16.00 37.75 22.30
N THR J 50 14.72 38.12 22.15
CA THR J 50 14.43 39.42 21.65
C THR J 50 13.65 40.15 22.70
N LYS J 51 13.58 41.48 22.58
CA LYS J 51 13.02 42.28 23.62
C LYS J 51 11.77 42.91 23.09
N ASP J 52 11.85 44.22 22.80
CA ASP J 52 10.69 45.06 22.68
C ASP J 52 9.86 44.55 21.55
N GLY J 53 8.61 45.07 21.48
CA GLY J 53 7.60 44.52 20.65
C GLY J 53 8.04 44.57 19.23
N VAL J 54 8.70 45.67 18.84
CA VAL J 54 9.11 45.80 17.47
C VAL J 54 10.03 44.64 17.21
N SER J 55 10.95 44.41 18.14
CA SER J 55 11.88 43.33 18.00
C SER J 55 11.08 42.07 17.96
N VAL J 56 10.02 42.01 18.79
CA VAL J 56 9.23 40.81 18.87
C VAL J 56 8.68 40.53 17.51
N ALA J 57 8.11 41.58 16.88
CA ALA J 57 7.46 41.40 15.61
C ALA J 57 8.51 40.94 14.65
N ARG J 58 9.70 41.56 14.72
CA ARG J 58 10.73 41.25 13.78
C ARG J 58 11.06 39.80 13.93
N GLU J 59 11.17 39.33 15.19
CA GLU J 59 11.56 37.98 15.44
C GLU J 59 10.52 37.09 14.87
N ILE J 60 9.24 37.44 15.05
CA ILE J 60 8.18 36.53 14.69
C ILE J 60 8.11 36.45 13.20
N GLU J 61 8.12 35.21 12.67
CA GLU J 61 7.88 35.01 11.28
C GLU J 61 6.80 33.99 11.19
N LEU J 62 6.01 34.03 10.09
CA LEU J 62 4.95 33.08 9.96
C LEU J 62 5.36 32.08 8.93
N GLU J 63 5.09 30.80 9.22
CA GLU J 63 5.46 29.75 8.32
C GLU J 63 4.68 29.94 7.06
N ASP J 64 3.37 30.22 7.19
CA ASP J 64 2.55 30.31 6.02
C ASP J 64 3.00 31.52 5.26
N LYS J 65 3.08 31.40 3.93
CA LYS J 65 3.52 32.49 3.13
C LYS J 65 2.52 33.59 3.27
N PHE J 66 1.23 33.24 3.15
CA PHE J 66 0.20 34.24 3.16
C PHE J 66 0.24 34.91 4.49
N GLU J 67 0.25 34.11 5.57
CA GLU J 67 0.20 34.68 6.89
C GLU J 67 1.43 35.50 7.06
N ASN J 68 2.60 34.96 6.63
CA ASN J 68 3.83 35.64 6.86
C ASN J 68 3.77 36.94 6.15
N MET J 69 3.27 36.93 4.90
CA MET J 69 3.27 38.12 4.11
C MET J 69 2.41 39.12 4.80
N GLY J 70 1.25 38.67 5.31
CA GLY J 70 0.35 39.60 5.94
C GLY J 70 1.05 40.19 7.11
N ALA J 71 1.77 39.33 7.87
CA ALA J 71 2.43 39.79 9.05
C ALA J 71 3.44 40.81 8.63
N GLN J 72 4.14 40.54 7.51
CA GLN J 72 5.22 41.37 7.10
C GLN J 72 4.67 42.73 6.82
N MET J 73 3.49 42.79 6.19
CA MET J 73 2.99 44.05 5.75
C MET J 73 2.82 44.92 6.95
N VAL J 74 2.27 44.36 8.03
CA VAL J 74 2.02 45.15 9.20
C VAL J 74 3.33 45.64 9.70
N LYS J 75 4.34 44.73 9.74
CA LYS J 75 5.58 45.06 10.38
C LYS J 75 6.18 46.21 9.63
N GLU J 76 6.15 46.17 8.29
CA GLU J 76 6.86 47.15 7.54
C GLU J 76 6.27 48.48 7.86
N VAL J 77 4.92 48.56 7.87
CA VAL J 77 4.31 49.83 8.12
C VAL J 77 4.69 50.24 9.51
N ALA J 78 4.65 49.27 10.44
CA ALA J 78 4.86 49.60 11.81
C ALA J 78 6.23 50.18 11.94
N SER J 79 7.21 49.59 11.24
CA SER J 79 8.57 50.05 11.39
C SER J 79 8.62 51.47 10.93
N LYS J 80 7.93 51.77 9.81
CA LYS J 80 8.03 53.09 9.26
C LYS J 80 7.52 54.04 10.28
N ALA J 81 6.38 53.71 10.91
CA ALA J 81 5.83 54.57 11.91
C ALA J 81 6.83 54.63 13.01
N ASN J 82 7.46 53.48 13.33
CA ASN J 82 8.34 53.40 14.45
C ASN J 82 9.44 54.38 14.22
N ASP J 83 9.98 54.42 12.99
CA ASP J 83 11.12 55.25 12.80
C ASP J 83 10.73 56.67 13.07
N ALA J 84 9.64 57.14 12.40
CA ALA J 84 9.33 58.53 12.48
C ALA J 84 8.97 58.89 13.89
N ALA J 85 8.05 58.11 14.50
CA ALA J 85 7.58 58.45 15.80
C ALA J 85 8.72 58.33 16.75
N GLY J 86 9.47 57.23 16.60
CA GLY J 86 10.52 56.87 17.50
C GLY J 86 9.90 55.93 18.49
N ASP J 87 8.56 56.00 18.63
CA ASP J 87 7.87 55.13 19.53
C ASP J 87 6.58 54.75 18.88
N GLY J 88 5.77 53.94 19.57
CA GLY J 88 4.43 53.68 19.14
C GLY J 88 4.44 52.65 18.05
N THR J 89 5.54 51.89 17.95
CA THR J 89 5.57 50.88 16.93
C THR J 89 4.46 49.94 17.22
N THR J 90 4.38 49.51 18.49
CA THR J 90 3.41 48.52 18.87
C THR J 90 2.06 49.10 18.66
N THR J 91 1.89 50.38 19.02
CA THR J 91 0.58 50.97 19.03
C THR J 91 0.04 50.88 17.65
N ALA J 92 0.88 51.18 16.64
CA ALA J 92 0.41 51.16 15.30
C ALA J 92 -0.02 49.76 14.99
N THR J 93 0.79 48.77 15.43
CA THR J 93 0.48 47.42 15.11
C THR J 93 -0.84 47.09 15.73
N VAL J 94 -1.02 47.49 17.00
CA VAL J 94 -2.21 47.13 17.71
C VAL J 94 -3.37 47.74 16.98
N LEU J 95 -3.24 49.02 16.58
CA LEU J 95 -4.33 49.70 15.98
C LEU J 95 -4.66 48.98 14.70
N ALA J 96 -3.62 48.61 13.93
CA ALA J 96 -3.84 48.06 12.63
C ALA J 96 -4.63 46.80 12.79
N GLN J 97 -4.27 45.98 13.79
CA GLN J 97 -4.88 44.69 13.89
C GLN J 97 -6.34 44.89 14.11
N ALA J 98 -6.69 45.82 15.01
CA ALA J 98 -8.08 45.99 15.35
C ALA J 98 -8.80 46.42 14.11
N ILE J 99 -8.20 47.36 13.36
CA ILE J 99 -8.87 47.90 12.21
C ILE J 99 -9.05 46.80 11.23
N ILE J 100 -8.00 46.00 11.02
CA ILE J 100 -8.02 45.02 9.98
C ILE J 100 -9.11 44.05 10.26
N THR J 101 -9.21 43.58 11.52
CA THR J 101 -10.13 42.55 11.82
C THR J 101 -11.50 43.05 11.52
N GLU J 102 -11.81 44.28 11.95
CA GLU J 102 -13.13 44.80 11.75
C GLU J 102 -13.35 44.92 10.28
N GLY J 103 -12.33 45.41 9.56
CA GLY J 103 -12.50 45.64 8.15
C GLY J 103 -12.81 44.33 7.51
N LEU J 104 -12.11 43.27 7.95
CA LEU J 104 -12.27 41.98 7.35
C LEU J 104 -13.68 41.54 7.60
N LYS J 105 -14.18 41.79 8.83
CA LYS J 105 -15.51 41.36 9.14
C LYS J 105 -16.43 42.04 8.19
N ALA J 106 -16.17 43.33 7.94
CA ALA J 106 -16.98 44.10 7.06
C ALA J 106 -16.88 43.47 5.70
N VAL J 107 -15.68 43.00 5.34
CA VAL J 107 -15.52 42.36 4.07
C VAL J 107 -16.43 41.18 4.07
N ALA J 108 -16.50 40.48 5.22
CA ALA J 108 -17.38 39.36 5.36
C ALA J 108 -18.76 39.91 5.14
N ALA J 109 -19.01 41.12 5.65
CA ALA J 109 -20.30 41.73 5.49
C ALA J 109 -20.53 41.86 4.02
N GLY J 110 -19.46 42.19 3.27
CA GLY J 110 -19.62 42.31 1.85
C GLY J 110 -19.87 43.75 1.53
N MET J 111 -19.79 44.62 2.55
CA MET J 111 -19.88 46.02 2.27
C MET J 111 -18.66 46.36 1.48
N ASN J 112 -18.74 47.40 0.63
CA ASN J 112 -17.62 47.68 -0.21
C ASN J 112 -16.59 48.36 0.62
N PRO J 113 -15.45 47.74 0.67
CA PRO J 113 -14.41 48.13 1.58
C PRO J 113 -13.92 49.50 1.25
N MET J 114 -14.15 49.96 0.00
CA MET J 114 -13.58 51.20 -0.41
C MET J 114 -14.16 52.27 0.45
N ASP J 115 -15.48 52.20 0.70
CA ASP J 115 -16.11 53.21 1.48
C ASP J 115 -15.51 53.15 2.84
N LEU J 116 -15.30 51.92 3.35
CA LEU J 116 -14.83 51.76 4.69
C LEU J 116 -13.49 52.40 4.77
N LYS J 117 -12.63 52.13 3.77
CA LYS J 117 -11.29 52.64 3.84
C LYS J 117 -11.39 54.13 3.86
N ARG J 118 -12.27 54.68 3.02
CA ARG J 118 -12.41 56.10 2.95
C ARG J 118 -12.86 56.58 4.29
N GLY J 119 -13.83 55.88 4.88
CA GLY J 119 -14.36 56.30 6.14
C GLY J 119 -13.27 56.28 7.14
N ILE J 120 -12.44 55.23 7.10
CA ILE J 120 -11.40 55.08 8.07
C ILE J 120 -10.48 56.25 7.92
N ASP J 121 -10.13 56.56 6.66
CA ASP J 121 -9.19 57.63 6.42
C ASP J 121 -9.80 58.88 6.95
N LYS J 122 -11.10 59.08 6.69
CA LYS J 122 -11.74 60.30 7.11
C LYS J 122 -11.67 60.36 8.59
N ALA J 123 -11.94 59.23 9.25
CA ALA J 123 -11.96 59.21 10.69
C ALA J 123 -10.59 59.57 11.16
N VAL J 124 -9.56 59.01 10.50
CA VAL J 124 -8.22 59.20 10.94
C VAL J 124 -7.93 60.66 10.90
N THR J 125 -8.33 61.33 9.80
CA THR J 125 -7.99 62.71 9.63
C THR J 125 -8.62 63.46 10.77
N ALA J 126 -9.89 63.15 11.06
CA ALA J 126 -10.59 63.89 12.08
C ALA J 126 -9.86 63.67 13.37
N ALA J 127 -9.46 62.42 13.63
CA ALA J 127 -8.84 62.10 14.88
C ALA J 127 -7.59 62.90 14.98
N VAL J 128 -6.84 62.98 13.87
CA VAL J 128 -5.55 63.63 13.91
C VAL J 128 -5.78 65.05 14.34
N GLU J 129 -6.79 65.70 13.76
CA GLU J 129 -7.01 67.09 14.04
C GLU J 129 -7.28 67.22 15.50
N GLU J 130 -8.11 66.31 16.04
CA GLU J 130 -8.49 66.40 17.42
C GLU J 130 -7.25 66.27 18.23
N LEU J 131 -6.37 65.31 17.85
CA LEU J 131 -5.23 65.02 18.64
C LEU J 131 -4.38 66.25 18.69
N LYS J 132 -4.22 66.94 17.55
CA LYS J 132 -3.31 68.04 17.49
C LYS J 132 -3.76 69.06 18.48
N ALA J 133 -5.08 69.35 18.48
CA ALA J 133 -5.60 70.33 19.38
C ALA J 133 -5.36 69.84 20.77
N LEU J 134 -5.57 68.53 20.98
CA LEU J 134 -5.50 67.97 22.30
C LEU J 134 -4.11 68.14 22.80
N SER J 135 -3.12 67.99 21.91
CA SER J 135 -1.76 67.92 22.33
C SER J 135 -1.42 69.17 23.07
N VAL J 136 -0.47 69.05 24.02
CA VAL J 136 -0.02 70.16 24.79
C VAL J 136 1.47 70.08 24.82
N PRO J 137 2.09 71.14 25.24
CA PRO J 137 3.51 71.29 25.08
C PRO J 137 4.19 70.25 25.90
N CYS J 138 5.42 69.88 25.51
CA CYS J 138 6.12 68.84 26.22
C CYS J 138 6.53 69.38 27.54
N SER J 139 6.59 68.50 28.55
CA SER J 139 6.97 68.91 29.88
C SER J 139 8.47 68.83 29.95
N ASP J 140 9.01 69.04 31.17
CA ASP J 140 10.43 69.20 31.35
C ASP J 140 11.07 67.86 31.30
N SER J 141 12.38 67.83 31.65
CA SER J 141 13.22 66.69 31.44
C SER J 141 12.65 65.55 32.21
N LYS J 142 12.06 65.82 33.39
CA LYS J 142 11.54 64.75 34.17
C LYS J 142 10.50 64.09 33.33
N ALA J 143 9.67 64.91 32.66
CA ALA J 143 8.69 64.39 31.76
C ALA J 143 9.43 63.69 30.66
N ILE J 144 10.56 64.27 30.24
CA ILE J 144 11.26 63.74 29.09
C ILE J 144 11.63 62.34 29.42
N ALA J 145 12.12 62.11 30.65
CA ALA J 145 12.53 60.79 31.02
C ALA J 145 11.32 59.92 30.89
N GLN J 146 10.16 60.42 31.32
CA GLN J 146 8.96 59.64 31.27
C GLN J 146 8.67 59.33 29.83
N VAL J 147 8.88 60.33 28.95
CA VAL J 147 8.63 60.11 27.56
C VAL J 147 9.57 59.02 27.14
N GLY J 148 10.82 59.10 27.62
CA GLY J 148 11.82 58.15 27.24
C GLY J 148 11.37 56.80 27.70
N THR J 149 10.78 56.73 28.91
CA THR J 149 10.42 55.46 29.48
C THR J 149 9.39 54.84 28.60
N ILE J 150 8.47 55.66 28.06
CA ILE J 150 7.41 55.09 27.29
C ILE J 150 8.02 54.39 26.12
N SER J 151 8.99 55.04 25.44
CA SER J 151 9.66 54.41 24.34
C SER J 151 10.41 53.26 24.91
N ALA J 152 10.85 53.42 26.19
CA ALA J 152 11.64 52.46 26.88
C ALA J 152 10.85 51.21 26.99
N ASN J 153 9.52 51.34 27.14
CA ASN J 153 8.74 50.22 27.57
C ASN J 153 9.31 49.78 28.87
N SER J 154 9.31 50.71 29.84
CA SER J 154 9.81 50.48 31.16
C SER J 154 11.26 50.15 31.09
N ASP J 155 11.98 50.76 30.12
CA ASP J 155 13.39 50.70 30.23
C ASP J 155 13.81 51.96 30.92
N GLU J 156 14.07 51.87 32.23
CA GLU J 156 14.37 53.04 33.00
C GLU J 156 15.64 53.62 32.48
N THR J 157 16.62 52.75 32.18
CA THR J 157 17.93 53.21 31.84
C THR J 157 17.82 54.05 30.60
N VAL J 158 17.05 53.57 29.61
CA VAL J 158 17.02 54.25 28.34
C VAL J 158 16.52 55.63 28.58
N GLY J 159 15.43 55.76 29.35
CA GLY J 159 14.84 57.04 29.55
C GLY J 159 15.85 57.92 30.22
N LYS J 160 16.55 57.36 31.22
CA LYS J 160 17.50 58.14 31.97
C LYS J 160 18.55 58.58 31.02
N LEU J 161 19.03 57.64 30.17
CA LEU J 161 20.12 57.95 29.30
C LEU J 161 19.67 59.04 28.38
N ILE J 162 18.45 58.92 27.85
CA ILE J 162 17.99 59.88 26.90
C ILE J 162 17.95 61.21 27.57
N ALA J 163 17.38 61.24 28.79
CA ALA J 163 17.25 62.51 29.46
C ALA J 163 18.62 63.05 29.71
N GLU J 164 19.53 62.18 30.18
CA GLU J 164 20.83 62.65 30.57
C GLU J 164 21.50 63.19 29.35
N ALA J 165 21.45 62.44 28.25
CA ALA J 165 22.10 62.85 27.05
C ALA J 165 21.46 64.12 26.62
N MET J 166 20.12 64.18 26.70
CA MET J 166 19.40 65.29 26.19
C MET J 166 19.80 66.49 26.97
N ASP J 167 19.95 66.36 28.30
CA ASP J 167 20.23 67.53 29.07
C ASP J 167 21.54 68.10 28.62
N LYS J 168 22.58 67.25 28.56
CA LYS J 168 23.89 67.76 28.30
C LYS J 168 23.94 68.36 26.93
N VAL J 169 23.45 67.61 25.93
CA VAL J 169 23.53 68.06 24.57
C VAL J 169 22.68 69.27 24.44
N GLY J 170 21.51 69.23 25.10
CA GLY J 170 20.47 70.20 24.85
C GLY J 170 19.47 69.50 24.00
N LYS J 171 18.19 69.85 24.15
CA LYS J 171 17.17 69.16 23.43
C LYS J 171 17.43 69.38 21.98
N GLU J 172 17.75 70.63 21.62
CA GLU J 172 17.94 70.97 20.25
C GLU J 172 19.13 70.20 19.75
N GLY J 173 20.17 70.08 20.59
CA GLY J 173 21.38 69.48 20.12
C GLY J 173 21.06 68.07 19.75
N VAL J 174 21.73 67.56 18.70
CA VAL J 174 21.48 66.23 18.25
C VAL J 174 22.20 65.29 19.13
N ILE J 175 21.62 64.10 19.35
CA ILE J 175 22.29 63.10 20.13
C ILE J 175 22.48 61.92 19.25
N THR J 176 23.66 61.27 19.32
CA THR J 176 23.91 60.14 18.50
C THR J 176 24.10 58.97 19.41
N VAL J 177 23.76 57.77 18.94
CA VAL J 177 23.91 56.61 19.76
C VAL J 177 24.95 55.75 19.13
N GLU J 178 25.82 55.17 19.97
CA GLU J 178 26.83 54.26 19.49
C GLU J 178 26.76 53.07 20.38
N ASP J 179 27.34 51.93 19.93
CA ASP J 179 27.33 50.78 20.77
C ASP J 179 28.20 51.09 21.94
N GLY J 180 27.87 50.51 23.11
CA GLY J 180 28.61 50.85 24.30
C GLY J 180 29.94 50.21 24.19
N THR J 181 30.97 50.87 24.75
CA THR J 181 32.28 50.29 24.80
C THR J 181 32.18 49.10 25.69
N GLY J 182 31.47 49.25 26.82
CA GLY J 182 31.42 48.20 27.79
C GLY J 182 30.04 48.16 28.35
N LEU J 183 29.84 47.34 29.38
CA LEU J 183 28.52 47.15 29.92
C LEU J 183 28.02 48.45 30.42
N GLN J 184 28.89 49.23 31.09
CA GLN J 184 28.44 50.49 31.58
C GLN J 184 28.27 51.40 30.40
N ASP J 185 27.21 52.22 30.42
CA ASP J 185 27.02 53.14 29.35
C ASP J 185 28.02 54.22 29.53
N GLU J 186 28.43 54.86 28.41
CA GLU J 186 29.27 56.00 28.53
C GLU J 186 28.63 57.10 27.76
N LEU J 187 28.56 58.30 28.36
CA LEU J 187 28.08 59.43 27.61
C LEU J 187 29.23 60.35 27.44
N ASP J 188 29.65 60.56 26.19
CA ASP J 188 30.73 61.48 25.95
C ASP J 188 30.25 62.50 24.98
N VAL J 189 30.47 63.79 25.29
CA VAL J 189 30.18 64.79 24.31
C VAL J 189 31.30 64.73 23.33
N VAL J 190 30.99 64.87 22.03
CA VAL J 190 32.04 64.75 21.05
C VAL J 190 32.14 66.07 20.35
N GLU J 191 33.38 66.53 20.13
CA GLU J 191 33.58 67.75 19.41
C GLU J 191 33.44 67.43 17.96
N GLY J 192 32.92 68.39 17.16
CA GLY J 192 32.86 68.16 15.75
C GLY J 192 31.77 69.01 15.19
N MET J 193 31.65 69.03 13.85
CA MET J 193 30.61 69.79 13.23
C MET J 193 29.86 68.85 12.34
N GLN J 194 28.55 69.11 12.16
CA GLN J 194 27.78 68.30 11.25
C GLN J 194 27.29 69.22 10.17
N PHE J 195 27.37 68.76 8.92
CA PHE J 195 26.87 69.54 7.81
C PHE J 195 26.00 68.63 7.01
N ASP J 196 24.87 69.16 6.51
CA ASP J 196 23.97 68.28 5.83
C ASP J 196 24.47 68.09 4.44
N ARG J 197 25.07 66.92 4.16
CA ARG J 197 25.48 66.62 2.82
C ARG J 197 25.11 65.20 2.55
N GLY J 198 24.84 64.88 1.27
CA GLY J 198 24.43 63.55 0.93
C GLY J 198 25.64 62.72 0.71
N TYR J 199 25.43 61.39 0.58
CA TYR J 199 26.47 60.53 0.11
C TYR J 199 26.29 60.43 -1.37
N LEU J 200 27.39 60.52 -2.12
CA LEU J 200 27.27 60.66 -3.53
C LEU J 200 26.57 59.45 -4.06
N SER J 201 27.00 58.26 -3.62
CA SER J 201 26.37 57.08 -4.15
C SER J 201 26.07 56.17 -3.01
N PRO J 202 25.03 55.41 -3.18
CA PRO J 202 24.61 54.41 -2.24
C PRO J 202 25.68 53.38 -2.16
N TYR J 203 26.56 53.33 -3.18
CA TYR J 203 27.63 52.39 -3.21
C TYR J 203 28.50 52.70 -2.04
N PHE J 204 28.70 54.01 -1.80
CA PHE J 204 29.53 54.47 -0.73
C PHE J 204 28.93 53.96 0.54
N ILE J 205 27.58 53.92 0.59
CA ILE J 205 26.82 53.55 1.75
C ILE J 205 27.43 52.33 2.37
N ASN J 206 27.56 52.38 3.71
CA ASN J 206 28.32 51.41 4.43
C ASN J 206 27.50 50.18 4.61
N LYS J 207 28.10 49.18 5.27
CA LYS J 207 27.50 47.89 5.48
C LYS J 207 26.19 48.03 6.22
N PRO J 208 26.07 48.78 7.29
CA PRO J 208 24.94 48.61 8.16
C PRO J 208 23.65 48.91 7.46
N GLU J 209 22.55 48.37 8.02
CA GLU J 209 21.26 48.37 7.39
C GLU J 209 20.84 49.80 7.21
N THR J 210 21.17 50.66 8.19
CA THR J 210 20.74 52.01 8.14
C THR J 210 21.28 52.58 6.87
N GLY J 211 22.54 52.24 6.54
CA GLY J 211 23.10 52.69 5.30
C GLY J 211 23.87 53.93 5.58
N ALA J 212 23.79 54.43 6.82
CA ALA J 212 24.68 55.49 7.16
C ALA J 212 26.04 54.88 7.16
N VAL J 213 27.05 55.64 6.73
CA VAL J 213 28.36 55.06 6.66
C VAL J 213 29.15 55.60 7.80
N GLU J 214 29.81 54.70 8.55
CA GLU J 214 30.65 55.16 9.60
C GLU J 214 32.04 54.75 9.27
N LEU J 215 32.99 55.69 9.42
CA LEU J 215 34.36 55.35 9.14
C LEU J 215 35.08 55.38 10.44
N GLU J 216 36.03 54.44 10.63
CA GLU J 216 36.79 54.46 11.84
C GLU J 216 38.04 55.22 11.56
N SER J 217 38.33 56.21 12.42
CA SER J 217 39.45 57.09 12.23
C SER J 217 39.49 57.59 10.80
N PRO J 218 38.47 58.22 10.29
CA PRO J 218 38.45 58.62 8.90
C PRO J 218 39.51 59.64 8.68
N PHE J 219 40.01 59.75 7.45
CA PHE J 219 40.90 60.81 7.09
C PHE J 219 40.07 61.76 6.30
N ILE J 220 40.26 63.08 6.51
CA ILE J 220 39.42 63.97 5.78
C ILE J 220 40.28 64.74 4.83
N LEU J 221 39.94 64.68 3.53
CA LEU J 221 40.57 65.53 2.57
C LEU J 221 39.55 66.53 2.17
N LEU J 222 39.88 67.82 2.28
CA LEU J 222 38.93 68.81 1.87
C LEU J 222 39.49 69.50 0.67
N ALA J 223 38.67 69.60 -0.39
CA ALA J 223 39.08 70.40 -1.50
C ALA J 223 38.05 71.47 -1.65
N ASP J 224 38.51 72.72 -1.82
CA ASP J 224 37.57 73.77 -2.08
C ASP J 224 36.96 73.47 -3.40
N LYS J 225 37.82 73.05 -4.36
CA LYS J 225 37.34 72.75 -5.67
C LYS J 225 36.63 71.45 -5.61
N LYS J 226 35.70 71.23 -6.55
CA LYS J 226 35.00 70.00 -6.63
C LYS J 226 35.97 68.98 -7.09
N ILE J 227 35.79 67.71 -6.71
CA ILE J 227 36.71 66.71 -7.16
C ILE J 227 36.13 66.14 -8.40
N SER J 228 36.56 66.68 -9.55
CA SER J 228 36.01 66.29 -10.82
C SER J 228 36.36 64.86 -11.07
N ASN J 229 37.66 64.53 -11.04
CA ASN J 229 38.06 63.27 -11.57
C ASN J 229 38.97 62.59 -10.61
N ILE J 230 39.25 61.31 -10.90
CA ILE J 230 40.07 60.48 -10.07
C ILE J 230 41.46 61.05 -10.06
N ARG J 231 41.94 61.51 -11.23
CA ARG J 231 43.34 61.75 -11.41
C ARG J 231 43.80 62.74 -10.39
N GLU J 232 43.04 63.83 -10.19
CA GLU J 232 43.44 64.82 -9.24
C GLU J 232 43.45 64.16 -7.90
N MET J 233 42.46 63.29 -7.66
CA MET J 233 42.29 62.62 -6.41
C MET J 233 43.48 61.74 -6.16
N LEU J 234 44.02 61.15 -7.24
CA LEU J 234 44.86 59.99 -7.13
C LEU J 234 46.02 60.29 -6.23
N PRO J 235 46.71 61.38 -6.38
CA PRO J 235 47.89 61.58 -5.59
C PRO J 235 47.51 61.63 -4.14
N VAL J 236 46.29 62.08 -3.83
CA VAL J 236 45.83 62.04 -2.47
C VAL J 236 45.72 60.61 -2.08
N LEU J 237 45.19 59.80 -3.00
CA LEU J 237 44.92 58.41 -2.77
C LEU J 237 46.21 57.72 -2.50
N GLU J 238 47.28 58.09 -3.23
CA GLU J 238 48.51 57.36 -3.09
C GLU J 238 48.95 57.49 -1.66
N ALA J 239 48.83 58.71 -1.10
CA ALA J 239 49.17 58.92 0.26
C ALA J 239 48.26 58.06 1.05
N VAL J 240 47.00 57.96 0.59
CA VAL J 240 45.98 57.20 1.25
C VAL J 240 46.44 55.78 1.31
N ALA J 241 47.17 55.31 0.28
CA ALA J 241 47.56 53.94 0.29
C ALA J 241 48.39 53.70 1.51
N LYS J 242 49.29 54.65 1.81
CA LYS J 242 50.10 54.56 3.00
C LYS J 242 49.15 54.60 4.16
N ALA J 243 48.07 55.38 3.99
CA ALA J 243 46.97 55.45 4.91
C ALA J 243 46.28 54.12 4.82
N GLY J 244 44.94 54.13 4.97
CA GLY J 244 44.24 52.89 5.11
C GLY J 244 43.38 53.02 6.31
N LYS J 245 43.67 54.01 7.16
CA LYS J 245 42.59 54.48 7.99
C LYS J 245 41.64 55.08 7.00
N PRO J 246 40.38 54.88 7.21
CA PRO J 246 39.44 55.03 6.13
C PRO J 246 39.45 56.44 5.65
N LEU J 247 39.26 56.65 4.34
CA LEU J 247 39.41 57.97 3.81
C LEU J 247 38.04 58.51 3.53
N LEU J 248 37.82 59.77 3.98
CA LEU J 248 36.64 60.49 3.63
C LEU J 248 37.11 61.60 2.76
N ILE J 249 36.34 61.92 1.70
CA ILE J 249 36.77 62.95 0.80
C ILE J 249 35.71 64.00 0.80
N ILE J 250 36.13 65.27 0.89
CA ILE J 250 35.18 66.33 0.78
C ILE J 250 35.52 67.07 -0.46
N ALA J 251 34.54 67.19 -1.37
CA ALA J 251 34.77 67.89 -2.59
C ALA J 251 33.58 68.76 -2.81
N GLU J 252 33.76 69.88 -3.53
CA GLU J 252 32.64 70.74 -3.75
C GLU J 252 31.63 69.94 -4.49
N ASP J 253 32.07 69.26 -5.57
CA ASP J 253 31.18 68.40 -6.28
C ASP J 253 31.98 67.26 -6.80
N VAL J 254 31.50 66.02 -6.60
CA VAL J 254 32.15 64.98 -7.33
C VAL J 254 31.17 64.51 -8.35
N GLU J 255 31.55 64.57 -9.64
CA GLU J 255 30.66 64.04 -10.61
C GLU J 255 30.67 62.57 -10.41
N GLY J 256 29.46 61.97 -10.32
CA GLY J 256 29.43 60.60 -9.91
C GLY J 256 30.13 59.77 -10.94
N GLU J 257 29.78 59.98 -12.22
CA GLU J 257 30.18 58.99 -13.18
C GLU J 257 31.66 58.96 -13.27
N ALA J 258 32.30 60.12 -13.48
CA ALA J 258 33.69 60.06 -13.79
C ALA J 258 34.43 59.53 -12.62
N LEU J 259 34.21 60.12 -11.43
CA LEU J 259 34.99 59.72 -10.30
C LEU J 259 34.61 58.33 -9.90
N ALA J 260 33.29 58.10 -9.76
CA ALA J 260 32.86 56.87 -9.16
C ALA J 260 33.25 55.74 -10.04
N THR J 261 33.06 55.91 -11.37
CA THR J 261 33.28 54.79 -12.24
C THR J 261 34.71 54.38 -12.11
N LEU J 262 35.63 55.36 -12.24
CA LEU J 262 37.02 55.01 -12.18
C LEU J 262 37.30 54.49 -10.80
N VAL J 263 36.83 55.21 -9.77
CA VAL J 263 37.24 54.87 -8.45
C VAL J 263 36.77 53.50 -8.12
N VAL J 264 35.47 53.24 -8.30
CA VAL J 264 34.95 51.99 -7.83
C VAL J 264 35.62 50.89 -8.56
N ASN J 265 35.54 50.91 -9.90
CA ASN J 265 36.03 49.79 -10.66
C ASN J 265 37.51 49.72 -10.52
N THR J 266 38.21 50.83 -10.81
CA THR J 266 39.63 50.80 -10.88
C THR J 266 40.17 50.54 -9.50
N MET J 267 39.63 51.26 -8.51
CA MET J 267 40.20 51.23 -7.20
C MET J 267 39.58 50.11 -6.44
N ARG J 268 40.43 49.31 -5.77
CA ARG J 268 39.92 48.24 -4.97
C ARG J 268 39.10 48.86 -3.90
N GLY J 269 39.59 49.97 -3.33
CA GLY J 269 38.82 50.63 -2.32
C GLY J 269 38.91 49.80 -1.09
N ILE J 270 40.07 49.14 -0.89
CA ILE J 270 40.21 48.30 0.25
C ILE J 270 40.04 49.18 1.45
N VAL J 271 40.70 50.34 1.44
CA VAL J 271 40.44 51.29 2.48
C VAL J 271 39.12 51.90 2.14
N LYS J 272 38.31 52.19 3.18
CA LYS J 272 37.01 52.73 2.90
C LYS J 272 37.20 54.10 2.37
N VAL J 273 36.40 54.49 1.36
CA VAL J 273 36.46 55.83 0.88
C VAL J 273 35.06 56.35 0.87
N ALA J 274 34.91 57.65 1.15
CA ALA J 274 33.61 58.26 1.09
C ALA J 274 33.80 59.57 0.42
N ALA J 275 32.73 60.10 -0.22
CA ALA J 275 32.84 61.41 -0.77
C ALA J 275 31.63 62.17 -0.32
N VAL J 276 31.82 63.47 -0.03
CA VAL J 276 30.70 64.29 0.30
C VAL J 276 30.89 65.60 -0.38
N LYS J 277 29.78 66.30 -0.70
CA LYS J 277 29.91 67.60 -1.27
C LYS J 277 30.24 68.54 -0.16
N ALA J 278 31.05 69.57 -0.45
CA ALA J 278 31.41 70.50 0.58
C ALA J 278 30.18 71.29 0.90
N PRO J 279 30.02 71.57 2.16
CA PRO J 279 28.83 72.19 2.64
C PRO J 279 28.76 73.58 2.12
N GLY J 280 27.55 74.10 1.86
CA GLY J 280 27.41 75.48 1.52
C GLY J 280 27.84 75.64 0.10
N PHE J 281 27.73 76.88 -0.41
CA PHE J 281 28.23 77.17 -1.72
C PHE J 281 28.83 78.53 -1.68
N GLY J 282 29.69 78.85 -2.66
CA GLY J 282 30.22 80.17 -2.75
C GLY J 282 31.20 80.35 -1.64
N ASP J 283 31.37 81.62 -1.21
CA ASP J 283 32.34 81.95 -0.21
C ASP J 283 31.94 81.22 1.03
N ARG J 284 30.63 81.16 1.31
CA ARG J 284 30.17 80.54 2.52
C ARG J 284 30.64 79.14 2.50
N ARG J 285 30.56 78.49 1.34
CA ARG J 285 30.96 77.11 1.24
C ARG J 285 32.40 77.05 1.62
N LYS J 286 33.21 77.99 1.09
CA LYS J 286 34.61 77.96 1.37
C LYS J 286 34.77 78.14 2.84
N ALA J 287 34.00 79.07 3.41
CA ALA J 287 34.12 79.38 4.81
C ALA J 287 33.81 78.15 5.59
N MET J 288 32.76 77.42 5.16
CA MET J 288 32.36 76.24 5.87
C MET J 288 33.50 75.28 5.78
N LEU J 289 34.14 75.22 4.60
CA LEU J 289 35.21 74.29 4.41
C LEU J 289 36.28 74.65 5.38
N GLN J 290 36.55 75.95 5.54
CA GLN J 290 37.61 76.37 6.41
C GLN J 290 37.27 75.92 7.79
N ASP J 291 36.00 76.09 8.18
CA ASP J 291 35.60 75.74 9.51
C ASP J 291 35.81 74.27 9.67
N ILE J 292 35.43 73.49 8.65
CA ILE J 292 35.56 72.07 8.74
C ILE J 292 37.01 71.76 8.86
N ALA J 293 37.84 72.44 8.05
CA ALA J 293 39.23 72.13 7.99
C ALA J 293 39.83 72.33 9.34
N THR J 294 39.44 73.43 10.01
CA THR J 294 40.01 73.69 11.30
C THR J 294 39.58 72.59 12.21
N LEU J 295 38.29 72.22 12.15
CA LEU J 295 37.77 71.26 13.07
C LEU J 295 38.45 69.95 12.84
N THR J 296 38.67 69.60 11.55
CA THR J 296 39.35 68.38 11.24
C THR J 296 40.75 68.51 11.73
N GLY J 297 41.34 69.71 11.55
CA GLY J 297 42.72 69.90 11.87
C GLY J 297 43.48 69.69 10.61
N GLY J 298 42.78 69.30 9.53
CA GLY J 298 43.42 69.12 8.27
C GLY J 298 43.46 70.46 7.61
N THR J 299 44.02 70.50 6.39
CA THR J 299 44.09 71.74 5.67
C THR J 299 43.32 71.55 4.40
N VAL J 300 42.85 72.66 3.81
CA VAL J 300 42.10 72.55 2.59
C VAL J 300 42.95 73.10 1.50
N ILE J 301 42.80 72.55 0.29
CA ILE J 301 43.57 73.02 -0.82
C ILE J 301 42.62 73.60 -1.81
N SER J 302 42.96 74.76 -2.37
CA SER J 302 42.11 75.35 -3.37
C SER J 302 42.97 75.73 -4.52
N GLU J 303 42.35 75.88 -5.69
CA GLU J 303 43.06 76.29 -6.86
C GLU J 303 43.56 77.68 -6.60
N GLU J 304 42.73 78.50 -5.95
CA GLU J 304 43.08 79.87 -5.73
C GLU J 304 44.33 79.88 -4.92
N ILE J 305 44.39 79.00 -3.89
CA ILE J 305 45.59 78.90 -3.13
C ILE J 305 46.65 78.43 -4.06
N GLY J 306 46.30 77.47 -4.93
CA GLY J 306 47.26 76.97 -5.87
C GLY J 306 47.92 75.80 -5.25
N MET J 307 47.44 75.38 -4.06
CA MET J 307 47.96 74.18 -3.48
C MET J 307 47.51 73.07 -4.35
N GLU J 308 48.31 71.99 -4.43
CA GLU J 308 47.96 70.92 -5.30
C GLU J 308 47.50 69.78 -4.46
N LEU J 309 46.47 69.05 -4.93
CA LEU J 309 45.98 67.93 -4.21
C LEU J 309 47.09 66.94 -4.18
N GLU J 310 47.79 66.79 -5.32
CA GLU J 310 48.85 65.84 -5.42
C GLU J 310 49.88 66.25 -4.42
N LYS J 311 50.17 67.56 -4.36
CA LYS J 311 51.19 68.04 -3.48
C LYS J 311 50.76 67.75 -2.08
N ALA J 312 49.47 67.94 -1.78
CA ALA J 312 49.05 67.81 -0.42
C ALA J 312 49.33 66.41 0.02
N THR J 313 49.79 66.28 1.28
CA THR J 313 50.15 65.00 1.80
C THR J 313 49.01 64.51 2.65
N LEU J 314 49.25 63.40 3.36
CA LEU J 314 48.30 62.85 4.27
C LEU J 314 48.12 63.85 5.37
N GLU J 315 49.23 64.50 5.76
CA GLU J 315 49.21 65.35 6.91
C GLU J 315 48.19 66.41 6.67
N ASP J 316 48.12 66.91 5.42
CA ASP J 316 47.18 67.94 5.13
C ASP J 316 45.83 67.40 5.45
N LEU J 317 45.57 66.13 5.09
CA LEU J 317 44.28 65.59 5.36
C LEU J 317 44.15 65.51 6.84
N GLY J 318 42.95 65.84 7.36
CA GLY J 318 42.74 65.77 8.77
C GLY J 318 42.32 64.38 9.08
N GLN J 319 42.08 64.09 10.37
CA GLN J 319 41.56 62.80 10.72
C GLN J 319 40.37 63.01 11.60
N ALA J 320 39.44 62.05 11.60
CA ALA J 320 38.31 62.13 12.48
C ALA J 320 38.30 60.88 13.28
N LYS J 321 37.78 60.94 14.51
CA LYS J 321 37.73 59.75 15.30
C LYS J 321 36.85 58.79 14.56
N ARG J 322 35.65 59.25 14.16
CA ARG J 322 34.80 58.44 13.35
C ARG J 322 33.93 59.40 12.59
N VAL J 323 33.43 58.97 11.41
CA VAL J 323 32.52 59.80 10.70
C VAL J 323 31.30 58.99 10.42
N VAL J 324 30.12 59.63 10.49
CA VAL J 324 28.92 58.95 10.11
C VAL J 324 28.32 59.75 9.00
N ILE J 325 27.84 59.07 7.95
CA ILE J 325 27.26 59.77 6.86
C ILE J 325 25.90 59.20 6.62
N ASN J 326 24.91 60.08 6.38
CA ASN J 326 23.64 59.62 5.92
C ASN J 326 23.30 60.42 4.72
N LYS J 327 22.26 60.00 3.97
CA LYS J 327 21.98 60.64 2.72
C LYS J 327 21.67 62.07 3.02
N ASP J 328 20.85 62.32 4.05
CA ASP J 328 20.46 63.68 4.30
C ASP J 328 21.68 64.46 4.69
N THR J 329 22.50 63.92 5.61
CA THR J 329 23.52 64.75 6.19
C THR J 329 24.76 63.94 6.37
N THR J 330 25.93 64.61 6.44
CA THR J 330 27.13 63.90 6.77
C THR J 330 27.71 64.56 7.96
N THR J 331 28.12 63.78 8.97
CA THR J 331 28.64 64.40 10.15
C THR J 331 29.96 63.76 10.47
N ILE J 332 30.82 64.52 11.19
CA ILE J 332 32.02 63.96 11.70
C ILE J 332 31.86 63.95 13.19
N ILE J 333 31.98 62.76 13.81
CA ILE J 333 31.69 62.71 15.21
C ILE J 333 32.68 63.57 15.91
N ASP J 334 33.98 63.36 15.63
CA ASP J 334 34.97 64.17 16.28
C ASP J 334 36.14 64.30 15.36
N GLY J 335 36.40 65.53 14.86
CA GLY J 335 37.63 65.73 14.15
C GLY J 335 38.70 65.87 15.18
N VAL J 336 39.93 65.45 14.85
CA VAL J 336 40.99 65.64 15.79
C VAL J 336 41.16 67.11 15.98
N GLY J 337 41.31 67.84 14.86
CA GLY J 337 41.28 69.27 14.89
C GLY J 337 42.59 69.76 15.40
N GLU J 338 42.80 71.09 15.28
CA GLU J 338 43.86 71.73 16.01
C GLU J 338 43.16 72.53 17.05
N GLU J 339 43.53 72.33 18.34
CA GLU J 339 42.73 72.94 19.36
C GLU J 339 42.84 74.41 19.21
N ALA J 340 44.07 74.93 19.05
CA ALA J 340 44.24 76.35 18.95
C ALA J 340 43.58 76.81 17.70
N ALA J 341 43.80 76.08 16.59
CA ALA J 341 43.37 76.56 15.31
C ALA J 341 41.88 76.64 15.32
N ILE J 342 41.22 75.60 15.85
CA ILE J 342 39.79 75.53 15.75
C ILE J 342 39.23 76.67 16.52
N GLN J 343 39.74 76.89 17.74
CA GLN J 343 39.17 77.88 18.60
C GLN J 343 39.31 79.21 17.94
N GLY J 344 40.51 79.47 17.38
CA GLY J 344 40.77 80.78 16.86
C GLY J 344 39.80 81.05 15.76
N ARG J 345 39.58 80.06 14.89
CA ARG J 345 38.72 80.27 13.76
C ARG J 345 37.36 80.56 14.26
N VAL J 346 36.90 79.82 15.28
CA VAL J 346 35.57 80.00 15.75
C VAL J 346 35.44 81.41 16.21
N ALA J 347 36.44 81.89 16.94
CA ALA J 347 36.38 83.22 17.47
C ALA J 347 36.31 84.17 16.32
N GLN J 348 37.12 83.92 15.28
CA GLN J 348 37.18 84.84 14.18
C GLN J 348 35.82 84.87 13.55
N ILE J 349 35.21 83.68 13.38
CA ILE J 349 33.92 83.62 12.76
C ILE J 349 32.97 84.35 13.64
N ARG J 350 33.07 84.11 14.97
CA ARG J 350 32.13 84.68 15.88
C ARG J 350 32.24 86.16 15.76
N GLN J 351 33.46 86.68 15.67
CA GLN J 351 33.64 88.10 15.58
C GLN J 351 32.97 88.53 14.32
N GLN J 352 33.11 87.73 13.25
CA GLN J 352 32.58 88.10 11.97
C GLN J 352 31.10 88.20 12.12
N ILE J 353 30.49 87.28 12.88
CA ILE J 353 29.06 87.23 12.93
C ILE J 353 28.59 88.54 13.47
N GLU J 354 29.21 88.99 14.58
CA GLU J 354 28.84 90.24 15.16
C GLU J 354 29.19 91.30 14.16
N GLU J 355 30.36 91.15 13.51
CA GLU J 355 30.89 92.20 12.70
C GLU J 355 29.95 92.48 11.58
N ALA J 356 29.41 91.43 10.94
CA ALA J 356 28.70 91.66 9.72
C ALA J 356 27.52 92.52 10.03
N THR J 357 27.35 93.60 9.24
CA THR J 357 26.21 94.45 9.39
C THR J 357 25.01 93.68 8.99
N SER J 358 25.10 92.97 7.85
CA SER J 358 23.92 92.40 7.27
C SER J 358 23.53 91.21 8.06
N ASP J 359 22.22 90.89 8.04
CA ASP J 359 21.72 89.72 8.69
C ASP J 359 22.28 88.54 7.97
N TYR J 360 22.35 88.61 6.64
CA TYR J 360 22.71 87.46 5.86
C TYR J 360 24.09 87.06 6.25
N ASP J 361 25.01 88.03 6.32
CA ASP J 361 26.36 87.69 6.63
C ASP J 361 26.36 87.10 8.01
N ARG J 362 25.59 87.71 8.92
CA ARG J 362 25.60 87.27 10.28
C ARG J 362 25.14 85.85 10.31
N GLU J 363 24.07 85.55 9.55
CA GLU J 363 23.46 84.26 9.63
C GLU J 363 24.45 83.23 9.21
N LYS J 364 25.16 83.47 8.10
CA LYS J 364 26.05 82.47 7.61
C LYS J 364 27.09 82.23 8.65
N LEU J 365 27.65 83.32 9.20
CA LEU J 365 28.72 83.19 10.15
C LEU J 365 28.20 82.48 11.34
N GLN J 366 27.00 82.89 11.82
CA GLN J 366 26.49 82.34 13.04
C GLN J 366 26.27 80.88 12.83
N GLU J 367 25.76 80.50 11.64
CA GLU J 367 25.50 79.12 11.40
C GLU J 367 26.81 78.41 11.49
N ARG J 368 27.86 78.98 10.89
CA ARG J 368 29.11 78.30 10.82
C ARG J 368 29.60 78.06 12.21
N VAL J 369 29.56 79.10 13.06
CA VAL J 369 30.10 78.96 14.38
C VAL J 369 29.27 77.95 15.10
N ALA J 370 27.94 78.00 14.90
CA ALA J 370 27.05 77.19 15.67
C ALA J 370 27.40 75.76 15.46
N LYS J 371 27.68 75.38 14.19
CA LYS J 371 27.88 74.00 13.90
C LYS J 371 29.04 73.52 14.72
N LEU J 372 30.15 74.27 14.71
CA LEU J 372 31.31 73.85 15.43
C LEU J 372 30.96 73.83 16.88
N ALA J 373 30.30 74.91 17.35
CA ALA J 373 30.09 75.07 18.76
C ALA J 373 29.24 73.95 19.25
N GLY J 374 28.18 73.61 18.49
CA GLY J 374 27.21 72.70 19.02
C GLY J 374 27.89 71.40 19.30
N GLY J 375 28.72 70.93 18.35
CA GLY J 375 29.37 69.68 18.55
C GLY J 375 28.32 68.62 18.41
N VAL J 376 28.68 67.38 18.80
CA VAL J 376 27.72 66.32 18.76
C VAL J 376 27.83 65.61 20.08
N ALA J 377 26.76 64.90 20.48
CA ALA J 377 26.83 64.12 21.68
C ALA J 377 26.70 62.70 21.28
N VAL J 378 27.45 61.80 21.95
CA VAL J 378 27.34 60.42 21.62
C VAL J 378 26.93 59.69 22.85
N ILE J 379 26.11 58.65 22.70
CA ILE J 379 25.71 57.86 23.83
C ILE J 379 26.15 56.47 23.56
N LYS J 380 26.74 55.80 24.57
CA LYS J 380 27.11 54.44 24.41
C LYS J 380 26.19 53.63 25.25
N VAL J 381 25.77 52.45 24.74
CA VAL J 381 24.91 51.61 25.52
C VAL J 381 25.67 50.37 25.83
N GLY J 382 25.77 50.04 27.13
CA GLY J 382 26.42 48.82 27.50
C GLY J 382 25.40 47.75 27.47
N ALA J 383 25.84 46.49 27.60
CA ALA J 383 24.90 45.41 27.69
C ALA J 383 25.57 44.29 28.38
N ALA J 384 24.77 43.37 28.95
CA ALA J 384 25.34 42.19 29.53
C ALA J 384 25.99 41.44 28.42
N THR J 385 25.29 41.35 27.26
CA THR J 385 25.84 40.64 26.15
C THR J 385 25.78 41.55 24.97
N GLU J 386 26.50 41.19 23.89
CA GLU J 386 26.54 42.01 22.72
C GLU J 386 25.16 42.07 22.18
N VAL J 387 24.46 40.92 22.17
CA VAL J 387 23.16 40.85 21.58
C VAL J 387 22.28 41.81 22.31
N GLU J 388 22.37 41.80 23.66
CA GLU J 388 21.50 42.63 24.44
C GLU J 388 21.79 44.04 24.07
N MET J 389 23.07 44.38 23.89
CA MET J 389 23.45 45.75 23.68
C MET J 389 22.81 46.20 22.41
N LYS J 390 22.84 45.35 21.38
CA LYS J 390 22.29 45.75 20.11
C LYS J 390 20.85 46.04 20.32
N GLU J 391 20.14 45.14 21.04
CA GLU J 391 18.74 45.32 21.23
C GLU J 391 18.52 46.58 21.98
N LYS J 392 19.33 46.81 23.04
CA LYS J 392 19.14 47.95 23.87
C LYS J 392 19.35 49.16 23.03
N LYS J 393 20.38 49.13 22.18
CA LYS J 393 20.74 50.28 21.42
C LYS J 393 19.59 50.63 20.54
N ALA J 394 18.98 49.61 19.91
CA ALA J 394 17.92 49.88 18.98
C ALA J 394 16.83 50.56 19.72
N ARG J 395 16.51 50.05 20.92
CA ARG J 395 15.43 50.60 21.68
C ARG J 395 15.78 52.01 22.00
N VAL J 396 17.05 52.25 22.38
CA VAL J 396 17.44 53.56 22.81
C VAL J 396 17.21 54.50 21.67
N GLU J 397 17.61 54.09 20.46
CA GLU J 397 17.55 54.98 19.34
C GLU J 397 16.12 55.35 19.15
N ALA J 398 15.22 54.35 19.21
CA ALA J 398 13.84 54.62 18.94
C ALA J 398 13.36 55.61 19.94
N ALA J 399 13.75 55.42 21.22
CA ALA J 399 13.25 56.26 22.25
C ALA J 399 13.69 57.67 21.96
N LEU J 400 14.95 57.82 21.53
CA LEU J 400 15.50 59.14 21.39
C LEU J 400 14.68 59.86 20.37
N HIS J 401 14.37 59.20 19.24
CA HIS J 401 13.66 59.87 18.19
C HIS J 401 12.33 60.28 18.75
N ALA J 402 11.66 59.35 19.46
CA ALA J 402 10.35 59.63 19.94
C ALA J 402 10.42 60.79 20.86
N THR J 403 11.43 60.79 21.74
CA THR J 403 11.50 61.81 22.74
C THR J 403 11.66 63.13 22.06
N ARG J 404 12.57 63.20 21.07
CA ARG J 404 12.86 64.46 20.46
C ARG J 404 11.61 64.95 19.82
N ALA J 405 10.90 64.06 19.09
CA ALA J 405 9.71 64.48 18.42
C ALA J 405 8.74 64.92 19.48
N ALA J 406 8.66 64.14 20.57
CA ALA J 406 7.64 64.36 21.53
C ALA J 406 7.81 65.73 22.11
N VAL J 407 9.06 66.10 22.43
CA VAL J 407 9.25 67.33 23.14
C VAL J 407 8.76 68.46 22.31
N GLU J 408 9.16 68.49 21.02
CA GLU J 408 8.85 69.62 20.19
C GLU J 408 7.36 69.70 20.05
N GLU J 409 6.73 68.56 19.75
CA GLU J 409 5.33 68.55 19.49
C GLU J 409 4.65 68.97 20.75
N GLY J 410 5.19 68.48 21.89
CA GLY J 410 4.47 68.56 23.12
C GLY J 410 3.87 67.20 23.27
N VAL J 411 3.47 66.83 24.49
CA VAL J 411 3.08 65.47 24.69
C VAL J 411 1.62 65.43 25.00
N VAL J 412 0.90 64.50 24.34
CA VAL J 412 -0.49 64.28 24.60
C VAL J 412 -0.58 63.29 25.71
N ALA J 413 -1.74 63.23 26.39
CA ALA J 413 -1.88 62.30 27.48
C ALA J 413 -1.65 60.94 26.92
N GLY J 414 -0.99 60.07 27.71
CA GLY J 414 -0.67 58.76 27.23
C GLY J 414 -1.81 57.86 27.61
N GLY J 415 -1.62 56.55 27.39
CA GLY J 415 -2.60 55.60 27.80
C GLY J 415 -3.60 55.46 26.69
N GLY J 416 -3.36 56.15 25.56
CA GLY J 416 -4.28 56.05 24.47
C GLY J 416 -5.45 56.91 24.84
N VAL J 417 -5.24 57.77 25.84
CA VAL J 417 -6.29 58.64 26.30
C VAL J 417 -6.69 59.50 25.16
N ALA J 418 -5.70 60.03 24.43
CA ALA J 418 -6.02 60.91 23.35
C ALA J 418 -6.84 60.13 22.38
N LEU J 419 -6.43 58.88 22.11
CA LEU J 419 -7.08 58.11 21.10
C LEU J 419 -8.50 57.90 21.48
N ILE J 420 -8.75 57.52 22.75
CA ILE J 420 -10.09 57.24 23.14
C ILE J 420 -10.87 58.52 23.06
N ARG J 421 -10.28 59.62 23.55
CA ARG J 421 -11.00 60.86 23.65
C ARG J 421 -11.42 61.26 22.27
N VAL J 422 -10.50 61.17 21.30
CA VAL J 422 -10.77 61.67 19.99
C VAL J 422 -11.89 60.88 19.41
N ALA J 423 -11.91 59.57 19.68
CA ALA J 423 -12.81 58.68 19.01
C ALA J 423 -14.20 59.13 19.29
N SER J 424 -14.48 59.54 20.55
CA SER J 424 -15.82 59.88 20.91
C SER J 424 -16.25 61.00 20.03
N LYS J 425 -15.39 62.01 19.85
CA LYS J 425 -15.73 63.13 19.03
C LYS J 425 -15.92 62.62 17.64
N LEU J 426 -15.05 61.68 17.22
CA LEU J 426 -15.03 61.19 15.87
C LEU J 426 -16.35 60.55 15.61
N ALA J 427 -16.90 59.86 16.62
CA ALA J 427 -18.06 59.03 16.40
C ALA J 427 -19.15 59.88 15.85
N ASP J 428 -19.28 61.11 16.37
CA ASP J 428 -20.37 61.94 15.95
C ASP J 428 -20.24 62.13 14.48
N LEU J 429 -19.01 62.33 13.98
CA LEU J 429 -18.85 62.59 12.58
C LEU J 429 -19.31 61.39 11.84
N ARG J 430 -19.95 61.60 10.67
CA ARG J 430 -20.48 60.52 9.91
C ARG J 430 -19.77 60.50 8.60
N GLY J 431 -19.64 59.31 8.00
CA GLY J 431 -19.04 59.18 6.71
C GLY J 431 -20.09 59.51 5.70
N GLN J 432 -19.69 59.58 4.42
CA GLN J 432 -20.61 59.96 3.39
C GLN J 432 -21.68 58.92 3.32
N ASN J 433 -21.27 57.63 3.34
CA ASN J 433 -22.25 56.59 3.17
C ASN J 433 -22.06 55.61 4.28
N GLU J 434 -23.03 54.69 4.43
CA GLU J 434 -23.09 53.85 5.58
C GLU J 434 -21.84 53.03 5.61
N ASP J 435 -21.39 52.55 4.45
CA ASP J 435 -20.23 51.72 4.44
C ASP J 435 -19.11 52.50 5.00
N GLN J 436 -19.03 53.79 4.61
CA GLN J 436 -18.01 54.65 5.14
C GLN J 436 -18.25 54.77 6.61
N ASN J 437 -19.54 54.87 7.01
CA ASN J 437 -19.85 55.12 8.38
C ASN J 437 -19.28 54.01 9.20
N VAL J 438 -19.51 52.76 8.77
CA VAL J 438 -19.08 51.66 9.58
C VAL J 438 -17.59 51.72 9.71
N GLY J 439 -16.91 52.05 8.60
CA GLY J 439 -15.48 52.07 8.61
C GLY J 439 -15.06 53.09 9.63
N ILE J 440 -15.75 54.23 9.66
CA ILE J 440 -15.38 55.28 10.56
C ILE J 440 -15.51 54.74 11.95
N LYS J 441 -16.62 54.03 12.21
CA LYS J 441 -16.85 53.50 13.53
C LYS J 441 -15.74 52.55 13.82
N VAL J 442 -15.34 51.76 12.81
CA VAL J 442 -14.36 50.75 13.03
C VAL J 442 -13.11 51.43 13.49
N ALA J 443 -12.75 52.55 12.84
CA ALA J 443 -11.53 53.20 13.17
C ALA J 443 -11.61 53.61 14.60
N LEU J 444 -12.78 54.12 15.01
CA LEU J 444 -12.93 54.60 16.35
C LEU J 444 -12.72 53.45 17.27
N ARG J 445 -13.29 52.28 16.91
CA ARG J 445 -13.20 51.12 17.74
C ARG J 445 -11.75 50.79 17.87
N ALA J 446 -11.02 50.91 16.74
CA ALA J 446 -9.65 50.49 16.72
C ALA J 446 -8.90 51.30 17.72
N MET J 447 -9.20 52.61 17.79
CA MET J 447 -8.45 53.48 18.66
C MET J 447 -8.64 53.02 20.06
N GLU J 448 -9.88 52.62 20.40
CA GLU J 448 -10.22 52.30 21.76
C GLU J 448 -9.40 51.14 22.19
N ALA J 449 -9.14 50.20 21.26
CA ALA J 449 -8.65 48.90 21.64
C ALA J 449 -7.37 49.03 22.41
N PRO J 450 -6.40 49.79 21.99
CA PRO J 450 -5.11 49.72 22.61
C PRO J 450 -5.19 50.11 24.04
N LEU J 451 -6.19 50.95 24.42
CA LEU J 451 -6.32 51.31 25.79
C LEU J 451 -6.67 50.06 26.54
N ARG J 452 -7.55 49.24 25.93
CA ARG J 452 -8.04 48.05 26.54
C ARG J 452 -6.87 47.15 26.76
N GLN J 453 -5.94 47.08 25.80
CA GLN J 453 -4.89 46.12 25.88
C GLN J 453 -4.11 46.40 27.11
N ILE J 454 -3.86 47.69 27.40
CA ILE J 454 -3.08 48.03 28.55
C ILE J 454 -3.85 47.55 29.75
N VAL J 455 -5.17 47.78 29.74
CA VAL J 455 -6.00 47.44 30.86
C VAL J 455 -5.92 45.96 31.05
N LEU J 456 -5.97 45.20 29.94
CA LEU J 456 -6.01 43.77 30.01
C LEU J 456 -4.75 43.35 30.68
N ASN J 457 -3.64 44.01 30.33
CA ASN J 457 -2.38 43.68 30.92
C ASN J 457 -2.52 43.90 32.39
N CYS J 458 -3.21 44.98 32.77
CA CYS J 458 -3.43 45.26 34.15
C CYS J 458 -4.22 44.12 34.70
N GLY J 459 -5.16 43.60 33.90
CA GLY J 459 -6.00 42.54 34.35
C GLY J 459 -7.29 43.15 34.77
N GLU J 460 -7.34 44.50 34.79
CA GLU J 460 -8.58 45.17 35.02
C GLU J 460 -9.37 45.01 33.78
N GLU J 461 -10.71 45.06 33.91
CA GLU J 461 -11.52 44.86 32.74
C GLU J 461 -11.54 46.14 31.99
N PRO J 462 -11.04 46.09 30.80
CA PRO J 462 -10.80 47.26 30.01
C PRO J 462 -12.10 47.93 29.71
N SER J 463 -13.21 47.19 29.76
CA SER J 463 -14.47 47.75 29.39
C SER J 463 -14.76 48.88 30.33
N VAL J 464 -14.66 48.59 31.64
CA VAL J 464 -15.00 49.58 32.62
C VAL J 464 -14.07 50.73 32.45
N VAL J 465 -12.76 50.44 32.29
CA VAL J 465 -11.79 51.50 32.24
C VAL J 465 -12.11 52.34 31.05
N ALA J 466 -12.35 51.69 29.90
CA ALA J 466 -12.55 52.42 28.68
C ALA J 466 -13.76 53.28 28.87
N ASN J 467 -14.82 52.71 29.46
CA ASN J 467 -16.04 53.45 29.61
C ASN J 467 -15.75 54.63 30.47
N THR J 468 -15.02 54.40 31.58
CA THR J 468 -14.77 55.46 32.50
C THR J 468 -13.97 56.49 31.79
N VAL J 469 -12.95 56.06 31.03
CA VAL J 469 -12.06 56.98 30.40
C VAL J 469 -12.87 57.84 29.49
N LYS J 470 -13.77 57.20 28.71
CA LYS J 470 -14.53 57.94 27.74
C LYS J 470 -15.35 58.94 28.48
N GLY J 471 -15.93 58.53 29.62
CA GLY J 471 -16.87 59.37 30.29
C GLY J 471 -16.19 60.64 30.69
N GLY J 472 -14.95 60.53 31.19
CA GLY J 472 -14.32 61.70 31.72
C GLY J 472 -14.10 62.65 30.59
N ASP J 473 -14.39 63.94 30.83
CA ASP J 473 -14.13 64.95 29.85
C ASP J 473 -12.73 65.39 30.04
N GLY J 474 -12.23 66.25 29.13
CA GLY J 474 -10.92 66.78 29.29
C GLY J 474 -9.97 65.64 29.08
N ASN J 475 -8.79 65.72 29.73
CA ASN J 475 -7.88 64.62 29.61
C ASN J 475 -8.20 63.69 30.72
N TYR J 476 -8.73 62.50 30.38
CA TYR J 476 -9.04 61.52 31.37
C TYR J 476 -8.37 60.27 30.92
N GLY J 477 -7.78 59.50 31.85
CA GLY J 477 -7.08 58.34 31.41
C GLY J 477 -6.88 57.44 32.59
N TYR J 478 -6.30 56.25 32.34
CA TYR J 478 -6.05 55.31 33.39
C TYR J 478 -4.57 55.14 33.44
N ASN J 479 -4.01 55.21 34.67
CA ASN J 479 -2.59 55.01 34.79
C ASN J 479 -2.41 53.60 35.23
N ALA J 480 -1.64 52.81 34.47
CA ALA J 480 -1.51 51.43 34.81
C ALA J 480 -0.85 51.33 36.15
N ALA J 481 0.24 52.10 36.33
CA ALA J 481 1.01 51.94 37.54
C ALA J 481 0.16 52.34 38.70
N THR J 482 -0.51 53.50 38.59
CA THR J 482 -1.29 53.98 39.69
C THR J 482 -2.41 53.03 39.90
N GLU J 483 -3.02 52.58 38.78
CA GLU J 483 -4.25 51.86 38.86
C GLU J 483 -5.21 52.75 39.57
N GLU J 484 -5.05 54.07 39.36
CA GLU J 484 -5.96 55.03 39.91
C GLU J 484 -6.30 55.96 38.79
N TYR J 485 -7.46 56.64 38.90
CA TYR J 485 -7.83 57.55 37.87
C TYR J 485 -7.29 58.89 38.25
N GLY J 486 -6.65 59.57 37.28
CA GLY J 486 -6.11 60.87 37.55
C GLY J 486 -5.88 61.50 36.22
N ASN J 487 -5.56 62.82 36.22
CA ASN J 487 -5.34 63.49 34.98
C ASN J 487 -4.05 62.96 34.44
N MET J 488 -4.01 62.71 33.12
CA MET J 488 -2.82 62.16 32.55
C MET J 488 -1.73 63.15 32.72
N ILE J 489 -2.04 64.44 32.48
CA ILE J 489 -1.04 65.47 32.54
C ILE J 489 -0.53 65.50 33.94
N ASP J 490 -1.45 65.46 34.92
CA ASP J 490 -1.05 65.54 36.29
C ASP J 490 -0.19 64.36 36.57
N MET J 491 -0.56 63.20 36.00
CA MET J 491 0.20 62.01 36.21
C MET J 491 1.56 62.25 35.63
N GLY J 492 1.61 62.93 34.47
CA GLY J 492 2.87 63.25 33.88
C GLY J 492 3.23 62.16 32.93
N ILE J 493 2.33 61.20 32.71
CA ILE J 493 2.65 60.20 31.74
C ILE J 493 1.96 60.58 30.48
N LEU J 494 2.76 60.89 29.46
CA LEU J 494 2.24 61.47 28.26
C LEU J 494 2.87 60.77 27.11
N ASP J 495 2.06 60.41 26.10
CA ASP J 495 2.62 59.84 24.91
C ASP J 495 2.72 60.94 23.92
N PRO J 496 3.76 60.90 23.13
CA PRO J 496 4.06 61.99 22.24
C PRO J 496 2.96 62.10 21.24
N THR J 497 2.62 63.33 20.84
CA THR J 497 1.56 63.51 19.89
C THR J 497 1.98 62.90 18.60
N LYS J 498 3.23 63.18 18.19
CA LYS J 498 3.69 62.78 16.89
C LYS J 498 3.65 61.29 16.82
N VAL J 499 4.13 60.62 17.87
CA VAL J 499 4.22 59.18 17.81
C VAL J 499 2.82 58.65 17.67
N THR J 500 1.88 59.19 18.48
CA THR J 500 0.55 58.67 18.45
C THR J 500 0.00 58.89 17.08
N ARG J 501 0.18 60.11 16.55
CA ARG J 501 -0.40 60.44 15.27
C ARG J 501 0.21 59.54 14.25
N SER J 502 1.53 59.37 14.29
CA SER J 502 2.21 58.64 13.27
C SER J 502 1.68 57.25 13.27
N ALA J 503 1.60 56.63 14.45
CA ALA J 503 1.25 55.25 14.52
C ALA J 503 -0.12 55.08 13.97
N LEU J 504 -1.03 56.00 14.34
CA LEU J 504 -2.41 55.83 13.98
C LEU J 504 -2.49 55.87 12.48
N GLN J 505 -1.81 56.84 11.86
CA GLN J 505 -1.98 57.02 10.45
C GLN J 505 -1.50 55.81 9.75
N TYR J 506 -0.33 55.29 10.16
CA TYR J 506 0.24 54.16 9.48
C TYR J 506 -0.68 53.00 9.65
N ALA J 507 -1.18 52.80 10.88
CA ALA J 507 -1.97 51.64 11.15
C ALA J 507 -3.16 51.69 10.27
N ALA J 508 -3.77 52.90 10.15
CA ALA J 508 -4.96 53.03 9.37
C ALA J 508 -4.62 52.66 7.96
N SER J 509 -3.46 53.13 7.48
CA SER J 509 -3.09 52.90 6.12
C SER J 509 -2.99 51.43 5.92
N VAL J 510 -2.35 50.73 6.88
CA VAL J 510 -2.12 49.33 6.70
C VAL J 510 -3.45 48.66 6.57
N ALA J 511 -4.38 49.01 7.47
CA ALA J 511 -5.62 48.30 7.54
C ALA J 511 -6.31 48.46 6.23
N GLY J 512 -6.30 49.68 5.68
CA GLY J 512 -7.03 49.93 4.47
C GLY J 512 -6.48 49.06 3.40
N LEU J 513 -5.14 48.94 3.35
CA LEU J 513 -4.50 48.24 2.28
C LEU J 513 -4.95 46.81 2.33
N MET J 514 -5.00 46.25 3.55
CA MET J 514 -5.25 44.85 3.70
C MET J 514 -6.60 44.55 3.16
N ILE J 515 -7.56 45.45 3.40
CA ILE J 515 -8.93 45.16 3.09
C ILE J 515 -9.03 44.91 1.62
N THR J 516 -8.34 45.74 0.80
CA THR J 516 -8.45 45.63 -0.62
C THR J 516 -7.65 44.45 -1.04
N THR J 517 -6.87 44.59 -2.13
CA THR J 517 -6.18 43.46 -2.69
C THR J 517 -7.17 42.37 -2.91
N GLU J 518 -8.13 42.63 -3.82
CA GLU J 518 -9.18 41.69 -4.10
C GLU J 518 -8.56 40.42 -4.57
N CYS J 519 -7.60 40.52 -5.52
CA CYS J 519 -7.06 39.31 -6.07
C CYS J 519 -5.64 39.21 -5.64
N MET J 520 -5.15 37.96 -5.50
CA MET J 520 -3.76 37.77 -5.18
C MET J 520 -3.26 36.69 -6.07
N VAL J 521 -1.96 36.76 -6.44
CA VAL J 521 -1.38 35.66 -7.16
C VAL J 521 -0.16 35.26 -6.40
N THR J 522 0.10 33.94 -6.33
CA THR J 522 1.28 33.47 -5.67
C THR J 522 1.84 32.38 -6.52
N ASP J 523 3.04 31.89 -6.17
CA ASP J 523 3.54 30.74 -6.87
C ASP J 523 2.82 29.56 -6.32
N LEU J 524 2.60 28.54 -7.18
CA LEU J 524 1.97 27.32 -6.77
C LEU J 524 2.99 26.55 -6.00
N PRO J 525 2.73 26.12 -4.84
N ALA K 2 15.46 27.31 7.45
CA ALA K 2 14.37 26.74 6.61
C ALA K 2 13.09 27.43 6.89
N ALA K 3 12.00 26.64 6.95
CA ALA K 3 10.72 27.19 7.27
C ALA K 3 10.78 27.57 8.69
N LYS K 4 9.73 28.24 9.20
CA LYS K 4 9.71 28.60 10.58
C LYS K 4 8.50 27.99 11.20
N ASP K 5 8.66 27.40 12.40
CA ASP K 5 7.55 26.92 13.17
C ASP K 5 7.44 27.83 14.35
N VAL K 6 6.22 28.34 14.60
CA VAL K 6 6.07 29.23 15.71
C VAL K 6 5.23 28.54 16.73
N LYS K 7 5.62 28.64 18.01
CA LYS K 7 4.82 28.07 19.05
C LYS K 7 4.77 29.06 20.17
N PHE K 8 3.65 29.05 20.91
CA PHE K 8 3.58 29.81 22.12
C PHE K 8 3.05 28.87 23.16
N GLY K 9 3.42 29.08 24.44
CA GLY K 9 2.72 28.37 25.46
C GLY K 9 3.67 27.51 26.23
N ASN K 10 3.09 26.56 26.99
CA ASN K 10 3.79 25.69 27.87
C ASN K 10 4.69 24.80 27.07
N ASP K 11 4.26 24.45 25.84
CA ASP K 11 4.90 23.41 25.10
C ASP K 11 6.34 23.79 24.93
N ALA K 12 6.62 25.07 24.66
CA ALA K 12 7.99 25.45 24.49
C ALA K 12 8.69 25.16 25.78
N ARG K 13 8.05 25.50 26.91
CA ARG K 13 8.68 25.36 28.19
C ARG K 13 8.98 23.92 28.44
N VAL K 14 8.02 23.04 28.11
CA VAL K 14 8.12 21.66 28.54
C VAL K 14 9.37 21.08 27.95
N LYS K 15 9.65 21.41 26.67
CA LYS K 15 10.78 20.83 26.03
C LYS K 15 12.00 21.23 26.81
N MET K 16 12.05 22.50 27.20
CA MET K 16 13.21 23.00 27.89
C MET K 16 13.34 22.24 29.16
N LEU K 17 12.21 22.03 29.86
CA LEU K 17 12.28 21.44 31.16
C LEU K 17 12.88 20.07 31.02
N ARG K 18 12.38 19.29 30.05
CA ARG K 18 12.81 17.93 29.94
C ARG K 18 14.28 17.95 29.67
N GLY K 19 14.73 18.85 28.79
CA GLY K 19 16.11 18.88 28.43
C GLY K 19 16.89 19.19 29.66
N VAL K 20 16.40 20.14 30.47
CA VAL K 20 17.15 20.56 31.62
C VAL K 20 17.31 19.38 32.51
N ASN K 21 16.21 18.62 32.71
CA ASN K 21 16.24 17.56 33.67
C ASN K 21 17.28 16.58 33.27
N VAL K 22 17.32 16.23 31.97
CA VAL K 22 18.20 15.17 31.56
C VAL K 22 19.59 15.58 31.89
N LEU K 23 19.98 16.81 31.51
CA LEU K 23 21.32 17.25 31.75
C LEU K 23 21.52 17.28 33.23
N ALA K 24 20.53 17.83 33.95
CA ALA K 24 20.69 18.06 35.34
C ALA K 24 20.91 16.76 36.03
N ASP K 25 20.14 15.72 35.63
CA ASP K 25 20.14 14.50 36.39
C ASP K 25 21.53 13.94 36.40
N ALA K 26 22.19 13.90 35.23
CA ALA K 26 23.49 13.32 35.18
C ALA K 26 24.38 14.13 36.06
N VAL K 27 24.27 15.46 35.96
CA VAL K 27 25.16 16.34 36.66
C VAL K 27 24.95 16.15 38.13
N LYS K 28 23.68 16.04 38.57
CA LYS K 28 23.41 16.03 39.98
C LYS K 28 24.06 14.83 40.59
N VAL K 29 23.91 13.66 39.95
CA VAL K 29 24.44 12.46 40.54
C VAL K 29 25.92 12.61 40.62
N THR K 30 26.53 13.14 39.54
CA THR K 30 27.95 13.26 39.50
C THR K 30 28.37 14.20 40.57
N LEU K 31 27.57 15.25 40.82
CA LEU K 31 27.99 16.24 41.78
C LEU K 31 28.17 15.57 43.09
N GLY K 32 29.20 16.01 43.82
CA GLY K 32 29.53 15.36 45.05
C GLY K 32 30.42 14.21 44.67
N PRO K 33 31.03 13.63 45.66
CA PRO K 33 32.09 12.69 45.44
C PRO K 33 31.52 11.52 44.69
N LYS K 34 30.20 11.32 44.81
CA LYS K 34 29.55 10.10 44.43
C LYS K 34 29.59 9.90 42.94
N GLY K 35 29.35 10.96 42.15
CA GLY K 35 29.08 10.75 40.74
C GLY K 35 30.27 10.09 40.13
N ARG K 36 30.12 8.82 39.74
CA ARG K 36 31.22 8.07 39.24
C ARG K 36 31.71 8.60 37.94
N ASN K 37 30.82 8.75 36.94
CA ASN K 37 31.39 8.92 35.62
C ASN K 37 30.32 9.24 34.63
N VAL K 38 30.74 9.58 33.40
CA VAL K 38 29.86 9.67 32.27
C VAL K 38 30.67 9.27 31.07
N VAL K 39 30.00 8.84 29.98
CA VAL K 39 30.74 8.40 28.82
C VAL K 39 30.15 9.04 27.61
N LEU K 40 30.97 9.19 26.54
CA LEU K 40 30.48 9.73 25.31
C LEU K 40 30.88 8.82 24.19
N ASP K 41 30.20 8.94 23.04
CA ASP K 41 30.60 8.20 21.87
C ASP K 41 31.61 9.01 21.12
N LYS K 42 32.29 8.38 20.14
CA LYS K 42 33.09 9.12 19.21
C LYS K 42 32.78 8.59 17.85
N SER K 43 32.87 9.45 16.82
CA SER K 43 32.62 9.02 15.48
C SER K 43 33.64 7.99 15.13
N PHE K 44 34.92 8.34 15.33
CA PHE K 44 35.98 7.43 14.97
C PHE K 44 36.69 7.07 16.22
N GLY K 45 37.26 5.86 16.27
CA GLY K 45 38.07 5.48 17.39
C GLY K 45 37.14 5.09 18.49
N ALA K 46 37.72 4.77 19.66
CA ALA K 46 36.90 4.40 20.79
C ALA K 46 36.25 5.64 21.29
N PRO K 47 35.10 5.46 21.88
CA PRO K 47 34.30 6.55 22.33
C PRO K 47 35.03 7.24 23.43
N THR K 48 34.78 8.56 23.62
CA THR K 48 35.48 9.27 24.64
C THR K 48 34.77 9.01 25.93
N ILE K 49 35.50 9.12 27.05
CA ILE K 49 34.85 8.99 28.32
C ILE K 49 35.07 10.28 29.02
N THR K 50 34.05 10.75 29.76
CA THR K 50 34.14 12.06 30.33
C THR K 50 34.05 11.91 31.81
N LYS K 51 34.47 12.96 32.55
CA LYS K 51 34.59 12.85 33.97
C LYS K 51 33.59 13.77 34.59
N ASP K 52 34.08 14.90 35.12
CA ASP K 52 33.35 15.68 36.07
C ASP K 52 32.08 16.16 35.44
N GLY K 53 31.17 16.67 36.29
CA GLY K 53 29.82 16.94 35.91
C GLY K 53 29.82 17.92 34.80
N VAL K 54 30.70 18.94 34.88
CA VAL K 54 30.70 19.93 33.85
C VAL K 54 30.98 19.23 32.57
N SER K 55 31.98 18.34 32.60
CA SER K 55 32.34 17.59 31.43
C SER K 55 31.14 16.77 31.06
N VAL K 56 30.43 16.24 32.07
CA VAL K 56 29.31 15.40 31.80
C VAL K 56 28.31 16.18 31.01
N ALA K 57 28.03 17.41 31.47
CA ALA K 57 27.03 18.22 30.85
C ALA K 57 27.47 18.48 29.46
N ARG K 58 28.78 18.77 29.29
CA ARG K 58 29.29 19.12 28.00
C ARG K 58 29.05 17.96 27.10
N GLU K 59 29.35 16.74 27.60
CA GLU K 59 29.25 15.57 26.78
C GLU K 59 27.82 15.40 26.38
N ILE K 60 26.89 15.63 27.32
CA ILE K 60 25.52 15.31 27.06
C ILE K 60 24.98 16.29 26.07
N GLU K 61 24.36 15.77 25.00
CA GLU K 61 23.66 16.61 24.07
C GLU K 61 22.29 16.03 23.93
N LEU K 62 21.30 16.88 23.62
CA LEU K 62 19.97 16.37 23.49
C LEU K 62 19.63 16.34 22.03
N GLU K 63 18.99 15.24 21.60
CA GLU K 63 18.64 15.10 20.23
C GLU K 63 17.66 16.17 19.89
N ASP K 64 16.66 16.38 20.76
CA ASP K 64 15.64 17.32 20.44
C ASP K 64 16.26 18.67 20.42
N LYS K 65 15.89 19.51 19.44
CA LYS K 65 16.46 20.81 19.34
C LYS K 65 16.05 21.58 20.55
N PHE K 66 14.75 21.51 20.89
CA PHE K 66 14.24 22.30 21.97
C PHE K 66 14.92 21.86 23.22
N GLU K 67 14.96 20.54 23.45
CA GLU K 67 15.51 20.03 24.67
C GLU K 67 16.95 20.40 24.68
N ASN K 68 17.64 20.22 23.53
CA ASN K 68 19.05 20.45 23.48
C ASN K 68 19.29 21.89 23.80
N MET K 69 18.47 22.78 23.21
CA MET K 69 18.69 24.18 23.38
C MET K 69 18.53 24.48 24.83
N GLY K 70 17.49 23.91 25.47
CA GLY K 70 17.25 24.20 26.84
C GLY K 70 18.43 23.75 27.62
N ALA K 71 18.95 22.55 27.28
CA ALA K 71 20.07 22.02 28.01
C ALA K 71 21.21 22.96 27.84
N GLN K 72 21.38 23.48 26.61
CA GLN K 72 22.53 24.28 26.31
C GLN K 72 22.49 25.48 27.19
N MET K 73 21.29 26.06 27.37
CA MET K 73 21.20 27.31 28.06
C MET K 73 21.74 27.11 29.43
N VAL K 74 21.37 26.01 30.09
CA VAL K 74 21.80 25.77 31.44
C VAL K 74 23.29 25.66 31.42
N LYS K 75 23.83 24.92 30.44
CA LYS K 75 25.23 24.62 30.45
C LYS K 75 25.98 25.91 30.35
N GLU K 76 25.53 26.80 29.45
CA GLU K 76 26.31 27.98 29.20
C GLU K 76 26.40 28.76 30.47
N VAL K 77 25.26 28.92 31.16
CA VAL K 77 25.28 29.69 32.36
C VAL K 77 26.18 29.00 33.32
N ALA K 78 26.06 27.67 33.39
CA ALA K 78 26.77 26.92 34.38
C ALA K 78 28.22 27.14 34.16
N SER K 79 28.65 27.12 32.88
CA SER K 79 30.06 27.25 32.60
C SER K 79 30.51 28.57 33.10
N LYS K 80 29.70 29.63 32.88
CA LYS K 80 30.13 30.94 33.23
C LYS K 80 30.35 30.96 34.70
N ALA K 81 29.40 30.38 35.47
CA ALA K 81 29.55 30.34 36.89
C ALA K 81 30.77 29.54 37.18
N ASN K 82 30.97 28.45 36.40
CA ASN K 82 32.04 27.54 36.67
C ASN K 82 33.32 28.31 36.56
N ASP K 83 33.45 29.15 35.52
CA ASP K 83 34.71 29.79 35.34
C ASP K 83 34.98 30.65 36.53
N ALA K 84 34.02 31.52 36.89
CA ALA K 84 34.30 32.50 37.90
C ALA K 84 34.54 31.81 39.21
N ALA K 85 33.61 30.91 39.59
CA ALA K 85 33.72 30.28 40.88
C ALA K 85 34.95 29.44 40.88
N GLY K 86 35.14 28.69 39.77
CA GLY K 86 36.18 27.73 39.66
C GLY K 86 35.58 26.42 40.06
N ASP K 87 34.49 26.48 40.83
CA ASP K 87 33.80 25.29 41.24
C ASP K 87 32.34 25.58 41.22
N GLY K 88 31.52 24.57 41.58
CA GLY K 88 30.12 24.80 41.78
C GLY K 88 29.42 24.81 40.47
N THR K 89 30.05 24.25 39.42
CA THR K 89 29.40 24.24 38.16
C THR K 89 28.15 23.44 38.32
N THR K 90 28.28 22.26 38.95
CA THR K 90 27.17 21.37 39.08
C THR K 90 26.14 22.04 39.92
N THR K 91 26.59 22.72 40.99
CA THR K 91 25.68 23.23 41.97
C THR K 91 24.76 24.17 41.26
N ALA K 92 25.32 25.01 40.38
CA ALA K 92 24.51 25.98 39.70
C ALA K 92 23.50 25.22 38.90
N THR K 93 23.95 24.15 38.22
CA THR K 93 23.07 23.42 37.37
C THR K 93 21.98 22.86 38.22
N VAL K 94 22.35 22.27 39.37
CA VAL K 94 21.38 21.62 40.20
C VAL K 94 20.38 22.65 40.62
N LEU K 95 20.87 23.83 41.04
CA LEU K 95 20.00 24.84 41.57
C LEU K 95 19.06 25.23 40.48
N ALA K 96 19.60 25.40 39.25
CA ALA K 96 18.82 25.93 38.19
C ALA K 96 17.69 24.99 37.93
N GLN K 97 17.97 23.68 37.93
CA GLN K 97 16.98 22.73 37.54
C GLN K 97 15.84 22.84 38.50
N ALA K 98 16.16 22.91 39.81
CA ALA K 98 15.11 22.92 40.79
C ALA K 98 14.28 24.13 40.58
N ILE K 99 14.94 25.28 40.34
CA ILE K 99 14.22 26.51 40.22
C ILE K 99 13.34 26.42 39.02
N ILE K 100 13.90 25.90 37.91
CA ILE K 100 13.20 25.94 36.66
C ILE K 100 11.95 25.13 36.81
N THR K 101 12.07 23.94 37.41
CA THR K 101 10.95 23.05 37.44
C THR K 101 9.85 23.74 38.18
N GLU K 102 10.19 24.34 39.34
CA GLU K 102 9.17 24.95 40.14
C GLU K 102 8.59 26.08 39.36
N GLY K 103 9.46 26.85 38.67
CA GLY K 103 8.98 28.01 37.97
C GLY K 103 8.01 27.53 36.93
N LEU K 104 8.36 26.41 36.26
CA LEU K 104 7.54 25.92 35.20
C LEU K 104 6.21 25.55 35.78
N LYS K 105 6.22 24.91 36.97
CA LYS K 105 5.00 24.48 37.56
C LYS K 105 4.17 25.71 37.77
N ALA K 106 4.82 26.78 38.23
CA ALA K 106 4.15 28.01 38.49
C ALA K 106 3.58 28.49 37.19
N VAL K 107 4.35 28.31 36.11
CA VAL K 107 3.88 28.72 34.81
C VAL K 107 2.63 27.95 34.56
N ALA K 108 2.64 26.65 34.95
CA ALA K 108 1.48 25.84 34.82
C ALA K 108 0.41 26.48 35.63
N ALA K 109 0.80 27.01 36.80
CA ALA K 109 -0.14 27.66 37.67
C ALA K 109 -0.73 28.80 36.89
N GLY K 110 0.12 29.47 36.08
CA GLY K 110 -0.39 30.55 35.29
C GLY K 110 -0.16 31.82 36.04
N MET K 111 0.55 31.73 37.18
CA MET K 111 0.92 32.93 37.86
C MET K 111 1.89 33.62 36.95
N ASN K 112 1.97 34.97 37.05
CA ASN K 112 2.80 35.67 36.11
C ASN K 112 4.21 35.49 36.57
N PRO K 113 4.99 34.93 35.69
CA PRO K 113 6.31 34.49 36.02
C PRO K 113 7.17 35.66 36.36
N MET K 114 6.77 36.87 35.92
CA MET K 114 7.62 38.01 36.11
C MET K 114 7.79 38.22 37.57
N ASP K 115 6.68 38.10 38.33
CA ASP K 115 6.74 38.33 39.73
C ASP K 115 7.65 37.30 40.31
N LEU K 116 7.51 36.06 39.82
CA LEU K 116 8.26 34.96 40.38
C LEU K 116 9.71 35.25 40.17
N LYS K 117 10.06 35.69 38.95
CA LYS K 117 11.44 35.91 38.65
C LYS K 117 11.93 36.96 39.58
N ARG K 118 11.12 38.01 39.78
CA ARG K 118 11.53 39.10 40.62
C ARG K 118 11.71 38.54 41.99
N GLY K 119 10.77 37.70 42.44
CA GLY K 119 10.83 37.18 43.77
C GLY K 119 12.08 36.37 43.88
N ILE K 120 12.40 35.59 42.84
CA ILE K 120 13.54 34.72 42.91
C ILE K 120 14.74 35.60 43.04
N ASP K 121 14.81 36.67 42.23
CA ASP K 121 15.95 37.52 42.25
C ASP K 121 16.06 38.09 43.62
N LYS K 122 14.92 38.52 44.19
CA LYS K 122 14.95 39.16 45.47
C LYS K 122 15.48 38.16 46.45
N ALA K 123 15.01 36.91 46.36
CA ALA K 123 15.41 35.91 47.29
C ALA K 123 16.88 35.73 47.15
N VAL K 124 17.38 35.71 45.90
CA VAL K 124 18.76 35.43 45.67
C VAL K 124 19.55 36.49 46.36
N THR K 125 19.13 37.76 46.21
CA THR K 125 19.91 38.84 46.76
C THR K 125 19.98 38.64 48.23
N ALA K 126 18.84 38.31 48.86
CA ALA K 126 18.80 38.17 50.28
C ALA K 126 19.74 37.08 50.65
N ALA K 127 19.69 35.96 49.91
CA ALA K 127 20.48 34.82 50.25
C ALA K 127 21.91 35.22 50.17
N VAL K 128 22.27 36.00 49.14
CA VAL K 128 23.65 36.34 48.93
C VAL K 128 24.13 37.07 50.14
N GLU K 129 23.32 38.02 50.63
CA GLU K 129 23.75 38.84 51.72
C GLU K 129 23.99 37.94 52.89
N GLU K 130 23.08 36.97 53.11
CA GLU K 130 23.19 36.11 54.25
C GLU K 130 24.46 35.35 54.12
N LEU K 131 24.74 34.87 52.89
CA LEU K 131 25.89 34.02 52.68
C LEU K 131 27.11 34.79 53.04
N LYS K 132 27.17 36.06 52.61
CA LYS K 132 28.37 36.82 52.79
C LYS K 132 28.65 36.90 54.24
N ALA K 133 27.62 37.21 55.04
CA ALA K 133 27.80 37.34 56.46
C ALA K 133 28.24 36.00 56.97
N LEU K 134 27.61 34.93 56.44
CA LEU K 134 27.84 33.61 56.95
C LEU K 134 29.28 33.28 56.71
N SER K 135 29.83 33.71 55.55
CA SER K 135 31.13 33.26 55.14
C SER K 135 32.11 33.62 56.20
N VAL K 136 33.17 32.80 56.29
CA VAL K 136 34.22 33.02 57.24
C VAL K 136 35.50 32.83 56.50
N PRO K 137 36.58 33.24 57.09
CA PRO K 137 37.83 33.35 56.40
C PRO K 137 38.27 31.99 56.00
N CYS K 138 39.09 31.87 54.94
CA CYS K 138 39.51 30.60 54.47
C CYS K 138 40.47 30.04 55.47
N SER K 139 40.48 28.70 55.58
CA SER K 139 41.37 28.05 56.50
C SER K 139 42.66 27.82 55.80
N ASP K 140 43.58 27.08 56.45
CA ASP K 140 44.93 26.96 55.99
C ASP K 140 44.98 25.97 54.87
N SER K 141 46.20 25.61 54.45
CA SER K 141 46.44 24.88 53.25
C SER K 141 45.74 23.57 53.35
N LYS K 142 45.69 22.99 54.57
CA LYS K 142 45.04 21.72 54.71
C LYS K 142 43.62 21.91 54.27
N ALA K 143 43.01 23.04 54.70
CA ALA K 143 41.69 23.36 54.28
C ALA K 143 41.74 23.57 52.80
N ILE K 144 42.83 24.19 52.31
CA ILE K 144 42.91 24.55 50.93
C ILE K 144 42.79 23.30 50.13
N ALA K 145 43.49 22.24 50.58
CA ALA K 145 43.45 21.00 49.86
C ALA K 145 42.02 20.55 49.85
N GLN K 146 41.32 20.71 50.98
CA GLN K 146 39.96 20.28 51.05
C GLN K 146 39.17 21.08 50.08
N VAL K 147 39.47 22.39 49.98
CA VAL K 147 38.75 23.21 49.05
C VAL K 147 39.03 22.65 47.70
N GLY K 148 40.31 22.28 47.46
CA GLY K 148 40.70 21.79 46.18
C GLY K 148 39.92 20.54 45.91
N THR K 149 39.74 19.70 46.94
CA THR K 149 39.11 18.42 46.75
C THR K 149 37.71 18.67 46.31
N ILE K 150 37.05 19.71 46.87
CA ILE K 150 35.69 19.92 46.53
C ILE K 150 35.61 20.17 45.06
N SER K 151 36.50 21.03 44.54
CA SER K 151 36.52 21.29 43.13
C SER K 151 36.92 20.01 42.47
N ALA K 152 37.72 19.22 43.19
CA ALA K 152 38.26 17.98 42.71
C ALA K 152 37.12 17.07 42.43
N ASN K 153 36.05 17.16 43.24
CA ASN K 153 35.07 16.13 43.23
C ASN K 153 35.78 14.87 43.57
N SER K 154 36.42 14.86 44.75
CA SER K 154 37.16 13.73 45.23
C SER K 154 38.28 13.44 44.30
N ASP K 155 38.86 14.48 43.68
CA ASP K 155 40.10 14.26 43.04
C ASP K 155 41.16 14.65 44.02
N GLU K 156 41.74 13.65 44.71
CA GLU K 156 42.67 13.93 45.75
C GLU K 156 43.85 14.61 45.15
N THR K 157 44.29 14.12 43.97
CA THR K 157 45.51 14.58 43.39
C THR K 157 45.37 16.05 43.13
N VAL K 158 44.22 16.45 42.56
CA VAL K 158 44.08 17.82 42.14
C VAL K 158 44.24 18.68 43.34
N GLY K 159 43.56 18.32 44.44
CA GLY K 159 43.61 19.16 45.60
C GLY K 159 45.02 19.24 46.07
N LYS K 160 45.71 18.08 46.06
CA LYS K 160 47.06 18.05 46.56
C LYS K 160 47.88 18.94 45.68
N LEU K 161 47.68 18.83 44.36
CA LEU K 161 48.49 19.57 43.44
C LEU K 161 48.25 21.02 43.70
N ILE K 162 46.97 21.39 43.86
CA ILE K 162 46.66 22.78 44.02
C ILE K 162 47.33 23.26 45.24
N ALA K 163 47.21 22.49 46.35
CA ALA K 163 47.78 22.94 47.59
C ALA K 163 49.25 23.04 47.40
N GLU K 164 49.87 22.02 46.79
CA GLU K 164 51.29 22.00 46.69
C GLU K 164 51.72 23.17 45.88
N ALA K 165 51.06 23.40 44.74
CA ALA K 165 51.45 24.47 43.88
C ALA K 165 51.24 25.74 44.65
N MET K 166 50.12 25.81 45.36
CA MET K 166 49.76 27.03 46.03
C MET K 166 50.80 27.32 47.05
N ASP K 167 51.27 26.29 47.77
CA ASP K 167 52.20 26.57 48.83
C ASP K 167 53.42 27.18 48.24
N LYS K 168 53.99 26.54 47.20
CA LYS K 168 55.26 26.97 46.70
C LYS K 168 55.13 28.35 46.15
N VAL K 169 54.12 28.55 45.28
CA VAL K 169 53.95 29.81 44.61
C VAL K 169 53.64 30.83 45.64
N GLY K 170 52.79 30.45 46.61
CA GLY K 170 52.18 31.38 47.51
C GLY K 170 50.79 31.55 47.01
N LYS K 171 49.84 31.81 47.95
CA LYS K 171 48.48 31.89 47.55
C LYS K 171 48.36 33.03 46.61
N GLU K 172 49.01 34.16 46.94
CA GLU K 172 48.91 35.33 46.14
C GLU K 172 49.49 35.03 44.80
N GLY K 173 50.61 34.29 44.79
CA GLY K 173 51.29 34.09 43.54
C GLY K 173 50.37 33.35 42.63
N VAL K 174 50.45 33.67 41.32
CA VAL K 174 49.58 33.06 40.37
C VAL K 174 50.13 31.70 40.07
N ILE K 175 49.23 30.75 39.79
CA ILE K 175 49.66 29.44 39.39
C ILE K 175 49.10 29.19 38.03
N THR K 176 49.92 28.58 37.15
CA THR K 176 49.45 28.32 35.82
C THR K 176 49.44 26.84 35.65
N VAL K 177 48.53 26.34 34.79
CA VAL K 177 48.47 24.92 34.58
C VAL K 177 48.86 24.67 33.17
N GLU K 178 49.65 23.59 32.96
CA GLU K 178 50.04 23.19 31.64
C GLU K 178 49.79 21.73 31.56
N ASP K 179 49.74 21.18 30.33
CA ASP K 179 49.53 19.77 30.22
C ASP K 179 50.75 19.12 30.75
N GLY K 180 50.59 17.93 31.35
CA GLY K 180 51.72 17.29 31.96
C GLY K 180 52.60 16.79 30.88
N THR K 181 53.92 16.80 31.15
CA THR K 181 54.86 16.25 30.21
C THR K 181 54.58 14.78 30.14
N GLY K 182 54.36 14.16 31.31
CA GLY K 182 54.20 12.73 31.36
C GLY K 182 53.14 12.44 32.36
N LEU K 183 52.94 11.14 32.68
CA LEU K 183 51.88 10.74 33.53
C LEU K 183 52.09 11.37 34.87
N GLN K 184 53.35 11.38 35.34
CA GLN K 184 53.59 11.99 36.62
C GLN K 184 53.44 13.46 36.45
N ASP K 185 52.83 14.12 37.45
CA ASP K 185 52.70 15.55 37.37
C ASP K 185 54.04 16.11 37.64
N GLU K 186 54.32 17.31 37.09
CA GLU K 186 55.53 17.97 37.43
C GLU K 186 55.15 19.35 37.87
N LEU K 187 55.73 19.80 39.00
CA LEU K 187 55.52 21.16 39.40
C LEU K 187 56.84 21.85 39.27
N ASP K 188 56.91 22.84 38.37
CA ASP K 188 58.13 23.57 38.23
C ASP K 188 57.82 25.01 38.43
N VAL K 189 58.60 25.71 39.27
CA VAL K 189 58.44 27.13 39.35
C VAL K 189 59.11 27.67 38.14
N VAL K 190 58.51 28.70 37.51
CA VAL K 190 59.09 29.21 36.31
C VAL K 190 59.46 30.64 36.55
N GLU K 191 60.67 31.02 36.10
CA GLU K 191 61.10 32.38 36.24
C GLU K 191 60.42 33.16 35.17
N GLY K 192 60.10 34.44 35.45
CA GLY K 192 59.55 35.27 34.42
C GLY K 192 58.75 36.35 35.07
N MET K 193 58.26 37.30 34.27
CA MET K 193 57.45 38.36 34.79
C MET K 193 56.18 38.36 34.01
N GLN K 194 55.08 38.78 34.68
CA GLN K 194 53.83 38.89 33.98
C GLN K 194 53.43 40.33 34.04
N PHE K 195 52.95 40.87 32.90
CA PHE K 195 52.48 42.23 32.88
C PHE K 195 51.13 42.21 32.24
N ASP K 196 50.20 43.03 32.74
CA ASP K 196 48.87 42.94 32.23
C ASP K 196 48.82 43.73 30.96
N ARG K 197 48.81 43.04 29.81
CA ARG K 197 48.67 43.72 28.56
C ARG K 197 47.73 42.92 27.72
N GLY K 198 46.99 43.60 26.83
CA GLY K 198 46.01 42.92 26.03
C GLY K 198 46.69 42.38 24.82
N TYR K 199 45.95 41.54 24.07
CA TYR K 199 46.39 41.16 22.75
C TYR K 199 45.76 42.13 21.82
N LEU K 200 46.54 42.63 20.85
CA LEU K 200 46.07 43.73 20.06
C LEU K 200 44.85 43.28 19.35
N SER K 201 44.88 42.09 18.73
CA SER K 201 43.73 41.66 17.99
C SER K 201 43.45 40.23 18.35
N PRO K 202 42.20 39.89 18.30
CA PRO K 202 41.73 38.56 18.53
C PRO K 202 42.29 37.68 17.46
N TYR K 203 42.74 38.28 16.35
CA TYR K 203 43.30 37.55 15.26
C TYR K 203 44.54 36.90 15.80
N PHE K 204 45.28 37.64 16.63
CA PHE K 204 46.50 37.17 17.21
C PHE K 204 46.16 35.97 18.02
N ILE K 205 44.98 36.01 18.68
CA ILE K 205 44.52 35.00 19.59
C ILE K 205 44.76 33.65 18.99
N ASN K 206 45.29 32.75 19.84
CA ASN K 206 45.81 31.49 19.39
C ASN K 206 44.66 30.55 19.18
N LYS K 207 45.01 29.32 18.74
CA LYS K 207 44.04 28.31 18.42
C LYS K 207 43.17 27.99 19.60
N PRO K 208 43.67 27.80 20.80
CA PRO K 208 42.87 27.17 21.81
C PRO K 208 41.65 27.96 22.14
N GLU K 209 40.65 27.28 22.72
CA GLU K 209 39.34 27.82 22.93
C GLU K 209 39.46 29.00 23.83
N THR K 210 40.37 28.91 24.83
CA THR K 210 40.50 29.95 25.79
C THR K 210 40.81 31.19 25.03
N GLY K 211 41.69 31.07 24.02
CA GLY K 211 41.98 32.21 23.20
C GLY K 211 43.20 32.85 23.74
N ALA K 212 43.70 32.35 24.87
CA ALA K 212 44.99 32.80 25.30
C ALA K 212 45.94 32.26 24.29
N VAL K 213 46.99 33.02 23.97
CA VAL K 213 47.89 32.55 22.96
C VAL K 213 49.13 32.09 23.64
N GLU K 214 49.58 30.87 23.30
CA GLU K 214 50.80 30.40 23.86
C GLU K 214 51.77 30.24 22.73
N LEU K 215 53.00 30.72 22.92
CA LEU K 215 53.98 30.57 21.89
C LEU K 215 55.01 29.62 22.41
N GLU K 216 55.54 28.76 21.53
CA GLU K 216 56.57 27.86 21.98
C GLU K 216 57.87 28.50 21.64
N SER K 217 58.76 28.60 22.64
CA SER K 217 60.03 29.27 22.49
C SER K 217 59.82 30.61 21.83
N PRO K 218 59.02 31.50 22.36
CA PRO K 218 58.75 32.74 21.69
C PRO K 218 60.01 33.54 21.64
N PHE K 219 60.12 34.44 20.63
CA PHE K 219 61.20 35.38 20.62
C PHE K 219 60.60 36.67 21.04
N ILE K 220 61.33 37.46 21.85
CA ILE K 220 60.73 38.68 22.29
C ILE K 220 61.48 39.82 21.72
N LEU K 221 60.78 40.70 20.99
CA LEU K 221 61.38 41.92 20.55
C LEU K 221 60.75 43.00 21.36
N LEU K 222 61.57 43.82 22.03
CA LEU K 222 61.01 44.88 22.79
C LEU K 222 61.39 46.15 22.14
N ALA K 223 60.40 47.04 21.89
CA ALA K 223 60.74 48.35 21.44
C ALA K 223 60.20 49.30 22.45
N ASP K 224 61.03 50.27 22.86
CA ASP K 224 60.54 51.29 23.74
C ASP K 224 59.51 52.04 22.98
N LYS K 225 59.80 52.32 21.71
CA LYS K 225 58.89 53.06 20.89
C LYS K 225 57.78 52.14 20.51
N LYS K 226 56.61 52.73 20.23
CA LYS K 226 55.49 51.95 19.79
C LYS K 226 55.81 51.46 18.41
N ILE K 227 55.28 50.29 18.02
CA ILE K 227 55.58 49.83 16.70
C ILE K 227 54.48 50.32 15.82
N SER K 228 54.73 51.48 15.18
CA SER K 228 53.72 52.11 14.39
C SER K 228 53.40 51.24 13.22
N ASN K 229 54.42 50.88 12.43
CA ASN K 229 54.13 50.32 11.14
C ASN K 229 54.95 49.08 10.95
N ILE K 230 54.62 48.35 9.88
CA ILE K 230 55.26 47.12 9.54
C ILE K 230 56.69 47.41 9.22
N ARG K 231 56.95 48.51 8.49
CA ARG K 231 58.22 48.70 7.84
C ARG K 231 59.30 48.65 8.87
N GLU K 232 59.11 49.36 9.99
CA GLU K 232 60.12 49.38 11.01
C GLU K 232 60.27 47.97 11.50
N MET K 233 59.15 47.26 11.62
CA MET K 233 59.11 45.93 12.14
C MET K 233 59.89 45.04 11.22
N LEU K 234 59.82 45.32 9.91
CA LEU K 234 60.14 44.35 8.90
C LEU K 234 61.53 43.84 9.11
N PRO K 235 62.52 44.68 9.31
CA PRO K 235 63.85 44.18 9.40
C PRO K 235 63.98 43.24 10.54
N VAL K 236 63.17 43.43 11.60
CA VAL K 236 63.15 42.51 12.70
C VAL K 236 62.62 41.22 12.16
N LEU K 237 61.57 41.32 11.34
CA LEU K 237 60.88 40.19 10.82
C LEU K 237 61.82 39.40 9.97
N GLU K 238 62.68 40.08 9.19
CA GLU K 238 63.52 39.38 8.28
C GLU K 238 64.38 38.45 9.08
N ALA K 239 64.90 38.94 10.21
CA ALA K 239 65.69 38.12 11.07
C ALA K 239 64.79 37.01 11.52
N VAL K 240 63.52 37.36 11.76
CA VAL K 240 62.53 36.45 12.24
C VAL K 240 62.40 35.36 11.23
N ALA K 241 62.56 35.67 9.93
CA ALA K 241 62.38 34.65 8.94
C ALA K 241 63.37 33.58 9.21
N LYS K 242 64.61 33.97 9.53
CA LYS K 242 65.64 33.02 9.88
C LYS K 242 65.16 32.32 11.11
N ALA K 243 64.47 33.08 11.97
CA ALA K 243 63.81 32.57 13.13
C ALA K 243 62.66 31.75 12.65
N GLY K 244 61.54 31.75 13.38
CA GLY K 244 60.49 30.82 13.08
C GLY K 244 60.15 30.15 14.36
N LYS K 245 61.04 30.24 15.37
CA LYS K 245 60.51 30.09 16.68
C LYS K 245 59.62 31.28 16.85
N PRO K 246 58.50 31.09 17.47
CA PRO K 246 57.41 32.02 17.30
C PRO K 246 57.82 33.36 17.80
N LEU K 247 57.35 34.44 17.15
CA LEU K 247 57.83 35.74 17.50
C LEU K 247 56.77 36.44 18.28
N LEU K 248 57.17 37.03 19.42
CA LEU K 248 56.32 37.89 20.17
C LEU K 248 56.90 39.25 20.04
N ILE K 249 56.03 40.27 19.89
CA ILE K 249 56.54 41.60 19.70
C ILE K 249 56.02 42.44 20.82
N ILE K 250 56.90 43.25 21.42
CA ILE K 250 56.44 44.16 22.42
C ILE K 250 56.66 45.54 21.88
N ALA K 251 55.57 46.32 21.81
CA ALA K 251 55.68 47.65 21.31
C ALA K 251 54.91 48.52 22.24
N GLU K 252 55.29 49.81 22.33
CA GLU K 252 54.57 50.66 23.23
C GLU K 252 53.16 50.68 22.76
N ASP K 253 52.96 50.91 21.45
CA ASP K 253 51.64 50.86 20.91
C ASP K 253 51.76 50.34 19.52
N VAL K 254 50.92 49.36 19.15
CA VAL K 254 50.87 49.06 17.75
C VAL K 254 49.53 49.51 17.29
N GLU K 255 49.51 50.42 16.29
CA GLU K 255 48.23 50.78 15.76
C GLU K 255 47.74 49.58 15.03
N GLY K 256 46.48 49.19 15.31
CA GLY K 256 46.05 47.93 14.80
C GLY K 256 46.03 48.00 13.32
N GLU K 257 45.43 49.07 12.76
CA GLU K 257 45.12 48.99 11.36
C GLU K 257 46.37 48.91 10.57
N ALA K 258 47.31 49.85 10.81
CA ALA K 258 48.43 49.91 9.90
C ALA K 258 49.21 48.64 10.01
N LEU K 259 49.60 48.27 11.24
CA LEU K 259 50.46 47.13 11.37
C LEU K 259 49.71 45.90 11.01
N ALA K 260 48.52 45.73 11.60
CA ALA K 260 47.84 44.47 11.49
C ALA K 260 47.49 44.24 10.05
N THR K 261 47.00 45.29 9.38
CA THR K 261 46.51 45.09 8.05
C THR K 261 47.63 44.60 7.21
N LEU K 262 48.78 45.30 7.25
CA LEU K 262 49.88 44.90 6.43
C LEU K 262 50.33 43.56 6.88
N VAL K 263 50.49 43.39 8.22
CA VAL K 263 51.13 42.20 8.69
C VAL K 263 50.29 41.02 8.33
N VAL K 264 48.99 41.07 8.68
CA VAL K 264 48.20 39.88 8.51
C VAL K 264 48.14 39.55 7.06
N ASN K 265 47.68 40.51 6.23
CA ASN K 265 47.45 40.20 4.85
C ASN K 265 48.76 39.93 4.19
N THR K 266 49.71 40.87 4.32
CA THR K 266 50.94 40.78 3.58
C THR K 266 51.70 39.61 4.07
N MET K 267 51.80 39.47 5.41
CA MET K 267 52.68 38.49 5.97
C MET K 267 51.93 37.22 6.11
N ARG K 268 52.57 36.11 5.68
CA ARG K 268 51.95 34.82 5.81
C ARG K 268 51.79 34.59 7.28
N GLY K 269 52.80 34.96 8.07
CA GLY K 269 52.69 34.79 9.49
C GLY K 269 52.81 33.34 9.76
N ILE K 270 53.63 32.63 8.95
CA ILE K 270 53.77 31.22 9.14
C ILE K 270 54.30 31.04 10.52
N VAL K 271 55.33 31.82 10.88
CA VAL K 271 55.78 31.80 12.24
C VAL K 271 54.76 32.58 13.01
N LYS K 272 54.46 32.13 14.25
CA LYS K 272 53.45 32.82 14.99
C LYS K 272 54.00 34.16 15.36
N VAL K 273 53.14 35.19 15.30
CA VAL K 273 53.56 36.48 15.75
C VAL K 273 52.54 36.96 16.71
N ALA K 274 52.98 37.72 17.73
CA ALA K 274 52.06 38.29 18.66
C ALA K 274 52.53 39.69 18.90
N ALA K 275 51.62 40.58 19.30
CA ALA K 275 52.04 41.90 19.65
C ALA K 275 51.41 42.23 20.97
N VAL K 276 52.16 42.95 21.83
CA VAL K 276 51.59 43.39 23.06
C VAL K 276 52.06 44.79 23.28
N LYS K 277 51.27 45.58 24.00
CA LYS K 277 51.71 46.90 24.33
C LYS K 277 52.69 46.77 25.45
N ALA K 278 53.70 47.65 25.47
CA ALA K 278 54.67 47.58 26.52
C ALA K 278 54.01 48.02 27.78
N PRO K 279 54.34 47.36 28.84
CA PRO K 279 53.68 47.56 30.09
C PRO K 279 54.00 48.93 30.58
N GLY K 280 53.07 49.57 31.32
CA GLY K 280 53.36 50.81 31.96
C GLY K 280 53.38 51.87 30.92
N PHE K 281 53.61 53.13 31.35
CA PHE K 281 53.77 54.20 30.41
C PHE K 281 54.83 55.10 30.96
N GLY K 282 55.42 55.94 30.09
CA GLY K 282 56.37 56.91 30.55
C GLY K 282 57.62 56.20 30.91
N ASP K 283 58.37 56.78 31.86
CA ASP K 283 59.65 56.25 32.25
C ASP K 283 59.40 54.90 32.83
N ARG K 284 58.30 54.77 33.59
CA ARG K 284 58.03 53.53 34.25
C ARG K 284 57.89 52.49 33.19
N ARG K 285 57.22 52.84 32.08
CA ARG K 285 57.02 51.89 31.04
C ARG K 285 58.36 51.47 30.55
N LYS K 286 59.28 52.44 30.37
CA LYS K 286 60.58 52.13 29.87
C LYS K 286 61.22 51.21 30.85
N ALA K 287 61.07 51.54 32.15
CA ALA K 287 61.71 50.79 33.19
C ALA K 287 61.20 49.40 33.12
N MET K 288 59.87 49.25 32.93
CA MET K 288 59.28 47.95 32.89
C MET K 288 59.88 47.23 31.73
N LEU K 289 60.07 47.95 30.61
CA LEU K 289 60.59 47.33 29.43
C LEU K 289 61.96 46.83 29.77
N GLN K 290 62.74 47.64 30.51
CA GLN K 290 64.08 47.25 30.81
C GLN K 290 64.02 46.00 31.62
N ASP K 291 63.08 45.95 32.59
CA ASP K 291 63.00 44.81 33.44
C ASP K 291 62.67 43.63 32.59
N ILE K 292 61.74 43.81 31.64
CA ILE K 292 61.33 42.72 30.80
C ILE K 292 62.52 42.30 30.01
N ALA K 293 63.26 43.28 29.49
CA ALA K 293 64.34 42.99 28.60
C ALA K 293 65.34 42.15 29.32
N THR K 294 65.62 42.50 30.59
CA THR K 294 66.61 41.75 31.31
C THR K 294 66.08 40.36 31.48
N LEU K 295 64.79 40.24 31.84
CA LEU K 295 64.23 38.95 32.12
C LEU K 295 64.25 38.13 30.87
N THR K 296 63.94 38.75 29.73
CA THR K 296 63.97 38.04 28.49
C THR K 296 65.39 37.69 28.21
N GLY K 297 66.31 38.62 28.52
CA GLY K 297 67.68 38.43 28.18
C GLY K 297 67.90 39.08 26.86
N GLY K 298 66.82 39.61 26.27
CA GLY K 298 66.93 40.31 25.02
C GLY K 298 67.29 41.72 25.34
N THR K 299 67.44 42.57 24.31
CA THR K 299 67.75 43.94 24.53
C THR K 299 66.63 44.74 23.96
N VAL K 300 66.48 45.99 24.43
CA VAL K 300 65.42 46.81 23.94
C VAL K 300 66.05 47.89 23.14
N ILE K 301 65.34 48.35 22.09
CA ILE K 301 65.87 49.39 21.26
C ILE K 301 64.97 50.57 21.41
N SER K 302 65.55 51.78 21.55
CA SER K 302 64.73 52.94 21.64
C SER K 302 65.29 53.95 20.70
N GLU K 303 64.45 54.93 20.32
CA GLU K 303 64.90 55.98 19.45
C GLU K 303 65.94 56.74 20.19
N GLU K 304 65.71 56.95 21.50
CA GLU K 304 66.62 57.75 22.27
C GLU K 304 67.95 57.09 22.21
N ILE K 305 67.98 55.76 22.35
CA ILE K 305 69.20 55.05 22.22
C ILE K 305 69.68 55.28 20.82
N GLY K 306 68.74 55.23 19.85
CA GLY K 306 69.12 55.44 18.49
C GLY K 306 69.43 54.11 17.89
N MET K 307 69.20 53.03 18.66
CA MET K 307 69.37 51.73 18.10
C MET K 307 68.29 51.58 17.09
N GLU K 308 68.56 50.79 16.03
CA GLU K 308 67.57 50.66 15.00
C GLU K 308 66.99 49.30 15.11
N LEU K 309 65.67 49.19 14.87
CA LEU K 309 65.02 47.92 14.91
C LEU K 309 65.62 47.10 13.83
N GLU K 310 65.84 47.73 12.65
CA GLU K 310 66.38 47.04 11.52
C GLU K 310 67.73 46.55 11.93
N LYS K 311 68.51 47.42 12.59
CA LYS K 311 69.84 47.08 12.97
C LYS K 311 69.77 45.93 13.91
N ALA K 312 68.80 45.96 14.85
CA ALA K 312 68.78 44.96 15.86
C ALA K 312 68.62 43.64 15.21
N THR K 313 69.35 42.63 15.73
CA THR K 313 69.33 41.32 15.15
C THR K 313 68.41 40.48 15.98
N LEU K 314 68.38 39.16 15.67
CA LEU K 314 67.61 38.21 16.41
C LEU K 314 68.17 38.18 17.80
N GLU K 315 69.50 38.29 17.90
CA GLU K 315 70.16 38.10 19.17
C GLU K 315 69.59 39.11 20.11
N ASP K 316 69.36 40.34 19.62
CA ASP K 316 68.85 41.35 20.48
C ASP K 316 67.55 40.85 21.02
N LEU K 317 66.73 40.22 20.17
CA LEU K 317 65.48 39.74 20.64
C LEU K 317 65.77 38.65 21.63
N GLY K 318 65.00 38.63 22.74
CA GLY K 318 65.20 37.62 23.72
C GLY K 318 64.39 36.43 23.31
N GLN K 319 64.45 35.36 24.11
CA GLN K 319 63.61 34.24 23.83
C GLN K 319 62.92 33.87 25.10
N ALA K 320 61.72 33.25 24.99
CA ALA K 320 61.02 32.80 26.15
C ALA K 320 60.78 31.34 25.95
N LYS K 321 60.71 30.57 27.04
CA LYS K 321 60.44 29.17 26.89
C LYS K 321 59.09 29.06 26.26
N ARG K 322 58.10 29.77 26.84
CA ARG K 322 56.80 29.83 26.26
C ARG K 322 56.18 31.11 26.71
N VAL K 323 55.23 31.65 25.93
CA VAL K 323 54.54 32.82 26.39
C VAL K 323 53.09 32.52 26.31
N VAL K 324 52.32 33.02 27.30
CA VAL K 324 50.90 32.90 27.23
C VAL K 324 50.35 34.29 27.25
N ILE K 325 49.35 34.56 26.38
CA ILE K 325 48.79 35.89 26.36
C ILE K 325 47.32 35.73 26.53
N ASN K 326 46.72 36.61 27.36
CA ASN K 326 45.29 36.70 27.40
C ASN K 326 44.95 38.14 27.23
N LYS K 327 43.66 38.43 26.99
CA LYS K 327 43.30 39.77 26.68
C LYS K 327 43.65 40.63 27.86
N ASP K 328 43.33 40.17 29.07
CA ASP K 328 43.59 40.97 30.21
C ASP K 328 45.06 41.18 30.35
N THR K 329 45.86 40.10 30.25
CA THR K 329 47.23 40.19 30.62
C THR K 329 48.05 39.40 29.66
N THR K 330 49.36 39.73 29.54
CA THR K 330 50.24 38.91 28.77
C THR K 330 51.36 38.50 29.67
N THR K 331 51.71 37.20 29.67
CA THR K 331 52.75 36.78 30.56
C THR K 331 53.75 36.02 29.77
N ILE K 332 55.00 35.99 30.27
CA ILE K 332 56.00 35.13 29.71
C ILE K 332 56.29 34.11 30.75
N ILE K 333 56.13 32.82 30.41
CA ILE K 333 56.27 31.83 31.45
C ILE K 333 57.68 31.88 31.94
N ASP K 334 58.65 31.83 31.01
CA ASP K 334 60.02 31.88 31.43
C ASP K 334 60.81 32.52 30.35
N GLY K 335 61.37 33.72 30.61
CA GLY K 335 62.31 34.26 29.68
C GLY K 335 63.60 33.56 29.92
N VAL K 336 64.43 33.39 28.87
CA VAL K 336 65.70 32.79 29.08
C VAL K 336 66.47 33.70 29.99
N GLY K 337 66.55 34.98 29.61
CA GLY K 337 67.08 35.99 30.48
C GLY K 337 68.57 35.88 30.48
N GLU K 338 69.23 36.90 31.08
CA GLU K 338 70.61 36.76 31.42
C GLU K 338 70.63 36.68 32.91
N GLU K 339 71.24 35.62 33.45
CA GLU K 339 71.08 35.40 34.86
C GLU K 339 71.69 36.56 35.58
N ALA K 340 72.92 36.94 35.18
CA ALA K 340 73.59 38.01 35.86
C ALA K 340 72.82 39.26 35.63
N ALA K 341 72.41 39.49 34.37
CA ALA K 341 71.83 40.75 34.01
C ALA K 341 70.56 40.92 34.78
N ILE K 342 69.74 39.85 34.83
CA ILE K 342 68.44 39.99 35.41
C ILE K 342 68.60 40.31 36.85
N GLN K 343 69.50 39.59 37.54
CA GLN K 343 69.63 39.75 38.95
C GLN K 343 70.09 41.15 39.23
N GLY K 344 71.06 41.63 38.44
CA GLY K 344 71.63 42.90 38.73
C GLY K 344 70.57 43.94 38.64
N ARG K 345 69.73 43.85 37.59
CA ARG K 345 68.73 44.85 37.38
C ARG K 345 67.79 44.82 38.54
N VAL K 346 67.41 43.62 38.99
CA VAL K 346 66.46 43.52 40.04
C VAL K 346 67.01 44.23 41.22
N ALA K 347 68.31 43.99 41.51
CA ALA K 347 68.91 44.57 42.67
C ALA K 347 68.87 46.06 42.49
N GLN K 348 69.17 46.53 41.27
CA GLN K 348 69.25 47.95 41.06
C GLN K 348 67.90 48.51 41.32
N ILE K 349 66.85 47.83 40.81
CA ILE K 349 65.51 48.32 40.97
C ILE K 349 65.22 48.30 42.44
N ARG K 350 65.61 47.21 43.11
CA ARG K 350 65.28 47.05 44.50
C ARG K 350 65.90 48.19 45.24
N GLN K 351 67.15 48.52 44.89
CA GLN K 351 67.82 49.60 45.57
C GLN K 351 67.03 50.84 45.32
N GLN K 352 66.53 50.99 44.08
CA GLN K 352 65.83 52.18 43.72
C GLN K 352 64.61 52.27 44.57
N ILE K 353 63.95 51.13 44.83
CA ILE K 353 62.70 51.17 45.52
C ILE K 353 62.95 51.77 46.86
N GLU K 354 63.99 51.28 47.55
CA GLU K 354 64.33 51.80 48.84
C GLU K 354 64.74 53.22 48.64
N GLU K 355 65.51 53.47 47.56
CA GLU K 355 66.14 54.74 47.38
C GLU K 355 65.09 55.79 47.27
N ALA K 356 64.02 55.53 46.49
CA ALA K 356 63.12 56.60 46.17
C ALA K 356 62.52 57.09 47.44
N THR K 357 62.55 58.42 47.64
CA THR K 357 61.93 59.02 48.78
C THR K 357 60.45 58.85 48.64
N SER K 358 59.93 59.12 47.43
CA SER K 358 58.50 59.21 47.27
C SER K 358 57.94 57.83 47.29
N ASP K 359 56.67 57.73 47.71
CA ASP K 359 55.96 56.48 47.69
C ASP K 359 55.81 56.07 46.27
N TYR K 360 55.49 57.06 45.40
CA TYR K 360 55.13 56.75 44.05
C TYR K 360 56.30 56.07 43.41
N ASP K 361 57.51 56.65 43.59
CA ASP K 361 58.66 56.09 42.94
C ASP K 361 58.83 54.71 43.49
N ARG K 362 58.65 54.57 44.82
CA ARG K 362 58.90 53.31 45.46
C ARG K 362 57.95 52.32 44.86
N GLU K 363 56.68 52.71 44.69
CA GLU K 363 55.68 51.77 44.29
C GLU K 363 56.03 51.25 42.94
N LYS K 364 56.42 52.15 42.01
CA LYS K 364 56.66 51.69 40.69
C LYS K 364 57.79 50.72 40.73
N LEU K 365 58.87 51.07 41.46
CA LEU K 365 60.03 50.24 41.49
C LEU K 365 59.65 48.94 42.12
N GLN K 366 58.90 48.99 43.23
CA GLN K 366 58.60 47.80 43.96
C GLN K 366 57.79 46.91 43.08
N GLU K 367 56.85 47.51 42.33
CA GLU K 367 56.02 46.71 41.48
C GLU K 367 56.91 46.03 40.49
N ARG K 368 57.88 46.78 39.93
CA ARG K 368 58.70 46.24 38.89
C ARG K 368 59.44 45.06 39.43
N VAL K 369 60.06 45.23 40.62
CA VAL K 369 60.86 44.17 41.15
C VAL K 369 59.96 43.01 41.43
N ALA K 370 58.76 43.29 41.95
CA ALA K 370 57.91 42.25 42.42
C ALA K 370 57.60 41.35 41.27
N LYS K 371 57.33 41.93 40.09
CA LYS K 371 56.88 41.12 38.99
C LYS K 371 57.95 40.12 38.70
N LEU K 372 59.21 40.58 38.60
CA LEU K 372 60.27 39.68 38.27
C LEU K 372 60.39 38.69 39.38
N ALA K 373 60.36 39.19 40.63
CA ALA K 373 60.66 38.35 41.75
C ALA K 373 59.63 37.27 41.83
N GLY K 374 58.35 37.63 41.64
CA GLY K 374 57.31 36.69 41.92
C GLY K 374 57.49 35.51 41.01
N GLY K 375 57.75 35.77 39.73
CA GLY K 375 57.90 34.68 38.81
C GLY K 375 56.54 34.10 38.60
N VAL K 376 56.48 32.92 37.95
CA VAL K 376 55.23 32.26 37.78
C VAL K 376 55.44 30.83 38.17
N ALA K 377 54.36 30.13 38.54
CA ALA K 377 54.49 28.74 38.84
C ALA K 377 53.69 28.01 37.81
N VAL K 378 54.20 26.84 37.37
CA VAL K 378 53.48 26.08 36.38
C VAL K 378 53.21 24.74 36.98
N ILE K 379 52.05 24.17 36.65
CA ILE K 379 51.73 22.85 37.13
C ILE K 379 51.51 22.00 35.93
N LYS K 380 52.07 20.77 35.93
CA LYS K 380 51.81 19.89 34.83
C LYS K 380 50.94 18.80 35.36
N VAL K 381 49.98 18.35 34.55
CA VAL K 381 49.14 17.27 34.98
C VAL K 381 49.43 16.11 34.10
N GLY K 382 49.76 14.96 34.70
CA GLY K 382 49.98 13.78 33.92
C GLY K 382 48.66 13.11 33.76
N ALA K 383 48.60 12.09 32.91
CA ALA K 383 47.39 11.33 32.79
C ALA K 383 47.76 9.99 32.27
N ALA K 384 46.87 9.00 32.48
CA ALA K 384 47.08 7.71 31.90
C ALA K 384 47.04 7.89 30.42
N THR K 385 46.05 8.69 29.95
CA THR K 385 45.92 8.91 28.54
C THR K 385 45.87 10.38 28.32
N GLU K 386 46.05 10.81 27.06
CA GLU K 386 46.05 12.22 26.76
C GLU K 386 44.70 12.74 27.09
N VAL K 387 43.65 11.98 26.75
CA VAL K 387 42.31 12.45 26.94
C VAL K 387 42.13 12.69 28.41
N GLU K 388 42.60 11.74 29.24
CA GLU K 388 42.39 11.86 30.65
C GLU K 388 43.07 13.11 31.11
N MET K 389 44.28 13.36 30.57
CA MET K 389 45.06 14.46 31.03
C MET K 389 44.30 15.72 30.78
N LYS K 390 43.69 15.82 29.59
CA LYS K 390 43.00 17.03 29.25
C LYS K 390 41.90 17.22 30.25
N GLU K 391 41.16 16.12 30.54
CA GLU K 391 40.05 16.23 31.44
C GLU K 391 40.57 16.63 32.77
N LYS K 392 41.68 16.00 33.20
CA LYS K 392 42.19 16.25 34.52
C LYS K 392 42.59 17.68 34.57
N LYS K 393 43.24 18.17 33.49
CA LYS K 393 43.77 19.49 33.50
C LYS K 393 42.63 20.44 33.68
N ALA K 394 41.52 20.20 32.96
CA ALA K 394 40.42 21.12 33.00
C ALA K 394 39.94 21.18 34.41
N ARG K 395 39.83 20.00 35.07
CA ARG K 395 39.32 19.96 36.40
C ARG K 395 40.26 20.73 37.27
N VAL K 396 41.57 20.53 37.05
CA VAL K 396 42.54 21.14 37.91
C VAL K 396 42.37 22.61 37.81
N GLU K 397 42.20 23.13 36.59
CA GLU K 397 42.16 24.54 36.40
C GLU K 397 40.99 25.07 37.17
N ALA K 398 39.84 24.37 37.07
CA ALA K 398 38.66 24.86 37.70
C ALA K 398 38.91 24.92 39.17
N ALA K 399 39.55 23.87 39.70
CA ALA K 399 39.75 23.79 41.12
C ALA K 399 40.59 24.95 41.54
N LEU K 400 41.62 25.27 40.74
CA LEU K 400 42.56 26.27 41.15
C LEU K 400 41.82 27.56 41.30
N HIS K 401 40.96 27.89 40.32
CA HIS K 401 40.29 29.15 40.37
C HIS K 401 39.46 29.17 41.61
N ALA K 402 38.72 28.06 41.85
CA ALA K 402 37.81 28.03 42.94
C ALA K 402 38.60 28.22 44.20
N THR K 403 39.75 27.52 44.30
CA THR K 403 40.50 27.55 45.52
C THR K 403 40.93 28.96 45.76
N ARG K 404 41.46 29.63 44.72
CA ARG K 404 42.02 30.93 44.91
C ARG K 404 40.93 31.82 45.38
N ALA K 405 39.76 31.74 44.72
CA ALA K 405 38.67 32.60 45.10
C ALA K 405 38.30 32.27 46.50
N ALA K 406 38.26 30.96 46.81
CA ALA K 406 37.74 30.52 48.06
C ALA K 406 38.59 31.09 49.15
N VAL K 407 39.91 31.04 48.98
CA VAL K 407 40.76 31.40 50.08
C VAL K 407 40.53 32.84 50.42
N GLU K 408 40.50 33.72 49.40
CA GLU K 408 40.41 35.12 49.67
C GLU K 408 39.11 35.40 50.33
N GLU K 409 38.02 34.83 49.76
CA GLU K 409 36.72 35.12 50.26
C GLU K 409 36.66 34.59 51.65
N GLY K 410 37.28 33.43 51.87
CA GLY K 410 37.04 32.68 53.06
C GLY K 410 36.04 31.66 52.66
N VAL K 411 35.91 30.57 53.43
CA VAL K 411 35.10 29.49 52.95
C VAL K 411 33.91 29.36 53.83
N VAL K 412 32.72 29.22 53.20
CA VAL K 412 31.50 28.98 53.91
C VAL K 412 31.37 27.50 54.10
N ALA K 413 30.53 27.08 55.06
CA ALA K 413 30.39 25.69 55.30
C ALA K 413 29.90 25.07 54.03
N GLY K 414 30.38 23.86 53.73
CA GLY K 414 30.00 23.21 52.50
C GLY K 414 28.78 22.41 52.76
N GLY K 415 28.38 21.60 51.76
CA GLY K 415 27.26 20.71 51.94
C GLY K 415 26.02 21.47 51.62
N GLY K 416 26.16 22.72 51.16
CA GLY K 416 24.99 23.48 50.83
C GLY K 416 24.41 23.93 52.13
N VAL K 417 25.21 23.84 53.20
CA VAL K 417 24.76 24.21 54.50
C VAL K 417 24.41 25.66 54.45
N ALA K 418 25.27 26.47 53.79
CA ALA K 418 25.01 27.87 53.77
C ALA K 418 23.70 28.06 53.06
N LEU K 419 23.50 27.31 51.96
CA LEU K 419 22.33 27.52 51.15
C LEU K 419 21.12 27.22 51.97
N ILE K 420 21.14 26.08 52.69
CA ILE K 420 19.97 25.71 53.43
C ILE K 420 19.75 26.74 54.49
N ARG K 421 20.84 27.15 55.17
CA ARG K 421 20.71 28.02 56.31
C ARG K 421 20.09 29.31 55.84
N VAL K 422 20.58 29.84 54.71
CA VAL K 422 20.14 31.13 54.27
C VAL K 422 18.68 31.05 53.97
N ALA K 423 18.24 29.92 53.39
CA ALA K 423 16.92 29.83 52.86
C ALA K 423 15.96 30.06 53.97
N SER K 424 16.24 29.50 55.16
CA SER K 424 15.31 29.60 56.24
C SER K 424 15.09 31.06 56.53
N LYS K 425 16.19 31.83 56.59
CA LYS K 425 16.09 33.23 56.85
C LYS K 425 15.31 33.84 55.74
N LEU K 426 15.58 33.38 54.51
CA LEU K 426 15.01 33.97 53.33
C LEU K 426 13.53 33.80 53.40
N ALA K 427 13.08 32.65 53.93
CA ALA K 427 11.69 32.29 53.85
C ALA K 427 10.90 33.38 54.51
N ASP K 428 11.41 33.91 55.63
CA ASP K 428 10.66 34.88 56.36
C ASP K 428 10.40 36.03 55.45
N LEU K 429 11.41 36.41 54.64
CA LEU K 429 11.23 37.56 53.80
C LEU K 429 10.14 37.25 52.84
N ARG K 430 9.33 38.27 52.50
CA ARG K 430 8.22 38.05 51.62
C ARG K 430 8.45 38.90 50.41
N GLY K 431 7.93 38.44 49.26
CA GLY K 431 8.02 39.21 48.05
C GLY K 431 6.93 40.22 48.08
N GLN K 432 6.92 41.13 47.10
CA GLN K 432 5.96 42.19 47.08
C GLN K 432 4.60 41.59 46.93
N ASN K 433 4.47 40.62 46.00
CA ASN K 433 3.18 40.07 45.74
C ASN K 433 3.29 38.57 45.82
N GLU K 434 2.13 37.90 45.84
CA GLU K 434 2.09 36.50 46.14
C GLU K 434 2.89 35.79 45.09
N ASP K 435 2.76 36.22 43.83
CA ASP K 435 3.44 35.53 42.77
C ASP K 435 4.90 35.63 43.07
N GLN K 436 5.34 36.81 43.53
CA GLN K 436 6.72 36.97 43.89
C GLN K 436 6.99 36.06 45.04
N ASN K 437 6.02 35.95 45.97
CA ASN K 437 6.25 35.21 47.17
C ASN K 437 6.56 33.81 46.79
N VAL K 438 5.77 33.22 45.88
CA VAL K 438 5.94 31.84 45.57
C VAL K 438 7.30 31.68 44.97
N GLY K 439 7.71 32.63 44.11
CA GLY K 439 8.97 32.52 43.45
C GLY K 439 10.03 32.51 44.50
N ILE K 440 9.87 33.36 45.53
CA ILE K 440 10.86 33.46 46.56
C ILE K 440 10.96 32.12 47.21
N LYS K 441 9.79 31.52 47.50
CA LYS K 441 9.77 30.24 48.16
C LYS K 441 10.47 29.27 47.28
N VAL K 442 10.21 29.37 45.95
CA VAL K 442 10.75 28.43 45.03
C VAL K 442 12.24 28.49 45.14
N ALA K 443 12.79 29.71 45.19
CA ALA K 443 14.21 29.86 45.21
C ALA K 443 14.72 29.16 46.42
N LEU K 444 14.02 29.34 47.56
CA LEU K 444 14.46 28.76 48.79
C LEU K 444 14.47 27.28 48.61
N ARG K 445 13.43 26.74 47.97
CA ARG K 445 13.31 25.33 47.80
C ARG K 445 14.48 24.89 46.99
N ALA K 446 14.83 25.69 45.97
CA ALA K 446 15.87 25.30 45.06
C ALA K 446 17.13 25.13 45.84
N MET K 447 17.39 26.04 46.79
CA MET K 447 18.63 26.01 47.51
C MET K 447 18.71 24.72 48.25
N GLU K 448 17.58 24.29 48.83
CA GLU K 448 17.56 23.15 49.69
C GLU K 448 17.95 21.95 48.91
N ALA K 449 17.55 21.90 47.63
CA ALA K 449 17.59 20.66 46.89
C ALA K 449 18.99 20.13 46.85
N PRO K 450 20.00 20.89 46.56
CA PRO K 450 21.29 20.31 46.31
C PRO K 450 21.80 19.60 47.52
N LEU K 451 21.36 20.01 48.72
CA LEU K 451 21.78 19.33 49.91
C LEU K 451 21.22 17.95 49.82
N ARG K 452 19.96 17.86 49.37
CA ARG K 452 19.25 16.61 49.31
C ARG K 452 19.99 15.71 48.37
N GLN K 453 20.49 16.27 47.26
CA GLN K 453 21.07 15.44 46.25
C GLN K 453 22.22 14.72 46.85
N ILE K 454 23.03 15.43 47.66
CA ILE K 454 24.17 14.81 48.26
C ILE K 454 23.67 13.70 49.12
N VAL K 455 22.60 13.98 49.89
CA VAL K 455 22.08 13.02 50.81
C VAL K 455 21.63 11.82 50.04
N LEU K 456 20.97 12.06 48.89
CA LEU K 456 20.41 10.99 48.12
C LEU K 456 21.55 10.12 47.72
N ASN K 457 22.68 10.75 47.34
CA ASN K 457 23.83 10.00 46.93
C ASN K 457 24.21 9.15 48.09
N CYS K 458 24.14 9.71 49.31
CA CYS K 458 24.46 8.97 50.48
C CYS K 458 23.50 7.83 50.55
N GLY K 459 22.24 8.10 50.18
CA GLY K 459 21.22 7.09 50.25
C GLY K 459 20.45 7.35 51.49
N GLU K 460 20.94 8.29 52.33
CA GLU K 460 20.18 8.70 53.46
C GLU K 460 19.05 9.52 52.93
N GLU K 461 17.94 9.57 53.68
CA GLU K 461 16.81 10.30 53.18
C GLU K 461 17.07 11.74 53.45
N PRO K 462 17.13 12.50 52.40
CA PRO K 462 17.55 13.86 52.45
C PRO K 462 16.58 14.65 53.27
N SER K 463 15.34 14.16 53.39
CA SER K 463 14.35 14.93 54.08
C SER K 463 14.80 15.10 55.50
N VAL K 464 15.18 13.98 56.14
CA VAL K 464 15.55 14.04 57.52
C VAL K 464 16.75 14.92 57.64
N VAL K 465 17.74 14.71 56.75
CA VAL K 465 18.97 15.42 56.87
C VAL K 465 18.67 16.87 56.72
N ALA K 466 17.86 17.23 55.71
CA ALA K 466 17.61 18.61 55.44
C ALA K 466 16.94 19.19 56.63
N ASN K 467 15.97 18.45 57.20
CA ASN K 467 15.23 18.98 58.30
C ASN K 467 16.18 19.20 59.42
N THR K 468 17.06 18.21 59.67
CA THR K 468 17.97 18.31 60.77
C THR K 468 18.86 19.49 60.52
N VAL K 469 19.35 19.62 59.29
CA VAL K 469 20.30 20.65 58.99
C VAL K 469 19.64 21.96 59.27
N LYS K 470 18.39 22.12 58.82
CA LYS K 470 17.71 23.37 58.98
C LYS K 470 17.61 23.64 60.44
N GLY K 471 17.28 22.60 61.22
CA GLY K 471 16.97 22.81 62.61
C GLY K 471 18.17 23.38 63.27
N GLY K 472 19.37 22.85 62.96
CA GLY K 472 20.52 23.28 63.68
C GLY K 472 20.74 24.73 63.40
N ASP K 473 21.05 25.51 64.44
CA ASP K 473 21.37 26.89 64.26
C ASP K 473 22.83 26.97 63.97
N GLY K 474 23.32 28.17 63.65
CA GLY K 474 24.73 28.34 63.42
C GLY K 474 25.06 27.59 62.17
N ASN K 475 26.31 27.10 62.08
CA ASN K 475 26.65 26.32 60.93
C ASN K 475 26.34 24.91 61.26
N TYR K 476 25.31 24.36 60.60
CA TYR K 476 24.98 22.98 60.82
C TYR K 476 24.94 22.35 59.48
N GLY K 477 25.43 21.10 59.36
CA GLY K 477 25.47 20.52 58.06
C GLY K 477 25.65 19.05 58.22
N TYR K 478 25.63 18.33 57.07
CA TYR K 478 25.80 16.91 57.10
C TYR K 478 27.05 16.62 56.33
N ASN K 479 27.92 15.78 56.89
CA ASN K 479 29.12 15.44 56.19
C ASN K 479 28.87 14.11 55.56
N ALA K 480 29.02 14.01 54.24
CA ALA K 480 28.70 12.78 53.59
C ALA K 480 29.63 11.73 54.11
N ALA K 481 30.94 12.06 54.15
CA ALA K 481 31.91 11.05 54.48
C ALA K 481 31.66 10.59 55.88
N THR K 482 31.49 11.55 56.81
CA THR K 482 31.32 11.20 58.18
C THR K 482 30.03 10.46 58.29
N GLU K 483 29.00 10.96 57.60
CA GLU K 483 27.67 10.49 57.82
C GLU K 483 27.38 10.71 59.26
N GLU K 484 27.97 11.79 59.81
CA GLU K 484 27.70 12.17 61.16
C GLU K 484 27.43 13.64 61.14
N TYR K 485 26.71 14.14 62.15
CA TYR K 485 26.43 15.54 62.19
C TYR K 485 27.53 16.20 62.97
N GLY K 486 28.06 17.30 62.42
CA GLY K 486 29.11 17.99 63.10
C GLY K 486 29.17 19.36 62.49
N ASN K 487 29.94 20.27 63.11
CA ASN K 487 30.02 21.59 62.56
C ASN K 487 30.79 21.49 61.29
N MET K 488 30.35 22.23 60.26
CA MET K 488 31.00 22.14 58.99
C MET K 488 32.39 22.63 59.17
N ILE K 489 32.53 23.75 59.91
CA ILE K 489 33.82 24.36 60.07
C ILE K 489 34.71 23.38 60.77
N ASP K 490 34.17 22.74 61.83
CA ASP K 490 34.95 21.82 62.58
C ASP K 490 35.34 20.72 61.66
N MET K 491 34.40 20.30 60.79
CA MET K 491 34.67 19.24 59.86
C MET K 491 35.78 19.71 58.98
N GLY K 492 35.74 21.00 58.59
CA GLY K 492 36.80 21.54 57.79
C GLY K 492 36.42 21.39 56.35
N ILE K 493 35.18 20.93 56.08
CA ILE K 493 34.79 20.85 54.71
C ILE K 493 33.96 22.06 54.44
N LEU K 494 34.49 22.93 53.55
CA LEU K 494 33.89 24.22 53.36
C LEU K 494 33.83 24.46 51.90
N ASP K 495 32.68 24.97 51.40
CA ASP K 495 32.61 25.34 50.03
C ASP K 495 32.83 26.82 49.97
N PRO K 496 33.49 27.25 48.93
CA PRO K 496 33.90 28.61 48.84
C PRO K 496 32.69 29.47 48.78
N THR K 497 32.73 30.67 49.39
CA THR K 497 31.60 31.54 49.38
C THR K 497 31.37 31.96 47.98
N LYS K 498 32.44 32.34 47.27
CA LYS K 498 32.30 32.92 45.98
C LYS K 498 31.67 31.91 45.08
N VAL K 499 32.15 30.66 45.14
CA VAL K 499 31.66 29.67 44.23
C VAL K 499 30.20 29.50 44.49
N THR K 500 29.81 29.40 45.78
CA THR K 500 28.44 29.16 46.09
C THR K 500 27.64 30.30 45.58
N ARG K 501 28.11 31.53 45.86
CA ARG K 501 27.35 32.69 45.51
C ARG K 501 27.23 32.71 44.01
N SER K 502 28.34 32.46 43.31
CA SER K 502 28.35 32.60 41.89
C SER K 502 27.34 31.64 41.32
N ALA K 503 27.39 30.38 41.78
CA ALA K 503 26.57 29.37 41.18
C ALA K 503 25.14 29.75 41.38
N LEU K 504 24.81 30.21 42.59
CA LEU K 504 23.44 30.45 42.91
C LEU K 504 22.94 31.52 42.00
N GLN K 505 23.71 32.60 41.83
CA GLN K 505 23.23 33.73 41.09
C GLN K 505 22.97 33.30 39.69
N TYR K 506 23.92 32.55 39.10
CA TYR K 506 23.78 32.18 37.73
C TYR K 506 22.59 31.31 37.60
N ALA K 507 22.44 30.34 38.52
CA ALA K 507 21.39 29.39 38.41
C ALA K 507 20.09 30.13 38.44
N ALA K 508 19.99 31.11 39.35
CA ALA K 508 18.77 31.84 39.48
C ALA K 508 18.52 32.53 38.18
N SER K 509 19.56 33.11 37.58
CA SER K 509 19.39 33.87 36.38
C SER K 509 18.85 32.94 35.33
N VAL K 510 19.43 31.73 35.26
CA VAL K 510 19.05 30.83 34.21
C VAL K 510 17.60 30.54 34.37
N ALA K 511 17.17 30.25 35.61
CA ALA K 511 15.84 29.79 35.83
C ALA K 511 14.90 30.86 35.39
N GLY K 512 15.21 32.12 35.74
CA GLY K 512 14.31 33.19 35.45
C GLY K 512 14.15 33.26 33.96
N LEU K 513 15.27 33.12 33.23
CA LEU K 513 15.23 33.30 31.80
C LEU K 513 14.32 32.28 31.22
N MET K 514 14.41 31.04 31.72
CA MET K 514 13.70 29.94 31.12
C MET K 514 12.24 30.22 31.23
N ILE K 515 11.82 30.77 32.38
CA ILE K 515 10.41 30.89 32.66
C ILE K 515 9.80 31.73 31.59
N THR K 516 10.48 32.83 31.21
CA THR K 516 9.92 33.75 30.27
C THR K 516 10.05 33.14 28.92
N THR K 517 10.45 33.94 27.92
CA THR K 517 10.46 33.46 26.57
C THR K 517 9.11 32.92 26.25
N GLU K 518 8.10 33.80 26.27
CA GLU K 518 6.74 33.41 26.04
C GLU K 518 6.66 32.78 24.69
N CYS K 519 7.25 33.43 23.67
CA CYS K 519 7.10 32.91 22.34
C CYS K 519 8.43 32.42 21.88
N MET K 520 8.43 31.39 21.01
CA MET K 520 9.66 30.93 20.45
C MET K 520 9.42 30.73 18.98
N VAL K 521 10.47 30.94 18.17
CA VAL K 521 10.35 30.60 16.78
C VAL K 521 11.48 29.69 16.46
N THR K 522 11.22 28.68 15.61
CA THR K 522 12.27 27.79 15.20
C THR K 522 12.09 27.55 13.75
N ASP K 523 13.06 26.87 13.11
CA ASP K 523 12.85 26.50 11.75
C ASP K 523 11.93 25.32 11.76
N LEU K 524 11.10 25.21 10.70
CA LEU K 524 10.20 24.10 10.57
C LEU K 524 11.01 22.93 10.13
N PRO K 525 10.96 21.84 10.77
N ALA L 2 26.20 13.16 13.45
CA ALA L 2 24.79 13.42 13.08
C ALA L 2 24.01 13.82 14.28
N ALA L 3 22.76 13.31 14.38
CA ALA L 3 21.95 13.58 15.52
C ALA L 3 22.58 12.85 16.65
N LYS L 4 22.06 13.07 17.88
CA LYS L 4 22.59 12.37 19.00
C LYS L 4 21.48 11.59 19.63
N ASP L 5 21.77 10.33 19.99
CA ASP L 5 20.83 9.54 20.75
C ASP L 5 21.43 9.38 22.10
N VAL L 6 20.63 9.66 23.16
CA VAL L 6 21.17 9.55 24.48
C VAL L 6 20.47 8.42 25.15
N LYS L 7 21.23 7.56 25.86
CA LYS L 7 20.62 6.50 26.59
C LYS L 7 21.28 6.43 27.93
N PHE L 8 20.51 6.00 28.95
CA PHE L 8 21.11 5.70 30.21
C PHE L 8 20.59 4.36 30.60
N GLY L 9 21.38 3.59 31.39
CA GLY L 9 20.79 2.43 31.98
C GLY L 9 21.52 1.21 31.52
N ASN L 10 20.88 0.04 31.74
CA ASN L 10 21.42 -1.25 31.48
C ASN L 10 21.63 -1.40 30.01
N ASP L 11 20.76 -0.76 29.21
CA ASP L 11 20.69 -1.03 27.80
C ASP L 11 22.04 -0.77 27.22
N ALA L 12 22.70 0.31 27.66
CA ALA L 12 24.00 0.59 27.12
C ALA L 12 24.88 -0.56 27.45
N ARG L 13 24.79 -1.05 28.71
CA ARG L 13 25.66 -2.09 29.16
C ARG L 13 25.45 -3.33 28.34
N VAL L 14 24.17 -3.65 28.06
CA VAL L 14 23.86 -4.94 27.50
C VAL L 14 24.55 -5.04 26.18
N LYS L 15 24.54 -3.94 25.40
CA LYS L 15 25.12 -4.00 24.09
C LYS L 15 26.57 -4.35 24.26
N MET L 16 27.23 -3.72 25.24
CA MET L 16 28.63 -3.93 25.41
C MET L 16 28.83 -5.37 25.75
N LEU L 17 27.96 -5.92 26.62
CA LEU L 17 28.19 -7.25 27.10
C LEU L 17 28.14 -8.17 25.93
N ARG L 18 27.12 -8.01 25.06
CA ARG L 18 26.95 -8.95 23.99
C ARG L 18 28.15 -8.87 23.13
N GLY L 19 28.63 -7.65 22.87
CA GLY L 19 29.74 -7.48 21.99
C GLY L 19 30.92 -8.18 22.59
N VAL L 20 31.09 -8.01 23.92
CA VAL L 20 32.25 -8.57 24.56
C VAL L 20 32.20 -10.05 24.38
N ASN L 21 31.01 -10.65 24.59
CA ASN L 21 30.90 -12.07 24.60
C ASN L 21 31.32 -12.58 23.26
N VAL L 22 30.84 -11.93 22.18
CA VAL L 22 31.08 -12.47 20.87
C VAL L 22 32.56 -12.52 20.67
N LEU L 23 33.25 -11.41 20.95
CA LEU L 23 34.67 -11.36 20.72
C LEU L 23 35.28 -12.37 21.61
N ALA L 24 34.85 -12.41 22.88
CA ALA L 24 35.49 -13.22 23.86
C ALA L 24 35.38 -14.66 23.44
N ASP L 25 34.20 -15.07 22.94
CA ASP L 25 33.95 -16.46 22.73
C ASP L 25 34.96 -16.97 21.75
N ALA L 26 35.17 -16.24 20.64
CA ALA L 26 36.07 -16.73 19.64
C ALA L 26 37.42 -16.83 20.26
N VAL L 27 37.81 -15.80 21.03
CA VAL L 27 39.13 -15.74 21.59
C VAL L 27 39.31 -16.87 22.53
N LYS L 28 38.29 -17.15 23.37
CA LYS L 28 38.46 -18.11 24.42
C LYS L 28 38.76 -19.44 23.80
N VAL L 29 37.98 -19.82 22.78
CA VAL L 29 38.16 -21.13 22.21
C VAL L 29 39.54 -21.20 21.64
N THR L 30 39.96 -20.12 20.96
CA THR L 30 41.23 -20.12 20.31
C THR L 30 42.28 -20.23 21.36
N LEU L 31 42.05 -19.60 22.53
CA LEU L 31 43.08 -19.57 23.53
C LEU L 31 43.37 -20.97 23.91
N GLY L 32 44.65 -21.26 24.17
CA GLY L 32 45.07 -22.60 24.43
C GLY L 32 45.29 -23.22 23.09
N PRO L 33 45.89 -24.37 23.10
CA PRO L 33 46.39 -24.98 21.90
C PRO L 33 45.22 -25.25 21.00
N LYS L 34 44.03 -25.37 21.59
CA LYS L 34 42.88 -25.93 20.94
C LYS L 34 42.40 -25.05 19.83
N GLY L 35 42.35 -23.72 20.05
CA GLY L 35 41.62 -22.88 19.13
C GLY L 35 42.23 -23.00 17.77
N ARG L 36 41.48 -23.63 16.85
CA ARG L 36 42.03 -23.92 15.54
C ARG L 36 42.28 -22.67 14.77
N ASN L 37 41.26 -21.80 14.62
CA ASN L 37 41.43 -20.81 13.59
C ASN L 37 40.31 -19.81 13.64
N VAL L 38 40.45 -18.73 12.83
CA VAL L 38 39.38 -17.82 12.56
C VAL L 38 39.58 -17.34 11.15
N VAL L 39 38.51 -16.85 10.50
CA VAL L 39 38.64 -16.42 9.14
C VAL L 39 38.02 -15.07 8.99
N LEU L 40 38.47 -14.28 7.98
CA LEU L 40 37.88 -13.00 7.73
C LEU L 40 37.55 -12.91 6.27
N ASP L 41 36.66 -11.96 5.91
CA ASP L 41 36.39 -11.71 4.52
C ASP L 41 37.36 -10.69 4.02
N LYS L 42 37.42 -10.52 2.69
CA LYS L 42 38.14 -9.41 2.11
C LYS L 42 37.25 -8.82 1.06
N SER L 43 37.36 -7.49 0.86
CA SER L 43 36.56 -6.86 -0.16
C SER L 43 36.97 -7.43 -1.48
N PHE L 44 38.29 -7.43 -1.76
CA PHE L 44 38.76 -7.91 -3.03
C PHE L 44 39.62 -9.09 -2.75
N GLY L 45 39.66 -10.03 -3.71
CA GLY L 45 40.55 -11.15 -3.58
C GLY L 45 39.91 -12.11 -2.64
N ALA L 46 40.64 -13.21 -2.33
CA ALA L 46 40.13 -14.18 -1.42
C ALA L 46 40.18 -13.60 -0.06
N PRO L 47 39.28 -14.04 0.78
CA PRO L 47 39.12 -13.51 2.09
C PRO L 47 40.35 -13.83 2.87
N THR L 48 40.69 -13.01 3.88
CA THR L 48 41.88 -13.27 4.63
C THR L 48 41.55 -14.28 5.66
N ILE L 49 42.55 -15.04 6.12
CA ILE L 49 42.32 -15.96 7.18
C ILE L 49 43.22 -15.55 8.30
N THR L 50 42.72 -15.64 9.54
CA THR L 50 43.47 -15.11 10.64
C THR L 50 43.78 -16.24 11.56
N LYS L 51 44.76 -16.03 12.45
CA LYS L 51 45.25 -17.10 13.27
C LYS L 51 44.90 -16.79 14.69
N ASP L 52 45.92 -16.39 15.47
CA ASP L 52 45.86 -16.45 16.90
C ASP L 52 44.76 -15.56 17.36
N GLY L 53 44.41 -15.70 18.66
CA GLY L 53 43.22 -15.14 19.21
C GLY L 53 43.26 -13.67 19.07
N VAL L 54 44.44 -13.06 19.28
CA VAL L 54 44.52 -11.64 19.19
C VAL L 54 44.12 -11.28 17.79
N SER L 55 44.65 -12.02 16.81
CA SER L 55 44.33 -11.77 15.45
C SER L 55 42.87 -12.00 15.29
N VAL L 56 42.34 -13.02 15.98
CA VAL L 56 40.95 -13.36 15.85
C VAL L 56 40.15 -12.16 16.28
N ALA L 57 40.52 -11.58 17.44
CA ALA L 57 39.76 -10.50 17.97
C ALA L 57 39.84 -9.37 16.99
N ARG L 58 41.04 -9.15 16.43
CA ARG L 58 41.24 -8.05 15.54
C ARG L 58 40.32 -8.24 14.38
N GLU L 59 40.26 -9.48 13.86
CA GLU L 59 39.48 -9.74 12.69
C GLU L 59 38.06 -9.48 13.01
N ILE L 60 37.60 -9.89 14.22
CA ILE L 60 36.20 -9.83 14.50
C ILE L 60 35.82 -8.40 14.69
N GLU L 61 34.75 -7.97 13.98
CA GLU L 61 34.19 -6.68 14.19
C GLU L 61 32.73 -6.88 14.42
N LEU L 62 32.10 -5.98 15.18
CA LEU L 62 30.70 -6.15 15.44
C LEU L 62 29.96 -5.14 14.62
N GLU L 63 28.85 -5.57 14.01
CA GLU L 63 28.08 -4.69 13.18
C GLU L 63 27.54 -3.61 14.06
N ASP L 64 27.00 -3.99 15.23
CA ASP L 64 26.38 -3.01 16.06
C ASP L 64 27.43 -2.08 16.53
N LYS L 65 27.13 -0.77 16.55
CA LYS L 65 28.11 0.19 16.98
C LYS L 65 28.39 -0.07 18.42
N PHE L 66 27.34 -0.26 19.22
CA PHE L 66 27.51 -0.40 20.63
C PHE L 66 28.30 -1.64 20.88
N GLU L 67 27.89 -2.75 20.24
CA GLU L 67 28.55 -3.99 20.47
C GLU L 67 29.96 -3.85 20.01
N ASN L 68 30.15 -3.24 18.83
CA ASN L 68 31.46 -3.16 18.25
C ASN L 68 32.31 -2.37 19.18
N MET L 69 31.76 -1.26 19.70
CA MET L 69 32.54 -0.39 20.54
C MET L 69 32.95 -1.17 21.74
N GLY L 70 32.01 -1.94 22.31
CA GLY L 70 32.30 -2.66 23.51
C GLY L 70 33.40 -3.63 23.18
N ALA L 71 33.31 -4.28 22.02
CA ALA L 71 34.29 -5.25 21.65
C ALA L 71 35.60 -4.56 21.54
N GLN L 72 35.59 -3.35 20.96
CA GLN L 72 36.80 -2.65 20.68
C GLN L 72 37.49 -2.39 21.97
N MET L 73 36.72 -2.02 23.00
CA MET L 73 37.33 -1.59 24.24
C MET L 73 38.13 -2.73 24.76
N VAL L 74 37.57 -3.94 24.72
CA VAL L 74 38.26 -5.08 25.26
C VAL L 74 39.52 -5.26 24.48
N LYS L 75 39.41 -5.17 23.14
CA LYS L 75 40.52 -5.50 22.30
C LYS L 75 41.64 -4.56 22.64
N GLU L 76 41.33 -3.26 22.78
CA GLU L 76 42.39 -2.30 22.92
C GLU L 76 43.13 -2.63 24.17
N VAL L 77 42.40 -2.91 25.27
CA VAL L 77 43.08 -3.19 26.50
C VAL L 77 43.89 -4.42 26.29
N ALA L 78 43.28 -5.43 25.61
CA ALA L 78 43.91 -6.71 25.49
C ALA L 78 45.21 -6.50 24.78
N SER L 79 45.20 -5.66 23.72
CA SER L 79 46.39 -5.49 22.94
C SER L 79 47.45 -4.92 23.83
N LYS L 80 47.07 -3.95 24.68
CA LYS L 80 48.05 -3.28 25.48
C LYS L 80 48.70 -4.32 26.34
N ALA L 81 47.87 -5.19 26.96
CA ALA L 81 48.41 -6.21 27.80
C ALA L 81 49.25 -7.08 26.94
N ASN L 82 48.78 -7.34 25.70
CA ASN L 82 49.45 -8.26 24.84
C ASN L 82 50.82 -7.73 24.60
N ASP L 83 50.95 -6.42 24.36
CA ASP L 83 52.25 -5.93 24.01
C ASP L 83 53.17 -6.17 25.16
N ALA L 84 52.77 -5.71 26.36
CA ALA L 84 53.68 -5.74 27.46
C ALA L 84 54.02 -7.16 27.80
N ALA L 85 52.98 -8.00 27.97
CA ALA L 85 53.21 -9.35 28.39
C ALA L 85 53.97 -10.05 27.32
N GLY L 86 53.52 -9.83 26.07
CA GLY L 86 54.03 -10.53 24.93
C GLY L 86 53.11 -11.69 24.71
N ASP L 87 52.40 -12.10 25.78
CA ASP L 87 51.48 -13.18 25.68
C ASP L 87 50.29 -12.84 26.53
N GLY L 88 49.30 -13.74 26.57
CA GLY L 88 48.23 -13.62 27.51
C GLY L 88 47.23 -12.64 26.98
N THR L 89 47.26 -12.37 25.67
CA THR L 89 46.30 -11.44 25.15
C THR L 89 44.96 -12.03 25.38
N THR L 90 44.81 -13.32 25.05
CA THR L 90 43.53 -13.96 25.14
C THR L 90 43.14 -13.99 26.58
N THR L 91 44.11 -14.28 27.46
CA THR L 91 43.79 -14.51 28.84
C THR L 91 43.14 -13.28 29.36
N ALA L 92 43.70 -12.11 29.01
CA ALA L 92 43.15 -10.89 29.52
C ALA L 92 41.74 -10.79 29.03
N THR L 93 41.53 -11.12 27.74
CA THR L 93 40.22 -10.98 27.18
C THR L 93 39.31 -11.88 27.94
N VAL L 94 39.74 -13.13 28.17
CA VAL L 94 38.89 -14.10 28.79
C VAL L 94 38.54 -13.58 30.15
N LEU L 95 39.55 -13.07 30.88
CA LEU L 95 39.31 -12.65 32.23
C LEU L 95 38.33 -11.53 32.18
N ALA L 96 38.51 -10.60 31.23
CA ALA L 96 37.70 -9.42 31.22
C ALA L 96 36.28 -9.82 31.03
N GLN L 97 36.03 -10.78 30.13
CA GLN L 97 34.68 -11.12 29.81
C GLN L 97 34.01 -11.61 31.04
N ALA L 98 34.70 -12.49 31.79
CA ALA L 98 34.07 -13.09 32.93
C ALA L 98 33.75 -12.00 33.90
N ILE L 99 34.70 -11.07 34.10
CA ILE L 99 34.51 -10.05 35.08
C ILE L 99 33.36 -9.22 34.66
N ILE L 100 33.32 -8.86 33.36
CA ILE L 100 32.35 -7.91 32.91
C ILE L 100 30.99 -8.50 33.13
N THR L 101 30.81 -9.77 32.76
CA THR L 101 29.50 -10.34 32.80
C THR L 101 29.02 -10.27 34.21
N GLU L 102 29.88 -10.68 35.16
CA GLU L 102 29.47 -10.72 36.53
C GLU L 102 29.17 -9.32 36.95
N GLY L 103 30.00 -8.36 36.54
CA GLY L 103 29.82 -7.01 36.98
C GLY L 103 28.49 -6.55 36.48
N LEU L 104 28.18 -6.91 35.23
CA LEU L 104 26.95 -6.46 34.63
C LEU L 104 25.82 -7.03 35.43
N LYS L 105 25.94 -8.31 35.83
CA LYS L 105 24.87 -8.93 36.56
C LYS L 105 24.68 -8.13 37.81
N ALA L 106 25.81 -7.74 38.43
CA ALA L 106 25.76 -6.98 39.64
C ALA L 106 25.07 -5.70 39.33
N VAL L 107 25.35 -5.12 38.15
CA VAL L 107 24.71 -3.90 37.76
C VAL L 107 23.25 -4.19 37.74
N ALA L 108 22.87 -5.37 37.25
CA ALA L 108 21.50 -5.78 37.22
C ALA L 108 21.06 -5.81 38.65
N ALA L 109 21.95 -6.26 39.55
CA ALA L 109 21.64 -6.33 40.94
C ALA L 109 21.32 -4.93 41.37
N GLY L 110 22.08 -3.94 40.84
CA GLY L 110 21.82 -2.58 41.19
C GLY L 110 22.73 -2.22 42.31
N MET L 111 23.66 -3.12 42.66
CA MET L 111 24.64 -2.76 43.63
C MET L 111 25.49 -1.72 42.98
N ASN L 112 26.09 -0.83 43.79
CA ASN L 112 26.82 0.25 43.19
C ASN L 112 28.11 -0.30 42.72
N PRO L 113 28.33 -0.16 41.44
CA PRO L 113 29.41 -0.80 40.76
C PRO L 113 30.71 -0.27 41.26
N MET L 114 30.70 0.93 41.87
CA MET L 114 31.93 1.55 42.25
C MET L 114 32.59 0.67 43.25
N ASP L 115 31.80 0.15 44.21
CA ASP L 115 32.35 -0.66 45.24
C ASP L 115 32.92 -1.87 44.58
N LEU L 116 32.19 -2.42 43.60
CA LEU L 116 32.58 -3.64 42.97
C LEU L 116 33.89 -3.40 42.30
N LYS L 117 34.02 -2.27 41.59
CA LYS L 117 35.21 -2.01 40.87
C LYS L 117 36.33 -1.95 41.86
N ARG L 118 36.08 -1.27 42.99
CA ARG L 118 37.10 -1.11 43.98
C ARG L 118 37.45 -2.47 44.47
N GLY L 119 36.44 -3.31 44.71
CA GLY L 119 36.69 -4.62 45.25
C GLY L 119 37.51 -5.37 44.26
N ILE L 120 37.18 -5.23 42.97
CA ILE L 120 37.86 -5.98 41.97
C ILE L 120 39.29 -5.54 41.98
N ASP L 121 39.51 -4.22 42.05
CA ASP L 121 40.85 -3.72 42.01
C ASP L 121 41.57 -4.26 43.20
N LYS L 122 40.90 -4.26 44.36
CA LYS L 122 41.55 -4.70 45.56
C LYS L 122 41.92 -6.13 45.37
N ALA L 123 41.00 -6.93 44.81
CA ALA L 123 41.25 -8.33 44.64
C ALA L 123 42.42 -8.48 43.74
N VAL L 124 42.47 -7.66 42.68
CA VAL L 124 43.51 -7.80 41.70
C VAL L 124 44.82 -7.59 42.38
N THR L 125 44.90 -6.55 43.23
CA THR L 125 46.15 -6.22 43.85
C THR L 125 46.57 -7.38 44.66
N ALA L 126 45.63 -7.96 45.43
CA ALA L 126 45.97 -9.05 46.30
C ALA L 126 46.49 -10.16 45.46
N ALA L 127 45.78 -10.43 44.34
CA ALA L 127 46.14 -11.55 43.52
C ALA L 127 47.53 -11.33 43.03
N VAL L 128 47.84 -10.08 42.63
CA VAL L 128 49.11 -9.81 42.03
C VAL L 128 50.16 -10.17 43.02
N GLU L 129 49.97 -9.76 44.29
CA GLU L 129 50.98 -9.97 45.27
C GLU L 129 51.19 -11.44 45.40
N GLU L 130 50.09 -12.21 45.42
CA GLU L 130 50.19 -13.62 45.61
C GLU L 130 50.97 -14.18 44.47
N LEU L 131 50.67 -13.69 43.25
CA LEU L 131 51.29 -14.25 42.07
C LEU L 131 52.76 -14.04 42.18
N LYS L 132 53.17 -12.83 42.60
CA LYS L 132 54.56 -12.50 42.58
C LYS L 132 55.28 -13.48 43.46
N ALA L 133 54.72 -13.73 44.65
CA ALA L 133 55.35 -14.64 45.57
C ALA L 133 55.38 -15.98 44.92
N LEU L 134 54.26 -16.34 44.25
CA LEU L 134 54.11 -17.65 43.69
C LEU L 134 55.17 -17.84 42.66
N SER L 135 55.47 -16.77 41.90
CA SER L 135 56.30 -16.91 40.75
C SER L 135 57.61 -17.47 41.17
N VAL L 136 58.26 -18.21 40.24
CA VAL L 136 59.54 -18.78 40.49
C VAL L 136 60.37 -18.50 39.28
N PRO L 137 61.64 -18.70 39.40
CA PRO L 137 62.58 -18.25 38.42
C PRO L 137 62.32 -18.98 37.14
N CYS L 138 62.68 -18.39 36.00
CA CYS L 138 62.42 -19.01 34.73
C CYS L 138 63.34 -20.18 34.60
N SER L 139 62.87 -21.21 33.89
CA SER L 139 63.66 -22.39 33.69
C SER L 139 64.51 -22.17 32.47
N ASP L 140 65.22 -23.22 32.04
CA ASP L 140 66.22 -23.10 31.01
C ASP L 140 65.54 -23.03 29.68
N SER L 141 66.36 -23.09 28.62
CA SER L 141 65.93 -22.80 27.29
C SER L 141 64.84 -23.76 26.92
N LYS L 142 64.93 -25.01 27.42
CA LYS L 142 63.91 -25.97 27.07
C LYS L 142 62.63 -25.41 27.57
N ALA L 143 62.65 -24.86 28.80
CA ALA L 143 61.50 -24.23 29.34
C ALA L 143 61.18 -23.07 28.46
N ILE L 144 62.23 -22.37 27.99
CA ILE L 144 62.02 -21.16 27.26
C ILE L 144 61.21 -21.49 26.07
N ALA L 145 61.54 -22.62 25.40
CA ALA L 145 60.83 -22.99 24.23
C ALA L 145 59.40 -23.18 24.63
N GLN L 146 59.19 -23.81 25.81
CA GLN L 146 57.85 -24.06 26.26
C GLN L 146 57.18 -22.75 26.46
N VAL L 147 57.90 -21.77 27.03
CA VAL L 147 57.32 -20.48 27.23
C VAL L 147 56.95 -19.96 25.88
N GLY L 148 57.85 -20.16 24.90
CA GLY L 148 57.63 -19.66 23.58
C GLY L 148 56.39 -20.30 23.04
N THR L 149 56.22 -21.61 23.32
CA THR L 149 55.12 -22.33 22.75
C THR L 149 53.86 -21.73 23.28
N ILE L 150 53.85 -21.34 24.56
CA ILE L 150 52.63 -20.84 25.12
C ILE L 150 52.22 -19.63 24.33
N SER L 151 53.18 -18.72 24.07
CA SER L 151 52.88 -17.57 23.29
C SER L 151 52.53 -18.06 21.92
N ALA L 152 53.15 -19.19 21.54
CA ALA L 152 53.01 -19.77 20.25
C ALA L 152 51.57 -20.16 20.08
N ASN L 153 50.92 -20.56 21.18
CA ASN L 153 49.66 -21.21 21.04
C ASN L 153 49.90 -22.41 20.18
N SER L 154 50.81 -23.29 20.64
CA SER L 154 51.16 -24.49 19.95
C SER L 154 51.75 -24.15 18.63
N ASP L 155 52.48 -23.01 18.56
CA ASP L 155 53.29 -22.82 17.41
C ASP L 155 54.65 -23.30 17.78
N GLU L 156 54.98 -24.54 17.37
CA GLU L 156 56.22 -25.13 17.78
C GLU L 156 57.33 -24.33 17.20
N THR L 157 57.17 -23.90 15.94
CA THR L 157 58.25 -23.25 15.25
C THR L 157 58.61 -22.02 16.00
N VAL L 158 57.59 -21.23 16.41
CA VAL L 158 57.88 -19.96 16.99
C VAL L 158 58.70 -20.19 18.21
N GLY L 159 58.30 -21.16 19.05
CA GLY L 159 58.99 -21.37 20.29
C GLY L 159 60.40 -21.75 19.95
N LYS L 160 60.56 -22.63 18.95
CA LYS L 160 61.87 -23.10 18.62
C LYS L 160 62.67 -21.92 18.17
N LEU L 161 62.07 -21.06 17.33
CA LEU L 161 62.78 -19.96 16.76
C LEU L 161 63.20 -19.08 17.89
N ILE L 162 62.28 -18.83 18.84
CA ILE L 162 62.58 -17.91 19.89
C ILE L 162 63.72 -18.48 20.67
N ALA L 163 63.65 -19.78 20.99
CA ALA L 163 64.68 -20.38 21.79
C ALA L 163 65.95 -20.29 21.03
N GLU L 164 65.91 -20.63 19.73
CA GLU L 164 67.12 -20.70 18.98
C GLU L 164 67.72 -19.33 18.92
N ALA L 165 66.88 -18.33 18.63
CA ALA L 165 67.38 -16.99 18.50
C ALA L 165 67.91 -16.60 19.84
N MET L 166 67.17 -16.95 20.90
CA MET L 166 67.52 -16.53 22.21
C MET L 166 68.85 -17.10 22.56
N ASP L 167 69.08 -18.38 22.20
CA ASP L 167 70.31 -18.98 22.62
C ASP L 167 71.45 -18.23 22.01
N LYS L 168 71.38 -18.01 20.67
CA LYS L 168 72.52 -17.46 20.00
C LYS L 168 72.76 -16.07 20.50
N VAL L 169 71.69 -15.26 20.53
CA VAL L 169 71.83 -13.87 20.90
C VAL L 169 72.26 -13.83 22.32
N GLY L 170 71.66 -14.71 23.14
CA GLY L 170 71.75 -14.62 24.57
C GLY L 170 70.44 -14.04 25.01
N LYS L 171 69.99 -14.43 26.21
CA LYS L 171 68.71 -13.99 26.66
C LYS L 171 68.77 -12.51 26.76
N GLU L 172 69.87 -11.99 27.33
CA GLU L 172 69.99 -10.58 27.54
C GLU L 172 69.99 -9.92 26.20
N GLY L 173 70.68 -10.52 25.22
CA GLY L 173 70.84 -9.86 23.96
C GLY L 173 69.48 -9.68 23.39
N VAL L 174 69.28 -8.56 22.67
CA VAL L 174 68.00 -8.26 22.10
C VAL L 174 67.87 -9.06 20.85
N ILE L 175 66.63 -9.48 20.54
CA ILE L 175 66.39 -10.18 19.31
C ILE L 175 65.41 -9.37 18.54
N THR L 176 65.62 -9.26 17.22
CA THR L 176 64.72 -8.48 16.41
C THR L 176 64.10 -9.42 15.44
N VAL L 177 62.85 -9.12 15.02
CA VAL L 177 62.20 -9.98 14.09
C VAL L 177 62.03 -9.22 12.82
N GLU L 178 62.24 -9.90 11.68
CA GLU L 178 62.04 -9.29 10.40
C GLU L 178 61.23 -10.27 9.61
N ASP L 179 60.61 -9.80 8.51
CA ASP L 179 59.86 -10.72 7.71
C ASP L 179 60.84 -11.65 7.09
N GLY L 180 60.42 -12.91 6.86
CA GLY L 180 61.33 -13.89 6.36
C GLY L 180 61.60 -13.55 4.93
N THR L 181 62.84 -13.84 4.48
CA THR L 181 63.16 -13.67 3.10
C THR L 181 62.34 -14.63 2.33
N GLY L 182 62.25 -15.88 2.84
CA GLY L 182 61.58 -16.92 2.12
C GLY L 182 60.84 -17.74 3.12
N LEU L 183 60.26 -18.86 2.65
CA LEU L 183 59.43 -19.68 3.48
C LEU L 183 60.26 -20.16 4.63
N GLN L 184 61.50 -20.58 4.35
CA GLN L 184 62.31 -21.06 5.42
C GLN L 184 62.70 -19.88 6.24
N ASP L 185 62.72 -20.05 7.58
CA ASP L 185 63.12 -18.97 8.43
C ASP L 185 64.60 -18.84 8.29
N GLU L 186 65.13 -17.62 8.49
CA GLU L 186 66.55 -17.48 8.52
C GLU L 186 66.88 -16.79 9.80
N LEU L 187 67.89 -17.29 10.52
CA LEU L 187 68.34 -16.57 11.68
C LEU L 187 69.72 -16.09 11.36
N ASP L 188 69.91 -14.76 11.32
CA ASP L 188 71.22 -14.24 11.07
C ASP L 188 71.54 -13.32 12.20
N VAL L 189 72.74 -13.47 12.78
CA VAL L 189 73.17 -12.51 13.74
C VAL L 189 73.61 -11.31 12.94
N VAL L 190 73.29 -10.10 13.43
CA VAL L 190 73.64 -8.95 12.65
C VAL L 190 74.60 -8.13 13.46
N GLU L 191 75.66 -7.62 12.81
CA GLU L 191 76.59 -6.78 13.49
C GLU L 191 75.98 -5.43 13.57
N GLY L 192 76.28 -4.68 14.65
CA GLY L 192 75.80 -3.33 14.72
C GLY L 192 75.72 -2.96 16.16
N MET L 193 75.41 -1.67 16.42
CA MET L 193 75.27 -1.22 17.77
C MET L 193 73.92 -0.58 17.88
N GLN L 194 73.32 -0.65 19.07
CA GLN L 194 72.06 0.01 19.29
C GLN L 194 72.28 1.03 20.35
N PHE L 195 71.73 2.25 20.15
CA PHE L 195 71.84 3.28 21.15
C PHE L 195 70.47 3.81 21.37
N ASP L 196 70.11 4.12 22.62
CA ASP L 196 68.75 4.52 22.86
C ASP L 196 68.65 5.96 22.52
N ARG L 197 68.03 6.27 21.36
CA ARG L 197 67.80 7.63 21.00
C ARG L 197 66.41 7.71 20.44
N GLY L 198 65.76 8.88 20.61
CA GLY L 198 64.42 9.03 20.15
C GLY L 198 64.44 9.43 18.72
N TYR L 199 63.26 9.41 18.08
CA TYR L 199 63.11 10.01 16.80
C TYR L 199 62.65 11.40 17.04
N LEU L 200 63.24 12.37 16.33
CA LEU L 200 63.01 13.74 16.67
C LEU L 200 61.55 14.01 16.53
N SER L 201 60.94 13.59 15.41
CA SER L 201 59.55 13.88 15.23
C SER L 201 58.87 12.64 14.77
N PRO L 202 57.63 12.53 15.14
CA PRO L 202 56.77 11.46 14.73
C PRO L 202 56.62 11.52 13.25
N TYR L 203 56.91 12.69 12.66
CA TYR L 203 56.80 12.87 11.24
C TYR L 203 57.78 11.93 10.62
N PHE L 204 58.97 11.84 11.25
CA PHE L 204 60.02 11.00 10.77
C PHE L 204 59.50 9.60 10.77
N ILE L 205 58.68 9.26 11.79
CA ILE L 205 58.17 7.94 12.01
C ILE L 205 57.68 7.38 10.72
N ASN L 206 58.05 6.10 10.50
CA ASN L 206 57.88 5.47 9.22
C ASN L 206 56.47 5.03 9.08
N LYS L 207 56.17 4.43 7.91
CA LYS L 207 54.84 4.01 7.56
C LYS L 207 54.31 3.03 8.58
N PRO L 208 55.02 2.02 9.01
CA PRO L 208 54.38 0.93 9.69
C PRO L 208 53.72 1.36 10.96
N GLU L 209 52.74 0.56 11.42
CA GLU L 209 51.86 0.90 12.50
C GLU L 209 52.70 1.10 13.72
N THR L 210 53.75 0.29 13.87
CA THR L 210 54.54 0.35 15.06
C THR L 210 55.07 1.74 15.14
N GLY L 211 55.50 2.29 13.98
CA GLY L 211 55.94 3.65 13.98
C GLY L 211 57.42 3.64 14.11
N ALA L 212 58.00 2.45 14.34
CA ALA L 212 59.42 2.38 14.25
C ALA L 212 59.76 2.61 12.83
N VAL L 213 60.87 3.30 12.55
CA VAL L 213 61.17 3.59 11.19
C VAL L 213 62.28 2.69 10.77
N GLU L 214 62.11 2.02 9.62
CA GLU L 214 63.17 1.19 9.13
C GLU L 214 63.60 1.79 7.84
N LEU L 215 64.93 1.90 7.64
CA LEU L 215 65.42 2.43 6.41
C LEU L 215 66.12 1.31 5.71
N GLU L 216 65.99 1.25 4.38
CA GLU L 216 66.68 0.23 3.66
C GLU L 216 67.96 0.82 3.19
N SER L 217 69.08 0.12 3.47
CA SER L 217 70.38 0.61 3.17
C SER L 217 70.53 2.04 3.61
N PRO L 218 70.33 2.38 4.86
CA PRO L 218 70.36 3.74 5.28
C PRO L 218 71.75 4.26 5.11
N PHE L 219 71.91 5.59 4.92
CA PHE L 219 73.20 6.19 4.94
C PHE L 219 73.31 6.87 6.26
N ILE L 220 74.49 6.81 6.89
CA ILE L 220 74.55 7.43 8.20
C ILE L 220 75.48 8.58 8.11
N LEU L 221 74.98 9.77 8.48
CA LEU L 221 75.86 10.90 8.63
C LEU L 221 75.96 11.16 10.09
N LEU L 222 77.19 11.22 10.62
CA LEU L 222 77.32 11.49 12.01
C LEU L 222 77.96 12.84 12.14
N ALA L 223 77.36 13.71 12.96
CA ALA L 223 78.02 14.94 13.27
C ALA L 223 78.21 14.96 14.74
N ASP L 224 79.43 15.32 15.19
CA ASP L 224 79.66 15.46 16.59
C ASP L 224 78.82 16.61 17.03
N LYS L 225 78.81 17.67 16.21
CA LYS L 225 78.05 18.83 16.54
C LYS L 225 76.61 18.53 16.29
N LYS L 226 75.73 19.24 16.99
CA LYS L 226 74.32 19.08 16.80
C LYS L 226 74.01 19.65 15.45
N ILE L 227 72.98 19.14 14.77
CA ILE L 227 72.68 19.69 13.48
C ILE L 227 71.64 20.74 13.72
N SER L 228 72.12 21.99 13.85
CA SER L 228 71.24 23.08 14.19
C SER L 228 70.27 23.29 13.06
N ASN L 229 70.80 23.50 11.85
CA ASN L 229 69.95 24.02 10.82
C ASN L 229 70.13 23.21 9.58
N ILE L 230 69.24 23.45 8.60
CA ILE L 230 69.24 22.74 7.35
C ILE L 230 70.50 23.07 6.63
N ARG L 231 70.94 24.34 6.68
CA ARG L 231 71.92 24.83 5.75
C ARG L 231 73.16 24.00 5.88
N GLU L 232 73.60 23.74 7.13
CA GLU L 232 74.78 22.96 7.32
C GLU L 232 74.53 21.61 6.75
N MET L 233 73.31 21.11 6.96
CA MET L 233 72.92 19.79 6.53
C MET L 233 72.98 19.73 5.04
N LEU L 234 72.64 20.84 4.37
CA LEU L 234 72.25 20.83 2.99
C LEU L 234 73.34 20.21 2.17
N PRO L 235 74.57 20.58 2.32
CA PRO L 235 75.58 20.07 1.43
C PRO L 235 75.67 18.58 1.59
N VAL L 236 75.36 18.06 2.78
CA VAL L 236 75.30 16.64 2.97
C VAL L 236 74.19 16.12 2.11
N LEU L 237 73.07 16.84 2.14
CA LEU L 237 71.87 16.46 1.46
C LEU L 237 72.13 16.41 -0.01
N GLU L 238 72.92 17.37 -0.52
CA GLU L 238 73.12 17.43 -1.94
C GLU L 238 73.75 16.14 -2.36
N ALA L 239 74.74 15.67 -1.58
CA ALA L 239 75.36 14.42 -1.88
C ALA L 239 74.28 13.39 -1.80
N VAL L 240 73.37 13.58 -0.82
CA VAL L 240 72.30 12.67 -0.57
C VAL L 240 71.47 12.59 -1.81
N ALA L 241 71.34 13.71 -2.55
CA ALA L 241 70.50 13.68 -3.71
C ALA L 241 71.04 12.64 -4.64
N LYS L 242 72.37 12.60 -4.79
CA LYS L 242 73.00 11.60 -5.60
C LYS L 242 72.69 10.29 -4.99
N ALA L 243 72.62 10.29 -3.64
CA ALA L 243 72.20 9.17 -2.86
C ALA L 243 70.74 9.00 -3.12
N GLY L 244 69.98 8.59 -2.09
CA GLY L 244 68.61 8.21 -2.34
C GLY L 244 68.43 6.87 -1.71
N LYS L 245 69.54 6.17 -1.44
CA LYS L 245 69.42 5.19 -0.39
C LYS L 245 69.14 5.99 0.83
N PRO L 246 68.26 5.52 1.66
CA PRO L 246 67.63 6.38 2.60
C PRO L 246 68.65 6.96 3.52
N LEU L 247 68.45 8.22 3.96
CA LEU L 247 69.47 8.88 4.71
C LEU L 247 69.04 8.91 6.15
N LEU L 248 69.97 8.52 7.04
CA LEU L 248 69.77 8.68 8.45
C LEU L 248 70.76 9.71 8.87
N ILE L 249 70.35 10.61 9.79
CA ILE L 249 71.25 11.65 10.20
C ILE L 249 71.44 11.51 11.66
N ILE L 250 72.70 11.61 12.12
CA ILE L 250 72.95 11.60 13.53
C ILE L 250 73.49 12.94 13.86
N ALA L 251 72.83 13.64 14.79
CA ALA L 251 73.29 14.93 15.19
C ALA L 251 73.22 14.96 16.68
N GLU L 252 74.08 15.79 17.31
CA GLU L 252 74.04 15.83 18.74
C GLU L 252 72.68 16.29 19.12
N ASP L 253 72.21 17.38 18.49
CA ASP L 253 70.87 17.82 18.73
C ASP L 253 70.36 18.41 17.47
N VAL L 254 69.13 18.02 17.05
CA VAL L 254 68.57 18.78 15.99
C VAL L 254 67.43 19.54 16.57
N GLU L 255 67.46 20.88 16.46
CA GLU L 255 66.33 21.61 16.95
C GLU L 255 65.22 21.30 16.00
N GLY L 256 64.06 20.92 16.55
CA GLY L 256 63.05 20.41 15.69
C GLY L 256 62.62 21.48 14.76
N GLU L 257 62.33 22.68 15.30
CA GLU L 257 61.62 23.62 14.49
C GLU L 257 62.45 24.01 13.32
N ALA L 258 63.71 24.44 13.58
CA ALA L 258 64.44 25.03 12.49
C ALA L 258 64.67 23.99 11.45
N LEU L 259 65.23 22.84 11.85
CA LEU L 259 65.58 21.86 10.86
C LEU L 259 64.35 21.29 10.25
N ALA L 260 63.41 20.85 11.12
CA ALA L 260 62.30 20.09 10.63
C ALA L 260 61.48 20.95 9.73
N THR L 261 61.26 22.21 10.14
CA THR L 261 60.35 23.03 9.38
C THR L 261 60.91 23.16 8.00
N LEU L 262 62.19 23.55 7.90
CA LEU L 262 62.75 23.74 6.60
C LEU L 262 62.77 22.43 5.90
N VAL L 263 63.24 21.38 6.59
CA VAL L 263 63.48 20.14 5.91
C VAL L 263 62.19 19.62 5.38
N VAL L 264 61.16 19.52 6.25
CA VAL L 264 59.98 18.84 5.83
C VAL L 264 59.37 19.62 4.71
N ASN L 265 59.09 20.91 4.95
CA ASN L 265 58.36 21.67 3.98
C ASN L 265 59.21 21.82 2.76
N THR L 266 60.45 22.33 2.94
CA THR L 266 61.25 22.69 1.81
C THR L 266 61.62 21.45 1.08
N MET L 267 62.05 20.41 1.83
CA MET L 267 62.61 19.26 1.21
C MET L 267 61.50 18.31 0.91
N ARG L 268 61.51 17.77 -0.32
CA ARG L 268 60.52 16.79 -0.68
C ARG L 268 60.72 15.63 0.22
N GLY L 269 61.99 15.26 0.47
CA GLY L 269 62.24 14.17 1.36
C GLY L 269 61.88 12.92 0.62
N ILE L 270 62.08 12.92 -0.70
CA ILE L 270 61.72 11.76 -1.47
C ILE L 270 62.52 10.64 -0.93
N VAL L 271 63.83 10.86 -0.73
CA VAL L 271 64.62 9.87 -0.06
C VAL L 271 64.25 9.97 1.38
N LYS L 272 64.19 8.82 2.08
CA LYS L 272 63.79 8.86 3.45
C LYS L 272 64.88 9.52 4.22
N VAL L 273 64.51 10.38 5.19
CA VAL L 273 65.50 10.96 6.03
C VAL L 273 65.08 10.72 7.43
N ALA L 274 66.06 10.51 8.33
CA ALA L 274 65.75 10.35 9.71
C ALA L 274 66.77 11.14 10.47
N ALA L 275 66.43 11.59 11.70
CA ALA L 275 67.41 12.26 12.49
C ALA L 275 67.38 11.63 13.83
N VAL L 276 68.56 11.48 14.47
CA VAL L 276 68.60 10.99 15.81
C VAL L 276 69.61 11.80 16.55
N LYS L 277 69.44 11.92 17.87
CA LYS L 277 70.43 12.61 18.64
C LYS L 277 71.56 11.67 18.83
N ALA L 278 72.79 12.20 18.88
CA ALA L 278 73.93 11.34 19.05
C ALA L 278 73.88 10.83 20.45
N PRO L 279 74.24 9.60 20.61
CA PRO L 279 74.11 8.93 21.87
C PRO L 279 75.06 9.54 22.84
N GLY L 280 74.70 9.57 24.13
CA GLY L 280 75.63 9.98 25.13
C GLY L 280 75.74 11.46 25.06
N PHE L 281 76.56 12.04 25.97
CA PHE L 281 76.83 13.45 25.91
C PHE L 281 78.26 13.63 26.28
N GLY L 282 78.84 14.79 25.92
CA GLY L 282 80.18 15.09 26.34
C GLY L 282 81.11 14.23 25.56
N ASP L 283 82.27 13.93 26.16
CA ASP L 283 83.29 13.18 25.50
C ASP L 283 82.74 11.83 25.20
N ARG L 284 81.95 11.29 26.16
CA ARG L 284 81.42 9.97 26.00
C ARG L 284 80.59 9.97 24.76
N ARG L 285 79.82 11.05 24.56
CA ARG L 285 78.96 11.11 23.41
C ARG L 285 79.84 11.04 22.20
N LYS L 286 80.95 11.79 22.22
CA LYS L 286 81.82 11.80 21.08
C LYS L 286 82.32 10.42 20.89
N ALA L 287 82.71 9.77 22.01
CA ALA L 287 83.29 8.46 21.93
C ALA L 287 82.28 7.54 21.33
N MET L 288 81.01 7.68 21.74
CA MET L 288 79.98 6.82 21.24
C MET L 288 79.89 7.07 19.78
N LEU L 289 80.00 8.34 19.38
CA LEU L 289 79.87 8.67 17.99
C LEU L 289 80.97 7.98 17.27
N GLN L 290 82.18 7.98 17.84
CA GLN L 290 83.30 7.38 17.18
C GLN L 290 83.00 5.93 17.01
N ASP L 291 82.46 5.30 18.06
CA ASP L 291 82.20 3.90 18.01
C ASP L 291 81.20 3.67 16.91
N ILE L 292 80.17 4.53 16.84
CA ILE L 292 79.15 4.36 15.85
C ILE L 292 79.80 4.51 14.51
N ALA L 293 80.67 5.52 14.39
CA ALA L 293 81.23 5.86 13.11
C ALA L 293 82.01 4.68 12.63
N THR L 294 82.76 4.02 13.52
CA THR L 294 83.54 2.90 13.10
C THR L 294 82.60 1.83 12.64
N LEU L 295 81.54 1.60 13.43
CA LEU L 295 80.64 0.52 13.13
C LEU L 295 79.98 0.80 11.82
N THR L 296 79.59 2.07 11.58
CA THR L 296 78.98 2.42 10.33
C THR L 296 80.01 2.25 9.27
N GLY L 297 81.26 2.63 9.57
CA GLY L 297 82.30 2.61 8.59
C GLY L 297 82.34 3.98 8.00
N GLY L 298 81.41 4.86 8.43
CA GLY L 298 81.42 6.22 7.97
C GLY L 298 82.37 6.96 8.83
N THR L 299 82.51 8.27 8.58
CA THR L 299 83.38 9.09 9.37
C THR L 299 82.54 10.14 9.99
N VAL L 300 83.02 10.72 11.11
CA VAL L 300 82.27 11.73 11.77
C VAL L 300 83.00 13.02 11.58
N ILE L 301 82.24 14.13 11.49
CA ILE L 301 82.86 15.41 11.31
C ILE L 301 82.56 16.23 12.52
N SER L 302 83.58 16.93 13.04
CA SER L 302 83.34 17.77 14.18
C SER L 302 83.93 19.10 13.88
N GLU L 303 83.46 20.13 14.59
CA GLU L 303 84.00 21.45 14.42
C GLU L 303 85.42 21.41 14.86
N GLU L 304 85.69 20.66 15.95
CA GLU L 304 87.01 20.62 16.49
C GLU L 304 87.91 20.09 15.43
N ILE L 305 87.45 19.04 14.72
CA ILE L 305 88.23 18.52 13.64
C ILE L 305 88.31 19.62 12.64
N GLY L 306 87.20 20.33 12.42
CA GLY L 306 87.19 21.40 11.47
C GLY L 306 86.78 20.84 10.15
N MET L 307 86.40 19.55 10.13
CA MET L 307 85.88 18.99 8.92
C MET L 307 84.58 19.67 8.69
N GLU L 308 84.19 19.83 7.41
CA GLU L 308 82.98 20.52 7.12
C GLU L 308 81.98 19.52 6.68
N LEU L 309 80.71 19.71 7.09
CA LEU L 309 79.67 18.82 6.68
C LEU L 309 79.56 18.94 5.20
N GLU L 310 79.64 20.19 4.70
CA GLU L 310 79.51 20.43 3.30
C GLU L 310 80.63 19.70 2.63
N LYS L 311 81.84 19.80 3.21
CA LYS L 311 82.99 19.19 2.62
C LYS L 311 82.77 17.72 2.60
N ALA L 312 82.20 17.17 3.69
CA ALA L 312 82.11 15.74 3.80
C ALA L 312 81.27 15.27 2.65
N THR L 313 81.68 14.12 2.06
CA THR L 313 80.97 13.58 0.94
C THR L 313 80.08 12.49 1.42
N LEU L 314 79.48 11.76 0.47
CA LEU L 314 78.66 10.63 0.77
C LEU L 314 79.54 9.61 1.39
N GLU L 315 80.79 9.50 0.89
CA GLU L 315 81.66 8.44 1.29
C GLU L 315 81.83 8.55 2.77
N ASP L 316 81.94 9.78 3.27
CA ASP L 316 82.15 9.96 4.68
C ASP L 316 80.98 9.33 5.37
N LEU L 317 79.77 9.53 4.82
CA LEU L 317 78.62 8.95 5.46
C LEU L 317 78.76 7.47 5.33
N GLY L 318 78.40 6.75 6.41
CA GLY L 318 78.49 5.32 6.37
C GLY L 318 77.21 4.82 5.80
N GLN L 319 77.08 3.49 5.66
CA GLN L 319 75.82 2.95 5.23
C GLN L 319 75.45 1.86 6.18
N ALA L 320 74.14 1.59 6.31
CA ALA L 320 73.70 0.52 7.14
C ALA L 320 72.87 -0.37 6.27
N LYS L 321 72.83 -1.67 6.58
CA LYS L 321 72.02 -2.54 5.79
C LYS L 321 70.62 -2.08 5.96
N ARG L 322 70.19 -1.90 7.23
CA ARG L 322 68.90 -1.34 7.50
C ARG L 322 68.99 -0.70 8.85
N VAL L 323 68.13 0.30 9.10
CA VAL L 323 68.11 0.87 10.41
C VAL L 323 66.71 0.83 10.89
N VAL L 324 66.51 0.57 12.20
CA VAL L 324 65.20 0.65 12.75
C VAL L 324 65.26 1.67 13.84
N ILE L 325 64.24 2.54 13.91
CA ILE L 325 64.25 3.54 14.93
C ILE L 325 62.94 3.45 15.66
N ASN L 326 63.01 3.54 17.00
CA ASN L 326 61.81 3.69 17.76
C ASN L 326 62.01 4.86 18.66
N LYS L 327 60.92 5.33 19.29
CA LYS L 327 61.03 6.54 20.05
C LYS L 327 62.02 6.31 21.14
N ASP L 328 61.91 5.15 21.82
CA ASP L 328 62.79 4.92 22.93
C ASP L 328 64.20 4.87 22.42
N THR L 329 64.44 4.09 21.34
CA THR L 329 65.80 3.80 20.99
C THR L 329 65.93 3.82 19.50
N THR L 330 67.16 4.05 18.99
CA THR L 330 67.39 3.91 17.59
C THR L 330 68.47 2.92 17.41
N THR L 331 68.29 1.96 16.48
CA THR L 331 69.30 0.97 16.33
C THR L 331 69.65 0.88 14.88
N ILE L 332 70.88 0.41 14.59
CA ILE L 332 71.26 0.11 13.25
C ILE L 332 71.43 -1.36 13.20
N ILE L 333 70.69 -2.04 12.29
CA ILE L 333 70.74 -3.47 12.33
C ILE L 333 72.14 -3.89 12.01
N ASP L 334 72.69 -3.36 10.91
CA ASP L 334 74.03 -3.73 10.56
C ASP L 334 74.65 -2.57 9.84
N GLY L 335 75.67 -1.95 10.44
CA GLY L 335 76.43 -0.98 9.71
C GLY L 335 77.37 -1.75 8.83
N VAL L 336 77.71 -1.21 7.65
CA VAL L 336 78.67 -1.90 6.83
C VAL L 336 79.95 -1.93 7.60
N GLY L 337 80.40 -0.76 8.06
CA GLY L 337 81.51 -0.68 8.96
C GLY L 337 82.77 -0.87 8.19
N GLU L 338 83.91 -0.62 8.85
CA GLU L 338 85.16 -1.06 8.34
C GLU L 338 85.58 -2.15 9.26
N GLU L 339 85.89 -3.34 8.70
CA GLU L 339 86.08 -4.46 9.57
C GLU L 339 87.27 -4.17 10.42
N ALA L 340 88.38 -3.73 9.81
CA ALA L 340 89.56 -3.49 10.55
C ALA L 340 89.31 -2.37 11.51
N ALA L 341 88.66 -1.29 11.00
CA ALA L 341 88.54 -0.10 11.79
C ALA L 341 87.72 -0.41 13.00
N ILE L 342 86.61 -1.14 12.80
CA ILE L 342 85.68 -1.34 13.88
C ILE L 342 86.39 -2.13 14.94
N GLN L 343 87.09 -3.19 14.53
CA GLN L 343 87.68 -4.07 15.49
C GLN L 343 88.69 -3.30 16.27
N GLY L 344 89.50 -2.48 15.58
CA GLY L 344 90.58 -1.81 16.24
C GLY L 344 90.02 -0.92 17.29
N ARG L 345 88.93 -0.20 16.94
CA ARG L 345 88.39 0.75 17.87
C ARG L 345 87.90 0.00 19.06
N VAL L 346 87.24 -1.15 18.83
CA VAL L 346 86.68 -1.87 19.92
C VAL L 346 87.79 -2.23 20.84
N ALA L 347 88.91 -2.71 20.28
CA ALA L 347 90.00 -3.13 21.09
C ALA L 347 90.49 -1.95 21.86
N GLN L 348 90.58 -0.79 21.20
CA GLN L 348 91.12 0.37 21.84
C GLN L 348 90.22 0.70 22.99
N ILE L 349 88.90 0.66 22.76
CA ILE L 349 87.97 0.99 23.79
C ILE L 349 88.14 -0.01 24.88
N ARG L 350 88.26 -1.30 24.51
CA ARG L 350 88.33 -2.35 25.48
C ARG L 350 89.52 -2.10 26.33
N GLN L 351 90.64 -1.71 25.70
CA GLN L 351 91.83 -1.48 26.45
C GLN L 351 91.54 -0.36 27.39
N GLN L 352 90.80 0.66 26.90
CA GLN L 352 90.53 1.82 27.70
C GLN L 352 89.76 1.38 28.89
N ILE L 353 88.82 0.45 28.71
CA ILE L 353 87.94 0.10 29.79
C ILE L 353 88.79 -0.43 30.89
N GLU L 354 89.72 -1.35 30.56
CA GLU L 354 90.60 -1.89 31.56
C GLU L 354 91.44 -0.76 32.05
N GLU L 355 91.89 0.10 31.13
CA GLU L 355 92.88 1.08 31.45
C GLU L 355 92.33 2.00 32.50
N ALA L 356 91.07 2.43 32.34
CA ALA L 356 90.60 3.49 33.18
C ALA L 356 90.63 3.02 34.59
N THR L 357 91.22 3.84 35.47
CA THR L 357 91.24 3.52 36.87
C THR L 357 89.85 3.60 37.38
N SER L 358 89.14 4.68 37.01
CA SER L 358 87.88 4.96 37.63
C SER L 358 86.86 4.01 37.11
N ASP L 359 85.83 3.74 37.94
CA ASP L 359 84.74 2.92 37.53
C ASP L 359 84.02 3.63 36.44
N TYR L 360 83.86 4.97 36.59
CA TYR L 360 83.03 5.70 35.69
C TYR L 360 83.60 5.58 34.32
N ASP L 361 84.93 5.77 34.19
CA ASP L 361 85.53 5.71 32.90
C ASP L 361 85.32 4.34 32.36
N ARG L 362 85.51 3.33 33.24
CA ARG L 362 85.42 1.97 32.80
C ARG L 362 84.04 1.74 32.28
N GLU L 363 83.03 2.24 33.02
CA GLU L 363 81.67 1.93 32.69
C GLU L 363 81.38 2.47 31.33
N LYS L 364 81.79 3.72 31.05
CA LYS L 364 81.43 4.30 29.81
C LYS L 364 82.06 3.49 28.72
N LEU L 365 83.36 3.15 28.90
CA LEU L 365 84.06 2.43 27.87
C LEU L 365 83.42 1.10 27.71
N GLN L 366 83.11 0.43 28.83
CA GLN L 366 82.61 -0.91 28.75
C GLN L 366 81.30 -0.87 28.04
N GLU L 367 80.48 0.15 28.34
CA GLU L 367 79.19 0.23 27.72
C GLU L 367 79.42 0.36 26.25
N ARG L 368 80.39 1.21 25.86
CA ARG L 368 80.59 1.48 24.47
C ARG L 368 80.95 0.21 23.78
N VAL L 369 81.90 -0.55 24.36
CA VAL L 369 82.36 -1.74 23.71
C VAL L 369 81.21 -2.70 23.64
N ALA L 370 80.42 -2.76 24.72
CA ALA L 370 79.41 -3.77 24.83
C ALA L 370 78.45 -3.59 23.71
N LYS L 371 78.09 -2.33 23.39
CA LYS L 371 77.07 -2.11 22.42
C LYS L 371 77.54 -2.71 21.13
N LEU L 372 78.79 -2.41 20.73
CA LEU L 372 79.28 -2.91 19.48
C LEU L 372 79.33 -4.40 19.57
N ALA L 373 79.87 -4.91 20.70
CA ALA L 373 80.13 -6.31 20.80
C ALA L 373 78.84 -7.05 20.71
N GLY L 374 77.80 -6.56 21.41
CA GLY L 374 76.61 -7.34 21.54
C GLY L 374 76.06 -7.58 20.18
N GLY L 375 75.99 -6.51 19.35
CA GLY L 375 75.44 -6.67 18.05
C GLY L 375 73.97 -6.83 18.22
N VAL L 376 73.27 -7.23 17.14
CA VAL L 376 71.87 -7.48 17.24
C VAL L 376 71.62 -8.79 16.56
N ALA L 377 70.51 -9.47 16.91
CA ALA L 377 70.17 -10.67 16.23
C ALA L 377 68.90 -10.43 15.51
N VAL L 378 68.77 -10.99 14.29
CA VAL L 378 67.57 -10.80 13.55
C VAL L 378 66.99 -12.15 13.28
N ILE L 379 65.64 -12.24 13.29
CA ILE L 379 65.01 -13.48 12.98
C ILE L 379 64.13 -13.25 11.81
N LYS L 380 64.16 -14.17 10.83
CA LYS L 380 63.27 -14.01 9.71
C LYS L 380 62.25 -15.10 9.84
N VAL L 381 60.98 -14.78 9.50
CA VAL L 381 59.97 -15.79 9.56
C VAL L 381 59.50 -16.03 8.17
N GLY L 382 59.55 -17.30 7.73
CA GLY L 382 59.05 -17.62 6.42
C GLY L 382 57.59 -17.88 6.57
N ALA L 383 56.90 -18.01 5.43
CA ALA L 383 55.51 -18.38 5.49
C ALA L 383 55.16 -19.00 4.19
N ALA L 384 54.07 -19.79 4.18
CA ALA L 384 53.59 -20.32 2.94
C ALA L 384 53.18 -19.17 2.10
N THR L 385 52.49 -18.19 2.72
CA THR L 385 52.04 -17.04 1.98
C THR L 385 52.50 -15.84 2.73
N GLU L 386 52.44 -14.67 2.07
CA GLU L 386 52.88 -13.45 2.68
C GLU L 386 52.00 -13.20 3.86
N VAL L 387 50.70 -13.42 3.70
CA VAL L 387 49.76 -13.12 4.73
C VAL L 387 50.13 -13.94 5.92
N GLU L 388 50.42 -15.24 5.69
CA GLU L 388 50.71 -16.12 6.79
C GLU L 388 51.91 -15.59 7.48
N MET L 389 52.90 -15.13 6.71
CA MET L 389 54.16 -14.74 7.28
C MET L 389 53.89 -13.60 8.21
N LYS L 390 53.04 -12.65 7.79
CA LYS L 390 52.81 -11.50 8.59
C LYS L 390 52.21 -11.97 9.88
N GLU L 391 51.23 -12.89 9.79
CA GLU L 391 50.57 -13.35 10.97
C GLU L 391 51.57 -14.03 11.83
N LYS L 392 52.42 -14.87 11.22
CA LYS L 392 53.35 -15.64 11.99
C LYS L 392 54.28 -14.68 12.66
N LYS L 393 54.70 -13.65 11.92
CA LYS L 393 55.68 -12.74 12.45
C LYS L 393 55.10 -12.09 13.67
N ALA L 394 53.82 -11.69 13.59
CA ALA L 394 53.23 -10.97 14.67
C ALA L 394 53.25 -11.87 15.87
N ARG L 395 52.89 -13.15 15.66
CA ARG L 395 52.82 -14.06 16.75
C ARG L 395 54.19 -14.20 17.33
N VAL L 396 55.20 -14.30 16.44
CA VAL L 396 56.53 -14.53 16.89
C VAL L 396 56.94 -13.39 17.78
N GLU L 397 56.62 -12.16 17.34
CA GLU L 397 57.07 -11.01 18.08
C GLU L 397 56.47 -11.08 19.44
N ALA L 398 55.17 -11.42 19.52
CA ALA L 398 54.51 -11.41 20.78
C ALA L 398 55.19 -12.41 21.66
N ALA L 399 55.51 -13.58 21.10
CA ALA L 399 56.07 -14.64 21.88
C ALA L 399 57.37 -14.15 22.44
N LEU L 400 58.16 -13.47 21.61
CA LEU L 400 59.49 -13.11 22.02
C LEU L 400 59.38 -12.23 23.21
N HIS L 401 58.46 -11.24 23.17
CA HIS L 401 58.38 -10.32 24.26
C HIS L 401 58.00 -11.10 25.48
N ALA L 402 57.02 -12.01 25.35
CA ALA L 402 56.54 -12.71 26.49
C ALA L 402 57.67 -13.51 27.04
N THR L 403 58.44 -14.17 26.15
CA THR L 403 59.46 -15.06 26.62
C THR L 403 60.46 -14.26 27.38
N ARG L 404 60.87 -13.10 26.83
CA ARG L 404 61.91 -12.34 27.45
C ARG L 404 61.44 -11.93 28.81
N ALA L 405 60.19 -11.44 28.89
CA ALA L 405 59.68 -11.00 30.15
C ALA L 405 59.64 -12.19 31.06
N ALA L 406 59.19 -13.34 30.50
CA ALA L 406 58.95 -14.48 31.33
C ALA L 406 60.22 -14.89 31.97
N VAL L 407 61.32 -14.92 31.19
CA VAL L 407 62.52 -15.48 31.72
C VAL L 407 62.96 -14.67 32.90
N GLU L 408 62.98 -13.33 32.75
CA GLU L 408 63.53 -12.51 33.79
C GLU L 408 62.67 -12.67 35.02
N GLU L 409 61.35 -12.60 34.83
CA GLU L 409 60.47 -12.63 35.95
C GLU L 409 60.62 -13.96 36.59
N GLY L 410 60.78 -15.01 35.75
CA GLY L 410 60.64 -16.35 36.20
C GLY L 410 59.25 -16.72 35.82
N VAL L 411 58.95 -18.03 35.75
CA VAL L 411 57.69 -18.40 35.20
C VAL L 411 56.85 -19.01 36.27
N VAL L 412 55.57 -18.58 36.34
CA VAL L 412 54.63 -19.15 37.25
C VAL L 412 54.01 -20.33 36.58
N ALA L 413 53.39 -21.22 37.37
CA ALA L 413 52.79 -22.38 36.77
C ALA L 413 51.76 -21.91 35.82
N GLY L 414 51.62 -22.60 34.68
CA GLY L 414 50.69 -22.18 33.68
C GLY L 414 49.39 -22.84 33.96
N GLY L 415 48.43 -22.69 33.03
CA GLY L 415 47.17 -23.37 33.15
C GLY L 415 46.27 -22.51 33.98
N GLY L 416 46.74 -21.29 34.34
CA GLY L 416 45.92 -20.44 35.13
C GLY L 416 45.96 -20.97 36.52
N VAL L 417 46.95 -21.84 36.79
CA VAL L 417 47.08 -22.44 38.08
C VAL L 417 47.31 -21.34 39.05
N ALA L 418 48.17 -20.38 38.70
CA ALA L 418 48.47 -19.33 39.61
C ALA L 418 47.20 -18.60 39.88
N LEU L 419 46.41 -18.36 38.82
CA LEU L 419 45.23 -17.56 38.97
C LEU L 419 44.30 -18.25 39.90
N ILE L 420 44.09 -19.57 39.72
CA ILE L 420 43.14 -20.25 40.54
C ILE L 420 43.66 -20.22 41.94
N ARG L 421 44.97 -20.50 42.11
CA ARG L 421 45.53 -20.64 43.42
C ARG L 421 45.35 -19.36 44.16
N VAL L 422 45.65 -18.23 43.50
CA VAL L 422 45.62 -16.96 44.17
C VAL L 422 44.22 -16.70 44.62
N ALA L 423 43.24 -17.07 43.79
CA ALA L 423 41.89 -16.66 44.02
C ALA L 423 41.47 -17.19 45.35
N SER L 424 41.85 -18.44 45.67
CA SER L 424 41.39 -19.04 46.89
C SER L 424 41.84 -18.18 48.02
N LYS L 425 43.12 -17.76 47.98
CA LYS L 425 43.64 -16.93 49.04
C LYS L 425 42.87 -15.66 49.04
N LEU L 426 42.57 -15.15 47.82
CA LEU L 426 41.95 -13.88 47.66
C LEU L 426 40.60 -13.93 48.32
N ALA L 427 39.92 -15.08 48.21
CA ALA L 427 38.55 -15.17 48.61
C ALA L 427 38.47 -14.80 50.06
N ASP L 428 39.46 -15.23 50.86
CA ASP L 428 39.38 -14.97 52.27
C ASP L 428 39.33 -13.50 52.46
N LEU L 429 40.12 -12.75 51.68
CA LEU L 429 40.16 -11.33 51.88
C LEU L 429 38.79 -10.80 51.58
N ARG L 430 38.37 -9.77 52.35
CA ARG L 430 37.07 -9.22 52.18
C ARG L 430 37.23 -7.80 51.76
N GLY L 431 36.25 -7.28 50.99
CA GLY L 431 36.27 -5.91 50.60
C GLY L 431 35.72 -5.12 51.74
N GLN L 432 35.77 -3.78 51.62
CA GLN L 432 35.32 -2.93 52.69
C GLN L 432 33.86 -3.16 52.87
N ASN L 433 33.11 -3.20 51.77
CA ASN L 433 31.68 -3.32 51.90
C ASN L 433 31.23 -4.44 51.02
N GLU L 434 29.96 -4.86 51.19
CA GLU L 434 29.48 -6.06 50.58
C GLU L 434 29.59 -5.90 49.11
N ASP L 435 29.27 -4.70 48.59
CA ASP L 435 29.29 -4.51 47.18
C ASP L 435 30.69 -4.77 46.73
N GLN L 436 31.67 -4.28 47.51
CA GLN L 436 33.04 -4.52 47.18
C GLN L 436 33.27 -5.99 47.28
N ASN L 437 32.66 -6.64 48.29
CA ASN L 437 32.93 -8.02 48.53
C ASN L 437 32.56 -8.79 47.30
N VAL L 438 31.36 -8.50 46.75
CA VAL L 438 30.89 -9.30 45.65
C VAL L 438 31.85 -9.11 44.52
N GLY L 439 32.32 -7.86 44.31
CA GLY L 439 33.18 -7.58 43.22
C GLY L 439 34.42 -8.40 43.40
N ILE L 440 34.90 -8.49 44.65
CA ILE L 440 36.11 -9.21 44.89
C ILE L 440 35.87 -10.62 44.50
N LYS L 441 34.71 -11.17 44.90
CA LYS L 441 34.40 -12.54 44.60
C LYS L 441 34.37 -12.67 43.11
N VAL L 442 33.80 -11.67 42.43
CA VAL L 442 33.64 -11.74 41.02
C VAL L 442 34.99 -11.89 40.41
N ALA L 443 35.96 -11.10 40.90
CA ALA L 443 37.26 -11.12 40.31
C ALA L 443 37.80 -12.50 40.46
N LEU L 444 37.59 -13.11 41.64
CA LEU L 444 38.12 -14.41 41.90
C LEU L 444 37.51 -15.35 40.92
N ARG L 445 36.19 -15.20 40.69
CA ARG L 445 35.50 -16.09 39.80
C ARG L 445 36.12 -15.93 38.46
N ALA L 446 36.43 -14.68 38.08
CA ALA L 446 36.92 -14.41 36.77
C ALA L 446 38.19 -15.17 36.57
N MET L 447 39.05 -15.20 37.60
CA MET L 447 40.34 -15.81 37.46
C MET L 447 40.12 -17.26 37.16
N GLU L 448 39.15 -17.88 37.84
CA GLU L 448 38.94 -19.30 37.75
C GLU L 448 38.60 -19.64 36.34
N ALA L 449 37.85 -18.76 35.66
CA ALA L 449 37.19 -19.13 34.44
C ALA L 449 38.20 -19.60 33.43
N PRO L 450 39.29 -18.93 33.20
CA PRO L 450 40.11 -19.28 32.08
C PRO L 450 40.64 -20.67 32.22
N LEU L 451 40.78 -21.17 33.46
CA LEU L 451 41.24 -22.52 33.64
C LEU L 451 40.19 -23.40 33.05
N ARG L 452 38.92 -23.05 33.30
CA ARG L 452 37.81 -23.84 32.87
C ARG L 452 37.84 -23.89 31.38
N GLN L 453 38.15 -22.76 30.73
CA GLN L 453 38.04 -22.69 29.30
C GLN L 453 38.95 -23.72 28.72
N ILE L 454 40.16 -23.84 29.29
CA ILE L 454 41.11 -24.79 28.77
C ILE L 454 40.50 -26.14 28.93
N VAL L 455 39.90 -26.40 30.11
CA VAL L 455 39.34 -27.68 30.41
C VAL L 455 38.27 -27.97 29.41
N LEU L 456 37.44 -26.95 29.12
CA LEU L 456 36.31 -27.14 28.25
C LEU L 456 36.85 -27.57 26.94
N ASN L 457 37.97 -26.95 26.52
CA ASN L 457 38.56 -27.29 25.26
C ASN L 457 38.92 -28.73 25.34
N CYS L 458 39.44 -29.16 26.50
CA CYS L 458 39.79 -30.54 26.68
C CYS L 458 38.52 -31.32 26.52
N GLY L 459 37.41 -30.77 27.04
CA GLY L 459 36.16 -31.46 26.99
C GLY L 459 35.96 -32.09 28.31
N GLU L 460 36.99 -32.02 29.18
CA GLU L 460 36.82 -32.46 30.53
C GLU L 460 35.99 -31.41 31.20
N GLU L 461 35.25 -31.81 32.25
CA GLU L 461 34.40 -30.85 32.89
C GLU L 461 35.26 -30.03 33.79
N PRO L 462 35.28 -28.76 33.51
CA PRO L 462 36.19 -27.85 34.13
C PRO L 462 35.90 -27.79 35.59
N SER L 463 34.66 -28.12 36.00
CA SER L 463 34.29 -27.97 37.37
C SER L 463 35.17 -28.86 38.17
N VAL L 464 35.26 -30.15 37.76
CA VAL L 464 36.01 -31.09 38.53
C VAL L 464 37.43 -30.63 38.54
N VAL L 465 37.96 -30.25 37.36
CA VAL L 465 39.35 -29.91 37.27
C VAL L 465 39.59 -28.75 38.16
N ALA L 466 38.72 -27.73 38.09
CA ALA L 466 38.95 -26.53 38.83
C ALA L 466 38.94 -26.89 40.29
N ASN L 467 37.98 -27.73 40.69
CA ASN L 467 37.85 -28.07 42.08
C ASN L 467 39.11 -28.76 42.47
N THR L 468 39.57 -29.71 41.65
CA THR L 468 40.73 -30.48 42.00
C THR L 468 41.88 -29.54 42.09
N VAL L 469 42.00 -28.62 41.12
CA VAL L 469 43.14 -27.75 41.08
C VAL L 469 43.15 -26.96 42.34
N LYS L 470 41.97 -26.43 42.73
CA LYS L 470 41.91 -25.59 43.89
C LYS L 470 42.36 -26.41 45.06
N GLY L 471 41.89 -27.67 45.12
CA GLY L 471 42.12 -28.45 46.30
C GLY L 471 43.59 -28.60 46.50
N GLY L 472 44.34 -28.85 45.42
CA GLY L 472 45.73 -29.14 45.59
C GLY L 472 46.39 -27.92 46.13
N ASP L 473 47.27 -28.11 47.13
CA ASP L 473 48.03 -27.02 47.67
C ASP L 473 49.25 -26.89 46.82
N GLY L 474 50.04 -25.83 47.08
CA GLY L 474 51.27 -25.68 46.36
C GLY L 474 50.90 -25.38 44.95
N ASN L 475 51.78 -25.75 44.00
CA ASN L 475 51.45 -25.53 42.63
C ASN L 475 50.74 -26.75 42.17
N TYR L 476 49.42 -26.61 41.90
CA TYR L 476 48.66 -27.73 41.41
C TYR L 476 47.99 -27.24 40.17
N GLY L 477 47.91 -28.09 39.13
CA GLY L 477 47.34 -27.61 37.92
C GLY L 477 46.98 -28.78 37.07
N TYR L 478 46.34 -28.51 35.92
CA TYR L 478 45.95 -29.55 35.02
C TYR L 478 46.70 -29.32 33.76
N ASN L 479 47.32 -30.38 33.21
CA ASN L 479 48.03 -30.24 31.98
C ASN L 479 47.11 -30.74 30.92
N ALA L 480 46.82 -29.89 29.91
CA ALA L 480 45.88 -30.30 28.92
C ALA L 480 46.44 -31.48 28.21
N ALA L 481 47.72 -31.38 27.79
CA ALA L 481 48.28 -32.41 26.97
C ALA L 481 48.30 -33.68 27.74
N THR L 482 48.79 -33.63 28.99
CA THR L 482 48.92 -34.82 29.76
C THR L 482 47.53 -35.33 30.02
N GLU L 483 46.63 -34.40 30.35
CA GLU L 483 45.34 -34.78 30.85
C GLU L 483 45.60 -35.60 32.07
N GLU L 484 46.70 -35.27 32.78
CA GLU L 484 47.01 -35.92 34.02
C GLU L 484 47.32 -34.82 34.99
N TYR L 485 47.19 -35.11 36.29
CA TYR L 485 47.49 -34.12 37.27
C TYR L 485 48.93 -34.28 37.63
N GLY L 486 49.66 -33.15 37.66
CA GLY L 486 51.04 -33.19 38.02
C GLY L 486 51.44 -31.81 38.39
N ASN L 487 52.65 -31.65 38.95
CA ASN L 487 53.07 -30.33 39.33
C ASN L 487 53.32 -29.58 38.06
N MET L 488 52.91 -28.31 38.03
CA MET L 488 53.07 -27.53 36.83
C MET L 488 54.53 -27.41 36.57
N ILE L 489 55.31 -27.15 37.64
CA ILE L 489 56.71 -26.91 37.48
C ILE L 489 57.31 -28.17 36.95
N ASP L 490 56.91 -29.32 37.53
CA ASP L 490 57.47 -30.56 37.11
C ASP L 490 57.11 -30.75 35.68
N MET L 491 55.87 -30.36 35.31
CA MET L 491 55.43 -30.50 33.96
C MET L 491 56.32 -29.64 33.13
N GLY L 492 56.67 -28.44 33.64
CA GLY L 492 57.55 -27.58 32.92
C GLY L 492 56.73 -26.66 32.07
N ILE L 493 55.41 -26.71 32.21
CA ILE L 493 54.62 -25.78 31.46
C ILE L 493 54.29 -24.67 32.38
N LEU L 494 54.81 -23.47 32.07
CA LEU L 494 54.74 -22.37 32.97
C LEU L 494 54.33 -21.17 32.17
N ASP L 495 53.39 -20.38 32.70
CA ASP L 495 53.05 -19.15 32.05
C ASP L 495 53.79 -18.07 32.76
N PRO L 496 54.23 -17.09 32.02
CA PRO L 496 55.09 -16.08 32.56
C PRO L 496 54.33 -15.32 33.60
N THR L 497 55.02 -14.90 34.68
CA THR L 497 54.35 -14.19 35.73
C THR L 497 53.89 -12.89 35.16
N LYS L 498 54.78 -12.21 34.40
CA LYS L 498 54.49 -10.88 33.96
C LYS L 498 53.28 -10.93 33.08
N VAL L 499 53.24 -11.92 32.17
CA VAL L 499 52.16 -11.95 31.22
C VAL L 499 50.90 -12.15 31.99
N THR L 500 50.90 -13.07 32.97
CA THR L 500 49.70 -13.36 33.68
C THR L 500 49.29 -12.12 34.40
N ARG L 501 50.25 -11.47 35.07
CA ARG L 501 49.93 -10.33 35.88
C ARG L 501 49.39 -9.27 34.98
N SER L 502 50.06 -9.06 33.84
CA SER L 502 49.69 -7.97 32.98
C SER L 502 48.29 -8.18 32.53
N ALA L 503 47.98 -9.41 32.07
CA ALA L 503 46.70 -9.65 31.47
C ALA L 503 45.66 -9.41 32.52
N LEU L 504 45.90 -9.89 33.74
CA LEU L 504 44.88 -9.83 34.75
C LEU L 504 44.58 -8.38 35.01
N GLN L 505 45.63 -7.56 35.16
CA GLN L 505 45.42 -6.20 35.57
C GLN L 505 44.61 -5.52 34.52
N TYR L 506 44.98 -5.72 33.23
CA TYR L 506 44.31 -5.02 32.19
C TYR L 506 42.89 -5.46 32.16
N ALA L 507 42.67 -6.78 32.28
CA ALA L 507 41.34 -7.30 32.14
C ALA L 507 40.51 -6.69 33.22
N ALA L 508 41.07 -6.60 34.44
CA ALA L 508 40.31 -6.07 35.54
C ALA L 508 39.97 -4.66 35.20
N SER L 509 40.93 -3.92 34.65
CA SER L 509 40.72 -2.53 34.38
C SER L 509 39.59 -2.43 33.41
N VAL L 510 39.59 -3.28 32.38
CA VAL L 510 38.62 -3.17 31.35
C VAL L 510 37.28 -3.37 31.98
N ALA L 511 37.16 -4.41 32.82
CA ALA L 511 35.88 -4.79 33.34
C ALA L 511 35.34 -3.64 34.13
N GLY L 512 36.21 -3.01 34.94
CA GLY L 512 35.74 -1.97 35.80
C GLY L 512 35.19 -0.87 34.96
N LEU L 513 35.89 -0.55 33.84
CA LEU L 513 35.51 0.57 33.04
C LEU L 513 34.15 0.31 32.50
N MET L 514 33.89 -0.93 32.06
CA MET L 514 32.68 -1.24 31.36
C MET L 514 31.54 -1.01 32.29
N ILE L 515 31.72 -1.37 33.57
CA ILE L 515 30.62 -1.37 34.49
C ILE L 515 30.09 0.02 34.59
N THR L 516 31.00 1.02 34.66
CA THR L 516 30.58 2.37 34.84
C THR L 516 30.05 2.87 33.52
N THR L 517 30.42 4.10 33.15
CA THR L 517 29.84 4.69 31.97
C THR L 517 28.36 4.63 32.09
N GLU L 518 27.82 5.34 33.11
CA GLU L 518 26.42 5.31 33.38
C GLU L 518 25.71 5.81 32.16
N CYS L 519 26.17 6.94 31.59
CA CYS L 519 25.44 7.49 30.49
C CYS L 519 26.28 7.36 29.27
N MET L 520 25.63 7.23 28.09
CA MET L 520 26.36 7.19 26.86
C MET L 520 25.65 8.08 25.90
N VAL L 521 26.40 8.71 24.99
CA VAL L 521 25.76 9.45 23.94
C VAL L 521 26.31 8.94 22.65
N THR L 522 25.44 8.82 21.63
CA THR L 522 25.89 8.37 20.34
C THR L 522 25.21 9.23 19.33
N ASP L 523 25.61 9.11 18.05
CA ASP L 523 24.88 9.81 17.04
C ASP L 523 23.62 9.03 16.80
N LEU L 524 22.54 9.75 16.43
CA LEU L 524 21.29 9.12 16.14
C LEU L 524 21.43 8.51 14.78
N PRO L 525 21.15 7.30 14.58
N ALA M 2 31.94 -1.97 3.99
CA ALA M 2 30.70 -1.43 4.57
C ALA M 2 30.53 -1.90 5.98
N ALA M 3 29.28 -2.25 6.34
CA ALA M 3 29.00 -2.78 7.63
C ALA M 3 29.61 -4.14 7.65
N LYS M 4 29.60 -4.79 8.83
CA LYS M 4 30.14 -6.12 8.90
C LYS M 4 29.05 -7.02 9.39
N ASP M 5 28.91 -8.20 8.75
CA ASP M 5 28.02 -9.21 9.23
C ASP M 5 28.88 -10.31 9.75
N VAL M 6 28.61 -10.78 10.98
CA VAL M 6 29.42 -11.82 11.53
C VAL M 6 28.57 -13.04 11.64
N LYS M 7 29.13 -14.21 11.24
CA LYS M 7 28.41 -15.43 11.39
C LYS M 7 29.35 -16.45 11.91
N PHE M 8 28.82 -17.41 12.70
CA PHE M 8 29.59 -18.54 13.08
C PHE M 8 28.74 -19.74 12.80
N GLY M 9 29.36 -20.89 12.48
CA GLY M 9 28.59 -22.09 12.47
C GLY M 9 28.63 -22.70 11.11
N ASN M 10 27.68 -23.64 10.88
CA ASN M 10 27.57 -24.43 9.70
C ASN M 10 27.27 -23.53 8.54
N ASP M 11 26.51 -22.44 8.81
CA ASP M 11 25.93 -21.66 7.76
C ASP M 11 27.04 -21.18 6.89
N ALA M 12 28.17 -20.76 7.49
CA ALA M 12 29.25 -20.28 6.68
C ALA M 12 29.68 -21.41 5.80
N ARG M 13 29.78 -22.62 6.38
CA ARG M 13 30.28 -23.75 5.66
C ARG M 13 29.37 -24.06 4.51
N VAL M 14 28.04 -23.99 4.75
CA VAL M 14 27.13 -24.49 3.77
C VAL M 14 27.30 -23.70 2.52
N LYS M 15 27.47 -22.38 2.64
CA LYS M 15 27.58 -21.56 1.48
C LYS M 15 28.75 -22.04 0.70
N MET M 16 29.87 -22.32 1.39
CA MET M 16 31.07 -22.70 0.71
C MET M 16 30.78 -23.98 -0.01
N LEU M 17 30.07 -24.91 0.66
CA LEU M 17 29.90 -26.21 0.08
C LEU M 17 29.15 -26.06 -1.20
N ARG M 18 28.07 -25.26 -1.18
CA ARG M 18 27.25 -25.18 -2.35
C ARG M 18 28.08 -24.62 -3.45
N GLY M 19 28.88 -23.59 -3.13
CA GLY M 19 29.66 -22.95 -4.15
C GLY M 19 30.59 -23.97 -4.71
N VAL M 20 31.21 -24.78 -3.83
CA VAL M 20 32.20 -25.72 -4.29
C VAL M 20 31.52 -26.65 -5.25
N ASN M 21 30.33 -27.13 -4.89
CA ASN M 21 29.69 -28.14 -5.67
C ASN M 21 29.46 -27.61 -7.04
N VAL M 22 28.97 -26.36 -7.14
CA VAL M 22 28.59 -25.86 -8.43
C VAL M 22 29.80 -25.87 -9.30
N LEU M 23 30.92 -25.32 -8.79
CA LEU M 23 32.10 -25.24 -9.60
C LEU M 23 32.52 -26.64 -9.91
N ALA M 24 32.49 -27.51 -8.88
CA ALA M 24 33.04 -28.82 -9.02
C ALA M 24 32.26 -29.54 -10.07
N ASP M 25 30.93 -29.39 -10.08
CA ASP M 25 30.12 -30.22 -10.91
C ASP M 25 30.51 -29.99 -12.33
N ALA M 26 30.65 -28.71 -12.73
CA ALA M 26 30.95 -28.44 -14.10
C ALA M 26 32.28 -29.05 -14.41
N VAL M 27 33.24 -28.89 -13.48
CA VAL M 27 34.59 -29.32 -13.71
C VAL M 27 34.60 -30.81 -13.84
N LYS M 28 33.84 -31.51 -12.96
CA LYS M 28 33.93 -32.93 -12.92
C LYS M 28 33.49 -33.49 -14.24
N VAL M 29 32.36 -32.99 -14.77
CA VAL M 29 31.85 -33.55 -15.99
C VAL M 29 32.86 -33.30 -17.06
N THR M 30 33.44 -32.09 -17.08
CA THR M 30 34.37 -31.74 -18.11
C THR M 30 35.56 -32.63 -17.99
N LEU M 31 35.94 -32.96 -16.74
CA LEU M 31 37.14 -33.73 -16.57
C LEU M 31 36.97 -35.02 -17.27
N GLY M 32 38.06 -35.50 -17.88
CA GLY M 32 37.98 -36.67 -18.70
C GLY M 32 37.54 -36.21 -20.04
N PRO M 33 37.64 -37.08 -20.99
CA PRO M 33 37.48 -36.73 -22.37
C PRO M 33 36.10 -36.20 -22.56
N LYS M 34 35.18 -36.61 -21.67
CA LYS M 34 33.77 -36.47 -21.87
C LYS M 34 33.35 -35.03 -21.86
N GLY M 35 33.89 -34.22 -20.92
CA GLY M 35 33.30 -32.93 -20.69
C GLY M 35 33.38 -32.13 -21.94
N ARG M 36 32.21 -31.87 -22.56
CA ARG M 36 32.19 -31.22 -23.84
C ARG M 36 32.67 -29.80 -23.74
N ASN M 37 32.06 -29.00 -22.84
CA ASN M 37 32.29 -27.59 -23.01
C ASN M 37 31.71 -26.82 -21.87
N VAL M 38 32.00 -25.51 -21.84
CA VAL M 38 31.33 -24.58 -20.98
C VAL M 38 31.28 -23.27 -21.72
N VAL M 39 30.34 -22.37 -21.35
CA VAL M 39 30.22 -21.13 -22.05
C VAL M 39 30.14 -20.02 -21.06
N LEU M 40 30.54 -18.80 -21.47
CA LEU M 40 30.45 -17.65 -20.61
C LEU M 40 29.75 -16.55 -21.37
N ASP M 41 29.23 -15.55 -20.63
CA ASP M 41 28.68 -14.39 -21.25
C ASP M 41 29.77 -13.40 -21.45
N LYS M 42 29.49 -12.34 -22.25
CA LYS M 42 30.37 -11.21 -22.33
C LYS M 42 29.52 -9.98 -22.25
N SER M 43 30.06 -8.90 -21.67
CA SER M 43 29.31 -7.68 -21.58
C SER M 43 29.06 -7.20 -22.97
N PHE M 44 30.12 -7.11 -23.78
CA PHE M 44 29.98 -6.61 -25.11
C PHE M 44 30.36 -7.72 -26.04
N GLY M 45 29.76 -7.73 -27.24
CA GLY M 45 30.14 -8.69 -28.23
C GLY M 45 29.49 -9.98 -27.88
N ALA M 46 29.80 -11.03 -28.65
CA ALA M 46 29.25 -12.32 -28.38
C ALA M 46 29.93 -12.87 -27.17
N PRO M 47 29.21 -13.68 -26.46
CA PRO M 47 29.66 -14.20 -25.20
C PRO M 47 30.85 -15.07 -25.47
N THR M 48 31.76 -15.21 -24.49
CA THR M 48 32.93 -16.01 -24.71
C THR M 48 32.54 -17.43 -24.47
N ILE M 49 33.27 -18.36 -25.10
CA ILE M 49 33.03 -19.74 -24.81
C ILE M 49 34.30 -20.29 -24.28
N THR M 50 34.20 -21.19 -23.28
CA THR M 50 35.38 -21.61 -22.61
C THR M 50 35.48 -23.09 -22.81
N LYS M 51 36.70 -23.64 -22.57
CA LYS M 51 36.95 -25.01 -22.89
C LYS M 51 37.19 -25.75 -21.61
N ASP M 52 38.47 -26.08 -21.35
CA ASP M 52 38.82 -27.11 -20.42
C ASP M 52 38.33 -26.72 -19.06
N GLY M 53 38.35 -27.69 -18.13
CA GLY M 53 37.68 -27.58 -16.88
C GLY M 53 38.25 -26.41 -16.14
N VAL M 54 39.58 -26.23 -16.20
CA VAL M 54 40.17 -25.14 -15.47
C VAL M 54 39.54 -23.90 -15.97
N SER M 55 39.43 -23.80 -17.31
CA SER M 55 38.84 -22.64 -17.91
C SER M 55 37.43 -22.58 -17.45
N VAL M 56 36.78 -23.76 -17.34
CA VAL M 56 35.40 -23.78 -16.97
C VAL M 56 35.28 -23.17 -15.60
N ALA M 57 36.16 -23.58 -14.67
CA ALA M 57 36.07 -23.11 -13.33
C ALA M 57 36.29 -21.64 -13.36
N ARG M 58 37.25 -21.19 -14.17
CA ARG M 58 37.59 -19.79 -14.21
C ARG M 58 36.37 -19.06 -14.64
N GLU M 59 35.69 -19.58 -15.68
CA GLU M 59 34.56 -18.89 -16.23
C GLU M 59 33.51 -18.81 -15.17
N ILE M 60 33.31 -19.90 -14.41
CA ILE M 60 32.20 -19.95 -13.51
C ILE M 60 32.47 -19.03 -12.38
N GLU M 61 31.49 -18.14 -12.08
CA GLU M 61 31.55 -17.32 -10.92
C GLU M 61 30.26 -17.50 -10.20
N LEU M 62 30.28 -17.34 -8.86
CA LEU M 62 29.07 -17.53 -8.12
C LEU M 62 28.57 -16.19 -7.72
N GLU M 63 27.24 -15.98 -7.84
CA GLU M 63 26.67 -14.72 -7.51
C GLU M 63 26.87 -14.51 -6.04
N ASP M 64 26.60 -15.55 -5.24
CA ASP M 64 26.67 -15.37 -3.81
C ASP M 64 28.10 -15.13 -3.47
N LYS M 65 28.34 -14.18 -2.55
CA LYS M 65 29.69 -13.86 -2.17
C LYS M 65 30.26 -15.07 -1.52
N PHE M 66 29.50 -15.67 -0.59
CA PHE M 66 30.02 -16.77 0.17
C PHE M 66 30.31 -17.88 -0.78
N GLU M 67 29.34 -18.21 -1.65
CA GLU M 67 29.51 -19.32 -2.54
C GLU M 67 30.65 -19.00 -3.43
N ASN M 68 30.70 -17.76 -3.94
CA ASN M 68 31.71 -17.40 -4.89
C ASN M 68 33.03 -17.56 -4.23
N MET M 69 33.14 -17.07 -2.97
CA MET M 69 34.40 -17.09 -2.30
C MET M 69 34.81 -18.52 -2.15
N GLY M 70 33.86 -19.39 -1.79
CA GLY M 70 34.20 -20.76 -1.56
C GLY M 70 34.70 -21.31 -2.86
N ALA M 71 34.02 -20.97 -3.96
CA ALA M 71 34.38 -21.49 -5.25
C ALA M 71 35.77 -21.02 -5.54
N GLN M 72 36.06 -19.74 -5.20
CA GLN M 72 37.30 -19.15 -5.57
C GLN M 72 38.39 -19.91 -4.90
N MET M 73 38.16 -20.30 -3.62
CA MET M 73 39.22 -20.89 -2.86
C MET M 73 39.64 -22.14 -3.56
N VAL M 74 38.67 -22.94 -4.03
CA VAL M 74 39.00 -24.18 -4.67
C VAL M 74 39.80 -23.86 -5.89
N LYS M 75 39.34 -22.86 -6.66
CA LYS M 75 39.95 -22.60 -7.93
C LYS M 75 41.38 -22.25 -7.71
N GLU M 76 41.65 -21.40 -6.70
CA GLU M 76 42.99 -20.90 -6.55
C GLU M 76 43.88 -22.06 -6.28
N VAL M 77 43.46 -22.96 -5.39
CA VAL M 77 44.31 -24.07 -5.06
C VAL M 77 44.47 -24.88 -6.30
N ALA M 78 43.37 -25.06 -7.04
CA ALA M 78 43.40 -25.95 -8.16
C ALA M 78 44.39 -25.41 -9.13
N SER M 79 44.40 -24.08 -9.33
CA SER M 79 45.26 -23.50 -10.31
C SER M 79 46.67 -23.80 -9.91
N LYS M 80 46.97 -23.66 -8.59
CA LYS M 80 48.32 -23.82 -8.16
C LYS M 80 48.74 -25.21 -8.49
N ALA M 81 47.87 -26.19 -8.20
CA ALA M 81 48.20 -27.55 -8.51
C ALA M 81 48.35 -27.64 -9.99
N ASN M 82 47.46 -26.94 -10.72
CA ASN M 82 47.45 -27.04 -12.15
C ASN M 82 48.78 -26.61 -12.65
N ASP M 83 49.31 -25.51 -12.11
CA ASP M 83 50.54 -25.02 -12.68
C ASP M 83 51.60 -26.07 -12.49
N ALA M 84 51.77 -26.54 -11.24
CA ALA M 84 52.89 -27.40 -10.97
C ALA M 84 52.73 -28.67 -11.74
N ALA M 85 51.56 -29.31 -11.63
CA ALA M 85 51.37 -30.59 -12.25
C ALA M 85 51.44 -30.40 -13.72
N GLY M 86 50.77 -29.34 -14.20
CA GLY M 86 50.60 -29.10 -15.60
C GLY M 86 49.31 -29.71 -15.98
N ASP M 87 48.84 -30.68 -15.18
CA ASP M 87 47.58 -31.32 -15.43
C ASP M 87 46.93 -31.56 -14.12
N GLY M 88 45.73 -32.16 -14.14
CA GLY M 88 45.11 -32.64 -12.94
C GLY M 88 44.46 -31.49 -12.23
N THR M 89 44.21 -30.39 -12.95
CA THR M 89 43.56 -29.29 -12.30
C THR M 89 42.24 -29.77 -11.84
N THR M 90 41.50 -30.45 -12.74
CA THR M 90 40.17 -30.87 -12.44
C THR M 90 40.24 -31.86 -11.33
N THR M 91 41.24 -32.76 -11.39
CA THR M 91 41.28 -33.85 -10.47
C THR M 91 41.34 -33.28 -9.09
N ALA M 92 42.18 -32.24 -8.91
CA ALA M 92 42.31 -31.68 -7.60
C ALA M 92 40.97 -31.16 -7.19
N THR M 93 40.27 -30.49 -8.13
CA THR M 93 39.02 -29.89 -7.79
C THR M 93 38.09 -30.99 -7.38
N VAL M 94 38.07 -32.08 -8.17
CA VAL M 94 37.14 -33.13 -7.91
C VAL M 94 37.43 -33.68 -6.55
N LEU M 95 38.72 -33.91 -6.25
CA LEU M 95 39.09 -34.51 -5.01
C LEU M 95 38.64 -33.61 -3.92
N ALA M 96 38.87 -32.29 -4.09
CA ALA M 96 38.61 -31.37 -3.02
C ALA M 96 37.16 -31.43 -2.70
N GLN M 97 36.31 -31.47 -3.73
CA GLN M 97 34.90 -31.36 -3.49
C GLN M 97 34.49 -32.53 -2.65
N ALA M 98 34.98 -33.74 -3.00
CA ALA M 98 34.54 -34.91 -2.31
C ALA M 98 34.96 -34.77 -0.89
N ILE M 99 36.21 -34.32 -0.66
CA ILE M 99 36.73 -34.26 0.67
C ILE M 99 35.91 -33.27 1.44
N ILE M 100 35.63 -32.12 0.81
CA ILE M 100 35.00 -31.04 1.52
C ILE M 100 33.66 -31.50 1.98
N THR M 101 32.90 -32.16 1.09
CA THR M 101 31.55 -32.48 1.40
C THR M 101 31.57 -33.39 2.59
N GLU M 102 32.46 -34.39 2.57
CA GLU M 102 32.49 -35.34 3.64
C GLU M 102 32.88 -34.61 4.88
N GLY M 103 33.86 -33.70 4.77
CA GLY M 103 34.35 -33.03 5.93
C GLY M 103 33.22 -32.25 6.50
N LEU M 104 32.42 -31.61 5.63
CA LEU M 104 31.35 -30.78 6.09
C LEU M 104 30.38 -31.65 6.82
N LYS M 105 30.11 -32.85 6.28
CA LYS M 105 29.15 -33.72 6.91
C LYS M 105 29.67 -34.00 8.27
N ALA M 106 30.98 -34.24 8.37
CA ALA M 106 31.59 -34.54 9.64
C ALA M 106 31.39 -33.34 10.51
N VAL M 107 31.50 -32.13 9.94
CA VAL M 107 31.30 -30.95 10.71
C VAL M 107 29.90 -31.02 11.23
N ALA M 108 28.97 -31.49 10.38
CA ALA M 108 27.61 -31.66 10.80
C ALA M 108 27.64 -32.63 11.93
N ALA M 109 28.51 -33.64 11.81
CA ALA M 109 28.62 -34.63 12.85
C ALA M 109 29.02 -33.91 14.09
N GLY M 110 29.89 -32.90 13.95
CA GLY M 110 30.28 -32.15 15.11
C GLY M 110 31.56 -32.73 15.62
N MET M 111 32.13 -33.70 14.88
CA MET M 111 33.41 -34.20 15.25
C MET M 111 34.36 -33.06 15.03
N ASN M 112 35.47 -33.03 15.79
CA ASN M 112 36.34 -31.90 15.68
C ASN M 112 37.13 -32.07 14.43
N PRO M 113 36.99 -31.10 13.57
CA PRO M 113 37.49 -31.17 12.24
C PRO M 113 38.98 -31.24 12.26
N MET M 114 39.61 -30.81 13.35
CA MET M 114 41.03 -30.72 13.38
C MET M 114 41.57 -32.10 13.21
N ASP M 115 40.96 -33.07 13.92
CA ASP M 115 41.44 -34.41 13.84
C ASP M 115 41.28 -34.87 12.43
N LEU M 116 40.13 -34.52 11.83
CA LEU M 116 39.83 -35.00 10.51
C LEU M 116 40.87 -34.46 9.59
N LYS M 117 41.20 -33.17 9.73
CA LYS M 117 42.14 -32.57 8.83
C LYS M 117 43.42 -33.29 8.98
N ARG M 118 43.80 -33.57 10.24
CA ARG M 118 45.04 -34.23 10.50
C ARG M 118 44.98 -35.57 9.85
N GLY M 119 43.85 -36.26 10.01
CA GLY M 119 43.73 -37.60 9.48
C GLY M 119 43.86 -37.51 8.00
N ILE M 120 43.23 -36.49 7.39
CA ILE M 120 43.25 -36.38 5.97
C ILE M 120 44.67 -36.20 5.55
N ASP M 121 45.39 -35.32 6.26
CA ASP M 121 46.75 -35.03 5.89
C ASP M 121 47.52 -36.30 6.00
N LYS M 122 47.28 -37.06 7.09
CA LYS M 122 48.03 -38.26 7.31
C LYS M 122 47.76 -39.17 6.17
N ALA M 123 46.48 -39.27 5.78
CA ALA M 123 46.10 -40.19 4.73
C ALA M 123 46.82 -39.77 3.49
N VAL M 124 46.86 -38.45 3.24
CA VAL M 124 47.42 -37.96 2.03
C VAL M 124 48.84 -38.38 1.98
N THR M 125 49.56 -38.22 3.11
CA THR M 125 50.96 -38.51 3.11
C THR M 125 51.13 -39.96 2.75
N ALA M 126 50.31 -40.82 3.37
CA ALA M 126 50.46 -42.23 3.14
C ALA M 126 50.22 -42.48 1.69
N ALA M 127 49.18 -41.85 1.13
CA ALA M 127 48.81 -42.11 -0.22
C ALA M 127 49.98 -41.71 -1.08
N VAL M 128 50.59 -40.57 -0.77
CA VAL M 128 51.64 -40.06 -1.60
C VAL M 128 52.72 -41.08 -1.66
N GLU M 129 53.08 -41.65 -0.50
CA GLU M 129 54.18 -42.57 -0.46
C GLU M 129 53.83 -43.73 -1.34
N GLU M 130 52.58 -44.20 -1.25
CA GLU M 130 52.19 -45.35 -2.00
C GLU M 130 52.32 -45.02 -3.45
N LEU M 131 51.88 -43.80 -3.81
CA LEU M 131 51.86 -43.44 -5.21
C LEU M 131 53.26 -43.47 -5.72
N LYS M 132 54.21 -42.94 -4.93
CA LYS M 132 55.55 -42.80 -5.43
C LYS M 132 56.06 -44.16 -5.75
N ALA M 133 55.83 -45.13 -4.85
CA ALA M 133 56.30 -46.46 -5.09
C ALA M 133 55.60 -46.97 -6.31
N LEU M 134 54.30 -46.67 -6.42
CA LEU M 134 53.50 -47.21 -7.48
C LEU M 134 54.05 -46.72 -8.77
N SER M 135 54.49 -45.45 -8.79
CA SER M 135 54.83 -44.81 -10.03
C SER M 135 55.89 -45.61 -10.70
N VAL M 136 55.89 -45.55 -12.05
CA VAL M 136 56.87 -46.24 -12.84
C VAL M 136 57.35 -45.25 -13.86
N PRO M 137 58.43 -45.58 -14.51
CA PRO M 137 59.12 -44.65 -15.35
C PRO M 137 58.23 -44.28 -16.48
N CYS M 138 58.44 -43.08 -17.06
CA CYS M 138 57.60 -42.63 -18.12
C CYS M 138 57.92 -43.44 -19.33
N SER M 139 56.90 -43.66 -20.19
CA SER M 139 57.09 -44.42 -21.38
C SER M 139 57.54 -43.49 -22.45
N ASP M 140 57.63 -44.00 -23.69
CA ASP M 140 58.25 -43.28 -24.77
C ASP M 140 57.30 -42.25 -25.28
N SER M 141 57.67 -41.62 -26.41
CA SER M 141 57.01 -40.45 -26.90
C SER M 141 55.59 -40.80 -27.19
N LYS M 142 55.33 -42.04 -27.64
CA LYS M 142 53.97 -42.41 -27.93
C LYS M 142 53.21 -42.26 -26.66
N ALA M 143 53.80 -42.72 -25.55
CA ALA M 143 53.20 -42.55 -24.26
C ALA M 143 53.11 -41.08 -24.01
N ILE M 144 54.15 -40.34 -24.42
CA ILE M 144 54.22 -38.94 -24.09
C ILE M 144 53.02 -38.29 -24.69
N ALA M 145 52.69 -38.66 -25.93
CA ALA M 145 51.56 -38.06 -26.58
C ALA M 145 50.36 -38.37 -25.75
N GLN M 146 50.28 -39.61 -25.24
CA GLN M 146 49.15 -40.00 -24.45
C GLN M 146 49.13 -39.15 -23.22
N VAL M 147 50.31 -38.90 -22.64
CA VAL M 147 50.36 -38.07 -21.47
C VAL M 147 49.83 -36.73 -21.88
N GLY M 148 50.25 -36.27 -23.07
CA GLY M 148 49.85 -34.98 -23.53
C GLY M 148 48.37 -34.97 -23.68
N THR M 149 47.79 -36.08 -24.17
CA THR M 149 46.38 -36.11 -24.43
C THR M 149 45.67 -35.95 -23.14
N ILE M 150 46.20 -36.55 -22.07
CA ILE M 150 45.48 -36.49 -20.83
C ILE M 150 45.37 -35.05 -20.44
N SER M 151 46.47 -34.29 -20.54
CA SER M 151 46.42 -32.89 -20.23
C SER M 151 45.53 -32.27 -21.26
N ALA M 152 45.52 -32.87 -22.46
CA ALA M 152 44.79 -32.38 -23.58
C ALA M 152 43.34 -32.42 -23.22
N ASN M 153 42.93 -33.42 -22.42
CA ASN M 153 41.53 -33.70 -22.30
C ASN M 153 41.04 -33.97 -23.68
N SER M 154 41.63 -34.99 -24.33
CA SER M 154 41.28 -35.40 -25.64
C SER M 154 41.53 -34.29 -26.60
N ASP M 155 42.58 -33.48 -26.32
CA ASP M 155 43.03 -32.61 -27.36
C ASP M 155 44.14 -33.33 -28.05
N GLU M 156 43.83 -33.96 -29.20
CA GLU M 156 44.80 -34.76 -29.86
C GLU M 156 45.92 -33.87 -30.30
N THR M 157 45.57 -32.67 -30.80
CA THR M 157 46.55 -31.82 -31.40
C THR M 157 47.56 -31.48 -30.37
N VAL M 158 47.10 -31.12 -29.15
CA VAL M 158 48.01 -30.64 -28.15
C VAL M 158 49.00 -31.72 -27.89
N GLY M 159 48.52 -32.96 -27.70
CA GLY M 159 49.42 -34.02 -27.34
C GLY M 159 50.40 -34.17 -28.45
N LYS M 160 49.91 -34.12 -29.71
CA LYS M 160 50.78 -34.32 -30.83
C LYS M 160 51.80 -33.23 -30.82
N LEU M 161 51.35 -31.99 -30.58
CA LEU M 161 52.23 -30.87 -30.65
C LEU M 161 53.27 -31.05 -29.60
N ILE M 162 52.84 -31.46 -28.39
CA ILE M 162 53.76 -31.56 -27.30
C ILE M 162 54.78 -32.59 -27.68
N ALA M 163 54.31 -33.75 -28.18
CA ALA M 163 55.22 -34.80 -28.49
C ALA M 163 56.15 -34.31 -29.56
N GLU M 164 55.59 -33.65 -30.59
CA GLU M 164 56.40 -33.27 -31.71
C GLU M 164 57.43 -32.31 -31.22
N ALA M 165 57.00 -31.32 -30.44
CA ALA M 165 57.90 -30.31 -29.97
C ALA M 165 58.92 -31.00 -29.13
N MET M 166 58.45 -31.94 -28.28
CA MET M 166 59.31 -32.56 -27.33
C MET M 166 60.35 -33.32 -28.07
N ASP M 167 59.96 -34.01 -29.16
CA ASP M 167 60.92 -34.83 -29.83
C ASP M 167 62.02 -33.96 -30.34
N LYS M 168 61.66 -32.88 -31.05
CA LYS M 168 62.66 -32.09 -31.72
C LYS M 168 63.55 -31.46 -30.69
N VAL M 169 62.95 -30.81 -29.69
CA VAL M 169 63.70 -30.10 -28.71
C VAL M 169 64.51 -31.08 -27.94
N GLY M 170 63.90 -32.23 -27.64
CA GLY M 170 64.44 -33.16 -26.69
C GLY M 170 63.64 -32.96 -25.44
N LYS M 171 63.45 -34.04 -24.66
CA LYS M 171 62.64 -33.94 -23.50
C LYS M 171 63.28 -32.95 -22.59
N GLU M 172 64.62 -33.06 -22.45
CA GLU M 172 65.33 -32.20 -21.55
C GLU M 172 65.19 -30.81 -22.04
N GLY M 173 65.27 -30.61 -23.36
CA GLY M 173 65.28 -29.28 -23.88
C GLY M 173 63.99 -28.64 -23.51
N VAL M 174 64.03 -27.33 -23.22
CA VAL M 174 62.86 -26.61 -22.82
C VAL M 174 62.07 -26.31 -24.03
N ILE M 175 60.74 -26.29 -23.90
CA ILE M 175 59.89 -25.92 -25.00
C ILE M 175 59.12 -24.72 -24.56
N THR M 176 58.96 -23.74 -25.47
CA THR M 176 58.22 -22.57 -25.11
C THR M 176 57.03 -22.51 -26.00
N VAL M 177 55.94 -21.91 -25.50
CA VAL M 177 54.76 -21.82 -26.30
C VAL M 177 54.53 -20.39 -26.61
N GLU M 178 54.12 -20.10 -27.86
CA GLU M 178 53.79 -18.77 -28.25
C GLU M 178 52.47 -18.84 -28.95
N ASP M 179 51.78 -17.71 -29.10
CA ASP M 179 50.53 -17.74 -29.80
C ASP M 179 50.85 -18.06 -31.21
N GLY M 180 49.93 -18.76 -31.90
CA GLY M 180 50.21 -19.18 -33.24
C GLY M 180 50.15 -17.98 -34.12
N THR M 181 50.99 -17.96 -35.17
CA THR M 181 50.94 -16.91 -36.13
C THR M 181 49.61 -17.01 -36.80
N GLY M 182 49.21 -18.25 -37.15
CA GLY M 182 48.01 -18.43 -37.92
C GLY M 182 47.34 -19.66 -37.39
N LEU M 183 46.27 -20.09 -38.07
CA LEU M 183 45.48 -21.19 -37.60
C LEU M 183 46.35 -22.39 -37.52
N GLN M 184 47.19 -22.60 -38.54
CA GLN M 184 48.05 -23.75 -38.51
C GLN M 184 49.08 -23.50 -37.47
N ASP M 185 49.42 -24.55 -36.70
CA ASP M 185 50.44 -24.39 -35.71
C ASP M 185 51.74 -24.33 -36.43
N GLU M 186 52.73 -23.64 -35.84
CA GLU M 186 54.05 -23.67 -36.41
C GLU M 186 54.97 -24.09 -35.33
N LEU M 187 55.88 -25.03 -35.63
CA LEU M 187 56.89 -25.35 -34.67
C LEU M 187 58.19 -24.90 -35.25
N ASP M 188 58.85 -23.94 -34.59
CA ASP M 188 60.11 -23.49 -35.08
C ASP M 188 61.10 -23.64 -33.96
N VAL M 189 62.26 -24.25 -34.24
CA VAL M 189 63.29 -24.24 -33.25
C VAL M 189 63.89 -22.88 -33.29
N VAL M 190 64.22 -22.32 -32.12
CA VAL M 190 64.74 -20.99 -32.11
C VAL M 190 66.12 -21.04 -31.56
N GLU M 191 67.05 -20.31 -32.20
CA GLU M 191 68.39 -20.26 -31.71
C GLU M 191 68.41 -19.29 -30.57
N GLY M 192 69.28 -19.53 -29.57
CA GLY M 192 69.39 -18.58 -28.51
C GLY M 192 69.89 -19.31 -27.30
N MET M 193 70.20 -18.54 -26.24
CA MET M 193 70.64 -19.14 -25.01
C MET M 193 69.74 -18.65 -23.93
N GLN M 194 69.53 -19.48 -22.89
CA GLN M 194 68.76 -19.05 -21.77
C GLN M 194 69.65 -19.08 -20.58
N PHE M 195 69.57 -18.03 -19.74
CA PHE M 195 70.36 -17.99 -18.54
C PHE M 195 69.43 -17.65 -17.42
N ASP M 196 69.61 -18.29 -16.25
CA ASP M 196 68.64 -18.05 -15.21
C ASP M 196 69.00 -16.77 -14.54
N ARG M 197 68.25 -15.70 -14.84
CA ARG M 197 68.45 -14.46 -14.15
C ARG M 197 67.11 -13.91 -13.82
N GLY M 198 67.04 -13.13 -12.71
CA GLY M 198 65.78 -12.60 -12.29
C GLY M 198 65.53 -11.32 -13.01
N TYR M 199 64.29 -10.80 -12.87
CA TYR M 199 64.02 -9.46 -13.29
C TYR M 199 64.23 -8.60 -12.10
N LEU M 200 64.90 -7.46 -12.29
CA LEU M 200 65.33 -6.70 -11.14
C LEU M 200 64.11 -6.30 -10.38
N SER M 201 63.09 -5.78 -11.08
CA SER M 201 61.93 -5.33 -10.37
C SER M 201 60.72 -5.85 -11.06
N PRO M 202 59.70 -6.08 -10.29
CA PRO M 202 58.42 -6.51 -10.78
C PRO M 202 57.87 -5.41 -11.64
N TYR M 203 58.40 -4.19 -11.48
CA TYR M 203 57.95 -3.06 -12.25
C TYR M 203 58.27 -3.39 -13.68
N PHE M 204 59.45 -3.99 -13.88
CA PHE M 204 59.91 -4.33 -15.19
C PHE M 204 58.93 -5.29 -15.76
N ILE M 205 58.38 -6.18 -14.89
CA ILE M 205 57.49 -7.23 -15.27
C ILE M 205 56.46 -6.71 -16.22
N ASN M 206 56.23 -7.49 -17.29
CA ASN M 206 55.47 -7.04 -18.41
C ASN M 206 54.02 -7.14 -18.09
N LYS M 207 53.17 -6.74 -19.05
CA LYS M 207 51.74 -6.70 -18.90
C LYS M 207 51.21 -8.07 -18.55
N PRO M 208 51.58 -9.14 -19.20
CA PRO M 208 50.80 -10.34 -19.08
C PRO M 208 50.76 -10.86 -17.68
N GLU M 209 49.73 -11.68 -17.39
CA GLU M 209 49.41 -12.11 -16.06
C GLU M 209 50.58 -12.89 -15.53
N THR M 210 51.23 -13.66 -16.41
CA THR M 210 52.31 -14.50 -15.98
C THR M 210 53.33 -13.59 -15.37
N GLY M 211 53.57 -12.43 -16.01
CA GLY M 211 54.47 -11.49 -15.43
C GLY M 211 55.80 -11.71 -16.06
N ALA M 212 55.93 -12.77 -16.88
CA ALA M 212 57.12 -12.87 -17.65
C ALA M 212 57.06 -11.74 -18.61
N VAL M 213 58.23 -11.15 -18.93
CA VAL M 213 58.20 -10.02 -19.79
C VAL M 213 58.70 -10.46 -21.12
N GLU M 214 57.96 -10.12 -22.19
CA GLU M 214 58.42 -10.46 -23.50
C GLU M 214 58.65 -9.17 -24.20
N LEU M 215 59.80 -9.06 -24.90
CA LEU M 215 60.06 -7.87 -25.63
C LEU M 215 60.03 -8.24 -27.08
N GLU M 216 59.51 -7.34 -27.93
CA GLU M 216 59.50 -7.63 -29.32
C GLU M 216 60.71 -6.99 -29.90
N SER M 217 61.50 -7.77 -30.66
CA SER M 217 62.75 -7.31 -31.20
C SER M 217 63.55 -6.61 -30.14
N PRO M 218 63.87 -7.22 -29.04
CA PRO M 218 64.56 -6.53 -27.98
C PRO M 218 65.92 -6.15 -28.45
N PHE M 219 66.51 -5.08 -27.88
CA PHE M 219 67.88 -4.77 -28.13
C PHE M 219 68.62 -5.21 -26.92
N ILE M 220 69.82 -5.78 -27.09
CA ILE M 220 70.49 -6.25 -25.92
C ILE M 220 71.73 -5.44 -25.75
N LEU M 221 71.86 -4.81 -24.56
CA LEU M 221 73.09 -4.17 -24.22
C LEU M 221 73.71 -5.00 -23.16
N LEU M 222 74.97 -5.41 -23.37
CA LEU M 222 75.61 -6.20 -22.35
C LEU M 222 76.71 -5.38 -21.79
N ALA M 223 76.77 -5.29 -20.46
CA ALA M 223 77.91 -4.66 -19.85
C ALA M 223 78.53 -5.68 -18.97
N ASP M 224 79.85 -5.84 -19.06
CA ASP M 224 80.52 -6.73 -18.16
C ASP M 224 80.35 -6.14 -16.80
N LYS M 225 80.52 -4.82 -16.71
CA LYS M 225 80.40 -4.16 -15.44
C LYS M 225 78.95 -4.08 -15.11
N LYS M 226 78.65 -3.99 -13.81
CA LYS M 226 77.30 -3.87 -13.36
C LYS M 226 76.86 -2.49 -13.76
N ILE M 227 75.55 -2.31 -14.01
CA ILE M 227 75.12 -1.00 -14.39
C ILE M 227 74.69 -0.33 -13.13
N SER M 228 75.62 0.44 -12.53
CA SER M 228 75.37 1.06 -11.27
C SER M 228 74.27 2.06 -11.41
N ASN M 229 74.45 3.02 -12.34
CA ASN M 229 73.60 4.17 -12.30
C ASN M 229 73.09 4.43 -13.68
N ILE M 230 72.11 5.35 -13.76
CA ILE M 230 71.47 5.71 -14.98
C ILE M 230 72.49 6.35 -15.88
N ARG M 231 73.37 7.20 -15.31
CA ARG M 231 74.15 8.10 -16.11
C ARG M 231 74.95 7.33 -17.09
N GLU M 232 75.59 6.24 -16.65
CA GLU M 232 76.40 5.46 -17.53
C GLU M 232 75.48 4.90 -18.58
N MET M 233 74.28 4.50 -18.15
CA MET M 233 73.31 3.88 -19.02
C MET M 233 72.90 4.87 -20.05
N LEU M 234 72.84 6.16 -19.68
CA LEU M 234 72.08 7.13 -20.41
C LEU M 234 72.55 7.18 -21.83
N PRO M 235 73.82 7.25 -22.10
CA PRO M 235 74.25 7.41 -23.46
C PRO M 235 73.80 6.23 -24.27
N VAL M 236 73.67 5.05 -23.64
CA VAL M 236 73.13 3.91 -24.33
C VAL M 236 71.71 4.22 -24.66
N LEU M 237 71.01 4.82 -23.68
CA LEU M 237 69.61 5.09 -23.77
C LEU M 237 69.39 6.06 -24.89
N GLU M 238 70.31 7.04 -25.05
CA GLU M 238 70.07 8.05 -26.04
C GLU M 238 70.01 7.38 -27.37
N ALA M 239 70.92 6.42 -27.61
CA ALA M 239 70.90 5.69 -28.83
C ALA M 239 69.58 4.97 -28.86
N VAL M 240 69.15 4.51 -27.68
CA VAL M 240 67.94 3.77 -27.54
C VAL M 240 66.82 4.64 -27.99
N ALA M 241 66.91 5.95 -27.77
CA ALA M 241 65.82 6.82 -28.14
C ALA M 241 65.62 6.66 -29.61
N LYS M 242 66.72 6.64 -30.38
CA LYS M 242 66.66 6.43 -31.80
C LYS M 242 66.06 5.09 -32.01
N ALA M 243 66.40 4.16 -31.10
CA ALA M 243 65.82 2.85 -31.03
C ALA M 243 64.41 3.04 -30.59
N GLY M 244 63.89 2.09 -29.80
CA GLY M 244 62.48 2.09 -29.53
C GLY M 244 61.99 0.71 -29.82
N LYS M 245 62.77 -0.08 -30.56
CA LYS M 245 62.61 -1.48 -30.41
C LYS M 245 63.03 -1.73 -29.00
N PRO M 246 62.33 -2.59 -28.31
CA PRO M 246 62.38 -2.57 -26.88
C PRO M 246 63.76 -2.88 -26.43
N LEU M 247 64.21 -2.26 -25.31
CA LEU M 247 65.58 -2.40 -24.93
C LEU M 247 65.64 -3.33 -23.76
N LEU M 248 66.55 -4.30 -23.84
CA LEU M 248 66.87 -5.15 -22.73
C LEU M 248 68.26 -4.79 -22.32
N ILE M 249 68.51 -4.75 -21.01
CA ILE M 249 69.81 -4.36 -20.55
C ILE M 249 70.36 -5.49 -19.76
N ILE M 250 71.64 -5.83 -20.02
CA ILE M 250 72.27 -6.83 -19.22
C ILE M 250 73.36 -6.15 -18.47
N ALA M 251 73.32 -6.24 -17.13
CA ALA M 251 74.35 -5.64 -16.34
C ALA M 251 74.74 -6.64 -15.31
N GLU M 252 75.98 -6.56 -14.82
CA GLU M 252 76.40 -7.51 -13.84
C GLU M 252 75.48 -7.34 -12.67
N ASP M 253 75.31 -6.08 -12.23
CA ASP M 253 74.37 -5.83 -11.17
C ASP M 253 73.77 -4.49 -11.41
N VAL M 254 72.44 -4.38 -11.33
CA VAL M 254 71.92 -3.05 -11.32
C VAL M 254 71.39 -2.83 -9.94
N GLU M 255 71.89 -1.79 -9.25
CA GLU M 255 71.33 -1.52 -7.97
C GLU M 255 69.97 -1.01 -8.24
N GLY M 256 68.96 -1.57 -7.54
CA GLY M 256 67.62 -1.25 -7.92
C GLY M 256 67.39 0.20 -7.70
N GLU M 257 67.76 0.70 -6.51
CA GLU M 257 67.25 2.00 -6.14
C GLU M 257 67.79 3.02 -7.09
N ALA M 258 69.12 3.05 -7.27
CA ALA M 258 69.66 4.17 -7.98
C ALA M 258 69.16 4.13 -9.39
N LEU M 259 69.32 2.97 -10.07
CA LEU M 259 68.98 2.93 -11.45
C LEU M 259 67.49 3.04 -11.59
N ALA M 260 66.76 2.21 -10.83
CA ALA M 260 65.35 2.09 -11.06
C ALA M 260 64.70 3.39 -10.77
N THR M 261 65.10 4.03 -9.66
CA THR M 261 64.41 5.21 -9.24
C THR M 261 64.53 6.22 -10.33
N LEU M 262 65.78 6.47 -10.79
CA LEU M 262 65.96 7.47 -11.80
C LEU M 262 65.26 7.01 -13.03
N VAL M 263 65.47 5.75 -13.42
CA VAL M 263 65.00 5.31 -14.70
C VAL M 263 63.51 5.41 -14.73
N VAL M 264 62.84 4.80 -13.74
CA VAL M 264 61.42 4.71 -13.83
C VAL M 264 60.86 6.09 -13.83
N ASN M 265 61.18 6.88 -12.78
CA ASN M 265 60.54 8.15 -12.64
C ASN M 265 60.98 9.04 -13.75
N THR M 266 62.31 9.19 -13.92
CA THR M 266 62.83 10.16 -14.84
C THR M 266 62.45 9.75 -16.22
N MET M 267 62.65 8.45 -16.54
CA MET M 267 62.52 8.01 -17.89
C MET M 267 61.10 7.62 -18.11
N ARG M 268 60.53 8.08 -19.23
CA ARG M 268 59.19 7.72 -19.57
C ARG M 268 59.18 6.25 -19.75
N GLY M 269 60.23 5.71 -20.40
CA GLY M 269 60.28 4.29 -20.59
C GLY M 269 59.27 3.94 -21.61
N ILE M 270 59.06 4.83 -22.59
CA ILE M 270 58.07 4.57 -23.59
C ILE M 270 58.49 3.32 -24.28
N VAL M 271 59.79 3.24 -24.65
CA VAL M 271 60.30 2.01 -25.15
C VAL M 271 60.44 1.11 -23.98
N LYS M 272 60.15 -0.19 -24.16
CA LYS M 272 60.22 -1.07 -23.04
C LYS M 272 61.66 -1.22 -22.68
N VAL M 273 61.95 -1.26 -21.37
CA VAL M 273 63.30 -1.50 -20.95
C VAL M 273 63.24 -2.63 -19.96
N ALA M 274 64.29 -3.46 -19.97
CA ALA M 274 64.37 -4.52 -19.00
C ALA M 274 65.78 -4.55 -18.54
N ALA M 275 66.01 -5.06 -17.30
CA ALA M 275 67.36 -5.21 -16.87
C ALA M 275 67.50 -6.59 -16.33
N VAL M 276 68.66 -7.23 -16.56
CA VAL M 276 68.90 -8.52 -15.99
C VAL M 276 70.32 -8.52 -15.52
N LYS M 277 70.61 -9.33 -14.49
CA LYS M 277 71.97 -9.46 -14.06
C LYS M 277 72.65 -10.36 -15.03
N ALA M 278 73.95 -10.10 -15.28
CA ALA M 278 74.66 -10.94 -16.20
C ALA M 278 74.84 -12.27 -15.56
N PRO M 279 74.73 -13.28 -16.35
CA PRO M 279 74.72 -14.63 -15.84
C PRO M 279 76.08 -14.93 -15.31
N GLY M 280 76.17 -15.79 -14.27
CA GLY M 280 77.42 -16.26 -13.82
C GLY M 280 78.08 -15.16 -13.06
N PHE M 281 79.28 -15.44 -12.51
CA PHE M 281 80.03 -14.41 -11.87
C PHE M 281 81.47 -14.65 -12.20
N GLY M 282 82.31 -13.62 -12.02
CA GLY M 282 83.72 -13.80 -12.22
C GLY M 282 83.97 -13.95 -13.68
N ASP M 283 85.06 -14.66 -14.02
CA ASP M 283 85.47 -14.83 -15.38
C ASP M 283 84.37 -15.55 -16.09
N ARG M 284 83.76 -16.53 -15.40
CA ARG M 284 82.75 -17.32 -16.03
C ARG M 284 81.66 -16.41 -16.45
N ARG M 285 81.33 -15.43 -15.57
CA ARG M 285 80.27 -14.52 -15.89
C ARG M 285 80.65 -13.81 -17.14
N LYS M 286 81.91 -13.36 -17.22
CA LYS M 286 82.35 -12.63 -18.38
C LYS M 286 82.20 -13.53 -19.55
N ALA M 287 82.61 -14.81 -19.38
CA ALA M 287 82.60 -15.74 -20.46
C ALA M 287 81.19 -15.88 -20.92
N MET M 288 80.26 -15.98 -19.95
CA MET M 288 78.88 -16.16 -20.30
C MET M 288 78.46 -14.97 -21.07
N LEU M 289 78.91 -13.79 -20.64
CA LEU M 289 78.53 -12.57 -21.30
C LEU M 289 79.00 -12.66 -22.70
N GLN M 290 80.24 -13.15 -22.91
CA GLN M 290 80.79 -13.21 -24.22
C GLN M 290 79.93 -14.11 -25.04
N ASP M 291 79.51 -15.24 -24.45
CA ASP M 291 78.72 -16.19 -25.19
C ASP M 291 77.44 -15.51 -25.56
N ILE M 292 76.86 -14.76 -24.61
CA ILE M 292 75.61 -14.11 -24.88
C ILE M 292 75.83 -13.13 -25.97
N ALA M 293 76.95 -12.39 -25.89
CA ALA M 293 77.20 -11.31 -26.80
C ALA M 293 77.27 -11.88 -28.17
N THR M 294 77.95 -13.03 -28.33
CA THR M 294 78.08 -13.60 -29.64
C THR M 294 76.72 -13.97 -30.11
N LEU M 295 75.91 -14.60 -29.22
CA LEU M 295 74.63 -15.10 -29.61
C LEU M 295 73.78 -13.94 -29.99
N THR M 296 73.85 -12.83 -29.23
CA THR M 296 73.08 -11.67 -29.55
C THR M 296 73.59 -11.14 -30.84
N GLY M 297 74.93 -11.16 -31.02
CA GLY M 297 75.54 -10.57 -32.16
C GLY M 297 75.93 -9.18 -31.78
N GLY M 298 75.58 -8.80 -30.54
CA GLY M 298 75.96 -7.50 -30.05
C GLY M 298 77.35 -7.64 -29.50
N THR M 299 77.89 -6.53 -28.97
CA THR M 299 79.21 -6.58 -28.40
C THR M 299 79.06 -6.18 -26.96
N VAL M 300 80.02 -6.59 -26.13
CA VAL M 300 79.95 -6.26 -24.73
C VAL M 300 81.02 -5.26 -24.46
N ILE M 301 80.76 -4.35 -23.51
CA ILE M 301 81.75 -3.36 -23.18
C ILE M 301 82.15 -3.59 -21.77
N SER M 302 83.46 -3.53 -21.50
CA SER M 302 83.92 -3.70 -20.15
C SER M 302 84.86 -2.58 -19.85
N GLU M 303 85.06 -2.30 -18.55
CA GLU M 303 85.97 -1.28 -18.15
C GLU M 303 87.34 -1.73 -18.57
N GLU M 304 87.61 -3.04 -18.42
CA GLU M 304 88.92 -3.55 -18.72
C GLU M 304 89.19 -3.26 -20.16
N ILE M 305 88.17 -3.49 -21.02
CA ILE M 305 88.33 -3.16 -22.40
C ILE M 305 88.52 -1.69 -22.46
N GLY M 306 87.75 -0.93 -21.66
CA GLY M 306 87.88 0.49 -21.66
C GLY M 306 86.91 1.03 -22.65
N MET M 307 86.08 0.15 -23.23
CA MET M 307 85.05 0.63 -24.10
C MET M 307 84.10 1.38 -23.24
N GLU M 308 83.45 2.41 -23.81
CA GLU M 308 82.57 3.20 -23.01
C GLU M 308 81.18 2.87 -23.40
N LEU M 309 80.27 2.82 -22.42
CA LEU M 309 78.90 2.55 -22.70
C LEU M 309 78.41 3.67 -23.55
N GLU M 310 78.81 4.90 -23.20
CA GLU M 310 78.38 6.06 -23.91
C GLU M 310 78.87 5.92 -25.31
N LYS M 311 80.13 5.49 -25.45
CA LYS M 311 80.74 5.38 -26.75
C LYS M 311 79.97 4.35 -27.51
N ALA M 312 79.59 3.24 -26.84
CA ALA M 312 78.99 2.16 -27.56
C ALA M 312 77.74 2.68 -28.19
N THR M 313 77.47 2.23 -29.43
CA THR M 313 76.33 2.69 -30.15
C THR M 313 75.28 1.63 -30.05
N LEU M 314 74.17 1.83 -30.81
CA LEU M 314 73.11 0.87 -30.88
C LEU M 314 73.67 -0.36 -31.49
N GLU M 315 74.57 -0.19 -32.48
CA GLU M 315 75.05 -1.29 -33.26
C GLU M 315 75.69 -2.26 -32.31
N ASP M 316 76.41 -1.73 -31.30
CA ASP M 316 77.06 -2.61 -30.38
C ASP M 316 76.01 -3.44 -29.74
N LEU M 317 74.86 -2.81 -29.40
CA LEU M 317 73.83 -3.58 -28.77
C LEU M 317 73.35 -4.56 -29.77
N GLY M 318 73.08 -5.80 -29.32
CA GLY M 318 72.59 -6.80 -30.23
C GLY M 318 71.11 -6.66 -30.28
N GLN M 319 70.44 -7.51 -31.08
CA GLN M 319 69.01 -7.50 -31.09
C GLN M 319 68.55 -8.91 -30.93
N ALA M 320 67.35 -9.08 -30.36
CA ALA M 320 66.79 -10.39 -30.23
C ALA M 320 65.47 -10.36 -30.92
N LYS M 321 65.03 -11.51 -31.46
CA LYS M 321 63.75 -11.51 -32.11
C LYS M 321 62.74 -11.20 -31.04
N ARG M 322 62.81 -11.91 -29.91
CA ARG M 322 61.98 -11.59 -28.79
C ARG M 322 62.70 -12.08 -27.57
N VAL M 323 62.42 -11.47 -26.41
CA VAL M 323 63.00 -11.96 -25.20
C VAL M 323 61.89 -12.22 -24.24
N VAL M 324 62.01 -13.30 -23.45
CA VAL M 324 61.06 -13.53 -22.41
C VAL M 324 61.83 -13.55 -21.13
N ILE M 325 61.29 -12.90 -20.09
CA ILE M 325 61.98 -12.90 -18.83
C ILE M 325 61.03 -13.37 -17.80
N ASN M 326 61.51 -14.23 -16.89
CA ASN M 326 60.73 -14.56 -15.72
C ASN M 326 61.63 -14.36 -14.54
N LYS M 327 61.04 -14.37 -13.33
CA LYS M 327 61.83 -14.04 -12.19
C LYS M 327 62.93 -15.04 -12.07
N ASP M 328 62.60 -16.33 -12.26
CA ASP M 328 63.61 -17.33 -12.08
C ASP M 328 64.67 -17.13 -13.13
N THR M 329 64.26 -16.96 -14.40
CA THR M 329 65.23 -17.03 -15.45
C THR M 329 64.92 -16.00 -16.48
N THR M 330 65.92 -15.58 -17.26
CA THR M 330 65.66 -14.71 -18.37
C THR M 330 66.18 -15.39 -19.60
N THR M 331 65.37 -15.43 -20.67
CA THR M 331 65.83 -16.10 -21.84
C THR M 331 65.68 -15.18 -23.00
N ILE M 332 66.48 -15.42 -24.06
CA ILE M 332 66.30 -14.73 -25.29
C ILE M 332 65.87 -15.77 -26.27
N ILE M 333 64.70 -15.57 -26.91
CA ILE M 333 64.21 -16.62 -27.73
C ILE M 333 65.17 -16.81 -28.86
N ASP M 334 65.54 -15.71 -29.54
CA ASP M 334 66.46 -15.83 -30.62
C ASP M 334 67.23 -14.56 -30.72
N GLY M 335 68.55 -14.61 -30.44
CA GLY M 335 69.36 -13.47 -30.73
C GLY M 335 69.62 -13.49 -32.19
N VAL M 336 69.78 -12.31 -32.82
CA VAL M 336 70.11 -12.31 -34.22
C VAL M 336 71.45 -12.96 -34.35
N GLY M 337 72.44 -12.47 -33.57
CA GLY M 337 73.70 -13.12 -33.47
C GLY M 337 74.50 -12.83 -34.69
N GLU M 338 75.79 -13.20 -34.64
CA GLU M 338 76.57 -13.26 -35.85
C GLU M 338 76.79 -14.71 -36.08
N GLU M 339 76.43 -15.21 -37.28
CA GLU M 339 76.42 -16.62 -37.46
C GLU M 339 77.83 -17.11 -37.29
N ALA M 340 78.78 -16.44 -37.98
CA ALA M 340 80.15 -16.88 -37.91
C ALA M 340 80.62 -16.72 -36.51
N ALA M 341 80.32 -15.55 -35.91
CA ALA M 341 80.90 -15.23 -34.63
C ALA M 341 80.42 -16.23 -33.63
N ILE M 342 79.11 -16.53 -33.65
CA ILE M 342 78.55 -17.35 -32.62
C ILE M 342 79.18 -18.69 -32.72
N GLN M 343 79.27 -19.24 -33.94
CA GLN M 343 79.74 -20.58 -34.11
C GLN M 343 81.15 -20.64 -33.63
N GLY M 344 81.96 -19.64 -34.00
CA GLY M 344 83.35 -19.71 -33.69
C GLY M 344 83.51 -19.76 -32.21
N ARG M 345 82.75 -18.92 -31.49
CA ARG M 345 82.91 -18.83 -30.07
C ARG M 345 82.54 -20.16 -29.49
N VAL M 346 81.46 -20.77 -30.01
CA VAL M 346 81.00 -22.00 -29.44
C VAL M 346 82.12 -22.99 -29.57
N ALA M 347 82.75 -23.02 -30.76
CA ALA M 347 83.78 -23.98 -31.00
C ALA M 347 84.88 -23.70 -30.03
N GLN M 348 85.21 -22.42 -29.83
CA GLN M 348 86.32 -22.09 -28.99
C GLN M 348 86.01 -22.57 -27.62
N ILE M 349 84.76 -22.34 -27.16
CA ILE M 349 84.38 -22.75 -25.85
C ILE M 349 84.47 -24.23 -25.79
N ARG M 350 83.97 -24.89 -26.85
CA ARG M 350 83.91 -26.32 -26.86
C ARG M 350 85.30 -26.83 -26.72
N GLN M 351 86.25 -26.21 -27.44
CA GLN M 351 87.61 -26.65 -27.39
C GLN M 351 88.06 -26.48 -25.97
N GLN M 352 87.65 -25.36 -25.35
CA GLN M 352 88.10 -25.05 -24.03
C GLN M 352 87.61 -26.14 -23.12
N ILE M 353 86.37 -26.61 -23.33
CA ILE M 353 85.79 -27.53 -22.42
C ILE M 353 86.66 -28.74 -22.41
N GLU M 354 87.02 -29.24 -23.60
CA GLU M 354 87.87 -30.39 -23.68
C GLU M 354 89.20 -30.01 -23.10
N GLU M 355 89.64 -28.77 -23.42
CA GLU M 355 90.98 -28.37 -23.11
C GLU M 355 91.15 -28.40 -21.63
N ALA M 356 90.17 -27.88 -20.88
CA ALA M 356 90.41 -27.67 -19.48
C ALA M 356 90.67 -28.99 -18.85
N THR M 357 91.77 -29.07 -18.07
CA THR M 357 92.08 -30.27 -17.35
C THR M 357 91.05 -30.45 -16.30
N SER M 358 90.72 -29.36 -15.58
CA SER M 358 89.92 -29.49 -14.40
C SER M 358 88.50 -29.73 -14.81
N ASP M 359 87.75 -30.42 -13.94
CA ASP M 359 86.35 -30.64 -14.16
C ASP M 359 85.67 -29.31 -14.12
N TYR M 360 86.10 -28.45 -13.17
CA TYR M 360 85.38 -27.23 -12.92
C TYR M 360 85.44 -26.42 -14.17
N ASP M 361 86.63 -26.30 -14.78
CA ASP M 361 86.76 -25.48 -15.94
C ASP M 361 85.89 -26.09 -17.00
N ARG M 362 85.92 -27.42 -17.10
CA ARG M 362 85.19 -28.09 -18.14
C ARG M 362 83.74 -27.79 -17.95
N GLU M 363 83.27 -27.85 -16.69
CA GLU M 363 81.87 -27.75 -16.44
C GLU M 363 81.41 -26.39 -16.89
N LYS M 364 82.18 -25.34 -16.54
CA LYS M 364 81.72 -24.02 -16.84
C LYS M 364 81.64 -23.91 -18.33
N LEU M 365 82.68 -24.37 -19.03
CA LEU M 365 82.73 -24.23 -20.46
C LEU M 365 81.60 -25.02 -21.04
N GLN M 366 81.40 -26.25 -20.54
CA GLN M 366 80.43 -27.12 -21.14
C GLN M 366 79.10 -26.49 -20.95
N GLU M 367 78.86 -25.90 -19.77
CA GLU M 367 77.58 -25.31 -19.52
C GLU M 367 77.39 -24.22 -20.51
N ARG M 368 78.45 -23.42 -20.75
CA ARG M 368 78.32 -22.27 -21.59
C ARG M 368 77.94 -22.75 -22.95
N VAL M 369 78.66 -23.76 -23.47
CA VAL M 369 78.40 -24.19 -24.82
C VAL M 369 77.01 -24.74 -24.86
N ALA M 370 76.61 -25.47 -23.81
CA ALA M 370 75.38 -26.19 -23.85
C ALA M 370 74.27 -25.20 -24.03
N LYS M 371 74.35 -24.06 -23.33
CA LYS M 371 73.25 -23.15 -23.36
C LYS M 371 73.04 -22.72 -24.77
N LEU M 372 74.14 -22.32 -25.45
CA LEU M 372 74.00 -21.86 -26.80
C LEU M 372 73.50 -22.99 -27.62
N ALA M 373 74.12 -24.17 -27.44
CA ALA M 373 73.84 -25.27 -28.33
C ALA M 373 72.40 -25.64 -28.20
N GLY M 374 71.88 -25.69 -26.96
CA GLY M 374 70.58 -26.25 -26.76
C GLY M 374 69.60 -25.42 -27.51
N GLY M 375 69.72 -24.09 -27.42
CA GLY M 375 68.78 -23.25 -28.10
C GLY M 375 67.49 -23.37 -27.37
N VAL M 376 66.40 -22.85 -27.98
CA VAL M 376 65.10 -22.98 -27.39
C VAL M 376 64.19 -23.43 -28.48
N ALA M 377 63.07 -24.07 -28.11
CA ALA M 377 62.11 -24.43 -29.11
C ALA M 377 60.86 -23.65 -28.83
N VAL M 378 60.18 -23.20 -29.90
CA VAL M 378 58.97 -22.46 -29.69
C VAL M 378 57.88 -23.20 -30.38
N ILE M 379 56.67 -23.16 -29.79
CA ILE M 379 55.55 -23.80 -30.41
C ILE M 379 54.52 -22.73 -30.62
N LYS M 380 53.90 -22.72 -31.81
CA LYS M 380 52.85 -21.77 -32.05
C LYS M 380 51.57 -22.55 -32.10
N VAL M 381 50.49 -21.98 -31.53
CA VAL M 381 49.23 -22.66 -31.60
C VAL M 381 48.32 -21.83 -32.43
N GLY M 382 47.74 -22.44 -33.48
CA GLY M 382 46.80 -21.72 -34.28
C GLY M 382 45.47 -21.90 -33.64
N ALA M 383 44.47 -21.14 -34.13
CA ALA M 383 43.13 -21.34 -33.65
C ALA M 383 42.20 -20.86 -34.70
N ALA M 384 40.95 -21.33 -34.65
CA ALA M 384 39.95 -20.81 -35.54
C ALA M 384 39.79 -19.37 -35.21
N THR M 385 39.75 -19.04 -33.91
CA THR M 385 39.58 -17.68 -33.52
C THR M 385 40.66 -17.37 -32.53
N GLU M 386 40.86 -16.07 -32.26
CA GLU M 386 41.90 -15.66 -31.37
C GLU M 386 41.58 -16.23 -30.02
N VAL M 387 40.29 -16.17 -29.63
CA VAL M 387 39.90 -16.60 -28.33
C VAL M 387 40.26 -18.05 -28.21
N GLU M 388 39.96 -18.83 -29.26
CA GLU M 388 40.19 -20.24 -29.19
C GLU M 388 41.65 -20.45 -29.00
N MET M 389 42.47 -19.65 -29.72
CA MET M 389 43.88 -19.87 -29.70
C MET M 389 44.36 -19.68 -28.30
N LYS M 390 43.86 -18.64 -27.62
CA LYS M 390 44.33 -18.36 -26.30
C LYS M 390 44.01 -19.55 -25.45
N GLU M 391 42.78 -20.06 -25.59
CA GLU M 391 42.37 -21.15 -24.76
C GLU M 391 43.24 -22.31 -25.07
N LYS M 392 43.47 -22.56 -26.37
CA LYS M 392 44.22 -23.72 -26.77
C LYS M 392 45.59 -23.58 -26.20
N LYS M 393 46.16 -22.36 -26.28
CA LYS M 393 47.51 -22.15 -25.88
C LYS M 393 47.61 -22.49 -24.42
N ALA M 394 46.63 -22.03 -23.63
CA ALA M 394 46.71 -22.23 -22.21
C ALA M 394 46.73 -23.70 -21.96
N ARG M 395 45.87 -24.45 -22.67
CA ARG M 395 45.77 -25.86 -22.45
C ARG M 395 47.09 -26.46 -22.81
N VAL M 396 47.68 -26.00 -23.93
CA VAL M 396 48.89 -26.58 -24.41
C VAL M 396 49.93 -26.41 -23.36
N GLU M 397 50.00 -25.21 -22.77
CA GLU M 397 51.05 -24.93 -21.84
C GLU M 397 50.91 -25.87 -20.69
N ALA M 398 49.67 -26.07 -20.22
CA ALA M 398 49.46 -26.89 -19.07
C ALA M 398 49.94 -28.27 -19.40
N ALA M 399 49.59 -28.74 -20.60
CA ALA M 399 49.92 -30.08 -20.98
C ALA M 399 51.40 -30.23 -20.96
N LEU M 400 52.11 -29.21 -21.47
CA LEU M 400 53.53 -29.34 -21.63
C LEU M 400 54.12 -29.54 -20.28
N HIS M 401 53.69 -28.74 -19.29
CA HIS M 401 54.29 -28.83 -17.99
C HIS M 401 54.03 -30.20 -17.48
N ALA M 402 52.78 -30.68 -17.62
CA ALA M 402 52.43 -31.94 -17.05
C ALA M 402 53.28 -32.98 -17.70
N THR M 403 53.43 -32.89 -19.04
CA THR M 403 54.13 -33.92 -19.74
C THR M 403 55.53 -33.97 -19.24
N ARG M 404 56.17 -32.79 -19.12
CA ARG M 404 57.56 -32.76 -18.76
C ARG M 404 57.70 -33.38 -17.42
N ALA M 405 56.82 -32.98 -16.48
CA ALA M 405 56.92 -33.50 -15.16
C ALA M 405 56.69 -34.97 -15.23
N ALA M 406 55.71 -35.38 -16.05
CA ALA M 406 55.29 -36.75 -16.05
C ALA M 406 56.44 -37.59 -16.48
N VAL M 407 57.16 -37.15 -17.54
CA VAL M 407 58.15 -38.02 -18.09
C VAL M 407 59.20 -38.30 -17.06
N GLU M 408 59.68 -37.23 -16.39
CA GLU M 408 60.78 -37.41 -15.47
C GLU M 408 60.34 -38.31 -14.37
N GLU M 409 59.15 -38.02 -13.81
CA GLU M 409 58.69 -38.76 -12.67
C GLU M 409 58.51 -40.17 -13.11
N GLY M 410 58.00 -40.33 -14.34
CA GLY M 410 57.50 -41.61 -14.76
C GLY M 410 56.03 -41.49 -14.57
N VAL M 411 55.25 -42.37 -15.22
CA VAL M 411 53.83 -42.14 -15.20
C VAL M 411 53.18 -43.25 -14.45
N VAL M 412 52.25 -42.89 -13.55
CA VAL M 412 51.47 -43.86 -12.83
C VAL M 412 50.27 -44.19 -13.67
N ALA M 413 49.63 -45.33 -13.38
CA ALA M 413 48.49 -45.70 -14.16
C ALA M 413 47.48 -44.61 -14.01
N GLY M 414 46.76 -44.31 -15.10
CA GLY M 414 45.81 -43.24 -15.05
C GLY M 414 44.50 -43.81 -14.64
N GLY M 415 43.44 -42.98 -14.71
CA GLY M 415 42.12 -43.45 -14.41
C GLY M 415 41.91 -43.34 -12.94
N GLY M 416 42.88 -42.76 -12.22
CA GLY M 416 42.74 -42.63 -10.81
C GLY M 416 42.98 -43.97 -10.23
N VAL M 417 43.59 -44.86 -11.04
CA VAL M 417 43.86 -46.18 -10.60
C VAL M 417 44.77 -46.10 -9.42
N ALA M 418 45.79 -45.23 -9.52
CA ALA M 418 46.72 -45.14 -8.44
C ALA M 418 45.96 -44.71 -7.24
N LEU M 419 45.05 -43.74 -7.41
CA LEU M 419 44.37 -43.17 -6.29
C LEU M 419 43.56 -44.24 -5.62
N ILE M 420 42.82 -45.03 -6.42
CA ILE M 420 41.98 -46.03 -5.82
C ILE M 420 42.85 -47.02 -5.13
N ARG M 421 43.95 -47.43 -5.81
CA ARG M 421 44.76 -48.49 -5.31
C ARG M 421 45.31 -48.07 -3.98
N VAL M 422 45.81 -46.83 -3.90
CA VAL M 422 46.48 -46.38 -2.71
C VAL M 422 45.49 -46.40 -1.59
N ALA M 423 44.24 -46.00 -1.88
CA ALA M 423 43.28 -45.78 -0.85
C ALA M 423 43.10 -47.04 -0.08
N SER M 424 43.06 -48.18 -0.78
CA SER M 424 42.79 -49.43 -0.13
C SER M 424 43.85 -49.63 0.91
N LYS M 425 45.12 -49.41 0.53
CA LYS M 425 46.20 -49.58 1.45
C LYS M 425 46.01 -48.61 2.56
N LEU M 426 45.58 -47.39 2.21
CA LEU M 426 45.48 -46.31 3.15
C LEU M 426 44.49 -46.70 4.18
N ALA M 427 43.41 -47.40 3.77
CA ALA M 427 42.30 -47.63 4.63
C ALA M 427 42.80 -48.36 5.84
N ASP M 428 43.73 -49.30 5.65
CA ASP M 428 44.17 -50.09 6.75
C ASP M 428 44.76 -49.17 7.76
N LEU M 429 45.50 -48.14 7.32
CA LEU M 429 46.15 -47.28 8.25
C LEU M 429 45.07 -46.58 9.02
N ARG M 430 45.32 -46.34 10.32
CA ARG M 430 44.34 -45.73 11.15
C ARG M 430 44.90 -44.43 11.63
N GLY M 431 44.01 -43.45 11.90
CA GLY M 431 44.45 -42.20 12.43
C GLY M 431 44.60 -42.38 13.91
N GLN M 432 45.13 -41.34 14.59
CA GLN M 432 45.37 -41.44 15.99
C GLN M 432 44.06 -41.62 16.68
N ASN M 433 43.05 -40.82 16.30
CA ASN M 433 41.80 -40.88 17.00
C ASN M 433 40.72 -41.04 15.98
N GLU M 434 39.51 -41.36 16.45
CA GLU M 434 38.44 -41.75 15.59
C GLU M 434 38.17 -40.62 14.65
N ASP M 435 38.18 -39.39 15.17
CA ASP M 435 37.86 -38.27 14.33
C ASP M 435 38.85 -38.26 13.22
N GLN M 436 40.13 -38.52 13.55
CA GLN M 436 41.14 -38.57 12.55
C GLN M 436 40.81 -39.72 11.63
N ASN M 437 40.33 -40.83 12.22
CA ASN M 437 40.10 -42.02 11.44
C ASN M 437 39.12 -41.68 10.37
N VAL M 438 38.01 -41.01 10.74
CA VAL M 438 36.98 -40.76 9.78
C VAL M 438 37.54 -39.92 8.69
N GLY M 439 38.37 -38.92 9.07
CA GLY M 439 38.91 -38.03 8.09
C GLY M 439 39.73 -38.84 7.14
N ILE M 440 40.49 -39.82 7.68
CA ILE M 440 41.35 -40.60 6.84
C ILE M 440 40.48 -41.32 5.87
N LYS M 441 39.36 -41.89 6.37
CA LYS M 441 38.49 -42.64 5.51
C LYS M 441 37.97 -41.70 4.47
N VAL M 442 37.66 -40.46 4.89
CA VAL M 442 37.06 -39.52 4.00
C VAL M 442 38.02 -39.32 2.87
N ALA M 443 39.31 -39.16 3.18
CA ALA M 443 40.27 -38.87 2.17
C ALA M 443 40.26 -40.00 1.20
N LEU M 444 40.18 -41.24 1.73
CA LEU M 444 40.23 -42.39 0.88
C LEU M 444 39.03 -42.33 -0.02
N ARG M 445 37.88 -41.97 0.54
CA ARG M 445 36.67 -41.93 -0.23
C ARG M 445 36.87 -40.93 -1.32
N ALA M 446 37.52 -39.80 -0.99
CA ALA M 446 37.66 -38.73 -1.92
C ALA M 446 38.41 -39.24 -3.10
N MET M 447 39.47 -40.05 -2.85
CA MET M 447 40.31 -40.50 -3.91
C MET M 447 39.49 -41.30 -4.86
N GLU M 448 38.59 -42.14 -4.31
CA GLU M 448 37.85 -43.07 -5.09
C GLU M 448 37.00 -42.31 -6.06
N ALA M 449 36.47 -41.15 -5.62
CA ALA M 449 35.39 -40.53 -6.33
C ALA M 449 35.79 -40.23 -7.75
N PRO M 450 36.94 -39.67 -8.03
CA PRO M 450 37.19 -39.22 -9.36
C PRO M 450 37.17 -40.35 -10.33
N LEU M 451 37.46 -41.59 -9.88
CA LEU M 451 37.39 -42.70 -10.76
C LEU M 451 35.97 -42.85 -11.17
N ARG M 452 35.07 -42.67 -10.20
CA ARG M 452 33.67 -42.85 -10.41
C ARG M 452 33.22 -41.86 -11.43
N GLN M 453 33.74 -40.62 -11.34
CA GLN M 453 33.25 -39.58 -12.19
C GLN M 453 33.48 -39.98 -13.61
N ILE M 454 34.67 -40.55 -13.88
CA ILE M 454 34.97 -40.95 -15.23
C ILE M 454 33.97 -41.98 -15.62
N VAL M 455 33.70 -42.93 -14.70
CA VAL M 455 32.81 -44.01 -15.00
C VAL M 455 31.46 -43.44 -15.30
N LEU M 456 31.04 -42.43 -14.51
CA LEU M 456 29.72 -41.88 -14.65
C LEU M 456 29.65 -41.32 -16.02
N ASN M 457 30.73 -40.67 -16.47
CA ASN M 457 30.76 -40.10 -17.77
C ASN M 457 30.53 -41.21 -18.74
N CYS M 458 31.16 -42.36 -18.48
CA CYS M 458 31.00 -43.50 -19.33
C CYS M 458 29.54 -43.86 -19.27
N GLY M 459 28.94 -43.73 -18.09
CA GLY M 459 27.56 -44.09 -17.94
C GLY M 459 27.53 -45.46 -17.32
N GLU M 460 28.72 -46.08 -17.21
CA GLU M 460 28.80 -47.32 -16.50
C GLU M 460 28.67 -46.97 -15.06
N GLU M 461 28.18 -47.92 -14.24
CA GLU M 461 27.99 -47.61 -12.86
C GLU M 461 29.33 -47.72 -12.19
N PRO M 462 29.76 -46.61 -11.66
CA PRO M 462 31.08 -46.48 -11.14
C PRO M 462 31.29 -47.41 -10.00
N SER M 463 30.19 -47.83 -9.35
CA SER M 463 30.32 -48.64 -8.18
C SER M 463 30.99 -49.92 -8.60
N VAL M 464 30.47 -50.55 -9.66
CA VAL M 464 30.99 -51.82 -10.07
C VAL M 464 32.41 -51.62 -10.46
N VAL M 465 32.66 -50.57 -11.26
CA VAL M 465 33.98 -50.37 -11.79
C VAL M 465 34.91 -50.17 -10.65
N ALA M 466 34.51 -49.32 -9.69
CA ALA M 466 35.40 -49.01 -8.60
C ALA M 466 35.68 -50.26 -7.86
N ASN M 467 34.63 -51.07 -7.62
CA ASN M 467 34.81 -52.26 -6.86
C ASN M 467 35.76 -53.15 -7.59
N THR M 468 35.56 -53.28 -8.91
CA THR M 468 36.38 -54.16 -9.69
C THR M 468 37.78 -53.65 -9.63
N VAL M 469 37.93 -52.32 -9.78
CA VAL M 469 39.25 -51.77 -9.85
C VAL M 469 39.94 -52.08 -8.57
N LYS M 470 39.23 -51.88 -7.44
CA LYS M 470 39.84 -52.08 -6.16
C LYS M 470 40.27 -53.50 -6.08
N GLY M 471 39.40 -54.41 -6.55
CA GLY M 471 39.64 -55.81 -6.34
C GLY M 471 40.93 -56.17 -7.00
N GLY M 472 41.17 -55.66 -8.21
CA GLY M 472 42.33 -56.10 -8.93
C GLY M 472 43.53 -55.65 -8.18
N ASP M 473 44.52 -56.55 -8.06
CA ASP M 473 45.76 -56.20 -7.43
C ASP M 473 46.63 -55.61 -8.49
N GLY M 474 47.82 -55.10 -8.09
CA GLY M 474 48.73 -54.59 -9.06
C GLY M 474 48.11 -53.36 -9.63
N ASN M 475 48.45 -53.04 -10.89
CA ASN M 475 47.83 -51.91 -11.50
C ASN M 475 46.61 -52.41 -12.18
N TYR M 476 45.43 -52.02 -11.65
CA TYR M 476 44.20 -52.41 -12.26
C TYR M 476 43.43 -51.15 -12.46
N GLY M 477 42.72 -51.04 -13.60
CA GLY M 477 42.04 -49.80 -13.85
C GLY M 477 41.03 -50.03 -14.91
N TYR M 478 40.25 -48.98 -15.20
CA TYR M 478 39.23 -49.08 -16.22
C TYR M 478 39.61 -48.10 -17.27
N ASN M 479 39.58 -48.53 -18.55
CA ASN M 479 39.88 -47.62 -19.61
C ASN M 479 38.58 -47.17 -20.16
N ALA M 480 38.35 -45.84 -20.18
CA ALA M 480 37.07 -45.37 -20.62
C ALA M 480 36.90 -45.76 -22.05
N ALA M 481 37.94 -45.51 -22.88
CA ALA M 481 37.80 -45.71 -24.28
C ALA M 481 37.55 -47.15 -24.54
N THR M 482 38.37 -48.03 -23.92
CA THR M 482 38.25 -49.43 -24.17
C THR M 482 36.93 -49.87 -23.63
N GLU M 483 36.58 -49.36 -22.44
CA GLU M 483 35.45 -49.88 -21.72
C GLU M 483 35.73 -51.34 -21.52
N GLU M 484 37.02 -51.67 -21.38
CA GLU M 484 37.42 -53.02 -21.09
C GLU M 484 38.40 -52.93 -19.97
N TYR M 485 38.56 -54.04 -19.22
CA TYR M 485 39.50 -54.02 -18.14
C TYR M 485 40.79 -54.50 -18.68
N GLY M 486 41.88 -53.77 -18.35
CA GLY M 486 43.18 -54.17 -18.81
C GLY M 486 44.17 -53.45 -17.95
N ASN M 487 45.45 -53.82 -18.06
CA ASN M 487 46.44 -53.18 -17.24
C ASN M 487 46.57 -51.79 -17.77
N MET M 488 46.69 -50.81 -16.84
CA MET M 488 46.77 -49.45 -17.26
C MET M 488 48.03 -49.29 -18.04
N ILE M 489 49.11 -49.91 -17.56
CA ILE M 489 50.39 -49.75 -18.20
C ILE M 489 50.27 -50.32 -19.58
N ASP M 490 49.66 -51.52 -19.67
CA ASP M 490 49.54 -52.16 -20.94
C ASP M 490 48.73 -51.26 -21.82
N MET M 491 47.69 -50.65 -21.24
CA MET M 491 46.85 -49.77 -22.00
C MET M 491 47.71 -48.64 -22.47
N GLY M 492 48.62 -48.16 -21.60
CA GLY M 492 49.51 -47.13 -21.99
C GLY M 492 48.91 -45.81 -21.62
N ILE M 493 47.76 -45.84 -20.92
CA ILE M 493 47.21 -44.59 -20.50
C ILE M 493 47.62 -44.41 -19.08
N LEU M 494 48.44 -43.37 -18.85
CA LEU M 494 49.06 -43.21 -17.57
C LEU M 494 48.94 -41.76 -17.20
N ASP M 495 48.57 -41.49 -15.93
CA ASP M 495 48.55 -40.13 -15.49
C ASP M 495 49.83 -39.91 -14.74
N PRO M 496 50.36 -38.73 -14.87
CA PRO M 496 51.66 -38.45 -14.34
C PRO M 496 51.60 -38.57 -12.86
N THR M 497 52.68 -39.07 -12.23
CA THR M 497 52.69 -39.23 -10.80
C THR M 497 52.61 -37.87 -10.19
N LYS M 498 53.42 -36.93 -10.73
CA LYS M 498 53.55 -35.65 -10.09
C LYS M 498 52.21 -34.99 -10.13
N VAL M 499 51.53 -35.04 -11.28
CA VAL M 499 50.30 -34.33 -11.41
C VAL M 499 49.34 -34.90 -10.41
N THR M 500 49.28 -36.24 -10.31
CA THR M 500 48.33 -36.85 -9.44
C THR M 500 48.66 -36.43 -8.05
N ARG M 501 49.95 -36.52 -7.68
CA ARG M 501 50.34 -36.23 -6.34
C ARG M 501 50.00 -34.80 -6.05
N SER M 502 50.33 -33.91 -7.00
CA SER M 502 50.18 -32.50 -6.74
C SER M 502 48.74 -32.24 -6.50
N ALA M 503 47.86 -32.76 -7.37
CA ALA M 503 46.47 -32.43 -7.29
C ALA M 503 45.96 -32.89 -5.96
N LEU M 504 46.34 -34.10 -5.55
CA LEU M 504 45.77 -34.68 -4.37
C LEU M 504 46.14 -33.81 -3.22
N GLN M 505 47.43 -33.40 -3.14
CA GLN M 505 47.88 -32.70 -1.98
C GLN M 505 47.13 -31.43 -1.88
N TYR M 506 46.99 -30.71 -3.01
CA TYR M 506 46.37 -29.42 -2.98
C TYR M 506 44.94 -29.61 -2.57
N ALA M 507 44.28 -30.62 -3.16
CA ALA M 507 42.88 -30.79 -2.91
C ALA M 507 42.71 -31.03 -1.46
N ALA M 508 43.58 -31.86 -0.87
CA ALA M 508 43.45 -32.18 0.51
C ALA M 508 43.60 -30.92 1.29
N SER M 509 44.57 -30.07 0.90
CA SER M 509 44.83 -28.88 1.64
C SER M 509 43.60 -28.05 1.60
N VAL M 510 42.97 -27.94 0.41
CA VAL M 510 41.84 -27.06 0.28
C VAL M 510 40.78 -27.55 1.21
N ALA M 511 40.53 -28.87 1.21
CA ALA M 511 39.42 -29.39 1.94
C ALA M 511 39.62 -29.08 3.39
N GLY M 512 40.86 -29.25 3.87
CA GLY M 512 41.11 -29.06 5.28
C GLY M 512 40.79 -27.65 5.62
N LEU M 513 41.20 -26.72 4.75
CA LEU M 513 41.07 -25.32 5.06
C LEU M 513 39.60 -25.02 5.20
N MET M 514 38.78 -25.58 4.30
CA MET M 514 37.40 -25.23 4.25
C MET M 514 36.76 -25.61 5.54
N ILE M 515 37.17 -26.77 6.09
CA ILE M 515 36.47 -27.33 7.20
C ILE M 515 36.57 -26.35 8.34
N THR M 516 37.77 -25.76 8.53
CA THR M 516 37.98 -24.88 9.64
C THR M 516 37.31 -23.58 9.32
N THR M 517 38.00 -22.46 9.61
CA THR M 517 37.37 -21.18 9.46
C THR M 517 36.09 -21.19 10.22
N GLU M 518 36.19 -21.35 11.55
CA GLU M 518 35.03 -21.44 12.38
C GLU M 518 34.23 -20.18 12.22
N CYS M 519 34.90 -19.01 12.28
CA CYS M 519 34.16 -17.80 12.22
C CYS M 519 34.48 -17.11 10.94
N MET M 520 33.51 -16.35 10.42
CA MET M 520 33.77 -15.57 9.24
C MET M 520 33.20 -14.20 9.47
N VAL M 521 33.83 -13.18 8.88
CA VAL M 521 33.24 -11.88 8.92
C VAL M 521 33.14 -11.40 7.51
N THR M 522 32.04 -10.70 7.19
CA THR M 522 31.89 -10.16 5.87
C THR M 522 31.32 -8.79 6.03
N ASP M 523 31.24 -8.03 4.93
CA ASP M 523 30.56 -6.77 5.02
C ASP M 523 29.10 -7.05 5.01
N LEU M 524 28.32 -6.20 5.71
CA LEU M 524 26.89 -6.34 5.74
C LEU M 524 26.39 -5.85 4.43
N PRO M 525 25.62 -6.55 3.72
N ALA N 2 28.37 -6.69 -13.80
CA ALA N 2 27.66 -6.61 -12.50
C ALA N 2 27.75 -7.91 -11.77
N ALA N 3 26.62 -8.31 -11.15
CA ALA N 3 26.56 -9.57 -10.47
C ALA N 3 26.58 -10.61 -11.54
N LYS N 4 26.67 -11.88 -11.15
CA LYS N 4 26.65 -12.92 -12.12
C LYS N 4 25.49 -13.83 -11.81
N ASP N 5 24.74 -14.22 -12.85
CA ASP N 5 23.72 -15.21 -12.70
C ASP N 5 24.20 -16.42 -13.41
N VAL N 6 24.15 -17.59 -12.76
CA VAL N 6 24.62 -18.79 -13.39
C VAL N 6 23.44 -19.66 -13.62
N LYS N 7 23.37 -20.26 -14.83
CA LYS N 7 22.30 -21.19 -15.09
C LYS N 7 22.89 -22.36 -15.80
N PHE N 8 22.29 -23.55 -15.59
CA PHE N 8 22.65 -24.69 -16.38
C PHE N 8 21.36 -25.27 -16.86
N GLY N 9 21.37 -25.93 -18.03
CA GLY N 9 20.22 -26.72 -18.36
C GLY N 9 19.62 -26.22 -19.63
N ASN N 10 18.37 -26.64 -19.87
CA ASN N 10 17.62 -26.38 -21.07
C ASN N 10 17.36 -24.92 -21.15
N ASP N 11 17.19 -24.26 -19.99
CA ASP N 11 16.68 -22.93 -19.95
C ASP N 11 17.58 -22.06 -20.76
N ALA N 12 18.90 -22.27 -20.66
CA ALA N 12 19.78 -21.46 -21.43
C ALA N 12 19.46 -21.69 -22.87
N ARG N 13 19.27 -22.96 -23.25
CA ARG N 13 19.06 -23.30 -24.62
C ARG N 13 17.81 -22.66 -25.11
N VAL N 14 16.74 -22.67 -24.29
CA VAL N 14 15.45 -22.28 -24.78
C VAL N 14 15.52 -20.86 -25.23
N LYS N 15 16.23 -20.01 -24.46
CA LYS N 15 16.30 -18.62 -24.79
C LYS N 15 16.91 -18.52 -26.15
N MET N 16 17.99 -19.29 -26.38
CA MET N 16 18.68 -19.19 -27.62
C MET N 16 17.74 -19.59 -28.71
N LEU N 17 16.95 -20.65 -28.48
CA LEU N 17 16.13 -21.18 -29.53
C LEU N 17 15.16 -20.12 -29.93
N ARG N 18 14.52 -19.48 -28.94
CA ARG N 18 13.49 -18.54 -29.25
C ARG N 18 14.09 -17.44 -30.05
N GLY N 19 15.30 -16.99 -29.63
CA GLY N 19 15.92 -15.89 -30.29
C GLY N 19 16.18 -16.30 -31.70
N VAL N 20 16.66 -17.54 -31.90
CA VAL N 20 17.03 -17.97 -33.21
C VAL N 20 15.81 -17.92 -34.06
N ASN N 21 14.68 -18.41 -33.53
CA ASN N 21 13.50 -18.55 -34.33
C ASN N 21 13.11 -17.19 -34.81
N VAL N 22 13.12 -16.19 -33.92
CA VAL N 22 12.60 -14.92 -34.29
C VAL N 22 13.39 -14.41 -35.44
N LEU N 23 14.73 -14.45 -35.32
CA LEU N 23 15.56 -13.93 -36.37
C LEU N 23 15.30 -14.76 -37.59
N ALA N 24 15.25 -16.08 -37.41
CA ALA N 24 15.18 -16.97 -38.53
C ALA N 24 13.92 -16.70 -39.27
N ASP N 25 12.80 -16.48 -38.55
CA ASP N 25 11.52 -16.43 -39.19
C ASP N 25 11.54 -15.31 -40.18
N ALA N 26 12.03 -14.13 -39.76
CA ALA N 26 11.99 -13.01 -40.65
C ALA N 26 12.83 -13.34 -41.84
N VAL N 27 14.01 -13.94 -41.59
CA VAL N 27 14.96 -14.20 -42.64
C VAL N 27 14.35 -15.18 -43.59
N LYS N 28 13.68 -16.22 -43.08
CA LYS N 28 13.23 -17.28 -43.92
C LYS N 28 12.24 -16.73 -44.90
N VAL N 29 11.29 -15.91 -44.41
CA VAL N 29 10.27 -15.42 -45.30
C VAL N 29 10.93 -14.59 -46.34
N THR N 30 11.89 -13.75 -45.92
CA THR N 30 12.53 -12.86 -46.84
C THR N 30 13.26 -13.67 -47.84
N LEU N 31 13.85 -14.81 -47.41
CA LEU N 31 14.66 -15.57 -48.30
C LEU N 31 13.80 -15.99 -49.44
N GLY N 32 14.39 -16.00 -50.65
CA GLY N 32 13.64 -16.27 -51.82
C GLY N 32 13.03 -14.97 -52.23
N PRO N 33 12.49 -14.94 -53.41
CA PRO N 33 12.09 -13.72 -54.03
C PRO N 33 11.01 -13.10 -53.20
N LYS N 34 10.32 -13.94 -52.40
CA LYS N 34 9.09 -13.59 -51.78
C LYS N 34 9.28 -12.53 -50.73
N GLY N 35 10.33 -12.64 -49.90
CA GLY N 35 10.38 -11.85 -48.70
C GLY N 35 10.39 -10.40 -49.11
N ARG N 36 9.29 -9.69 -48.81
CA ARG N 36 9.14 -8.34 -49.26
C ARG N 36 10.12 -7.44 -48.58
N ASN N 37 10.16 -7.43 -47.23
CA ASN N 37 10.86 -6.32 -46.64
C ASN N 37 10.98 -6.51 -45.16
N VAL N 38 11.75 -5.62 -44.51
CA VAL N 38 11.78 -5.50 -43.08
C VAL N 38 12.01 -4.05 -42.78
N VAL N 39 11.65 -3.59 -41.57
CA VAL N 39 11.80 -2.20 -41.25
C VAL N 39 12.46 -2.09 -39.91
N LEU N 40 13.15 -0.96 -39.66
CA LEU N 40 13.76 -0.72 -38.38
C LEU N 40 13.36 0.64 -37.90
N ASP N 41 13.51 0.88 -36.59
CA ASP N 41 13.27 2.19 -36.05
C ASP N 41 14.56 2.96 -36.12
N LYS N 42 14.48 4.28 -35.91
CA LYS N 42 15.66 5.07 -35.71
C LYS N 42 15.40 5.97 -34.53
N SER N 43 16.47 6.30 -33.78
CA SER N 43 16.31 7.17 -32.65
C SER N 43 15.86 8.50 -33.16
N PHE N 44 16.58 9.04 -34.15
CA PHE N 44 16.25 10.34 -34.67
C PHE N 44 15.90 10.15 -36.10
N GLY N 45 15.00 11.03 -36.61
CA GLY N 45 14.68 11.00 -38.00
C GLY N 45 13.72 9.88 -38.22
N ALA N 46 13.36 9.63 -39.49
CA ALA N 46 12.45 8.58 -39.80
C ALA N 46 13.20 7.30 -39.64
N PRO N 47 12.48 6.27 -39.31
CA PRO N 47 13.04 4.99 -39.01
C PRO N 47 13.67 4.46 -40.26
N THR N 48 14.71 3.61 -40.13
CA THR N 48 15.35 3.10 -41.30
C THR N 48 14.54 1.95 -41.79
N ILE N 49 14.64 1.65 -43.09
CA ILE N 49 13.97 0.49 -43.60
C ILE N 49 15.04 -0.38 -44.17
N THR N 50 14.90 -1.70 -43.98
CA THR N 50 15.98 -2.57 -44.37
C THR N 50 15.44 -3.50 -45.41
N LYS N 51 16.35 -4.15 -46.15
CA LYS N 51 15.96 -4.93 -47.28
C LYS N 51 16.26 -6.36 -46.99
N ASP N 52 17.32 -6.88 -47.62
CA ASP N 52 17.52 -8.29 -47.78
C ASP N 52 17.64 -8.91 -46.43
N GLY N 53 17.56 -10.26 -46.39
CA GLY N 53 17.40 -10.99 -45.18
C GLY N 53 18.56 -10.73 -44.29
N VAL N 54 19.77 -10.64 -44.86
CA VAL N 54 20.92 -10.43 -44.03
C VAL N 54 20.69 -9.13 -43.33
N SER N 55 20.25 -8.13 -44.09
CA SER N 55 20.00 -6.84 -43.54
C SER N 55 18.91 -7.00 -42.52
N VAL N 56 17.93 -7.87 -42.82
CA VAL N 56 16.82 -8.04 -41.93
C VAL N 56 17.36 -8.54 -40.63
N ALA N 57 18.24 -9.54 -40.67
CA ALA N 57 18.75 -10.13 -39.48
C ALA N 57 19.48 -9.08 -38.73
N ARG N 58 20.27 -8.27 -39.47
CA ARG N 58 21.08 -7.27 -38.84
C ARG N 58 20.17 -6.35 -38.11
N GLU N 59 19.07 -5.95 -38.76
CA GLU N 59 18.19 -4.99 -38.19
C GLU N 59 17.61 -5.58 -36.95
N ILE N 60 17.24 -6.87 -37.00
CA ILE N 60 16.51 -7.44 -35.90
C ILE N 60 17.44 -7.58 -34.74
N GLU N 61 17.01 -7.08 -33.57
CA GLU N 61 17.73 -7.30 -32.35
C GLU N 61 16.75 -7.84 -31.37
N LEU N 62 17.22 -8.65 -30.41
CA LEU N 62 16.31 -9.20 -29.45
C LEU N 62 16.50 -8.48 -28.16
N GLU N 63 15.38 -8.14 -27.49
CA GLU N 63 15.47 -7.43 -26.27
C GLU N 63 16.15 -8.30 -25.27
N ASP N 64 15.75 -9.59 -25.22
CA ASP N 64 16.30 -10.45 -24.22
C ASP N 64 17.75 -10.63 -24.54
N LYS N 65 18.59 -10.61 -23.49
CA LYS N 65 20.01 -10.75 -23.70
C LYS N 65 20.24 -12.11 -24.26
N PHE N 66 19.62 -13.13 -23.63
CA PHE N 66 19.88 -14.48 -24.02
C PHE N 66 19.43 -14.64 -25.43
N GLU N 67 18.20 -14.20 -25.72
CA GLU N 67 17.65 -14.38 -27.04
C GLU N 67 18.52 -13.63 -27.99
N ASN N 68 18.88 -12.39 -27.62
CA ASN N 68 19.62 -11.56 -28.52
C ASN N 68 20.91 -12.23 -28.80
N MET N 69 21.56 -12.77 -27.75
CA MET N 69 22.86 -13.34 -27.92
C MET N 69 22.72 -14.50 -28.86
N GLY N 70 21.66 -15.31 -28.67
CA GLY N 70 21.49 -16.47 -29.49
C GLY N 70 21.33 -16.01 -30.90
N ALA N 71 20.55 -14.94 -31.09
CA ALA N 71 20.29 -14.44 -32.41
C ALA N 71 21.60 -14.02 -32.99
N GLN N 72 22.43 -13.36 -32.17
CA GLN N 72 23.64 -12.78 -32.66
C GLN N 72 24.49 -13.89 -33.18
N MET N 73 24.53 -15.03 -32.47
CA MET N 73 25.44 -16.07 -32.82
C MET N 73 25.14 -16.49 -34.21
N VAL N 74 23.84 -16.67 -34.51
CA VAL N 74 23.46 -17.14 -35.80
C VAL N 74 23.92 -16.13 -36.81
N LYS N 75 23.68 -14.84 -36.51
CA LYS N 75 23.92 -13.82 -37.48
C LYS N 75 25.38 -13.84 -37.82
N GLU N 76 26.24 -13.95 -36.80
CA GLU N 76 27.64 -13.79 -37.04
C GLU N 76 28.07 -14.89 -37.97
N VAL N 77 27.62 -16.12 -37.70
CA VAL N 77 28.03 -17.21 -38.54
C VAL N 77 27.51 -16.94 -39.90
N ALA N 78 26.24 -16.47 -39.97
CA ALA N 78 25.60 -16.32 -41.24
C ALA N 78 26.40 -15.35 -42.04
N SER N 79 26.84 -14.27 -41.39
CA SER N 79 27.53 -13.24 -42.12
C SER N 79 28.77 -13.84 -42.70
N LYS N 80 29.47 -14.67 -41.91
CA LYS N 80 30.72 -15.20 -42.35
C LYS N 80 30.46 -16.00 -43.58
N ALA N 81 29.41 -16.83 -43.55
CA ALA N 81 29.08 -17.62 -44.70
C ALA N 81 28.73 -16.66 -45.80
N ASN N 82 28.02 -15.58 -45.45
CA ASN N 82 27.54 -14.67 -46.43
C ASN N 82 28.72 -14.12 -47.14
N ASP N 83 29.78 -13.74 -46.40
CA ASP N 83 30.86 -13.10 -47.08
C ASP N 83 31.45 -14.05 -48.06
N ALA N 84 31.78 -15.27 -47.62
CA ALA N 84 32.51 -16.16 -48.48
C ALA N 84 31.66 -16.53 -49.65
N ALA N 85 30.42 -16.97 -49.38
CA ALA N 85 29.58 -17.44 -50.44
C ALA N 85 29.28 -16.29 -51.34
N GLY N 86 28.95 -15.15 -50.71
CA GLY N 86 28.50 -14.00 -51.41
C GLY N 86 27.01 -14.06 -51.39
N ASP N 87 26.47 -15.28 -51.21
CA ASP N 87 25.05 -15.45 -51.14
C ASP N 87 24.78 -16.49 -50.12
N GLY N 88 23.48 -16.81 -49.91
CA GLY N 88 23.12 -17.94 -49.10
C GLY N 88 23.19 -17.56 -47.66
N THR N 89 23.18 -16.25 -47.37
CA THR N 89 23.24 -15.86 -45.99
C THR N 89 22.02 -16.42 -45.33
N THR N 90 20.86 -16.22 -45.97
CA THR N 90 19.62 -16.62 -45.39
C THR N 90 19.64 -18.11 -45.26
N THR N 91 20.15 -18.79 -46.30
CA THR N 91 20.03 -20.21 -46.36
C THR N 91 20.71 -20.77 -45.15
N ALA N 92 21.89 -20.22 -44.82
CA ALA N 92 22.62 -20.73 -43.70
C ALA N 92 21.76 -20.53 -42.49
N THR N 93 21.13 -19.35 -42.37
CA THR N 93 20.37 -19.06 -41.20
C THR N 93 19.26 -20.06 -41.14
N VAL N 94 18.58 -20.29 -42.28
CA VAL N 94 17.44 -21.15 -42.28
C VAL N 94 17.89 -22.51 -41.84
N LEU N 95 19.02 -22.97 -42.40
CA LEU N 95 19.48 -24.30 -42.11
C LEU N 95 19.75 -24.38 -40.65
N ALA N 96 20.42 -23.33 -40.10
CA ALA N 96 20.86 -23.40 -38.75
C ALA N 96 19.66 -23.55 -37.87
N GLN N 97 18.59 -22.79 -38.16
CA GLN N 97 17.46 -22.77 -37.28
C GLN N 97 16.91 -24.16 -37.21
N ALA N 98 16.77 -24.81 -38.38
CA ALA N 98 16.15 -26.10 -38.40
C ALA N 98 16.99 -27.03 -37.58
N ILE N 99 18.32 -26.96 -37.77
CA ILE N 99 19.19 -27.88 -37.11
C ILE N 99 19.07 -27.64 -35.64
N ILE N 100 19.09 -26.36 -35.23
CA ILE N 100 19.17 -26.04 -33.84
C ILE N 100 17.95 -26.57 -33.17
N THR N 101 16.77 -26.35 -33.78
CA THR N 101 15.55 -26.71 -33.12
C THR N 101 15.59 -28.18 -32.87
N GLU N 102 15.97 -28.96 -33.90
CA GLU N 102 15.95 -30.38 -33.76
C GLU N 102 16.94 -30.75 -32.71
N GLY N 103 18.12 -30.10 -32.72
CA GLY N 103 19.15 -30.46 -31.80
C GLY N 103 18.63 -30.21 -30.42
N LEU N 104 17.91 -29.08 -30.25
CA LEU N 104 17.42 -28.72 -28.95
C LEU N 104 16.46 -29.78 -28.51
N LYS N 105 15.60 -30.25 -29.45
CA LYS N 105 14.62 -31.22 -29.08
C LYS N 105 15.36 -32.41 -28.59
N ALA N 106 16.45 -32.76 -29.29
CA ALA N 106 17.25 -33.89 -28.92
C ALA N 106 17.78 -33.64 -27.56
N VAL N 107 18.18 -32.38 -27.29
CA VAL N 107 18.68 -32.04 -25.99
C VAL N 107 17.59 -32.35 -25.02
N ALA N 108 16.35 -32.02 -25.41
CA ALA N 108 15.21 -32.32 -24.59
C ALA N 108 15.19 -33.81 -24.43
N ALA N 109 15.53 -34.53 -25.50
CA ALA N 109 15.56 -35.95 -25.47
C ALA N 109 16.55 -36.33 -24.41
N GLY N 110 17.67 -35.58 -24.33
CA GLY N 110 18.64 -35.88 -23.33
C GLY N 110 19.68 -36.76 -23.93
N MET N 111 19.58 -36.97 -25.26
CA MET N 111 20.63 -37.69 -25.92
C MET N 111 21.83 -36.81 -25.85
N ASN N 112 23.03 -37.39 -25.86
CA ASN N 112 24.19 -36.58 -25.69
C ASN N 112 24.46 -35.89 -26.99
N PRO N 113 24.44 -34.59 -26.92
CA PRO N 113 24.46 -33.75 -28.07
C PRO N 113 25.75 -33.94 -28.82
N MET N 114 26.80 -34.44 -28.14
CA MET N 114 28.08 -34.50 -28.76
C MET N 114 27.97 -35.42 -29.93
N ASP N 115 27.28 -36.55 -29.75
CA ASP N 115 27.15 -37.51 -30.80
C ASP N 115 26.42 -36.83 -31.91
N LEU N 116 25.38 -36.07 -31.56
CA LEU N 116 24.53 -35.48 -32.55
C LEU N 116 25.38 -34.54 -33.35
N LYS N 117 26.20 -33.74 -32.66
CA LYS N 117 26.98 -32.75 -33.35
C LYS N 117 27.88 -33.49 -34.29
N ARG N 118 28.47 -34.59 -33.80
CA ARG N 118 29.39 -35.33 -34.62
C ARG N 118 28.63 -35.84 -35.80
N GLY N 119 27.41 -36.36 -35.55
CA GLY N 119 26.64 -36.93 -36.61
C GLY N 119 26.36 -35.85 -37.61
N ILE N 120 26.02 -34.65 -37.11
CA ILE N 120 25.65 -33.59 -37.98
C ILE N 120 26.84 -33.28 -38.84
N ASP N 121 28.02 -33.20 -38.20
CA ASP N 121 29.20 -32.85 -38.92
C ASP N 121 29.42 -33.89 -39.96
N LYS N 122 29.25 -35.16 -39.58
CA LYS N 122 29.51 -36.23 -40.48
C LYS N 122 28.58 -36.09 -41.64
N ALA N 123 27.30 -35.78 -41.35
CA ALA N 123 26.33 -35.68 -42.38
C ALA N 123 26.74 -34.58 -43.29
N VAL N 124 27.21 -33.46 -42.70
CA VAL N 124 27.53 -32.30 -43.48
C VAL N 124 28.60 -32.69 -44.44
N THR N 125 29.61 -33.42 -43.96
CA THR N 125 30.74 -33.74 -44.79
C THR N 125 30.23 -34.54 -45.95
N ALA N 126 29.35 -35.52 -45.66
CA ALA N 126 28.88 -36.39 -46.70
C ALA N 126 28.15 -35.54 -47.68
N ALA N 127 27.31 -34.62 -47.19
CA ALA N 127 26.49 -33.83 -48.06
C ALA N 127 27.40 -33.04 -48.93
N VAL N 128 28.48 -32.49 -48.36
CA VAL N 128 29.34 -31.62 -49.11
C VAL N 128 29.88 -32.40 -50.26
N GLU N 129 30.31 -33.65 -50.01
CA GLU N 129 30.94 -34.42 -51.04
C GLU N 129 29.94 -34.61 -52.12
N GLU N 130 28.68 -34.92 -51.75
CA GLU N 130 27.67 -35.19 -52.72
C GLU N 130 27.49 -33.96 -53.54
N LEU N 131 27.46 -32.79 -52.87
CA LEU N 131 27.16 -31.57 -53.55
C LEU N 131 28.22 -31.35 -54.58
N LYS N 132 29.49 -31.58 -54.20
CA LYS N 132 30.57 -31.25 -55.08
C LYS N 132 30.40 -32.03 -56.34
N ALA N 133 30.10 -33.33 -56.20
CA ALA N 133 29.93 -34.16 -57.36
C ALA N 133 28.77 -33.63 -58.13
N LEU N 134 27.70 -33.23 -57.41
CA LEU N 134 26.48 -32.82 -58.03
C LEU N 134 26.77 -31.61 -58.85
N SER N 135 27.64 -30.72 -58.34
CA SER N 135 27.81 -29.43 -58.94
C SER N 135 28.23 -29.62 -60.36
N VAL N 136 27.86 -28.65 -61.21
CA VAL N 136 28.23 -28.67 -62.60
C VAL N 136 28.71 -27.29 -62.92
N PRO N 137 29.33 -27.16 -64.05
CA PRO N 137 30.06 -25.97 -64.38
C PRO N 137 29.09 -24.84 -64.49
N CYS N 138 29.56 -23.60 -64.27
CA CYS N 138 28.67 -22.48 -64.30
C CYS N 138 28.28 -22.24 -65.73
N SER N 139 27.05 -21.73 -65.92
CA SER N 139 26.57 -21.46 -67.24
C SER N 139 27.02 -20.08 -67.62
N ASP N 140 26.53 -19.60 -68.77
CA ASP N 140 27.03 -18.38 -69.35
C ASP N 140 26.44 -17.21 -68.63
N SER N 141 26.67 -16.01 -69.18
CA SER N 141 26.39 -14.77 -68.52
C SER N 141 24.93 -14.72 -68.22
N LYS N 142 24.10 -15.28 -69.12
CA LYS N 142 22.68 -15.23 -68.88
C LYS N 142 22.45 -15.94 -67.59
N ALA N 143 23.12 -17.09 -67.42
CA ALA N 143 23.04 -17.81 -66.19
C ALA N 143 23.60 -16.93 -65.12
N ILE N 144 24.67 -16.20 -65.45
CA ILE N 144 25.37 -15.43 -64.46
C ILE N 144 24.39 -14.46 -63.89
N ALA N 145 23.59 -13.83 -64.77
CA ALA N 145 22.64 -12.86 -64.31
C ALA N 145 21.73 -13.57 -63.37
N GLN N 146 21.33 -14.80 -63.72
CA GLN N 146 20.42 -15.54 -62.89
C GLN N 146 21.09 -15.77 -61.58
N VAL N 147 22.39 -16.10 -61.60
CA VAL N 147 23.10 -16.32 -60.38
C VAL N 147 23.03 -15.03 -59.61
N GLY N 148 23.22 -13.92 -60.32
CA GLY N 148 23.23 -12.63 -59.69
C GLY N 148 21.90 -12.41 -59.06
N THR N 149 20.82 -12.82 -59.76
CA THR N 149 19.50 -12.55 -59.29
C THR N 149 19.32 -13.28 -58.00
N ILE N 150 19.86 -14.50 -57.89
CA ILE N 150 19.64 -15.25 -56.71
C ILE N 150 20.19 -14.49 -55.56
N SER N 151 21.42 -13.96 -55.71
CA SER N 151 22.00 -13.17 -54.66
C SER N 151 21.16 -11.94 -54.55
N ALA N 152 20.57 -11.53 -55.68
CA ALA N 152 19.78 -10.34 -55.78
C ALA N 152 18.61 -10.50 -54.88
N ASN N 153 18.10 -11.74 -54.74
CA ASN N 153 16.81 -11.92 -54.16
C ASN N 153 15.86 -11.11 -54.98
N SER N 154 15.80 -11.46 -56.28
CA SER N 154 14.94 -10.80 -57.22
C SER N 154 15.32 -9.36 -57.32
N ASP N 155 16.62 -9.05 -57.17
CA ASP N 155 17.04 -7.75 -57.55
C ASP N 155 17.53 -7.87 -58.96
N GLU N 156 16.68 -7.49 -59.93
CA GLU N 156 17.02 -7.68 -61.30
C GLU N 156 18.21 -6.84 -61.60
N THR N 157 18.22 -5.60 -61.07
CA THR N 157 19.23 -4.66 -61.43
C THR N 157 20.55 -5.21 -61.03
N VAL N 158 20.64 -5.77 -59.81
CA VAL N 158 21.92 -6.18 -59.31
C VAL N 158 22.45 -7.22 -60.23
N GLY N 159 21.61 -8.19 -60.61
CA GLY N 159 22.09 -9.27 -61.42
C GLY N 159 22.57 -8.69 -62.72
N LYS N 160 21.79 -7.74 -63.27
CA LYS N 160 22.13 -7.18 -64.53
C LYS N 160 23.45 -6.49 -64.38
N LEU N 161 23.60 -5.72 -63.28
CA LEU N 161 24.79 -4.94 -63.10
C LEU N 161 25.93 -5.89 -63.01
N ILE N 162 25.76 -6.99 -62.24
CA ILE N 162 26.85 -7.88 -62.04
C ILE N 162 27.23 -8.44 -63.36
N ALA N 163 26.22 -8.87 -64.15
CA ALA N 163 26.52 -9.49 -65.40
C ALA N 163 27.20 -8.48 -66.26
N GLU N 164 26.67 -7.25 -66.28
CA GLU N 164 27.19 -6.27 -67.19
C GLU N 164 28.61 -5.98 -66.80
N ALA N 165 28.84 -5.79 -65.49
CA ALA N 165 30.16 -5.46 -65.04
C ALA N 165 31.03 -6.63 -65.37
N MET N 166 30.52 -7.84 -65.13
CA MET N 166 31.31 -9.03 -65.29
C MET N 166 31.70 -9.13 -66.72
N ASP N 167 30.78 -8.83 -67.65
CA ASP N 167 31.12 -9.03 -69.03
C ASP N 167 32.26 -8.14 -69.37
N LYS N 168 32.14 -6.84 -69.04
CA LYS N 168 33.12 -5.90 -69.49
C LYS N 168 34.45 -6.23 -68.89
N VAL N 169 34.46 -6.42 -67.56
CA VAL N 169 35.69 -6.64 -66.86
C VAL N 169 36.25 -7.94 -67.32
N GLY N 170 35.35 -8.93 -67.50
CA GLY N 170 35.75 -10.30 -67.67
C GLY N 170 35.51 -10.95 -66.36
N LYS N 171 35.16 -12.25 -66.38
CA LYS N 171 34.83 -12.92 -65.17
C LYS N 171 36.04 -12.89 -64.31
N GLU N 172 37.21 -13.18 -64.91
CA GLU N 172 38.42 -13.25 -64.16
C GLU N 172 38.69 -11.89 -63.59
N GLY N 173 38.44 -10.84 -64.40
CA GLY N 173 38.82 -9.54 -63.96
C GLY N 173 38.04 -9.23 -62.72
N VAL N 174 38.67 -8.49 -61.79
CA VAL N 174 38.03 -8.18 -60.55
C VAL N 174 37.10 -7.05 -60.79
N ILE N 175 35.97 -7.02 -60.05
CA ILE N 175 35.05 -5.93 -60.15
C ILE N 175 34.97 -5.32 -58.80
N THR N 176 34.93 -3.98 -58.75
CA THR N 176 34.86 -3.32 -57.48
C THR N 176 33.56 -2.57 -57.46
N VAL N 177 32.98 -2.39 -56.26
CA VAL N 177 31.74 -1.69 -56.17
C VAL N 177 32.01 -0.42 -55.42
N GLU N 178 31.39 0.68 -55.88
CA GLU N 178 31.50 1.93 -55.19
C GLU N 178 30.10 2.46 -55.08
N ASP N 179 29.90 3.44 -54.18
CA ASP N 179 28.58 4.00 -54.06
C ASP N 179 28.32 4.73 -55.33
N GLY N 180 27.04 4.77 -55.75
CA GLY N 180 26.73 5.38 -57.01
C GLY N 180 26.88 6.84 -56.85
N THR N 181 27.30 7.52 -57.94
CA THR N 181 27.38 8.95 -57.93
C THR N 181 25.98 9.46 -57.80
N GLY N 182 25.06 8.84 -58.55
CA GLY N 182 23.71 9.33 -58.59
C GLY N 182 22.80 8.14 -58.63
N LEU N 183 21.50 8.39 -58.83
CA LEU N 183 20.54 7.34 -58.77
C LEU N 183 20.85 6.36 -59.85
N GLN N 184 21.21 6.85 -61.04
CA GLN N 184 21.53 5.94 -62.10
C GLN N 184 22.83 5.31 -61.76
N ASP N 185 22.96 3.99 -62.04
CA ASP N 185 24.20 3.34 -61.78
C ASP N 185 25.15 3.78 -62.84
N GLU N 186 26.46 3.79 -62.52
CA GLU N 186 27.42 4.06 -63.54
C GLU N 186 28.40 2.94 -63.52
N LEU N 187 28.74 2.40 -64.71
CA LEU N 187 29.78 1.42 -64.74
C LEU N 187 30.92 2.05 -65.48
N ASP N 188 32.06 2.23 -64.80
CA ASP N 188 33.20 2.78 -65.47
C ASP N 188 34.33 1.83 -65.29
N VAL N 189 35.02 1.49 -66.38
CA VAL N 189 36.23 0.73 -66.22
C VAL N 189 37.26 1.68 -65.74
N VAL N 190 38.11 1.24 -64.80
CA VAL N 190 39.08 2.16 -64.27
C VAL N 190 40.43 1.62 -64.60
N GLU N 191 41.33 2.52 -65.04
CA GLU N 191 42.68 2.11 -65.32
C GLU N 191 43.39 2.01 -64.03
N GLY N 192 44.36 1.08 -63.91
CA GLY N 192 45.14 1.02 -62.72
C GLY N 192 45.65 -0.38 -62.59
N MET N 193 46.53 -0.60 -61.59
CA MET N 193 47.05 -1.91 -61.35
C MET N 193 46.78 -2.24 -59.92
N GLN N 194 46.58 -3.54 -59.63
CA GLN N 194 46.39 -3.95 -58.27
C GLN N 194 47.53 -4.87 -57.93
N PHE N 195 48.11 -4.69 -56.73
CA PHE N 195 49.17 -5.57 -56.29
C PHE N 195 48.81 -6.02 -54.92
N ASP N 196 49.07 -7.30 -54.60
CA ASP N 196 48.63 -7.78 -53.33
C ASP N 196 49.64 -7.36 -52.31
N ARG N 197 49.29 -6.33 -51.52
CA ARG N 197 50.15 -5.92 -50.44
C ARG N 197 49.29 -5.65 -49.26
N GLY N 198 49.85 -5.86 -48.05
CA GLY N 198 49.07 -5.68 -46.86
C GLY N 198 49.13 -4.25 -46.46
N TYR N 199 48.29 -3.87 -45.48
CA TYR N 199 48.44 -2.60 -44.84
C TYR N 199 49.31 -2.83 -43.65
N LEU N 200 50.29 -1.93 -43.43
CA LEU N 200 51.28 -2.21 -42.44
C LEU N 200 50.60 -2.36 -41.13
N SER N 201 49.69 -1.42 -40.79
CA SER N 201 49.07 -1.50 -39.51
C SER N 201 47.60 -1.30 -39.70
N PRO N 202 46.85 -1.92 -38.83
CA PRO N 202 45.42 -1.78 -38.78
C PRO N 202 45.10 -0.36 -38.45
N TYR N 203 46.09 0.37 -37.88
CA TYR N 203 45.89 1.74 -37.53
C TYR N 203 45.63 2.47 -38.80
N PHE N 204 46.37 2.09 -39.85
CA PHE N 204 46.26 2.71 -41.13
C PHE N 204 44.86 2.50 -41.60
N ILE N 205 44.30 1.32 -41.28
CA ILE N 205 42.99 0.89 -41.71
C ILE N 205 42.02 2.00 -41.55
N ASN N 206 41.20 2.21 -42.59
CA ASN N 206 40.37 3.37 -42.70
C ASN N 206 39.15 3.18 -41.86
N LYS N 207 38.29 4.20 -41.86
CA LYS N 207 37.10 4.24 -41.04
C LYS N 207 36.22 3.06 -41.36
N PRO N 208 35.94 2.71 -42.59
CA PRO N 208 34.82 1.83 -42.84
C PRO N 208 35.00 0.49 -42.20
N GLU N 209 33.88 -0.22 -41.99
CA GLU N 209 33.84 -1.42 -41.22
C GLU N 209 34.71 -2.44 -41.89
N THR N 210 34.72 -2.43 -43.23
CA THR N 210 35.47 -3.41 -43.95
C THR N 210 36.89 -3.27 -43.52
N GLY N 211 37.35 -2.02 -43.37
CA GLY N 211 38.68 -1.82 -42.87
C GLY N 211 39.58 -1.64 -44.04
N ALA N 212 39.02 -1.83 -45.25
CA ALA N 212 39.80 -1.47 -46.40
C ALA N 212 39.91 0.02 -46.35
N VAL N 213 41.07 0.56 -46.75
CA VAL N 213 41.22 1.98 -46.65
C VAL N 213 41.09 2.54 -48.02
N GLU N 214 40.26 3.58 -48.18
CA GLU N 214 40.14 4.21 -49.45
C GLU N 214 40.62 5.62 -49.27
N LEU N 215 41.46 6.07 -50.21
CA LEU N 215 41.94 7.42 -50.13
C LEU N 215 41.35 8.15 -51.27
N GLU N 216 40.98 9.44 -51.05
CA GLU N 216 40.44 10.20 -52.14
C GLU N 216 41.58 10.97 -52.72
N SER N 217 41.75 10.86 -54.05
CA SER N 217 42.86 11.47 -54.74
C SER N 217 44.14 11.18 -54.01
N PRO N 218 44.51 9.95 -53.80
CA PRO N 218 45.69 9.65 -53.03
C PRO N 218 46.89 10.14 -53.77
N PHE N 219 47.98 10.46 -53.05
CA PHE N 219 49.23 10.76 -53.69
C PHE N 219 50.07 9.54 -53.50
N ILE N 220 50.84 9.16 -54.52
CA ILE N 220 51.60 7.96 -54.35
C ILE N 220 53.05 8.31 -54.35
N LEU N 221 53.75 7.94 -53.27
CA LEU N 221 55.18 8.06 -53.26
C LEU N 221 55.71 6.68 -53.35
N LEU N 222 56.59 6.43 -54.33
CA LEU N 222 57.15 5.11 -54.43
C LEU N 222 58.60 5.22 -54.10
N ALA N 223 59.08 4.36 -53.19
CA ALA N 223 60.49 4.29 -52.99
C ALA N 223 60.90 2.90 -53.30
N ASP N 224 61.98 2.75 -54.08
CA ASP N 224 62.49 1.44 -54.33
C ASP N 224 62.97 0.92 -53.02
N LYS N 225 63.65 1.79 -52.25
CA LYS N 225 64.17 1.40 -50.99
C LYS N 225 63.03 1.33 -50.03
N LYS N 226 63.19 0.51 -48.98
CA LYS N 226 62.19 0.41 -47.97
C LYS N 226 62.21 1.70 -47.21
N ILE N 227 61.06 2.12 -46.65
CA ILE N 227 61.08 3.35 -45.92
C ILE N 227 61.33 2.98 -44.50
N SER N 228 62.61 3.05 -44.10
CA SER N 228 63.01 2.63 -42.80
C SER N 228 62.39 3.54 -41.78
N ASN N 229 62.63 4.85 -41.92
CA ASN N 229 62.35 5.72 -40.82
C ASN N 229 61.59 6.90 -41.32
N ILE N 230 61.06 7.69 -40.37
CA ILE N 230 60.28 8.85 -40.66
C ILE N 230 61.14 9.85 -41.36
N ARG N 231 62.41 9.99 -40.91
CA ARG N 231 63.20 11.13 -41.28
C ARG N 231 63.31 11.20 -42.76
N GLU N 232 63.59 10.05 -43.40
CA GLU N 232 63.74 10.05 -44.83
C GLU N 232 62.42 10.45 -45.41
N MET N 233 61.33 9.96 -44.78
CA MET N 233 59.99 10.19 -45.25
C MET N 233 59.71 11.66 -45.16
N LEU N 234 60.26 12.32 -44.12
CA LEU N 234 59.74 13.58 -43.68
C LEU N 234 59.75 14.57 -44.80
N PRO N 235 60.82 14.70 -45.56
CA PRO N 235 60.84 15.72 -46.56
C PRO N 235 59.76 15.48 -47.57
N VAL N 236 59.38 14.22 -47.78
CA VAL N 236 58.28 13.91 -48.64
C VAL N 236 57.06 14.48 -48.00
N LEU N 237 56.97 14.28 -46.66
CA LEU N 237 55.82 14.66 -45.89
C LEU N 237 55.66 16.14 -45.96
N GLU N 238 56.78 16.88 -45.93
CA GLU N 238 56.68 18.31 -45.88
C GLU N 238 55.96 18.75 -47.12
N ALA N 239 56.34 18.16 -48.26
CA ALA N 239 55.66 18.48 -49.49
C ALA N 239 54.24 18.10 -49.29
N VAL N 240 54.03 16.98 -48.59
CA VAL N 240 52.73 16.44 -48.35
C VAL N 240 51.94 17.47 -47.60
N ALA N 241 52.60 18.26 -46.73
CA ALA N 241 51.86 19.21 -45.95
C ALA N 241 51.19 20.14 -46.91
N LYS N 242 51.93 20.57 -47.96
CA LYS N 242 51.36 21.42 -48.97
C LYS N 242 50.26 20.64 -49.61
N ALA N 243 50.48 19.32 -49.71
CA ALA N 243 49.50 18.38 -50.16
C ALA N 243 48.46 18.32 -49.10
N GLY N 244 47.86 17.13 -48.88
CA GLY N 244 46.72 17.06 -48.02
C GLY N 244 45.68 16.31 -48.78
N LYS N 245 45.84 16.21 -50.10
CA LYS N 245 45.20 15.10 -50.74
C LYS N 245 45.89 13.91 -50.17
N PRO N 246 45.16 12.88 -49.88
CA PRO N 246 45.64 11.89 -48.95
C PRO N 246 46.86 11.25 -49.50
N LEU N 247 47.81 10.89 -48.62
CA LEU N 247 49.07 10.40 -49.10
C LEU N 247 49.11 8.93 -48.91
N LEU N 248 49.52 8.21 -49.97
CA LEU N 248 49.79 6.81 -49.88
C LEU N 248 51.27 6.68 -50.07
N ILE N 249 51.90 5.78 -49.30
CA ILE N 249 53.32 5.64 -49.39
C ILE N 249 53.60 4.24 -49.81
N ILE N 250 54.51 4.07 -50.78
CA ILE N 250 54.92 2.75 -51.14
C ILE N 250 56.35 2.63 -50.78
N ALA N 251 56.68 1.63 -49.93
CA ALA N 251 58.05 1.44 -49.54
C ALA N 251 58.30 -0.02 -49.64
N GLU N 252 59.57 -0.40 -49.86
CA GLU N 252 59.85 -1.79 -49.98
C GLU N 252 59.47 -2.41 -48.68
N ASP N 253 59.93 -1.81 -47.56
CA ASP N 253 59.52 -2.29 -46.28
C ASP N 253 59.44 -1.11 -45.37
N VAL N 254 58.34 -0.99 -44.61
CA VAL N 254 58.39 -0.01 -43.57
C VAL N 254 58.43 -0.76 -42.29
N GLU N 255 59.47 -0.54 -41.47
CA GLU N 255 59.46 -1.18 -40.21
C GLU N 255 58.38 -0.53 -39.43
N GLY N 256 57.50 -1.33 -38.82
CA GLY N 256 56.33 -0.74 -38.24
C GLY N 256 56.75 0.17 -37.14
N GLU N 257 57.62 -0.32 -36.25
CA GLU N 257 57.78 0.39 -35.00
C GLU N 257 58.36 1.73 -35.29
N ALA N 258 59.49 1.78 -36.02
CA ALA N 258 60.18 3.03 -36.09
C ALA N 258 59.31 4.01 -36.81
N LEU N 259 58.81 3.65 -37.99
CA LEU N 259 58.08 4.61 -38.77
C LEU N 259 56.78 4.90 -38.08
N ALA N 260 56.04 3.83 -37.72
CA ALA N 260 54.69 4.02 -37.28
C ALA N 260 54.72 4.80 -36.01
N THR N 261 55.65 4.45 -35.10
CA THR N 261 55.60 5.06 -33.81
C THR N 261 55.78 6.53 -33.99
N LEU N 262 56.83 6.92 -34.74
CA LEU N 262 57.07 8.32 -34.90
C LEU N 262 55.92 8.92 -35.65
N VAL N 263 55.50 8.26 -36.74
CA VAL N 263 54.55 8.88 -37.61
C VAL N 263 53.28 9.08 -36.87
N VAL N 264 52.76 8.02 -36.24
CA VAL N 264 51.45 8.13 -35.68
C VAL N 264 51.48 9.16 -34.60
N ASN N 265 52.37 8.96 -33.62
CA ASN N 265 52.35 9.83 -32.47
C ASN N 265 52.75 11.21 -32.89
N THR N 266 53.91 11.32 -33.55
CA THR N 266 54.47 12.61 -33.83
C THR N 266 53.56 13.30 -34.80
N MET N 267 53.15 12.58 -35.87
CA MET N 267 52.47 13.22 -36.94
C MET N 267 51.01 13.20 -36.64
N ARG N 268 50.36 14.36 -36.83
CA ARG N 268 48.95 14.44 -36.63
C ARG N 268 48.32 13.51 -37.60
N GLY N 269 48.83 13.50 -38.84
CA GLY N 269 48.29 12.61 -39.82
C GLY N 269 46.96 13.15 -40.21
N ILE N 270 46.83 14.48 -40.23
CA ILE N 270 45.57 15.07 -40.56
C ILE N 270 45.26 14.62 -41.95
N VAL N 271 46.26 14.71 -42.85
CA VAL N 271 46.07 14.15 -44.15
C VAL N 271 46.21 12.67 -43.98
N LYS N 272 45.40 11.88 -44.72
CA LYS N 272 45.45 10.47 -44.53
C LYS N 272 46.76 10.00 -45.06
N VAL N 273 47.39 9.04 -44.37
CA VAL N 273 48.59 8.46 -44.88
C VAL N 273 48.42 6.99 -44.85
N ALA N 274 49.01 6.30 -45.85
CA ALA N 274 48.95 4.87 -45.87
C ALA N 274 50.31 4.41 -46.25
N ALA N 275 50.69 3.19 -45.86
CA ALA N 275 51.94 2.66 -46.31
C ALA N 275 51.68 1.29 -46.82
N VAL N 276 52.39 0.91 -47.90
CA VAL N 276 52.28 -0.43 -48.39
C VAL N 276 53.65 -0.87 -48.77
N LYS N 277 53.90 -2.19 -48.71
CA LYS N 277 55.16 -2.69 -49.14
C LYS N 277 55.13 -2.72 -50.63
N ALA N 278 56.29 -2.47 -51.27
CA ALA N 278 56.33 -2.47 -52.69
C ALA N 278 56.17 -3.89 -53.13
N PRO N 279 55.44 -4.06 -54.19
CA PRO N 279 55.07 -5.36 -54.65
C PRO N 279 56.30 -6.06 -55.13
N GLY N 280 56.35 -7.41 -54.98
CA GLY N 280 57.41 -8.16 -55.57
C GLY N 280 58.63 -7.95 -54.73
N PHE N 281 59.73 -8.62 -55.11
CA PHE N 281 60.98 -8.39 -54.45
C PHE N 281 62.04 -8.45 -55.50
N GLY N 282 63.23 -7.89 -55.18
CA GLY N 282 64.33 -7.99 -56.08
C GLY N 282 64.06 -7.11 -57.25
N ASP N 283 64.64 -7.48 -58.41
CA ASP N 283 64.53 -6.68 -59.60
C ASP N 283 63.09 -6.62 -59.96
N ARG N 284 62.38 -7.75 -59.79
CA ARG N 284 61.01 -7.80 -60.19
C ARG N 284 60.28 -6.77 -59.39
N ARG N 285 60.62 -6.65 -58.09
CA ARG N 285 59.95 -5.70 -57.26
C ARG N 285 60.19 -4.35 -57.85
N LYS N 286 61.44 -4.07 -58.25
CA LYS N 286 61.76 -2.79 -58.78
C LYS N 286 60.93 -2.60 -60.02
N ALA N 287 60.86 -3.66 -60.84
CA ALA N 287 60.17 -3.58 -62.09
C ALA N 287 58.74 -3.27 -61.80
N MET N 288 58.17 -3.92 -60.78
CA MET N 288 56.79 -3.71 -60.45
C MET N 288 56.66 -2.28 -60.06
N LEU N 289 57.65 -1.77 -59.31
CA LEU N 289 57.57 -0.42 -58.85
C LEU N 289 57.54 0.47 -60.05
N GLN N 290 58.37 0.15 -61.06
CA GLN N 290 58.44 0.99 -62.21
C GLN N 290 57.10 0.97 -62.86
N ASP N 291 56.48 -0.22 -62.95
CA ASP N 291 55.21 -0.31 -63.60
C ASP N 291 54.24 0.53 -62.85
N ILE N 292 54.29 0.44 -61.50
CA ILE N 292 53.37 1.19 -60.70
C ILE N 292 53.62 2.64 -60.96
N ALA N 293 54.90 3.03 -61.00
CA ALA N 293 55.26 4.40 -61.09
C ALA N 293 54.70 4.95 -62.35
N THR N 294 54.82 4.18 -63.45
CA THR N 294 54.32 4.68 -64.70
C THR N 294 52.83 4.84 -64.58
N LEU N 295 52.16 3.84 -63.98
CA LEU N 295 50.74 3.86 -63.91
C LEU N 295 50.31 5.02 -63.08
N THR N 296 51.04 5.27 -61.97
CA THR N 296 50.71 6.38 -61.13
C THR N 296 50.99 7.63 -61.92
N GLY N 297 52.09 7.61 -62.68
CA GLY N 297 52.51 8.80 -63.39
C GLY N 297 53.50 9.49 -62.50
N GLY N 298 53.71 8.94 -61.30
CA GLY N 298 54.68 9.49 -60.41
C GLY N 298 56.01 8.90 -60.79
N THR N 299 57.06 9.29 -60.06
CA THR N 299 58.36 8.75 -60.32
C THR N 299 58.80 8.05 -59.09
N VAL N 300 59.75 7.10 -59.24
CA VAL N 300 60.22 6.39 -58.10
C VAL N 300 61.62 6.82 -57.85
N ILE N 301 62.03 6.83 -56.57
CA ILE N 301 63.36 7.24 -56.24
C ILE N 301 64.04 6.06 -55.64
N SER N 302 65.30 5.81 -56.06
CA SER N 302 66.03 4.72 -55.48
C SER N 302 67.37 5.24 -55.09
N GLU N 303 68.03 4.52 -54.17
CA GLU N 303 69.35 4.90 -53.75
C GLU N 303 70.24 4.76 -54.94
N GLU N 304 70.02 3.69 -55.73
CA GLU N 304 70.88 3.44 -56.85
C GLU N 304 70.80 4.62 -57.75
N ILE N 305 69.57 5.14 -57.97
CA ILE N 305 69.43 6.32 -58.76
C ILE N 305 70.15 7.40 -58.04
N GLY N 306 69.99 7.43 -56.70
CA GLY N 306 70.66 8.44 -55.94
C GLY N 306 69.73 9.60 -55.80
N MET N 307 68.48 9.43 -56.30
CA MET N 307 67.51 10.46 -56.10
C MET N 307 67.22 10.48 -54.64
N GLU N 308 66.88 11.67 -54.10
CA GLU N 308 66.65 11.74 -52.69
C GLU N 308 65.18 11.89 -52.49
N LEU N 309 64.67 11.25 -51.42
CA LEU N 309 63.27 11.35 -51.11
C LEU N 309 63.03 12.79 -50.79
N GLU N 310 63.96 13.39 -50.02
CA GLU N 310 63.81 14.75 -49.61
C GLU N 310 63.78 15.57 -50.85
N LYS N 311 64.68 15.27 -51.79
CA LYS N 311 64.77 16.03 -53.00
C LYS N 311 63.49 15.89 -53.74
N ALA N 312 62.92 14.67 -53.76
CA ALA N 312 61.77 14.44 -54.57
C ALA N 312 60.68 15.35 -54.09
N THR N 313 59.92 15.92 -55.04
CA THR N 313 58.88 16.83 -54.69
C THR N 313 57.58 16.09 -54.75
N LEU N 314 56.47 16.84 -54.61
CA LEU N 314 55.15 16.29 -54.70
C LEU N 314 54.99 15.78 -56.10
N GLU N 315 55.55 16.52 -57.07
CA GLU N 315 55.32 16.22 -58.45
C GLU N 315 55.79 14.83 -58.70
N ASP N 316 56.92 14.45 -58.07
CA ASP N 316 57.43 13.13 -58.29
C ASP N 316 56.37 12.18 -57.85
N LEU N 317 55.72 12.48 -56.71
CA LEU N 317 54.70 11.58 -56.25
C LEU N 317 53.60 11.61 -57.26
N GLY N 318 53.02 10.43 -57.56
CA GLY N 318 51.95 10.38 -58.50
C GLY N 318 50.69 10.64 -57.74
N GLN N 319 49.54 10.64 -58.45
CA GLN N 319 48.30 10.76 -57.76
C GLN N 319 47.41 9.68 -58.26
N ALA N 320 46.45 9.26 -57.41
CA ALA N 320 45.49 8.27 -57.83
C ALA N 320 44.15 8.88 -57.63
N LYS N 321 43.16 8.47 -58.45
CA LYS N 321 41.84 9.01 -58.25
C LYS N 321 41.41 8.58 -56.89
N ARG N 322 41.53 7.27 -56.60
CA ARG N 322 41.25 6.78 -55.28
C ARG N 322 42.05 5.54 -55.12
N VAL N 323 42.38 5.19 -53.85
CA VAL N 323 43.07 3.96 -53.64
C VAL N 323 42.28 3.20 -52.62
N VAL N 324 42.21 1.87 -52.80
CA VAL N 324 41.60 1.05 -51.79
C VAL N 324 42.63 0.09 -51.33
N ILE N 325 42.73 -0.13 -50.00
CA ILE N 325 43.70 -1.04 -49.51
C ILE N 325 43.00 -2.03 -48.65
N ASN N 326 43.35 -3.32 -48.78
CA ASN N 326 42.90 -4.30 -47.85
C ASN N 326 44.11 -5.04 -47.38
N LYS N 327 43.95 -5.84 -46.31
CA LYS N 327 45.10 -6.47 -45.74
C LYS N 327 45.71 -7.34 -46.78
N ASP N 328 44.88 -8.12 -47.50
CA ASP N 328 45.42 -9.03 -48.44
C ASP N 328 46.11 -8.26 -49.52
N THR N 329 45.46 -7.22 -50.06
CA THR N 329 45.96 -6.62 -51.26
C THR N 329 45.78 -5.13 -51.18
N THR N 330 46.59 -4.38 -51.94
CA THR N 330 46.37 -2.96 -52.02
C THR N 330 46.19 -2.64 -53.47
N THR N 331 45.15 -1.85 -53.81
CA THR N 331 44.95 -1.56 -55.19
C THR N 331 44.81 -0.08 -55.35
N ILE N 332 45.13 0.41 -56.57
CA ILE N 332 44.87 1.78 -56.88
C ILE N 332 43.80 1.75 -57.93
N ILE N 333 42.66 2.42 -57.67
CA ILE N 333 41.58 2.29 -58.59
C ILE N 333 42.03 2.85 -59.89
N ASP N 334 42.57 4.10 -59.88
CA ASP N 334 43.01 4.67 -61.11
C ASP N 334 44.14 5.60 -60.79
N GLY N 335 45.36 5.26 -61.27
CA GLY N 335 46.42 6.21 -61.17
C GLY N 335 46.21 7.19 -62.28
N VAL N 336 46.62 8.47 -62.07
CA VAL N 336 46.49 9.41 -63.14
C VAL N 336 47.37 8.93 -64.26
N GLY N 337 48.65 8.66 -63.93
CA GLY N 337 49.53 8.01 -64.85
C GLY N 337 49.98 9.01 -65.86
N GLU N 338 50.99 8.62 -66.67
CA GLU N 338 51.28 9.34 -67.86
C GLU N 338 50.85 8.45 -68.97
N GLU N 339 50.00 8.96 -69.86
CA GLU N 339 49.40 8.07 -70.81
C GLU N 339 50.49 7.50 -71.66
N ALA N 340 51.38 8.37 -72.17
CA ALA N 340 52.41 7.91 -73.04
C ALA N 340 53.31 7.01 -72.25
N ALA N 341 53.68 7.44 -71.03
CA ALA N 341 54.68 6.74 -70.29
C ALA N 341 54.18 5.38 -69.98
N ILE N 342 52.91 5.28 -69.55
CA ILE N 342 52.41 4.03 -69.08
C ILE N 342 52.41 3.08 -70.23
N GLN N 343 51.92 3.53 -71.40
CA GLN N 343 51.76 2.65 -72.51
C GLN N 343 53.11 2.16 -72.91
N GLY N 344 54.10 3.07 -72.95
CA GLY N 344 55.39 2.70 -73.46
C GLY N 344 55.95 1.62 -72.59
N ARG N 345 55.81 1.79 -71.26
CA ARG N 345 56.40 0.84 -70.35
C ARG N 345 55.75 -0.47 -70.58
N VAL N 346 54.41 -0.47 -70.74
CA VAL N 346 53.72 -1.71 -70.88
C VAL N 346 54.27 -2.40 -72.07
N ALA N 347 54.46 -1.66 -73.17
CA ALA N 347 54.93 -2.26 -74.39
C ALA N 347 56.28 -2.82 -74.11
N GLN N 348 57.12 -2.06 -73.39
CA GLN N 348 58.47 -2.49 -73.17
C GLN N 348 58.41 -3.77 -72.40
N ILE N 349 57.55 -3.82 -71.38
CA ILE N 349 57.45 -5.00 -70.57
C ILE N 349 56.97 -6.10 -71.44
N ARG N 350 55.96 -5.81 -72.28
CA ARG N 350 55.36 -6.82 -73.09
C ARG N 350 56.42 -7.39 -73.96
N GLN N 351 57.28 -6.52 -74.53
CA GLN N 351 58.31 -6.98 -75.40
C GLN N 351 59.19 -7.87 -74.59
N GLN N 352 59.45 -7.47 -73.33
CA GLN N 352 60.35 -8.21 -72.50
C GLN N 352 59.78 -9.57 -72.30
N ILE N 353 58.45 -9.66 -72.13
CA ILE N 353 57.85 -10.92 -71.79
C ILE N 353 58.16 -11.87 -72.90
N GLU N 354 57.93 -11.42 -74.14
CA GLU N 354 58.21 -12.25 -75.28
C GLU N 354 59.68 -12.47 -75.30
N GLU N 355 60.45 -11.41 -75.01
CA GLU N 355 61.87 -11.45 -75.21
C GLU N 355 62.46 -12.50 -74.34
N ALA N 356 62.02 -12.58 -73.08
CA ALA N 356 62.72 -13.42 -72.15
C ALA N 356 62.63 -14.82 -72.63
N THR N 357 63.79 -15.51 -72.68
CA THR N 357 63.82 -16.88 -73.06
C THR N 357 63.15 -17.67 -71.98
N SER N 358 63.50 -17.37 -70.72
CA SER N 358 63.10 -18.21 -69.63
C SER N 358 61.64 -17.98 -69.37
N ASP N 359 60.98 -19.02 -68.84
CA ASP N 359 59.61 -18.91 -68.44
C ASP N 359 59.54 -17.94 -67.32
N TYR N 360 60.51 -18.02 -66.40
CA TYR N 360 60.44 -17.26 -65.18
C TYR N 360 60.42 -15.81 -65.55
N ASP N 361 61.33 -15.40 -66.45
CA ASP N 361 61.40 -14.01 -66.80
C ASP N 361 60.11 -13.65 -67.42
N ARG N 362 59.58 -14.54 -68.29
CA ARG N 362 58.39 -14.23 -69.02
C ARG N 362 57.30 -14.03 -68.02
N GLU N 363 57.22 -14.92 -67.01
CA GLU N 363 56.11 -14.90 -66.12
C GLU N 363 56.11 -13.59 -65.40
N LYS N 364 57.27 -13.15 -64.91
CA LYS N 364 57.28 -11.95 -64.13
C LYS N 364 56.82 -10.83 -65.00
N LEU N 365 57.36 -10.76 -66.23
CA LEU N 365 57.02 -9.68 -67.10
C LEU N 365 55.57 -9.74 -67.41
N GLN N 366 55.07 -10.96 -67.71
CA GLN N 366 53.71 -11.09 -68.14
C GLN N 366 52.83 -10.66 -67.01
N GLU N 367 53.20 -11.04 -65.78
CA GLU N 367 52.38 -10.70 -64.66
C GLU N 367 52.35 -9.20 -64.59
N ARG N 368 53.50 -8.56 -64.78
CA ARG N 368 53.57 -7.13 -64.60
C ARG N 368 52.67 -6.49 -65.59
N VAL N 369 52.75 -6.92 -66.86
CA VAL N 369 51.97 -6.28 -67.87
C VAL N 369 50.53 -6.52 -67.56
N ALA N 370 50.21 -7.75 -67.12
CA ALA N 370 48.84 -8.15 -66.96
C ALA N 370 48.19 -7.23 -65.98
N LYS N 371 48.91 -6.90 -64.88
CA LYS N 371 48.29 -6.14 -63.84
C LYS N 371 47.86 -4.83 -64.42
N LEU N 372 48.76 -4.16 -65.17
CA LEU N 372 48.43 -2.88 -65.71
C LEU N 372 47.31 -3.08 -66.68
N ALA N 373 47.44 -4.10 -67.54
CA ALA N 373 46.52 -4.26 -68.63
C ALA N 373 45.16 -4.49 -68.07
N GLY N 374 45.06 -5.35 -67.04
CA GLY N 374 43.76 -5.78 -66.61
C GLY N 374 42.99 -4.58 -66.16
N GLY N 375 43.64 -3.72 -65.37
CA GLY N 375 42.94 -2.57 -64.88
C GLY N 375 41.97 -3.05 -63.86
N VAL N 376 41.05 -2.17 -63.44
CA VAL N 376 40.03 -2.57 -62.51
C VAL N 376 38.74 -2.06 -63.05
N ALA N 377 37.62 -2.68 -62.64
CA ALA N 377 36.34 -2.18 -63.05
C ALA N 377 35.65 -1.72 -61.82
N VAL N 378 34.90 -0.61 -61.92
CA VAL N 378 34.19 -0.11 -60.78
C VAL N 378 32.74 -0.08 -61.15
N ILE N 379 31.88 -0.37 -60.16
CA ILE N 379 30.47 -0.30 -60.39
C ILE N 379 29.92 0.68 -59.43
N LYS N 380 29.02 1.57 -59.89
CA LYS N 380 28.40 2.49 -58.99
C LYS N 380 26.97 2.07 -58.87
N VAL N 381 26.41 2.17 -57.66
CA VAL N 381 25.03 1.82 -57.49
C VAL N 381 24.30 3.07 -57.13
N GLY N 382 23.25 3.41 -57.89
CA GLY N 382 22.46 4.55 -57.55
C GLY N 382 21.42 4.09 -56.59
N ALA N 383 20.69 5.05 -56.00
CA ALA N 383 19.59 4.68 -55.16
C ALA N 383 18.65 5.83 -55.12
N ALA N 384 17.38 5.55 -54.75
CA ALA N 384 16.45 6.62 -54.57
C ALA N 384 16.96 7.44 -53.44
N THR N 385 17.43 6.77 -52.36
CA THR N 385 17.92 7.48 -51.23
C THR N 385 19.28 6.94 -50.93
N GLU N 386 20.04 7.66 -50.08
CA GLU N 386 21.37 7.26 -49.75
C GLU N 386 21.27 5.94 -49.06
N VAL N 387 20.27 5.82 -48.15
CA VAL N 387 20.15 4.63 -47.35
C VAL N 387 19.95 3.49 -48.28
N GLU N 388 19.07 3.67 -49.28
CA GLU N 388 18.75 2.59 -50.17
C GLU N 388 20.01 2.21 -50.87
N MET N 389 20.82 3.21 -51.28
CA MET N 389 21.98 2.92 -52.07
C MET N 389 22.88 2.06 -51.27
N LYS N 390 23.04 2.38 -49.97
CA LYS N 390 23.95 1.62 -49.16
C LYS N 390 23.47 0.21 -49.14
N GLU N 391 22.15 0.03 -48.94
CA GLU N 391 21.62 -1.30 -48.84
C GLU N 391 21.85 -1.98 -50.15
N LYS N 392 21.57 -1.28 -51.26
CA LYS N 392 21.68 -1.89 -52.55
C LYS N 392 23.09 -2.29 -52.75
N LYS N 393 24.02 -1.41 -52.35
CA LYS N 393 25.41 -1.64 -52.61
C LYS N 393 25.79 -2.89 -51.91
N ALA N 394 25.35 -3.06 -50.65
CA ALA N 394 25.76 -4.19 -49.88
C ALA N 394 25.29 -5.41 -50.59
N ARG N 395 24.03 -5.38 -51.07
CA ARG N 395 23.48 -6.53 -51.71
C ARG N 395 24.30 -6.81 -52.93
N VAL N 396 24.66 -5.75 -53.67
CA VAL N 396 25.35 -5.93 -54.91
C VAL N 396 26.64 -6.63 -54.61
N GLU N 397 27.34 -6.18 -53.56
CA GLU N 397 28.64 -6.71 -53.28
C GLU N 397 28.49 -8.17 -53.02
N ALA N 398 27.46 -8.55 -52.22
CA ALA N 398 27.31 -9.91 -51.84
C ALA N 398 27.10 -10.70 -53.09
N ALA N 399 26.26 -10.18 -54.01
CA ALA N 399 25.92 -10.91 -55.18
C ALA N 399 27.17 -11.15 -55.95
N LEU N 400 28.03 -10.12 -56.05
CA LEU N 400 29.18 -10.21 -56.91
C LEU N 400 30.02 -11.34 -56.42
N HIS N 401 30.24 -11.41 -55.10
CA HIS N 401 31.11 -12.42 -54.58
C HIS N 401 30.51 -13.74 -54.93
N ALA N 402 29.19 -13.89 -54.69
CA ALA N 402 28.57 -15.16 -54.89
C ALA N 402 28.71 -15.52 -56.32
N THR N 403 28.49 -14.55 -57.23
CA THR N 403 28.50 -14.86 -58.62
C THR N 403 29.86 -15.34 -58.99
N ARG N 404 30.91 -14.63 -58.53
CA ARG N 404 32.23 -14.96 -58.95
C ARG N 404 32.52 -16.35 -58.49
N ALA N 405 32.18 -16.65 -57.22
CA ALA N 405 32.46 -17.95 -56.70
C ALA N 405 31.67 -18.93 -57.50
N ALA N 406 30.41 -18.58 -57.81
CA ALA N 406 29.52 -19.53 -58.41
C ALA N 406 30.08 -19.92 -59.74
N VAL N 407 30.56 -18.94 -60.51
CA VAL N 407 30.93 -19.24 -61.86
C VAL N 407 32.05 -20.24 -61.83
N GLU N 408 33.08 -19.99 -61.00
CA GLU N 408 34.25 -20.83 -61.04
C GLU N 408 33.84 -22.20 -60.62
N GLU N 409 33.08 -22.29 -59.52
CA GLU N 409 32.73 -23.57 -58.99
C GLU N 409 31.90 -24.27 -60.01
N GLY N 410 31.03 -23.49 -60.67
CA GLY N 410 29.97 -24.07 -61.44
C GLY N 410 28.78 -24.00 -60.55
N VAL N 411 27.58 -24.11 -61.12
CA VAL N 411 26.43 -23.85 -60.30
C VAL N 411 25.66 -25.12 -60.15
N VAL N 412 25.25 -25.41 -58.91
CA VAL N 412 24.41 -26.54 -58.62
C VAL N 412 23.00 -26.11 -58.79
N ALA N 413 22.08 -27.07 -58.95
CA ALA N 413 20.70 -26.71 -59.14
C ALA N 413 20.29 -25.95 -57.92
N GLY N 414 19.44 -24.93 -58.11
CA GLY N 414 19.04 -24.11 -57.02
C GLY N 414 17.79 -24.70 -56.45
N GLY N 415 17.17 -23.97 -55.50
CA GLY N 415 15.92 -24.42 -54.95
C GLY N 415 16.21 -25.35 -53.81
N GLY N 416 17.51 -25.50 -53.47
CA GLY N 416 17.84 -26.37 -52.39
C GLY N 416 17.70 -27.76 -52.92
N VAL N 417 17.66 -27.88 -54.26
CA VAL N 417 17.52 -29.16 -54.87
C VAL N 417 18.69 -29.99 -54.49
N ALA N 418 19.89 -29.38 -54.52
CA ALA N 418 21.06 -30.13 -54.21
C ALA N 418 20.92 -30.60 -52.81
N LEU N 419 20.45 -29.71 -51.92
CA LEU N 419 20.40 -30.04 -50.52
C LEU N 419 19.49 -31.20 -50.33
N ILE N 420 18.30 -31.15 -50.96
CA ILE N 420 17.35 -32.21 -50.74
C ILE N 420 17.94 -33.46 -51.29
N ARG N 421 18.53 -33.38 -52.50
CA ARG N 421 19.00 -34.55 -53.18
C ARG N 421 20.03 -35.22 -52.33
N VAL N 422 20.97 -34.42 -51.79
CA VAL N 422 22.08 -34.98 -51.07
C VAL N 422 21.53 -35.69 -49.86
N ALA N 423 20.51 -35.11 -49.23
CA ALA N 423 20.07 -35.58 -47.95
C ALA N 423 19.65 -37.01 -48.11
N SER N 424 18.96 -37.34 -49.22
CA SER N 424 18.44 -38.67 -49.38
C SER N 424 19.60 -39.61 -49.32
N LYS N 425 20.68 -39.29 -50.05
CA LYS N 425 21.84 -40.13 -50.07
C LYS N 425 22.36 -40.20 -48.68
N LEU N 426 22.36 -39.04 -47.99
CA LEU N 426 22.96 -38.91 -46.70
C LEU N 426 22.24 -39.83 -45.77
N ALA N 427 20.92 -39.95 -45.94
CA ALA N 427 20.11 -40.64 -44.97
C ALA N 427 20.62 -42.03 -44.84
N ASP N 428 21.02 -42.64 -45.97
CA ASP N 428 21.43 -44.02 -45.92
C ASP N 428 22.60 -44.10 -45.00
N LEU N 429 23.51 -43.12 -45.04
CA LEU N 429 24.68 -43.20 -44.23
C LEU N 429 24.23 -43.14 -42.80
N ARG N 430 24.93 -43.90 -41.94
CA ARG N 430 24.55 -43.96 -40.55
C ARG N 430 25.69 -43.42 -39.75
N GLY N 431 25.37 -42.82 -38.59
CA GLY N 431 26.38 -42.33 -37.71
C GLY N 431 26.88 -43.50 -36.91
N GLN N 432 27.94 -43.27 -36.11
CA GLN N 432 28.54 -44.33 -35.37
C GLN N 432 27.53 -44.84 -34.41
N ASN N 433 26.84 -43.92 -33.70
CA ASN N 433 25.93 -44.35 -32.68
C ASN N 433 24.62 -43.68 -32.92
N GLU N 434 23.57 -44.14 -32.22
CA GLU N 434 22.23 -43.73 -32.51
C GLU N 434 22.14 -42.25 -32.33
N ASP N 435 22.79 -41.73 -31.28
CA ASP N 435 22.69 -40.32 -31.02
C ASP N 435 23.24 -39.62 -32.21
N GLN N 436 24.34 -40.14 -32.77
CA GLN N 436 24.91 -39.56 -33.94
C GLN N 436 23.91 -39.72 -35.04
N ASN N 437 23.23 -40.88 -35.08
CA ASN N 437 22.36 -41.17 -36.18
C ASN N 437 21.30 -40.10 -36.21
N VAL N 438 20.71 -39.79 -35.05
CA VAL N 438 19.61 -38.88 -35.05
C VAL N 438 20.11 -37.56 -35.54
N GLY N 439 21.33 -37.17 -35.10
CA GLY N 439 21.85 -35.89 -35.48
C GLY N 439 21.98 -35.88 -36.97
N ILE N 440 22.43 -37.01 -37.55
CA ILE N 440 22.63 -37.06 -38.96
C ILE N 440 21.31 -36.83 -39.61
N LYS N 441 20.26 -37.50 -39.09
CA LYS N 441 18.95 -37.38 -39.66
C LYS N 441 18.56 -35.95 -39.54
N VAL N 442 18.88 -35.33 -38.39
CA VAL N 442 18.45 -33.97 -38.16
C VAL N 442 19.03 -33.13 -39.23
N ALA N 443 20.31 -33.34 -39.55
CA ALA N 443 20.96 -32.50 -40.50
C ALA N 443 20.22 -32.64 -41.80
N LEU N 444 19.85 -33.88 -42.14
CA LEU N 444 19.19 -34.12 -43.39
C LEU N 444 17.91 -33.36 -43.38
N ARG N 445 17.21 -33.39 -42.24
CA ARG N 445 15.93 -32.74 -42.14
C ARG N 445 16.17 -31.28 -42.38
N ALA N 446 17.26 -30.76 -41.80
CA ALA N 446 17.52 -29.36 -41.86
C ALA N 446 17.64 -28.96 -43.29
N MET N 447 18.32 -29.80 -44.10
CA MET N 447 18.58 -29.44 -45.47
C MET N 447 17.26 -29.30 -46.16
N GLU N 448 16.32 -30.21 -45.86
CA GLU N 448 15.09 -30.27 -46.57
C GLU N 448 14.34 -29.00 -46.35
N ALA N 449 14.46 -28.43 -45.14
CA ALA N 449 13.55 -27.40 -44.72
C ALA N 449 13.59 -26.25 -45.67
N PRO N 450 14.73 -25.73 -46.08
CA PRO N 450 14.74 -24.51 -46.81
C PRO N 450 13.99 -24.64 -48.10
N LEU N 451 13.91 -25.86 -48.66
CA LEU N 451 13.15 -26.04 -49.86
C LEU N 451 11.72 -25.74 -49.53
N ARG N 452 11.30 -26.23 -48.34
CA ARG N 452 9.94 -26.10 -47.93
C ARG N 452 9.64 -24.64 -47.81
N GLN N 453 10.59 -23.86 -47.28
CA GLN N 453 10.30 -22.49 -46.98
C GLN N 453 9.93 -21.81 -48.27
N ILE N 454 10.67 -22.12 -49.36
CA ILE N 454 10.39 -21.50 -50.61
C ILE N 454 8.99 -21.89 -50.99
N VAL N 455 8.66 -23.18 -50.81
CA VAL N 455 7.38 -23.68 -51.21
C VAL N 455 6.34 -22.95 -50.43
N LEU N 456 6.58 -22.75 -49.13
CA LEU N 456 5.61 -22.15 -48.27
C LEU N 456 5.34 -20.80 -48.80
N ASN N 457 6.42 -20.11 -49.24
CA ASN N 457 6.27 -18.79 -49.77
C ASN N 457 5.36 -18.90 -50.94
N CYS N 458 5.55 -19.97 -51.75
CA CYS N 458 4.71 -20.17 -52.89
C CYS N 458 3.32 -20.34 -52.37
N GLY N 459 3.19 -21.03 -51.22
CA GLY N 459 1.89 -21.28 -50.68
C GLY N 459 1.53 -22.68 -51.05
N GLU N 460 2.36 -23.30 -51.91
CA GLU N 460 2.17 -24.69 -52.21
C GLU N 460 2.62 -25.43 -50.99
N GLU N 461 2.07 -26.64 -50.79
CA GLU N 461 2.43 -27.36 -49.61
C GLU N 461 3.75 -28.00 -49.87
N PRO N 462 4.70 -27.62 -49.08
CA PRO N 462 6.07 -27.98 -49.30
C PRO N 462 6.23 -29.46 -49.19
N SER N 463 5.30 -30.13 -48.48
CA SER N 463 5.45 -31.53 -48.27
C SER N 463 5.43 -32.20 -49.59
N VAL N 464 4.40 -31.89 -50.41
CA VAL N 464 4.26 -32.55 -51.66
C VAL N 464 5.46 -32.24 -52.49
N VAL N 465 5.85 -30.95 -52.52
CA VAL N 465 6.92 -30.54 -53.38
C VAL N 465 8.15 -31.28 -52.96
N ALA N 466 8.42 -31.31 -51.64
CA ALA N 466 9.63 -31.89 -51.17
C ALA N 466 9.61 -33.34 -51.55
N ASN N 467 8.46 -33.99 -51.36
CA ASN N 467 8.37 -35.39 -51.64
C ASN N 467 8.66 -35.58 -53.09
N THR N 468 8.03 -34.75 -53.94
CA THR N 468 8.18 -34.91 -55.35
C THR N 468 9.62 -34.70 -55.68
N VAL N 469 10.23 -33.65 -55.09
CA VAL N 469 11.57 -33.31 -55.44
C VAL N 469 12.44 -34.47 -55.10
N LYS N 470 12.22 -35.06 -53.91
CA LYS N 470 13.07 -36.15 -53.48
C LYS N 470 12.91 -37.26 -54.46
N GLY N 471 11.67 -37.51 -54.89
CA GLY N 471 11.40 -38.67 -55.69
C GLY N 471 12.19 -38.58 -56.94
N GLY N 472 12.24 -37.38 -57.55
CA GLY N 472 12.87 -37.28 -58.83
C GLY N 472 14.32 -37.58 -58.66
N ASP N 473 14.88 -38.39 -59.58
CA ASP N 473 16.28 -38.68 -59.56
C ASP N 473 16.96 -37.59 -60.32
N GLY N 474 18.30 -37.59 -60.32
CA GLY N 474 19.02 -36.62 -61.09
C GLY N 474 18.78 -35.30 -60.45
N ASN N 475 18.82 -34.23 -61.27
CA ASN N 475 18.53 -32.94 -60.71
C ASN N 475 17.07 -32.74 -60.86
N TYR N 476 16.35 -32.73 -59.72
CA TYR N 476 14.94 -32.50 -59.76
C TYR N 476 14.69 -31.39 -58.79
N GLY N 477 13.78 -30.46 -59.14
CA GLY N 477 13.59 -29.35 -58.25
C GLY N 477 12.30 -28.70 -58.60
N TYR N 478 11.92 -27.68 -57.81
CA TYR N 478 10.70 -26.96 -58.04
C TYR N 478 11.10 -25.55 -58.34
N ASN N 479 10.53 -24.98 -59.41
CA ASN N 479 10.84 -23.62 -59.72
C ASN N 479 9.69 -22.82 -59.20
N ALA N 480 9.99 -21.82 -58.33
CA ALA N 480 8.93 -21.09 -57.73
C ALA N 480 8.20 -20.35 -58.82
N ALA N 481 8.97 -19.68 -59.71
CA ALA N 481 8.34 -18.84 -60.68
C ALA N 481 7.50 -19.68 -61.58
N THR N 482 8.07 -20.80 -62.07
CA THR N 482 7.36 -21.62 -62.99
C THR N 482 6.18 -22.20 -62.27
N GLU N 483 6.43 -22.64 -61.02
CA GLU N 483 5.46 -23.42 -60.32
C GLU N 483 5.21 -24.62 -61.16
N GLU N 484 6.25 -25.06 -61.89
CA GLU N 484 6.16 -26.26 -62.67
C GLU N 484 7.38 -27.05 -62.35
N TYR N 485 7.32 -28.37 -62.58
CA TYR N 485 8.46 -29.19 -62.32
C TYR N 485 9.26 -29.25 -63.57
N GLY N 486 10.59 -29.05 -63.44
CA GLY N 486 11.44 -29.12 -64.60
C GLY N 486 12.83 -29.29 -64.09
N ASN N 487 13.77 -29.57 -64.99
CA ASN N 487 15.13 -29.75 -64.55
C ASN N 487 15.63 -28.41 -64.14
N MET N 488 16.37 -28.37 -63.02
CA MET N 488 16.84 -27.10 -62.54
C MET N 488 17.77 -26.54 -63.56
N ILE N 489 18.63 -27.40 -64.13
CA ILE N 489 19.61 -26.95 -65.06
C ILE N 489 18.89 -26.40 -66.25
N ASP N 490 17.87 -27.13 -66.71
CA ASP N 490 17.14 -26.71 -67.87
C ASP N 490 16.51 -25.40 -67.54
N MET N 491 16.02 -25.27 -66.29
CA MET N 491 15.39 -24.05 -65.87
C MET N 491 16.43 -22.98 -65.93
N GLY N 492 17.67 -23.32 -65.53
CA GLY N 492 18.74 -22.37 -65.60
C GLY N 492 18.81 -21.65 -64.31
N ILE N 493 18.00 -22.06 -63.31
CA ILE N 493 18.13 -21.41 -62.05
C ILE N 493 18.99 -22.30 -61.20
N LEU N 494 20.17 -21.78 -60.83
CA LEU N 494 21.15 -22.59 -60.20
C LEU N 494 21.71 -21.81 -59.05
N ASP N 495 21.86 -22.46 -57.88
CA ASP N 495 22.51 -21.80 -56.79
C ASP N 495 23.92 -22.27 -56.78
N PRO N 496 24.81 -21.37 -56.44
CA PRO N 496 26.21 -21.64 -56.54
C PRO N 496 26.55 -22.75 -55.61
N THR N 497 27.49 -23.63 -56.01
CA THR N 497 27.84 -24.73 -55.17
C THR N 497 28.49 -24.18 -53.94
N LYS N 498 29.40 -23.20 -54.12
CA LYS N 498 30.19 -22.73 -53.02
C LYS N 498 29.27 -22.13 -52.02
N VAL N 499 28.31 -21.31 -52.49
CA VAL N 499 27.46 -20.63 -51.56
C VAL N 499 26.70 -21.65 -50.78
N THR N 500 26.15 -22.67 -51.48
CA THR N 500 25.36 -23.64 -50.80
C THR N 500 26.21 -24.32 -49.79
N ARG N 501 27.42 -24.74 -50.23
CA ARG N 501 28.27 -25.50 -49.36
C ARG N 501 28.61 -24.65 -48.18
N SER N 502 28.96 -23.38 -48.44
CA SER N 502 29.43 -22.54 -47.38
C SER N 502 28.35 -22.40 -46.37
N ALA N 503 27.12 -22.11 -46.83
CA ALA N 503 26.06 -21.82 -45.91
C ALA N 503 25.83 -23.02 -45.07
N LEU N 504 25.82 -24.21 -45.70
CA LEU N 504 25.45 -25.40 -44.99
C LEU N 504 26.45 -25.60 -43.89
N GLN N 505 27.75 -25.46 -44.22
CA GLN N 505 28.76 -25.81 -43.26
C GLN N 505 28.62 -24.89 -42.09
N TYR N 506 28.44 -23.59 -42.36
CA TYR N 506 28.40 -22.64 -41.28
C TYR N 506 27.21 -22.95 -40.45
N ALA N 507 26.06 -23.21 -41.11
CA ALA N 507 24.84 -23.39 -40.38
C ALA N 507 25.03 -24.57 -39.47
N ALA N 508 25.65 -25.63 -40.00
CA ALA N 508 25.83 -26.82 -39.21
C ALA N 508 26.67 -26.46 -38.04
N SER N 509 27.72 -25.66 -38.27
CA SER N 509 28.63 -25.34 -37.20
C SER N 509 27.85 -24.62 -36.15
N VAL N 510 27.00 -23.67 -36.56
CA VAL N 510 26.31 -22.86 -35.61
C VAL N 510 25.47 -23.76 -34.77
N ALA N 511 24.75 -24.69 -35.42
CA ALA N 511 23.80 -25.49 -34.71
C ALA N 511 24.51 -26.29 -33.69
N GLY N 512 25.68 -26.85 -34.06
CA GLY N 512 26.38 -27.71 -33.14
C GLY N 512 26.75 -26.90 -31.95
N LEU N 513 27.21 -25.66 -32.16
CA LEU N 513 27.70 -24.86 -31.08
C LEU N 513 26.60 -24.64 -30.11
N MET N 514 25.40 -24.35 -30.64
CA MET N 514 24.30 -23.94 -29.81
C MET N 514 23.97 -25.07 -28.89
N ILE N 515 24.04 -26.31 -29.39
CA ILE N 515 23.56 -27.43 -28.65
C ILE N 515 24.35 -27.52 -27.38
N THR N 516 25.68 -27.33 -27.48
CA THR N 516 26.54 -27.49 -26.35
C THR N 516 26.36 -26.29 -25.48
N THR N 517 27.48 -25.74 -24.95
CA THR N 517 27.38 -24.67 -24.01
C THR N 517 26.47 -25.10 -22.91
N GLU N 518 26.89 -26.14 -22.17
CA GLU N 518 26.09 -26.70 -21.12
C GLU N 518 25.83 -25.62 -20.12
N CYS N 519 26.88 -24.88 -19.71
CA CYS N 519 26.68 -23.91 -18.68
C CYS N 519 26.84 -22.56 -19.28
N MET N 520 26.13 -21.56 -18.72
CA MET N 520 26.31 -20.21 -19.16
C MET N 520 26.40 -19.35 -17.95
N VAL N 521 27.17 -18.26 -18.04
CA VAL N 521 27.16 -17.32 -16.96
C VAL N 521 26.85 -15.98 -17.55
N THR N 522 26.05 -15.17 -16.84
CA THR N 522 25.73 -13.85 -17.31
C THR N 522 25.81 -12.94 -16.14
N ASP N 523 25.72 -11.63 -16.37
CA ASP N 523 25.63 -10.73 -15.25
C ASP N 523 24.24 -10.81 -14.73
N LEU N 524 24.08 -10.63 -13.40
CA LEU N 524 22.79 -10.64 -12.79
C LEU N 524 22.16 -9.34 -13.11
N PRO N 525 21.00 -9.29 -13.62
PG ATP O . -39.77 -5.24 -36.87
O1G ATP O . -38.57 -5.82 -36.16
O2G ATP O . -40.84 -4.66 -36.02
O3G ATP O . -40.24 -6.01 -38.10
PB ATP O . -39.94 -3.09 -38.55
O1B ATP O . -41.31 -3.70 -38.85
O2B ATP O . -40.03 -1.70 -37.98
O3B ATP O . -39.06 -3.99 -37.53
PA ATP O . -38.92 -4.19 -40.53
O1A ATP O . -37.68 -4.77 -40.01
O2A ATP O . -40.14 -5.07 -40.57
O3A ATP O . -39.13 -2.88 -39.87
O5' ATP O . -38.63 -3.67 -41.98
C5' ATP O . -39.70 -3.01 -42.70
C4' ATP O . -39.22 -1.84 -43.58
O4' ATP O . -38.32 -2.28 -44.66
C3' ATP O . -40.46 -1.34 -44.32
O3' ATP O . -40.47 0.06 -44.64
C2' ATP O . -40.54 -2.31 -45.50
O2' ATP O . -41.31 -1.80 -46.58
C1' ATP O . -39.07 -2.53 -45.84
N9 ATP O . -38.80 -3.89 -46.30
C8 ATP O . -38.78 -5.03 -45.51
N7 ATP O . -38.48 -6.12 -46.17
C5 ATP O . -38.27 -5.67 -47.47
C6 ATP O . -37.85 -6.35 -48.64
N6 ATP O . -37.58 -7.66 -48.69
N1 ATP O . -37.72 -5.62 -49.77
C2 ATP O . -38.00 -4.32 -49.72
N3 ATP O . -38.29 -3.56 -48.67
C4 ATP O . -38.46 -4.30 -47.56
H5'1 ATP O . -40.19 -3.78 -43.31
H4' ATP O . -38.75 -1.03 -42.97
H3' ATP O . -41.34 -1.53 -43.65
HO3' ATP O . -41.43 0.31 -44.62
H2' ATP O . -41.02 -3.25 -45.15
HO2' ATP O . -42.21 -1.63 -46.22
H1' ATP O . -38.76 -1.77 -46.58
H8 ATP O . -38.98 -4.98 -44.43
H2 ATP O . -37.87 -3.78 -50.68
H5' ATP O . -40.48 -2.58 -42.02
H62 ATP O . -37.67 -8.24 -47.88
H61 ATP O . -37.49 -8.07 -49.59
MG MG P . -41.43 -5.45 -39.29
P PO4 Q . -36.90 -5.77 -37.92
PG ATP R . -47.72 24.97 -8.26
O1G ATP R . -46.68 23.97 -8.70
O2G ATP R . -48.17 24.88 -6.84
O3G ATP R . -48.79 25.31 -9.29
PB ATP R . -47.54 27.69 -8.02
O1B ATP R . -49.05 27.57 -7.92
O2B ATP R . -46.91 28.29 -6.80
O3B ATP R . -46.81 26.26 -8.31
PA ATP R . -47.66 28.20 -10.46
O1A ATP R . -46.64 27.31 -11.05
O2A ATP R . -49.07 27.68 -10.41
O3A ATP R . -47.13 28.68 -9.15
O5' ATP R . -47.63 29.55 -11.24
C5' ATP R . -48.53 30.60 -10.82
C4' ATP R . -47.91 32.01 -10.95
O4' ATP R . -47.62 32.38 -12.33
C3' ATP R . -49.03 32.98 -10.53
O3' ATP R . -48.60 34.20 -9.93
C2' ATP R . -49.82 33.12 -11.84
O2' ATP R . -50.61 34.29 -11.90
C1' ATP R . -48.72 33.08 -12.89
N9 ATP R . -49.14 32.40 -14.13
C8 ATP R . -49.33 31.04 -14.27
N7 ATP R . -49.68 30.69 -15.49
C5 ATP R . -49.71 31.89 -16.18
C6 ATP R . -49.95 32.19 -17.54
N6 ATP R . -50.23 31.26 -18.48
N1 ATP R . -49.89 33.49 -17.93
C2 ATP R . -49.61 34.41 -17.01
N3 ATP R . -49.28 34.25 -15.72
C4 ATP R . -49.38 32.95 -15.36
H5'1 ATP R . -49.43 30.52 -11.43
H4' ATP R . -47.02 32.14 -10.30
H3' ATP R . -49.68 32.46 -9.79
HO3' ATP R . -49.33 34.45 -9.31
H2' ATP R . -50.49 32.24 -11.93
HO2' ATP R . -51.23 34.22 -11.12
H1' ATP R . -48.37 34.12 -13.10
H8 ATP R . -49.16 30.35 -13.45
H2 ATP R . -49.58 35.44 -17.37
H5' ATP R . -48.84 30.51 -9.74
H62 ATP R . -50.29 30.29 -18.24
H61 ATP R . -50.57 31.59 -19.34
MG MG S . -49.96 26.63 -9.18
P PO4 T . -45.72 25.10 -10.63
PG ATP U . -34.62 27.36 31.95
O1G ATP U . -34.22 26.87 30.58
O2G ATP U . -34.64 26.36 33.05
O3G ATP U . -35.72 28.40 31.98
PB ATP U . -33.35 29.12 33.61
O1B ATP U . -34.69 29.09 34.34
O2B ATP U . -32.20 28.67 34.47
O3B ATP U . -33.34 28.26 32.25
PA ATP U . -33.98 31.20 32.36
O1A ATP U . -33.60 30.89 30.97
O2A ATP U . -35.39 30.91 32.77
O3A ATP U . -32.94 30.59 33.26
O5' ATP U . -33.66 32.70 32.64
C5' ATP U . -33.91 33.23 33.96
C4' ATP U . -32.88 34.28 34.40
O4' ATP U . -32.89 35.49 33.56
C3' ATP U . -33.36 34.78 35.76
O3' ATP U . -32.33 35.20 36.67
C2' ATP U . -34.38 35.85 35.36
O2' ATP U . -34.65 36.78 36.39
C1' ATP U . -33.75 36.46 34.13
N9 ATP U . -34.75 36.86 33.12
C8 ATP U . -35.48 36.02 32.32
N7 ATP U . -36.28 36.63 31.48
C5 ATP U . -36.04 37.97 31.74
C6 ATP U . -36.54 39.15 31.14
N6 ATP U . -37.42 39.16 30.12
N1 ATP U . -36.12 40.35 31.61
C2 ATP U . -35.24 40.34 32.63
N3 ATP U . -34.63 39.31 33.21
C4 ATP U . -35.10 38.14 32.75
H5'1 ATP U . -34.92 33.67 33.93
H4' ATP U . -31.86 33.85 34.46
H3' ATP U . -33.91 33.94 36.25
HO3' ATP U . -32.70 35.01 37.57
H2' ATP U . -35.34 35.33 35.11
HO2' ATP U . -34.98 36.25 37.15
H1' ATP U . -33.11 37.31 34.43
H8 ATP U . -35.36 34.93 32.38
H2 ATP U . -34.92 41.33 32.98
H5' ATP U . -33.92 32.44 34.74
H62 ATP U . -37.78 38.31 29.74
H61 ATP U . -37.86 40.02 29.90
MG MG V . -36.21 29.37 33.40
P PO4 W . -33.52 28.95 29.52
PG ATP X . -10.33 0.15 53.48
O1G ATP X . -10.58 0.71 52.11
O2G ATP X . -10.41 -1.33 53.63
O3G ATP X . -10.89 0.95 54.64
PB ATP X . -8.05 0.14 54.99
O1B ATP X . -9.03 -0.27 56.09
O2B ATP X . -6.98 -0.87 54.74
O3B ATP X . -8.78 0.47 53.59
PA ATP X . -8.18 2.55 55.68
O1A ATP X . -8.38 3.26 54.42
O2A ATP X . -9.41 2.16 56.46
O3A ATP X . -7.24 1.42 55.43
O5' ATP X . -7.25 3.41 56.60
C5' ATP X . -6.87 2.90 57.89
C4' ATP X . -5.44 3.26 58.30
O4' ATP X . -5.23 4.70 58.45
C3' ATP X . -5.26 2.71 59.72
O3' ATP X . -3.93 2.30 60.07
C2' ATP X . -5.87 3.83 60.57
O2' ATP X . -5.44 3.80 61.92
C1' ATP X . -5.44 5.08 59.81
N9 ATP X . -6.46 6.13 59.86
C8 ATP X . -7.66 6.15 59.19
N7 ATP X . -8.37 7.23 59.38
C5 ATP X . -7.58 8.00 60.22
C6 ATP X . -7.74 9.29 60.76
N6 ATP X . -8.80 10.07 60.51
N1 ATP X . -6.76 9.79 61.55
C2 ATP X . -5.70 9.01 61.80
N3 ATP X . -5.39 7.82 61.29
C4 ATP X . -6.39 7.34 60.53
H5'1 ATP X . -7.60 3.31 58.61
H4' ATP X . -4.69 2.82 57.61
H3' ATP X . -5.92 1.81 59.81
HO3' ATP X . -4.06 1.56 60.71
H2' ATP X . -6.97 3.72 60.56
HO2' ATP X . -5.71 2.92 62.26
H1' ATP X . -4.46 5.43 60.20
H8 ATP X . -7.96 5.31 58.53
H2 ATP X . -4.94 9.45 62.46
H5' ATP X . -6.95 1.78 57.95
H62 ATP X . -9.56 9.76 59.93
H61 ATP X . -8.92 10.88 61.07
MG MG Y . -10.53 0.70 56.37
P PO4 Z . -9.49 2.88 52.29
PG ATP AA . 6.85 -36.20 40.13
O1G ATP AA . 6.45 -34.82 39.67
O2G ATP AA . 6.25 -37.35 39.39
O3G ATP AA . 7.01 -36.39 41.62
PB ATP AA . 9.29 -37.42 40.03
O1B ATP AA . 8.60 -38.41 40.97
O2B ATP AA . 9.77 -38.07 38.76
O3B ATP AA . 8.36 -36.16 39.64
PA ATP AA . 10.31 -36.17 41.95
O1A ATP AA . 10.04 -34.77 41.62
O2A ATP AA . 9.32 -36.89 42.82
O3A ATP AA . 10.61 -36.88 40.67
O5' ATP AA . 11.72 -36.26 42.60
C5' ATP AA . 12.23 -37.55 42.97
C4' ATP AA . 13.75 -37.70 42.77
O4' ATP AA . 14.53 -36.78 43.61
C3' ATP AA . 14.10 -39.09 43.29
O3' ATP AA . 15.22 -39.73 42.64
C2' ATP AA . 14.27 -38.83 44.80
O2' ATP AA . 15.03 -39.82 45.46
C1' ATP AA . 14.89 -37.44 44.82
N9 ATP AA . 14.43 -36.64 45.96
C8 ATP AA . 13.18 -36.07 46.09
N7 ATP AA . 13.03 -35.37 47.20
C5 ATP AA . 14.27 -35.48 47.81
C6 ATP AA . 14.78 -34.90 49.00
N6 ATP AA . 14.08 -34.09 49.80
N1 ATP AA . 16.06 -35.19 49.35
C2 ATP AA . 16.76 -35.98 48.55
N3 ATP AA . 16.43 -36.52 47.37
C4 ATP AA . 15.14 -36.25 47.07
H5'1 ATP AA . 11.97 -37.71 44.03
H4' ATP AA . 14.03 -37.58 41.70
H3' ATP AA . 13.22 -39.74 43.14
HO3' ATP AA . 15.02 -40.69 42.70
H2' ATP AA . 13.25 -38.82 45.25
HO2' ATP AA . 14.56 -40.67 45.30
H1' ATP AA . 16.00 -37.55 44.81
H8 ATP AA . 12.41 -36.19 45.32
H2 ATP AA . 17.79 -36.19 48.87
H5' ATP AA . 11.76 -38.39 42.39
H62 ATP AA . 13.12 -33.85 49.59
H61 ATP AA . 14.45 -33.90 50.70
MG MG BA . 7.74 -37.79 42.44
P PO4 CA . 8.28 -33.48 40.53
PG ATP DA . 3.99 -54.30 1.92
O1G ATP DA . 4.03 -52.97 2.63
O2G ATP DA . 2.81 -54.57 1.05
O3G ATP DA . 4.50 -55.48 2.73
PB ATP DA . 5.63 -55.29 -0.01
O1B ATP DA . 4.93 -56.60 0.35
O2B ATP DA . 5.42 -54.92 -1.45
O3B ATP DA . 5.18 -54.05 0.93
PA ATP DA . 7.56 -55.82 1.49
O1A ATP DA . 7.77 -54.57 2.23
O2A ATP DA . 6.67 -56.85 2.12
O3A ATP DA . 7.19 -55.45 0.09
O5' ATP DA . 8.97 -56.44 1.20
C5' ATP DA . 9.02 -57.67 0.44
C4' ATP DA . 10.25 -57.75 -0.51
O4' ATP DA . 11.52 -57.74 0.21
C3' ATP DA . 10.17 -59.14 -1.15
O3' ATP DA . 10.70 -59.23 -2.48
C2' ATP DA . 10.85 -60.01 -0.09
O2' ATP DA . 11.34 -61.23 -0.60
C1' ATP DA . 11.93 -59.08 0.44
N9 ATP DA . 12.17 -59.26 1.88
C8 ATP DA . 11.34 -58.85 2.90
N7 ATP DA . 11.80 -59.10 4.09
C5 ATP DA . 13.03 -59.70 3.85
C6 ATP DA . 14.05 -60.15 4.73
N6 ATP DA . 13.98 -60.07 6.06
N1 ATP DA . 15.16 -60.69 4.18
C2 ATP DA . 15.24 -60.77 2.85
N3 ATP DA . 14.39 -60.31 1.93
C4 ATP DA . 13.29 -59.80 2.50
H5'1 ATP DA . 9.05 -58.49 1.17
H4' ATP DA . 10.21 -56.95 -1.28
H3' ATP DA . 9.10 -59.44 -1.20
HO3' ATP DA . 10.17 -59.95 -2.91
H2' ATP DA . 10.10 -60.22 0.70
HO2' ATP DA . 10.55 -61.70 -0.97
H1' ATP DA . 12.87 -59.24 -0.15
H8 ATP DA . 10.40 -58.33 2.69
H2 ATP DA . 16.15 -61.23 2.45
H5' ATP DA . 8.12 -57.83 -0.21
H62 ATP DA . 13.18 -59.68 6.52
H61 ATP DA . 14.65 -60.59 6.58
MG MG EA . 4.85 -57.10 2.10
P PO4 FA . 6.41 -52.74 3.10
PG ATP GA . -16.75 -40.51 -32.34
O1G ATP GA . -16.00 -40.05 -31.11
O2G ATP GA . -18.15 -40.02 -32.50
O3G ATP GA . -16.53 -41.96 -32.74
PB ATP GA . -16.28 -40.02 -34.98
O1B ATP GA . -17.29 -41.15 -35.17
O2B ATP GA . -16.74 -38.72 -35.60
O3B ATP GA . -15.92 -39.74 -33.43
PA ATP GA . -14.35 -41.58 -35.22
O1A ATP GA . -13.47 -41.21 -34.10
O2A ATP GA . -15.33 -42.69 -34.99
O3A ATP GA . -14.96 -40.33 -35.75
O5' ATP GA . -13.45 -41.94 -36.45
C5' ATP GA . -14.09 -42.29 -37.69
C4' ATP GA . -13.34 -41.79 -38.93
O4' ATP GA . -12.00 -42.39 -39.08
C3' ATP GA . -14.12 -42.33 -40.13
O3' ATP GA . -14.08 -41.52 -41.32
C2' ATP GA . -13.54 -43.75 -40.27
O2' ATP GA . -13.73 -44.31 -41.55
C1' ATP GA . -12.08 -43.54 -39.90
N9 ATP GA . -11.51 -44.68 -39.18
C8 ATP GA . -11.79 -45.02 -37.87
N7 ATP GA . -11.12 -46.08 -37.45
C5 ATP GA . -10.34 -46.44 -38.55
C6 ATP GA . -9.37 -47.44 -38.73
N6 ATP GA . -9.01 -48.30 -37.77
N1 ATP GA . -8.77 -47.54 -39.93
C2 ATP GA . -9.14 -46.68 -40.89
N3 ATP GA . -9.97 -45.63 -40.82
C4 ATP GA . -10.58 -45.59 -39.62
H5'1 ATP GA . -14.17 -43.38 -37.71
H4' ATP GA . -13.29 -40.68 -38.96
H3' ATP GA . -15.19 -42.42 -39.83
HO3' ATP GA . -14.95 -41.69 -41.77
H2' ATP GA . -14.05 -44.40 -39.52
HO2' ATP GA . -14.71 -44.32 -41.69
H1' ATP GA . -11.51 -43.31 -40.82
H8 ATP GA . -12.48 -44.44 -37.25
H2 ATP GA . -8.62 -46.80 -41.85
H5' ATP GA . -15.13 -41.89 -37.78
H62 ATP GA . -9.42 -48.28 -36.86
H61 ATP GA . -8.46 -49.09 -38.05
MG MG HA . -17.04 -42.72 -34.28
P PO4 IA . -13.70 -40.41 -31.82
MG MG JA . -2.87 23.56 -52.53
PG ATP KA . -2.05 22.36 -49.99
O1G ATP KA . -2.04 22.54 -48.50
O2G ATP KA . -0.91 21.62 -50.59
O3G ATP KA . -2.53 23.58 -50.76
PB ATP KA . -3.83 21.02 -51.57
O1B ATP KA . -3.10 21.77 -52.68
O2B ATP KA . -3.73 19.52 -51.73
O3B ATP KA . -3.30 21.41 -50.10
PA ATP KA . -5.63 22.78 -51.48
O1A ATP KA . -5.84 23.12 -50.07
O2A ATP KA . -4.69 23.65 -52.24
O3A ATP KA . -5.37 21.30 -51.59
O5' ATP KA . -7.03 22.81 -52.19
C5' ATP KA . -7.09 22.55 -53.60
C4' ATP KA . -8.37 21.82 -54.03
O4' ATP KA . -9.59 22.59 -53.78
C3' ATP KA . -8.29 21.72 -55.56
O3' ATP KA . -8.92 20.56 -56.14
C2' ATP KA . -8.86 23.08 -55.99
O2' ATP KA . -9.35 23.09 -57.31
C1' ATP KA . -9.94 23.32 -54.94
N9 ATP KA . -10.08 24.75 -54.59
C8 ATP KA . -9.17 25.52 -53.89
N7 ATP KA . -9.59 26.75 -53.67
C5 ATP KA . -10.85 26.78 -54.25
C6 ATP KA . -11.84 27.79 -54.30
N6 ATP KA . -11.73 28.99 -53.73
N1 ATP KA . -13.01 27.50 -54.93
C2 ATP KA . -13.15 26.29 -55.47
N3 ATP KA . -12.33 25.23 -55.42
C4 ATP KA . -11.17 25.56 -54.81
H5'1 ATP KA . -7.00 23.52 -54.12
H4' ATP KA . -8.43 20.81 -53.57
H3' ATP KA . -7.21 21.70 -55.85
HO3' ATP KA . -8.39 20.38 -56.96
H2' ATP KA . -8.06 23.83 -55.90
HO2' ATP KA . -8.59 22.80 -57.88
H1' ATP KA . -10.90 22.89 -55.31
H8 ATP KA . -8.22 25.10 -53.55
H2 ATP KA . -14.10 26.12 -55.99
H5' ATP KA . -6.23 21.91 -53.96
H62 ATP KA . -11.02 29.22 -53.05
H61 ATP KA . -12.51 29.61 -53.83
P PO4 LA . -4.15 23.83 -48.41
PG ATP MA . -8.03 50.86 -18.78
O1G ATP MA . -7.50 49.95 -17.70
O2G ATP MA . -7.49 50.66 -20.15
O3G ATP MA . -8.21 52.31 -18.35
PB ATP MA . -10.56 51.13 -19.75
O1B ATP MA . -9.96 52.39 -20.38
O2B ATP MA . -11.09 50.16 -20.77
O3B ATP MA . -9.51 50.35 -18.81
PA ATP MA . -11.44 52.47 -17.80
O1A ATP MA . -11.08 51.75 -16.57
O2A ATP MA . -10.50 53.56 -18.24
O3A ATP MA . -11.80 51.48 -18.86
O5' ATP MA . -12.85 53.11 -17.58
C5' ATP MA . -13.43 53.89 -18.64
C4' ATP MA . -14.95 53.77 -18.73
O4' ATP MA . -15.64 54.25 -17.53
C3' ATP MA . -15.37 54.76 -19.83
O3' ATP MA . -16.54 54.38 -20.58
C2' ATP MA . -15.48 56.07 -19.04
O2' ATP MA . -16.29 57.04 -19.68
C1' ATP MA . -16.02 55.60 -17.70
N9 ATP MA . -15.50 56.39 -16.56
C8 ATP MA . -14.20 56.39 -16.09
N7 ATP MA . -14.02 57.15 -15.04
C5 ATP MA . -15.28 57.66 -14.78
C6 ATP MA . -15.78 58.50 -13.76
N6 ATP MA . -15.05 58.97 -12.73
N1 ATP MA . -17.09 58.82 -13.78
C2 ATP MA . -17.84 58.35 -14.78
N3 ATP MA . -17.52 57.50 -15.74
C4 ATP MA . -16.20 57.21 -15.72
H5'1 ATP MA . -13.13 54.94 -18.45
H4' ATP MA . -15.26 52.73 -18.99
H3' ATP MA . -14.53 54.86 -20.54
HO3' ATP MA . -16.40 54.77 -21.48
H2' ATP MA . -14.46 56.49 -18.93
HO2' ATP MA . -15.90 57.17 -20.58
H1' ATP MA . -17.13 55.62 -17.73
H8 ATP MA . -13.42 55.78 -16.56
H2 ATP MA . -18.90 58.67 -14.77
H5' ATP MA . -13.01 53.62 -19.65
H62 ATP MA . -14.15 58.60 -12.49
H61 ATP MA . -15.53 59.54 -12.07
MG MG NA . -9.02 53.55 -19.35
P PO4 OA . -8.82 50.97 -15.87
PG ATP PA . 6.92 50.07 21.19
O1G ATP PA . 7.35 48.63 21.12
O2G ATP PA . 6.91 50.84 19.93
O3G ATP PA . 7.45 50.82 22.41
PB ATP PA . 4.52 51.14 21.93
O1B ATP PA . 5.35 52.42 21.96
O2B ATP PA . 3.38 51.19 20.95
O3B ATP PA . 5.42 49.85 21.59
PA ATP PA . 4.85 50.81 24.41
O1A ATP PA . 5.25 49.42 24.62
O2A ATP PA . 5.95 51.82 24.30
O3A ATP PA . 3.83 50.86 23.32
O5' ATP PA . 3.92 51.22 25.61
C5' ATP PA . 3.41 52.57 25.65
C4' ATP PA . 2.00 52.67 26.24
O4' ATP PA . 1.93 52.23 27.64
C3' ATP PA . 1.68 54.16 26.30
O3' ATP PA . 0.29 54.51 26.14
C2' ATP PA . 2.32 54.57 27.64
O2' ATP PA . 1.79 55.77 28.17
C1' ATP PA . 2.07 53.34 28.50
N9 ATP PA . 3.16 53.09 29.45
C8 ATP PA . 4.43 52.65 29.14
N7 ATP PA . 5.19 52.44 30.19
C5 ATP PA . 4.36 52.75 31.26
C6 ATP PA . 4.55 52.67 32.66
N6 ATP PA . 5.67 52.23 33.26
N1 ATP PA . 3.52 53.02 33.47
C2 ATP PA . 2.38 53.44 32.89
N3 ATP PA . 2.06 53.47 31.60
C4 ATP PA . 3.11 53.14 30.82
H5'1 ATP PA . 4.12 53.16 26.24
H4' ATP PA . 1.25 52.14 25.62
H3' ATP PA . 2.24 54.67 25.48
HO3' ATP PA . 0.30 55.41 25.70
H2' ATP PA . 3.41 54.71 27.47
HO2' ATP PA . 1.91 56.45 27.48
H1' ATP PA . 1.10 53.47 29.02
H8 ATP PA . 4.74 52.48 28.10
H2 ATP PA . 1.59 53.73 33.58
H5' ATP PA . 3.36 53.04 24.64
H62 ATP PA . 6.39 51.73 32.77
H61 ATP PA . 5.67 52.22 34.25
MG MG QA . 6.91 52.46 22.87
P PO4 RA . 7.13 48.20 23.55
MG MG SA . 32.93 21.14 42.33
PG ATP TA . 31.53 20.59 39.83
O1G ATP TA . 31.33 19.57 38.74
O2G ATP TA . 31.44 22.02 39.46
O3G ATP TA . 32.63 20.24 40.82
PB ATP TA . 30.05 21.03 42.09
O1B ATP TA . 31.28 21.86 42.47
O2B ATP TA . 28.79 21.85 42.02
O3B ATP TA . 30.24 20.27 40.68
PA ATP TA . 30.95 19.05 43.37
O1A ATP TA . 30.83 17.87 42.51
O2A ATP TA . 32.27 19.76 43.36
O3A ATP TA . 29.75 19.93 43.17
O5' ATP TA . 30.65 18.59 44.84
C5' ATP TA . 30.73 19.56 45.89
C4' ATP TA . 29.71 19.34 47.02
O4' ATP TA . 29.89 18.06 47.71
C3' ATP TA . 30.02 20.39 48.08
O3' ATP TA . 28.89 20.86 48.85
C2' ATP TA . 31.14 19.71 48.88
O2' ATP TA . 31.28 20.23 50.19
C1' ATP TA . 30.70 18.25 48.86
N9 ATP TA . 31.84 17.31 48.81
C8 ATP TA . 32.70 17.12 47.74
N7 ATP TA . 33.59 16.18 47.96
C5 ATP TA . 33.30 15.72 49.23
C6 ATP TA . 33.84 14.68 50.00
N6 ATP TA . 34.83 13.86 49.61
N1 ATP TA . 33.31 14.45 51.24
C2 ATP TA . 32.32 15.24 51.64
N3 ATP TA . 31.66 16.18 50.97
C4 ATP TA . 32.22 16.41 49.77
H5'1 ATP TA . 31.76 19.52 46.30
H4' ATP TA . 28.67 19.44 46.65
H3' ATP TA . 30.47 21.28 47.57
HO3' ATP TA . 29.12 21.80 49.07
H2' ATP TA . 32.09 19.84 48.34
HO2' ATP TA . 31.45 21.19 50.08
H1' ATP TA . 30.05 18.05 49.74
H8 ATP TA . 32.59 17.69 46.81
H2 ATP TA . 31.93 15.03 52.65
H5' ATP TA . 30.56 20.61 45.53
H62 ATP TA . 35.13 13.79 48.65
H61 ATP TA . 35.12 13.16 50.25
P PO4 UA . 31.69 17.60 40.19
MG MG VA . 49.45 -16.84 24.40
PG ATP WA . 47.27 -15.39 23.09
O1G ATP WA . 46.37 -15.34 21.89
O2G ATP WA . 47.63 -14.09 23.73
O3G ATP WA . 48.39 -16.41 23.01
PB ATP WA . 46.81 -16.51 25.54
O1B ATP WA . 48.32 -16.28 25.69
O2B ATP WA . 46.00 -15.80 26.58
O3B ATP WA . 46.27 -16.10 24.08
PA ATP WA . 47.22 -18.90 24.81
O1A ATP WA . 46.41 -19.13 23.60
O2A ATP WA . 48.64 -18.49 24.58
O3A ATP WA . 46.45 -18.03 25.75
O5' ATP WA . 47.21 -20.22 25.64
C5' ATP WA . 47.97 -20.26 26.86
C4' ATP WA . 47.32 -21.12 27.95
O4' ATP WA . 47.20 -22.54 27.57
C3' ATP WA . 48.32 -21.13 29.13
O3' ATP WA . 47.73 -21.24 30.43
C2' ATP WA . 49.26 -22.27 28.71
O2' ATP WA . 49.98 -22.82 29.81
C1' ATP WA . 48.31 -23.27 28.05
N9 ATP WA . 48.94 -23.99 26.93
C8 ATP WA . 49.29 -23.46 25.71
N7 ATP WA . 49.78 -24.33 24.87
C5 ATP WA . 49.73 -25.53 25.57
C6 ATP WA . 50.03 -26.87 25.22
N6 ATP WA . 50.47 -27.25 24.01
N1 ATP WA . 49.85 -27.84 26.15
C2 ATP WA . 49.40 -27.48 27.35
N3 ATP WA . 48.98 -26.28 27.77
C4 ATP WA . 49.20 -25.33 26.84
H5'1 ATP WA . 48.97 -20.65 26.60
H4' ATP WA . 46.34 -20.72 28.28
H3' ATP WA . 48.89 -20.18 29.09
HO3' ATP WA . 48.35 -20.75 31.03
H2' ATP WA . 49.98 -21.87 27.98
HO2' ATP WA . 50.46 -22.05 30.21
H1' ATP WA . 47.93 -23.97 28.83
H8 ATP WA . 49.14 -22.39 25.49
H2 ATP WA . 49.28 -28.29 28.08
H5' ATP WA . 48.12 -19.25 27.31
H62 ATP WA . 50.42 -26.66 23.20
H61 ATP WA . 50.65 -28.22 23.89
P PO4 XA . 46.37 -17.78 21.51
MG MG YA . 44.02 -32.87 -17.45
PG ATP ZA . 42.28 -30.77 -16.41
O1G ATP ZA . 41.16 -29.82 -16.75
O2G ATP ZA . 43.28 -30.30 -15.41
O3G ATP ZA . 42.85 -31.53 -17.59
PB ATP ZA . 42.18 -33.24 -15.25
O1B ATP ZA . 43.63 -33.29 -15.73
O2B ATP ZA . 42.05 -33.37 -13.76
O3B ATP ZA . 41.44 -31.89 -15.70
PA ATP ZA . 41.40 -34.46 -17.31
O1A ATP ZA . 40.25 -33.73 -17.85
O2A ATP ZA . 42.73 -34.12 -17.90
O3A ATP ZA . 41.35 -34.43 -15.82
O5' ATP ZA . 41.14 -35.98 -17.54
C5' ATP ZA . 42.14 -36.92 -17.12
C4' ATP ZA . 41.57 -38.25 -16.60
O4' ATP ZA . 40.81 -38.98 -17.62
C3' ATP ZA . 42.79 -39.14 -16.31
O3' ATP ZA . 42.62 -40.08 -15.23
C2' ATP ZA . 43.06 -39.75 -17.70
O2' ATP ZA . 43.79 -40.95 -17.64
C1' ATP ZA . 41.65 -39.92 -18.25
N9 ATP ZA . 41.58 -39.71 -19.70
C8 ATP ZA . 41.75 -38.51 -20.37
N7 ATP ZA . 41.58 -38.59 -21.67
C5 ATP ZA . 41.28 -39.94 -21.87
C6 ATP ZA . 40.94 -40.67 -23.03
N6 ATP ZA . 40.81 -40.14 -24.26
N1 ATP ZA . 40.68 -42.00 -22.90
C2 ATP ZA . 40.78 -42.53 -21.69
N3 ATP ZA . 40.99 -41.94 -20.52
C4 ATP ZA . 41.28 -40.64 -20.68
H5'1 ATP ZA . 42.80 -37.11 -17.99
H4' ATP ZA . 40.96 -38.09 -15.67
H3' ATP ZA . 43.64 -38.48 -16.05
HO3' ATP ZA . 43.53 -40.18 -14.85
H2' ATP ZA . 43.63 -39.01 -18.29
HO2' ATP ZA . 44.63 -40.73 -17.15
H1' ATP ZA . 41.27 -40.93 -17.97
H8 ATP ZA . 41.96 -37.59 -19.82
H2 ATP ZA . 40.57 -43.61 -21.64
H5' ATP ZA . 42.81 -36.52 -16.30
H62 ATP ZA . 40.75 -39.15 -24.42
H61 ATP ZA . 40.55 -40.77 -25.00
P PO4 AB . 40.11 -31.31 -18.42
MG MG BB . 20.74 -14.90 -51.67
PG ATP CB . 20.34 -13.97 -48.93
O1G ATP CB . 19.62 -12.96 -48.07
O2G ATP CB . 21.69 -14.41 -48.49
O3G ATP CB . 20.19 -13.74 -50.44
PB ATP CB . 19.64 -16.53 -49.56
O1B ATP CB . 20.75 -16.35 -50.61
O2B ATP CB . 19.92 -17.65 -48.60
O3B ATP CB . 19.37 -15.19 -48.71
PA ATP CB . 17.88 -15.92 -51.27
O1A ATP CB . 16.99 -14.92 -50.64
O2A ATP CB . 19.00 -15.37 -52.09
O3A ATP CB . 18.28 -16.93 -50.24
O5' ATP CB . 16.99 -16.83 -52.17
C5' ATP CB . 17.64 -17.87 -52.93
C4' ATP CB . 16.79 -19.14 -53.08
O4' ATP CB . 15.54 -18.90 -53.81
C3' ATP CB . 17.59 -20.07 -53.99
O3' ATP CB . 17.41 -21.47 -53.76
C2' ATP CB . 17.18 -19.56 -55.38
O2' ATP CB . 17.39 -20.52 -56.41
C1' ATP CB . 15.73 -19.19 -55.19
N9 ATP CB . 15.32 -18.02 -55.99
C8 ATP CB . 15.71 -16.72 -55.80
N7 ATP CB . 15.16 -15.87 -56.62
C5 ATP CB . 14.33 -16.66 -57.40
C6 ATP CB . 13.40 -16.35 -58.42
N6 ATP CB . 13.13 -15.11 -58.87
N1 ATP CB . 12.71 -17.37 -58.98
C2 ATP CB . 12.94 -18.61 -58.55
N3 ATP CB . 13.71 -19.02 -57.54
C4 ATP CB . 14.40 -17.99 -57.02
H5'1 ATP CB . 17.88 -17.44 -53.92
H4' ATP CB . 16.58 -19.62 -52.10
H3' ATP CB . 18.68 -19.85 -53.86
HO3' ATP CB . 18.27 -21.89 -54.01
H2' ATP CB . 17.79 -18.66 -55.62
HO2' ATP CB . 18.35 -20.76 -56.36
H1' ATP CB . 15.09 -20.09 -55.41
H8 ATP CB . 16.42 -16.45 -55.00
H2 ATP CB . 12.37 -19.40 -59.05
H5' ATP CB . 18.61 -18.21 -52.47
H62 ATP CB . 13.41 -14.28 -58.37
H61 ATP CB . 12.45 -15.03 -59.59
P PO4 DB . 17.63 -12.79 -49.53
#